data_7PA9
#
_entry.id   7PA9
#
_cell.length_a   170.970
_cell.length_b   202.310
_cell.length_c   251.660
_cell.angle_alpha   90.000
_cell.angle_beta   90.000
_cell.angle_gamma   90.000
#
_symmetry.space_group_name_H-M   'P 21 21 21'
#
loop_
_entity.id
_entity.type
_entity.pdbx_description
1 polymer 'Major capsid protein VP1'
2 polymer 'Fab 98D3 VH'
3 polymer 'Fab 98D3 VL'
4 water water
#
loop_
_entity_poly.entity_id
_entity_poly.type
_entity_poly.pdbx_seq_one_letter_code
_entity_poly.pdbx_strand_id
1 'polypeptide(L)'
;GSHMGGVEVLEVKTGVDSITEVECFLTPEMGDPDEHLRGFSKSISISDTFESDSPNRDMLPCYSVARIPLPNLNEDLTCG
NILMWEAVTLKTEVIGVTSLMNVHSNGQATHDNGAGKPVQGTSFHFFSVGGEALELQGVLFNYRTKYPDGTIFPKNATVQ
SQVMNTEHKAYLDKNKAYPVECWVPDPTRNENTRYFGTLTGGENVPPVLHITNTATTVLLDEFGVGPLCKGDNLYLSAVD
VCGMFTNRSGSQQWRGLSRYFKVQLRKRRVKN
;
AAA,BBB,CCC,DDD,EEE,FFF,GGG,HHH,III,JJJ
2 'polypeptide(L)'
;EVQLVESGGGVVQPGRSLRLSCAASGFTFSSSAMHWVRQAPGKGLEWVAVISYDGNNQLYADSVKGRLTISRDNSKNALY
LQLNSLRTEDTAVYFCARDGGGYSFGTYFFDFWGQGTLVTVSSASTKGPSVFPLAPSSKSTSGGTAALGCLVKDYFPEPV
TVSWNSGALTSGVHTFPAVLQSSGLYSLSSVVTVPSSSLGTQTYICNVNHKPSNTKVDKKVEPKSCDKTHTCPPCPAPEL
LGGPSVFLFPPKPKDTLMISRTPEVTCVVVDVSHEDPEVKFNWYVDGVEVHNAKTKPREEQYNSTYRVVSVLTVLHQDWL
NGKEYKCKVSNKALPAPIEKTISKAKGQPREPQVYTLPPSRDELTKNQVSLTCLVKGFYPSDIAVEWESNGQPENNYKTT
PPVL
;
KKK,MMM,OOO,QQQ,TTT,VVV,XXX,YYY,bbb,ccc
3 'polypeptide(L)'
;DIQMTQSPSSLSASVGERVTITCRASQRISNYLNWYQQKPGKAPKLLIYAASTLQSGVPSRFSGSGSGTDFTLTISSLQP
EDFATYYCQQSYSSPPTFGPGTKVDIKRTVAAPSVFIFPPSDEQLKSGTASVVCLLNNFYPREAKVQWKVDNALQSGNSQ
ESVTEQDSKDSTYSLSSTLTLSKADYEKHKVYACEVTHQGLSSPVTKSFNRG
;
LLL,NNN,PPP,RRR,SSS,UUU,WWW,ZZZ,aaa,ddd
#
# COMPACT_ATOMS: atom_id res chain seq x y z
N VAL A 7 23.92 18.29 -21.84
CA VAL A 7 22.76 19.05 -21.26
C VAL A 7 22.35 18.42 -19.92
N GLU A 8 22.43 19.21 -18.85
CA GLU A 8 21.91 18.89 -17.50
C GLU A 8 20.45 19.36 -17.42
N VAL A 9 19.50 18.43 -17.44
CA VAL A 9 18.03 18.69 -17.28
C VAL A 9 17.71 18.97 -15.81
N LEU A 10 17.07 20.09 -15.49
CA LEU A 10 16.78 20.49 -14.07
C LEU A 10 15.27 20.66 -13.90
N GLU A 11 14.82 21.54 -13.01
CA GLU A 11 13.39 21.66 -12.64
C GLU A 11 12.53 22.06 -13.83
N VAL A 12 11.29 21.53 -13.83
CA VAL A 12 10.14 21.97 -14.66
C VAL A 12 9.64 23.30 -14.08
N LYS A 13 9.46 24.34 -14.89
CA LYS A 13 8.84 25.62 -14.45
C LYS A 13 7.34 25.40 -14.30
N THR A 14 6.79 25.94 -13.21
CA THR A 14 5.34 25.85 -12.93
C THR A 14 4.73 27.21 -13.27
N GLY A 15 3.41 27.30 -13.38
CA GLY A 15 2.78 28.54 -13.85
C GLY A 15 1.99 28.27 -15.11
N VAL A 16 1.04 29.14 -15.46
CA VAL A 16 0.14 28.86 -16.62
C VAL A 16 0.87 29.24 -17.91
N ASP A 17 1.86 30.12 -17.82
CA ASP A 17 2.66 30.52 -19.01
C ASP A 17 3.69 29.42 -19.28
N SER A 18 3.79 28.43 -18.40
CA SER A 18 4.82 27.38 -18.54
C SER A 18 4.32 26.27 -19.45
N ILE A 19 3.05 26.30 -19.80
CA ILE A 19 2.47 25.19 -20.61
C ILE A 19 1.96 25.70 -21.96
N THR A 20 2.36 25.06 -23.05
CA THR A 20 1.81 25.36 -24.40
C THR A 20 1.33 24.04 -25.00
N GLU A 21 0.82 24.11 -26.23
CA GLU A 21 0.09 23.02 -26.91
C GLU A 21 0.31 23.20 -28.42
N VAL A 22 0.53 22.12 -29.16
CA VAL A 22 0.69 22.17 -30.65
C VAL A 22 -0.30 21.17 -31.20
N GLU A 23 -1.26 21.66 -32.00
CA GLU A 23 -2.28 20.87 -32.74
C GLU A 23 -1.99 21.07 -34.22
N CYS A 24 -1.80 20.01 -35.01
CA CYS A 24 -1.69 20.17 -36.47
C CYS A 24 -2.03 18.87 -37.22
N PHE A 25 -2.15 19.01 -38.53
CA PHE A 25 -2.42 17.94 -39.52
C PHE A 25 -1.12 17.82 -40.30
N LEU A 26 -0.60 16.60 -40.44
CA LEU A 26 0.52 16.33 -41.36
C LEU A 26 -0.03 15.52 -42.54
N THR A 27 0.01 16.12 -43.73
CA THR A 27 -0.59 15.56 -44.95
C THR A 27 0.38 14.52 -45.49
N PRO A 28 -0.15 13.51 -46.19
CA PRO A 28 0.69 12.51 -46.84
C PRO A 28 1.38 13.04 -48.10
N GLU A 29 2.47 12.39 -48.51
CA GLU A 29 3.26 12.72 -49.72
C GLU A 29 3.47 11.45 -50.55
N MET A 30 2.44 11.06 -51.30
CA MET A 30 2.32 9.73 -51.95
C MET A 30 2.85 9.72 -53.39
N GLY A 31 3.06 10.88 -54.01
CA GLY A 31 3.62 10.99 -55.38
C GLY A 31 2.90 12.07 -56.17
N ASP A 32 1.56 12.08 -56.03
CA ASP A 32 0.58 13.04 -56.61
C ASP A 32 0.87 13.17 -58.10
N PRO A 33 0.52 12.13 -58.91
CA PRO A 33 0.96 12.05 -60.31
C PRO A 33 0.26 13.04 -61.25
N ASP A 34 -0.92 13.54 -60.87
CA ASP A 34 -1.67 14.60 -61.60
C ASP A 34 -2.33 15.53 -60.57
N GLU A 35 -2.87 16.67 -61.03
CA GLU A 35 -3.46 17.73 -60.16
C GLU A 35 -4.80 17.31 -59.56
N HIS A 36 -5.32 16.09 -59.81
CA HIS A 36 -6.62 15.59 -59.32
C HIS A 36 -6.45 14.43 -58.34
N LEU A 37 -5.21 14.08 -58.00
CA LEU A 37 -4.88 12.82 -57.28
C LEU A 37 -3.87 13.08 -56.15
N ARG A 38 -4.00 14.21 -55.46
CA ARG A 38 -3.30 14.46 -54.18
C ARG A 38 -3.66 13.32 -53.21
N GLY A 39 -2.64 12.69 -52.62
CA GLY A 39 -2.76 11.57 -51.67
C GLY A 39 -2.68 10.22 -52.36
N PHE A 40 -2.44 10.18 -53.66
CA PHE A 40 -2.19 8.94 -54.44
C PHE A 40 -0.82 9.02 -55.09
N SER A 41 -0.25 7.88 -55.46
CA SER A 41 1.02 7.78 -56.22
C SER A 41 0.67 7.47 -57.68
N LYS A 42 1.70 7.41 -58.51
CA LYS A 42 1.59 6.91 -59.91
C LYS A 42 1.28 5.40 -59.87
N SER A 43 0.40 4.90 -60.75
CA SER A 43 0.30 3.46 -61.13
C SER A 43 1.71 2.85 -60.96
N ILE A 44 1.84 1.70 -60.28
CA ILE A 44 3.17 1.05 -60.04
C ILE A 44 3.58 0.37 -61.34
N SER A 45 4.81 0.56 -61.81
CA SER A 45 5.37 -0.20 -62.95
C SER A 45 6.52 -1.06 -62.43
N ILE A 46 6.56 -2.33 -62.78
CA ILE A 46 7.61 -3.28 -62.30
C ILE A 46 8.77 -3.31 -63.29
N SER A 47 10.00 -3.03 -62.85
CA SER A 47 11.22 -3.21 -63.70
C SER A 47 11.39 -4.71 -64.02
N ASP A 48 12.02 -5.03 -65.16
CA ASP A 48 12.18 -6.41 -65.68
C ASP A 48 13.34 -7.07 -64.94
N THR A 49 14.36 -6.28 -64.58
CA THR A 49 15.53 -6.73 -63.80
C THR A 49 15.77 -5.81 -62.61
N PHE A 50 16.63 -6.24 -61.69
CA PHE A 50 17.10 -5.41 -60.56
C PHE A 50 17.89 -4.24 -61.16
N GLU A 51 18.79 -4.50 -62.11
CA GLU A 51 19.74 -3.45 -62.58
C GLU A 51 18.98 -2.34 -63.31
N SER A 52 17.73 -2.56 -63.73
CA SER A 52 16.90 -1.56 -64.46
C SER A 52 15.79 -0.95 -63.58
N ASP A 53 15.74 -1.31 -62.30
CA ASP A 53 14.85 -0.67 -61.29
C ASP A 53 15.13 0.84 -61.30
N SER A 54 14.13 1.64 -61.64
CA SER A 54 14.27 3.10 -61.87
C SER A 54 12.95 3.83 -61.62
N PRO A 55 12.42 3.77 -60.37
CA PRO A 55 11.14 4.39 -60.04
C PRO A 55 11.18 5.91 -60.21
N ASN A 56 10.13 6.46 -60.83
CA ASN A 56 9.89 7.91 -60.98
C ASN A 56 9.43 8.50 -59.66
N ARG A 57 9.63 9.80 -59.48
CA ARG A 57 9.35 10.48 -58.20
C ARG A 57 7.85 10.34 -57.89
N ASP A 58 6.98 10.38 -58.89
CA ASP A 58 5.51 10.43 -58.68
C ASP A 58 5.00 9.04 -58.26
N MET A 59 5.87 8.03 -58.29
CA MET A 59 5.51 6.64 -57.96
C MET A 59 5.99 6.29 -56.54
N LEU A 60 6.85 7.12 -55.91
CA LEU A 60 7.55 6.84 -54.61
C LEU A 60 6.98 7.64 -53.46
N PRO A 61 6.16 7.06 -52.55
CA PRO A 61 5.79 7.77 -51.33
C PRO A 61 7.02 8.24 -50.55
N CYS A 62 6.96 9.41 -49.91
CA CYS A 62 8.05 9.95 -49.04
C CYS A 62 7.55 10.20 -47.60
N TYR A 63 8.51 10.38 -46.68
CA TYR A 63 8.29 10.79 -45.26
C TYR A 63 7.69 12.21 -45.26
N SER A 64 6.63 12.43 -44.50
CA SER A 64 6.06 13.77 -44.19
C SER A 64 6.75 14.30 -42.92
N VAL A 65 7.06 15.60 -42.88
CA VAL A 65 7.70 16.29 -41.72
C VAL A 65 7.18 17.73 -41.66
N ALA A 66 6.95 18.19 -40.42
CA ALA A 66 6.55 19.58 -40.13
C ALA A 66 7.44 20.13 -39.02
N ARG A 67 8.12 21.26 -39.22
CA ARG A 67 8.89 21.91 -38.12
C ARG A 67 8.01 23.02 -37.55
N ILE A 68 7.61 22.90 -36.29
CA ILE A 68 6.64 23.88 -35.74
C ILE A 68 7.33 24.84 -34.78
N PRO A 69 7.45 26.16 -35.07
CA PRO A 69 7.93 27.11 -34.06
C PRO A 69 7.01 27.14 -32.82
N LEU A 70 7.65 27.19 -31.65
CA LEU A 70 7.04 27.32 -30.31
C LEU A 70 7.35 28.72 -29.76
N PRO A 71 6.57 29.23 -28.78
CA PRO A 71 6.86 30.51 -28.14
C PRO A 71 8.34 30.70 -27.78
N ASN A 72 8.97 31.78 -28.26
CA ASN A 72 10.43 32.01 -28.04
C ASN A 72 10.61 32.09 -26.53
N LEU A 73 11.78 31.67 -26.02
CA LEU A 73 12.06 31.47 -24.58
C LEU A 73 13.28 32.27 -24.08
N ASN A 74 14.30 32.57 -24.90
CA ASN A 74 15.56 33.18 -24.39
C ASN A 74 15.88 34.43 -25.21
N ILE A 82 18.74 28.25 -21.73
CA ILE A 82 18.65 27.57 -20.41
C ILE A 82 17.19 27.17 -20.08
N LEU A 83 16.15 27.80 -20.62
CA LEU A 83 14.81 27.16 -20.73
C LEU A 83 14.57 26.55 -22.14
N MET A 84 14.11 25.30 -22.20
CA MET A 84 13.63 24.64 -23.44
C MET A 84 12.24 24.07 -23.18
N TRP A 85 11.45 24.01 -24.26
CA TRP A 85 10.14 23.31 -24.34
C TRP A 85 10.41 21.81 -24.35
N GLU A 86 9.76 21.08 -23.45
CA GLU A 86 9.84 19.61 -23.32
C GLU A 86 8.50 19.01 -23.74
N ALA A 87 8.51 18.06 -24.68
CA ALA A 87 7.29 17.37 -25.15
C ALA A 87 6.92 16.27 -24.15
N VAL A 88 5.71 16.34 -23.59
CA VAL A 88 5.28 15.42 -22.49
C VAL A 88 4.32 14.35 -23.04
N THR A 89 3.28 14.77 -23.78
CA THR A 89 2.16 13.88 -24.20
C THR A 89 1.87 14.10 -25.68
N LEU A 90 1.62 13.01 -26.39
CA LEU A 90 1.12 13.01 -27.78
C LEU A 90 -0.30 12.41 -27.83
N LYS A 91 -1.19 13.04 -28.60
CA LYS A 91 -2.44 12.41 -29.10
C LYS A 91 -2.32 12.44 -30.61
N THR A 92 -2.72 11.36 -31.31
CA THR A 92 -2.54 11.24 -32.77
C THR A 92 -3.60 10.29 -33.34
N GLU A 93 -4.06 10.55 -34.55
CA GLU A 93 -4.92 9.55 -35.28
C GLU A 93 -4.81 9.81 -36.78
N VAL A 94 -5.25 8.83 -37.57
CA VAL A 94 -5.41 8.96 -39.04
C VAL A 94 -6.75 9.69 -39.30
N ILE A 95 -6.71 10.75 -40.12
CA ILE A 95 -7.90 11.57 -40.53
C ILE A 95 -8.39 11.08 -41.90
N GLY A 96 -9.66 10.68 -41.96
CA GLY A 96 -10.34 10.24 -43.19
C GLY A 96 -10.38 8.73 -43.32
N VAL A 97 -10.38 8.00 -42.21
CA VAL A 97 -10.43 6.52 -42.27
C VAL A 97 -11.67 6.12 -43.07
N THR A 98 -12.80 6.82 -42.94
CA THR A 98 -14.07 6.40 -43.58
C THR A 98 -14.01 6.61 -45.10
N SER A 99 -13.12 7.45 -45.62
CA SER A 99 -12.94 7.64 -47.08
C SER A 99 -12.61 6.32 -47.77
N LEU A 100 -12.02 5.34 -47.07
CA LEU A 100 -11.69 4.00 -47.62
C LEU A 100 -12.95 3.14 -47.75
N MET A 101 -14.14 3.72 -47.59
CA MET A 101 -15.42 3.05 -47.94
C MET A 101 -15.92 3.53 -49.32
N ASN A 102 -15.27 4.51 -49.95
CA ASN A 102 -15.55 4.84 -51.37
C ASN A 102 -15.08 3.66 -52.24
N VAL A 103 -16.02 2.79 -52.52
CA VAL A 103 -15.81 1.49 -53.19
C VAL A 103 -16.64 1.49 -54.49
N HIS A 104 -17.02 2.69 -54.93
CA HIS A 104 -17.92 2.93 -56.10
C HIS A 104 -17.26 3.88 -57.12
N SER A 105 -15.98 4.25 -56.99
CA SER A 105 -15.28 5.19 -57.89
C SER A 105 -14.10 4.48 -58.59
N ASN A 106 -14.30 4.03 -59.82
CA ASN A 106 -13.26 3.47 -60.73
C ASN A 106 -12.47 2.36 -60.02
N GLY A 107 -13.19 1.47 -59.33
CA GLY A 107 -12.58 0.29 -58.67
C GLY A 107 -12.73 -0.94 -59.54
N GLN A 108 -11.64 -1.71 -59.68
CA GLN A 108 -11.74 -3.12 -60.15
C GLN A 108 -12.72 -3.86 -59.23
N ALA A 109 -13.68 -4.58 -59.80
CA ALA A 109 -14.70 -5.36 -59.04
C ALA A 109 -14.05 -6.54 -58.31
N THR A 110 -14.56 -6.82 -57.10
CA THR A 110 -14.22 -8.01 -56.26
C THR A 110 -14.37 -9.24 -57.14
N HIS A 111 -15.45 -9.24 -57.92
CA HIS A 111 -15.94 -10.32 -58.80
C HIS A 111 -17.08 -9.72 -59.63
N ASP A 112 -17.69 -10.52 -60.48
CA ASP A 112 -18.81 -10.19 -61.42
C ASP A 112 -19.95 -9.48 -60.68
N ASN A 113 -20.20 -8.19 -60.98
CA ASN A 113 -21.29 -7.33 -60.40
C ASN A 113 -21.00 -6.90 -58.96
N GLY A 114 -19.83 -7.24 -58.41
CA GLY A 114 -19.49 -6.89 -57.02
C GLY A 114 -19.06 -5.44 -56.93
N ALA A 115 -18.86 -4.95 -55.69
CA ALA A 115 -18.41 -3.57 -55.38
C ALA A 115 -16.90 -3.47 -55.66
N GLY A 116 -16.34 -2.27 -55.59
CA GLY A 116 -14.90 -2.04 -55.81
C GLY A 116 -14.05 -2.74 -54.76
N LYS A 117 -12.83 -3.12 -55.14
CA LYS A 117 -11.83 -3.54 -54.13
C LYS A 117 -11.54 -2.29 -53.31
N PRO A 118 -11.63 -2.36 -51.97
CA PRO A 118 -11.23 -1.25 -51.11
C PRO A 118 -9.71 -1.15 -51.15
N VAL A 119 -9.13 -0.01 -50.73
CA VAL A 119 -7.67 0.10 -50.47
C VAL A 119 -7.30 -1.05 -49.55
N GLN A 120 -6.30 -1.84 -49.94
CA GLN A 120 -5.76 -2.99 -49.18
C GLN A 120 -4.29 -3.19 -49.60
N GLY A 121 -3.61 -4.11 -48.92
CA GLY A 121 -2.19 -4.42 -49.16
C GLY A 121 -1.26 -3.75 -48.16
N THR A 122 0.03 -3.73 -48.54
CA THR A 122 1.21 -3.24 -47.78
C THR A 122 0.90 -1.85 -47.23
N SER A 123 0.85 -1.71 -45.90
CA SER A 123 0.64 -0.43 -45.17
C SER A 123 1.88 -0.10 -44.33
N PHE A 124 2.24 1.17 -44.26
CA PHE A 124 3.21 1.68 -43.27
C PHE A 124 2.54 2.83 -42.53
N HIS A 125 2.40 2.68 -41.21
CA HIS A 125 1.90 3.72 -40.28
C HIS A 125 3.04 4.02 -39.32
N PHE A 126 3.52 5.25 -39.34
CA PHE A 126 4.71 5.69 -38.58
C PHE A 126 4.48 7.14 -38.12
N PHE A 127 4.92 7.47 -36.91
CA PHE A 127 4.84 8.85 -36.37
C PHE A 127 5.94 9.04 -35.33
N SER A 128 6.56 10.22 -35.33
CA SER A 128 7.64 10.61 -34.40
C SER A 128 7.40 12.03 -33.89
N VAL A 129 7.80 12.30 -32.65
CA VAL A 129 7.80 13.65 -32.01
C VAL A 129 9.21 13.86 -31.49
N GLY A 130 9.80 15.02 -31.75
CA GLY A 130 11.23 15.26 -31.50
C GLY A 130 11.57 16.72 -31.25
N GLY A 131 12.67 16.96 -30.54
CA GLY A 131 13.28 18.28 -30.30
C GLY A 131 14.30 18.63 -31.37
N GLU A 132 14.31 17.85 -32.44
CA GLU A 132 15.23 18.01 -33.60
C GLU A 132 14.72 17.10 -34.71
N ALA A 133 15.30 17.22 -35.91
CA ALA A 133 14.96 16.38 -37.08
C ALA A 133 15.13 14.90 -36.71
N LEU A 134 14.18 14.08 -37.20
CA LEU A 134 14.30 12.60 -37.10
C LEU A 134 15.60 12.20 -37.80
N GLU A 135 16.29 11.21 -37.27
CA GLU A 135 17.61 10.73 -37.77
C GLU A 135 17.36 9.40 -38.49
N LEU A 136 17.73 9.32 -39.77
CA LEU A 136 17.40 8.20 -40.68
C LEU A 136 18.66 7.40 -41.00
N GLN A 137 18.50 6.08 -41.17
CA GLN A 137 19.51 5.12 -41.67
C GLN A 137 18.93 4.52 -42.96
N GLY A 138 19.80 4.28 -43.94
CA GLY A 138 19.40 3.81 -45.27
C GLY A 138 19.49 2.31 -45.38
N VAL A 139 18.40 1.65 -45.80
CA VAL A 139 18.40 0.20 -46.13
C VAL A 139 17.65 0.07 -47.46
N LEU A 140 18.31 -0.52 -48.46
CA LEU A 140 17.79 -0.64 -49.85
C LEU A 140 17.37 -2.08 -50.08
N PHE A 141 16.15 -2.27 -50.58
CA PHE A 141 15.67 -3.58 -51.08
C PHE A 141 16.68 -4.08 -52.11
N ASN A 142 17.02 -3.21 -53.07
CA ASN A 142 17.93 -3.50 -54.20
C ASN A 142 18.89 -2.31 -54.37
N TYR A 143 20.19 -2.49 -54.15
CA TYR A 143 21.11 -1.32 -54.08
C TYR A 143 21.23 -0.66 -55.45
N ARG A 144 20.99 -1.43 -56.51
CA ARG A 144 21.22 -0.95 -57.90
C ARG A 144 20.05 -0.08 -58.35
N THR A 145 18.98 0.00 -57.55
CA THR A 145 17.82 0.90 -57.84
C THR A 145 18.38 2.31 -58.10
N LYS A 146 17.98 2.92 -59.22
CA LYS A 146 18.26 4.36 -59.50
C LYS A 146 17.09 5.19 -58.97
N TYR A 147 17.34 5.98 -57.94
CA TYR A 147 16.34 6.85 -57.30
C TYR A 147 16.27 8.18 -58.03
N PRO A 148 15.09 8.83 -58.07
CA PRO A 148 14.84 9.93 -58.98
C PRO A 148 15.41 11.27 -58.49
N ASP A 149 15.69 12.18 -59.42
CA ASP A 149 16.02 13.61 -59.13
C ASP A 149 14.83 14.21 -58.34
N GLY A 150 15.16 15.03 -57.34
CA GLY A 150 14.19 15.74 -56.49
C GLY A 150 13.90 15.00 -55.19
N THR A 151 14.52 13.82 -55.00
CA THR A 151 14.42 12.99 -53.77
C THR A 151 15.82 12.84 -53.15
N ILE A 152 15.87 12.65 -51.83
CA ILE A 152 17.15 12.42 -51.10
C ILE A 152 17.23 10.96 -50.66
N PHE A 153 18.27 10.24 -51.07
CA PHE A 153 18.36 8.77 -50.94
C PHE A 153 19.81 8.35 -50.72
N PRO A 154 20.05 7.13 -50.20
CA PRO A 154 21.40 6.62 -49.99
C PRO A 154 22.28 6.76 -51.25
N LYS A 155 23.43 7.42 -51.13
CA LYS A 155 24.39 7.58 -52.25
C LYS A 155 25.57 6.64 -52.01
N ASN A 156 26.30 6.29 -53.07
CA ASN A 156 27.40 5.29 -53.07
C ASN A 156 26.87 3.96 -52.53
N ALA A 157 25.65 3.58 -52.91
CA ALA A 157 25.04 2.30 -52.49
C ALA A 157 25.99 1.16 -52.88
N THR A 158 26.25 0.23 -51.97
CA THR A 158 26.99 -1.02 -52.29
C THR A 158 26.03 -2.17 -52.04
N VAL A 159 26.45 -3.38 -52.40
CA VAL A 159 25.65 -4.60 -52.10
C VAL A 159 25.32 -4.56 -50.61
N GLN A 160 26.26 -4.14 -49.76
CA GLN A 160 26.11 -4.23 -48.28
C GLN A 160 24.98 -3.28 -47.84
N SER A 161 24.61 -2.29 -48.68
CA SER A 161 23.42 -1.42 -48.46
C SER A 161 22.10 -2.20 -48.41
N GLN A 162 22.09 -3.45 -48.88
CA GLN A 162 20.84 -4.27 -48.92
C GLN A 162 20.51 -4.81 -47.54
N VAL A 163 21.45 -4.74 -46.58
CA VAL A 163 21.24 -5.25 -45.21
C VAL A 163 21.64 -4.18 -44.19
N MET A 164 22.87 -3.67 -44.28
CA MET A 164 23.37 -2.59 -43.39
C MET A 164 24.66 -1.97 -43.94
N ASN A 165 24.63 -0.66 -44.14
CA ASN A 165 25.76 0.19 -44.61
C ASN A 165 25.73 1.49 -43.82
N THR A 166 26.71 1.74 -42.94
CA THR A 166 26.63 2.83 -41.94
C THR A 166 26.92 4.18 -42.59
N GLU A 167 27.40 4.21 -43.83
CA GLU A 167 27.52 5.49 -44.60
C GLU A 167 26.14 6.17 -44.80
N HIS A 168 25.01 5.47 -44.77
CA HIS A 168 23.68 6.02 -45.18
C HIS A 168 22.98 6.67 -43.98
N LYS A 169 23.52 7.80 -43.49
CA LYS A 169 22.90 8.65 -42.42
C LYS A 169 22.26 9.86 -43.08
N ALA A 170 21.12 10.28 -42.55
CA ALA A 170 20.41 11.47 -43.03
C ALA A 170 19.56 12.05 -41.90
N TYR A 171 19.17 13.33 -42.04
CA TYR A 171 18.13 13.98 -41.20
C TYR A 171 16.87 14.11 -42.05
N LEU A 172 15.69 13.94 -41.44
CA LEU A 172 14.39 14.23 -42.08
C LEU A 172 14.20 15.76 -42.07
N ASP A 173 15.01 16.43 -42.89
CA ASP A 173 15.17 17.90 -42.87
C ASP A 173 14.43 18.52 -44.06
N LYS A 174 13.56 17.78 -44.74
CA LYS A 174 12.88 18.28 -45.98
C LYS A 174 11.61 17.48 -46.26
N ASN A 175 10.50 18.18 -46.55
CA ASN A 175 9.22 17.49 -46.86
C ASN A 175 9.29 16.97 -48.31
N LYS A 176 8.45 16.00 -48.64
CA LYS A 176 8.27 15.45 -50.02
C LYS A 176 9.58 14.96 -50.65
N ALA A 177 10.64 14.65 -49.88
CA ALA A 177 11.98 14.39 -50.45
C ALA A 177 12.50 12.98 -50.13
N TYR A 178 12.22 12.47 -48.92
CA TYR A 178 12.81 11.22 -48.39
C TYR A 178 11.91 10.04 -48.74
N PRO A 179 12.26 9.20 -49.74
CA PRO A 179 11.40 8.09 -50.15
C PRO A 179 11.29 7.15 -48.94
N VAL A 180 10.11 6.59 -48.72
CA VAL A 180 9.86 5.77 -47.50
C VAL A 180 10.71 4.49 -47.59
N GLU A 181 10.80 3.91 -48.79
CA GLU A 181 11.43 2.58 -49.00
C GLU A 181 12.95 2.60 -48.80
N CYS A 182 13.58 3.76 -48.67
CA CYS A 182 15.07 3.83 -48.54
C CYS A 182 15.47 4.05 -47.08
N TRP A 183 14.59 4.64 -46.29
CA TRP A 183 14.96 5.23 -44.98
C TRP A 183 14.08 4.66 -43.86
N VAL A 184 14.72 4.40 -42.73
CA VAL A 184 14.05 4.06 -41.44
C VAL A 184 14.67 4.92 -40.35
N PRO A 185 13.96 5.13 -39.23
CA PRO A 185 14.54 5.82 -38.07
C PRO A 185 15.83 5.10 -37.71
N ASP A 186 16.91 5.87 -37.50
CA ASP A 186 18.25 5.34 -37.12
C ASP A 186 18.18 5.06 -35.64
N PRO A 187 18.13 3.77 -35.23
CA PRO A 187 17.94 3.43 -33.82
C PRO A 187 19.21 3.67 -32.99
N THR A 188 20.38 3.84 -33.64
CA THR A 188 21.65 4.27 -33.00
C THR A 188 21.65 5.77 -32.67
N ARG A 189 20.59 6.51 -32.98
CA ARG A 189 20.47 7.95 -32.61
C ARG A 189 19.07 8.22 -32.05
N ASN A 190 18.50 9.40 -32.32
CA ASN A 190 17.09 9.73 -31.97
C ASN A 190 16.86 9.69 -30.47
N GLU A 191 17.90 9.90 -29.65
CA GLU A 191 17.82 10.17 -28.19
C GLU A 191 16.74 11.23 -27.94
N ASN A 192 16.68 12.28 -28.77
CA ASN A 192 15.78 13.46 -28.60
C ASN A 192 14.48 13.24 -29.37
N THR A 193 14.24 12.05 -29.90
CA THR A 193 12.96 11.72 -30.58
C THR A 193 12.34 10.45 -29.99
N ARG A 194 11.01 10.45 -29.89
CA ARG A 194 10.20 9.25 -29.60
C ARG A 194 9.54 8.86 -30.93
N TYR A 195 9.85 7.70 -31.51
CA TYR A 195 9.25 7.22 -32.79
C TYR A 195 8.51 5.90 -32.60
N PHE A 196 7.48 5.68 -33.43
CA PHE A 196 6.56 4.51 -33.41
C PHE A 196 6.18 4.13 -34.85
N GLY A 197 6.45 2.90 -35.29
CA GLY A 197 6.22 2.46 -36.69
C GLY A 197 5.71 1.04 -36.81
N THR A 198 4.73 0.81 -37.67
CA THR A 198 4.32 -0.57 -38.06
C THR A 198 4.27 -0.72 -39.58
N LEU A 199 5.07 -1.65 -40.11
CA LEU A 199 4.89 -2.16 -41.49
C LEU A 199 4.02 -3.42 -41.45
N THR A 200 2.87 -3.41 -42.13
CA THR A 200 2.03 -4.62 -42.33
C THR A 200 2.08 -4.96 -43.82
N GLY A 201 2.92 -5.92 -44.22
CA GLY A 201 3.18 -6.32 -45.62
C GLY A 201 2.11 -7.28 -46.14
N GLY A 202 2.20 -7.75 -47.39
CA GLY A 202 1.21 -8.67 -47.99
C GLY A 202 0.34 -8.00 -49.04
N GLU A 203 -0.21 -8.76 -49.99
CA GLU A 203 -0.96 -8.21 -51.16
C GLU A 203 -2.39 -7.80 -50.75
N ASN A 204 -3.00 -8.51 -49.79
CA ASN A 204 -4.44 -8.42 -49.42
C ASN A 204 -4.63 -8.02 -47.96
N VAL A 205 -3.55 -7.68 -47.26
CA VAL A 205 -3.64 -7.30 -45.83
C VAL A 205 -4.67 -6.17 -45.70
N PRO A 206 -5.73 -6.38 -44.90
CA PRO A 206 -6.78 -5.37 -44.76
C PRO A 206 -6.35 -4.28 -43.78
N PRO A 207 -6.57 -2.99 -44.10
CA PRO A 207 -6.32 -1.90 -43.15
C PRO A 207 -7.18 -2.05 -41.90
N VAL A 208 -6.58 -1.86 -40.72
CA VAL A 208 -7.27 -1.80 -39.41
C VAL A 208 -6.89 -0.46 -38.77
N LEU A 209 -7.82 0.50 -38.79
CA LEU A 209 -7.59 1.90 -38.37
C LEU A 209 -8.52 2.21 -37.20
N HIS A 210 -7.96 2.47 -36.01
CA HIS A 210 -8.74 2.90 -34.81
C HIS A 210 -8.65 4.43 -34.69
N ILE A 211 -9.77 5.08 -34.36
CA ILE A 211 -9.84 6.53 -34.00
C ILE A 211 -10.45 6.63 -32.60
N THR A 212 -9.90 7.52 -31.76
CA THR A 212 -10.52 7.99 -30.50
C THR A 212 -9.81 9.26 -30.02
N ASN A 213 -10.52 10.12 -29.31
CA ASN A 213 -10.00 11.32 -28.61
C ASN A 213 -9.74 10.99 -27.12
N THR A 214 -9.61 9.72 -26.72
CA THR A 214 -9.48 9.29 -25.29
C THR A 214 -8.13 8.61 -25.01
N ALA A 215 -7.22 8.56 -25.97
CA ALA A 215 -5.92 7.89 -25.84
C ALA A 215 -4.80 8.94 -25.96
N THR A 216 -4.01 9.02 -24.90
CA THR A 216 -2.78 9.83 -24.76
C THR A 216 -1.60 8.86 -24.70
N THR A 217 -0.51 9.10 -25.44
CA THR A 217 0.77 8.38 -25.21
C THR A 217 1.74 9.36 -24.53
N VAL A 218 2.47 8.92 -23.51
CA VAL A 218 3.50 9.74 -22.80
C VAL A 218 4.84 9.66 -23.57
N LEU A 219 5.61 10.74 -23.56
CA LEU A 219 6.85 10.88 -24.36
C LEU A 219 8.08 10.97 -23.44
N LEU A 220 7.90 10.87 -22.13
CA LEU A 220 8.99 10.98 -21.13
C LEU A 220 9.83 9.70 -21.19
N ASP A 221 11.15 9.76 -21.34
CA ASP A 221 12.03 8.56 -21.19
C ASP A 221 11.84 7.96 -19.79
N GLU A 222 12.53 6.84 -19.52
CA GLU A 222 12.66 6.09 -18.21
C GLU A 222 13.16 6.97 -17.05
N PHE A 223 13.76 8.15 -17.32
CA PHE A 223 14.20 9.14 -16.30
C PHE A 223 13.23 10.32 -16.20
N GLY A 224 12.02 10.24 -16.79
CA GLY A 224 11.00 11.29 -16.68
C GLY A 224 11.25 12.53 -17.54
N VAL A 225 11.90 12.38 -18.69
CA VAL A 225 12.39 13.48 -19.57
C VAL A 225 11.90 13.26 -21.02
N GLY A 226 11.07 14.18 -21.50
CA GLY A 226 10.56 14.19 -22.89
C GLY A 226 11.56 14.85 -23.85
N PRO A 227 11.27 14.81 -25.17
CA PRO A 227 12.07 15.55 -26.15
C PRO A 227 12.21 17.03 -25.78
N LEU A 228 13.41 17.60 -25.89
CA LEU A 228 13.71 19.01 -25.56
C LEU A 228 13.95 19.75 -26.88
N CYS A 229 13.22 20.85 -27.10
CA CYS A 229 13.06 21.47 -28.44
C CYS A 229 14.16 22.51 -28.68
N LYS A 230 15.28 22.08 -29.27
CA LYS A 230 16.40 22.93 -29.72
C LYS A 230 15.88 24.06 -30.61
N GLY A 231 16.36 25.29 -30.36
CA GLY A 231 16.01 26.52 -31.09
C GLY A 231 14.52 26.76 -31.09
N ASP A 232 13.81 26.31 -30.06
CA ASP A 232 12.34 26.44 -29.86
C ASP A 232 11.57 25.90 -31.09
N ASN A 233 11.96 24.72 -31.60
CA ASN A 233 11.23 24.02 -32.69
C ASN A 233 10.83 22.58 -32.30
N LEU A 234 9.54 22.25 -32.46
CA LEU A 234 9.00 20.87 -32.37
C LEU A 234 9.08 20.23 -33.76
N TYR A 235 9.54 18.99 -33.86
CA TYR A 235 9.61 18.20 -35.12
C TYR A 235 8.60 17.04 -35.05
N LEU A 236 7.58 17.10 -35.92
CA LEU A 236 6.52 16.09 -36.15
C LEU A 236 6.84 15.45 -37.49
N SER A 237 6.96 14.12 -37.53
CA SER A 237 7.23 13.33 -38.76
C SER A 237 6.20 12.19 -38.80
N ALA A 238 5.80 11.78 -40.01
CA ALA A 238 4.69 10.83 -40.22
C ALA A 238 4.79 10.15 -41.59
N VAL A 239 4.21 8.94 -41.68
CA VAL A 239 3.97 8.17 -42.92
C VAL A 239 2.68 7.40 -42.65
N ASP A 240 1.78 7.34 -43.63
CA ASP A 240 0.47 6.66 -43.43
C ASP A 240 0.00 6.14 -44.80
N VAL A 241 0.91 5.46 -45.49
CA VAL A 241 0.61 4.64 -46.69
C VAL A 241 -0.40 3.60 -46.22
N CYS A 242 -1.67 3.70 -46.62
CA CYS A 242 -2.77 2.85 -46.08
C CYS A 242 -2.84 1.51 -46.81
N GLY A 243 -2.19 1.46 -47.97
CA GLY A 243 -2.27 0.32 -48.89
C GLY A 243 -2.47 0.81 -50.31
N MET A 244 -3.01 -0.07 -51.15
CA MET A 244 -3.03 0.20 -52.60
C MET A 244 -4.45 0.23 -53.13
N PHE A 245 -4.75 1.30 -53.86
CA PHE A 245 -6.02 1.48 -54.59
C PHE A 245 -5.88 0.78 -55.93
N THR A 246 -6.82 -0.12 -56.24
CA THR A 246 -6.81 -0.85 -57.54
C THR A 246 -7.94 -0.25 -58.39
N ASN A 247 -7.58 0.39 -59.50
CA ASN A 247 -8.53 0.95 -60.52
C ASN A 247 -8.96 -0.18 -61.46
N ARG A 248 -9.91 0.12 -62.35
CA ARG A 248 -10.56 -0.93 -63.18
C ARG A 248 -9.56 -1.55 -64.16
N SER A 249 -8.50 -0.84 -64.55
CA SER A 249 -7.44 -1.40 -65.43
C SER A 249 -6.67 -2.49 -64.68
N GLY A 250 -6.71 -2.47 -63.35
CA GLY A 250 -5.99 -3.43 -62.49
C GLY A 250 -4.70 -2.83 -61.99
N SER A 251 -4.24 -1.71 -62.56
CA SER A 251 -3.00 -1.06 -62.09
C SER A 251 -3.29 -0.51 -60.69
N GLN A 252 -2.25 -0.33 -59.87
CA GLN A 252 -2.41 -0.05 -58.41
C GLN A 252 -1.61 1.20 -58.07
N GLN A 253 -2.20 2.04 -57.22
CA GLN A 253 -1.56 3.28 -56.69
C GLN A 253 -1.49 3.17 -55.17
N TRP A 254 -0.42 3.65 -54.54
CA TRP A 254 -0.36 3.85 -53.06
C TRP A 254 -1.43 4.87 -52.71
N ARG A 255 -2.13 4.71 -51.60
CA ARG A 255 -3.08 5.75 -51.10
C ARG A 255 -2.66 6.13 -49.67
N GLY A 256 -2.63 7.43 -49.37
CA GLY A 256 -2.26 7.95 -48.04
C GLY A 256 -3.34 8.82 -47.43
N LEU A 257 -3.33 8.95 -46.11
CA LEU A 257 -4.21 9.86 -45.33
C LEU A 257 -3.32 10.72 -44.44
N SER A 258 -3.86 11.85 -43.97
CA SER A 258 -3.15 12.83 -43.10
C SER A 258 -3.13 12.27 -41.68
N ARG A 259 -2.21 12.74 -40.84
CA ARG A 259 -2.12 12.34 -39.42
C ARG A 259 -2.26 13.58 -38.53
N TYR A 260 -3.10 13.45 -37.51
CA TYR A 260 -3.35 14.49 -36.47
C TYR A 260 -2.29 14.30 -35.39
N PHE A 261 -1.82 15.44 -34.89
CA PHE A 261 -0.86 15.55 -33.78
C PHE A 261 -1.42 16.60 -32.81
N LYS A 262 -1.49 16.24 -31.53
CA LYS A 262 -1.65 17.19 -30.39
C LYS A 262 -0.53 16.86 -29.41
N VAL A 263 0.46 17.73 -29.32
CA VAL A 263 1.57 17.61 -28.35
C VAL A 263 1.40 18.69 -27.26
N GLN A 264 1.33 18.28 -26.00
CA GLN A 264 1.44 19.16 -24.82
C GLN A 264 2.91 19.31 -24.50
N LEU A 265 3.37 20.52 -24.20
CA LEU A 265 4.77 20.79 -23.80
C LEU A 265 4.79 21.64 -22.52
N ARG A 266 5.95 21.62 -21.84
CA ARG A 266 6.23 22.43 -20.62
C ARG A 266 7.67 22.93 -20.69
N LYS A 267 8.00 23.92 -19.85
CA LYS A 267 9.34 24.54 -19.82
C LYS A 267 10.24 23.78 -18.85
N ARG A 268 11.40 23.30 -19.31
CA ARG A 268 12.49 22.72 -18.48
C ARG A 268 13.67 23.70 -18.41
N ARG A 269 14.26 23.84 -17.22
CA ARG A 269 15.59 24.47 -17.09
C ARG A 269 16.65 23.42 -17.45
N VAL A 270 17.69 23.81 -18.18
CA VAL A 270 18.85 22.96 -18.56
C VAL A 270 20.13 23.80 -18.48
N LYS A 271 21.28 23.15 -18.30
CA LYS A 271 22.58 23.82 -18.06
C LYS A 271 23.57 23.37 -19.16
N ASN A 272 24.42 24.30 -19.65
CA ASN A 272 25.50 24.07 -20.64
C ASN A 272 24.93 23.57 -21.97
N VAL B 7 -15.43 28.08 -18.62
CA VAL B 7 -16.52 27.64 -17.69
C VAL B 7 -15.92 26.64 -16.70
N GLU B 8 -15.82 26.98 -15.41
CA GLU B 8 -15.07 26.15 -14.42
C GLU B 8 -16.02 25.10 -13.83
N VAL B 9 -15.49 23.91 -13.50
CA VAL B 9 -16.28 22.74 -13.06
C VAL B 9 -16.07 22.55 -11.56
N LEU B 10 -17.15 22.51 -10.79
CA LEU B 10 -17.15 22.43 -9.30
C LEU B 10 -17.77 21.10 -8.86
N GLU B 11 -18.33 21.06 -7.65
CA GLU B 11 -18.78 19.78 -7.03
C GLU B 11 -19.87 19.00 -7.76
N VAL B 12 -19.90 17.69 -7.48
CA VAL B 12 -20.96 16.81 -8.05
C VAL B 12 -22.05 16.76 -6.98
N LYS B 13 -23.28 17.10 -7.35
CA LYS B 13 -24.41 17.01 -6.41
C LYS B 13 -24.58 15.56 -5.99
N THR B 14 -24.77 15.32 -4.69
CA THR B 14 -24.98 13.94 -4.19
C THR B 14 -26.45 13.79 -3.80
N GLY B 15 -26.83 12.61 -3.34
CA GLY B 15 -28.25 12.34 -3.03
C GLY B 15 -28.73 11.16 -3.82
N VAL B 16 -30.05 11.00 -3.97
CA VAL B 16 -30.62 9.89 -4.78
C VAL B 16 -31.35 10.55 -5.95
N ASP B 17 -31.39 11.88 -5.96
CA ASP B 17 -32.10 12.63 -7.02
C ASP B 17 -31.03 13.23 -7.92
N SER B 18 -29.79 12.80 -7.74
CA SER B 18 -28.65 13.41 -8.49
C SER B 18 -28.22 12.48 -9.63
N ILE B 19 -28.87 11.33 -9.78
CA ILE B 19 -28.41 10.34 -10.79
C ILE B 19 -29.52 10.13 -11.83
N THR B 20 -29.17 10.05 -13.12
CA THR B 20 -30.17 9.72 -14.17
C THR B 20 -29.57 8.68 -15.12
N GLU B 21 -30.43 7.93 -15.80
CA GLU B 21 -29.98 6.87 -16.74
C GLU B 21 -30.67 7.08 -18.08
N VAL B 22 -29.92 7.02 -19.17
CA VAL B 22 -30.51 7.10 -20.53
C VAL B 22 -30.27 5.76 -21.22
N GLU B 23 -31.34 5.12 -21.69
CA GLU B 23 -31.27 3.85 -22.46
C GLU B 23 -31.88 4.10 -23.84
N CYS B 24 -31.27 3.66 -24.95
CA CYS B 24 -31.98 3.67 -26.25
C CYS B 24 -31.25 2.84 -27.31
N PHE B 25 -31.94 2.62 -28.44
CA PHE B 25 -31.41 2.00 -29.69
C PHE B 25 -31.18 3.13 -30.71
N LEU B 26 -30.07 3.12 -31.44
CA LEU B 26 -29.90 3.91 -32.68
C LEU B 26 -29.92 2.94 -33.86
N THR B 27 -30.95 3.04 -34.71
CA THR B 27 -31.12 2.17 -35.91
C THR B 27 -30.08 2.61 -36.94
N PRO B 28 -29.60 1.72 -37.83
CA PRO B 28 -28.59 2.14 -38.80
C PRO B 28 -29.33 2.81 -39.96
N GLU B 29 -28.61 3.63 -40.73
CA GLU B 29 -29.14 4.38 -41.89
C GLU B 29 -28.30 4.03 -43.11
N MET B 30 -28.62 2.91 -43.75
CA MET B 30 -27.72 2.26 -44.74
C MET B 30 -28.14 2.63 -46.17
N GLY B 31 -29.39 3.03 -46.40
CA GLY B 31 -29.86 3.42 -47.74
C GLY B 31 -31.32 3.14 -47.96
N ASP B 32 -31.82 2.00 -47.47
CA ASP B 32 -33.26 1.59 -47.51
C ASP B 32 -33.80 1.75 -48.93
N PRO B 33 -33.18 1.04 -49.91
CA PRO B 33 -33.43 1.30 -51.33
C PRO B 33 -34.85 0.89 -51.73
N ASP B 34 -35.48 0.06 -50.92
CA ASP B 34 -36.92 -0.29 -51.09
C ASP B 34 -37.53 -0.61 -49.72
N GLU B 35 -38.85 -0.73 -49.67
CA GLU B 35 -39.65 -0.75 -48.41
C GLU B 35 -39.54 -2.12 -47.73
N HIS B 36 -38.78 -3.06 -48.29
CA HIS B 36 -38.49 -4.39 -47.67
C HIS B 36 -37.02 -4.50 -47.23
N LEU B 37 -36.19 -3.49 -47.44
CA LEU B 37 -34.71 -3.61 -47.27
C LEU B 37 -34.17 -2.60 -46.28
N ARG B 38 -34.97 -2.32 -45.25
CA ARG B 38 -34.48 -1.52 -44.10
C ARG B 38 -33.23 -2.21 -43.54
N GLY B 39 -32.12 -1.45 -43.47
CA GLY B 39 -30.85 -1.89 -42.88
C GLY B 39 -29.84 -2.25 -43.95
N PHE B 40 -30.29 -2.34 -45.20
CA PHE B 40 -29.45 -2.64 -46.40
C PHE B 40 -29.31 -1.36 -47.22
N SER B 41 -28.27 -1.26 -48.04
CA SER B 41 -28.11 -0.19 -49.06
C SER B 41 -28.54 -0.72 -50.44
N LYS B 42 -28.73 0.20 -51.40
CA LYS B 42 -28.82 -0.15 -52.84
C LYS B 42 -27.56 -0.91 -53.25
N SER B 43 -27.64 -1.76 -54.27
CA SER B 43 -26.46 -2.51 -54.78
C SER B 43 -25.42 -1.47 -55.24
N ILE B 44 -24.15 -1.67 -54.92
CA ILE B 44 -23.03 -0.76 -55.33
C ILE B 44 -22.99 -0.73 -56.85
N SER B 45 -22.94 0.46 -57.44
CA SER B 45 -22.53 0.64 -58.86
C SER B 45 -21.22 1.46 -58.82
N ILE B 46 -20.27 1.06 -59.63
CA ILE B 46 -18.91 1.67 -59.69
C ILE B 46 -18.91 2.60 -60.90
N SER B 47 -18.56 3.86 -60.73
CA SER B 47 -18.37 4.80 -61.86
C SER B 47 -17.17 4.31 -62.67
N ASP B 48 -17.18 4.49 -63.99
CA ASP B 48 -16.07 4.08 -64.89
C ASP B 48 -14.84 4.97 -64.64
N THR B 49 -15.04 6.17 -64.07
CA THR B 49 -13.98 7.17 -63.80
C THR B 49 -14.26 7.91 -62.49
N PHE B 50 -13.27 8.65 -62.01
CA PHE B 50 -13.40 9.54 -60.82
C PHE B 50 -14.40 10.66 -61.16
N GLU B 51 -14.23 11.27 -62.34
CA GLU B 51 -15.00 12.46 -62.79
C GLU B 51 -16.49 12.13 -62.73
N SER B 52 -16.86 10.91 -63.12
CA SER B 52 -18.28 10.49 -63.26
C SER B 52 -18.82 9.83 -61.98
N ASP B 53 -18.02 9.79 -60.89
CA ASP B 53 -18.43 9.19 -59.60
C ASP B 53 -19.61 10.02 -59.07
N SER B 54 -20.78 9.37 -58.93
CA SER B 54 -22.07 10.04 -58.61
C SER B 54 -22.97 9.06 -57.87
N PRO B 55 -22.63 8.71 -56.60
CA PRO B 55 -23.44 7.79 -55.82
C PRO B 55 -24.81 8.40 -55.45
N ASN B 56 -25.88 7.65 -55.73
CA ASN B 56 -27.27 7.94 -55.30
C ASN B 56 -27.36 7.73 -53.79
N ARG B 57 -28.34 8.39 -53.19
CA ARG B 57 -28.52 8.45 -51.73
C ARG B 57 -28.70 7.04 -51.16
N ASP B 58 -29.48 6.19 -51.84
CA ASP B 58 -29.86 4.85 -51.33
C ASP B 58 -28.66 3.90 -51.41
N MET B 59 -27.49 4.36 -51.84
CA MET B 59 -26.25 3.53 -51.91
C MET B 59 -25.21 4.10 -50.94
N LEU B 60 -25.57 5.09 -50.14
CA LEU B 60 -24.62 5.82 -49.25
C LEU B 60 -25.09 5.64 -47.81
N PRO B 61 -24.41 4.78 -46.99
CA PRO B 61 -24.70 4.73 -45.57
C PRO B 61 -24.33 6.07 -44.93
N CYS B 62 -25.08 6.44 -43.89
CA CYS B 62 -24.89 7.73 -43.17
C CYS B 62 -24.80 7.47 -41.68
N TYR B 63 -24.28 8.47 -40.96
CA TYR B 63 -24.15 8.44 -39.48
C TYR B 63 -25.56 8.42 -38.89
N SER B 64 -25.77 7.58 -37.88
CA SER B 64 -26.95 7.63 -36.99
C SER B 64 -26.64 8.67 -35.89
N VAL B 65 -27.65 9.43 -35.46
CA VAL B 65 -27.58 10.41 -34.33
C VAL B 65 -28.94 10.50 -33.65
N ALA B 66 -28.95 10.58 -32.31
CA ALA B 66 -30.16 10.81 -31.48
C ALA B 66 -29.79 11.85 -30.43
N ARG B 67 -30.63 12.87 -30.27
CA ARG B 67 -30.52 13.93 -29.24
C ARG B 67 -31.60 13.63 -28.20
N ILE B 68 -31.20 13.28 -26.98
CA ILE B 68 -32.15 12.84 -25.92
C ILE B 68 -32.28 13.98 -24.89
N PRO B 69 -33.51 14.54 -24.72
CA PRO B 69 -33.81 15.43 -23.61
C PRO B 69 -33.60 14.71 -22.26
N LEU B 70 -32.97 15.39 -21.30
CA LEU B 70 -32.77 14.92 -19.90
C LEU B 70 -33.66 15.77 -18.98
N PRO B 71 -33.90 15.39 -17.71
CA PRO B 71 -34.69 16.23 -16.80
C PRO B 71 -34.10 17.65 -16.71
N ASN B 72 -34.94 18.69 -16.56
CA ASN B 72 -34.50 20.11 -16.57
C ASN B 72 -33.81 20.48 -15.25
N LEU B 73 -32.82 21.39 -15.28
CA LEU B 73 -31.99 21.82 -14.13
C LEU B 73 -31.87 23.37 -14.06
N ASN B 74 -32.99 24.09 -13.99
CA ASN B 74 -33.06 25.56 -13.83
C ASN B 74 -34.13 26.13 -14.76
N ILE B 82 -25.90 26.69 -13.99
CA ILE B 82 -25.00 26.30 -12.88
C ILE B 82 -25.03 24.78 -12.66
N LEU B 83 -26.17 24.07 -12.72
CA LEU B 83 -26.19 22.58 -12.77
C LEU B 83 -26.31 22.04 -14.20
N MET B 84 -25.39 21.15 -14.60
CA MET B 84 -25.44 20.41 -15.88
C MET B 84 -25.41 18.91 -15.60
N TRP B 85 -26.06 18.11 -16.45
CA TRP B 85 -25.88 16.65 -16.49
C TRP B 85 -24.48 16.35 -17.03
N GLU B 86 -23.74 15.49 -16.32
CA GLU B 86 -22.39 15.00 -16.70
C GLU B 86 -22.53 13.52 -17.02
N ALA B 87 -22.11 13.10 -18.21
CA ALA B 87 -22.15 11.67 -18.61
C ALA B 87 -20.95 10.96 -17.99
N VAL B 88 -21.16 9.80 -17.36
CA VAL B 88 -20.07 9.14 -16.58
C VAL B 88 -19.74 7.76 -17.16
N THR B 89 -20.72 6.89 -17.39
CA THR B 89 -20.45 5.51 -17.84
C THR B 89 -21.34 5.20 -19.05
N LEU B 90 -20.81 4.40 -19.97
CA LEU B 90 -21.52 3.89 -21.18
C LEU B 90 -21.45 2.37 -21.14
N LYS B 91 -22.57 1.72 -21.49
CA LYS B 91 -22.61 0.32 -21.97
C LYS B 91 -23.16 0.38 -23.39
N THR B 92 -22.52 -0.30 -24.33
CA THR B 92 -22.98 -0.30 -25.73
C THR B 92 -22.70 -1.68 -26.34
N GLU B 93 -23.60 -2.12 -27.21
CA GLU B 93 -23.34 -3.27 -28.12
C GLU B 93 -24.29 -3.20 -29.32
N VAL B 94 -23.90 -3.92 -30.37
CA VAL B 94 -24.62 -4.06 -31.67
C VAL B 94 -25.77 -5.03 -31.45
N ILE B 95 -27.00 -4.69 -31.88
CA ILE B 95 -28.19 -5.54 -31.63
C ILE B 95 -28.48 -6.41 -32.85
N GLY B 96 -28.66 -7.72 -32.63
CA GLY B 96 -29.05 -8.71 -33.65
C GLY B 96 -27.86 -9.34 -34.34
N VAL B 97 -26.74 -9.56 -33.62
CA VAL B 97 -25.48 -10.07 -34.25
C VAL B 97 -25.75 -11.45 -34.87
N THR B 98 -26.69 -12.23 -34.31
CA THR B 98 -27.04 -13.58 -34.81
C THR B 98 -27.78 -13.48 -36.14
N SER B 99 -28.27 -12.30 -36.50
CA SER B 99 -28.98 -12.15 -37.80
C SER B 99 -28.00 -12.50 -38.92
N LEU B 100 -26.68 -12.34 -38.73
CA LEU B 100 -25.68 -12.56 -39.82
C LEU B 100 -25.53 -14.07 -40.11
N MET B 101 -26.18 -14.92 -39.31
CA MET B 101 -26.25 -16.39 -39.57
C MET B 101 -27.39 -16.76 -40.53
N ASN B 102 -28.16 -15.82 -41.10
CA ASN B 102 -29.08 -16.12 -42.24
C ASN B 102 -28.22 -16.17 -43.50
N VAL B 103 -27.76 -17.39 -43.81
CA VAL B 103 -26.90 -17.68 -45.02
C VAL B 103 -27.74 -18.57 -45.94
N HIS B 104 -29.05 -18.48 -45.85
CA HIS B 104 -30.02 -19.28 -46.64
C HIS B 104 -31.06 -18.40 -47.34
N SER B 105 -30.79 -17.12 -47.55
CA SER B 105 -31.79 -16.16 -48.12
C SER B 105 -31.19 -15.37 -49.29
N ASN B 106 -31.38 -15.86 -50.52
CA ASN B 106 -30.93 -15.15 -51.75
C ASN B 106 -29.50 -14.65 -51.59
N GLY B 107 -28.59 -15.54 -51.21
CA GLY B 107 -27.17 -15.23 -51.18
C GLY B 107 -26.41 -16.09 -52.17
N GLN B 108 -25.32 -15.53 -52.72
CA GLN B 108 -24.41 -16.23 -53.66
C GLN B 108 -23.72 -17.34 -52.87
N ALA B 109 -23.69 -18.55 -53.42
CA ALA B 109 -23.01 -19.71 -52.81
C ALA B 109 -21.50 -19.50 -52.97
N THR B 110 -20.74 -19.92 -51.97
CA THR B 110 -19.26 -19.76 -51.91
C THR B 110 -18.63 -20.75 -52.91
N HIS B 111 -19.31 -21.86 -53.17
CA HIS B 111 -18.93 -22.89 -54.17
C HIS B 111 -20.18 -23.69 -54.55
N ASP B 112 -20.05 -24.59 -55.51
CA ASP B 112 -21.15 -25.44 -56.05
C ASP B 112 -21.85 -26.18 -54.89
N ASN B 113 -23.14 -25.96 -54.70
CA ASN B 113 -24.00 -26.63 -53.68
C ASN B 113 -23.72 -26.07 -52.29
N GLY B 114 -22.83 -25.08 -52.14
CA GLY B 114 -22.49 -24.58 -50.79
C GLY B 114 -23.59 -23.73 -50.17
N ALA B 115 -23.44 -23.36 -48.90
CA ALA B 115 -24.29 -22.38 -48.20
C ALA B 115 -23.97 -20.99 -48.75
N GLY B 116 -24.74 -19.97 -48.33
CA GLY B 116 -24.63 -18.59 -48.81
C GLY B 116 -23.41 -17.88 -48.27
N LYS B 117 -22.69 -17.09 -49.07
CA LYS B 117 -21.71 -16.16 -48.48
C LYS B 117 -22.42 -15.34 -47.43
N PRO B 118 -21.84 -15.21 -46.22
CA PRO B 118 -22.40 -14.32 -45.20
C PRO B 118 -21.87 -12.90 -45.41
N VAL B 119 -22.51 -11.93 -44.77
CA VAL B 119 -22.07 -10.51 -44.73
C VAL B 119 -20.58 -10.49 -44.37
N GLN B 120 -19.76 -9.81 -45.17
CA GLN B 120 -18.32 -9.70 -44.85
C GLN B 120 -17.72 -8.52 -45.63
N GLY B 121 -16.41 -8.32 -45.51
CA GLY B 121 -15.72 -7.20 -46.17
C GLY B 121 -15.77 -5.97 -45.31
N THR B 122 -15.44 -4.81 -45.91
CA THR B 122 -15.19 -3.52 -45.21
C THR B 122 -16.29 -3.26 -44.16
N SER B 123 -15.91 -2.97 -42.92
CA SER B 123 -16.80 -2.67 -41.78
C SER B 123 -16.37 -1.33 -41.18
N PHE B 124 -17.31 -0.60 -40.59
CA PHE B 124 -17.04 0.61 -39.77
C PHE B 124 -17.95 0.56 -38.53
N HIS B 125 -17.32 0.41 -37.37
CA HIS B 125 -18.03 0.39 -36.06
C HIS B 125 -17.55 1.60 -35.27
N PHE B 126 -18.48 2.52 -35.03
CA PHE B 126 -18.27 3.82 -34.38
C PHE B 126 -19.38 4.07 -33.36
N PHE B 127 -19.02 4.64 -32.22
CA PHE B 127 -20.01 5.25 -31.29
C PHE B 127 -19.36 6.43 -30.57
N SER B 128 -20.20 7.36 -30.13
CA SER B 128 -19.78 8.58 -29.39
C SER B 128 -20.92 9.03 -28.47
N VAL B 129 -20.53 9.59 -27.33
CA VAL B 129 -21.43 10.20 -26.30
C VAL B 129 -20.85 11.59 -26.04
N GLY B 130 -21.69 12.62 -26.19
CA GLY B 130 -21.33 14.03 -26.02
C GLY B 130 -22.44 14.86 -25.39
N GLY B 131 -22.07 16.07 -24.92
CA GLY B 131 -23.02 17.05 -24.34
C GLY B 131 -23.47 18.06 -25.39
N GLU B 132 -23.14 17.77 -26.64
CA GLU B 132 -23.44 18.56 -27.86
C GLU B 132 -23.21 17.63 -29.05
N ALA B 133 -23.64 18.06 -30.24
CA ALA B 133 -23.44 17.37 -31.53
C ALA B 133 -21.95 17.12 -31.79
N LEU B 134 -21.66 15.90 -32.24
CA LEU B 134 -20.31 15.44 -32.68
C LEU B 134 -19.84 16.42 -33.74
N GLU B 135 -18.58 16.84 -33.66
CA GLU B 135 -17.98 17.79 -34.62
C GLU B 135 -17.24 16.98 -35.69
N LEU B 136 -17.50 17.28 -36.96
CA LEU B 136 -17.00 16.51 -38.12
C LEU B 136 -16.00 17.32 -38.94
N GLN B 137 -14.97 16.62 -39.42
CA GLN B 137 -14.02 17.00 -40.49
C GLN B 137 -14.37 16.18 -41.74
N GLY B 138 -14.60 16.86 -42.87
CA GLY B 138 -14.75 16.16 -44.16
C GLY B 138 -13.39 15.80 -44.74
N VAL B 139 -13.30 14.60 -45.31
CA VAL B 139 -12.16 14.10 -46.11
C VAL B 139 -12.75 13.13 -47.13
N LEU B 140 -12.34 13.23 -48.39
CA LEU B 140 -13.03 12.56 -49.51
C LEU B 140 -12.02 11.63 -50.18
N PHE B 141 -12.48 10.46 -50.61
CA PHE B 141 -11.60 9.48 -51.29
C PHE B 141 -11.18 10.12 -52.62
N ASN B 142 -12.13 10.83 -53.24
CA ASN B 142 -12.11 11.38 -54.62
C ASN B 142 -12.91 12.69 -54.61
N TYR B 143 -12.26 13.84 -54.81
CA TYR B 143 -12.87 15.16 -54.52
C TYR B 143 -13.91 15.55 -55.56
N ARG B 144 -13.86 14.97 -56.76
CA ARG B 144 -14.73 15.31 -57.91
C ARG B 144 -16.02 14.49 -57.80
N THR B 145 -16.16 13.67 -56.76
CA THR B 145 -17.37 12.86 -56.52
C THR B 145 -18.57 13.78 -56.32
N LYS B 146 -19.60 13.63 -57.15
CA LYS B 146 -20.88 14.36 -56.96
C LYS B 146 -21.77 13.59 -55.97
N TYR B 147 -21.93 14.16 -54.76
CA TYR B 147 -22.77 13.61 -53.67
C TYR B 147 -24.22 14.03 -53.91
N PRO B 148 -25.19 13.20 -53.49
CA PRO B 148 -26.59 13.40 -53.85
C PRO B 148 -27.39 14.42 -53.02
N ASP B 149 -28.39 15.03 -53.68
CA ASP B 149 -29.46 15.83 -53.06
C ASP B 149 -29.96 15.07 -51.84
N GLY B 150 -30.25 15.78 -50.75
CA GLY B 150 -30.85 15.20 -49.52
C GLY B 150 -29.80 14.74 -48.53
N THR B 151 -28.53 14.74 -48.94
CA THR B 151 -27.38 14.45 -48.05
C THR B 151 -26.63 15.77 -47.85
N ILE B 152 -25.92 15.85 -46.72
CA ILE B 152 -25.07 17.01 -46.34
C ILE B 152 -23.63 16.52 -46.41
N PHE B 153 -22.79 17.24 -47.14
CA PHE B 153 -21.45 16.77 -47.56
C PHE B 153 -20.51 17.94 -47.74
N PRO B 154 -19.18 17.71 -47.75
CA PRO B 154 -18.22 18.79 -47.89
C PRO B 154 -18.50 19.57 -49.19
N LYS B 155 -18.68 20.88 -49.06
CA LYS B 155 -19.00 21.82 -50.16
C LYS B 155 -17.70 22.47 -50.62
N ASN B 156 -17.56 22.79 -51.90
CA ASN B 156 -16.41 23.56 -52.41
C ASN B 156 -15.16 22.68 -52.37
N ALA B 157 -15.35 21.38 -52.63
CA ALA B 157 -14.26 20.39 -52.57
C ALA B 157 -13.18 20.74 -53.59
N THR B 158 -11.92 20.81 -53.15
CA THR B 158 -10.77 20.90 -54.07
C THR B 158 -9.98 19.61 -53.90
N VAL B 159 -8.92 19.43 -54.69
CA VAL B 159 -8.07 18.21 -54.62
C VAL B 159 -7.43 18.10 -53.22
N GLN B 160 -7.26 19.22 -52.50
CA GLN B 160 -6.70 19.17 -51.12
C GLN B 160 -7.71 18.45 -50.21
N SER B 161 -9.00 18.41 -50.54
CA SER B 161 -10.05 17.66 -49.77
C SER B 161 -9.71 16.17 -49.70
N GLN B 162 -8.92 15.67 -50.68
CA GLN B 162 -8.47 14.25 -50.78
C GLN B 162 -7.51 13.87 -49.64
N VAL B 163 -7.00 14.86 -48.91
CA VAL B 163 -6.01 14.65 -47.81
C VAL B 163 -6.40 15.48 -46.58
N MET B 164 -6.57 16.79 -46.70
CA MET B 164 -6.96 17.69 -45.58
C MET B 164 -7.37 19.06 -46.13
N ASN B 165 -8.66 19.42 -45.93
CA ASN B 165 -9.22 20.74 -46.30
C ASN B 165 -10.04 21.25 -45.12
N THR B 166 -9.59 22.33 -44.46
CA THR B 166 -10.23 22.82 -43.21
C THR B 166 -11.60 23.45 -43.50
N GLU B 167 -11.90 23.85 -44.73
CA GLU B 167 -13.27 24.33 -45.00
C GLU B 167 -14.26 23.31 -44.43
N HIS B 168 -14.03 22.01 -44.65
CA HIS B 168 -15.03 20.93 -44.48
C HIS B 168 -15.29 20.67 -42.99
N LYS B 169 -16.02 21.56 -42.34
CA LYS B 169 -16.38 21.41 -40.91
C LYS B 169 -17.89 21.28 -40.84
N ALA B 170 -18.41 20.48 -39.91
CA ALA B 170 -19.88 20.35 -39.72
C ALA B 170 -20.19 19.78 -38.34
N TYR B 171 -21.46 19.83 -37.99
CA TYR B 171 -22.04 19.26 -36.75
C TYR B 171 -22.95 18.12 -37.21
N LEU B 172 -22.92 16.98 -36.54
CA LEU B 172 -23.79 15.81 -36.85
C LEU B 172 -25.15 16.12 -36.21
N ASP B 173 -25.90 17.01 -36.86
CA ASP B 173 -27.09 17.69 -36.29
C ASP B 173 -28.34 17.24 -37.03
N LYS B 174 -28.25 16.16 -37.81
CA LYS B 174 -29.37 15.59 -38.61
C LYS B 174 -29.13 14.11 -38.92
N ASN B 175 -30.12 13.25 -38.66
CA ASN B 175 -30.07 11.79 -38.91
C ASN B 175 -30.19 11.55 -40.43
N LYS B 176 -29.66 10.41 -40.91
CA LYS B 176 -29.78 9.90 -42.32
C LYS B 176 -29.31 10.95 -43.33
N ALA B 177 -28.35 11.81 -42.98
CA ALA B 177 -28.00 12.99 -43.81
C ALA B 177 -26.52 13.04 -44.13
N TYR B 178 -25.64 12.69 -43.19
CA TYR B 178 -24.17 12.80 -43.34
C TYR B 178 -23.60 11.45 -43.75
N PRO B 179 -23.15 11.26 -45.00
CA PRO B 179 -22.68 9.96 -45.46
C PRO B 179 -21.40 9.55 -44.72
N VAL B 180 -21.33 8.29 -44.33
CA VAL B 180 -20.16 7.82 -43.55
C VAL B 180 -18.87 8.12 -44.32
N GLU B 181 -18.87 8.07 -45.65
CA GLU B 181 -17.60 7.99 -46.44
C GLU B 181 -16.92 9.35 -46.59
N CYS B 182 -17.53 10.49 -46.23
CA CYS B 182 -16.91 11.83 -46.45
C CYS B 182 -16.73 12.60 -45.14
N TRP B 183 -17.15 12.04 -44.01
CA TRP B 183 -17.04 12.66 -42.66
C TRP B 183 -16.39 11.73 -41.64
N VAL B 184 -15.58 12.30 -40.74
CA VAL B 184 -14.89 11.61 -39.61
C VAL B 184 -14.95 12.56 -38.42
N PRO B 185 -14.91 12.09 -37.16
CA PRO B 185 -14.84 12.98 -36.01
C PRO B 185 -13.62 13.90 -36.15
N ASP B 186 -13.84 15.20 -35.90
CA ASP B 186 -12.83 16.29 -36.03
C ASP B 186 -11.96 16.24 -34.77
N PRO B 187 -10.69 15.83 -34.90
CA PRO B 187 -9.84 15.68 -33.72
C PRO B 187 -9.48 17.03 -33.07
N THR B 188 -9.65 18.13 -33.81
CA THR B 188 -9.28 19.51 -33.38
C THR B 188 -10.37 20.07 -32.47
N ARG B 189 -11.53 19.42 -32.44
CA ARG B 189 -12.68 19.86 -31.62
C ARG B 189 -13.10 18.68 -30.73
N ASN B 190 -14.40 18.48 -30.51
CA ASN B 190 -14.97 17.34 -29.75
C ASN B 190 -14.39 17.27 -28.35
N GLU B 191 -14.09 18.43 -27.74
CA GLU B 191 -13.55 18.49 -26.36
C GLU B 191 -14.67 18.08 -25.40
N ASN B 192 -15.95 18.19 -25.79
CA ASN B 192 -17.12 17.87 -24.93
C ASN B 192 -17.82 16.60 -25.44
N THR B 193 -17.06 15.76 -26.17
CA THR B 193 -17.50 14.43 -26.64
C THR B 193 -16.39 13.38 -26.46
N ARG B 194 -16.78 12.15 -26.13
CA ARG B 194 -15.92 10.95 -26.20
C ARG B 194 -16.37 10.09 -27.40
N TYR B 195 -15.46 9.85 -28.34
CA TYR B 195 -15.70 9.01 -29.54
C TYR B 195 -14.69 7.86 -29.67
N PHE B 196 -15.17 6.80 -30.30
CA PHE B 196 -14.44 5.53 -30.57
C PHE B 196 -14.96 4.92 -31.87
N GLY B 197 -14.05 4.63 -32.80
CA GLY B 197 -14.43 3.89 -34.02
C GLY B 197 -13.34 2.97 -34.52
N THR B 198 -13.73 2.00 -35.35
CA THR B 198 -12.73 1.17 -36.05
C THR B 198 -13.16 0.97 -37.50
N LEU B 199 -12.24 1.27 -38.43
CA LEU B 199 -12.42 0.84 -39.82
C LEU B 199 -11.64 -0.46 -40.02
N THR B 200 -12.35 -1.53 -40.38
CA THR B 200 -11.74 -2.82 -40.77
C THR B 200 -11.97 -2.92 -42.28
N GLY B 201 -10.92 -2.77 -43.08
CA GLY B 201 -10.94 -2.76 -44.55
C GLY B 201 -10.79 -4.14 -45.18
N GLY B 202 -10.72 -4.19 -46.51
CA GLY B 202 -10.48 -5.44 -47.28
C GLY B 202 -11.78 -6.14 -47.62
N GLU B 203 -11.84 -6.81 -48.78
CA GLU B 203 -13.11 -7.34 -49.35
C GLU B 203 -13.55 -8.65 -48.67
N ASN B 204 -12.66 -9.33 -47.93
CA ASN B 204 -12.91 -10.68 -47.37
C ASN B 204 -13.03 -10.63 -45.84
N VAL B 205 -12.57 -9.53 -45.23
CA VAL B 205 -12.36 -9.42 -43.75
C VAL B 205 -13.65 -9.83 -43.05
N PRO B 206 -13.59 -10.70 -42.02
CA PRO B 206 -14.80 -11.17 -41.36
C PRO B 206 -15.22 -10.36 -40.16
N PRO B 207 -16.55 -10.20 -39.99
CA PRO B 207 -17.14 -9.63 -38.78
C PRO B 207 -16.61 -10.34 -37.53
N VAL B 208 -16.17 -9.57 -36.54
CA VAL B 208 -15.96 -10.05 -35.15
C VAL B 208 -16.82 -9.19 -34.21
N LEU B 209 -17.97 -9.70 -33.80
CA LEU B 209 -18.93 -8.91 -32.99
C LEU B 209 -18.98 -9.53 -31.61
N HIS B 210 -18.57 -8.78 -30.57
CA HIS B 210 -18.64 -9.20 -29.15
C HIS B 210 -19.93 -8.64 -28.55
N ILE B 211 -20.57 -9.39 -27.64
CA ILE B 211 -21.75 -8.91 -26.87
C ILE B 211 -21.61 -9.36 -25.41
N THR B 212 -21.91 -8.45 -24.49
CA THR B 212 -21.98 -8.73 -23.04
C THR B 212 -22.68 -7.55 -22.38
N ASN B 213 -23.37 -7.81 -21.26
CA ASN B 213 -23.93 -6.82 -20.30
C ASN B 213 -23.03 -6.72 -19.06
N THR B 214 -21.73 -7.02 -19.17
CA THR B 214 -20.76 -7.01 -18.04
C THR B 214 -19.61 -6.04 -18.32
N ALA B 215 -19.70 -5.19 -19.36
CA ALA B 215 -18.60 -4.33 -19.85
C ALA B 215 -19.03 -2.86 -19.79
N THR B 216 -18.24 -2.01 -19.15
CA THR B 216 -18.59 -0.58 -18.91
C THR B 216 -17.43 0.30 -19.35
N THR B 217 -17.69 1.31 -20.19
CA THR B 217 -16.70 2.33 -20.60
C THR B 217 -16.93 3.52 -19.69
N VAL B 218 -15.90 3.95 -18.96
CA VAL B 218 -15.89 5.21 -18.17
C VAL B 218 -15.69 6.35 -19.16
N LEU B 219 -16.46 7.44 -19.05
CA LEU B 219 -16.49 8.58 -20.01
C LEU B 219 -15.71 9.80 -19.52
N LEU B 220 -15.17 9.77 -18.30
CA LEU B 220 -14.42 10.91 -17.68
C LEU B 220 -13.06 11.08 -18.36
N ASP B 221 -12.48 12.29 -18.30
CA ASP B 221 -11.19 12.67 -18.94
C ASP B 221 -10.06 12.60 -17.91
N GLU B 222 -8.86 13.11 -18.26
CA GLU B 222 -7.67 13.16 -17.35
C GLU B 222 -8.09 13.76 -16.00
N PHE B 223 -9.04 14.71 -15.99
CA PHE B 223 -9.39 15.58 -14.84
C PHE B 223 -10.67 15.10 -14.12
N GLY B 224 -11.18 13.90 -14.43
CA GLY B 224 -12.37 13.34 -13.75
C GLY B 224 -13.68 13.97 -14.23
N VAL B 225 -13.70 14.61 -15.39
CA VAL B 225 -14.92 15.29 -15.93
C VAL B 225 -15.39 14.58 -17.20
N GLY B 226 -16.68 14.23 -17.24
CA GLY B 226 -17.34 13.63 -18.41
C GLY B 226 -17.92 14.72 -19.30
N PRO B 227 -18.53 14.34 -20.44
CA PRO B 227 -19.35 15.27 -21.21
C PRO B 227 -20.36 16.00 -20.32
N LEU B 228 -20.44 17.33 -20.48
CA LEU B 228 -21.43 18.18 -19.80
C LEU B 228 -22.47 18.56 -20.85
N CYS B 229 -23.73 18.16 -20.61
CA CYS B 229 -24.87 18.23 -21.56
C CYS B 229 -25.49 19.64 -21.64
N LYS B 230 -25.05 20.44 -22.63
CA LYS B 230 -25.59 21.80 -22.91
C LYS B 230 -27.06 21.63 -23.29
N GLY B 231 -27.88 22.60 -22.86
CA GLY B 231 -29.34 22.62 -23.01
C GLY B 231 -30.04 21.46 -22.34
N ASP B 232 -29.37 20.66 -21.51
CA ASP B 232 -29.92 19.39 -20.94
C ASP B 232 -30.23 18.41 -22.09
N ASN B 233 -29.34 18.30 -23.07
CA ASN B 233 -29.44 17.27 -24.15
C ASN B 233 -28.17 16.43 -24.21
N LEU B 234 -28.36 15.11 -24.17
CA LEU B 234 -27.33 14.08 -24.45
C LEU B 234 -27.35 13.80 -25.96
N TYR B 235 -26.18 13.68 -26.60
CA TYR B 235 -26.05 13.29 -28.03
C TYR B 235 -25.34 11.93 -28.16
N LEU B 236 -26.04 10.96 -28.74
CA LEU B 236 -25.54 9.61 -29.11
C LEU B 236 -25.40 9.54 -30.62
N SER B 237 -24.21 9.18 -31.09
CA SER B 237 -23.91 9.01 -32.55
C SER B 237 -23.35 7.62 -32.79
N ALA B 238 -23.57 7.04 -33.97
CA ALA B 238 -23.19 5.63 -34.24
C ALA B 238 -23.10 5.34 -35.75
N VAL B 239 -22.33 4.30 -36.05
CA VAL B 239 -22.16 3.70 -37.40
C VAL B 239 -21.83 2.22 -37.11
N ASP B 240 -22.67 1.33 -37.61
CA ASP B 240 -22.43 -0.14 -37.52
C ASP B 240 -22.68 -0.75 -38.90
N VAL B 241 -21.81 -0.37 -39.84
CA VAL B 241 -21.64 -0.98 -41.18
C VAL B 241 -20.90 -2.28 -40.87
N CYS B 242 -21.59 -3.42 -40.96
CA CYS B 242 -21.07 -4.77 -40.58
C CYS B 242 -20.19 -5.38 -41.68
N GLY B 243 -20.37 -4.95 -42.93
CA GLY B 243 -19.79 -5.58 -44.14
C GLY B 243 -20.77 -5.48 -45.30
N MET B 244 -20.58 -6.30 -46.33
CA MET B 244 -21.46 -6.34 -47.51
C MET B 244 -22.15 -7.69 -47.63
N PHE B 245 -23.45 -7.67 -47.92
CA PHE B 245 -24.23 -8.88 -48.27
C PHE B 245 -24.23 -9.06 -49.79
N THR B 246 -23.96 -10.28 -50.25
CA THR B 246 -23.83 -10.66 -51.68
C THR B 246 -25.02 -11.53 -52.06
N ASN B 247 -25.86 -11.05 -52.97
CA ASN B 247 -27.06 -11.79 -53.44
C ASN B 247 -26.63 -12.74 -54.57
N ARG B 248 -27.52 -13.60 -55.07
CA ARG B 248 -27.13 -14.70 -55.99
C ARG B 248 -26.59 -14.13 -57.31
N SER B 249 -26.94 -12.87 -57.63
CA SER B 249 -26.42 -12.13 -58.80
C SER B 249 -24.95 -11.76 -58.62
N GLY B 250 -24.44 -11.69 -57.38
CA GLY B 250 -23.03 -11.30 -57.11
C GLY B 250 -22.84 -9.80 -56.90
N SER B 251 -23.90 -8.99 -57.06
CA SER B 251 -23.96 -7.57 -56.62
C SER B 251 -23.99 -7.54 -55.08
N GLN B 252 -23.55 -6.42 -54.50
CA GLN B 252 -23.25 -6.32 -53.05
C GLN B 252 -23.97 -5.12 -52.43
N GLN B 253 -24.59 -5.33 -51.26
CA GLN B 253 -25.19 -4.25 -50.43
C GLN B 253 -24.54 -4.16 -49.04
N TRP B 254 -24.16 -2.95 -48.59
CA TRP B 254 -23.95 -2.64 -47.15
C TRP B 254 -25.13 -3.18 -46.33
N ARG B 255 -24.83 -3.94 -45.26
CA ARG B 255 -25.78 -4.33 -44.19
C ARG B 255 -25.26 -3.72 -42.88
N GLY B 256 -26.15 -3.07 -42.12
CA GLY B 256 -25.84 -2.45 -40.82
C GLY B 256 -26.71 -3.03 -39.72
N LEU B 257 -26.38 -2.82 -38.44
CA LEU B 257 -27.28 -3.20 -37.32
C LEU B 257 -27.43 -2.00 -36.37
N SER B 258 -28.46 -2.03 -35.52
CA SER B 258 -28.71 -0.99 -34.51
C SER B 258 -27.66 -1.10 -33.41
N ARG B 259 -27.48 -0.03 -32.63
CA ARG B 259 -26.58 -0.04 -31.45
C ARG B 259 -27.36 0.36 -30.19
N TYR B 260 -27.22 -0.43 -29.13
CA TYR B 260 -27.71 -0.11 -27.78
C TYR B 260 -26.71 0.83 -27.11
N PHE B 261 -27.26 1.82 -26.39
CA PHE B 261 -26.60 2.77 -25.48
C PHE B 261 -27.30 2.72 -24.12
N LYS B 262 -26.54 2.52 -23.05
CA LYS B 262 -26.96 2.84 -21.66
C LYS B 262 -25.95 3.87 -21.13
N VAL B 263 -26.41 5.08 -20.80
CA VAL B 263 -25.54 6.14 -20.22
C VAL B 263 -26.00 6.47 -18.79
N GLN B 264 -25.04 6.58 -17.86
CA GLN B 264 -25.26 7.03 -16.46
C GLN B 264 -24.77 8.46 -16.34
N LEU B 265 -25.65 9.35 -15.88
CA LEU B 265 -25.32 10.78 -15.74
C LEU B 265 -25.51 11.15 -14.27
N ARG B 266 -24.71 12.14 -13.83
CA ARG B 266 -24.82 12.77 -12.50
C ARG B 266 -24.82 14.29 -12.68
N LYS B 267 -25.29 15.00 -11.67
CA LYS B 267 -25.39 16.48 -11.65
C LYS B 267 -24.02 17.06 -11.28
N ARG B 268 -23.60 18.10 -12.00
CA ARG B 268 -22.35 18.85 -11.73
C ARG B 268 -22.67 20.34 -11.66
N ARG B 269 -22.08 21.05 -10.69
CA ARG B 269 -22.15 22.54 -10.62
C ARG B 269 -21.00 23.10 -11.45
N VAL B 270 -21.26 24.14 -12.25
CA VAL B 270 -20.24 24.84 -13.09
C VAL B 270 -20.41 26.36 -12.94
N LYS B 271 -19.36 27.12 -13.29
CA LYS B 271 -19.26 28.60 -13.20
C LYS B 271 -19.55 29.04 -11.76
N GLU C 8 -33.79 -5.49 -2.37
CA GLU C 8 -32.83 -5.07 -1.27
C GLU C 8 -31.95 -6.28 -0.87
N VAL C 9 -30.64 -6.15 -1.09
CA VAL C 9 -29.69 -7.30 -1.04
C VAL C 9 -28.89 -7.16 0.25
N LEU C 10 -29.03 -8.10 1.18
CA LEU C 10 -28.42 -7.98 2.53
C LEU C 10 -27.18 -8.87 2.64
N GLU C 11 -26.88 -9.39 3.82
CA GLU C 11 -25.59 -10.05 4.10
C GLU C 11 -25.59 -11.44 3.45
N VAL C 12 -24.40 -11.93 3.14
CA VAL C 12 -24.12 -13.33 2.76
C VAL C 12 -24.09 -14.16 4.04
N LYS C 13 -24.85 -15.27 4.08
CA LYS C 13 -24.82 -16.28 5.17
C LYS C 13 -23.49 -17.03 5.08
N THR C 14 -23.01 -17.53 6.23
CA THR C 14 -21.74 -18.29 6.25
C THR C 14 -21.84 -19.55 7.11
N GLY C 15 -20.97 -20.54 6.87
CA GLY C 15 -20.83 -21.76 7.69
C GLY C 15 -21.24 -23.03 6.98
N VAL C 16 -22.15 -23.80 7.60
CA VAL C 16 -22.61 -25.15 7.14
C VAL C 16 -23.65 -24.96 6.04
N ASP C 17 -23.59 -25.80 4.99
CA ASP C 17 -24.59 -25.78 3.89
C ASP C 17 -24.77 -24.34 3.38
N SER C 18 -23.71 -23.52 3.41
CA SER C 18 -23.77 -22.09 3.04
C SER C 18 -23.39 -21.92 1.57
N ILE C 19 -22.73 -22.94 1.02
CA ILE C 19 -22.12 -23.01 -0.33
C ILE C 19 -22.80 -24.15 -1.10
N THR C 20 -22.88 -24.04 -2.41
CA THR C 20 -23.31 -25.15 -3.31
C THR C 20 -22.63 -24.95 -4.66
N GLU C 21 -22.61 -26.02 -5.43
CA GLU C 21 -21.94 -26.07 -6.76
C GLU C 21 -22.96 -26.68 -7.72
N VAL C 22 -22.94 -26.26 -8.98
CA VAL C 22 -23.75 -26.85 -10.09
C VAL C 22 -22.79 -27.10 -11.24
N GLU C 23 -22.63 -28.36 -11.61
CA GLU C 23 -21.71 -28.78 -12.69
C GLU C 23 -22.51 -29.53 -13.75
N CYS C 24 -22.67 -28.99 -14.96
CA CYS C 24 -23.43 -29.73 -16.00
C CYS C 24 -22.87 -29.45 -17.40
N PHE C 25 -23.35 -30.22 -18.38
CA PHE C 25 -23.01 -30.10 -19.81
C PHE C 25 -24.31 -29.73 -20.50
N LEU C 26 -24.26 -28.83 -21.47
CA LEU C 26 -25.42 -28.46 -22.31
C LEU C 26 -25.12 -28.91 -23.75
N THR C 27 -25.95 -29.79 -24.31
CA THR C 27 -25.73 -30.31 -25.69
C THR C 27 -26.21 -29.29 -26.71
N PRO C 28 -25.50 -29.17 -27.86
CA PRO C 28 -25.85 -28.22 -28.90
C PRO C 28 -27.14 -28.73 -29.54
N GLU C 29 -27.78 -27.84 -30.29
CA GLU C 29 -29.16 -28.05 -30.79
C GLU C 29 -29.21 -27.49 -32.22
N MET C 30 -28.66 -28.28 -33.15
CA MET C 30 -28.24 -27.87 -34.51
C MET C 30 -29.27 -28.25 -35.59
N GLY C 31 -30.23 -29.15 -35.31
CA GLY C 31 -31.19 -29.63 -36.33
C GLY C 31 -31.43 -31.13 -36.27
N ASP C 32 -30.38 -31.93 -36.11
CA ASP C 32 -30.44 -33.42 -35.94
C ASP C 32 -31.32 -34.03 -37.03
N PRO C 33 -30.93 -33.86 -38.32
CA PRO C 33 -31.83 -34.14 -39.45
C PRO C 33 -32.10 -35.61 -39.76
N ASP C 34 -31.34 -36.51 -39.13
CA ASP C 34 -31.58 -37.99 -39.15
C ASP C 34 -30.93 -38.58 -37.90
N GLU C 35 -31.44 -39.73 -37.44
CA GLU C 35 -31.02 -40.42 -36.19
C GLU C 35 -29.50 -40.75 -36.16
N HIS C 36 -28.69 -40.32 -37.12
CA HIS C 36 -27.22 -40.57 -37.14
C HIS C 36 -26.44 -39.27 -37.05
N LEU C 37 -27.09 -38.11 -37.06
CA LEU C 37 -26.39 -36.81 -37.24
C LEU C 37 -26.74 -35.83 -36.13
N ARG C 38 -26.92 -36.29 -34.90
CA ARG C 38 -27.04 -35.39 -33.71
C ARG C 38 -25.85 -34.44 -33.73
N GLY C 39 -26.07 -33.13 -33.54
CA GLY C 39 -24.98 -32.14 -33.46
C GLY C 39 -24.64 -31.55 -34.82
N PHE C 40 -25.34 -32.00 -35.85
CA PHE C 40 -25.32 -31.39 -37.21
C PHE C 40 -26.67 -30.76 -37.55
N SER C 41 -26.65 -29.73 -38.38
CA SER C 41 -27.87 -29.27 -39.10
C SER C 41 -28.06 -30.14 -40.35
N LYS C 42 -29.23 -29.97 -40.98
CA LYS C 42 -29.51 -30.33 -42.38
C LYS C 42 -28.54 -29.51 -43.25
N SER C 43 -28.21 -29.97 -44.46
CA SER C 43 -27.49 -29.19 -45.49
C SER C 43 -28.25 -27.88 -45.73
N ILE C 44 -27.54 -26.82 -46.08
CA ILE C 44 -28.16 -25.48 -46.28
C ILE C 44 -28.74 -25.43 -47.69
N SER C 45 -30.04 -25.15 -47.79
CA SER C 45 -30.72 -24.75 -49.05
C SER C 45 -30.83 -23.23 -49.05
N ILE C 46 -30.48 -22.58 -50.17
CA ILE C 46 -30.63 -21.10 -50.33
C ILE C 46 -31.95 -20.82 -51.07
N SER C 47 -32.79 -19.91 -50.58
CA SER C 47 -33.96 -19.44 -51.34
C SER C 47 -33.45 -18.52 -52.45
N ASP C 48 -34.15 -18.48 -53.58
CA ASP C 48 -33.82 -17.58 -54.71
C ASP C 48 -34.13 -16.13 -54.33
N THR C 49 -35.15 -15.89 -53.50
CA THR C 49 -35.61 -14.52 -53.19
C THR C 49 -35.73 -14.36 -51.68
N PHE C 50 -35.73 -13.13 -51.18
CA PHE C 50 -36.02 -12.86 -49.76
C PHE C 50 -37.43 -13.39 -49.49
N GLU C 51 -38.32 -13.20 -50.47
CA GLU C 51 -39.79 -13.43 -50.36
C GLU C 51 -40.02 -14.92 -50.04
N SER C 52 -39.19 -15.80 -50.61
CA SER C 52 -39.36 -17.28 -50.61
C SER C 52 -38.44 -17.95 -49.59
N ASP C 53 -37.82 -17.18 -48.69
CA ASP C 53 -36.93 -17.74 -47.65
C ASP C 53 -37.78 -18.55 -46.67
N SER C 54 -37.65 -19.89 -46.66
CA SER C 54 -38.49 -20.76 -45.80
C SER C 54 -37.66 -21.88 -45.17
N PRO C 55 -36.73 -21.58 -44.24
CA PRO C 55 -35.87 -22.61 -43.64
C PRO C 55 -36.61 -23.62 -42.74
N ASN C 56 -36.49 -24.90 -43.07
CA ASN C 56 -37.05 -26.04 -42.28
C ASN C 56 -36.35 -26.14 -40.91
N ARG C 57 -37.07 -26.60 -39.88
CA ARG C 57 -36.56 -26.70 -38.50
C ARG C 57 -35.21 -27.42 -38.46
N ASP C 58 -35.05 -28.52 -39.20
CA ASP C 58 -33.79 -29.30 -39.19
C ASP C 58 -32.60 -28.50 -39.76
N MET C 59 -32.82 -27.37 -40.42
CA MET C 59 -31.73 -26.51 -40.97
C MET C 59 -31.39 -25.37 -40.02
N LEU C 60 -32.12 -25.20 -38.90
CA LEU C 60 -32.01 -24.01 -37.99
C LEU C 60 -31.39 -24.35 -36.64
N PRO C 61 -30.12 -23.97 -36.36
CA PRO C 61 -29.58 -24.02 -35.00
C PRO C 61 -30.41 -23.20 -34.01
N CYS C 62 -30.59 -23.71 -32.78
CA CYS C 62 -31.41 -23.09 -31.70
C CYS C 62 -30.60 -22.88 -30.42
N TYR C 63 -31.03 -21.90 -29.61
CA TYR C 63 -30.49 -21.66 -28.25
C TYR C 63 -30.71 -22.94 -27.44
N SER C 64 -29.71 -23.30 -26.64
CA SER C 64 -29.77 -24.38 -25.62
C SER C 64 -30.07 -23.74 -24.27
N VAL C 65 -30.75 -24.45 -23.38
CA VAL C 65 -31.05 -23.88 -22.04
C VAL C 65 -31.24 -25.03 -21.05
N ALA C 66 -30.91 -24.80 -19.78
CA ALA C 66 -31.24 -25.68 -18.66
C ALA C 66 -31.61 -24.86 -17.44
N ARG C 67 -32.84 -25.12 -16.95
CA ARG C 67 -33.36 -24.77 -15.60
C ARG C 67 -32.77 -25.81 -14.65
N ILE C 68 -31.78 -25.44 -13.84
CA ILE C 68 -31.17 -26.36 -12.84
C ILE C 68 -31.82 -26.06 -11.50
N PRO C 69 -32.48 -27.05 -10.84
CA PRO C 69 -33.06 -26.84 -9.52
C PRO C 69 -31.99 -26.86 -8.42
N LEU C 70 -32.08 -25.94 -7.47
CA LEU C 70 -31.08 -25.82 -6.37
C LEU C 70 -31.69 -26.34 -5.09
N PRO C 71 -30.83 -26.65 -4.09
CA PRO C 71 -31.28 -26.95 -2.73
C PRO C 71 -32.32 -25.92 -2.28
N ASN C 72 -33.48 -26.43 -1.90
CA ASN C 72 -34.66 -25.58 -1.55
C ASN C 72 -34.26 -24.78 -0.32
N LEU C 73 -34.52 -23.46 -0.33
CA LEU C 73 -34.43 -22.60 0.88
C LEU C 73 -35.85 -22.14 1.19
N ASN C 74 -36.06 -21.45 2.31
CA ASN C 74 -37.32 -20.69 2.58
C ASN C 74 -36.96 -19.21 2.78
N ILE C 82 -36.92 -14.77 1.73
CA ILE C 82 -35.88 -13.92 2.39
C ILE C 82 -34.46 -14.50 2.17
N LEU C 83 -34.26 -15.79 1.88
CA LEU C 83 -32.91 -16.36 1.57
C LEU C 83 -32.87 -16.90 0.13
N MET C 84 -31.98 -16.44 -0.75
CA MET C 84 -31.88 -17.03 -2.11
C MET C 84 -30.43 -17.23 -2.56
N TRP C 85 -30.24 -18.19 -3.45
CA TRP C 85 -28.91 -18.61 -3.97
C TRP C 85 -28.39 -17.52 -4.88
N GLU C 86 -27.08 -17.25 -4.80
CA GLU C 86 -26.41 -16.16 -5.54
C GLU C 86 -25.25 -16.81 -6.30
N ALA C 87 -25.32 -16.86 -7.63
CA ALA C 87 -24.24 -17.36 -8.51
C ALA C 87 -23.06 -16.37 -8.44
N VAL C 88 -21.84 -16.86 -8.18
CA VAL C 88 -20.67 -16.01 -7.83
C VAL C 88 -19.57 -16.15 -8.87
N THR C 89 -19.20 -17.37 -9.23
CA THR C 89 -18.15 -17.61 -10.26
C THR C 89 -18.70 -18.60 -11.29
N LEU C 90 -18.10 -18.56 -12.47
CA LEU C 90 -18.31 -19.53 -13.57
C LEU C 90 -16.96 -20.09 -14.03
N LYS C 91 -16.91 -21.41 -14.28
CA LYS C 91 -15.94 -22.08 -15.20
C LYS C 91 -16.71 -22.64 -16.40
N THR C 92 -16.25 -22.41 -17.64
CA THR C 92 -16.94 -22.97 -18.84
C THR C 92 -15.92 -23.37 -19.90
N GLU C 93 -16.23 -24.39 -20.69
CA GLU C 93 -15.52 -24.58 -21.98
C GLU C 93 -16.32 -25.46 -22.95
N VAL C 94 -15.89 -25.44 -24.20
CA VAL C 94 -16.49 -26.28 -25.28
C VAL C 94 -15.91 -27.68 -25.11
N ILE C 95 -16.77 -28.69 -25.01
CA ILE C 95 -16.35 -30.10 -24.83
C ILE C 95 -16.24 -30.78 -26.21
N GLY C 96 -15.07 -31.36 -26.50
CA GLY C 96 -14.84 -32.20 -27.68
C GLY C 96 -14.30 -31.39 -28.84
N VAL C 97 -13.52 -30.35 -28.53
CA VAL C 97 -12.85 -29.51 -29.57
C VAL C 97 -12.05 -30.41 -30.51
N THR C 98 -11.39 -31.48 -30.03
CA THR C 98 -10.48 -32.29 -30.88
C THR C 98 -11.28 -33.09 -31.92
N SER C 99 -12.59 -33.30 -31.73
CA SER C 99 -13.42 -33.97 -32.75
C SER C 99 -13.25 -33.32 -34.14
N LEU C 100 -12.76 -32.07 -34.21
CA LEU C 100 -12.72 -31.30 -35.48
C LEU C 100 -11.45 -31.65 -36.24
N MET C 101 -10.74 -32.67 -35.78
CA MET C 101 -9.55 -33.17 -36.50
C MET C 101 -9.91 -34.33 -37.42
N ASN C 102 -11.17 -34.79 -37.39
CA ASN C 102 -11.69 -35.81 -38.33
C ASN C 102 -11.90 -35.14 -39.69
N VAL C 103 -10.86 -35.21 -40.52
CA VAL C 103 -10.81 -34.75 -41.93
C VAL C 103 -10.67 -35.98 -42.85
N HIS C 104 -11.34 -37.08 -42.50
CA HIS C 104 -11.28 -38.36 -43.26
C HIS C 104 -12.67 -38.99 -43.40
N SER C 105 -13.74 -38.29 -42.99
CA SER C 105 -15.12 -38.84 -42.87
C SER C 105 -16.07 -38.07 -43.79
N ASN C 106 -16.01 -38.35 -45.09
CA ASN C 106 -16.96 -37.80 -46.09
C ASN C 106 -16.78 -36.28 -46.14
N GLY C 107 -15.53 -35.83 -46.31
CA GLY C 107 -15.17 -34.41 -46.46
C GLY C 107 -14.82 -34.07 -47.89
N GLN C 108 -15.28 -32.93 -48.41
CA GLN C 108 -14.70 -32.33 -49.64
C GLN C 108 -13.19 -32.14 -49.47
N ALA C 109 -12.38 -32.74 -50.33
CA ALA C 109 -10.92 -32.56 -50.30
C ALA C 109 -10.65 -31.07 -50.57
N THR C 110 -9.80 -30.48 -49.73
CA THR C 110 -9.08 -29.21 -49.96
C THR C 110 -8.76 -29.11 -51.46
N HIS C 111 -8.02 -30.09 -51.97
CA HIS C 111 -7.56 -30.18 -53.37
C HIS C 111 -7.30 -31.66 -53.73
N ASP C 112 -6.74 -31.87 -54.92
CA ASP C 112 -6.47 -33.22 -55.48
C ASP C 112 -5.52 -34.02 -54.57
N ASN C 113 -6.05 -35.11 -53.99
CA ASN C 113 -5.39 -36.12 -53.11
C ASN C 113 -5.31 -35.63 -51.65
N GLY C 114 -5.86 -34.45 -51.37
CA GLY C 114 -5.68 -33.82 -50.06
C GLY C 114 -6.67 -34.32 -49.03
N ALA C 115 -6.50 -33.83 -47.81
CA ALA C 115 -7.37 -34.15 -46.65
C ALA C 115 -8.72 -33.45 -46.78
N GLY C 116 -9.71 -33.85 -45.98
CA GLY C 116 -11.04 -33.22 -45.94
C GLY C 116 -10.97 -31.82 -45.37
N LYS C 117 -11.79 -30.88 -45.87
CA LYS C 117 -11.84 -29.51 -45.31
C LYS C 117 -12.36 -29.61 -43.87
N PRO C 118 -11.67 -29.01 -42.90
CA PRO C 118 -12.15 -29.02 -41.51
C PRO C 118 -13.38 -28.11 -41.40
N VAL C 119 -14.22 -28.35 -40.40
CA VAL C 119 -15.30 -27.42 -40.00
C VAL C 119 -14.69 -26.01 -39.98
N GLN C 120 -15.27 -25.07 -40.71
CA GLN C 120 -14.83 -23.66 -40.67
C GLN C 120 -16.00 -22.75 -41.09
N GLY C 121 -15.78 -21.44 -41.07
CA GLY C 121 -16.80 -20.42 -41.40
C GLY C 121 -17.55 -19.93 -40.18
N THR C 122 -18.67 -19.25 -40.44
CA THR C 122 -19.44 -18.48 -39.42
C THR C 122 -19.56 -19.33 -38.17
N SER C 123 -19.36 -18.73 -36.99
CA SER C 123 -19.51 -19.37 -35.65
C SER C 123 -20.13 -18.39 -34.65
N PHE C 124 -20.86 -18.93 -33.68
CA PHE C 124 -21.44 -18.14 -32.57
C PHE C 124 -21.17 -18.93 -31.28
N HIS C 125 -20.36 -18.36 -30.40
CA HIS C 125 -20.05 -18.95 -29.08
C HIS C 125 -20.66 -18.00 -28.05
N PHE C 126 -21.67 -18.50 -27.36
CA PHE C 126 -22.45 -17.74 -26.36
C PHE C 126 -22.69 -18.66 -25.15
N PHE C 127 -22.70 -18.04 -23.97
CA PHE C 127 -23.08 -18.67 -22.69
C PHE C 127 -23.56 -17.57 -21.76
N SER C 128 -24.54 -17.94 -20.93
CA SER C 128 -25.11 -17.03 -19.91
C SER C 128 -25.47 -17.85 -18.67
N VAL C 129 -25.33 -17.20 -17.52
CA VAL C 129 -25.77 -17.68 -16.18
C VAL C 129 -26.71 -16.63 -15.60
N GLY C 130 -27.94 -17.04 -15.27
CA GLY C 130 -28.96 -16.15 -14.67
C GLY C 130 -29.79 -16.82 -13.59
N GLY C 131 -30.44 -15.99 -12.77
CA GLY C 131 -31.41 -16.39 -11.73
C GLY C 131 -32.83 -16.46 -12.27
N GLU C 132 -32.99 -16.23 -13.57
CA GLU C 132 -34.25 -16.34 -14.35
C GLU C 132 -33.87 -16.63 -15.81
N ALA C 133 -34.87 -16.96 -16.64
CA ALA C 133 -34.67 -17.16 -18.09
C ALA C 133 -33.89 -15.98 -18.66
N LEU C 134 -32.90 -16.28 -19.51
CA LEU C 134 -32.27 -15.26 -20.40
C LEU C 134 -33.42 -14.57 -21.15
N GLU C 135 -33.40 -13.24 -21.25
CA GLU C 135 -34.44 -12.45 -21.95
C GLU C 135 -33.91 -12.11 -23.34
N LEU C 136 -34.74 -12.30 -24.36
CA LEU C 136 -34.35 -12.21 -25.81
C LEU C 136 -35.07 -11.06 -26.54
N GLN C 137 -34.31 -10.40 -27.43
CA GLN C 137 -34.77 -9.40 -28.43
C GLN C 137 -34.73 -10.06 -29.82
N GLY C 138 -35.80 -9.94 -30.60
CA GLY C 138 -35.82 -10.46 -31.99
C GLY C 138 -35.23 -9.46 -32.96
N VAL C 139 -34.27 -9.89 -33.76
CA VAL C 139 -33.74 -9.15 -34.94
C VAL C 139 -33.58 -10.14 -36.10
N LEU C 140 -34.13 -9.78 -37.26
CA LEU C 140 -34.25 -10.65 -38.46
C LEU C 140 -33.35 -10.07 -39.54
N PHE C 141 -32.54 -10.93 -40.16
CA PHE C 141 -31.80 -10.57 -41.38
C PHE C 141 -32.80 -10.13 -42.46
N ASN C 142 -33.94 -10.83 -42.49
CA ASN C 142 -34.96 -10.71 -43.56
C ASN C 142 -36.38 -10.93 -42.99
N TYR C 143 -37.16 -9.86 -42.86
CA TYR C 143 -38.43 -9.85 -42.10
C TYR C 143 -39.46 -10.76 -42.77
N ARG C 144 -39.20 -11.19 -44.02
CA ARG C 144 -40.16 -11.98 -44.82
C ARG C 144 -39.92 -13.48 -44.63
N THR C 145 -38.80 -13.89 -44.04
CA THR C 145 -38.47 -15.32 -43.84
C THR C 145 -39.63 -16.02 -43.14
N LYS C 146 -40.05 -17.18 -43.65
CA LYS C 146 -41.02 -18.08 -42.98
C LYS C 146 -40.23 -19.04 -42.09
N TYR C 147 -40.31 -18.87 -40.78
CA TYR C 147 -39.73 -19.81 -39.79
C TYR C 147 -40.69 -20.98 -39.57
N PRO C 148 -40.15 -22.17 -39.24
CA PRO C 148 -40.94 -23.40 -39.25
C PRO C 148 -41.78 -23.66 -37.99
N ASP C 149 -42.84 -24.45 -38.11
CA ASP C 149 -43.65 -24.96 -36.97
C ASP C 149 -42.69 -25.69 -36.04
N GLY C 150 -42.96 -25.64 -34.74
CA GLY C 150 -42.12 -26.28 -33.71
C GLY C 150 -41.09 -25.32 -33.16
N THR C 151 -40.92 -24.16 -33.82
CA THR C 151 -39.93 -23.15 -33.39
C THR C 151 -40.67 -21.90 -32.95
N ILE C 152 -39.99 -21.10 -32.12
CA ILE C 152 -40.52 -19.86 -31.52
C ILE C 152 -39.63 -18.74 -32.04
N PHE C 153 -40.24 -17.81 -32.79
CA PHE C 153 -39.59 -16.76 -33.61
C PHE C 153 -40.38 -15.45 -33.51
N PRO C 154 -39.75 -14.30 -33.85
CA PRO C 154 -40.46 -13.02 -33.83
C PRO C 154 -41.73 -13.14 -34.66
N LYS C 155 -42.88 -12.79 -34.07
CA LYS C 155 -44.22 -12.80 -34.71
C LYS C 155 -44.55 -11.36 -35.16
N ASN C 156 -45.40 -11.23 -36.16
CA ASN C 156 -45.85 -9.91 -36.68
C ASN C 156 -44.62 -9.10 -37.09
N ALA C 157 -43.65 -9.79 -37.67
CA ALA C 157 -42.44 -9.17 -38.24
C ALA C 157 -42.86 -8.08 -39.22
N THR C 158 -42.14 -6.97 -39.28
CA THR C 158 -42.31 -5.88 -40.29
C THR C 158 -40.94 -5.50 -40.82
N VAL C 159 -40.83 -4.61 -41.80
CA VAL C 159 -39.49 -4.24 -42.35
C VAL C 159 -38.58 -3.76 -41.22
N GLN C 160 -39.15 -3.12 -40.20
CA GLN C 160 -38.37 -2.51 -39.09
C GLN C 160 -37.73 -3.64 -38.25
N SER C 161 -38.29 -4.86 -38.29
CA SER C 161 -37.73 -6.05 -37.63
C SER C 161 -36.31 -6.34 -38.11
N GLN C 162 -35.84 -5.72 -39.20
CA GLN C 162 -34.48 -5.92 -39.77
C GLN C 162 -33.46 -4.99 -39.12
N VAL C 163 -33.88 -4.15 -38.17
CA VAL C 163 -32.96 -3.31 -37.35
C VAL C 163 -33.34 -3.34 -35.86
N MET C 164 -34.63 -3.31 -35.53
CA MET C 164 -35.07 -3.15 -34.13
C MET C 164 -36.58 -2.91 -34.13
N ASN C 165 -37.34 -3.88 -33.64
CA ASN C 165 -38.81 -3.84 -33.48
C ASN C 165 -39.08 -4.29 -32.04
N THR C 166 -39.60 -3.40 -31.20
CA THR C 166 -39.64 -3.67 -29.75
C THR C 166 -40.72 -4.73 -29.45
N GLU C 167 -41.56 -5.13 -30.40
CA GLU C 167 -42.60 -6.16 -30.15
C GLU C 167 -41.93 -7.52 -29.88
N HIS C 168 -40.75 -7.77 -30.48
CA HIS C 168 -40.05 -9.08 -30.49
C HIS C 168 -39.33 -9.32 -29.14
N LYS C 169 -40.10 -9.59 -28.09
CA LYS C 169 -39.52 -9.87 -26.75
C LYS C 169 -39.87 -11.30 -26.38
N ALA C 170 -38.96 -12.04 -25.77
CA ALA C 170 -39.24 -13.44 -25.38
C ALA C 170 -38.31 -13.92 -24.27
N TYR C 171 -38.71 -15.04 -23.66
CA TYR C 171 -37.91 -15.73 -22.61
C TYR C 171 -37.35 -17.02 -23.20
N LEU C 172 -36.03 -17.20 -23.14
CA LEU C 172 -35.40 -18.51 -23.45
C LEU C 172 -35.88 -19.48 -22.39
N ASP C 173 -37.11 -19.99 -22.56
CA ASP C 173 -37.85 -20.87 -21.61
C ASP C 173 -37.98 -22.29 -22.17
N LYS C 174 -37.47 -22.60 -23.37
CA LYS C 174 -37.63 -23.96 -23.97
C LYS C 174 -36.40 -24.33 -24.80
N ASN C 175 -35.96 -25.59 -24.71
CA ASN C 175 -34.79 -26.11 -25.46
C ASN C 175 -35.24 -26.44 -26.89
N LYS C 176 -34.31 -26.41 -27.86
CA LYS C 176 -34.58 -26.77 -29.28
C LYS C 176 -35.76 -25.99 -29.89
N ALA C 177 -36.01 -24.75 -29.44
CA ALA C 177 -37.18 -24.03 -29.97
C ALA C 177 -36.79 -22.65 -30.52
N TYR C 178 -35.82 -21.94 -29.93
CA TYR C 178 -35.54 -20.51 -30.27
C TYR C 178 -34.41 -20.46 -31.29
N PRO C 179 -34.71 -20.16 -32.58
CA PRO C 179 -33.66 -20.14 -33.60
C PRO C 179 -32.67 -19.03 -33.28
N VAL C 180 -31.40 -19.40 -33.20
CA VAL C 180 -30.21 -18.54 -32.94
C VAL C 180 -30.28 -17.31 -33.85
N GLU C 181 -30.65 -17.49 -35.12
CA GLU C 181 -30.52 -16.39 -36.13
C GLU C 181 -31.57 -15.29 -35.88
N CYS C 182 -32.65 -15.57 -35.15
CA CYS C 182 -33.75 -14.60 -34.93
C CYS C 182 -33.56 -13.78 -33.66
N TRP C 183 -32.82 -14.29 -32.68
CA TRP C 183 -32.84 -13.81 -31.28
C TRP C 183 -31.43 -13.42 -30.82
N VAL C 184 -31.33 -12.36 -30.02
CA VAL C 184 -30.12 -11.99 -29.24
C VAL C 184 -30.56 -11.71 -27.81
N PRO C 185 -29.64 -11.76 -26.82
CA PRO C 185 -29.95 -11.23 -25.49
C PRO C 185 -30.44 -9.79 -25.63
N ASP C 186 -31.50 -9.45 -24.89
CA ASP C 186 -32.12 -8.09 -24.90
C ASP C 186 -31.34 -7.23 -23.91
N PRO C 187 -30.49 -6.28 -24.37
CA PRO C 187 -29.64 -5.51 -23.46
C PRO C 187 -30.44 -4.51 -22.60
N THR C 188 -31.72 -4.28 -22.89
CA THR C 188 -32.57 -3.40 -22.06
C THR C 188 -33.05 -4.15 -20.81
N ARG C 189 -32.85 -5.47 -20.72
CA ARG C 189 -33.26 -6.27 -19.53
C ARG C 189 -32.05 -7.08 -19.08
N ASN C 190 -32.25 -8.33 -18.64
CA ASN C 190 -31.15 -9.27 -18.29
C ASN C 190 -30.35 -8.70 -17.11
N GLU C 191 -31.00 -7.93 -16.25
CA GLU C 191 -30.40 -7.37 -15.00
C GLU C 191 -29.95 -8.54 -14.13
N ASN C 192 -30.71 -9.64 -14.10
CA ASN C 192 -30.46 -10.80 -13.21
C ASN C 192 -29.73 -11.93 -13.96
N THR C 193 -29.03 -11.63 -15.05
CA THR C 193 -28.21 -12.60 -15.82
C THR C 193 -26.90 -11.96 -16.27
N ARG C 194 -25.83 -12.75 -16.37
CA ARG C 194 -24.58 -12.35 -17.07
C ARG C 194 -24.45 -13.20 -18.34
N TYR C 195 -24.36 -12.57 -19.51
CA TYR C 195 -24.22 -13.23 -20.84
C TYR C 195 -22.94 -12.72 -21.52
N PHE C 196 -22.29 -13.62 -22.26
CA PHE C 196 -21.10 -13.33 -23.09
C PHE C 196 -21.26 -14.09 -24.42
N GLY C 197 -20.94 -13.46 -25.54
CA GLY C 197 -21.06 -14.09 -26.85
C GLY C 197 -20.10 -13.47 -27.86
N THR C 198 -19.65 -14.28 -28.82
CA THR C 198 -18.88 -13.82 -29.99
C THR C 198 -19.45 -14.46 -31.26
N LEU C 199 -19.88 -13.61 -32.19
CA LEU C 199 -20.05 -13.97 -33.62
C LEU C 199 -18.76 -13.67 -34.38
N THR C 200 -18.13 -14.72 -34.90
CA THR C 200 -17.02 -14.66 -35.87
C THR C 200 -17.58 -15.12 -37.21
N GLY C 201 -18.01 -14.18 -38.07
CA GLY C 201 -18.61 -14.44 -39.40
C GLY C 201 -17.54 -14.65 -40.45
N GLY C 202 -17.89 -14.86 -41.72
CA GLY C 202 -16.95 -15.17 -42.81
C GLY C 202 -17.12 -16.59 -43.28
N GLU C 203 -16.63 -16.94 -44.47
CA GLU C 203 -16.85 -18.29 -45.03
C GLU C 203 -15.66 -19.21 -44.77
N ASN C 204 -14.47 -18.64 -44.68
CA ASN C 204 -13.21 -19.41 -44.49
C ASN C 204 -12.70 -19.30 -43.05
N VAL C 205 -13.32 -18.44 -42.24
CA VAL C 205 -12.89 -18.12 -40.85
C VAL C 205 -12.54 -19.42 -40.12
N PRO C 206 -11.29 -19.54 -39.63
CA PRO C 206 -10.89 -20.72 -38.87
C PRO C 206 -11.46 -20.72 -37.46
N PRO C 207 -11.97 -21.87 -36.96
CA PRO C 207 -12.28 -22.01 -35.54
C PRO C 207 -11.05 -21.88 -34.63
N VAL C 208 -11.10 -21.03 -33.59
CA VAL C 208 -10.06 -20.98 -32.54
C VAL C 208 -10.72 -21.33 -31.20
N LEU C 209 -10.41 -22.48 -30.61
CA LEU C 209 -11.07 -22.96 -29.36
C LEU C 209 -10.03 -23.26 -28.27
N HIS C 210 -10.12 -22.57 -27.12
CA HIS C 210 -9.16 -22.69 -25.99
C HIS C 210 -9.82 -23.59 -24.94
N ILE C 211 -9.10 -24.57 -24.43
CA ILE C 211 -9.61 -25.38 -23.30
C ILE C 211 -8.63 -25.14 -22.16
N THR C 212 -9.11 -25.10 -20.93
CA THR C 212 -8.31 -25.03 -19.69
C THR C 212 -9.26 -25.26 -18.51
N ASN C 213 -8.73 -25.77 -17.40
CA ASN C 213 -9.49 -25.91 -16.13
C ASN C 213 -8.91 -24.93 -15.10
N THR C 214 -8.25 -23.86 -15.55
CA THR C 214 -7.51 -22.88 -14.71
C THR C 214 -8.13 -21.48 -14.76
N ALA C 215 -9.19 -21.26 -15.54
CA ALA C 215 -9.79 -19.93 -15.78
C ALA C 215 -11.17 -19.85 -15.14
N THR C 216 -11.46 -18.72 -14.48
CA THR C 216 -12.68 -18.49 -13.67
C THR C 216 -13.21 -17.10 -13.97
N THR C 217 -14.46 -17.04 -14.42
CA THR C 217 -15.22 -15.78 -14.62
C THR C 217 -15.95 -15.45 -13.32
N VAL C 218 -15.88 -14.19 -12.90
CA VAL C 218 -16.61 -13.68 -11.70
C VAL C 218 -17.95 -13.11 -12.19
N LEU C 219 -19.08 -13.50 -11.59
CA LEU C 219 -20.46 -13.15 -12.02
C LEU C 219 -21.02 -11.97 -11.24
N LEU C 220 -20.30 -11.45 -10.23
CA LEU C 220 -20.74 -10.29 -9.42
C LEU C 220 -20.69 -9.03 -10.30
N ASP C 221 -21.62 -8.10 -10.08
CA ASP C 221 -21.68 -6.77 -10.77
C ASP C 221 -20.78 -5.79 -10.01
N GLU C 222 -20.79 -4.53 -10.46
CA GLU C 222 -20.04 -3.36 -9.91
C GLU C 222 -20.31 -3.24 -8.40
N PHE C 223 -21.52 -3.63 -7.95
CA PHE C 223 -22.00 -3.59 -6.54
C PHE C 223 -21.80 -4.94 -5.81
N GLY C 224 -20.99 -5.87 -6.30
CA GLY C 224 -20.67 -7.14 -5.59
C GLY C 224 -21.85 -8.09 -5.49
N VAL C 225 -22.82 -8.03 -6.41
CA VAL C 225 -24.01 -8.93 -6.41
C VAL C 225 -24.06 -9.72 -7.73
N GLY C 226 -24.16 -11.05 -7.61
CA GLY C 226 -24.32 -11.97 -8.75
C GLY C 226 -25.79 -12.30 -8.94
N PRO C 227 -26.13 -13.04 -10.03
CA PRO C 227 -27.51 -13.45 -10.29
C PRO C 227 -28.15 -14.08 -9.05
N LEU C 228 -29.39 -13.72 -8.71
CA LEU C 228 -30.13 -14.33 -7.57
C LEU C 228 -31.23 -15.22 -8.14
N CYS C 229 -31.24 -16.47 -7.69
CA CYS C 229 -32.00 -17.60 -8.28
C CYS C 229 -33.44 -17.63 -7.76
N LYS C 230 -34.34 -16.90 -8.41
CA LYS C 230 -35.79 -16.93 -8.13
C LYS C 230 -36.27 -18.38 -8.15
N GLY C 231 -37.14 -18.75 -7.21
CA GLY C 231 -37.73 -20.10 -7.09
C GLY C 231 -36.67 -21.17 -6.91
N ASP C 232 -35.44 -20.75 -6.58
CA ASP C 232 -34.31 -21.67 -6.27
C ASP C 232 -33.93 -22.42 -7.55
N ASN C 233 -33.76 -21.71 -8.67
CA ASN C 233 -33.50 -22.28 -10.03
C ASN C 233 -32.41 -21.50 -10.76
N LEU C 234 -31.37 -22.20 -11.21
CA LEU C 234 -30.25 -21.58 -11.98
C LEU C 234 -30.51 -21.80 -13.47
N TYR C 235 -30.48 -20.72 -14.26
CA TYR C 235 -30.63 -20.78 -15.73
C TYR C 235 -29.24 -20.75 -16.38
N LEU C 236 -28.91 -21.82 -17.11
CA LEU C 236 -27.73 -21.85 -18.01
C LEU C 236 -28.23 -21.87 -19.45
N SER C 237 -27.64 -21.01 -20.28
CA SER C 237 -27.98 -20.83 -21.71
C SER C 237 -26.66 -20.88 -22.51
N ALA C 238 -26.70 -21.44 -23.72
CA ALA C 238 -25.50 -21.60 -24.57
C ALA C 238 -25.83 -21.79 -26.05
N VAL C 239 -24.88 -21.37 -26.88
CA VAL C 239 -24.81 -21.65 -28.34
C VAL C 239 -23.34 -21.89 -28.68
N ASP C 240 -23.03 -22.95 -29.42
CA ASP C 240 -21.63 -23.20 -29.87
C ASP C 240 -21.68 -23.81 -31.26
N VAL C 241 -22.14 -23.01 -32.21
CA VAL C 241 -22.06 -23.33 -33.65
C VAL C 241 -20.60 -23.04 -34.01
N CYS C 242 -19.82 -24.09 -34.31
CA CYS C 242 -18.35 -24.07 -34.45
C CYS C 242 -17.98 -23.62 -35.86
N GLY C 243 -18.92 -23.85 -36.78
CA GLY C 243 -18.78 -23.57 -38.23
C GLY C 243 -19.54 -24.59 -39.06
N MET C 244 -19.19 -24.73 -40.32
CA MET C 244 -19.89 -25.65 -41.24
C MET C 244 -18.99 -26.78 -41.72
N PHE C 245 -19.54 -27.99 -41.72
CA PHE C 245 -18.87 -29.19 -42.27
C PHE C 245 -19.23 -29.31 -43.76
N THR C 246 -18.24 -29.33 -44.64
CA THR C 246 -18.47 -29.51 -46.10
C THR C 246 -18.33 -31.00 -46.45
N ASN C 247 -19.39 -31.67 -46.91
CA ASN C 247 -19.32 -33.09 -47.36
C ASN C 247 -18.83 -33.11 -48.81
N ARG C 248 -18.52 -34.29 -49.34
CA ARG C 248 -17.88 -34.46 -50.67
C ARG C 248 -18.77 -33.92 -51.79
N SER C 249 -20.05 -33.68 -51.52
CA SER C 249 -21.05 -33.09 -52.46
C SER C 249 -20.92 -31.56 -52.52
N GLY C 250 -20.34 -30.95 -51.48
CA GLY C 250 -20.18 -29.49 -51.40
C GLY C 250 -21.22 -28.86 -50.47
N SER C 251 -22.31 -29.56 -50.14
CA SER C 251 -23.34 -29.07 -49.19
C SER C 251 -22.65 -28.86 -47.85
N GLN C 252 -23.20 -27.96 -47.03
CA GLN C 252 -22.58 -27.59 -45.75
C GLN C 252 -23.62 -27.71 -44.64
N GLN C 253 -23.21 -28.30 -43.51
CA GLN C 253 -24.05 -28.41 -42.30
C GLN C 253 -23.39 -27.58 -41.19
N TRP C 254 -24.20 -26.94 -40.36
CA TRP C 254 -23.69 -26.43 -39.07
C TRP C 254 -23.22 -27.63 -38.25
N ARG C 255 -22.04 -27.55 -37.62
CA ARG C 255 -21.61 -28.50 -36.56
C ARG C 255 -21.62 -27.77 -35.21
N GLY C 256 -22.27 -28.32 -34.19
CA GLY C 256 -22.25 -27.78 -32.82
C GLY C 256 -21.52 -28.69 -31.84
N LEU C 257 -21.11 -28.16 -30.70
CA LEU C 257 -20.47 -28.97 -29.63
C LEU C 257 -21.12 -28.61 -28.31
N SER C 258 -20.93 -29.47 -27.30
CA SER C 258 -21.57 -29.31 -25.96
C SER C 258 -20.75 -28.27 -25.20
N ARG C 259 -21.34 -27.68 -24.15
CA ARG C 259 -20.65 -26.71 -23.26
C ARG C 259 -20.72 -27.21 -21.81
N TYR C 260 -19.60 -27.13 -21.10
CA TYR C 260 -19.48 -27.44 -19.66
C TYR C 260 -19.67 -26.14 -18.87
N PHE C 261 -20.51 -26.21 -17.84
CA PHE C 261 -20.73 -25.14 -16.83
C PHE C 261 -20.36 -25.68 -15.45
N LYS C 262 -19.54 -24.94 -14.69
CA LYS C 262 -19.38 -25.12 -13.22
C LYS C 262 -19.69 -23.78 -12.57
N VAL C 263 -20.72 -23.73 -11.74
CA VAL C 263 -21.14 -22.46 -11.08
C VAL C 263 -21.15 -22.65 -9.57
N GLN C 264 -20.34 -21.85 -8.88
CA GLN C 264 -20.30 -21.75 -7.39
C GLN C 264 -21.39 -20.75 -6.97
N LEU C 265 -22.30 -21.15 -6.08
CA LEU C 265 -23.33 -20.23 -5.51
C LEU C 265 -23.18 -20.14 -3.98
N ARG C 266 -23.55 -19.01 -3.39
CA ARG C 266 -23.57 -18.78 -1.91
C ARG C 266 -24.97 -18.27 -1.50
N LYS C 267 -25.26 -18.24 -0.21
CA LYS C 267 -26.63 -17.94 0.31
C LYS C 267 -26.69 -16.45 0.68
N ARG C 268 -27.66 -15.72 0.15
CA ARG C 268 -27.78 -14.25 0.31
C ARG C 268 -29.16 -13.97 0.89
N ARG C 269 -29.22 -13.18 1.95
CA ARG C 269 -30.51 -12.72 2.52
C ARG C 269 -30.95 -11.50 1.70
N VAL C 270 -32.27 -11.38 1.52
CA VAL C 270 -32.91 -10.39 0.62
C VAL C 270 -34.25 -10.04 1.25
N LYS C 271 -34.74 -8.82 1.07
CA LYS C 271 -36.03 -8.38 1.65
C LYS C 271 -36.98 -7.98 0.52
N ASN C 272 -38.30 -8.17 0.77
CA ASN C 272 -39.45 -7.62 0.00
C ASN C 272 -39.33 -7.95 -1.49
N VAL D 7 -8.93 -35.88 1.51
CA VAL D 7 -7.49 -35.60 1.83
C VAL D 7 -7.30 -34.15 2.27
N GLU D 8 -6.77 -33.92 3.47
CA GLU D 8 -6.48 -32.56 4.02
C GLU D 8 -5.07 -32.14 3.58
N VAL D 9 -4.93 -30.93 3.05
CA VAL D 9 -3.65 -30.32 2.62
C VAL D 9 -3.19 -29.37 3.74
N LEU D 10 -1.96 -29.55 4.21
CA LEU D 10 -1.38 -28.83 5.37
C LEU D 10 -0.13 -28.10 4.87
N GLU D 11 1.01 -28.15 5.56
CA GLU D 11 2.09 -27.16 5.32
C GLU D 11 3.06 -27.63 4.23
N VAL D 12 3.63 -26.65 3.54
CA VAL D 12 4.84 -26.82 2.67
C VAL D 12 6.02 -27.16 3.60
N LYS D 13 6.88 -28.12 3.25
CA LYS D 13 8.20 -28.31 3.91
C LYS D 13 9.22 -27.34 3.30
N THR D 14 10.18 -26.86 4.09
CA THR D 14 11.26 -25.96 3.61
C THR D 14 12.58 -26.69 3.81
N GLY D 15 13.68 -26.13 3.29
CA GLY D 15 15.02 -26.78 3.29
C GLY D 15 15.45 -27.10 1.87
N VAL D 16 16.76 -27.10 1.61
CA VAL D 16 17.36 -27.25 0.25
C VAL D 16 16.83 -28.51 -0.45
N ASP D 17 16.46 -29.53 0.34
CA ASP D 17 16.15 -30.93 -0.04
C ASP D 17 14.63 -31.17 -0.08
N SER D 18 13.83 -30.10 0.06
CA SER D 18 12.35 -30.10 0.00
C SER D 18 11.91 -29.66 -1.40
N ILE D 19 12.90 -29.39 -2.26
CA ILE D 19 12.77 -28.87 -3.65
C ILE D 19 13.25 -29.98 -4.58
N THR D 20 12.57 -30.20 -5.70
CA THR D 20 13.08 -31.07 -6.81
C THR D 20 12.55 -30.60 -8.16
N GLU D 21 13.26 -30.99 -9.21
CA GLU D 21 13.09 -30.43 -10.56
C GLU D 21 13.03 -31.58 -11.58
N VAL D 22 12.00 -31.61 -12.41
CA VAL D 22 11.79 -32.63 -13.47
C VAL D 22 11.81 -31.89 -14.81
N GLU D 23 12.72 -32.27 -15.70
CA GLU D 23 12.98 -31.65 -17.02
C GLU D 23 12.95 -32.82 -18.01
N CYS D 24 12.16 -32.78 -19.10
CA CYS D 24 12.12 -33.91 -20.06
C CYS D 24 11.43 -33.50 -21.37
N PHE D 25 11.66 -34.30 -22.42
CA PHE D 25 11.03 -34.17 -23.77
C PHE D 25 9.91 -35.20 -23.90
N LEU D 26 8.77 -34.77 -24.42
CA LEU D 26 7.66 -35.67 -24.86
C LEU D 26 7.66 -35.69 -26.39
N THR D 27 7.92 -36.85 -26.98
CA THR D 27 7.89 -36.98 -28.46
C THR D 27 6.45 -37.10 -28.92
N PRO D 28 6.13 -36.60 -30.13
CA PRO D 28 4.79 -36.74 -30.67
C PRO D 28 4.52 -38.18 -31.15
N GLU D 29 3.24 -38.56 -31.20
CA GLU D 29 2.76 -39.87 -31.68
C GLU D 29 1.70 -39.60 -32.76
N MET D 30 2.18 -39.37 -33.99
CA MET D 30 1.44 -38.89 -35.18
C MET D 30 0.98 -40.06 -36.04
N GLY D 31 1.64 -41.22 -35.96
CA GLY D 31 1.31 -42.41 -36.77
C GLY D 31 2.53 -43.17 -37.28
N ASP D 32 3.58 -42.46 -37.64
CA ASP D 32 4.90 -43.04 -38.03
C ASP D 32 4.70 -44.09 -39.12
N PRO D 33 4.13 -43.74 -40.29
CA PRO D 33 3.65 -44.73 -41.24
C PRO D 33 4.75 -45.66 -41.77
N ASP D 34 6.01 -45.22 -41.80
CA ASP D 34 7.17 -46.05 -42.22
C ASP D 34 8.37 -45.71 -41.33
N GLU D 35 9.46 -46.45 -41.49
CA GLU D 35 10.67 -46.34 -40.63
C GLU D 35 11.50 -45.10 -40.99
N HIS D 36 11.05 -44.23 -41.89
CA HIS D 36 11.73 -42.94 -42.18
C HIS D 36 10.85 -41.74 -41.78
N LEU D 37 9.64 -41.94 -41.24
CA LEU D 37 8.68 -40.81 -41.08
C LEU D 37 8.19 -40.68 -39.65
N ARG D 38 9.10 -40.90 -38.70
CA ARG D 38 8.82 -40.55 -37.29
C ARG D 38 8.35 -39.09 -37.31
N GLY D 39 7.18 -38.85 -36.72
CA GLY D 39 6.67 -37.50 -36.46
C GLY D 39 5.73 -37.04 -37.55
N PHE D 40 5.56 -37.85 -38.59
CA PHE D 40 4.49 -37.69 -39.59
C PHE D 40 3.44 -38.78 -39.38
N SER D 41 2.22 -38.50 -39.83
CA SER D 41 1.15 -39.52 -39.98
C SER D 41 1.21 -40.10 -41.40
N LYS D 42 0.40 -41.12 -41.62
CA LYS D 42 0.10 -41.66 -42.96
C LYS D 42 -0.70 -40.56 -43.66
N SER D 43 -0.54 -40.42 -44.97
CA SER D 43 -1.31 -39.49 -45.81
C SER D 43 -2.80 -39.79 -45.56
N ILE D 44 -3.62 -38.75 -45.50
CA ILE D 44 -5.05 -38.85 -45.09
C ILE D 44 -5.85 -39.40 -46.27
N SER D 45 -6.74 -40.34 -46.00
CA SER D 45 -7.76 -40.88 -46.95
C SER D 45 -9.15 -40.55 -46.42
N ILE D 46 -10.02 -40.11 -47.31
CA ILE D 46 -11.39 -39.65 -46.95
C ILE D 46 -12.39 -40.75 -47.26
N SER D 47 -13.07 -41.26 -46.24
CA SER D 47 -14.20 -42.20 -46.42
C SER D 47 -15.27 -41.53 -47.30
N ASP D 48 -15.84 -42.30 -48.23
CA ASP D 48 -16.91 -41.83 -49.12
C ASP D 48 -18.14 -41.49 -48.28
N THR D 49 -18.38 -42.25 -47.21
CA THR D 49 -19.50 -42.02 -46.27
C THR D 49 -19.04 -42.06 -44.81
N PHE D 50 -19.89 -41.56 -43.92
CA PHE D 50 -19.79 -41.73 -42.46
C PHE D 50 -19.74 -43.23 -42.17
N GLU D 51 -20.58 -44.06 -42.78
CA GLU D 51 -20.74 -45.48 -42.35
C GLU D 51 -19.42 -46.20 -42.58
N SER D 52 -18.63 -45.73 -43.54
CA SER D 52 -17.36 -46.36 -44.02
C SER D 52 -16.12 -45.70 -43.41
N ASP D 53 -16.26 -44.65 -42.60
CA ASP D 53 -15.11 -44.01 -41.89
C ASP D 53 -14.45 -45.13 -41.08
N SER D 54 -13.16 -45.34 -41.32
CA SER D 54 -12.41 -46.48 -40.76
C SER D 54 -10.92 -46.12 -40.82
N PRO D 55 -10.51 -45.08 -40.07
CA PRO D 55 -9.13 -44.58 -40.14
C PRO D 55 -8.14 -45.57 -39.53
N ASN D 56 -7.05 -45.78 -40.26
CA ASN D 56 -5.94 -46.69 -39.85
C ASN D 56 -5.13 -45.99 -38.76
N ARG D 57 -4.59 -46.79 -37.87
CA ARG D 57 -3.78 -46.33 -36.72
C ARG D 57 -2.60 -45.47 -37.19
N ASP D 58 -1.97 -45.77 -38.33
CA ASP D 58 -0.80 -44.96 -38.76
C ASP D 58 -1.26 -43.60 -39.28
N MET D 59 -2.57 -43.36 -39.39
CA MET D 59 -3.17 -42.10 -39.90
C MET D 59 -3.73 -41.27 -38.74
N LEU D 60 -3.81 -41.81 -37.51
CA LEU D 60 -4.43 -41.07 -36.36
C LEU D 60 -3.38 -40.57 -35.36
N PRO D 61 -3.05 -39.27 -35.24
CA PRO D 61 -2.29 -38.80 -34.09
C PRO D 61 -2.94 -39.21 -32.76
N CYS D 62 -2.10 -39.43 -31.76
CA CYS D 62 -2.53 -39.86 -30.40
C CYS D 62 -1.93 -38.89 -29.36
N TYR D 63 -2.60 -38.77 -28.22
CA TYR D 63 -2.09 -38.05 -27.03
C TYR D 63 -0.73 -38.67 -26.65
N SER D 64 0.25 -37.84 -26.29
CA SER D 64 1.56 -38.26 -25.72
C SER D 64 1.46 -38.20 -24.20
N VAL D 65 2.10 -39.13 -23.49
CA VAL D 65 2.09 -39.17 -22.00
C VAL D 65 3.37 -39.82 -21.49
N ALA D 66 3.82 -39.38 -20.32
CA ALA D 66 5.03 -39.86 -19.58
C ALA D 66 4.69 -39.87 -18.08
N ARG D 67 4.82 -41.02 -17.44
CA ARG D 67 4.71 -41.14 -15.96
C ARG D 67 6.15 -41.02 -15.45
N ILE D 68 6.46 -39.93 -14.76
CA ILE D 68 7.82 -39.63 -14.25
C ILE D 68 7.90 -39.93 -12.76
N PRO D 69 8.71 -40.95 -12.39
CA PRO D 69 8.94 -41.28 -10.98
C PRO D 69 9.74 -40.17 -10.28
N LEU D 70 9.28 -39.78 -9.09
CA LEU D 70 9.91 -38.73 -8.24
C LEU D 70 10.63 -39.41 -7.08
N PRO D 71 11.57 -38.68 -6.39
CA PRO D 71 12.24 -39.23 -5.22
C PRO D 71 11.26 -39.83 -4.22
N ASN D 72 11.56 -41.05 -3.76
CA ASN D 72 10.65 -41.75 -2.84
C ASN D 72 10.54 -41.01 -1.53
N LEU D 73 9.32 -40.64 -1.17
CA LEU D 73 9.05 -40.01 0.12
C LEU D 73 8.15 -41.06 0.77
N ASN D 74 8.14 -41.21 2.08
CA ASN D 74 7.16 -42.18 2.65
C ASN D 74 6.03 -41.40 3.32
N ILE D 82 1.75 -39.24 3.82
CA ILE D 82 1.91 -38.09 4.77
C ILE D 82 2.64 -36.96 4.02
N LEU D 83 3.78 -37.17 3.35
CA LEU D 83 4.34 -36.21 2.34
C LEU D 83 4.00 -36.62 0.90
N MET D 84 3.66 -35.62 0.06
CA MET D 84 3.54 -35.74 -1.41
C MET D 84 4.29 -34.60 -2.09
N TRP D 85 4.88 -34.86 -3.25
CA TRP D 85 5.43 -33.78 -4.10
C TRP D 85 4.27 -33.01 -4.72
N GLU D 86 4.42 -31.69 -4.78
CA GLU D 86 3.40 -30.74 -5.27
C GLU D 86 4.05 -29.95 -6.41
N ALA D 87 3.47 -30.03 -7.60
CA ALA D 87 3.97 -29.36 -8.82
C ALA D 87 3.63 -27.90 -8.68
N VAL D 88 4.59 -27.01 -8.84
CA VAL D 88 4.37 -25.57 -8.53
C VAL D 88 4.52 -24.73 -9.81
N THR D 89 5.57 -24.93 -10.59
CA THR D 89 5.77 -24.13 -11.81
C THR D 89 6.05 -25.05 -12.98
N LEU D 90 5.75 -24.57 -14.18
CA LEU D 90 5.97 -25.28 -15.48
C LEU D 90 6.61 -24.26 -16.41
N LYS D 91 7.73 -24.65 -17.02
CA LYS D 91 8.19 -24.07 -18.29
C LYS D 91 7.90 -25.11 -19.37
N THR D 92 7.39 -24.69 -20.53
CA THR D 92 7.14 -25.59 -21.69
C THR D 92 7.48 -24.85 -22.98
N GLU D 93 8.04 -25.53 -23.98
CA GLU D 93 7.98 -25.03 -25.38
C GLU D 93 8.04 -26.20 -26.36
N VAL D 94 7.63 -25.94 -27.60
CA VAL D 94 7.68 -26.87 -28.77
C VAL D 94 9.13 -26.88 -29.25
N ILE D 95 9.71 -28.05 -29.50
CA ILE D 95 11.15 -28.21 -29.90
C ILE D 95 11.28 -28.48 -31.40
N GLY D 96 12.04 -27.61 -32.08
CA GLY D 96 12.35 -27.73 -33.52
C GLY D 96 11.34 -27.01 -34.39
N VAL D 97 10.84 -25.86 -33.90
CA VAL D 97 9.90 -24.97 -34.65
C VAL D 97 10.56 -24.58 -35.97
N THR D 98 11.88 -24.45 -36.05
CA THR D 98 12.61 -24.05 -37.29
C THR D 98 12.57 -25.13 -38.37
N SER D 99 12.36 -26.40 -37.99
CA SER D 99 12.18 -27.53 -38.93
C SER D 99 11.04 -27.26 -39.93
N LEU D 100 10.07 -26.40 -39.60
CA LEU D 100 8.99 -26.07 -40.57
C LEU D 100 9.45 -25.08 -41.65
N MET D 101 10.75 -24.76 -41.75
CA MET D 101 11.33 -23.95 -42.86
C MET D 101 12.03 -24.84 -43.90
N ASN D 102 12.05 -26.17 -43.70
CA ASN D 102 12.43 -27.12 -44.77
C ASN D 102 11.26 -27.16 -45.76
N VAL D 103 11.36 -26.33 -46.82
CA VAL D 103 10.31 -26.17 -47.89
C VAL D 103 10.97 -26.56 -49.20
N HIS D 104 11.90 -27.48 -49.15
CA HIS D 104 12.71 -27.91 -50.32
C HIS D 104 12.80 -29.44 -50.39
N SER D 105 11.92 -30.16 -49.68
CA SER D 105 11.97 -31.63 -49.51
C SER D 105 10.59 -32.24 -49.80
N ASN D 106 10.36 -32.57 -51.08
CA ASN D 106 9.17 -33.27 -51.64
C ASN D 106 7.90 -32.53 -51.24
N GLY D 107 7.86 -31.22 -51.42
CA GLY D 107 6.67 -30.40 -51.13
C GLY D 107 6.01 -29.95 -52.40
N GLN D 108 4.68 -29.91 -52.44
CA GLN D 108 3.88 -29.35 -53.56
C GLN D 108 4.20 -27.86 -53.64
N ALA D 109 4.59 -27.36 -54.81
CA ALA D 109 4.91 -25.94 -55.00
C ALA D 109 3.67 -25.10 -54.70
N THR D 110 3.92 -23.90 -54.16
CA THR D 110 2.90 -22.83 -53.97
C THR D 110 2.25 -22.57 -55.32
N HIS D 111 3.10 -22.43 -56.35
CA HIS D 111 2.81 -22.09 -57.76
C HIS D 111 4.03 -22.44 -58.63
N ASP D 112 3.96 -22.18 -59.93
CA ASP D 112 4.98 -22.65 -60.90
C ASP D 112 6.31 -21.96 -60.57
N ASN D 113 7.34 -22.77 -60.28
CA ASN D 113 8.76 -22.40 -59.99
C ASN D 113 8.94 -22.05 -58.51
N GLY D 114 7.86 -22.15 -57.72
CA GLY D 114 7.82 -21.70 -56.31
C GLY D 114 8.50 -22.64 -55.34
N ALA D 115 8.79 -22.14 -54.14
CA ALA D 115 9.16 -22.93 -52.95
C ALA D 115 7.98 -23.81 -52.52
N GLY D 116 8.27 -24.89 -51.81
CA GLY D 116 7.24 -25.81 -51.29
C GLY D 116 6.30 -25.12 -50.31
N LYS D 117 5.04 -25.55 -50.30
CA LYS D 117 4.08 -25.17 -49.24
C LYS D 117 4.70 -25.58 -47.91
N PRO D 118 4.72 -24.72 -46.88
CA PRO D 118 5.15 -25.13 -45.54
C PRO D 118 3.99 -25.88 -44.87
N VAL D 119 4.24 -26.36 -43.65
CA VAL D 119 3.20 -27.02 -42.82
C VAL D 119 2.17 -25.96 -42.45
N GLN D 120 0.90 -26.32 -42.57
CA GLN D 120 -0.21 -25.38 -42.26
C GLN D 120 -1.51 -26.16 -42.16
N GLY D 121 -2.59 -25.49 -41.75
CA GLY D 121 -3.89 -26.13 -41.51
C GLY D 121 -4.09 -26.52 -40.05
N THR D 122 -5.11 -27.35 -39.81
CA THR D 122 -5.60 -27.68 -38.45
C THR D 122 -4.41 -27.98 -37.53
N SER D 123 -4.34 -27.33 -36.37
CA SER D 123 -3.33 -27.58 -35.32
C SER D 123 -4.04 -27.77 -33.97
N PHE D 124 -3.50 -28.65 -33.14
CA PHE D 124 -3.89 -28.80 -31.72
C PHE D 124 -2.59 -28.70 -30.93
N HIS D 125 -2.45 -27.69 -30.08
CA HIS D 125 -1.33 -27.56 -29.12
C HIS D 125 -1.93 -27.68 -27.72
N PHE D 126 -1.43 -28.64 -26.94
CA PHE D 126 -2.05 -29.04 -25.66
C PHE D 126 -0.95 -29.59 -24.74
N PHE D 127 -1.02 -29.23 -23.45
CA PHE D 127 -0.07 -29.77 -22.44
C PHE D 127 -0.77 -29.71 -21.09
N SER D 128 -0.40 -30.66 -20.24
CA SER D 128 -1.00 -30.82 -18.90
C SER D 128 0.11 -31.34 -17.97
N VAL D 129 0.04 -30.92 -16.70
CA VAL D 129 0.90 -31.39 -15.58
C VAL D 129 -0.07 -31.85 -14.49
N GLY D 130 0.14 -33.03 -13.93
CA GLY D 130 -0.84 -33.60 -12.98
C GLY D 130 -0.24 -34.60 -12.00
N GLY D 131 -0.95 -34.75 -10.87
CA GLY D 131 -0.57 -35.68 -9.78
C GLY D 131 -1.04 -37.10 -10.06
N GLU D 132 -1.82 -37.27 -11.12
CA GLU D 132 -2.33 -38.59 -11.58
C GLU D 132 -2.50 -38.46 -13.08
N ALA D 133 -2.84 -39.55 -13.75
CA ALA D 133 -3.20 -39.55 -15.19
C ALA D 133 -4.24 -38.46 -15.50
N LEU D 134 -4.07 -37.78 -16.64
CA LEU D 134 -5.13 -36.96 -17.27
C LEU D 134 -6.42 -37.78 -17.37
N GLU D 135 -7.57 -37.20 -17.04
CA GLU D 135 -8.88 -37.87 -17.22
C GLU D 135 -9.49 -37.33 -18.53
N LEU D 136 -9.89 -38.22 -19.43
CA LEU D 136 -10.43 -37.91 -20.78
C LEU D 136 -11.93 -38.17 -20.84
N GLN D 137 -12.68 -37.26 -21.48
CA GLN D 137 -14.09 -37.45 -21.93
C GLN D 137 -14.04 -37.75 -23.43
N GLY D 138 -14.83 -38.72 -23.87
CA GLY D 138 -14.93 -39.09 -25.28
C GLY D 138 -15.95 -38.22 -26.00
N VAL D 139 -15.56 -37.65 -27.14
CA VAL D 139 -16.49 -36.98 -28.08
C VAL D 139 -16.07 -37.37 -29.49
N LEU D 140 -17.02 -37.87 -30.27
CA LEU D 140 -16.73 -38.36 -31.64
C LEU D 140 -17.39 -37.39 -32.63
N PHE D 141 -16.61 -36.97 -33.62
CA PHE D 141 -17.15 -36.21 -34.78
C PHE D 141 -18.28 -37.02 -35.44
N ASN D 142 -18.07 -38.33 -35.55
CA ASN D 142 -18.90 -39.32 -36.30
C ASN D 142 -18.87 -40.64 -35.53
N TYR D 143 -20.01 -41.03 -34.95
CA TYR D 143 -20.12 -42.13 -33.96
C TYR D 143 -20.00 -43.48 -34.66
N ARG D 144 -20.06 -43.52 -35.98
CA ARG D 144 -20.00 -44.80 -36.72
C ARG D 144 -18.57 -45.05 -37.20
N THR D 145 -17.64 -44.18 -36.84
CA THR D 145 -16.22 -44.35 -37.24
C THR D 145 -15.71 -45.66 -36.63
N LYS D 146 -15.13 -46.56 -37.42
CA LYS D 146 -14.42 -47.75 -36.89
C LYS D 146 -13.00 -47.34 -36.51
N TYR D 147 -12.75 -47.18 -35.22
CA TYR D 147 -11.37 -46.91 -34.71
C TYR D 147 -10.56 -48.19 -34.78
N PRO D 148 -9.25 -48.12 -35.07
CA PRO D 148 -8.43 -49.31 -35.32
C PRO D 148 -7.86 -50.09 -34.13
N ASP D 149 -7.51 -51.36 -34.34
CA ASP D 149 -6.86 -52.22 -33.30
C ASP D 149 -5.58 -51.56 -32.76
N GLY D 150 -5.38 -51.64 -31.44
CA GLY D 150 -4.20 -51.09 -30.75
C GLY D 150 -4.34 -49.64 -30.36
N THR D 151 -5.53 -49.06 -30.58
CA THR D 151 -5.90 -47.69 -30.12
C THR D 151 -7.02 -47.88 -29.10
N ILE D 152 -7.17 -46.92 -28.19
CA ILE D 152 -8.25 -46.93 -27.16
C ILE D 152 -9.20 -45.79 -27.52
N PHE D 153 -10.48 -46.13 -27.69
CA PHE D 153 -11.51 -45.23 -28.26
C PHE D 153 -12.83 -45.42 -27.52
N PRO D 154 -13.74 -44.43 -27.55
CA PRO D 154 -15.06 -44.59 -26.96
C PRO D 154 -15.74 -45.84 -27.50
N LYS D 155 -16.30 -46.66 -26.60
CA LYS D 155 -16.89 -47.99 -26.90
C LYS D 155 -18.39 -47.95 -26.60
N ASN D 156 -19.16 -48.87 -27.21
CA ASN D 156 -20.64 -48.78 -27.24
C ASN D 156 -21.04 -47.33 -27.58
N ALA D 157 -20.38 -46.73 -28.57
CA ALA D 157 -20.68 -45.36 -29.07
C ALA D 157 -22.09 -45.36 -29.65
N THR D 158 -22.84 -44.31 -29.40
CA THR D 158 -24.22 -44.07 -29.92
C THR D 158 -24.20 -42.70 -30.60
N VAL D 159 -25.34 -42.28 -31.15
CA VAL D 159 -25.42 -40.98 -31.87
C VAL D 159 -25.12 -39.87 -30.86
N GLN D 160 -25.51 -40.11 -29.61
CA GLN D 160 -25.34 -39.12 -28.52
C GLN D 160 -23.84 -38.90 -28.31
N SER D 161 -23.00 -39.88 -28.64
CA SER D 161 -21.51 -39.78 -28.55
C SER D 161 -20.97 -38.60 -29.38
N GLN D 162 -21.73 -38.16 -30.39
CA GLN D 162 -21.34 -37.05 -31.31
C GLN D 162 -21.46 -35.68 -30.61
N VAL D 163 -22.13 -35.58 -29.46
CA VAL D 163 -22.25 -34.31 -28.68
C VAL D 163 -21.79 -34.51 -27.24
N MET D 164 -22.34 -35.51 -26.54
CA MET D 164 -21.99 -35.81 -25.12
C MET D 164 -22.58 -37.15 -24.69
N ASN D 165 -21.70 -38.13 -24.45
CA ASN D 165 -22.07 -39.45 -23.89
C ASN D 165 -21.16 -39.70 -22.68
N THR D 166 -21.76 -39.76 -21.48
CA THR D 166 -21.04 -39.77 -20.18
C THR D 166 -20.42 -41.16 -19.98
N GLU D 167 -20.82 -42.14 -20.77
CA GLU D 167 -20.19 -43.48 -20.70
C GLU D 167 -18.69 -43.36 -21.01
N HIS D 168 -18.26 -42.41 -21.86
CA HIS D 168 -16.90 -42.40 -22.47
C HIS D 168 -15.90 -41.63 -21.60
N LYS D 169 -15.44 -42.28 -20.52
CA LYS D 169 -14.48 -41.78 -19.50
C LYS D 169 -13.25 -42.67 -19.52
N ALA D 170 -12.04 -42.12 -19.41
CA ALA D 170 -10.80 -42.92 -19.40
C ALA D 170 -9.68 -42.14 -18.73
N TYR D 171 -8.61 -42.84 -18.36
CA TYR D 171 -7.35 -42.21 -17.91
C TYR D 171 -6.37 -42.28 -19.07
N LEU D 172 -5.70 -41.16 -19.37
CA LEU D 172 -4.58 -41.14 -20.35
C LEU D 172 -3.42 -41.89 -19.68
N ASP D 173 -3.53 -43.21 -19.59
CA ASP D 173 -2.56 -44.05 -18.84
C ASP D 173 -1.60 -44.75 -19.81
N LYS D 174 -1.73 -44.59 -21.13
CA LYS D 174 -0.89 -45.30 -22.13
C LYS D 174 -0.51 -44.38 -23.30
N ASN D 175 0.77 -44.39 -23.69
CA ASN D 175 1.30 -43.60 -24.83
C ASN D 175 0.78 -44.17 -26.16
N LYS D 176 0.83 -43.38 -27.24
CA LYS D 176 0.51 -43.77 -28.65
C LYS D 176 -0.74 -44.66 -28.70
N ALA D 177 -1.74 -44.38 -27.88
CA ALA D 177 -2.94 -45.24 -27.77
C ALA D 177 -4.24 -44.44 -27.93
N TYR D 178 -4.36 -43.31 -27.24
CA TYR D 178 -5.59 -42.48 -27.19
C TYR D 178 -5.54 -41.54 -28.40
N PRO D 179 -6.39 -41.78 -29.44
CA PRO D 179 -6.38 -40.94 -30.63
C PRO D 179 -6.88 -39.53 -30.27
N VAL D 180 -6.24 -38.51 -30.82
CA VAL D 180 -6.53 -37.10 -30.47
C VAL D 180 -8.01 -36.80 -30.78
N GLU D 181 -8.47 -37.21 -31.95
CA GLU D 181 -9.81 -36.77 -32.40
C GLU D 181 -10.95 -37.33 -31.54
N CYS D 182 -10.77 -38.35 -30.71
CA CYS D 182 -11.88 -38.95 -29.92
C CYS D 182 -11.94 -38.36 -28.52
N TRP D 183 -10.84 -37.83 -28.00
CA TRP D 183 -10.68 -37.62 -26.55
C TRP D 183 -10.35 -36.14 -26.28
N VAL D 184 -10.92 -35.61 -25.20
CA VAL D 184 -10.53 -34.28 -24.65
C VAL D 184 -10.46 -34.40 -23.13
N PRO D 185 -9.68 -33.53 -22.45
CA PRO D 185 -9.68 -33.44 -20.99
C PRO D 185 -11.12 -33.39 -20.47
N ASP D 186 -11.48 -34.25 -19.51
CA ASP D 186 -12.82 -34.25 -18.85
C ASP D 186 -12.88 -33.12 -17.83
N PRO D 187 -13.70 -32.07 -18.09
CA PRO D 187 -13.71 -30.89 -17.23
C PRO D 187 -14.58 -31.10 -15.97
N THR D 188 -15.31 -32.22 -15.87
CA THR D 188 -16.03 -32.64 -14.64
C THR D 188 -15.07 -33.32 -13.68
N ARG D 189 -13.83 -33.61 -14.13
CA ARG D 189 -12.77 -34.19 -13.28
C ARG D 189 -11.50 -33.34 -13.37
N ASN D 190 -10.34 -33.99 -13.40
CA ASN D 190 -8.99 -33.34 -13.41
C ASN D 190 -8.78 -32.31 -12.29
N GLU D 191 -9.32 -32.52 -11.07
CA GLU D 191 -9.06 -31.61 -9.91
C GLU D 191 -7.54 -31.55 -9.63
N ASN D 192 -6.84 -32.68 -9.81
CA ASN D 192 -5.40 -32.84 -9.45
C ASN D 192 -4.49 -32.65 -10.67
N THR D 193 -4.99 -32.03 -11.73
CA THR D 193 -4.25 -31.69 -12.97
C THR D 193 -4.56 -30.26 -13.42
N ARG D 194 -3.59 -29.66 -14.09
CA ARG D 194 -3.73 -28.35 -14.79
C ARG D 194 -3.61 -28.61 -16.29
N TYR D 195 -4.58 -28.24 -17.11
CA TYR D 195 -4.52 -28.50 -18.58
C TYR D 195 -4.75 -27.22 -19.38
N PHE D 196 -4.09 -27.17 -20.54
CA PHE D 196 -3.96 -26.00 -21.45
C PHE D 196 -3.95 -26.50 -22.89
N GLY D 197 -4.91 -26.05 -23.70
CA GLY D 197 -5.06 -26.53 -25.08
C GLY D 197 -5.72 -25.52 -26.00
N THR D 198 -5.15 -25.34 -27.20
CA THR D 198 -5.76 -24.55 -28.29
C THR D 198 -5.96 -25.42 -29.54
N LEU D 199 -7.20 -25.51 -30.00
CA LEU D 199 -7.49 -26.01 -31.37
C LEU D 199 -7.58 -24.79 -32.31
N THR D 200 -6.63 -24.65 -33.24
CA THR D 200 -6.74 -23.68 -34.35
C THR D 200 -7.11 -24.44 -35.63
N GLY D 201 -8.40 -24.45 -36.00
CA GLY D 201 -8.96 -25.12 -37.19
C GLY D 201 -8.72 -24.34 -38.46
N GLY D 202 -9.43 -24.67 -39.55
CA GLY D 202 -9.18 -24.09 -40.88
C GLY D 202 -8.12 -24.85 -41.66
N GLU D 203 -8.23 -24.89 -42.98
CA GLU D 203 -7.36 -25.73 -43.86
C GLU D 203 -6.03 -25.03 -44.16
N ASN D 204 -5.97 -23.68 -44.19
CA ASN D 204 -4.78 -22.90 -44.63
C ASN D 204 -4.11 -22.15 -43.45
N VAL D 205 -4.57 -22.44 -42.23
CA VAL D 205 -4.23 -21.71 -40.98
C VAL D 205 -2.72 -21.78 -40.79
N PRO D 206 -2.03 -20.63 -40.60
CA PRO D 206 -0.59 -20.63 -40.41
C PRO D 206 -0.20 -20.94 -38.96
N PRO D 207 0.79 -21.84 -38.79
CA PRO D 207 1.43 -22.03 -37.48
C PRO D 207 2.04 -20.72 -36.96
N VAL D 208 1.74 -20.40 -35.71
CA VAL D 208 2.44 -19.35 -34.92
C VAL D 208 2.98 -20.09 -33.70
N LEU D 209 4.31 -20.16 -33.57
CA LEU D 209 5.03 -20.92 -32.53
C LEU D 209 6.04 -19.98 -31.87
N HIS D 210 5.82 -19.66 -30.59
CA HIS D 210 6.70 -18.77 -29.80
C HIS D 210 7.65 -19.63 -28.98
N ILE D 211 8.90 -19.22 -28.89
CA ILE D 211 9.89 -19.88 -28.00
C ILE D 211 10.53 -18.80 -27.13
N THR D 212 10.78 -19.14 -25.87
CA THR D 212 11.59 -18.30 -24.97
C THR D 212 11.90 -19.14 -23.72
N ASN D 213 13.00 -18.83 -23.04
CA ASN D 213 13.33 -19.46 -21.74
C ASN D 213 13.06 -18.47 -20.60
N THR D 214 12.12 -17.54 -20.76
CA THR D 214 11.82 -16.48 -19.76
C THR D 214 10.35 -16.56 -19.31
N ALA D 215 9.57 -17.54 -19.76
CA ALA D 215 8.15 -17.66 -19.42
C ALA D 215 8.00 -18.82 -18.42
N THR D 216 7.26 -18.59 -17.34
CA THR D 216 6.88 -19.61 -16.33
C THR D 216 5.37 -19.58 -16.14
N THR D 217 4.74 -20.76 -16.08
CA THR D 217 3.33 -20.93 -15.68
C THR D 217 3.30 -21.39 -14.21
N VAL D 218 2.41 -20.79 -13.41
CA VAL D 218 2.19 -21.22 -12.00
C VAL D 218 1.04 -22.23 -12.02
N LEU D 219 1.24 -23.41 -11.43
CA LEU D 219 0.29 -24.54 -11.45
C LEU D 219 -0.59 -24.52 -10.20
N LEU D 220 -0.36 -23.55 -9.32
CA LEU D 220 -1.12 -23.40 -8.05
C LEU D 220 -2.55 -22.94 -8.34
N ASP D 221 -3.55 -23.59 -7.75
CA ASP D 221 -4.97 -23.15 -7.87
C ASP D 221 -5.19 -21.90 -7.00
N GLU D 222 -6.45 -21.44 -6.93
CA GLU D 222 -6.91 -20.24 -6.17
C GLU D 222 -6.61 -20.38 -4.67
N PHE D 223 -6.44 -21.61 -4.15
CA PHE D 223 -6.12 -21.88 -2.73
C PHE D 223 -4.62 -22.10 -2.51
N GLY D 224 -3.73 -21.86 -3.49
CA GLY D 224 -2.26 -22.00 -3.33
C GLY D 224 -1.75 -23.44 -3.42
N VAL D 225 -2.57 -24.40 -3.87
CA VAL D 225 -2.21 -25.86 -3.95
C VAL D 225 -2.02 -26.31 -5.42
N GLY D 226 -0.81 -26.80 -5.71
CA GLY D 226 -0.41 -27.40 -7.00
C GLY D 226 -0.89 -28.85 -7.07
N PRO D 227 -0.75 -29.50 -8.24
CA PRO D 227 -0.98 -30.94 -8.31
C PRO D 227 -0.16 -31.71 -7.27
N LEU D 228 -0.83 -32.63 -6.58
CA LEU D 228 -0.21 -33.55 -5.59
C LEU D 228 0.03 -34.91 -6.26
N CYS D 229 1.29 -35.32 -6.35
CA CYS D 229 1.72 -36.55 -7.05
C CYS D 229 1.46 -37.83 -6.24
N LYS D 230 0.35 -38.51 -6.50
CA LYS D 230 0.05 -39.83 -5.88
C LYS D 230 1.14 -40.84 -6.26
N GLY D 231 1.53 -41.67 -5.29
CA GLY D 231 2.59 -42.70 -5.38
C GLY D 231 3.92 -42.17 -5.89
N ASP D 232 4.23 -40.89 -5.68
CA ASP D 232 5.51 -40.24 -6.06
C ASP D 232 5.63 -40.21 -7.59
N ASN D 233 4.51 -40.12 -8.31
CA ASN D 233 4.51 -40.06 -9.80
C ASN D 233 4.04 -38.71 -10.33
N LEU D 234 4.70 -38.18 -11.36
CA LEU D 234 4.27 -36.97 -12.10
C LEU D 234 3.75 -37.36 -13.49
N TYR D 235 2.60 -36.85 -13.92
CA TYR D 235 2.04 -37.12 -15.27
C TYR D 235 2.15 -35.85 -16.15
N LEU D 236 2.96 -35.96 -17.20
CA LEU D 236 3.10 -34.95 -18.28
C LEU D 236 2.43 -35.51 -19.53
N SER D 237 1.38 -34.84 -20.02
CA SER D 237 0.62 -35.17 -21.26
C SER D 237 0.79 -34.03 -22.27
N ALA D 238 0.93 -34.36 -23.56
CA ALA D 238 1.04 -33.34 -24.64
C ALA D 238 0.39 -33.81 -25.95
N VAL D 239 -0.14 -32.86 -26.72
CA VAL D 239 -0.40 -33.00 -28.19
C VAL D 239 0.17 -31.75 -28.87
N ASP D 240 0.89 -31.91 -29.96
CA ASP D 240 1.41 -30.77 -30.72
C ASP D 240 1.36 -31.16 -32.20
N VAL D 241 0.14 -31.41 -32.68
CA VAL D 241 -0.12 -31.46 -34.15
C VAL D 241 0.08 -30.03 -34.64
N CYS D 242 1.11 -29.76 -35.46
CA CYS D 242 1.48 -28.41 -35.94
C CYS D 242 0.66 -28.04 -37.19
N GLY D 243 -0.01 -28.99 -37.82
CA GLY D 243 -0.64 -28.78 -39.14
C GLY D 243 -0.40 -29.95 -40.06
N MET D 244 -0.43 -29.69 -41.38
CA MET D 244 -0.36 -30.74 -42.42
C MET D 244 0.76 -30.45 -43.43
N PHE D 245 1.53 -31.50 -43.74
CA PHE D 245 2.57 -31.48 -44.80
C PHE D 245 1.99 -32.02 -46.11
N THR D 246 2.10 -31.22 -47.17
CA THR D 246 1.66 -31.58 -48.54
C THR D 246 2.88 -31.97 -49.38
N ASN D 247 3.02 -33.26 -49.69
CA ASN D 247 4.07 -33.77 -50.62
C ASN D 247 3.58 -33.45 -52.04
N ARG D 248 4.45 -33.66 -53.04
CA ARG D 248 4.27 -33.15 -54.42
C ARG D 248 3.06 -33.78 -55.10
N SER D 249 2.69 -34.99 -54.68
CA SER D 249 1.42 -35.73 -54.96
C SER D 249 0.21 -34.86 -54.67
N GLY D 250 0.26 -34.02 -53.62
CA GLY D 250 -0.90 -33.25 -53.11
C GLY D 250 -1.56 -33.90 -51.91
N SER D 251 -1.32 -35.19 -51.66
CA SER D 251 -1.69 -35.91 -50.42
C SER D 251 -1.04 -35.21 -49.21
N GLN D 252 -1.63 -35.38 -48.04
CA GLN D 252 -1.30 -34.58 -46.83
C GLN D 252 -1.14 -35.46 -45.59
N GLN D 253 -0.12 -35.15 -44.80
CA GLN D 253 0.22 -35.85 -43.53
C GLN D 253 0.25 -34.84 -42.37
N TRP D 254 -0.36 -35.19 -41.24
CA TRP D 254 -0.14 -34.50 -39.95
C TRP D 254 1.37 -34.49 -39.68
N ARG D 255 1.94 -33.37 -39.22
CA ARG D 255 3.33 -33.30 -38.70
C ARG D 255 3.29 -32.76 -37.27
N GLY D 256 3.83 -33.51 -36.32
CA GLY D 256 3.97 -33.07 -34.93
C GLY D 256 5.41 -32.75 -34.57
N LEU D 257 5.58 -32.14 -33.40
CA LEU D 257 6.89 -31.79 -32.80
C LEU D 257 6.89 -32.17 -31.32
N SER D 258 8.09 -32.43 -30.78
CA SER D 258 8.30 -32.75 -29.34
C SER D 258 8.04 -31.49 -28.49
N ARG D 259 7.55 -31.71 -27.28
CA ARG D 259 7.36 -30.61 -26.30
C ARG D 259 8.33 -30.82 -25.14
N TYR D 260 8.94 -29.72 -24.68
CA TYR D 260 9.84 -29.62 -23.50
C TYR D 260 8.98 -29.29 -22.28
N PHE D 261 9.28 -29.95 -21.17
CA PHE D 261 8.66 -29.75 -19.85
C PHE D 261 9.78 -29.52 -18.84
N LYS D 262 9.68 -28.48 -18.01
CA LYS D 262 10.47 -28.31 -16.77
C LYS D 262 9.50 -28.01 -15.63
N VAL D 263 9.34 -28.92 -14.65
CA VAL D 263 8.41 -28.77 -13.49
C VAL D 263 9.22 -28.63 -12.20
N GLN D 264 8.96 -27.59 -11.41
CA GLN D 264 9.51 -27.40 -10.04
C GLN D 264 8.49 -27.99 -9.09
N LEU D 265 8.94 -28.87 -8.20
CA LEU D 265 8.08 -29.45 -7.15
C LEU D 265 8.68 -29.17 -5.77
N ARG D 266 7.84 -29.32 -4.76
CA ARG D 266 8.18 -29.07 -3.34
C ARG D 266 7.34 -30.04 -2.51
N LYS D 267 7.83 -30.39 -1.31
CA LYS D 267 7.17 -31.38 -0.43
C LYS D 267 6.01 -30.69 0.30
N ARG D 268 4.90 -31.40 0.45
CA ARG D 268 3.69 -30.90 1.15
C ARG D 268 3.20 -32.02 2.06
N ARG D 269 2.94 -31.69 3.32
CA ARG D 269 2.26 -32.63 4.25
C ARG D 269 0.79 -32.67 3.88
N VAL D 270 0.17 -33.82 4.14
CA VAL D 270 -1.22 -34.15 3.73
C VAL D 270 -1.68 -35.20 4.75
N LYS D 271 -2.98 -35.31 5.02
CA LYS D 271 -3.48 -36.32 6.00
C LYS D 271 -4.54 -37.21 5.33
N ASN D 272 -4.57 -38.49 5.73
CA ASN D 272 -5.52 -39.58 5.39
C ASN D 272 -5.50 -39.90 3.89
N VAL E 7 28.69 -21.14 -9.30
CA VAL E 7 29.14 -19.70 -9.23
C VAL E 7 28.19 -18.92 -8.33
N GLU E 8 28.73 -18.26 -7.30
CA GLU E 8 27.95 -17.52 -6.26
C GLU E 8 27.84 -16.04 -6.66
N VAL E 9 26.61 -15.54 -6.85
CA VAL E 9 26.38 -14.17 -7.39
C VAL E 9 26.16 -13.21 -6.22
N LEU E 10 27.05 -12.24 -6.07
CA LEU E 10 27.03 -11.32 -4.90
C LEU E 10 26.51 -9.96 -5.38
N GLU E 11 27.13 -8.87 -4.91
CA GLU E 11 26.50 -7.53 -5.01
C GLU E 11 26.83 -6.92 -6.38
N VAL E 12 26.12 -5.85 -6.72
CA VAL E 12 26.36 -5.02 -7.94
C VAL E 12 27.24 -3.83 -7.54
N LYS E 13 28.32 -3.55 -8.28
CA LYS E 13 29.13 -2.34 -8.03
C LYS E 13 28.32 -1.14 -8.54
N THR E 14 28.44 0.01 -7.85
CA THR E 14 27.80 1.32 -8.17
C THR E 14 28.93 2.33 -8.44
N GLY E 15 28.59 3.54 -8.89
CA GLY E 15 29.55 4.51 -9.45
C GLY E 15 29.37 4.66 -10.95
N VAL E 16 29.74 5.83 -11.48
CA VAL E 16 29.53 6.24 -12.92
C VAL E 16 30.28 5.31 -13.89
N ASP E 17 31.26 4.54 -13.41
CA ASP E 17 32.17 3.68 -14.22
C ASP E 17 31.79 2.21 -14.04
N SER E 18 30.73 1.91 -13.29
CA SER E 18 30.24 0.53 -13.00
C SER E 18 29.28 0.06 -14.08
N ILE E 19 28.94 0.90 -15.05
CA ILE E 19 27.99 0.57 -16.12
C ILE E 19 28.70 0.74 -17.47
N THR E 20 28.30 -0.03 -18.49
CA THR E 20 28.68 0.14 -19.92
C THR E 20 27.51 -0.25 -20.83
N GLU E 21 27.62 0.09 -22.10
CA GLU E 21 26.52 0.00 -23.10
C GLU E 21 27.09 -0.70 -24.33
N VAL E 22 26.41 -1.71 -24.85
CA VAL E 22 26.84 -2.31 -26.14
C VAL E 22 25.76 -2.02 -27.19
N GLU E 23 26.15 -1.41 -28.30
CA GLU E 23 25.27 -1.07 -29.43
C GLU E 23 25.86 -1.67 -30.70
N CYS E 24 25.10 -2.46 -31.45
CA CYS E 24 25.57 -2.94 -32.78
C CYS E 24 24.44 -3.48 -33.67
N PHE E 25 24.80 -3.75 -34.92
CA PHE E 25 23.93 -4.38 -35.95
C PHE E 25 24.38 -5.82 -36.18
N LEU E 26 23.41 -6.70 -36.34
CA LEU E 26 23.64 -8.11 -36.76
C LEU E 26 23.00 -8.28 -38.13
N THR E 27 23.81 -8.43 -39.18
CA THR E 27 23.31 -8.62 -40.56
C THR E 27 22.71 -10.02 -40.71
N PRO E 28 21.73 -10.21 -41.60
CA PRO E 28 21.17 -11.53 -41.84
C PRO E 28 22.14 -12.37 -42.71
N GLU E 29 22.19 -13.68 -42.41
CA GLU E 29 23.01 -14.66 -43.18
C GLU E 29 21.99 -15.50 -43.93
N MET E 30 21.65 -15.12 -45.16
CA MET E 30 20.52 -15.68 -45.93
C MET E 30 20.99 -16.56 -47.08
N GLY E 31 22.28 -16.60 -47.40
CA GLY E 31 22.77 -17.36 -48.56
C GLY E 31 23.65 -16.53 -49.48
N ASP E 32 23.30 -15.28 -49.79
CA ASP E 32 24.10 -14.34 -50.62
C ASP E 32 24.52 -15.01 -51.92
N PRO E 33 23.55 -15.44 -52.76
CA PRO E 33 23.84 -16.36 -53.85
C PRO E 33 24.79 -15.79 -54.92
N ASP E 34 24.83 -14.47 -55.10
CA ASP E 34 25.80 -13.78 -55.99
C ASP E 34 26.20 -12.43 -55.36
N GLU E 35 27.13 -11.69 -55.97
CA GLU E 35 27.75 -10.46 -55.42
C GLU E 35 26.77 -9.28 -55.45
N HIS E 36 25.53 -9.46 -55.93
CA HIS E 36 24.47 -8.42 -55.98
C HIS E 36 23.32 -8.70 -55.01
N LEU E 37 23.26 -9.88 -54.39
CA LEU E 37 22.04 -10.38 -53.68
C LEU E 37 22.34 -10.72 -52.20
N ARG E 38 23.26 -9.98 -51.59
CA ARG E 38 23.42 -9.96 -50.12
C ARG E 38 22.04 -9.74 -49.52
N GLY E 39 21.61 -10.55 -48.56
CA GLY E 39 20.32 -10.40 -47.88
C GLY E 39 19.25 -11.33 -48.45
N PHE E 40 19.53 -11.93 -49.60
CA PHE E 40 18.68 -12.92 -50.31
C PHE E 40 19.32 -14.30 -50.22
N SER E 41 18.47 -15.32 -50.31
CA SER E 41 18.86 -16.71 -50.61
C SER E 41 18.88 -16.92 -52.12
N LYS E 42 19.49 -18.02 -52.53
CA LYS E 42 19.30 -18.71 -53.84
C LYS E 42 17.81 -19.04 -53.99
N SER E 43 17.27 -19.09 -55.21
CA SER E 43 15.86 -19.47 -55.42
C SER E 43 15.69 -20.91 -54.91
N ILE E 44 14.55 -21.22 -54.29
CA ILE E 44 14.31 -22.55 -53.66
C ILE E 44 14.20 -23.59 -54.77
N SER E 45 14.79 -24.77 -54.56
CA SER E 45 14.73 -25.94 -55.46
C SER E 45 14.23 -27.08 -54.58
N ILE E 46 13.08 -27.65 -54.95
CA ILE E 46 12.43 -28.75 -54.22
C ILE E 46 13.05 -30.08 -54.66
N SER E 47 13.26 -31.01 -53.74
CA SER E 47 13.69 -32.39 -54.06
C SER E 47 12.45 -33.22 -54.43
N ASP E 48 12.59 -34.12 -55.40
CA ASP E 48 11.53 -35.09 -55.79
C ASP E 48 11.23 -35.98 -54.58
N THR E 49 12.25 -36.34 -53.80
CA THR E 49 12.11 -37.26 -52.64
C THR E 49 12.82 -36.72 -51.39
N PHE E 50 12.40 -37.21 -50.23
CA PHE E 50 13.12 -37.01 -48.94
C PHE E 50 14.57 -37.48 -49.12
N GLU E 51 14.82 -38.62 -49.76
CA GLU E 51 16.18 -39.21 -50.00
C GLU E 51 17.05 -38.21 -50.78
N SER E 52 16.47 -37.51 -51.76
CA SER E 52 17.22 -36.65 -52.71
C SER E 52 17.37 -35.22 -52.14
N ASP E 53 16.80 -34.97 -50.96
CA ASP E 53 16.86 -33.61 -50.36
C ASP E 53 18.33 -33.25 -50.11
N SER E 54 18.79 -32.21 -50.81
CA SER E 54 20.22 -31.80 -50.86
C SER E 54 20.30 -30.29 -51.08
N PRO E 55 19.89 -29.49 -50.07
CA PRO E 55 19.89 -28.03 -50.21
C PRO E 55 21.32 -27.48 -50.14
N ASN E 56 21.64 -26.63 -51.11
CA ASN E 56 22.99 -26.04 -51.31
C ASN E 56 23.18 -24.94 -50.27
N ARG E 57 24.42 -24.57 -49.97
CA ARG E 57 24.71 -23.58 -48.89
C ARG E 57 24.06 -22.23 -49.23
N ASP E 58 24.15 -21.79 -50.48
CA ASP E 58 23.62 -20.45 -50.87
C ASP E 58 22.09 -20.46 -50.76
N MET E 59 21.47 -21.60 -50.42
CA MET E 59 19.98 -21.72 -50.36
C MET E 59 19.47 -21.78 -48.91
N LEU E 60 20.38 -21.88 -47.92
CA LEU E 60 20.06 -22.20 -46.50
C LEU E 60 20.33 -21.00 -45.61
N PRO E 61 19.29 -20.26 -45.15
CA PRO E 61 19.51 -19.22 -44.15
C PRO E 61 20.16 -19.85 -42.91
N CYS E 62 21.13 -19.13 -42.33
CA CYS E 62 21.82 -19.52 -41.09
C CYS E 62 21.56 -18.50 -39.98
N TYR E 63 21.77 -18.91 -38.72
CA TYR E 63 21.83 -18.06 -37.51
C TYR E 63 22.94 -17.00 -37.70
N SER E 64 22.63 -15.77 -37.25
CA SER E 64 23.60 -14.66 -37.14
C SER E 64 24.17 -14.71 -35.72
N VAL E 65 25.45 -14.44 -35.55
CA VAL E 65 26.08 -14.35 -34.20
C VAL E 65 27.27 -13.40 -34.23
N ALA E 66 27.34 -12.60 -33.16
CA ALA E 66 28.40 -11.62 -32.86
C ALA E 66 28.81 -11.81 -31.40
N ARG E 67 30.09 -12.16 -31.22
CA ARG E 67 30.80 -12.16 -29.92
C ARG E 67 31.40 -10.75 -29.79
N ILE E 68 31.08 -10.04 -28.71
CA ILE E 68 31.41 -8.60 -28.53
C ILE E 68 32.25 -8.44 -27.27
N PRO E 69 33.55 -8.08 -27.42
CA PRO E 69 34.46 -7.94 -26.29
C PRO E 69 34.07 -6.71 -25.47
N LEU E 70 33.91 -6.90 -24.17
CA LEU E 70 33.57 -5.83 -23.21
C LEU E 70 34.87 -5.37 -22.55
N PRO E 71 34.88 -4.26 -21.76
CA PRO E 71 36.09 -3.78 -21.11
C PRO E 71 36.65 -4.78 -20.08
N ASN E 72 37.96 -5.07 -20.09
CA ASN E 72 38.55 -6.14 -19.24
C ASN E 72 38.44 -5.75 -17.75
N LEU E 73 38.21 -6.73 -16.87
CA LEU E 73 37.86 -6.49 -15.45
C LEU E 73 38.86 -7.14 -14.47
N ASN E 74 39.40 -8.32 -14.75
CA ASN E 74 40.18 -9.13 -13.77
C ASN E 74 39.29 -9.52 -12.57
N ILE E 82 36.44 -10.66 -7.97
CA ILE E 82 36.14 -11.25 -9.31
C ILE E 82 34.83 -10.64 -9.83
N LEU E 83 34.93 -9.65 -10.73
CA LEU E 83 33.77 -8.95 -11.35
C LEU E 83 33.47 -9.56 -12.71
N MET E 84 32.20 -9.69 -13.06
CA MET E 84 31.76 -9.99 -14.45
C MET E 84 30.71 -8.94 -14.83
N TRP E 85 30.69 -8.58 -16.12
CA TRP E 85 29.61 -7.77 -16.71
C TRP E 85 28.30 -8.58 -16.68
N GLU E 86 27.22 -7.91 -16.26
CA GLU E 86 25.85 -8.50 -16.22
C GLU E 86 24.95 -7.74 -17.19
N ALA E 87 24.36 -8.44 -18.16
CA ALA E 87 23.43 -7.81 -19.13
C ALA E 87 22.09 -7.60 -18.44
N VAL E 88 21.58 -6.37 -18.41
CA VAL E 88 20.35 -6.03 -17.64
C VAL E 88 19.21 -5.73 -18.60
N THR E 89 19.39 -4.85 -19.58
CA THR E 89 18.29 -4.45 -20.50
C THR E 89 18.73 -4.54 -21.97
N LEU E 90 17.75 -4.87 -22.81
CA LEU E 90 17.88 -5.00 -24.28
C LEU E 90 16.88 -4.07 -24.94
N LYS E 91 17.34 -3.36 -25.95
CA LYS E 91 16.47 -2.70 -26.94
C LYS E 91 16.84 -3.32 -28.28
N THR E 92 15.86 -3.81 -29.03
CA THR E 92 16.13 -4.43 -30.35
C THR E 92 15.05 -4.01 -31.33
N GLU E 93 15.40 -3.88 -32.60
CA GLU E 93 14.41 -3.90 -33.69
C GLU E 93 15.06 -4.36 -35.00
N VAL E 94 14.21 -4.77 -35.93
CA VAL E 94 14.59 -5.16 -37.31
C VAL E 94 14.89 -3.85 -38.04
N ILE E 95 15.97 -3.77 -38.81
CA ILE E 95 16.45 -2.51 -39.46
C ILE E 95 16.22 -2.59 -40.97
N GLY E 96 15.34 -1.72 -41.45
CA GLY E 96 15.03 -1.62 -42.90
C GLY E 96 13.64 -2.13 -43.22
N VAL E 97 12.73 -2.11 -42.25
CA VAL E 97 11.39 -2.71 -42.46
C VAL E 97 10.77 -2.04 -43.69
N THR E 98 11.05 -0.77 -44.00
CA THR E 98 10.34 -0.09 -45.12
C THR E 98 10.90 -0.54 -46.48
N SER E 99 12.07 -1.19 -46.50
CA SER E 99 12.65 -1.71 -47.77
C SER E 99 11.65 -2.67 -48.44
N LEU E 100 10.78 -3.32 -47.65
CA LEU E 100 9.80 -4.33 -48.15
C LEU E 100 8.65 -3.65 -48.92
N MET E 101 8.65 -2.32 -49.00
CA MET E 101 7.73 -1.55 -49.87
C MET E 101 8.29 -1.41 -51.31
N ASN E 102 9.48 -1.95 -51.64
CA ASN E 102 10.04 -1.98 -53.02
C ASN E 102 9.31 -3.11 -53.73
N VAL E 103 8.18 -2.77 -54.36
CA VAL E 103 7.28 -3.74 -55.07
C VAL E 103 7.22 -3.34 -56.55
N HIS E 104 8.34 -2.90 -57.09
CA HIS E 104 8.48 -2.37 -58.48
C HIS E 104 9.80 -2.82 -59.12
N SER E 105 10.52 -3.76 -58.49
CA SER E 105 11.85 -4.25 -58.91
C SER E 105 11.79 -5.75 -59.21
N ASN E 106 11.51 -6.14 -60.45
CA ASN E 106 11.57 -7.55 -60.91
C ASN E 106 10.64 -8.41 -60.04
N GLY E 107 9.43 -7.92 -59.76
CA GLY E 107 8.42 -8.64 -58.96
C GLY E 107 7.39 -9.31 -59.85
N GLN E 108 6.95 -10.51 -59.51
CA GLN E 108 5.75 -11.12 -60.14
C GLN E 108 4.54 -10.25 -59.76
N ALA E 109 3.74 -9.85 -60.74
CA ALA E 109 2.52 -9.04 -60.53
C ALA E 109 1.50 -9.87 -59.74
N THR E 110 0.81 -9.22 -58.80
CA THR E 110 -0.38 -9.74 -58.06
C THR E 110 -1.34 -10.35 -59.08
N HIS E 111 -1.66 -9.54 -60.10
CA HIS E 111 -2.60 -9.79 -61.22
C HIS E 111 -2.22 -8.88 -62.41
N ASP E 112 -2.87 -9.10 -63.54
CA ASP E 112 -2.72 -8.30 -64.79
C ASP E 112 -2.73 -6.80 -64.43
N ASN E 113 -1.57 -6.14 -64.56
CA ASN E 113 -1.32 -4.67 -64.48
C ASN E 113 -0.93 -4.27 -63.05
N GLY E 114 -1.03 -5.19 -62.08
CA GLY E 114 -0.91 -4.90 -60.64
C GLY E 114 0.54 -4.64 -60.21
N ALA E 115 0.77 -4.29 -58.94
CA ALA E 115 2.12 -4.07 -58.39
C ALA E 115 2.82 -5.44 -58.17
N GLY E 116 4.14 -5.43 -57.97
CA GLY E 116 4.89 -6.63 -57.60
C GLY E 116 4.33 -7.22 -56.33
N LYS E 117 4.35 -8.55 -56.17
CA LYS E 117 4.05 -9.22 -54.88
C LYS E 117 5.14 -8.83 -53.88
N PRO E 118 4.79 -8.36 -52.66
CA PRO E 118 5.80 -8.02 -51.66
C PRO E 118 6.32 -9.28 -50.97
N VAL E 119 7.44 -9.17 -50.23
CA VAL E 119 7.94 -10.26 -49.34
C VAL E 119 6.78 -10.72 -48.46
N GLN E 120 6.46 -12.03 -48.48
CA GLN E 120 5.45 -12.66 -47.58
C GLN E 120 5.78 -14.15 -47.46
N GLY E 121 4.97 -14.92 -46.72
CA GLY E 121 5.25 -16.33 -46.40
C GLY E 121 5.94 -16.57 -45.07
N THR E 122 6.38 -17.80 -44.84
CA THR E 122 7.08 -18.27 -43.62
C THR E 122 8.15 -17.26 -43.18
N SER E 123 8.06 -16.78 -41.93
CA SER E 123 9.06 -15.91 -41.26
C SER E 123 9.50 -16.53 -39.93
N PHE E 124 10.77 -16.32 -39.60
CA PHE E 124 11.36 -16.57 -38.26
C PHE E 124 12.06 -15.30 -37.78
N HIS E 125 11.62 -14.81 -36.61
CA HIS E 125 12.20 -13.64 -35.91
C HIS E 125 12.66 -14.10 -34.54
N PHE E 126 13.97 -14.03 -34.33
CA PHE E 126 14.66 -14.62 -33.16
C PHE E 126 15.82 -13.73 -32.75
N PHE E 127 15.99 -13.59 -31.44
CA PHE E 127 17.12 -12.82 -30.84
C PHE E 127 17.36 -13.37 -29.45
N SER E 128 18.63 -13.33 -29.06
CA SER E 128 19.06 -13.83 -27.74
C SER E 128 20.30 -13.05 -27.34
N VAL E 129 20.42 -12.80 -26.05
CA VAL E 129 21.58 -12.15 -25.37
C VAL E 129 22.09 -13.11 -24.30
N GLY E 130 23.40 -13.35 -24.26
CA GLY E 130 23.96 -14.29 -23.29
C GLY E 130 25.37 -13.92 -22.92
N GLY E 131 25.82 -14.51 -21.81
CA GLY E 131 27.20 -14.39 -21.31
C GLY E 131 28.06 -15.51 -21.86
N GLU E 132 27.56 -16.22 -22.88
CA GLU E 132 28.25 -17.35 -23.55
C GLU E 132 27.44 -17.75 -24.78
N ALA E 133 28.07 -18.47 -25.71
CA ALA E 133 27.41 -18.94 -26.94
C ALA E 133 26.03 -19.55 -26.64
N LEU E 134 25.03 -19.25 -27.49
CA LEU E 134 23.67 -19.85 -27.40
C LEU E 134 23.81 -21.35 -27.57
N GLU E 135 23.07 -22.12 -26.78
CA GLU E 135 23.14 -23.61 -26.77
C GLU E 135 21.99 -24.15 -27.62
N LEU E 136 22.33 -25.01 -28.59
CA LEU E 136 21.51 -25.46 -29.75
C LEU E 136 21.17 -26.94 -29.67
N GLN E 137 19.90 -27.28 -29.88
CA GLN E 137 19.43 -28.67 -30.04
C GLN E 137 19.03 -28.82 -31.50
N GLY E 138 19.36 -29.97 -32.08
CA GLY E 138 19.08 -30.26 -33.49
C GLY E 138 17.76 -31.00 -33.67
N VAL E 139 16.92 -30.48 -34.57
CA VAL E 139 15.67 -31.16 -35.02
C VAL E 139 15.59 -30.98 -36.54
N LEU E 140 15.31 -32.07 -37.24
CA LEU E 140 15.36 -32.12 -38.72
C LEU E 140 13.95 -32.42 -39.26
N PHE E 141 13.47 -31.62 -40.20
CA PHE E 141 12.17 -31.91 -40.84
C PHE E 141 12.20 -33.33 -41.42
N ASN E 142 13.34 -33.67 -42.05
CA ASN E 142 13.62 -34.94 -42.77
C ASN E 142 15.07 -35.37 -42.48
N TYR E 143 15.26 -36.49 -41.79
CA TYR E 143 16.56 -36.87 -41.19
C TYR E 143 17.60 -37.23 -42.24
N ARG E 144 17.12 -37.51 -43.45
CA ARG E 144 17.97 -38.00 -44.57
C ARG E 144 18.38 -36.85 -45.46
N THR E 145 18.05 -35.60 -45.11
CA THR E 145 18.51 -34.40 -45.85
C THR E 145 20.04 -34.40 -45.86
N LYS E 146 20.67 -34.10 -47.00
CA LYS E 146 22.14 -33.98 -47.09
C LYS E 146 22.50 -32.49 -47.03
N TYR E 147 22.98 -32.02 -45.89
CA TYR E 147 23.38 -30.60 -45.66
C TYR E 147 24.77 -30.35 -46.24
N PRO E 148 25.03 -29.11 -46.69
CA PRO E 148 26.20 -28.83 -47.52
C PRO E 148 27.52 -28.58 -46.76
N ASP E 149 28.64 -28.86 -47.42
CA ASP E 149 29.99 -28.44 -46.96
C ASP E 149 29.93 -26.93 -46.63
N GLY E 150 30.50 -26.53 -45.49
CA GLY E 150 30.60 -25.13 -45.06
C GLY E 150 29.57 -24.76 -44.00
N THR E 151 28.52 -25.59 -43.84
CA THR E 151 27.48 -25.47 -42.79
C THR E 151 27.78 -26.55 -41.75
N ILE E 152 27.37 -26.31 -40.50
CA ILE E 152 27.56 -27.23 -39.36
C ILE E 152 26.17 -27.68 -38.94
N PHE E 153 25.93 -28.98 -38.92
CA PHE E 153 24.56 -29.56 -38.84
C PHE E 153 24.58 -30.82 -37.99
N PRO E 154 23.40 -31.30 -37.53
CA PRO E 154 23.32 -32.49 -36.71
C PRO E 154 23.98 -33.66 -37.46
N LYS E 155 24.98 -34.31 -36.87
CA LYS E 155 25.70 -35.46 -37.48
C LYS E 155 25.14 -36.76 -36.89
N ASN E 156 25.31 -37.89 -37.61
CA ASN E 156 24.72 -39.20 -37.21
C ASN E 156 23.21 -39.05 -37.05
N ALA E 157 22.53 -38.38 -38.00
CA ALA E 157 21.05 -38.29 -37.96
C ALA E 157 20.46 -39.70 -38.01
N THR E 158 19.40 -39.93 -37.24
CA THR E 158 18.57 -41.15 -37.34
C THR E 158 17.14 -40.64 -37.56
N VAL E 159 16.19 -41.55 -37.75
CA VAL E 159 14.77 -41.15 -37.89
C VAL E 159 14.35 -40.40 -36.63
N GLN E 160 14.90 -40.73 -35.46
CA GLN E 160 14.42 -40.09 -34.21
C GLN E 160 14.82 -38.62 -34.22
N SER E 161 15.80 -38.21 -35.03
CA SER E 161 16.20 -36.78 -35.21
C SER E 161 15.03 -35.96 -35.75
N GLN E 162 13.98 -36.58 -36.29
CA GLN E 162 12.78 -35.86 -36.80
C GLN E 162 11.91 -35.41 -35.63
N VAL E 163 12.12 -35.92 -34.41
CA VAL E 163 11.29 -35.49 -33.25
C VAL E 163 12.17 -35.07 -32.07
N MET E 164 13.14 -35.88 -31.68
CA MET E 164 14.09 -35.46 -30.63
C MET E 164 15.21 -36.50 -30.50
N ASN E 165 16.46 -36.09 -30.80
CA ASN E 165 17.70 -36.90 -30.68
C ASN E 165 18.73 -36.05 -29.92
N THR E 166 19.12 -36.49 -28.72
CA THR E 166 19.88 -35.65 -27.76
C THR E 166 21.36 -35.69 -28.11
N GLU E 167 21.76 -36.45 -29.12
CA GLU E 167 23.13 -36.38 -29.69
C GLU E 167 23.30 -34.97 -30.30
N HIS E 168 22.22 -34.36 -30.79
CA HIS E 168 22.26 -33.16 -31.66
C HIS E 168 22.41 -31.87 -30.82
N LYS E 169 23.57 -31.71 -30.17
CA LYS E 169 23.92 -30.54 -29.33
C LYS E 169 25.03 -29.73 -30.01
N ALA E 170 25.00 -28.40 -29.89
CA ALA E 170 26.08 -27.52 -30.39
C ALA E 170 26.03 -26.12 -29.77
N TYR E 171 27.09 -25.34 -29.99
CA TYR E 171 27.20 -23.92 -29.59
C TYR E 171 27.09 -23.10 -30.87
N LEU E 172 26.29 -22.04 -30.88
CA LEU E 172 26.27 -21.07 -32.00
C LEU E 172 27.55 -20.23 -31.93
N ASP E 173 28.69 -20.81 -32.33
CA ASP E 173 30.05 -20.22 -32.16
C ASP E 173 30.65 -19.76 -33.49
N LYS E 174 29.88 -19.75 -34.57
CA LYS E 174 30.39 -19.42 -35.92
C LYS E 174 29.27 -18.84 -36.79
N ASN E 175 29.45 -17.63 -37.30
CA ASN E 175 28.48 -16.91 -38.18
C ASN E 175 28.35 -17.68 -39.51
N LYS E 176 27.27 -17.44 -40.25
CA LYS E 176 27.11 -18.01 -41.60
C LYS E 176 27.39 -19.51 -41.63
N ALA E 177 26.91 -20.28 -40.66
CA ALA E 177 27.30 -21.71 -40.67
C ALA E 177 26.26 -22.64 -40.07
N TYR E 178 25.51 -22.21 -39.04
CA TYR E 178 24.44 -23.01 -38.38
C TYR E 178 23.15 -22.79 -39.17
N PRO E 179 22.68 -23.74 -40.01
CA PRO E 179 21.42 -23.55 -40.73
C PRO E 179 20.25 -23.33 -39.76
N VAL E 180 19.38 -22.38 -40.04
CA VAL E 180 18.26 -22.07 -39.10
C VAL E 180 17.32 -23.27 -38.99
N GLU E 181 17.12 -24.03 -40.06
CA GLU E 181 16.13 -25.13 -40.07
C GLU E 181 16.61 -26.42 -39.40
N CYS E 182 17.85 -26.46 -38.92
CA CYS E 182 18.40 -27.69 -38.33
C CYS E 182 18.54 -27.51 -36.83
N TRP E 183 18.64 -26.26 -36.39
CA TRP E 183 18.94 -26.02 -34.96
C TRP E 183 17.92 -25.12 -34.29
N VAL E 184 17.80 -25.23 -32.97
CA VAL E 184 16.88 -24.38 -32.18
C VAL E 184 17.52 -24.15 -30.80
N PRO E 185 17.21 -23.10 -30.01
CA PRO E 185 17.71 -23.00 -28.65
C PRO E 185 17.34 -24.30 -27.92
N ASP E 186 18.31 -24.84 -27.18
CA ASP E 186 18.16 -26.07 -26.36
C ASP E 186 17.58 -25.60 -25.03
N PRO E 187 16.33 -25.97 -24.70
CA PRO E 187 15.72 -25.49 -23.46
C PRO E 187 16.24 -26.21 -22.20
N THR E 188 17.07 -27.22 -22.36
CA THR E 188 17.66 -27.95 -21.20
C THR E 188 18.93 -27.21 -20.79
N ARG E 189 19.39 -26.23 -21.57
CA ARG E 189 20.56 -25.38 -21.20
C ARG E 189 20.17 -23.89 -21.27
N ASN E 190 21.13 -23.03 -21.62
CA ASN E 190 20.93 -21.57 -21.83
C ASN E 190 20.55 -20.88 -20.51
N GLU E 191 20.90 -21.49 -19.36
CA GLU E 191 20.71 -20.90 -18.00
C GLU E 191 21.24 -19.46 -18.04
N ASN E 192 22.34 -19.22 -18.76
CA ASN E 192 23.09 -17.94 -18.86
C ASN E 192 22.80 -17.17 -20.17
N THR E 193 21.61 -17.32 -20.75
CA THR E 193 21.15 -16.63 -21.99
C THR E 193 19.65 -16.38 -21.91
N ARG E 194 19.19 -15.26 -22.46
CA ARG E 194 17.75 -14.96 -22.67
C ARG E 194 17.50 -15.05 -24.18
N TYR E 195 16.62 -15.95 -24.64
CA TYR E 195 16.25 -16.07 -26.08
C TYR E 195 14.74 -15.85 -26.25
N PHE E 196 14.39 -15.28 -27.42
CA PHE E 196 13.01 -14.99 -27.87
C PHE E 196 12.90 -15.21 -29.39
N GLY E 197 11.87 -15.93 -29.80
CA GLY E 197 11.71 -16.34 -31.21
C GLY E 197 10.24 -16.56 -31.53
N THR E 198 9.83 -16.11 -32.71
CA THR E 198 8.53 -16.51 -33.28
C THR E 198 8.75 -17.06 -34.69
N LEU E 199 8.28 -18.28 -34.91
CA LEU E 199 8.03 -18.80 -36.28
C LEU E 199 6.57 -18.54 -36.65
N THR E 200 6.35 -17.78 -37.73
CA THR E 200 5.01 -17.62 -38.36
C THR E 200 5.08 -18.28 -39.74
N GLY E 201 4.63 -19.53 -39.85
CA GLY E 201 4.62 -20.32 -41.10
C GLY E 201 3.38 -19.97 -41.89
N GLY E 202 3.13 -20.68 -42.99
CA GLY E 202 2.08 -20.27 -43.95
C GLY E 202 2.75 -19.67 -45.17
N GLU E 203 2.14 -19.84 -46.35
CA GLU E 203 2.75 -19.47 -47.66
C GLU E 203 2.42 -18.02 -48.01
N ASN E 204 1.27 -17.52 -47.51
CA ASN E 204 0.73 -16.16 -47.80
C ASN E 204 0.79 -15.27 -46.54
N VAL E 205 1.35 -15.76 -45.45
CA VAL E 205 1.41 -15.03 -44.15
C VAL E 205 2.07 -13.68 -44.40
N PRO E 206 1.45 -12.57 -43.95
CA PRO E 206 2.03 -11.26 -44.17
C PRO E 206 2.99 -10.85 -43.05
N PRO E 207 4.13 -10.21 -43.40
CA PRO E 207 5.03 -9.62 -42.40
C PRO E 207 4.32 -8.58 -41.53
N VAL E 208 4.70 -8.52 -40.25
CA VAL E 208 4.26 -7.51 -39.25
C VAL E 208 5.49 -7.09 -38.46
N LEU E 209 6.03 -5.91 -38.76
CA LEU E 209 7.30 -5.41 -38.17
C LEU E 209 7.02 -4.11 -37.43
N HIS E 210 7.15 -4.12 -36.10
CA HIS E 210 7.00 -2.94 -35.22
C HIS E 210 8.39 -2.34 -35.01
N ILE E 211 8.50 -1.01 -35.06
CA ILE E 211 9.72 -0.25 -34.67
C ILE E 211 9.31 0.76 -33.61
N THR E 212 10.20 1.06 -32.66
CA THR E 212 10.02 2.10 -31.62
C THR E 212 11.34 2.22 -30.85
N ASN E 213 11.65 3.42 -30.34
CA ASN E 213 12.86 3.58 -29.51
C ASN E 213 12.42 3.70 -28.04
N THR E 214 11.21 3.26 -27.71
CA THR E 214 10.60 3.46 -26.37
C THR E 214 10.46 2.15 -25.59
N ALA E 215 10.79 1.00 -26.18
CA ALA E 215 10.50 -0.33 -25.59
C ALA E 215 11.80 -0.94 -25.10
N THR E 216 11.79 -1.47 -23.88
CA THR E 216 12.97 -2.07 -23.21
C THR E 216 12.60 -3.46 -22.69
N THR E 217 13.34 -4.49 -23.08
CA THR E 217 13.23 -5.84 -22.45
C THR E 217 14.13 -5.87 -21.21
N VAL E 218 13.64 -6.46 -20.13
CA VAL E 218 14.45 -6.76 -18.91
C VAL E 218 15.04 -8.17 -19.08
N LEU E 219 16.34 -8.31 -18.85
CA LEU E 219 17.09 -9.59 -18.99
C LEU E 219 17.29 -10.30 -17.65
N LEU E 220 16.80 -9.75 -16.54
CA LEU E 220 16.94 -10.38 -15.19
C LEU E 220 15.98 -11.57 -15.08
N ASP E 221 16.49 -12.67 -14.54
CA ASP E 221 15.68 -13.87 -14.19
C ASP E 221 14.84 -13.55 -12.95
N GLU E 222 14.03 -14.51 -12.50
CA GLU E 222 13.16 -14.38 -11.29
C GLU E 222 13.97 -14.02 -10.04
N PHE E 223 15.30 -14.12 -10.03
CA PHE E 223 16.20 -13.81 -8.88
C PHE E 223 16.99 -12.49 -9.05
N GLY E 224 16.65 -11.67 -10.04
CA GLY E 224 17.29 -10.35 -10.28
C GLY E 224 18.70 -10.43 -10.86
N VAL E 225 19.07 -11.61 -11.38
CA VAL E 225 20.39 -11.87 -12.02
C VAL E 225 20.21 -12.00 -13.53
N GLY E 226 20.98 -11.22 -14.30
CA GLY E 226 21.03 -11.32 -15.76
C GLY E 226 22.17 -12.21 -16.22
N PRO E 227 22.31 -12.40 -17.55
CA PRO E 227 23.45 -13.13 -18.09
C PRO E 227 24.78 -12.50 -17.66
N LEU E 228 25.71 -13.34 -17.19
CA LEU E 228 27.06 -12.96 -16.73
C LEU E 228 28.05 -13.39 -17.80
N CYS E 229 28.90 -12.46 -18.26
CA CYS E 229 29.69 -12.58 -19.50
C CYS E 229 31.05 -13.21 -19.20
N LYS E 230 31.16 -14.51 -19.46
CA LYS E 230 32.43 -15.27 -19.30
C LYS E 230 33.50 -14.63 -20.19
N GLY E 231 34.74 -14.57 -19.71
CA GLY E 231 35.90 -13.96 -20.41
C GLY E 231 35.60 -12.56 -20.93
N ASP E 232 34.66 -11.84 -20.30
CA ASP E 232 34.27 -10.46 -20.68
C ASP E 232 33.79 -10.41 -22.14
N ASN E 233 32.81 -11.26 -22.50
CA ASN E 233 32.25 -11.36 -23.89
C ASN E 233 30.71 -11.39 -23.86
N LEU E 234 30.09 -10.54 -24.68
CA LEU E 234 28.63 -10.54 -24.90
C LEU E 234 28.29 -11.31 -26.17
N TYR E 235 27.41 -12.29 -26.10
CA TYR E 235 26.96 -13.11 -27.25
C TYR E 235 25.58 -12.58 -27.69
N LEU E 236 25.51 -12.09 -28.93
CA LEU E 236 24.26 -11.64 -29.57
C LEU E 236 24.00 -12.56 -30.77
N SER E 237 22.88 -13.25 -30.71
CA SER E 237 22.41 -14.18 -31.75
C SER E 237 21.09 -13.64 -32.32
N ALA E 238 20.86 -13.84 -33.62
CA ALA E 238 19.64 -13.37 -34.33
C ALA E 238 19.34 -14.13 -35.63
N VAL E 239 18.05 -14.20 -35.94
CA VAL E 239 17.51 -14.64 -37.26
C VAL E 239 16.30 -13.74 -37.55
N ASP E 240 16.29 -13.14 -38.73
CA ASP E 240 15.18 -12.26 -39.20
C ASP E 240 14.93 -12.58 -40.66
N VAL E 241 14.54 -13.82 -40.94
CA VAL E 241 13.92 -14.22 -42.24
C VAL E 241 12.53 -13.58 -42.28
N CYS E 242 12.33 -12.56 -43.11
CA CYS E 242 11.10 -11.73 -43.15
C CYS E 242 10.01 -12.43 -43.96
N GLY E 243 10.40 -13.36 -44.83
CA GLY E 243 9.53 -14.09 -45.79
C GLY E 243 10.27 -14.36 -47.09
N MET E 244 9.54 -14.56 -48.17
CA MET E 244 10.18 -14.83 -49.48
C MET E 244 9.80 -13.77 -50.51
N PHE E 245 10.77 -13.44 -51.35
CA PHE E 245 10.65 -12.49 -52.48
C PHE E 245 10.46 -13.33 -53.75
N THR E 246 9.39 -13.06 -54.49
CA THR E 246 9.05 -13.77 -55.75
C THR E 246 9.42 -12.90 -56.97
N ASN E 247 10.43 -13.30 -57.74
CA ASN E 247 10.81 -12.60 -58.99
C ASN E 247 9.74 -12.87 -60.07
N ARG E 248 9.92 -12.30 -61.27
CA ARG E 248 8.91 -12.37 -62.36
C ARG E 248 8.81 -13.80 -62.93
N SER E 249 9.86 -14.60 -62.79
CA SER E 249 9.87 -16.04 -63.18
C SER E 249 9.00 -16.83 -62.19
N GLY E 250 8.74 -16.29 -61.01
CA GLY E 250 7.90 -16.95 -59.98
C GLY E 250 8.72 -17.79 -59.02
N SER E 251 10.02 -17.99 -59.26
CA SER E 251 10.92 -18.64 -58.27
C SER E 251 11.02 -17.69 -57.09
N GLN E 252 11.41 -18.23 -55.93
CA GLN E 252 11.28 -17.58 -54.60
C GLN E 252 12.62 -17.61 -53.86
N GLN E 253 13.00 -16.49 -53.26
CA GLN E 253 14.23 -16.35 -52.43
C GLN E 253 13.85 -15.91 -51.01
N TRP E 254 14.48 -16.49 -50.00
CA TRP E 254 14.36 -15.94 -48.62
C TRP E 254 14.88 -14.50 -48.63
N ARG E 255 14.18 -13.54 -48.01
CA ARG E 255 14.68 -12.15 -47.82
C ARG E 255 14.89 -11.87 -46.33
N GLY E 256 16.11 -11.53 -45.92
CA GLY E 256 16.42 -11.26 -44.50
C GLY E 256 16.77 -9.81 -44.23
N LEU E 257 16.62 -9.38 -42.99
CA LEU E 257 17.00 -8.02 -42.56
C LEU E 257 17.91 -8.09 -41.34
N SER E 258 18.73 -7.05 -41.19
CA SER E 258 19.63 -6.86 -40.02
C SER E 258 18.81 -6.59 -38.77
N ARG E 259 19.40 -6.83 -37.59
CA ARG E 259 18.78 -6.56 -36.27
C ARG E 259 19.67 -5.63 -35.45
N TYR E 260 19.06 -4.60 -34.86
CA TYR E 260 19.71 -3.67 -33.91
C TYR E 260 19.62 -4.26 -32.51
N PHE E 261 20.75 -4.29 -31.80
CA PHE E 261 20.83 -4.52 -30.32
C PHE E 261 21.42 -3.30 -29.62
N LYS E 262 20.92 -3.05 -28.41
CA LYS E 262 21.53 -2.13 -27.42
C LYS E 262 21.30 -2.78 -26.07
N VAL E 263 22.39 -3.15 -25.42
CA VAL E 263 22.39 -3.87 -24.12
C VAL E 263 23.07 -2.96 -23.10
N GLN E 264 22.38 -2.72 -21.99
CA GLN E 264 22.94 -2.08 -20.77
C GLN E 264 23.53 -3.18 -19.89
N LEU E 265 24.82 -3.07 -19.54
CA LEU E 265 25.49 -4.02 -18.62
C LEU E 265 26.02 -3.26 -17.40
N ARG E 266 26.01 -3.92 -16.24
CA ARG E 266 26.50 -3.39 -14.93
C ARG E 266 27.49 -4.41 -14.36
N LYS E 267 28.50 -3.95 -13.59
CA LYS E 267 29.54 -4.82 -12.96
C LYS E 267 28.90 -5.58 -11.80
N ARG E 268 29.08 -6.90 -11.78
CA ARG E 268 28.55 -7.79 -10.71
C ARG E 268 29.75 -8.51 -10.10
N ARG E 269 29.78 -8.66 -8.78
CA ARG E 269 30.88 -9.43 -8.14
C ARG E 269 30.41 -10.87 -8.02
N VAL E 270 31.32 -11.79 -8.32
CA VAL E 270 31.04 -13.25 -8.40
C VAL E 270 32.18 -13.98 -7.70
N LYS E 271 31.92 -15.21 -7.22
CA LYS E 271 32.97 -16.12 -6.66
C LYS E 271 33.04 -17.43 -7.47
N ASN E 272 34.27 -17.84 -7.83
CA ASN E 272 34.67 -19.13 -8.46
C ASN E 272 34.16 -19.21 -9.90
N VAL F 7 1.62 36.56 -2.51
CA VAL F 7 2.78 36.13 -3.37
C VAL F 7 2.53 34.69 -3.87
N GLU F 8 2.60 34.43 -5.19
CA GLU F 8 2.41 33.08 -5.79
C GLU F 8 3.72 32.30 -5.61
N VAL F 9 3.63 31.14 -4.95
CA VAL F 9 4.76 30.22 -4.67
C VAL F 9 4.74 29.17 -5.78
N LEU F 10 5.82 29.11 -6.53
CA LEU F 10 5.97 28.21 -7.70
C LEU F 10 7.13 27.24 -7.43
N GLU F 11 7.84 26.80 -8.47
CA GLU F 11 8.65 25.56 -8.39
C GLU F 11 9.89 25.82 -7.53
N VAL F 12 10.45 24.74 -6.99
CA VAL F 12 11.76 24.71 -6.28
C VAL F 12 12.83 24.62 -7.36
N LYS F 13 13.87 25.46 -7.32
CA LYS F 13 15.09 25.24 -8.16
C LYS F 13 15.80 23.97 -7.68
N THR F 14 16.44 23.26 -8.62
CA THR F 14 17.35 22.11 -8.38
C THR F 14 18.67 22.46 -9.06
N GLY F 15 19.69 21.58 -8.93
CA GLY F 15 21.12 21.90 -9.16
C GLY F 15 21.86 21.95 -7.84
N VAL F 16 23.17 21.69 -7.85
CA VAL F 16 24.05 21.52 -6.63
C VAL F 16 24.07 22.81 -5.79
N ASP F 17 23.74 23.95 -6.41
CA ASP F 17 23.85 25.32 -5.85
C ASP F 17 22.46 25.85 -5.49
N SER F 18 21.40 25.05 -5.59
CA SER F 18 20.00 25.37 -5.21
C SER F 18 19.78 25.24 -3.69
N ILE F 19 20.78 24.71 -2.99
CA ILE F 19 20.70 24.20 -1.58
C ILE F 19 21.73 24.99 -0.78
N THR F 20 21.40 25.36 0.46
CA THR F 20 22.37 25.96 1.42
C THR F 20 21.94 25.59 2.83
N GLU F 21 22.84 25.83 3.77
CA GLU F 21 22.71 25.32 5.15
C GLU F 21 23.24 26.40 6.10
N VAL F 22 22.49 26.66 7.16
CA VAL F 22 22.86 27.63 8.22
C VAL F 22 23.02 26.83 9.50
N GLU F 23 24.15 27.02 10.19
CA GLU F 23 24.52 26.31 11.45
C GLU F 23 24.99 27.35 12.44
N CYS F 24 24.24 27.60 13.52
CA CYS F 24 24.65 28.66 14.49
C CYS F 24 24.19 28.33 15.93
N PHE F 25 24.81 29.02 16.88
CA PHE F 25 24.54 29.00 18.35
C PHE F 25 23.87 30.33 18.70
N LEU F 26 22.81 30.26 19.49
CA LEU F 26 22.10 31.46 19.99
C LEU F 26 22.29 31.47 21.51
N THR F 27 23.06 32.42 22.02
CA THR F 27 23.37 32.52 23.47
C THR F 27 22.13 33.03 24.21
N PRO F 28 21.98 32.64 25.50
CA PRO F 28 20.86 33.12 26.32
C PRO F 28 21.20 34.49 26.91
N GLU F 29 20.14 35.24 27.26
CA GLU F 29 20.19 36.61 27.82
C GLU F 29 19.34 36.57 29.09
N MET F 30 20.00 36.15 30.17
CA MET F 30 19.33 35.84 31.46
C MET F 30 19.38 37.03 32.41
N GLY F 31 20.34 37.96 32.22
CA GLY F 31 20.50 39.18 33.05
C GLY F 31 21.95 39.60 33.21
N ASP F 32 22.86 38.63 33.29
CA ASP F 32 24.33 38.86 33.34
C ASP F 32 24.68 39.85 34.46
N PRO F 33 24.32 39.58 35.74
CA PRO F 33 24.39 40.60 36.79
C PRO F 33 25.77 41.19 37.07
N ASP F 34 26.85 40.49 36.74
CA ASP F 34 28.25 41.03 36.87
C ASP F 34 29.14 40.33 35.85
N GLU F 35 30.40 40.73 35.75
CA GLU F 35 31.31 40.30 34.65
C GLU F 35 31.67 38.81 34.77
N HIS F 36 31.24 38.10 35.81
CA HIS F 36 31.52 36.65 36.01
C HIS F 36 30.28 35.78 35.78
N LEU F 37 29.07 36.35 35.69
CA LEU F 37 27.81 35.55 35.73
C LEU F 37 27.02 35.59 34.41
N ARG F 38 27.69 35.71 33.28
CA ARG F 38 27.03 35.47 31.97
C ARG F 38 26.29 34.13 32.03
N GLY F 39 25.01 34.07 31.64
CA GLY F 39 24.18 32.86 31.69
C GLY F 39 23.29 32.82 32.92
N PHE F 40 23.54 33.69 33.90
CA PHE F 40 22.75 33.79 35.14
C PHE F 40 22.01 35.13 35.15
N SER F 41 20.90 35.18 35.88
CA SER F 41 20.19 36.43 36.23
C SER F 41 20.67 36.92 37.60
N LYS F 42 20.47 38.20 37.88
CA LYS F 42 20.48 38.74 39.26
C LYS F 42 19.52 37.89 40.13
N SER F 43 19.80 37.76 41.42
CA SER F 43 18.93 37.01 42.37
C SER F 43 17.56 37.70 42.42
N ILE F 44 16.47 36.92 42.47
CA ILE F 44 15.06 37.40 42.44
C ILE F 44 14.71 38.15 43.73
N SER F 45 14.39 39.43 43.62
CA SER F 45 13.77 40.24 44.70
C SER F 45 12.27 40.31 44.41
N ILE F 46 11.47 40.12 45.45
CA ILE F 46 9.98 40.15 45.35
C ILE F 46 9.50 41.52 45.85
N SER F 47 8.68 42.21 45.06
CA SER F 47 7.93 43.43 45.47
C SER F 47 6.93 43.05 46.56
N ASP F 48 6.63 43.99 47.45
CA ASP F 48 5.64 43.81 48.55
C ASP F 48 4.23 43.86 47.96
N THR F 49 4.03 44.64 46.90
CA THR F 49 2.70 44.88 46.25
C THR F 49 2.81 44.77 44.73
N PHE F 50 1.68 44.56 44.06
CA PHE F 50 1.62 44.59 42.58
C PHE F 50 2.02 46.00 42.12
N GLU F 51 1.67 47.08 42.83
CA GLU F 51 1.94 48.46 42.35
C GLU F 51 3.46 48.75 42.42
N SER F 52 4.14 48.24 43.44
CA SER F 52 5.58 48.47 43.71
C SER F 52 6.47 47.57 42.85
N ASP F 53 5.93 46.63 42.06
CA ASP F 53 6.73 45.62 41.32
C ASP F 53 7.55 46.35 40.25
N SER F 54 8.89 46.26 40.34
CA SER F 54 9.83 47.11 39.57
C SER F 54 11.12 46.35 39.24
N PRO F 55 11.01 45.26 38.47
CA PRO F 55 12.17 44.38 38.23
C PRO F 55 13.30 45.08 37.46
N ASN F 56 14.51 45.07 38.04
CA ASN F 56 15.71 45.61 37.35
C ASN F 56 16.02 44.75 36.14
N ARG F 57 16.68 45.36 35.14
CA ARG F 57 16.99 44.75 33.83
C ARG F 57 17.85 43.49 34.04
N ASP F 58 18.77 43.48 35.01
CA ASP F 58 19.74 42.36 35.23
C ASP F 58 19.03 41.16 35.87
N MET F 59 17.77 41.33 36.29
CA MET F 59 16.95 40.28 36.95
C MET F 59 15.96 39.67 35.97
N LEU F 60 15.79 40.23 34.76
CA LEU F 60 14.80 39.81 33.72
C LEU F 60 15.47 39.08 32.56
N PRO F 61 15.21 37.77 32.35
CA PRO F 61 15.52 37.09 31.08
C PRO F 61 14.84 37.68 29.84
N CYS F 62 15.55 37.81 28.71
CA CYS F 62 14.98 38.32 27.43
C CYS F 62 15.07 37.26 26.34
N TYR F 63 14.19 37.34 25.33
CA TYR F 63 14.30 36.56 24.08
C TYR F 63 15.66 36.84 23.44
N SER F 64 16.17 35.79 22.80
CA SER F 64 17.41 35.77 22.01
C SER F 64 16.96 35.76 20.55
N VAL F 65 17.68 36.43 19.68
CA VAL F 65 17.35 36.42 18.23
C VAL F 65 18.64 36.69 17.44
N ALA F 66 18.81 35.98 16.33
CA ALA F 66 19.85 36.17 15.31
C ALA F 66 19.17 36.43 13.96
N ARG F 67 19.72 37.40 13.22
CA ARG F 67 19.38 37.68 11.81
C ARG F 67 20.53 37.13 10.98
N ILE F 68 20.36 35.97 10.35
CA ILE F 68 21.42 35.33 9.51
C ILE F 68 21.27 35.78 8.07
N PRO F 69 22.23 36.51 7.47
CA PRO F 69 22.17 36.89 6.06
C PRO F 69 22.51 35.65 5.24
N LEU F 70 21.70 35.39 4.20
CA LEU F 70 21.81 34.21 3.30
C LEU F 70 22.51 34.65 2.02
N PRO F 71 23.08 33.71 1.24
CA PRO F 71 23.61 34.04 -0.09
C PRO F 71 22.60 34.85 -0.92
N ASN F 72 23.06 35.95 -1.55
CA ASN F 72 22.19 36.90 -2.30
C ASN F 72 21.66 36.19 -3.56
N LEU F 73 20.41 36.46 -3.93
CA LEU F 73 19.66 35.70 -4.97
C LEU F 73 19.36 36.53 -6.23
N ASN F 74 18.97 37.81 -6.12
CA ASN F 74 18.39 38.58 -7.26
C ASN F 74 19.08 39.94 -7.40
N ILE F 82 12.38 37.34 -7.39
CA ILE F 82 11.59 36.17 -7.87
C ILE F 82 12.08 34.89 -7.18
N LEU F 83 13.36 34.75 -6.81
CA LEU F 83 13.86 33.58 -6.00
C LEU F 83 14.04 33.97 -4.53
N MET F 84 13.60 33.11 -3.61
CA MET F 84 13.77 33.27 -2.14
C MET F 84 14.23 31.95 -1.53
N TRP F 85 15.16 32.01 -0.57
CA TRP F 85 15.50 30.88 0.33
C TRP F 85 14.26 30.45 1.11
N GLU F 86 13.97 29.15 1.05
CA GLU F 86 12.85 28.53 1.80
C GLU F 86 13.46 27.56 2.82
N ALA F 87 13.19 27.78 4.10
CA ALA F 87 13.73 26.95 5.21
C ALA F 87 12.93 25.64 5.26
N VAL F 88 13.61 24.50 5.17
CA VAL F 88 12.91 23.20 4.98
C VAL F 88 13.05 22.33 6.25
N THR F 89 14.27 22.20 6.77
CA THR F 89 14.54 21.34 7.94
C THR F 89 15.32 22.11 9.01
N LEU F 90 15.01 21.75 10.24
CA LEU F 90 15.71 22.20 11.46
C LEU F 90 16.23 20.98 12.23
N LYS F 91 17.49 21.05 12.66
CA LYS F 91 18.01 20.35 13.86
C LYS F 91 18.31 21.43 14.93
N THR F 92 17.87 21.20 16.16
CA THR F 92 18.11 22.12 17.31
C THR F 92 18.41 21.28 18.54
N GLU F 93 19.26 21.77 19.43
CA GLU F 93 19.39 21.17 20.79
C GLU F 93 20.00 22.23 21.72
N VAL F 94 19.85 21.97 23.03
CA VAL F 94 20.39 22.83 24.12
C VAL F 94 21.85 22.44 24.29
N ILE F 95 22.77 23.41 24.29
CA ILE F 95 24.23 23.14 24.40
C ILE F 95 24.73 23.35 25.84
N GLY F 96 25.17 22.26 26.47
CA GLY F 96 25.82 22.25 27.79
C GLY F 96 24.89 21.73 28.87
N VAL F 97 24.04 20.76 28.53
CA VAL F 97 23.07 20.18 29.48
C VAL F 97 23.86 19.64 30.68
N THR F 98 25.07 19.12 30.46
CA THR F 98 25.83 18.42 31.52
C THR F 98 26.42 19.42 32.54
N SER F 99 26.50 20.71 32.22
CA SER F 99 26.94 21.74 33.19
C SER F 99 25.99 21.75 34.41
N LEU F 100 24.76 21.26 34.26
CA LEU F 100 23.77 21.24 35.36
C LEU F 100 24.14 20.19 36.42
N MET F 101 25.28 19.52 36.24
CA MET F 101 25.82 18.49 37.17
C MET F 101 26.94 19.06 38.03
N ASN F 102 27.24 20.35 37.90
CA ASN F 102 28.14 21.08 38.84
C ASN F 102 27.29 21.50 40.02
N VAL F 103 27.32 20.61 41.01
CA VAL F 103 26.40 20.60 42.17
C VAL F 103 27.32 20.76 43.39
N HIS F 104 28.44 21.46 43.17
CA HIS F 104 29.57 21.61 44.11
C HIS F 104 30.19 23.01 44.06
N SER F 105 29.49 24.04 43.56
CA SER F 105 29.98 25.43 43.46
C SER F 105 28.93 26.40 44.02
N ASN F 106 29.13 26.82 45.26
CA ASN F 106 28.28 27.76 46.05
C ASN F 106 26.80 27.39 45.91
N GLY F 107 26.45 26.14 46.21
CA GLY F 107 25.08 25.62 46.12
C GLY F 107 24.55 25.28 47.49
N GLN F 108 23.30 25.62 47.78
CA GLN F 108 22.62 25.24 49.05
C GLN F 108 22.49 23.72 49.07
N ALA F 109 23.05 23.07 50.08
CA ALA F 109 22.94 21.60 50.24
C ALA F 109 21.46 21.23 50.35
N THR F 110 21.14 20.05 49.81
CA THR F 110 19.81 19.42 49.91
C THR F 110 19.46 19.23 51.39
N HIS F 111 20.46 18.91 52.22
CA HIS F 111 20.34 18.55 53.66
C HIS F 111 21.75 18.46 54.28
N ASP F 112 21.83 18.19 55.59
CA ASP F 112 23.09 18.16 56.39
C ASP F 112 24.10 17.22 55.70
N ASN F 113 25.23 17.76 55.23
CA ASN F 113 26.37 17.10 54.53
C ASN F 113 26.05 16.75 53.06
N GLY F 114 24.88 17.12 52.53
CA GLY F 114 24.45 16.75 51.17
C GLY F 114 25.13 17.60 50.09
N ALA F 115 24.95 17.18 48.84
CA ALA F 115 25.48 17.88 47.66
C ALA F 115 24.63 19.12 47.38
N GLY F 116 25.08 19.96 46.43
CA GLY F 116 24.33 21.15 46.01
C GLY F 116 22.96 20.79 45.46
N LYS F 117 21.98 21.68 45.61
CA LYS F 117 20.72 21.59 44.84
C LYS F 117 21.08 21.86 43.39
N PRO F 118 20.58 21.07 42.41
CA PRO F 118 20.77 21.42 41.00
C PRO F 118 19.74 22.46 40.57
N VAL F 119 20.07 23.15 39.47
CA VAL F 119 19.08 24.01 38.76
C VAL F 119 17.78 23.19 38.64
N GLN F 120 16.70 23.74 39.18
CA GLN F 120 15.36 23.13 39.04
C GLN F 120 14.34 24.27 39.15
N GLY F 121 13.12 24.02 38.69
CA GLY F 121 11.99 24.96 38.79
C GLY F 121 11.48 25.40 37.43
N THR F 122 10.80 26.54 37.40
CA THR F 122 10.11 27.09 36.21
C THR F 122 11.15 27.12 35.08
N SER F 123 10.81 26.50 33.94
CA SER F 123 11.63 26.50 32.71
C SER F 123 10.77 26.96 31.55
N PHE F 124 11.41 27.56 30.56
CA PHE F 124 10.76 27.91 29.28
C PHE F 124 11.77 27.62 28.19
N HIS F 125 11.47 26.62 27.35
CA HIS F 125 12.30 26.17 26.21
C HIS F 125 11.50 26.39 24.93
N PHE F 126 12.06 27.22 24.07
CA PHE F 126 11.35 27.85 22.93
C PHE F 126 12.38 28.09 21.84
N PHE F 127 11.95 27.81 20.61
CA PHE F 127 12.74 28.10 19.40
C PHE F 127 11.77 28.37 18.26
N SER F 128 12.21 29.19 17.31
CA SER F 128 11.45 29.52 16.09
C SER F 128 12.44 29.74 14.95
N VAL F 129 12.02 29.37 13.74
CA VAL F 129 12.66 29.68 12.44
C VAL F 129 11.62 30.44 11.62
N GLY F 130 12.06 31.46 10.87
CA GLY F 130 11.18 32.31 10.07
C GLY F 130 11.94 33.14 9.04
N GLY F 131 11.22 33.65 8.04
CA GLY F 131 11.79 34.46 6.95
C GLY F 131 11.61 35.95 7.21
N GLU F 132 11.15 36.28 8.42
CA GLU F 132 10.99 37.66 8.96
C GLU F 132 10.97 37.53 10.48
N ALA F 133 11.01 38.66 11.19
CA ALA F 133 11.08 38.70 12.67
C ALA F 133 9.87 38.00 13.28
N LEU F 134 10.12 37.22 14.33
CA LEU F 134 9.07 36.61 15.17
C LEU F 134 8.09 37.71 15.54
N GLU F 135 6.80 37.46 15.38
CA GLU F 135 5.75 38.45 15.77
C GLU F 135 5.34 38.06 17.20
N LEU F 136 5.28 39.08 18.08
CA LEU F 136 5.04 38.93 19.54
C LEU F 136 3.70 39.56 19.93
N GLN F 137 3.01 38.95 20.89
CA GLN F 137 1.80 39.49 21.59
C GLN F 137 2.17 39.71 23.05
N GLY F 138 1.87 40.88 23.62
CA GLY F 138 2.16 41.19 25.02
C GLY F 138 1.05 40.67 25.91
N VAL F 139 1.37 39.87 26.93
CA VAL F 139 0.44 39.49 28.04
C VAL F 139 1.20 39.68 29.36
N LEU F 140 0.61 40.41 30.31
CA LEU F 140 1.31 40.81 31.56
C LEU F 140 0.73 40.02 32.73
N PHE F 141 1.59 39.62 33.67
CA PHE F 141 1.14 38.92 34.90
C PHE F 141 0.38 39.93 35.77
N ASN F 142 0.95 41.12 35.85
CA ASN F 142 0.43 42.29 36.61
C ASN F 142 0.68 43.56 35.79
N TYR F 143 -0.38 44.27 35.39
CA TYR F 143 -0.31 45.40 34.42
C TYR F 143 0.38 46.63 35.01
N ARG F 144 0.45 46.72 36.34
CA ARG F 144 1.09 47.86 37.03
C ARG F 144 2.59 47.65 37.16
N THR F 145 3.11 46.51 36.70
CA THR F 145 4.57 46.26 36.80
C THR F 145 5.29 47.36 36.02
N LYS F 146 6.23 48.08 36.63
CA LYS F 146 7.12 49.01 35.89
C LYS F 146 8.36 48.25 35.41
N TYR F 147 8.53 48.11 34.09
CA TYR F 147 9.69 47.40 33.46
C TYR F 147 10.81 48.40 33.19
N PRO F 148 12.08 47.93 33.16
CA PRO F 148 13.23 48.84 33.20
C PRO F 148 13.75 49.46 31.90
N ASP F 149 14.46 50.59 32.01
CA ASP F 149 15.18 51.16 30.84
C ASP F 149 16.04 50.06 30.20
N GLY F 150 16.10 50.09 28.87
CA GLY F 150 16.89 49.17 28.03
C GLY F 150 16.04 48.04 27.51
N THR F 151 14.90 47.78 28.16
CA THR F 151 13.99 46.69 27.71
C THR F 151 12.84 47.30 26.91
N ILE F 152 12.25 46.49 26.05
CA ILE F 152 11.06 46.88 25.24
C ILE F 152 9.90 46.00 25.71
N PHE F 153 8.80 46.60 26.14
CA PHE F 153 7.68 45.95 26.86
C PHE F 153 6.35 46.62 26.52
N PRO F 154 5.20 46.00 26.80
CA PRO F 154 3.90 46.58 26.44
C PRO F 154 3.70 47.98 27.04
N LYS F 155 3.32 48.95 26.22
CA LYS F 155 3.10 50.39 26.57
C LYS F 155 1.60 50.65 26.70
N ASN F 156 1.20 51.65 27.48
CA ASN F 156 -0.25 51.88 27.79
C ASN F 156 -0.91 50.60 28.32
N ALA F 157 -0.19 49.76 29.06
CA ALA F 157 -0.75 48.62 29.79
C ALA F 157 -2.02 49.04 30.52
N THR F 158 -3.05 48.20 30.50
CA THR F 158 -4.29 48.35 31.30
C THR F 158 -4.57 47.01 31.95
N VAL F 159 -5.55 46.96 32.85
CA VAL F 159 -5.90 45.69 33.54
C VAL F 159 -6.20 44.62 32.49
N GLN F 160 -6.80 45.01 31.36
CA GLN F 160 -7.14 44.01 30.32
C GLN F 160 -5.84 43.37 29.82
N SER F 161 -4.69 44.06 29.87
CA SER F 161 -3.36 43.53 29.45
C SER F 161 -3.03 42.24 30.20
N GLN F 162 -3.62 42.02 31.38
CA GLN F 162 -3.39 40.82 32.21
C GLN F 162 -4.01 39.58 31.56
N VAL F 163 -4.88 39.73 30.55
CA VAL F 163 -5.52 38.57 29.85
C VAL F 163 -5.44 38.74 28.34
N MET F 164 -5.73 39.91 27.79
CA MET F 164 -5.58 40.14 26.32
C MET F 164 -5.86 41.60 25.93
N ASN F 165 -4.84 42.31 25.43
CA ASN F 165 -4.91 43.71 24.97
C ASN F 165 -4.17 43.78 23.63
N THR F 166 -4.93 43.86 22.55
CA THR F 166 -4.44 43.64 21.16
C THR F 166 -3.59 44.84 20.71
N GLU F 167 -3.43 45.88 21.53
CA GLU F 167 -2.47 46.98 21.26
C GLU F 167 -1.05 46.42 21.33
N HIS F 168 -0.82 45.42 22.18
CA HIS F 168 0.53 44.93 22.53
C HIS F 168 1.03 44.03 21.42
N LYS F 169 1.39 44.63 20.29
CA LYS F 169 2.05 43.91 19.19
C LYS F 169 3.49 44.41 19.15
N ALA F 170 4.40 43.57 18.70
CA ALA F 170 5.83 43.91 18.56
C ALA F 170 6.52 42.86 17.71
N TYR F 171 7.73 43.19 17.24
CA TYR F 171 8.60 42.27 16.49
C TYR F 171 9.85 41.98 17.32
N LEU F 172 10.23 40.71 17.40
CA LEU F 172 11.55 40.32 17.98
C LEU F 172 12.67 40.77 17.05
N ASP F 173 13.02 42.06 17.11
CA ASP F 173 13.93 42.75 16.17
C ASP F 173 15.19 43.27 16.88
N LYS F 174 15.47 42.78 18.09
CA LYS F 174 16.59 43.27 18.92
C LYS F 174 16.93 42.23 19.98
N ASN F 175 18.22 41.95 20.16
CA ASN F 175 18.71 41.01 21.20
C ASN F 175 18.68 41.74 22.55
N LYS F 176 18.66 40.97 23.65
CA LYS F 176 18.81 41.43 25.06
C LYS F 176 17.70 42.41 25.46
N ALA F 177 16.55 42.46 24.78
CA ALA F 177 15.67 43.64 24.92
C ALA F 177 14.23 43.28 25.27
N TYR F 178 13.67 42.24 24.66
CA TYR F 178 12.26 41.80 24.88
C TYR F 178 12.23 40.81 26.02
N PRO F 179 11.75 41.24 27.19
CA PRO F 179 11.59 40.34 28.32
C PRO F 179 10.61 39.19 28.04
N VAL F 180 11.12 37.98 28.24
CA VAL F 180 10.35 36.72 28.13
C VAL F 180 9.01 36.82 28.87
N GLU F 181 8.94 37.47 30.02
CA GLU F 181 7.70 37.36 30.85
C GLU F 181 6.58 38.22 30.24
N CYS F 182 6.87 39.20 29.39
CA CYS F 182 5.80 40.07 28.80
C CYS F 182 5.25 39.54 27.48
N TRP F 183 6.05 38.78 26.74
CA TRP F 183 5.86 38.50 25.31
C TRP F 183 5.74 36.99 25.05
N VAL F 184 4.80 36.64 24.19
CA VAL F 184 4.63 35.27 23.62
C VAL F 184 4.55 35.45 22.11
N PRO F 185 4.87 34.40 21.32
CA PRO F 185 4.63 34.45 19.87
C PRO F 185 3.14 34.75 19.62
N ASP F 186 2.85 35.60 18.63
CA ASP F 186 1.47 36.00 18.27
C ASP F 186 0.79 34.93 17.40
N PRO F 187 -0.22 34.20 17.93
CA PRO F 187 -0.89 33.17 17.15
C PRO F 187 -1.71 33.77 16.01
N THR F 188 -2.02 35.08 16.02
CA THR F 188 -2.79 35.73 14.93
C THR F 188 -1.88 36.15 13.77
N ARG F 189 -0.56 36.00 13.87
CA ARG F 189 0.38 36.40 12.79
C ARG F 189 1.33 35.23 12.58
N ASN F 190 2.58 35.51 12.21
CA ASN F 190 3.67 34.52 12.13
C ASN F 190 3.32 33.51 11.03
N GLU F 191 2.59 33.90 9.98
CA GLU F 191 2.37 33.02 8.81
C GLU F 191 3.73 32.60 8.24
N ASN F 192 4.75 33.47 8.22
CA ASN F 192 6.09 33.17 7.64
C ASN F 192 7.10 32.70 8.72
N THR F 193 6.64 32.11 9.84
CA THR F 193 7.51 31.59 10.93
C THR F 193 6.94 30.27 11.49
N ARG F 194 7.82 29.31 11.80
CA ARG F 194 7.41 28.12 12.58
C ARG F 194 8.00 28.29 13.97
N TYR F 195 7.15 28.22 15.00
CA TYR F 195 7.56 28.40 16.42
C TYR F 195 7.07 27.24 17.27
N PHE F 196 7.89 26.89 18.26
CA PHE F 196 7.67 25.79 19.22
C PHE F 196 8.18 26.24 20.60
N GLY F 197 7.36 26.04 21.64
CA GLY F 197 7.84 26.29 23.01
C GLY F 197 7.01 25.57 24.05
N THR F 198 7.65 25.28 25.17
CA THR F 198 7.02 24.62 26.33
C THR F 198 7.39 25.37 27.60
N LEU F 199 6.38 25.74 28.39
CA LEU F 199 6.59 26.26 29.75
C LEU F 199 6.31 25.12 30.72
N THR F 200 7.27 24.74 31.56
CA THR F 200 7.03 23.83 32.70
C THR F 200 7.13 24.65 33.97
N GLY F 201 6.00 24.93 34.64
CA GLY F 201 5.93 25.75 35.85
C GLY F 201 6.27 24.95 37.10
N GLY F 202 6.12 25.52 38.29
CA GLY F 202 6.41 24.80 39.54
C GLY F 202 7.82 25.08 40.04
N GLU F 203 7.94 25.21 41.35
CA GLU F 203 9.16 25.66 42.06
C GLU F 203 10.21 24.54 42.09
N ASN F 204 9.78 23.27 42.00
CA ASN F 204 10.66 22.08 42.20
C ASN F 204 10.80 21.26 40.92
N VAL F 205 10.08 21.61 39.86
CA VAL F 205 10.09 20.85 38.58
C VAL F 205 11.54 20.54 38.21
N PRO F 206 11.85 19.28 37.83
CA PRO F 206 13.20 18.91 37.42
C PRO F 206 13.39 19.16 35.93
N PRO F 207 14.51 19.74 35.48
CA PRO F 207 14.82 19.88 34.06
C PRO F 207 14.96 18.50 33.38
N VAL F 208 14.43 18.33 32.17
CA VAL F 208 14.54 17.08 31.36
C VAL F 208 15.08 17.47 29.98
N LEU F 209 16.37 17.27 29.73
CA LEU F 209 17.02 17.84 28.54
C LEU F 209 17.49 16.67 27.68
N HIS F 210 16.91 16.50 26.47
CA HIS F 210 17.26 15.42 25.51
C HIS F 210 18.31 15.96 24.52
N ILE F 211 19.33 15.16 24.22
CA ILE F 211 20.25 15.50 23.10
C ILE F 211 20.32 14.31 22.14
N THR F 212 20.53 14.61 20.86
CA THR F 212 20.73 13.61 19.77
C THR F 212 21.08 14.40 18.52
N ASN F 213 21.96 13.86 17.67
CA ASN F 213 22.20 14.46 16.34
C ASN F 213 21.36 13.71 15.28
N THR F 214 20.33 12.95 15.67
CA THR F 214 19.56 12.11 14.71
C THR F 214 18.14 12.62 14.53
N ALA F 215 17.71 13.71 15.15
CA ALA F 215 16.30 14.16 15.08
C ALA F 215 16.21 15.46 14.26
N THR F 216 15.36 15.44 13.24
CA THR F 216 15.04 16.57 12.34
C THR F 216 13.59 17.00 12.53
N THR F 217 13.31 18.30 12.47
CA THR F 217 11.92 18.81 12.37
C THR F 217 11.73 19.44 10.98
N VAL F 218 10.66 19.03 10.30
CA VAL F 218 10.27 19.56 8.97
C VAL F 218 9.53 20.88 9.19
N LEU F 219 9.89 21.92 8.43
CA LEU F 219 9.36 23.30 8.60
C LEU F 219 8.23 23.58 7.59
N LEU F 220 7.93 22.62 6.71
CA LEU F 220 6.94 22.87 5.66
C LEU F 220 5.57 22.93 6.32
N ASP F 221 4.68 23.73 5.73
CA ASP F 221 3.26 23.83 6.13
C ASP F 221 2.53 22.67 5.44
N GLU F 222 1.22 22.55 5.71
CA GLU F 222 0.31 21.50 5.17
C GLU F 222 0.29 21.56 3.63
N PHE F 223 0.61 22.71 3.03
CA PHE F 223 0.74 22.91 1.56
C PHE F 223 2.18 22.73 1.05
N GLY F 224 3.11 22.15 1.83
CA GLY F 224 4.51 21.92 1.42
C GLY F 224 5.37 23.16 1.23
N VAL F 225 5.14 24.24 2.01
CA VAL F 225 5.89 25.52 1.87
C VAL F 225 6.55 25.87 3.21
N GLY F 226 7.83 26.24 3.15
CA GLY F 226 8.61 26.63 4.33
C GLY F 226 8.58 28.13 4.56
N PRO F 227 9.16 28.62 5.67
CA PRO F 227 9.48 30.04 5.81
C PRO F 227 10.26 30.55 4.58
N LEU F 228 9.80 31.65 3.99
CA LEU F 228 10.45 32.30 2.81
C LEU F 228 11.16 33.55 3.31
N CYS F 229 12.45 33.64 3.00
CA CYS F 229 13.41 34.55 3.68
C CYS F 229 13.47 35.89 2.95
N LYS F 230 12.62 36.84 3.35
CA LYS F 230 12.56 38.22 2.81
C LYS F 230 13.93 38.91 2.96
N GLY F 231 14.38 39.57 1.89
CA GLY F 231 15.69 40.25 1.85
C GLY F 231 16.85 39.29 2.13
N ASP F 232 16.71 38.01 1.78
CA ASP F 232 17.77 36.98 1.97
C ASP F 232 18.20 36.88 3.44
N ASN F 233 17.24 36.97 4.37
CA ASN F 233 17.53 36.89 5.82
C ASN F 233 16.78 35.71 6.46
N LEU F 234 17.48 34.96 7.31
CA LEU F 234 16.89 33.95 8.22
C LEU F 234 16.78 34.53 9.63
N TYR F 235 15.63 34.33 10.26
CA TYR F 235 15.35 34.79 11.65
C TYR F 235 15.25 33.54 12.51
N LEU F 236 16.18 33.43 13.46
CA LEU F 236 16.26 32.36 14.49
C LEU F 236 16.01 33.01 15.85
N SER F 237 15.02 32.51 16.57
CA SER F 237 14.67 33.01 17.92
C SER F 237 14.72 31.85 18.92
N ALA F 238 14.98 32.15 20.20
CA ALA F 238 15.04 31.11 21.25
C ALA F 238 14.95 31.72 22.65
N VAL F 239 14.49 30.90 23.60
CA VAL F 239 14.64 31.12 25.07
C VAL F 239 14.94 29.74 25.66
N ASP F 240 16.01 29.60 26.45
CA ASP F 240 16.35 28.35 27.17
C ASP F 240 16.60 28.65 28.65
N VAL F 241 15.52 29.06 29.32
CA VAL F 241 15.54 29.24 30.80
C VAL F 241 15.36 27.84 31.39
N CYS F 242 16.45 27.29 31.95
CA CYS F 242 16.55 25.87 32.36
C CYS F 242 15.85 25.65 33.70
N GLY F 243 15.69 26.71 34.48
CA GLY F 243 15.17 26.69 35.86
C GLY F 243 16.01 27.63 36.70
N MET F 244 16.05 27.41 38.01
CA MET F 244 16.69 28.34 38.97
C MET F 244 17.81 27.66 39.77
N PHE F 245 18.96 28.31 39.81
CA PHE F 245 20.17 27.90 40.57
C PHE F 245 20.09 28.52 41.97
N THR F 246 20.27 27.72 43.02
CA THR F 246 20.11 28.19 44.43
C THR F 246 21.48 28.26 45.09
N ASN F 247 21.95 29.47 45.41
CA ASN F 247 23.29 29.65 46.05
C ASN F 247 23.10 29.30 47.54
N ARG F 248 24.17 29.27 48.33
CA ARG F 248 24.11 28.79 49.74
C ARG F 248 23.30 29.76 50.62
N SER F 249 23.11 31.01 50.22
CA SER F 249 22.24 31.98 50.96
C SER F 249 20.74 31.65 50.86
N GLY F 250 20.29 30.86 49.88
CA GLY F 250 18.86 30.58 49.62
C GLY F 250 18.28 31.37 48.45
N SER F 251 18.92 32.48 48.02
CA SER F 251 18.48 33.27 46.85
C SER F 251 18.73 32.45 45.58
N GLN F 252 18.02 32.82 44.52
CA GLN F 252 17.73 31.96 43.36
C GLN F 252 17.93 32.83 42.12
N GLN F 253 18.66 32.34 41.12
CA GLN F 253 18.89 33.05 39.83
C GLN F 253 18.43 32.14 38.69
N TRP F 254 17.87 32.71 37.64
CA TRP F 254 17.60 31.97 36.37
C TRP F 254 18.94 31.50 35.82
N ARG F 255 19.05 30.24 35.40
CA ARG F 255 20.20 29.74 34.59
C ARG F 255 19.68 29.43 33.18
N GLY F 256 20.33 30.01 32.18
CA GLY F 256 19.97 29.77 30.78
C GLY F 256 21.11 29.06 30.08
N LEU F 257 20.84 28.48 28.91
CA LEU F 257 21.89 27.81 28.11
C LEU F 257 21.71 28.19 26.64
N SER F 258 22.80 28.10 25.87
CA SER F 258 22.81 28.41 24.43
C SER F 258 21.97 27.35 23.70
N ARG F 259 21.48 27.65 22.50
CA ARG F 259 20.75 26.67 21.65
C ARG F 259 21.38 26.63 20.26
N TYR F 260 21.66 25.42 19.78
CA TYR F 260 22.19 25.12 18.42
C TYR F 260 21.04 25.06 17.41
N PHE F 261 21.24 25.73 16.28
CA PHE F 261 20.35 25.69 15.09
C PHE F 261 21.13 25.16 13.88
N LYS F 262 20.60 24.14 13.19
CA LYS F 262 21.04 23.80 11.80
C LYS F 262 19.79 23.80 10.92
N VAL F 263 19.75 24.68 9.92
CA VAL F 263 18.58 24.89 9.02
C VAL F 263 19.04 24.62 7.59
N GLN F 264 18.37 23.70 6.90
CA GLN F 264 18.57 23.39 5.46
C GLN F 264 17.59 24.25 4.65
N LEU F 265 18.11 24.95 3.64
CA LEU F 265 17.27 25.85 2.80
C LEU F 265 17.46 25.44 1.33
N ARG F 266 16.45 25.72 0.51
CA ARG F 266 16.42 25.47 -0.95
C ARG F 266 15.82 26.70 -1.61
N LYS F 267 16.18 27.00 -2.87
CA LYS F 267 15.65 28.18 -3.60
C LYS F 267 14.26 27.86 -4.16
N ARG F 268 13.29 28.74 -3.91
CA ARG F 268 11.89 28.63 -4.41
C ARG F 268 11.62 29.87 -5.28
N ARG F 269 11.05 29.69 -6.47
CA ARG F 269 10.53 30.82 -7.30
C ARG F 269 9.15 31.23 -6.78
N VAL F 270 8.85 32.50 -6.94
CA VAL F 270 7.72 33.17 -6.26
C VAL F 270 7.40 34.38 -7.13
N LYS F 271 6.16 34.87 -7.19
CA LYS F 271 5.81 35.99 -8.11
C LYS F 271 4.98 37.05 -7.37
N ASN F 272 5.18 38.33 -7.74
CA ASN F 272 4.47 39.55 -7.29
C ASN F 272 4.88 39.88 -5.85
N VAL G 7 34.78 9.54 1.38
CA VAL G 7 33.90 10.70 1.10
C VAL G 7 32.85 10.29 0.06
N GLU G 8 33.22 9.43 -0.91
CA GLU G 8 32.25 8.92 -1.90
C GLU G 8 31.79 7.53 -1.45
N VAL G 9 30.57 7.42 -0.93
CA VAL G 9 30.07 6.12 -0.39
C VAL G 9 29.39 5.35 -1.53
N LEU G 10 29.78 4.09 -1.72
CA LEU G 10 29.24 3.31 -2.85
C LEU G 10 28.39 2.12 -2.39
N GLU G 11 28.65 0.91 -2.89
CA GLU G 11 27.72 -0.21 -2.60
C GLU G 11 28.15 -0.96 -1.33
N VAL G 12 27.19 -1.73 -0.81
CA VAL G 12 27.38 -2.63 0.36
C VAL G 12 27.87 -3.97 -0.20
N LYS G 13 29.02 -4.49 0.23
CA LYS G 13 29.41 -5.90 -0.06
C LYS G 13 28.36 -6.84 0.55
N THR G 14 28.09 -8.00 -0.08
CA THR G 14 27.22 -9.07 0.49
C THR G 14 28.02 -10.38 0.43
N GLY G 15 27.50 -11.43 1.08
CA GLY G 15 28.25 -12.66 1.39
C GLY G 15 28.49 -12.79 2.90
N VAL G 16 28.38 -14.02 3.43
CA VAL G 16 28.47 -14.39 4.87
C VAL G 16 29.58 -13.60 5.59
N ASP G 17 30.73 -13.41 4.94
CA ASP G 17 31.98 -12.77 5.42
C ASP G 17 31.92 -11.22 5.37
N SER G 18 30.83 -10.64 4.86
CA SER G 18 30.63 -9.17 4.72
C SER G 18 30.04 -8.55 5.99
N ILE G 19 29.77 -9.37 7.00
CA ILE G 19 29.01 -9.04 8.24
C ILE G 19 29.95 -9.22 9.42
N THR G 20 29.77 -8.42 10.47
CA THR G 20 30.50 -8.58 11.76
C THR G 20 29.69 -7.89 12.86
N GLU G 21 29.88 -8.39 14.07
CA GLU G 21 29.13 -8.00 15.29
C GLU G 21 30.21 -7.53 16.28
N VAL G 22 29.97 -6.43 16.98
CA VAL G 22 30.80 -6.02 18.15
C VAL G 22 29.85 -6.08 19.34
N GLU G 23 30.35 -6.67 20.41
CA GLU G 23 29.61 -6.86 21.68
C GLU G 23 30.57 -6.49 22.79
N CYS G 24 30.16 -5.59 23.67
CA CYS G 24 31.08 -5.15 24.74
C CYS G 24 30.28 -4.36 25.79
N PHE G 25 30.84 -4.39 27.01
CA PHE G 25 30.38 -3.69 28.23
C PHE G 25 31.28 -2.47 28.46
N LEU G 26 30.73 -1.27 28.58
CA LEU G 26 31.52 -0.05 28.87
C LEU G 26 31.24 0.28 30.34
N THR G 27 32.27 0.27 31.19
CA THR G 27 32.15 0.44 32.66
C THR G 27 32.20 1.93 32.95
N PRO G 28 31.43 2.40 33.96
CA PRO G 28 31.37 3.83 34.27
C PRO G 28 32.65 4.30 34.95
N GLU G 29 32.98 5.58 34.79
CA GLU G 29 34.14 6.24 35.46
C GLU G 29 33.60 7.35 36.36
N MET G 30 33.25 7.01 37.60
CA MET G 30 32.54 7.93 38.52
C MET G 30 33.51 8.58 39.53
N GLY G 31 34.78 8.16 39.56
CA GLY G 31 35.78 8.75 40.48
C GLY G 31 36.63 7.72 41.23
N ASP G 32 36.02 6.62 41.68
CA ASP G 32 36.72 5.44 42.25
C ASP G 32 37.65 5.93 43.37
N PRO G 33 37.10 6.52 44.45
CA PRO G 33 37.88 7.26 45.46
C PRO G 33 38.74 6.42 46.40
N ASP G 34 38.43 5.12 46.49
CA ASP G 34 39.23 4.10 47.21
C ASP G 34 39.03 2.77 46.49
N GLU G 35 39.91 1.79 46.75
CA GLU G 35 39.97 0.46 46.10
C GLU G 35 38.69 -0.37 46.33
N HIS G 36 37.75 0.08 47.18
CA HIS G 36 36.48 -0.64 47.49
C HIS G 36 35.24 0.01 46.86
N LEU G 37 35.35 1.21 46.25
CA LEU G 37 34.15 2.00 45.80
C LEU G 37 34.19 2.31 44.29
N ARG G 38 34.65 1.33 43.50
CA ARG G 38 34.58 1.38 42.02
C ARG G 38 33.10 1.54 41.66
N GLY G 39 32.77 2.54 40.84
CA GLY G 39 31.38 2.78 40.41
C GLY G 39 30.71 3.90 41.21
N PHE G 40 31.34 4.34 42.30
CA PHE G 40 30.94 5.53 43.10
C PHE G 40 31.96 6.65 42.95
N SER G 41 31.51 7.89 43.19
CA SER G 41 32.36 9.10 43.33
C SER G 41 32.80 9.32 44.79
N LYS G 42 33.83 10.16 44.95
CA LYS G 42 34.11 10.82 46.24
C LYS G 42 32.80 11.47 46.67
N SER G 43 32.52 11.61 47.96
CA SER G 43 31.34 12.37 48.44
C SER G 43 31.49 13.82 47.94
N ILE G 44 30.38 14.52 47.73
CA ILE G 44 30.40 15.89 47.11
C ILE G 44 30.71 16.92 48.17
N SER G 45 31.65 17.82 47.88
CA SER G 45 31.91 19.03 48.69
C SER G 45 31.60 20.25 47.84
N ILE G 46 31.01 21.24 48.50
CA ILE G 46 30.48 22.49 47.90
C ILE G 46 31.43 23.62 48.31
N SER G 47 32.11 24.25 47.37
CA SER G 47 32.88 25.49 47.64
C SER G 47 31.92 26.56 48.17
N ASP G 48 32.42 27.52 48.96
CA ASP G 48 31.62 28.63 49.54
C ASP G 48 31.26 29.61 48.41
N THR G 49 32.16 29.73 47.43
CA THR G 49 32.13 30.79 46.39
C THR G 49 32.38 30.14 45.03
N PHE G 50 31.99 30.80 43.95
CA PHE G 50 32.28 30.38 42.56
C PHE G 50 33.80 30.41 42.39
N GLU G 51 34.47 31.41 42.98
CA GLU G 51 35.94 31.63 42.83
C GLU G 51 36.66 30.43 43.48
N SER G 52 36.09 29.88 44.55
CA SER G 52 36.73 28.78 45.33
C SER G 52 36.34 27.39 44.79
N ASP G 53 35.60 27.27 43.69
CA ASP G 53 35.17 25.92 43.24
C ASP G 53 36.40 25.18 42.70
N SER G 54 36.70 24.03 43.29
CA SER G 54 37.94 23.27 43.03
C SER G 54 37.66 21.78 43.20
N PRO G 55 36.78 21.19 42.37
CA PRO G 55 36.43 19.78 42.54
C PRO G 55 37.69 18.95 42.27
N ASN G 56 37.87 17.92 43.11
CA ASN G 56 38.96 16.92 42.98
C ASN G 56 38.58 15.91 41.89
N ARG G 57 39.58 15.30 41.27
CA ARG G 57 39.41 14.27 40.21
C ARG G 57 38.48 13.15 40.71
N ASP G 58 38.67 12.64 41.92
CA ASP G 58 37.93 11.45 42.41
C ASP G 58 36.47 11.84 42.70
N MET G 59 36.13 13.12 42.50
CA MET G 59 34.75 13.66 42.71
C MET G 59 34.03 13.90 41.37
N LEU G 60 34.74 13.87 40.24
CA LEU G 60 34.15 14.25 38.92
C LEU G 60 33.91 13.00 38.07
N PRO G 61 32.65 12.54 37.93
CA PRO G 61 32.32 11.60 36.86
C PRO G 61 32.90 12.04 35.50
N CYS G 62 33.40 11.09 34.72
CA CYS G 62 33.96 11.31 33.36
C CYS G 62 33.23 10.50 32.29
N TYR G 63 33.40 10.90 31.03
CA TYR G 63 32.96 10.12 29.84
C TYR G 63 33.70 8.78 29.85
N SER G 64 33.03 7.73 29.42
CA SER G 64 33.63 6.39 29.16
C SER G 64 33.72 6.24 27.64
N VAL G 65 34.78 5.60 27.16
CA VAL G 65 35.06 5.44 25.70
C VAL G 65 35.92 4.18 25.48
N ALA G 66 35.59 3.43 24.44
CA ALA G 66 36.30 2.21 24.00
C ALA G 66 36.49 2.30 22.47
N ARG G 67 37.74 2.29 22.03
CA ARG G 67 38.18 2.08 20.62
C ARG G 67 38.24 0.57 20.41
N ILE G 68 37.31 -0.03 19.68
CA ILE G 68 37.31 -1.50 19.48
C ILE G 68 37.84 -1.82 18.08
N PRO G 69 38.99 -2.55 17.98
CA PRO G 69 39.57 -2.90 16.70
C PRO G 69 38.63 -3.85 15.95
N LEU G 70 38.47 -3.64 14.64
CA LEU G 70 37.64 -4.48 13.74
C LEU G 70 38.53 -5.27 12.80
N PRO G 71 38.01 -6.34 12.18
CA PRO G 71 38.79 -7.12 11.21
C PRO G 71 39.40 -6.21 10.14
N ASN G 72 40.71 -6.32 9.86
CA ASN G 72 41.42 -5.41 8.93
C ASN G 72 40.82 -5.60 7.52
N LEU G 73 40.72 -4.54 6.74
CA LEU G 73 40.08 -4.54 5.40
C LEU G 73 41.09 -4.16 4.30
N ASN G 74 41.88 -3.10 4.49
CA ASN G 74 42.74 -2.49 3.43
C ASN G 74 41.83 -1.63 2.51
N ILE G 82 39.13 -0.14 -1.30
CA ILE G 82 38.92 0.86 -0.21
C ILE G 82 37.59 0.52 0.49
N LEU G 83 37.68 -0.34 1.50
CA LEU G 83 36.49 -0.91 2.20
C LEU G 83 36.44 -0.40 3.64
N MET G 84 35.26 -0.09 4.16
CA MET G 84 35.11 0.32 5.57
C MET G 84 33.91 -0.40 6.21
N TRP G 85 34.11 -0.77 7.47
CA TRP G 85 33.01 -1.30 8.30
C TRP G 85 32.05 -0.15 8.53
N GLU G 86 30.75 -0.44 8.45
CA GLU G 86 29.67 0.57 8.57
C GLU G 86 28.74 0.04 9.68
N ALA G 87 28.58 0.82 10.75
CA ALA G 87 27.70 0.48 11.88
C ALA G 87 26.25 0.67 11.44
N VAL G 88 25.45 -0.39 11.48
CA VAL G 88 24.08 -0.41 10.90
C VAL G 88 23.03 -0.38 12.01
N THR G 89 23.19 -1.19 13.05
CA THR G 89 22.19 -1.29 14.16
C THR G 89 22.86 -1.35 15.53
N LEU G 90 22.19 -0.81 16.53
CA LEU G 90 22.67 -0.81 17.93
C LEU G 90 21.58 -1.46 18.79
N LYS G 91 21.99 -2.37 19.67
CA LYS G 91 21.24 -2.78 20.89
C LYS G 91 22.05 -2.38 22.11
N THR G 92 21.40 -1.75 23.09
CA THR G 92 22.11 -1.24 24.27
C THR G 92 21.18 -1.30 25.45
N GLU G 93 21.69 -1.67 26.63
CA GLU G 93 20.99 -1.36 27.90
C GLU G 93 22.00 -1.09 29.01
N VAL G 94 21.47 -0.57 30.13
CA VAL G 94 22.25 -0.35 31.37
C VAL G 94 22.31 -1.68 32.12
N ILE G 95 23.50 -2.10 32.59
CA ILE G 95 23.65 -3.44 33.24
C ILE G 95 23.78 -3.27 34.74
N GLY G 96 22.89 -3.96 35.46
CA GLY G 96 22.86 -4.03 36.92
C GLY G 96 21.78 -3.14 37.49
N VAL G 97 20.70 -2.90 36.76
CA VAL G 97 19.66 -1.96 37.26
C VAL G 97 19.14 -2.42 38.61
N THR G 98 19.10 -3.73 38.89
CA THR G 98 18.54 -4.26 40.16
C THR G 98 19.50 -4.00 41.33
N SER G 99 20.76 -3.64 41.06
CA SER G 99 21.74 -3.30 42.12
C SER G 99 21.21 -2.16 42.99
N LEU G 100 20.40 -1.27 42.41
CA LEU G 100 19.86 -0.09 43.13
C LEU G 100 18.75 -0.54 44.07
N MET G 101 18.65 -1.84 44.35
CA MET G 101 17.72 -2.35 45.37
C MET G 101 18.48 -2.75 46.64
N ASN G 102 19.75 -2.38 46.75
CA ASN G 102 20.48 -2.55 48.03
C ASN G 102 20.16 -1.30 48.85
N VAL G 103 19.14 -1.39 49.72
CA VAL G 103 18.71 -0.25 50.57
C VAL G 103 19.00 -0.66 52.02
N HIS G 104 20.06 -1.44 52.21
CA HIS G 104 20.37 -1.98 53.56
C HIS G 104 21.88 -1.94 53.80
N SER G 105 22.60 -1.20 52.98
CA SER G 105 24.09 -1.11 53.08
C SER G 105 24.54 0.34 53.30
N ASN G 106 24.63 0.75 54.56
CA ASN G 106 25.12 2.11 54.91
C ASN G 106 24.32 3.17 54.12
N GLY G 107 23.00 3.14 54.26
CA GLY G 107 22.05 4.10 53.65
C GLY G 107 21.46 4.99 54.71
N GLN G 108 21.41 6.29 54.49
CA GLN G 108 20.62 7.17 55.40
C GLN G 108 19.14 6.72 55.31
N ALA G 109 18.52 6.44 56.46
CA ALA G 109 17.10 6.01 56.50
C ALA G 109 16.21 7.09 55.90
N THR G 110 15.12 6.64 55.30
CA THR G 110 14.04 7.49 54.74
C THR G 110 13.45 8.32 55.89
N HIS G 111 13.32 7.69 57.05
CA HIS G 111 12.68 8.22 58.28
C HIS G 111 12.92 7.17 59.38
N ASP G 112 12.47 7.46 60.58
CA ASP G 112 12.76 6.65 61.80
C ASP G 112 12.42 5.17 61.55
N ASN G 113 13.42 4.31 61.62
CA ASN G 113 13.31 2.82 61.49
C ASN G 113 13.15 2.39 60.03
N GLY G 114 13.25 3.32 59.08
CA GLY G 114 12.93 3.03 57.67
C GLY G 114 14.12 2.45 56.95
N ALA G 115 13.94 2.17 55.65
CA ALA G 115 14.94 1.54 54.76
C ALA G 115 15.89 2.62 54.24
N GLY G 116 17.00 2.20 53.62
CA GLY G 116 17.97 3.10 52.97
C GLY G 116 17.28 3.93 51.90
N LYS G 117 17.68 5.21 51.78
CA LYS G 117 17.35 5.99 50.56
C LYS G 117 18.01 5.29 49.37
N PRO G 118 17.24 5.10 48.28
CA PRO G 118 17.80 4.54 47.06
C PRO G 118 18.68 5.57 46.35
N VAL G 119 19.48 5.12 45.39
CA VAL G 119 20.23 6.05 44.50
C VAL G 119 19.14 6.87 43.82
N GLN G 120 19.26 8.20 43.91
CA GLN G 120 18.26 9.09 43.29
C GLN G 120 18.92 10.44 43.02
N GLY G 121 18.20 11.33 42.33
CA GLY G 121 18.64 12.69 41.96
C GLY G 121 19.18 12.75 40.55
N THR G 122 19.96 13.81 40.25
CA THR G 122 20.40 14.15 38.87
C THR G 122 21.00 12.88 38.25
N SER G 123 20.57 12.57 37.04
CA SER G 123 21.06 11.40 36.24
C SER G 123 21.44 11.92 34.85
N PHE G 124 22.45 11.33 34.24
CA PHE G 124 22.84 11.56 32.83
C PHE G 124 23.11 10.17 32.24
N HIS G 125 22.29 9.81 31.25
CA HIS G 125 22.36 8.54 30.49
C HIS G 125 22.65 8.91 29.04
N PHE G 126 23.77 8.44 28.49
CA PHE G 126 24.24 8.90 27.17
C PHE G 126 25.01 7.75 26.54
N PHE G 127 24.79 7.52 25.25
CA PHE G 127 25.58 6.53 24.49
C PHE G 127 25.75 7.05 23.07
N SER G 128 26.84 6.65 22.42
CA SER G 128 27.20 7.11 21.06
C SER G 128 27.96 5.99 20.34
N VAL G 129 27.71 5.83 19.05
CA VAL G 129 28.44 4.88 18.17
C VAL G 129 29.02 5.71 17.04
N GLY G 130 30.32 5.60 16.80
CA GLY G 130 31.00 6.47 15.82
C GLY G 130 32.10 5.72 15.10
N GLY G 131 32.43 6.15 13.88
CA GLY G 131 33.60 5.61 13.14
C GLY G 131 34.83 6.43 13.47
N GLU G 132 34.74 7.25 14.52
CA GLU G 132 35.84 8.09 15.04
C GLU G 132 35.48 8.53 16.46
N ALA G 133 36.41 9.19 17.13
CA ALA G 133 36.21 9.75 18.48
C ALA G 133 35.00 10.68 18.46
N LEU G 134 34.12 10.58 19.47
CA LEU G 134 33.07 11.60 19.72
C LEU G 134 33.74 12.97 19.76
N GLU G 135 33.05 13.99 19.24
CA GLU G 135 33.53 15.39 19.09
C GLU G 135 32.79 16.22 20.14
N LEU G 136 33.52 16.93 20.98
CA LEU G 136 33.00 17.52 22.26
C LEU G 136 33.11 19.03 22.21
N GLN G 137 32.10 19.70 22.72
CA GLN G 137 32.12 21.16 22.95
C GLN G 137 32.18 21.35 24.48
N GLY G 138 32.89 22.39 24.91
CA GLY G 138 32.98 22.78 26.33
C GLY G 138 31.95 23.84 26.68
N VAL G 139 31.15 23.55 27.70
CA VAL G 139 30.29 24.55 28.40
C VAL G 139 30.48 24.32 29.91
N LEU G 140 30.88 25.36 30.64
CA LEU G 140 31.15 25.34 32.10
C LEU G 140 29.96 25.96 32.84
N PHE G 141 29.54 25.37 33.95
CA PHE G 141 28.51 25.99 34.82
C PHE G 141 29.06 27.30 35.42
N ASN G 142 30.32 27.23 35.86
CA ASN G 142 31.10 28.33 36.47
C ASN G 142 32.50 28.33 35.87
N TYR G 143 32.86 29.36 35.12
CA TYR G 143 34.12 29.43 34.33
C TYR G 143 35.32 29.53 35.26
N ARG G 144 35.08 29.98 36.49
CA ARG G 144 36.20 30.16 37.45
C ARG G 144 36.54 28.81 38.12
N THR G 145 35.79 27.73 37.88
CA THR G 145 36.06 26.40 38.49
C THR G 145 37.48 25.95 38.14
N LYS G 146 38.26 25.51 39.14
CA LYS G 146 39.62 24.95 38.92
C LYS G 146 39.50 23.43 38.82
N TYR G 147 39.76 22.91 37.63
CA TYR G 147 39.71 21.46 37.28
C TYR G 147 41.06 20.81 37.59
N PRO G 148 41.02 19.52 38.03
CA PRO G 148 42.18 18.84 38.58
C PRO G 148 43.14 18.24 37.53
N ASP G 149 44.40 18.10 37.94
CA ASP G 149 45.42 17.38 37.14
C ASP G 149 44.84 16.02 36.78
N GLY G 150 45.18 15.53 35.58
CA GLY G 150 44.83 14.18 35.12
C GLY G 150 43.46 14.10 34.48
N THR G 151 42.75 15.24 34.38
CA THR G 151 41.48 15.35 33.62
C THR G 151 41.75 16.31 32.46
N ILE G 152 40.92 16.29 31.43
CA ILE G 152 41.13 17.18 30.26
C ILE G 152 39.87 18.04 30.17
N PHE G 153 40.05 19.33 30.41
CA PHE G 153 38.95 20.32 30.63
C PHE G 153 39.13 21.52 29.72
N PRO G 154 38.03 22.26 29.47
CA PRO G 154 38.10 23.50 28.68
C PRO G 154 39.19 24.40 29.26
N LYS G 155 40.11 24.88 28.42
CA LYS G 155 41.28 25.72 28.81
C LYS G 155 41.07 27.19 28.40
N ASN G 156 41.85 28.09 28.98
CA ASN G 156 41.68 29.54 28.72
C ASN G 156 40.20 29.89 28.86
N ALA G 157 39.50 29.33 29.85
CA ALA G 157 38.07 29.63 30.06
C ALA G 157 37.91 31.13 30.33
N THR G 158 36.81 31.69 29.83
CA THR G 158 36.35 33.08 29.99
C THR G 158 34.90 33.04 30.45
N VAL G 159 34.35 34.19 30.82
CA VAL G 159 32.94 34.22 31.28
C VAL G 159 32.02 33.76 30.14
N GLN G 160 32.44 33.94 28.88
CA GLN G 160 31.62 33.49 27.72
C GLN G 160 31.56 31.95 27.75
N SER G 161 32.55 31.27 28.35
CA SER G 161 32.56 29.79 28.47
C SER G 161 31.34 29.29 29.26
N GLN G 162 30.57 30.17 29.89
CA GLN G 162 29.36 29.80 30.70
C GLN G 162 28.15 29.60 29.77
N VAL G 163 28.25 30.04 28.52
CA VAL G 163 27.11 29.91 27.58
C VAL G 163 27.61 29.29 26.27
N MET G 164 28.77 29.74 25.77
CA MET G 164 29.34 29.26 24.49
C MET G 164 30.65 30.00 24.19
N ASN G 165 31.75 29.26 24.24
CA ASN G 165 33.08 29.70 23.74
C ASN G 165 33.55 28.60 22.78
N THR G 166 33.66 28.90 21.49
CA THR G 166 33.94 27.91 20.40
C THR G 166 35.39 27.41 20.47
N GLU G 167 36.22 27.96 21.37
CA GLU G 167 37.63 27.50 21.53
C GLU G 167 37.64 26.06 22.09
N HIS G 168 36.66 25.73 22.94
CA HIS G 168 36.64 24.50 23.76
C HIS G 168 36.13 23.35 22.90
N LYS G 169 37.00 22.89 22.00
CA LYS G 169 36.74 21.76 21.07
C LYS G 169 37.69 20.62 21.43
N ALA G 170 37.16 19.40 21.57
CA ALA G 170 37.98 18.22 21.96
C ALA G 170 37.43 16.94 21.33
N TYR G 171 38.29 15.94 21.26
CA TYR G 171 37.99 14.52 20.93
C TYR G 171 37.91 13.72 22.22
N LEU G 172 36.86 12.91 22.39
CA LEU G 172 36.81 11.94 23.50
C LEU G 172 37.82 10.84 23.17
N ASP G 173 39.10 11.14 23.35
CA ASP G 173 40.22 10.30 22.83
C ASP G 173 40.92 9.63 24.00
N LYS G 174 40.31 9.58 25.19
CA LYS G 174 40.96 9.03 26.41
C LYS G 174 39.90 8.73 27.48
N ASN G 175 39.92 7.52 28.05
CA ASN G 175 38.97 7.06 29.11
C ASN G 175 39.31 7.79 30.42
N LYS G 176 38.33 7.94 31.31
CA LYS G 176 38.55 8.44 32.70
C LYS G 176 39.02 9.90 32.75
N ALA G 177 39.00 10.64 31.64
CA ALA G 177 39.72 11.94 31.61
C ALA G 177 38.76 13.12 31.41
N TYR G 178 37.74 13.00 30.57
CA TYR G 178 36.86 14.13 30.16
C TYR G 178 35.70 14.19 31.13
N PRO G 179 35.69 15.18 32.04
CA PRO G 179 34.63 15.29 33.03
C PRO G 179 33.28 15.56 32.34
N VAL G 180 32.26 14.81 32.74
CA VAL G 180 30.88 14.90 32.16
C VAL G 180 30.41 16.35 32.28
N GLU G 181 30.72 17.04 33.38
CA GLU G 181 30.16 18.38 33.68
C GLU G 181 30.72 19.46 32.75
N CYS G 182 31.87 19.25 32.10
CA CYS G 182 32.50 20.29 31.24
C CYS G 182 32.16 20.15 29.75
N TRP G 183 31.86 18.93 29.30
CA TRP G 183 31.81 18.56 27.87
C TRP G 183 30.42 18.02 27.51
N VAL G 184 29.97 18.35 26.32
CA VAL G 184 28.81 17.69 25.65
C VAL G 184 29.19 17.40 24.21
N PRO G 185 28.43 16.54 23.50
CA PRO G 185 28.65 16.34 22.07
C PRO G 185 28.62 17.68 21.32
N ASP G 186 29.61 17.94 20.46
CA ASP G 186 29.64 19.11 19.54
C ASP G 186 28.62 18.91 18.42
N PRO G 187 27.48 19.63 18.38
CA PRO G 187 26.46 19.35 17.38
C PRO G 187 26.85 19.92 16.00
N THR G 188 27.86 20.81 15.94
CA THR G 188 28.43 21.38 14.70
C THR G 188 29.44 20.43 14.03
N ARG G 189 29.72 19.28 14.66
CA ARG G 189 30.54 18.19 14.06
C ARG G 189 29.76 16.88 14.23
N ASN G 190 30.47 15.75 14.34
CA ASN G 190 29.88 14.42 14.60
C ASN G 190 29.03 13.94 13.41
N GLU G 191 29.40 14.32 12.19
CA GLU G 191 28.80 13.77 10.95
C GLU G 191 28.80 12.23 11.02
N ASN G 192 29.92 11.64 11.49
CA ASN G 192 30.13 10.16 11.48
C ASN G 192 29.88 9.50 12.83
N THR G 193 29.19 10.19 13.73
CA THR G 193 28.82 9.58 15.03
C THR G 193 27.32 9.74 15.22
N ARG G 194 26.67 8.75 15.82
CA ARG G 194 25.22 8.86 16.16
C ARG G 194 25.13 8.91 17.68
N TYR G 195 24.79 10.05 18.26
CA TYR G 195 24.76 10.22 19.74
C TYR G 195 23.35 10.41 20.29
N PHE G 196 23.13 9.98 21.53
CA PHE G 196 21.81 10.10 22.19
C PHE G 196 22.01 10.25 23.70
N GLY G 197 21.36 11.23 24.34
CA GLY G 197 21.45 11.38 25.82
C GLY G 197 20.33 12.11 26.52
N THR G 198 20.03 11.76 27.77
CA THR G 198 19.06 12.49 28.62
C THR G 198 19.68 12.84 29.99
N LEU G 199 19.91 14.13 30.21
CA LEU G 199 20.09 14.78 31.55
C LEU G 199 18.70 14.93 32.18
N THR G 200 18.47 14.28 33.32
CA THR G 200 17.28 14.47 34.17
C THR G 200 17.78 15.13 35.47
N GLY G 201 17.52 16.44 35.65
CA GLY G 201 17.96 17.24 36.81
C GLY G 201 17.09 16.98 38.02
N GLY G 202 17.28 17.77 39.07
CA GLY G 202 16.46 17.67 40.29
C GLY G 202 17.06 16.73 41.30
N GLU G 203 16.87 17.04 42.59
CA GLU G 203 17.52 16.39 43.76
C GLU G 203 16.82 15.08 44.15
N ASN G 204 15.50 14.96 43.94
CA ASN G 204 14.68 13.81 44.39
C ASN G 204 14.24 12.94 43.20
N VAL G 205 14.73 13.28 42.01
CA VAL G 205 14.32 12.64 40.72
C VAL G 205 14.61 11.16 40.83
N PRO G 206 13.57 10.33 40.57
CA PRO G 206 13.73 8.88 40.61
C PRO G 206 14.36 8.30 39.34
N PRO G 207 15.30 7.34 39.46
CA PRO G 207 15.85 6.65 38.29
C PRO G 207 14.75 5.79 37.65
N VAL G 208 14.58 5.85 36.32
CA VAL G 208 13.66 4.93 35.56
C VAL G 208 14.50 4.18 34.54
N LEU G 209 14.68 2.88 34.70
CA LEU G 209 15.61 2.09 33.86
C LEU G 209 14.82 0.95 33.22
N HIS G 210 14.70 0.96 31.89
CA HIS G 210 14.02 -0.10 31.10
C HIS G 210 15.09 -1.08 30.62
N ILE G 211 14.82 -2.37 30.72
CA ILE G 211 15.68 -3.40 30.10
C ILE G 211 14.80 -4.29 29.22
N THR G 212 15.33 -4.69 28.06
CA THR G 212 14.70 -5.66 27.13
C THR G 212 15.72 -6.01 26.04
N ASN G 213 15.66 -7.25 25.53
CA ASN G 213 16.56 -7.72 24.45
C ASN G 213 15.80 -7.63 23.12
N THR G 214 14.70 -6.87 23.07
CA THR G 214 13.78 -6.85 21.90
C THR G 214 13.87 -5.51 21.16
N ALA G 215 14.77 -4.61 21.53
CA ALA G 215 14.79 -3.23 20.99
C ALA G 215 16.10 -3.00 20.24
N THR G 216 15.99 -2.44 19.03
CA THR G 216 17.13 -2.13 18.14
C THR G 216 17.03 -0.67 17.69
N THR G 217 18.13 0.04 17.70
CA THR G 217 18.21 1.40 17.13
C THR G 217 18.97 1.29 15.82
N VAL G 218 18.38 1.78 14.73
CA VAL G 218 19.07 1.84 13.41
C VAL G 218 20.04 3.02 13.48
N LEU G 219 21.24 2.89 12.92
CA LEU G 219 22.31 3.91 12.96
C LEU G 219 22.42 4.66 11.63
N LEU G 220 21.60 4.32 10.64
CA LEU G 220 21.71 4.92 9.29
C LEU G 220 21.15 6.34 9.33
N ASP G 221 21.77 7.26 8.58
CA ASP G 221 21.28 8.64 8.31
C ASP G 221 20.17 8.59 7.25
N GLU G 222 19.60 9.76 6.89
CA GLU G 222 18.51 9.97 5.89
C GLU G 222 18.89 9.36 4.53
N PHE G 223 20.18 9.26 4.22
CA PHE G 223 20.73 8.80 2.93
C PHE G 223 21.15 7.33 2.99
N GLY G 224 20.79 6.60 4.05
CA GLY G 224 20.98 5.14 4.18
C GLY G 224 22.41 4.75 4.54
N VAL G 225 23.18 5.67 5.14
CA VAL G 225 24.61 5.46 5.52
C VAL G 225 24.70 5.48 7.04
N GLY G 226 25.40 4.51 7.63
CA GLY G 226 25.76 4.47 9.06
C GLY G 226 27.17 5.00 9.27
N PRO G 227 27.63 5.15 10.53
CA PRO G 227 29.02 5.52 10.80
C PRO G 227 30.06 4.60 10.12
N LEU G 228 31.02 5.22 9.43
CA LEU G 228 32.11 4.55 8.67
C LEU G 228 33.37 4.57 9.53
N CYS G 229 33.93 3.41 9.83
CA CYS G 229 34.99 3.23 10.84
C CYS G 229 36.37 3.47 10.19
N LYS G 230 37.03 4.58 10.53
CA LYS G 230 38.37 4.96 10.00
C LYS G 230 39.45 4.07 10.63
N GLY G 231 40.36 3.55 9.80
CA GLY G 231 41.38 2.55 10.19
C GLY G 231 40.77 1.35 10.92
N ASP G 232 39.54 0.98 10.56
CA ASP G 232 38.86 -0.24 11.05
C ASP G 232 38.77 -0.21 12.58
N ASN G 233 38.35 0.93 13.14
CA ASN G 233 38.06 1.11 14.58
C ASN G 233 36.61 1.55 14.75
N LEU G 234 35.90 0.92 15.70
CA LEU G 234 34.56 1.35 16.18
C LEU G 234 34.74 2.10 17.51
N TYR G 235 34.10 3.27 17.65
CA TYR G 235 34.17 4.13 18.87
C TYR G 235 32.84 4.12 19.62
N LEU G 236 32.81 3.44 20.77
CA LEU G 236 31.65 3.48 21.71
C LEU G 236 31.94 4.47 22.85
N SER G 237 30.99 5.34 23.16
CA SER G 237 31.09 6.26 24.30
C SER G 237 29.81 6.14 25.10
N ALA G 238 29.91 6.40 26.39
CA ALA G 238 28.75 6.34 27.32
C ALA G 238 29.03 7.14 28.60
N VAL G 239 27.92 7.55 29.20
CA VAL G 239 27.82 8.03 30.60
C VAL G 239 26.50 7.48 31.14
N ASP G 240 26.53 6.87 32.32
CA ASP G 240 25.32 6.39 33.02
C ASP G 240 25.47 6.72 34.51
N VAL G 241 25.52 8.02 34.81
CA VAL G 241 25.35 8.56 36.19
C VAL G 241 23.90 8.28 36.58
N CYS G 242 23.62 7.32 37.43
CA CYS G 242 22.23 6.88 37.71
C CYS G 242 21.57 7.81 38.73
N GLY G 243 22.40 8.59 39.43
CA GLY G 243 21.96 9.46 40.52
C GLY G 243 22.96 9.52 41.63
N MET G 244 22.51 9.94 42.80
CA MET G 244 23.36 10.01 44.01
C MET G 244 23.02 8.95 45.05
N PHE G 245 24.03 8.38 45.68
CA PHE G 245 23.87 7.51 46.87
C PHE G 245 24.17 8.32 48.13
N THR G 246 23.28 8.23 49.12
CA THR G 246 23.38 8.91 50.43
C THR G 246 23.76 7.90 51.51
N ASN G 247 24.98 8.01 52.04
CA ASN G 247 25.42 7.17 53.18
C ASN G 247 24.80 7.77 54.44
N ARG G 248 24.85 7.03 55.55
CA ARG G 248 24.20 7.41 56.83
C ARG G 248 24.71 8.75 57.36
N SER G 249 25.83 9.28 56.89
CA SER G 249 26.37 10.60 57.31
C SER G 249 25.58 11.73 56.63
N GLY G 250 24.83 11.43 55.57
CA GLY G 250 24.19 12.45 54.73
C GLY G 250 25.04 12.83 53.52
N SER G 251 26.31 12.47 53.47
CA SER G 251 27.16 12.84 52.30
C SER G 251 26.69 12.02 51.10
N GLN G 252 26.99 12.48 49.89
CA GLN G 252 26.35 11.96 48.67
C GLN G 252 27.42 11.71 47.61
N GLN G 253 27.35 10.52 47.01
CA GLN G 253 28.24 10.03 45.93
C GLN G 253 27.45 9.76 44.63
N TRP G 254 27.92 10.29 43.51
CA TRP G 254 27.42 9.84 42.19
C TRP G 254 27.49 8.32 42.15
N ARG G 255 26.48 7.61 41.65
CA ARG G 255 26.56 6.14 41.41
C ARG G 255 26.34 5.88 39.91
N GLY G 256 27.24 5.12 39.29
CA GLY G 256 27.19 4.80 37.85
C GLY G 256 27.06 3.30 37.61
N LEU G 257 26.67 2.92 36.39
CA LEU G 257 26.50 1.51 35.99
C LEU G 257 27.10 1.33 34.59
N SER G 258 27.35 0.08 34.22
CA SER G 258 27.98 -0.25 32.92
C SER G 258 26.93 -0.22 31.82
N ARG G 259 27.38 -0.12 30.57
CA ARG G 259 26.48 -0.10 29.39
C ARG G 259 26.94 -1.20 28.43
N TYR G 260 25.98 -1.99 27.95
CA TYR G 260 26.17 -3.05 26.92
C TYR G 260 25.87 -2.40 25.56
N PHE G 261 26.79 -2.60 24.61
CA PHE G 261 26.65 -2.27 23.17
C PHE G 261 26.76 -3.58 22.40
N LYS G 262 25.80 -3.82 21.49
CA LYS G 262 25.87 -4.82 20.40
C LYS G 262 25.69 -4.04 19.09
N VAL G 263 26.74 -3.91 18.30
CA VAL G 263 26.67 -3.15 17.02
C VAL G 263 26.88 -4.14 15.88
N GLN G 264 25.99 -4.13 14.88
CA GLN G 264 26.07 -4.93 13.65
C GLN G 264 26.69 -4.04 12.58
N LEU G 265 27.84 -4.44 12.04
CA LEU G 265 28.53 -3.68 10.98
C LEU G 265 28.56 -4.54 9.72
N ARG G 266 28.68 -3.88 8.56
CA ARG G 266 28.73 -4.48 7.20
C ARG G 266 29.71 -3.67 6.35
N LYS G 267 30.38 -4.33 5.39
CA LYS G 267 31.45 -3.70 4.57
C LYS G 267 30.81 -2.76 3.56
N ARG G 268 31.40 -1.58 3.38
CA ARG G 268 30.97 -0.55 2.42
C ARG G 268 32.16 -0.22 1.55
N ARG G 269 31.99 -0.12 0.23
CA ARG G 269 33.04 0.46 -0.66
C ARG G 269 32.89 1.99 -0.65
N VAL G 270 34.02 2.68 -0.80
CA VAL G 270 34.20 4.16 -0.66
C VAL G 270 35.35 4.61 -1.58
N LYS G 271 35.32 5.83 -2.12
CA LYS G 271 36.42 6.34 -3.00
C LYS G 271 37.06 7.60 -2.40
N GLU H 8 18.65 -24.14 10.19
CA GLU H 8 18.19 -25.18 11.13
C GLU H 8 16.73 -24.94 11.59
N VAL H 9 16.22 -23.70 11.63
CA VAL H 9 14.77 -23.47 11.90
C VAL H 9 14.00 -23.54 10.58
N LEU H 10 13.04 -24.46 10.44
CA LEU H 10 12.30 -24.68 9.17
C LEU H 10 10.82 -24.35 9.37
N GLU H 11 9.89 -25.09 8.76
CA GLU H 11 8.50 -24.60 8.54
C GLU H 11 7.68 -24.77 9.81
N VAL H 12 6.66 -23.93 9.97
CA VAL H 12 5.63 -24.10 11.03
C VAL H 12 4.69 -25.21 10.55
N LYS H 13 4.48 -26.22 11.39
CA LYS H 13 3.46 -27.28 11.20
C LYS H 13 2.07 -26.65 11.39
N THR H 14 1.07 -27.07 10.63
CA THR H 14 -0.34 -26.59 10.71
C THR H 14 -1.26 -27.77 11.04
N GLY H 15 -2.58 -27.54 11.05
CA GLY H 15 -3.59 -28.48 11.59
C GLY H 15 -4.02 -28.04 12.99
N VAL H 16 -5.21 -28.46 13.45
CA VAL H 16 -5.83 -28.06 14.74
C VAL H 16 -4.94 -28.46 15.92
N ASP H 17 -4.12 -29.51 15.75
CA ASP H 17 -3.25 -30.15 16.78
C ASP H 17 -1.86 -29.51 16.85
N SER H 18 -1.55 -28.56 15.95
CA SER H 18 -0.27 -27.82 15.81
C SER H 18 -0.08 -26.73 16.90
N ILE H 19 -1.07 -26.54 17.78
CA ILE H 19 -1.32 -25.35 18.65
C ILE H 19 -1.51 -25.80 20.10
N THR H 20 -1.01 -25.03 21.05
CA THR H 20 -1.20 -25.29 22.49
C THR H 20 -0.99 -23.97 23.21
N GLU H 21 -1.60 -23.83 24.38
CA GLU H 21 -1.62 -22.55 25.15
C GLU H 21 -1.22 -22.88 26.59
N VAL H 22 -0.35 -22.11 27.22
CA VAL H 22 -0.01 -22.26 28.66
C VAL H 22 -0.50 -21.04 29.44
N GLU H 23 -1.28 -21.26 30.50
CA GLU H 23 -1.94 -20.22 31.32
C GLU H 23 -1.55 -20.48 32.76
N CYS H 24 -0.94 -19.53 33.47
CA CYS H 24 -0.43 -19.84 34.84
C CYS H 24 -0.16 -18.56 35.64
N PHE H 25 -0.06 -18.71 36.98
CA PHE H 25 0.25 -17.66 37.97
C PHE H 25 1.67 -17.93 38.45
N LEU H 26 2.50 -16.89 38.54
CA LEU H 26 3.86 -16.96 39.10
C LEU H 26 3.81 -16.12 40.37
N THR H 27 3.93 -16.74 41.55
CA THR H 27 3.85 -16.05 42.86
C THR H 27 5.19 -15.37 43.13
N PRO H 28 5.15 -14.25 43.87
CA PRO H 28 6.34 -13.47 44.18
C PRO H 28 7.12 -14.10 45.34
N GLU H 29 8.44 -13.86 45.36
CA GLU H 29 9.34 -14.43 46.39
C GLU H 29 10.07 -13.29 47.11
N MET H 30 9.41 -12.73 48.11
CA MET H 30 9.82 -11.50 48.83
C MET H 30 10.52 -11.81 50.16
N GLY H 31 10.45 -13.04 50.67
CA GLY H 31 11.14 -13.42 51.90
C GLY H 31 10.22 -14.17 52.82
N ASP H 32 8.94 -13.84 52.77
CA ASP H 32 7.91 -14.52 53.61
C ASP H 32 8.48 -14.71 55.01
N PRO H 33 8.63 -13.63 55.80
CA PRO H 33 9.30 -13.71 57.09
C PRO H 33 8.55 -14.47 58.18
N ASP H 34 7.24 -14.59 58.06
CA ASP H 34 6.42 -15.22 59.11
C ASP H 34 5.32 -16.01 58.40
N GLU H 35 4.60 -16.85 59.11
CA GLU H 35 3.56 -17.72 58.49
C GLU H 35 2.30 -16.91 58.23
N HIS H 36 2.41 -15.59 58.30
CA HIS H 36 1.25 -14.70 58.06
C HIS H 36 1.65 -13.61 57.07
N LEU H 37 2.87 -13.65 56.53
CA LEU H 37 3.33 -12.51 55.70
C LEU H 37 3.92 -13.00 54.38
N ARG H 38 3.32 -14.04 53.83
CA ARG H 38 3.51 -14.43 52.39
C ARG H 38 3.26 -13.18 51.53
N GLY H 39 4.19 -12.87 50.62
CA GLY H 39 4.13 -11.69 49.73
C GLY H 39 4.89 -10.49 50.30
N PHE H 40 5.29 -10.51 51.57
CA PHE H 40 6.11 -9.45 52.19
C PHE H 40 7.53 -9.94 52.47
N SER H 41 8.46 -9.00 52.63
CA SER H 41 9.81 -9.24 53.19
C SER H 41 9.80 -8.94 54.69
N LYS H 42 10.86 -9.40 55.36
CA LYS H 42 11.25 -8.93 56.72
C LYS H 42 11.51 -7.41 56.65
N SER H 43 11.30 -6.67 57.75
CA SER H 43 11.61 -5.22 57.82
C SER H 43 13.08 -4.98 57.44
N ILE H 44 13.35 -3.99 56.59
CA ILE H 44 14.73 -3.72 56.09
C ILE H 44 15.60 -3.25 57.26
N SER H 45 16.73 -3.93 57.52
CA SER H 45 17.80 -3.46 58.43
C SER H 45 18.97 -2.90 57.61
N ILE H 46 19.62 -1.85 58.11
CA ILE H 46 20.75 -1.21 57.37
C ILE H 46 22.03 -1.50 58.12
N SER H 47 23.01 -2.12 57.45
CA SER H 47 24.40 -2.23 57.98
C SER H 47 24.93 -0.83 58.31
N ASP H 48 25.79 -0.72 59.32
CA ASP H 48 26.49 0.57 59.65
C ASP H 48 27.53 0.88 58.57
N THR H 49 28.13 -0.16 57.99
CA THR H 49 29.23 0.00 57.01
C THR H 49 29.03 -0.93 55.82
N PHE H 50 29.82 -0.76 54.74
CA PHE H 50 29.78 -1.68 53.58
C PHE H 50 30.40 -3.03 53.96
N GLU H 51 31.49 -3.05 54.72
CA GLU H 51 32.15 -4.34 55.07
C GLU H 51 31.16 -5.16 55.89
N SER H 52 30.23 -4.56 56.63
CA SER H 52 29.25 -5.24 57.53
C SER H 52 27.90 -5.55 56.87
N ASP H 53 27.69 -5.28 55.58
CA ASP H 53 26.39 -5.55 54.89
C ASP H 53 26.18 -7.07 54.82
N SER H 54 25.07 -7.55 55.39
CA SER H 54 24.81 -8.99 55.56
C SER H 54 23.31 -9.24 55.59
N PRO H 55 22.58 -9.07 54.46
CA PRO H 55 21.14 -9.25 54.41
C PRO H 55 20.68 -10.70 54.60
N ASN H 56 19.76 -10.90 55.55
CA ASN H 56 19.13 -12.21 55.85
C ASN H 56 18.20 -12.59 54.70
N ARG H 57 18.07 -13.88 54.42
CA ARG H 57 17.29 -14.37 53.27
C ARG H 57 15.84 -13.85 53.36
N ASP H 58 15.26 -13.75 54.55
CA ASP H 58 13.84 -13.32 54.67
C ASP H 58 13.68 -11.83 54.33
N MET H 59 14.77 -11.13 53.99
CA MET H 59 14.82 -9.66 53.70
C MET H 59 15.21 -9.40 52.24
N LEU H 60 15.53 -10.45 51.47
CA LEU H 60 16.00 -10.36 50.06
C LEU H 60 14.93 -10.94 49.15
N PRO H 61 14.21 -10.07 48.40
CA PRO H 61 13.37 -10.54 47.32
C PRO H 61 14.25 -11.22 46.26
N CYS H 62 13.69 -12.28 45.68
CA CYS H 62 14.32 -13.14 44.65
C CYS H 62 13.46 -13.16 43.38
N TYR H 63 14.07 -13.52 42.25
CA TYR H 63 13.37 -13.88 41.00
C TYR H 63 12.45 -15.08 41.21
N SER H 64 11.20 -14.93 40.77
CA SER H 64 10.24 -16.04 40.56
C SER H 64 10.61 -16.77 39.27
N VAL H 65 10.57 -18.11 39.25
CA VAL H 65 10.74 -18.91 37.99
C VAL H 65 9.83 -20.15 38.07
N ALA H 66 9.25 -20.51 36.93
CA ALA H 66 8.52 -21.79 36.73
C ALA H 66 8.98 -22.43 35.42
N ARG H 67 9.29 -23.73 35.50
CA ARG H 67 9.64 -24.62 34.36
C ARG H 67 8.39 -25.45 34.06
N ILE H 68 7.59 -25.04 33.07
CA ILE H 68 6.29 -25.68 32.71
C ILE H 68 6.51 -26.65 31.56
N PRO H 69 6.19 -27.96 31.74
CA PRO H 69 6.28 -28.95 30.66
C PRO H 69 5.07 -28.86 29.72
N LEU H 70 5.39 -29.02 28.45
CA LEU H 70 4.48 -28.93 27.27
C LEU H 70 4.30 -30.34 26.73
N PRO H 71 3.27 -30.56 25.87
CA PRO H 71 2.99 -31.87 25.29
C PRO H 71 4.22 -32.45 24.58
N ASN H 72 4.49 -33.74 24.72
CA ASN H 72 5.77 -34.32 24.22
C ASN H 72 5.73 -34.41 22.69
N LEU H 73 6.87 -34.24 22.02
CA LEU H 73 6.95 -34.13 20.55
C LEU H 73 7.76 -35.27 19.91
N ASN H 74 8.94 -35.64 20.42
CA ASN H 74 9.89 -36.56 19.72
C ASN H 74 10.47 -35.85 18.48
N ILE H 82 12.10 -33.75 13.72
CA ILE H 82 12.45 -33.13 15.04
C ILE H 82 11.70 -31.80 15.20
N LEU H 83 10.69 -31.79 16.07
CA LEU H 83 9.74 -30.67 16.34
C LEU H 83 10.04 -30.01 17.69
N MET H 84 9.87 -28.68 17.76
CA MET H 84 9.97 -27.92 19.04
C MET H 84 8.77 -27.00 19.16
N TRP H 85 8.25 -26.86 20.37
CA TRP H 85 7.20 -25.84 20.67
C TRP H 85 7.88 -24.50 20.51
N GLU H 86 7.16 -23.54 19.93
CA GLU H 86 7.65 -22.16 19.68
C GLU H 86 6.67 -21.17 20.32
N ALA H 87 7.15 -20.32 21.22
CA ALA H 87 6.36 -19.31 21.94
C ALA H 87 6.12 -18.11 21.00
N VAL H 88 4.86 -17.72 20.80
CA VAL H 88 4.48 -16.74 19.73
C VAL H 88 3.93 -15.46 20.37
N THR H 89 2.92 -15.58 21.22
CA THR H 89 2.32 -14.42 21.92
C THR H 89 2.31 -14.66 23.43
N LEU H 90 2.31 -13.55 24.18
CA LEU H 90 2.19 -13.47 25.66
C LEU H 90 1.10 -12.46 26.01
N LYS H 91 0.19 -12.84 26.89
CA LYS H 91 -0.64 -11.91 27.70
C LYS H 91 -0.15 -12.04 29.14
N THR H 92 0.03 -10.89 29.80
CA THR H 92 0.54 -10.82 31.18
C THR H 92 -0.07 -9.61 31.90
N GLU H 93 -0.29 -9.78 33.20
CA GLU H 93 -0.49 -8.64 34.13
C GLU H 93 -0.17 -9.08 35.57
N VAL H 94 -0.08 -8.09 36.45
CA VAL H 94 0.07 -8.20 37.92
C VAL H 94 -1.32 -8.50 38.50
N ILE H 95 -1.47 -9.56 39.30
CA ILE H 95 -2.80 -9.94 39.89
C ILE H 95 -2.97 -9.40 41.32
N GLY H 96 -4.01 -8.60 41.55
CA GLY H 96 -4.38 -8.10 42.88
C GLY H 96 -3.88 -6.68 43.12
N VAL H 97 -3.90 -5.82 42.10
CA VAL H 97 -3.38 -4.41 42.18
C VAL H 97 -4.25 -3.60 43.15
N THR H 98 -5.55 -3.92 43.28
CA THR H 98 -6.49 -3.24 44.20
C THR H 98 -6.19 -3.64 45.64
N SER H 99 -5.38 -4.67 45.85
CA SER H 99 -4.90 -5.05 47.21
C SER H 99 -4.17 -3.86 47.84
N LEU H 100 -3.55 -2.98 47.03
CA LEU H 100 -2.73 -1.84 47.53
C LEU H 100 -3.65 -0.70 47.93
N MET H 101 -4.95 -0.96 47.98
CA MET H 101 -5.94 -0.03 48.55
C MET H 101 -6.18 -0.34 50.02
N ASN H 102 -5.55 -1.39 50.58
CA ASN H 102 -5.65 -1.64 52.05
C ASN H 102 -4.74 -0.62 52.75
N VAL H 103 -5.33 0.52 53.18
CA VAL H 103 -4.60 1.67 53.81
C VAL H 103 -5.21 1.89 55.19
N HIS H 104 -5.66 0.83 55.81
CA HIS H 104 -6.36 0.79 57.12
C HIS H 104 -5.84 -0.34 58.00
N SER H 105 -4.70 -0.97 57.66
CA SER H 105 -4.22 -2.21 58.34
C SER H 105 -2.76 -2.07 58.77
N ASN H 106 -2.54 -1.75 60.05
CA ASN H 106 -1.22 -1.52 60.69
C ASN H 106 -0.35 -0.62 59.81
N GLY H 107 -0.89 0.51 59.33
CA GLY H 107 -0.16 1.46 58.47
C GLY H 107 0.27 2.71 59.21
N GLN H 108 1.54 3.12 59.08
CA GLN H 108 2.01 4.47 59.53
C GLN H 108 1.18 5.52 58.78
N ALA H 109 0.77 6.59 59.45
CA ALA H 109 -0.14 7.62 58.89
C ALA H 109 0.63 8.62 58.02
N THR H 110 -0.01 9.07 56.93
CA THR H 110 0.49 10.14 56.03
C THR H 110 0.84 11.38 56.88
N HIS H 111 -0.03 11.67 57.85
CA HIS H 111 -0.02 12.82 58.80
C HIS H 111 -1.12 12.61 59.85
N ASP H 112 -1.26 13.58 60.74
CA ASP H 112 -2.25 13.47 61.85
C ASP H 112 -3.65 13.09 61.39
N ASN H 113 -4.19 12.03 61.97
CA ASN H 113 -5.57 11.53 61.73
C ASN H 113 -5.70 11.02 60.29
N GLY H 114 -4.57 10.83 59.58
CA GLY H 114 -4.53 10.46 58.15
C GLY H 114 -4.84 8.98 57.91
N ALA H 115 -5.00 8.59 56.64
CA ALA H 115 -5.05 7.16 56.24
C ALA H 115 -3.62 6.61 56.25
N GLY H 116 -3.47 5.29 56.17
CA GLY H 116 -2.17 4.60 56.15
C GLY H 116 -1.46 4.98 54.88
N LYS H 117 -0.13 5.12 54.90
CA LYS H 117 0.65 5.27 53.63
C LYS H 117 0.45 3.99 52.82
N PRO H 118 0.19 4.11 51.50
CA PRO H 118 0.10 2.94 50.64
C PRO H 118 1.50 2.45 50.32
N VAL H 119 1.61 1.22 49.80
CA VAL H 119 2.91 0.69 49.31
C VAL H 119 3.47 1.68 48.29
N GLN H 120 4.74 2.08 48.43
CA GLN H 120 5.37 3.06 47.51
C GLN H 120 6.90 2.92 47.58
N GLY H 121 7.61 3.58 46.68
CA GLY H 121 9.08 3.52 46.59
C GLY H 121 9.54 2.56 45.52
N THR H 122 10.85 2.31 45.49
CA THR H 122 11.62 1.45 44.57
C THR H 122 10.74 0.25 44.20
N SER H 123 10.48 0.06 42.90
CA SER H 123 9.75 -1.10 42.33
C SER H 123 10.60 -1.71 41.21
N PHE H 124 10.51 -3.04 41.03
CA PHE H 124 11.06 -3.77 39.85
C PHE H 124 9.97 -4.70 39.30
N HIS H 125 9.56 -4.39 38.08
CA HIS H 125 8.53 -5.14 37.31
C HIS H 125 9.24 -5.72 36.08
N PHE H 126 9.34 -7.05 36.05
CA PHE H 126 10.15 -7.80 35.07
C PHE H 126 9.44 -9.11 34.79
N PHE H 127 9.44 -9.51 33.52
CA PHE H 127 8.95 -10.83 33.07
C PHE H 127 9.77 -11.24 31.83
N SER H 128 9.83 -12.56 31.60
CA SER H 128 10.60 -13.21 30.52
C SER H 128 9.94 -14.53 30.13
N VAL H 129 9.79 -14.78 28.82
CA VAL H 129 9.39 -16.11 28.26
C VAL H 129 10.56 -16.65 27.45
N GLY H 130 10.90 -17.91 27.71
CA GLY H 130 12.08 -18.55 27.10
C GLY H 130 11.88 -20.04 26.89
N GLY H 131 12.71 -20.61 26.01
CA GLY H 131 12.80 -22.05 25.72
C GLY H 131 13.87 -22.72 26.58
N GLU H 132 14.46 -21.95 27.49
CA GLU H 132 15.46 -22.46 28.46
C GLU H 132 15.46 -21.49 29.63
N ALA H 133 16.09 -21.85 30.74
CA ALA H 133 16.38 -20.94 31.87
C ALA H 133 16.90 -19.61 31.33
N LEU H 134 16.36 -18.51 31.87
CA LEU H 134 16.87 -17.12 31.73
C LEU H 134 18.35 -17.13 32.15
N GLU H 135 19.20 -16.50 31.35
CA GLU H 135 20.65 -16.38 31.63
C GLU H 135 20.91 -15.07 32.39
N LEU H 136 21.71 -15.13 33.47
CA LEU H 136 21.93 -14.01 34.42
C LEU H 136 23.39 -13.56 34.43
N GLN H 137 23.58 -12.24 34.50
CA GLN H 137 24.86 -11.56 34.80
C GLN H 137 24.76 -10.97 36.20
N GLY H 138 25.82 -11.09 37.01
CA GLY H 138 25.90 -10.49 38.35
C GLY H 138 26.52 -9.10 38.36
N VAL H 139 25.83 -8.16 39.00
CA VAL H 139 26.33 -6.81 39.33
C VAL H 139 25.93 -6.53 40.79
N LEU H 140 26.89 -6.10 41.61
CA LEU H 140 26.69 -5.89 43.07
C LEU H 140 26.75 -4.40 43.40
N PHE H 141 25.82 -3.95 44.22
CA PHE H 141 25.84 -2.55 44.69
C PHE H 141 27.13 -2.37 45.49
N ASN H 142 27.46 -3.43 46.24
CA ASN H 142 28.53 -3.49 47.27
C ASN H 142 29.15 -4.89 47.30
N TYR H 143 30.34 -5.07 46.73
CA TYR H 143 30.91 -6.41 46.49
C TYR H 143 31.20 -7.14 47.79
N ARG H 144 31.25 -6.41 48.90
CA ARG H 144 31.59 -7.01 50.23
C ARG H 144 30.33 -7.51 50.92
N THR H 145 29.15 -7.26 50.37
CA THR H 145 27.89 -7.75 50.99
C THR H 145 28.03 -9.25 51.22
N LYS H 146 27.82 -9.76 52.43
CA LYS H 146 27.75 -11.23 52.64
C LYS H 146 26.30 -11.65 52.37
N TYR H 147 26.08 -12.52 51.38
CA TYR H 147 24.74 -13.02 51.00
C TYR H 147 24.42 -14.29 51.77
N PRO H 148 23.12 -14.52 52.05
CA PRO H 148 22.73 -15.59 52.97
C PRO H 148 22.68 -17.02 52.40
N ASP H 149 22.88 -18.01 53.26
CA ASP H 149 22.71 -19.47 52.95
C ASP H 149 21.30 -19.66 52.39
N GLY H 150 21.18 -20.41 51.29
CA GLY H 150 19.88 -20.76 50.72
C GLY H 150 19.53 -19.89 49.52
N THR H 151 20.39 -18.91 49.24
CA THR H 151 20.31 -18.06 48.00
C THR H 151 21.57 -18.34 47.17
N ILE H 152 21.45 -18.20 45.85
CA ILE H 152 22.55 -18.37 44.86
C ILE H 152 22.93 -16.96 44.43
N PHE H 153 24.22 -16.64 44.48
CA PHE H 153 24.71 -15.26 44.32
C PHE H 153 26.09 -15.26 43.70
N PRO H 154 26.56 -14.11 43.17
CA PRO H 154 27.89 -14.03 42.59
C PRO H 154 28.92 -14.48 43.63
N LYS H 155 29.86 -15.32 43.24
CA LYS H 155 30.94 -15.80 44.13
C LYS H 155 32.28 -15.25 43.61
N ASN H 156 33.28 -15.19 44.47
CA ASN H 156 34.63 -14.64 44.18
C ASN H 156 34.47 -13.19 43.73
N ALA H 157 33.53 -12.50 44.37
CA ALA H 157 33.22 -11.09 44.09
C ALA H 157 34.53 -10.31 44.27
N THR H 158 34.82 -9.38 43.37
CA THR H 158 35.88 -8.37 43.55
C THR H 158 35.22 -7.00 43.50
N VAL H 159 36.01 -5.93 43.60
CA VAL H 159 35.48 -4.54 43.52
C VAL H 159 34.96 -4.28 42.11
N GLN H 160 35.51 -4.95 41.09
CA GLN H 160 35.04 -4.74 39.69
C GLN H 160 33.63 -5.33 39.58
N SER H 161 33.21 -6.21 40.50
CA SER H 161 31.83 -6.78 40.54
C SER H 161 30.79 -5.68 40.74
N GLN H 162 31.24 -4.47 41.10
CA GLN H 162 30.35 -3.32 41.38
C GLN H 162 29.96 -2.61 40.08
N VAL H 163 30.68 -2.87 38.98
CA VAL H 163 30.38 -2.26 37.64
C VAL H 163 30.20 -3.35 36.58
N MET H 164 31.10 -4.34 36.55
CA MET H 164 31.03 -5.48 35.60
C MET H 164 32.18 -6.44 35.86
N ASN H 165 31.83 -7.66 36.26
CA ASN H 165 32.76 -8.80 36.44
C ASN H 165 32.17 -10.00 35.71
N THR H 166 32.77 -10.39 34.60
CA THR H 166 32.17 -11.40 33.68
C THR H 166 32.20 -12.79 34.33
N GLU H 167 32.95 -13.01 35.42
CA GLU H 167 32.95 -14.35 36.05
C GLU H 167 31.52 -14.67 36.51
N HIS H 168 30.63 -13.68 36.73
CA HIS H 168 29.36 -13.85 37.48
C HIS H 168 28.23 -14.29 36.54
N LYS H 169 28.34 -15.49 35.98
CA LYS H 169 27.29 -16.11 35.14
C LYS H 169 26.50 -17.14 35.96
N ALA H 170 25.21 -17.25 35.66
CA ALA H 170 24.31 -18.25 36.28
C ALA H 170 23.07 -18.40 35.42
N TYR H 171 22.33 -19.46 35.67
CA TYR H 171 21.01 -19.72 35.05
C TYR H 171 19.94 -19.59 36.14
N LEU H 172 18.81 -18.94 35.82
CA LEU H 172 17.65 -18.85 36.74
C LEU H 172 16.93 -20.20 36.69
N ASP H 173 17.51 -21.16 37.40
CA ASP H 173 17.15 -22.61 37.41
C ASP H 173 16.52 -23.00 38.75
N LYS H 174 16.27 -22.05 39.66
CA LYS H 174 15.65 -22.37 40.97
C LYS H 174 14.86 -21.16 41.50
N ASN H 175 13.61 -21.42 41.87
CA ASN H 175 12.68 -20.45 42.51
C ASN H 175 13.19 -20.04 43.89
N LYS H 176 12.70 -18.92 44.43
CA LYS H 176 13.09 -18.41 45.77
C LYS H 176 14.57 -18.62 46.02
N ALA H 177 15.43 -18.23 45.09
CA ALA H 177 16.85 -18.59 45.29
C ALA H 177 17.81 -17.48 44.85
N TYR H 178 17.56 -16.85 43.69
CA TYR H 178 18.43 -15.81 43.06
C TYR H 178 17.95 -14.42 43.48
N PRO H 179 18.66 -13.74 44.40
CA PRO H 179 18.22 -12.44 44.90
C PRO H 179 18.13 -11.40 43.76
N VAL H 180 17.01 -10.69 43.68
CA VAL H 180 16.78 -9.67 42.63
C VAL H 180 17.98 -8.73 42.58
N GLU H 181 18.54 -8.38 43.73
CA GLU H 181 19.50 -7.25 43.80
C GLU H 181 20.88 -7.61 43.25
N CYS H 182 21.22 -8.88 43.03
CA CYS H 182 22.57 -9.31 42.57
C CYS H 182 22.63 -9.57 41.07
N TRP H 183 21.49 -9.82 40.45
CA TRP H 183 21.36 -10.49 39.12
C TRP H 183 20.42 -9.70 38.20
N VAL H 184 20.85 -9.51 36.95
CA VAL H 184 20.00 -9.00 35.85
C VAL H 184 20.12 -9.99 34.72
N PRO H 185 19.22 -9.94 33.71
CA PRO H 185 19.35 -10.79 32.53
C PRO H 185 20.64 -10.41 31.81
N ASP H 186 21.40 -11.42 31.36
CA ASP H 186 22.70 -11.31 30.65
C ASP H 186 22.41 -10.91 29.21
N PRO H 187 22.73 -9.67 28.80
CA PRO H 187 22.47 -9.23 27.43
C PRO H 187 23.35 -9.91 26.37
N THR H 188 24.39 -10.64 26.81
CA THR H 188 25.36 -11.30 25.89
C THR H 188 24.84 -12.70 25.56
N ARG H 189 23.81 -13.15 26.26
CA ARG H 189 23.18 -14.45 25.94
C ARG H 189 21.70 -14.18 25.68
N ASN H 190 20.84 -15.03 26.26
CA ASN H 190 19.36 -14.97 26.18
C ASN H 190 18.88 -14.85 24.74
N GLU H 191 19.57 -15.51 23.80
CA GLU H 191 19.17 -15.62 22.36
C GLU H 191 17.79 -16.28 22.31
N ASN H 192 17.52 -17.27 23.14
CA ASN H 192 16.28 -18.08 23.09
C ASN H 192 15.27 -17.59 24.12
N THR H 193 15.43 -16.38 24.67
CA THR H 193 14.48 -15.79 25.67
C THR H 193 14.14 -14.36 25.25
N ARG H 194 12.94 -13.92 25.62
CA ARG H 194 12.49 -12.52 25.45
C ARG H 194 12.22 -12.00 26.85
N TYR H 195 12.86 -10.89 27.25
CA TYR H 195 12.74 -10.30 28.61
C TYR H 195 12.44 -8.81 28.51
N PHE H 196 11.64 -8.36 29.49
CA PHE H 196 11.22 -6.96 29.70
C PHE H 196 11.25 -6.64 31.20
N GLY H 197 11.78 -5.47 31.55
CA GLY H 197 11.83 -5.05 32.96
C GLY H 197 11.97 -3.56 33.08
N THR H 198 11.31 -2.99 34.09
CA THR H 198 11.47 -1.57 34.45
C THR H 198 11.80 -1.47 35.94
N LEU H 199 12.90 -0.80 36.26
CA LEU H 199 13.17 -0.39 37.66
C LEU H 199 12.78 1.07 37.87
N THR H 200 11.77 1.30 38.72
CA THR H 200 11.34 2.67 39.09
C THR H 200 11.93 2.92 40.47
N GLY H 201 13.08 3.60 40.56
CA GLY H 201 13.77 3.89 41.83
C GLY H 201 13.15 5.09 42.54
N GLY H 202 13.68 5.49 43.70
CA GLY H 202 13.16 6.63 44.46
C GLY H 202 12.32 6.18 45.64
N GLU H 203 12.32 6.96 46.72
CA GLU H 203 11.84 6.52 48.06
C GLU H 203 10.32 6.68 48.19
N ASN H 204 9.69 7.63 47.48
CA ASN H 204 8.21 7.87 47.56
C ASN H 204 7.52 7.64 46.21
N VAL H 205 8.28 7.24 45.17
CA VAL H 205 7.76 7.02 43.79
C VAL H 205 6.58 6.06 43.89
N PRO H 206 5.40 6.43 43.35
CA PRO H 206 4.18 5.63 43.53
C PRO H 206 3.94 4.60 42.44
N PRO H 207 3.30 3.44 42.77
CA PRO H 207 2.99 2.41 41.78
C PRO H 207 2.01 2.91 40.71
N VAL H 208 2.26 2.50 39.45
CA VAL H 208 1.34 2.65 38.29
C VAL H 208 1.14 1.27 37.63
N LEU H 209 0.02 0.62 37.91
CA LEU H 209 -0.23 -0.78 37.47
C LEU H 209 -1.44 -0.81 36.53
N HIS H 210 -1.22 -1.14 35.25
CA HIS H 210 -2.28 -1.29 34.22
C HIS H 210 -2.68 -2.75 34.13
N ILE H 211 -3.99 -3.02 34.20
CA ILE H 211 -4.61 -4.34 33.93
C ILE H 211 -5.56 -4.20 32.73
N THR H 212 -5.68 -5.26 31.93
CA THR H 212 -6.53 -5.34 30.71
C THR H 212 -6.34 -6.71 30.09
N ASN H 213 -7.41 -7.27 29.53
CA ASN H 213 -7.33 -8.61 28.86
C ASN H 213 -7.24 -8.37 27.36
N THR H 214 -6.99 -7.13 26.92
CA THR H 214 -7.01 -6.73 25.48
C THR H 214 -5.61 -6.44 24.91
N ALA H 215 -4.50 -6.70 25.62
CA ALA H 215 -3.12 -6.37 25.16
C ALA H 215 -2.31 -7.65 25.02
N THR H 216 -1.66 -7.83 23.87
CA THR H 216 -0.85 -9.02 23.52
C THR H 216 0.56 -8.58 23.16
N THR H 217 1.58 -9.29 23.60
CA THR H 217 2.99 -9.01 23.18
C THR H 217 3.32 -10.09 22.15
N VAL H 218 3.96 -9.71 21.05
CA VAL H 218 4.49 -10.69 20.07
C VAL H 218 5.92 -11.05 20.51
N LEU H 219 6.24 -12.35 20.55
CA LEU H 219 7.55 -12.87 21.02
C LEU H 219 8.42 -13.25 19.83
N LEU H 220 7.94 -13.15 18.58
CA LEU H 220 8.81 -13.41 17.40
C LEU H 220 9.89 -12.32 17.35
N ASP H 221 11.10 -12.67 16.90
CA ASP H 221 12.26 -11.76 16.66
C ASP H 221 12.18 -11.18 15.23
N GLU H 222 13.23 -10.52 14.75
CA GLU H 222 13.23 -9.83 13.42
C GLU H 222 13.15 -10.85 12.28
N PHE H 223 13.42 -12.13 12.58
CA PHE H 223 13.37 -13.25 11.60
C PHE H 223 12.06 -14.05 11.75
N GLY H 224 11.11 -13.60 12.56
CA GLY H 224 9.82 -14.29 12.78
C GLY H 224 9.99 -15.61 13.51
N VAL H 225 11.00 -15.72 14.37
CA VAL H 225 11.25 -16.95 15.21
C VAL H 225 11.10 -16.56 16.69
N GLY H 226 10.20 -17.27 17.37
CA GLY H 226 9.98 -17.14 18.82
C GLY H 226 10.92 -18.06 19.62
N PRO H 227 10.82 -18.02 20.95
CA PRO H 227 11.54 -18.96 21.81
C PRO H 227 11.20 -20.41 21.51
N LEU H 228 12.24 -21.25 21.40
CA LEU H 228 12.15 -22.69 21.03
C LEU H 228 12.42 -23.55 22.26
N CYS H 229 11.43 -24.32 22.67
CA CYS H 229 11.37 -25.01 23.98
C CYS H 229 12.15 -26.34 23.93
N LYS H 230 13.43 -26.25 24.30
CA LYS H 230 14.36 -27.39 24.58
C LYS H 230 13.75 -28.27 25.67
N GLY H 231 13.75 -29.59 25.43
CA GLY H 231 13.17 -30.61 26.32
C GLY H 231 11.66 -30.49 26.51
N ASP H 232 10.96 -29.79 25.61
CA ASP H 232 9.50 -29.54 25.70
C ASP H 232 9.16 -28.84 27.01
N ASN H 233 9.98 -27.85 27.39
CA ASN H 233 9.74 -26.98 28.56
C ASN H 233 9.72 -25.48 28.18
N LEU H 234 8.76 -24.75 28.74
CA LEU H 234 8.65 -23.26 28.76
C LEU H 234 9.21 -22.71 30.09
N TYR H 235 10.06 -21.69 30.03
CA TYR H 235 10.57 -20.97 31.23
C TYR H 235 9.92 -19.58 31.34
N LEU H 236 9.08 -19.45 32.37
CA LEU H 236 8.46 -18.16 32.79
C LEU H 236 9.25 -17.63 33.99
N SER H 237 9.80 -16.42 33.88
CA SER H 237 10.48 -15.70 35.00
C SER H 237 9.78 -14.36 35.22
N ALA H 238 9.85 -13.82 36.44
CA ALA H 238 9.09 -12.62 36.85
C ALA H 238 9.63 -12.03 38.16
N VAL H 239 9.59 -10.70 38.24
CA VAL H 239 9.73 -9.95 39.51
C VAL H 239 8.63 -8.89 39.50
N ASP H 240 7.93 -8.74 40.63
CA ASP H 240 6.90 -7.69 40.84
C ASP H 240 6.98 -7.21 42.28
N VAL H 241 8.11 -6.58 42.58
CA VAL H 241 8.27 -5.75 43.79
C VAL H 241 7.53 -4.45 43.47
N CYS H 242 6.37 -4.25 44.10
CA CYS H 242 5.45 -3.10 43.85
C CYS H 242 5.95 -1.85 44.59
N GLY H 243 6.61 -2.05 45.73
CA GLY H 243 7.27 -1.00 46.51
C GLY H 243 7.39 -1.44 47.95
N MET H 244 7.37 -0.51 48.90
CA MET H 244 7.60 -0.81 50.33
C MET H 244 6.36 -0.46 51.16
N PHE H 245 5.98 -1.38 52.04
CA PHE H 245 4.87 -1.19 53.01
C PHE H 245 5.53 -0.69 54.30
N THR H 246 4.98 0.39 54.88
CA THR H 246 5.46 1.02 56.13
C THR H 246 4.41 0.72 57.19
N ASN H 247 4.75 -0.12 58.17
CA ASN H 247 3.90 -0.41 59.36
C ASN H 247 4.04 0.75 60.35
N ARG H 248 3.20 0.75 61.38
CA ARG H 248 3.07 1.86 62.35
C ARG H 248 4.40 2.14 63.06
N SER H 249 5.36 1.23 63.11
CA SER H 249 6.66 1.54 63.76
C SER H 249 7.54 2.38 62.83
N GLY H 250 7.18 2.52 61.57
CA GLY H 250 8.02 3.22 60.57
C GLY H 250 8.97 2.29 59.85
N SER H 251 9.11 1.03 60.28
CA SER H 251 9.91 -0.01 59.58
C SER H 251 9.18 -0.38 58.28
N GLN H 252 9.89 -0.98 57.33
CA GLN H 252 9.46 -1.01 55.90
C GLN H 252 9.72 -2.40 55.33
N GLN H 253 8.72 -2.95 54.66
CA GLN H 253 8.76 -4.31 54.09
C GLN H 253 8.51 -4.17 52.59
N TRP H 254 9.31 -4.82 51.75
CA TRP H 254 8.97 -4.99 50.31
C TRP H 254 7.62 -5.71 50.23
N ARG H 255 6.69 -5.23 49.41
CA ARG H 255 5.46 -6.00 49.07
C ARG H 255 5.54 -6.32 47.58
N GLY H 256 5.23 -7.57 47.22
CA GLY H 256 5.15 -8.02 45.81
C GLY H 256 3.79 -8.65 45.52
N LEU H 257 3.47 -8.83 44.24
CA LEU H 257 2.22 -9.51 43.81
C LEU H 257 2.53 -10.61 42.77
N SER H 258 1.60 -11.54 42.55
CA SER H 258 1.74 -12.61 41.53
C SER H 258 1.57 -12.02 40.12
N ARG H 259 2.09 -12.72 39.10
CA ARG H 259 2.01 -12.27 37.68
C ARG H 259 1.33 -13.36 36.85
N TYR H 260 0.40 -12.97 35.99
CA TYR H 260 -0.38 -13.89 35.11
C TYR H 260 0.39 -14.02 33.80
N PHE H 261 0.55 -15.24 33.31
CA PHE H 261 1.17 -15.52 31.98
C PHE H 261 0.16 -16.30 31.16
N LYS H 262 -0.05 -15.93 29.90
CA LYS H 262 -0.75 -16.78 28.90
C LYS H 262 0.07 -16.77 27.61
N VAL H 263 0.65 -17.92 27.27
CA VAL H 263 1.55 -18.05 26.09
C VAL H 263 0.87 -18.98 25.09
N GLN H 264 0.85 -18.56 23.83
CA GLN H 264 0.39 -19.38 22.68
C GLN H 264 1.65 -19.92 22.04
N LEU H 265 1.64 -21.22 21.75
CA LEU H 265 2.76 -21.95 21.12
C LEU H 265 2.26 -22.70 19.88
N ARG H 266 3.18 -22.94 18.95
CA ARG H 266 2.91 -23.62 17.68
C ARG H 266 4.07 -24.58 17.50
N LYS H 267 3.98 -25.55 16.58
CA LYS H 267 5.08 -26.52 16.37
C LYS H 267 5.97 -25.99 15.24
N ARG H 268 7.28 -26.02 15.46
CA ARG H 268 8.25 -25.63 14.42
C ARG H 268 9.23 -26.79 14.25
N ARG H 269 9.45 -27.21 13.01
CA ARG H 269 10.47 -28.25 12.70
C ARG H 269 11.84 -27.56 12.71
N VAL H 270 12.82 -28.22 13.28
CA VAL H 270 14.23 -27.71 13.37
C VAL H 270 15.13 -28.82 12.84
N LYS H 271 16.45 -28.58 12.71
CA LYS H 271 17.44 -29.65 12.35
C LYS H 271 18.66 -29.51 13.27
N ASN H 272 19.02 -30.60 13.97
CA ASN H 272 20.23 -30.76 14.82
C ASN H 272 20.06 -30.02 16.16
N VAL I 7 -19.18 -22.02 21.73
CA VAL I 7 -20.14 -21.38 20.74
C VAL I 7 -19.42 -21.06 19.42
N GLU I 8 -20.11 -21.23 18.27
CA GLU I 8 -19.59 -21.03 16.89
C GLU I 8 -20.25 -19.79 16.26
N VAL I 9 -19.43 -18.89 15.68
CA VAL I 9 -19.78 -17.45 15.42
C VAL I 9 -19.76 -17.15 13.92
N LEU I 10 -20.90 -16.71 13.41
CA LEU I 10 -21.14 -16.64 11.95
C LEU I 10 -21.26 -15.16 11.57
N GLU I 11 -21.93 -14.87 10.46
CA GLU I 11 -21.95 -13.54 9.80
C GLU I 11 -22.66 -12.51 10.69
N VAL I 12 -22.34 -11.23 10.46
CA VAL I 12 -23.08 -10.07 11.01
C VAL I 12 -24.30 -9.83 10.12
N LYS I 13 -25.49 -9.73 10.73
CA LYS I 13 -26.75 -9.24 10.09
C LYS I 13 -26.61 -7.75 9.80
N THR I 14 -26.89 -7.31 8.57
CA THR I 14 -26.88 -5.89 8.16
C THR I 14 -28.33 -5.45 7.97
N GLY I 15 -28.52 -4.21 7.53
CA GLY I 15 -29.86 -3.62 7.36
C GLY I 15 -30.22 -2.71 8.53
N VAL I 16 -31.46 -2.24 8.51
CA VAL I 16 -32.00 -1.33 9.57
C VAL I 16 -32.60 -2.23 10.65
N ASP I 17 -32.40 -1.84 11.91
CA ASP I 17 -32.82 -2.62 13.11
C ASP I 17 -31.74 -3.65 13.45
N SER I 18 -30.66 -3.72 12.67
CA SER I 18 -29.50 -4.63 12.89
C SER I 18 -28.55 -4.03 13.96
N ILE I 19 -28.53 -2.71 14.14
CA ILE I 19 -27.67 -2.03 15.15
C ILE I 19 -28.56 -1.51 16.27
N THR I 20 -27.96 -1.27 17.44
CA THR I 20 -28.54 -0.62 18.64
C THR I 20 -27.42 0.06 19.43
N GLU I 21 -27.79 0.88 20.41
CA GLU I 21 -26.84 1.73 21.18
C GLU I 21 -27.37 1.84 22.62
N VAL I 22 -26.44 1.75 23.57
CA VAL I 22 -26.80 1.72 25.02
C VAL I 22 -25.94 2.79 25.67
N GLU I 23 -26.61 3.74 26.32
CA GLU I 23 -26.02 4.92 27.00
C GLU I 23 -26.38 4.77 28.48
N CYS I 24 -25.50 5.10 29.43
CA CYS I 24 -25.89 5.15 30.87
C CYS I 24 -24.71 5.56 31.75
N PHE I 25 -25.04 5.94 32.98
CA PHE I 25 -24.10 6.41 34.04
C PHE I 25 -24.01 5.36 35.14
N LEU I 26 -22.82 4.87 35.49
CA LEU I 26 -22.61 4.06 36.71
C LEU I 26 -22.18 4.98 37.83
N THR I 27 -22.98 5.04 38.89
CA THR I 27 -22.72 5.85 40.11
C THR I 27 -21.71 5.13 40.98
N PRO I 28 -20.78 5.83 41.65
CA PRO I 28 -19.79 5.17 42.51
C PRO I 28 -20.42 4.71 43.84
N GLU I 29 -19.83 3.66 44.42
CA GLU I 29 -20.27 3.11 45.72
C GLU I 29 -19.09 3.14 46.70
N MET I 30 -18.94 4.27 47.39
CA MET I 30 -17.74 4.66 48.17
C MET I 30 -17.91 4.32 49.65
N GLY I 31 -19.14 4.29 50.17
CA GLY I 31 -19.39 3.97 51.58
C GLY I 31 -20.61 4.71 52.10
N ASP I 32 -20.79 5.97 51.68
CA ASP I 32 -22.02 6.75 52.00
C ASP I 32 -22.22 6.69 53.51
N PRO I 33 -21.26 7.24 54.30
CA PRO I 33 -21.28 7.07 55.75
C PRO I 33 -22.53 7.70 56.37
N ASP I 34 -23.07 8.76 55.74
CA ASP I 34 -24.29 9.49 56.17
C ASP I 34 -25.07 9.99 54.93
N GLU I 35 -26.34 10.32 55.17
CA GLU I 35 -27.35 10.78 54.17
C GLU I 35 -26.91 12.05 53.41
N HIS I 36 -25.81 12.72 53.79
CA HIS I 36 -25.31 13.92 53.09
C HIS I 36 -24.06 13.63 52.25
N LEU I 37 -23.47 12.44 52.37
CA LEU I 37 -22.10 12.23 51.85
C LEU I 37 -22.07 11.12 50.79
N ARG I 38 -23.11 11.00 49.98
CA ARG I 38 -23.06 10.02 48.86
C ARG I 38 -21.84 10.36 48.00
N GLY I 39 -21.06 9.36 47.63
CA GLY I 39 -19.87 9.50 46.77
C GLY I 39 -18.59 9.68 47.59
N PHE I 40 -18.70 9.67 48.93
CA PHE I 40 -17.57 9.66 49.89
C PHE I 40 -17.62 8.37 50.73
N SER I 41 -16.46 8.02 51.29
CA SER I 41 -16.33 6.97 52.33
C SER I 41 -16.46 7.61 53.73
N LYS I 42 -16.70 6.77 54.73
CA LYS I 42 -16.32 7.06 56.13
C LYS I 42 -14.81 7.36 56.17
N SER I 43 -14.39 8.26 57.06
CA SER I 43 -12.96 8.65 57.18
C SER I 43 -12.18 7.38 57.49
N ILE I 44 -10.93 7.28 57.04
CA ILE I 44 -10.14 6.02 57.21
C ILE I 44 -9.61 5.98 58.64
N SER I 45 -9.82 4.87 59.34
CA SER I 45 -9.23 4.61 60.68
C SER I 45 -8.40 3.33 60.57
N ILE I 46 -7.24 3.30 61.24
CA ILE I 46 -6.17 2.28 61.04
C ILE I 46 -6.17 1.29 62.21
N SER I 47 -6.18 -0.02 61.93
CA SER I 47 -6.02 -1.10 62.94
C SER I 47 -4.58 -1.03 63.46
N ASP I 48 -4.37 -1.41 64.73
CA ASP I 48 -3.03 -1.42 65.38
C ASP I 48 -2.18 -2.53 64.76
N THR I 49 -2.82 -3.65 64.42
CA THR I 49 -2.18 -4.92 64.00
C THR I 49 -2.93 -5.51 62.80
N PHE I 50 -2.28 -6.42 62.07
CA PHE I 50 -2.96 -7.13 60.96
C PHE I 50 -4.14 -7.90 61.56
N GLU I 51 -3.95 -8.54 62.72
CA GLU I 51 -4.96 -9.40 63.40
C GLU I 51 -6.25 -8.62 63.64
N SER I 52 -6.15 -7.33 63.97
CA SER I 52 -7.28 -6.49 64.43
C SER I 52 -7.85 -5.62 63.30
N ASP I 53 -7.43 -5.82 62.05
CA ASP I 53 -7.91 -5.05 60.89
C ASP I 53 -9.38 -5.45 60.65
N SER I 54 -10.30 -4.53 60.89
CA SER I 54 -11.76 -4.82 60.80
C SER I 54 -12.46 -3.61 60.22
N PRO I 55 -12.33 -3.39 58.89
CA PRO I 55 -12.84 -2.20 58.23
C PRO I 55 -14.37 -2.27 58.15
N ASN I 56 -15.02 -1.22 58.65
CA ASN I 56 -16.49 -1.08 58.58
C ASN I 56 -16.88 -0.87 57.11
N ARG I 57 -18.07 -1.35 56.74
CA ARG I 57 -18.66 -1.33 55.37
C ARG I 57 -18.70 0.08 54.82
N ASP I 58 -19.00 1.09 55.64
CA ASP I 58 -19.08 2.51 55.20
C ASP I 58 -17.68 3.04 54.84
N MET I 59 -16.61 2.30 55.12
CA MET I 59 -15.22 2.78 54.90
C MET I 59 -14.60 2.08 53.69
N LEU I 60 -15.33 1.14 53.07
CA LEU I 60 -14.87 0.26 51.97
C LEU I 60 -15.61 0.55 50.66
N PRO I 61 -14.94 1.21 49.69
CA PRO I 61 -15.46 1.28 48.32
C PRO I 61 -15.63 -0.11 47.68
N CYS I 62 -16.68 -0.26 46.86
CA CYS I 62 -17.03 -1.51 46.13
C CYS I 62 -17.04 -1.30 44.62
N TYR I 63 -17.10 -2.39 43.86
CA TYR I 63 -17.35 -2.35 42.40
C TYR I 63 -18.81 -1.91 42.18
N SER I 64 -18.98 -1.10 41.14
CA SER I 64 -20.29 -0.76 40.51
C SER I 64 -20.50 -1.68 39.31
N VAL I 65 -21.75 -2.09 39.11
CA VAL I 65 -22.20 -2.95 37.98
C VAL I 65 -23.60 -2.53 37.56
N ALA I 66 -23.88 -2.60 36.26
CA ALA I 66 -25.23 -2.47 35.67
C ALA I 66 -25.43 -3.62 34.68
N ARG I 67 -26.51 -4.38 34.86
CA ARG I 67 -27.00 -5.35 33.85
C ARG I 67 -28.05 -4.61 33.02
N ILE I 68 -27.80 -4.38 31.74
CA ILE I 68 -28.74 -3.59 30.88
C ILE I 68 -29.42 -4.51 29.88
N PRO I 69 -30.77 -4.63 29.91
CA PRO I 69 -31.49 -5.49 28.98
C PRO I 69 -31.54 -4.82 27.60
N LEU I 70 -31.30 -5.60 26.54
CA LEU I 70 -31.26 -5.15 25.13
C LEU I 70 -32.55 -5.60 24.47
N PRO I 71 -32.91 -5.12 23.25
CA PRO I 71 -34.13 -5.60 22.59
C PRO I 71 -34.07 -7.12 22.40
N ASN I 72 -35.18 -7.83 22.67
CA ASN I 72 -35.27 -9.31 22.58
C ASN I 72 -35.04 -9.76 21.14
N LEU I 73 -34.48 -10.96 20.91
CA LEU I 73 -34.01 -11.41 19.57
C LEU I 73 -34.58 -12.76 19.11
N ASN I 74 -34.89 -13.72 19.99
CA ASN I 74 -35.20 -15.11 19.55
C ASN I 74 -36.41 -15.65 20.32
N ILE I 82 -29.93 -18.28 15.15
CA ILE I 82 -29.97 -17.78 16.56
C ILE I 82 -29.10 -16.52 16.64
N LEU I 83 -29.70 -15.35 16.99
CA LEU I 83 -29.01 -14.04 16.95
C LEU I 83 -28.63 -13.58 18.37
N MET I 84 -27.44 -12.99 18.50
CA MET I 84 -26.94 -12.37 19.76
C MET I 84 -26.47 -10.95 19.44
N TRP I 85 -26.75 -10.02 20.35
CA TRP I 85 -26.16 -8.66 20.35
C TRP I 85 -24.67 -8.81 20.64
N GLU I 86 -23.85 -8.27 19.76
CA GLU I 86 -22.37 -8.18 19.90
C GLU I 86 -22.06 -6.72 20.23
N ALA I 87 -21.28 -6.45 21.27
CA ALA I 87 -20.78 -5.11 21.65
C ALA I 87 -19.50 -4.81 20.85
N VAL I 88 -19.46 -3.64 20.18
CA VAL I 88 -18.45 -3.38 19.13
C VAL I 88 -17.56 -2.20 19.55
N THR I 89 -18.16 -1.08 19.95
CA THR I 89 -17.39 0.12 20.41
C THR I 89 -17.93 0.64 21.75
N LEU I 90 -17.06 1.40 22.42
CA LEU I 90 -17.31 2.00 23.75
C LEU I 90 -16.79 3.42 23.70
N LYS I 91 -17.61 4.35 24.16
CA LYS I 91 -17.13 5.69 24.58
C LYS I 91 -17.32 5.71 26.09
N THR I 92 -16.29 6.08 26.84
CA THR I 92 -16.44 6.20 28.31
C THR I 92 -15.74 7.49 28.77
N GLU I 93 -16.32 8.20 29.73
CA GLU I 93 -15.61 9.29 30.43
C GLU I 93 -16.14 9.39 31.88
N VAL I 94 -15.34 10.02 32.72
CA VAL I 94 -15.67 10.30 34.15
C VAL I 94 -16.47 11.60 34.18
N ILE I 95 -17.60 11.63 34.91
CA ILE I 95 -18.52 12.80 34.96
C ILE I 95 -18.38 13.53 36.31
N GLY I 96 -18.09 14.82 36.21
CA GLY I 96 -17.92 15.75 37.35
C GLY I 96 -16.47 15.95 37.76
N VAL I 97 -15.54 15.94 36.78
CA VAL I 97 -14.07 16.09 37.03
C VAL I 97 -13.85 17.49 37.57
N THR I 98 -14.64 18.46 37.12
CA THR I 98 -14.51 19.87 37.58
C THR I 98 -14.98 20.00 39.03
N SER I 99 -15.72 19.04 39.59
CA SER I 99 -16.11 19.10 41.02
C SER I 99 -14.86 19.13 41.91
N LEU I 100 -13.74 18.57 41.47
CA LEU I 100 -12.51 18.47 42.29
C LEU I 100 -11.85 19.84 42.50
N MET I 101 -12.37 20.90 41.91
CA MET I 101 -11.90 22.29 42.13
C MET I 101 -12.69 22.96 43.26
N ASN I 102 -13.65 22.28 43.89
CA ASN I 102 -14.29 22.77 45.14
C ASN I 102 -13.30 22.54 46.28
N VAL I 103 -12.57 23.61 46.56
CA VAL I 103 -11.32 23.60 47.35
C VAL I 103 -11.53 24.64 48.46
N HIS I 104 -12.80 24.88 48.77
CA HIS I 104 -13.31 25.94 49.68
C HIS I 104 -14.40 25.37 50.60
N SER I 105 -14.45 24.05 50.80
CA SER I 105 -15.50 23.37 51.60
C SER I 105 -14.85 22.38 52.57
N ASN I 106 -14.69 22.80 53.83
CA ASN I 106 -14.17 21.98 54.97
C ASN I 106 -12.91 21.22 54.51
N GLY I 107 -11.96 21.91 53.89
CA GLY I 107 -10.69 21.29 53.45
C GLY I 107 -9.47 21.78 54.23
N GLN I 108 -8.61 20.87 54.66
CA GLN I 108 -7.30 21.21 55.26
C GLN I 108 -6.53 22.10 54.29
N ALA I 109 -6.19 23.31 54.68
CA ALA I 109 -5.39 24.26 53.87
C ALA I 109 -4.03 23.63 53.54
N THR I 110 -3.51 23.96 52.37
CA THR I 110 -2.16 23.53 51.92
C THR I 110 -1.14 24.00 52.95
N HIS I 111 -1.26 25.27 53.35
CA HIS I 111 -0.43 25.95 54.37
C HIS I 111 -1.27 27.10 54.92
N ASP I 112 -0.85 27.67 56.05
CA ASP I 112 -1.50 28.83 56.71
C ASP I 112 -2.02 29.84 55.68
N ASN I 113 -3.34 30.05 55.63
CA ASN I 113 -4.09 31.04 54.80
C ASN I 113 -4.43 30.51 53.39
N GLY I 114 -3.95 29.33 53.04
CA GLY I 114 -4.15 28.76 51.69
C GLY I 114 -5.54 28.17 51.45
N ALA I 115 -5.74 27.71 50.22
CA ALA I 115 -6.98 27.04 49.79
C ALA I 115 -6.92 25.59 50.26
N GLY I 116 -8.02 24.86 50.07
CA GLY I 116 -8.17 23.45 50.49
C GLY I 116 -7.24 22.53 49.72
N LYS I 117 -6.79 21.45 50.37
CA LYS I 117 -6.11 20.33 49.69
C LYS I 117 -7.14 19.66 48.78
N PRO I 118 -6.84 19.56 47.47
CA PRO I 118 -7.74 18.96 46.50
C PRO I 118 -7.71 17.45 46.72
N VAL I 119 -8.74 16.76 46.24
CA VAL I 119 -8.77 15.27 46.20
C VAL I 119 -7.43 14.86 45.56
N GLN I 120 -6.62 14.09 46.29
CA GLN I 120 -5.33 13.54 45.80
C GLN I 120 -5.01 12.22 46.51
N GLY I 121 -3.95 11.56 46.07
CA GLY I 121 -3.51 10.26 46.60
C GLY I 121 -4.01 9.12 45.73
N THR I 122 -4.05 7.92 46.31
CA THR I 122 -4.32 6.64 45.61
C THR I 122 -5.62 6.76 44.79
N SER I 123 -5.58 6.37 43.52
CA SER I 123 -6.73 6.31 42.58
C SER I 123 -6.77 4.95 41.88
N PHE I 124 -7.97 4.43 41.64
CA PHE I 124 -8.20 3.25 40.78
C PHE I 124 -9.32 3.64 39.80
N HIS I 125 -9.01 3.60 38.52
CA HIS I 125 -9.95 3.88 37.42
C HIS I 125 -10.05 2.59 36.59
N PHE I 126 -11.23 1.99 36.62
CA PHE I 126 -11.51 0.67 36.03
C PHE I 126 -12.90 0.69 35.37
N PHE I 127 -13.00 0.13 34.17
CA PHE I 127 -14.27 -0.09 33.46
C PHE I 127 -14.12 -1.33 32.57
N SER I 128 -15.25 -2.02 32.37
CA SER I 128 -15.31 -3.26 31.56
C SER I 128 -16.69 -3.33 30.88
N VAL I 129 -16.70 -3.89 29.68
CA VAL I 129 -17.94 -4.20 28.90
C VAL I 129 -17.88 -5.69 28.59
N GLY I 130 -18.95 -6.42 28.86
CA GLY I 130 -19.01 -7.85 28.54
C GLY I 130 -20.45 -8.33 28.38
N GLY I 131 -20.57 -9.57 27.86
CA GLY I 131 -21.83 -10.25 27.58
C GLY I 131 -22.31 -11.09 28.77
N GLU I 132 -21.61 -11.00 29.90
CA GLU I 132 -21.99 -11.69 31.17
C GLU I 132 -21.33 -10.92 32.31
N ALA I 133 -21.61 -11.33 33.55
CA ALA I 133 -21.00 -10.71 34.75
C ALA I 133 -19.48 -10.84 34.66
N LEU I 134 -18.77 -9.76 34.97
CA LEU I 134 -17.30 -9.72 35.13
C LEU I 134 -16.90 -10.80 36.14
N GLU I 135 -15.88 -11.61 35.81
CA GLU I 135 -15.38 -12.71 36.67
C GLU I 135 -14.20 -12.19 37.52
N LEU I 136 -14.31 -12.37 38.83
CA LEU I 136 -13.39 -11.78 39.82
C LEU I 136 -12.49 -12.85 40.43
N GLN I 137 -11.23 -12.48 40.66
CA GLN I 137 -10.27 -13.24 41.49
C GLN I 137 -10.04 -12.46 42.79
N GLY I 138 -10.16 -13.11 43.95
CA GLY I 138 -9.83 -12.48 45.23
C GLY I 138 -8.33 -12.41 45.44
N VAL I 139 -7.80 -11.24 45.84
CA VAL I 139 -6.40 -11.05 46.32
C VAL I 139 -6.43 -10.09 47.51
N LEU I 140 -5.92 -10.53 48.66
CA LEU I 140 -5.99 -9.82 49.96
C LEU I 140 -4.64 -9.20 50.29
N PHE I 141 -4.64 -7.97 50.81
CA PHE I 141 -3.41 -7.32 51.31
C PHE I 141 -2.93 -8.09 52.53
N ASN I 142 -3.88 -8.42 53.39
CA ASN I 142 -3.64 -9.05 54.71
C ASN I 142 -4.74 -10.09 54.92
N TYR I 143 -4.43 -11.38 54.88
CA TYR I 143 -5.45 -12.45 54.78
C TYR I 143 -6.30 -12.52 56.04
N ARG I 144 -5.80 -11.96 57.15
CA ARG I 144 -6.46 -11.96 58.48
C ARG I 144 -7.41 -10.77 58.64
N THR I 145 -7.51 -9.91 57.63
CA THR I 145 -8.51 -8.80 57.60
C THR I 145 -9.88 -9.44 57.72
N LYS I 146 -10.73 -8.93 58.63
CA LYS I 146 -12.13 -9.37 58.80
C LYS I 146 -13.02 -8.35 58.08
N TYR I 147 -13.67 -8.76 56.99
CA TYR I 147 -14.52 -7.91 56.12
C TYR I 147 -15.91 -7.88 56.74
N PRO I 148 -16.68 -6.78 56.56
CA PRO I 148 -17.93 -6.58 57.27
C PRO I 148 -19.14 -7.29 56.65
N ASP I 149 -20.22 -7.42 57.42
CA ASP I 149 -21.49 -8.05 56.96
C ASP I 149 -22.08 -7.25 55.79
N GLY I 150 -22.65 -7.97 54.82
CA GLY I 150 -23.34 -7.38 53.66
C GLY I 150 -22.36 -6.99 52.57
N THR I 151 -21.07 -7.35 52.68
CA THR I 151 -20.11 -7.29 51.56
C THR I 151 -19.73 -8.73 51.24
N ILE I 152 -19.31 -8.99 50.01
CA ILE I 152 -18.98 -10.35 49.50
C ILE I 152 -17.48 -10.36 49.20
N PHE I 153 -16.73 -11.23 49.87
CA PHE I 153 -15.25 -11.13 50.00
C PHE I 153 -14.68 -12.55 50.00
N PRO I 154 -13.36 -12.69 49.74
CA PRO I 154 -12.72 -14.01 49.71
C PRO I 154 -12.95 -14.79 51.01
N LYS I 155 -13.62 -15.94 50.96
CA LYS I 155 -13.91 -16.78 52.15
C LYS I 155 -12.87 -17.90 52.22
N ASN I 156 -12.61 -18.44 53.42
CA ASN I 156 -11.57 -19.48 53.71
C ASN I 156 -10.19 -18.94 53.36
N ALA I 157 -9.98 -17.64 53.60
CA ALA I 157 -8.69 -16.97 53.33
C ALA I 157 -7.59 -17.68 54.12
N THR I 158 -6.47 -17.88 53.45
CA THR I 158 -5.26 -18.47 54.04
C THR I 158 -4.14 -17.49 53.77
N VAL I 159 -2.96 -17.71 54.34
CA VAL I 159 -1.82 -16.79 54.10
C VAL I 159 -1.59 -16.72 52.59
N GLN I 160 -1.89 -17.78 51.84
CA GLN I 160 -1.61 -17.83 50.38
C GLN I 160 -2.57 -16.89 49.64
N SER I 161 -3.73 -16.58 50.23
CA SER I 161 -4.65 -15.55 49.71
C SER I 161 -3.90 -14.22 49.51
N GLN I 162 -2.73 -14.03 50.14
CA GLN I 162 -1.99 -12.73 50.13
C GLN I 162 -1.22 -12.55 48.82
N VAL I 163 -1.13 -13.59 47.99
CA VAL I 163 -0.49 -13.53 46.65
C VAL I 163 -1.41 -14.17 45.60
N MET I 164 -1.98 -15.35 45.86
CA MET I 164 -2.79 -16.09 44.85
C MET I 164 -3.44 -17.35 45.45
N ASN I 165 -4.74 -17.31 45.69
CA ASN I 165 -5.55 -18.47 46.16
C ASN I 165 -6.72 -18.65 45.17
N THR I 166 -6.70 -19.78 44.45
CA THR I 166 -7.63 -20.09 43.32
C THR I 166 -9.04 -20.42 43.83
N GLU I 167 -9.22 -20.68 45.13
CA GLU I 167 -10.57 -20.84 45.71
C GLU I 167 -11.40 -19.55 45.53
N HIS I 168 -10.76 -18.37 45.55
CA HIS I 168 -11.45 -17.05 45.59
C HIS I 168 -11.98 -16.67 44.21
N LYS I 169 -13.04 -17.33 43.74
CA LYS I 169 -13.71 -16.95 42.46
C LYS I 169 -15.10 -16.37 42.75
N ALA I 170 -15.49 -15.32 42.04
CA ALA I 170 -16.81 -14.72 42.22
C ALA I 170 -17.23 -14.02 40.95
N TYR I 171 -18.52 -13.70 40.85
CA TYR I 171 -19.15 -12.94 39.74
C TYR I 171 -19.53 -11.58 40.34
N LEU I 172 -19.20 -10.50 39.64
CA LEU I 172 -19.63 -9.14 40.03
C LEU I 172 -21.11 -9.04 39.69
N ASP I 173 -21.94 -9.72 40.47
CA ASP I 173 -23.38 -9.99 40.18
C ASP I 173 -24.29 -9.16 41.08
N LYS I 174 -23.73 -8.30 41.92
CA LYS I 174 -24.50 -7.51 42.91
C LYS I 174 -23.82 -6.14 43.09
N ASN I 175 -24.60 -5.09 43.31
CA ASN I 175 -24.05 -3.73 43.51
C ASN I 175 -23.82 -3.50 45.01
N LYS I 176 -22.90 -2.59 45.37
CA LYS I 176 -22.61 -2.19 46.77
C LYS I 176 -22.14 -3.38 47.62
N ALA I 177 -21.52 -4.41 47.03
CA ALA I 177 -21.16 -5.66 47.76
C ALA I 177 -19.70 -6.06 47.60
N TYR I 178 -19.08 -5.90 46.43
CA TYR I 178 -17.72 -6.46 46.17
C TYR I 178 -16.70 -5.37 46.45
N PRO I 179 -15.99 -5.42 47.60
CA PRO I 179 -14.99 -4.40 47.93
C PRO I 179 -13.85 -4.37 46.92
N VAL I 180 -13.51 -3.17 46.46
CA VAL I 180 -12.43 -2.95 45.46
C VAL I 180 -11.15 -3.57 45.99
N GLU I 181 -10.85 -3.46 47.29
CA GLU I 181 -9.51 -3.90 47.79
C GLU I 181 -9.37 -5.43 47.77
N CYS I 182 -10.47 -6.20 47.78
CA CYS I 182 -10.43 -7.69 47.82
C CYS I 182 -10.44 -8.32 46.43
N TRP I 183 -10.97 -7.64 45.41
CA TRP I 183 -11.24 -8.34 44.13
C TRP I 183 -10.57 -7.60 42.96
N VAL I 184 -10.14 -8.38 41.97
CA VAL I 184 -9.67 -7.92 40.63
C VAL I 184 -10.31 -8.81 39.55
N PRO I 185 -10.36 -8.32 38.29
CA PRO I 185 -10.79 -9.14 37.15
C PRO I 185 -9.88 -10.38 37.12
N ASP I 186 -10.47 -11.53 36.80
CA ASP I 186 -9.78 -12.84 36.80
C ASP I 186 -9.19 -13.03 35.41
N PRO I 187 -7.85 -12.99 35.25
CA PRO I 187 -7.23 -13.08 33.92
C PRO I 187 -7.35 -14.47 33.29
N THR I 188 -7.67 -15.48 34.10
CA THR I 188 -7.85 -16.86 33.60
C THR I 188 -9.28 -17.03 33.04
N ARG I 189 -10.14 -16.02 33.14
CA ARG I 189 -11.53 -16.07 32.61
C ARG I 189 -11.81 -14.81 31.79
N ASN I 190 -13.05 -14.30 31.83
CA ASN I 190 -13.50 -13.06 31.13
C ASN I 190 -13.19 -13.15 29.62
N GLU I 191 -13.47 -14.31 29.01
CA GLU I 191 -13.31 -14.56 27.55
C GLU I 191 -14.26 -13.61 26.82
N ASN I 192 -15.41 -13.31 27.45
CA ASN I 192 -16.57 -12.61 26.86
C ASN I 192 -16.69 -11.20 27.44
N THR I 193 -15.63 -10.67 28.07
CA THR I 193 -15.59 -9.29 28.63
C THR I 193 -14.29 -8.61 28.17
N ARG I 194 -14.35 -7.30 27.92
CA ARG I 194 -13.16 -6.43 27.75
C ARG I 194 -13.05 -5.55 29.00
N TYR I 195 -11.95 -5.65 29.75
CA TYR I 195 -11.71 -4.88 30.99
C TYR I 195 -10.42 -4.06 30.89
N PHE I 196 -10.46 -2.89 31.53
CA PHE I 196 -9.35 -1.92 31.58
C PHE I 196 -9.40 -1.22 32.94
N GLY I 197 -8.27 -1.20 33.65
CA GLY I 197 -8.14 -0.46 34.92
C GLY I 197 -6.73 0.08 35.10
N THR I 198 -6.57 1.19 35.80
CA THR I 198 -5.23 1.63 36.23
C THR I 198 -5.25 1.90 37.74
N LEU I 199 -4.34 1.27 38.49
CA LEU I 199 -4.08 1.71 39.88
C LEU I 199 -2.84 2.61 39.91
N THR I 200 -3.04 3.84 40.36
CA THR I 200 -1.96 4.80 40.67
C THR I 200 -1.90 4.92 42.21
N GLY I 201 -1.04 4.15 42.87
CA GLY I 201 -0.86 4.18 44.34
C GLY I 201 0.06 5.33 44.70
N GLY I 202 0.11 5.74 45.97
CA GLY I 202 0.94 6.87 46.42
C GLY I 202 0.04 7.91 47.05
N GLU I 203 0.52 8.60 48.07
CA GLU I 203 -0.28 9.39 49.05
C GLU I 203 -0.48 10.83 48.56
N ASN I 204 0.37 11.31 47.65
CA ASN I 204 0.29 12.68 47.08
C ASN I 204 0.03 12.64 45.56
N VAL I 205 -0.22 11.45 45.01
CA VAL I 205 -0.41 11.24 43.55
C VAL I 205 -1.51 12.17 43.06
N PRO I 206 -1.21 13.04 42.07
CA PRO I 206 -2.18 13.99 41.52
C PRO I 206 -3.09 13.30 40.51
N PRO I 207 -4.42 13.49 40.61
CA PRO I 207 -5.39 12.88 39.70
C PRO I 207 -5.20 13.55 38.34
N VAL I 208 -5.21 12.78 37.26
CA VAL I 208 -5.24 13.33 35.88
C VAL I 208 -6.49 12.77 35.21
N LEU I 209 -7.45 13.61 34.87
CA LEU I 209 -8.77 13.18 34.32
C LEU I 209 -8.99 13.85 32.96
N HIS I 210 -8.92 13.12 31.85
CA HIS I 210 -9.21 13.63 30.48
C HIS I 210 -10.68 13.36 30.17
N ILE I 211 -11.31 14.33 29.48
CA ILE I 211 -12.66 14.19 28.87
C ILE I 211 -12.57 14.62 27.40
N THR I 212 -13.31 13.90 26.57
CA THR I 212 -13.59 14.27 25.15
C THR I 212 -14.77 13.43 24.67
N ASN I 213 -15.45 13.87 23.61
CA ASN I 213 -16.51 13.08 22.92
C ASN I 213 -15.92 12.53 21.62
N THR I 214 -14.61 12.68 21.38
CA THR I 214 -13.96 12.30 20.10
C THR I 214 -13.29 10.92 20.19
N ALA I 215 -13.29 10.24 21.35
CA ALA I 215 -12.50 9.00 21.57
C ALA I 215 -13.42 7.77 21.64
N THR I 216 -13.03 6.72 20.91
CA THR I 216 -13.75 5.44 20.78
C THR I 216 -12.75 4.30 21.00
N THR I 217 -13.15 3.33 21.81
CA THR I 217 -12.45 2.05 22.04
C THR I 217 -13.20 0.97 21.24
N VAL I 218 -12.49 0.14 20.46
CA VAL I 218 -13.10 -0.99 19.71
C VAL I 218 -13.07 -2.22 20.63
N LEU I 219 -14.19 -2.90 20.82
CA LEU I 219 -14.31 -4.03 21.78
C LEU I 219 -14.02 -5.36 21.09
N LEU I 220 -13.81 -5.35 19.78
CA LEU I 220 -13.53 -6.62 19.04
C LEU I 220 -12.19 -7.18 19.50
N ASP I 221 -12.07 -8.50 19.41
CA ASP I 221 -10.82 -9.23 19.76
C ASP I 221 -10.00 -9.36 18.47
N GLU I 222 -8.90 -10.10 18.54
CA GLU I 222 -8.01 -10.44 17.39
C GLU I 222 -8.81 -11.18 16.30
N PHE I 223 -9.97 -11.77 16.59
CA PHE I 223 -10.71 -12.66 15.65
C PHE I 223 -11.86 -11.91 14.97
N GLY I 224 -12.03 -10.61 15.23
CA GLY I 224 -13.13 -9.80 14.69
C GLY I 224 -14.39 -9.85 15.54
N VAL I 225 -14.32 -10.43 16.75
CA VAL I 225 -15.52 -10.72 17.60
C VAL I 225 -15.52 -9.93 18.91
N GLY I 226 -16.63 -9.25 19.19
CA GLY I 226 -16.83 -8.55 20.47
C GLY I 226 -17.47 -9.44 21.51
N PRO I 227 -17.71 -8.88 22.72
CA PRO I 227 -18.61 -9.46 23.70
C PRO I 227 -19.98 -9.75 23.07
N LEU I 228 -20.50 -10.94 23.34
CA LEU I 228 -21.82 -11.41 22.87
C LEU I 228 -22.71 -11.54 24.10
N CYS I 229 -23.84 -10.85 24.08
CA CYS I 229 -24.69 -10.61 25.27
C CYS I 229 -25.58 -11.84 25.51
N LYS I 230 -25.23 -12.68 26.48
CA LYS I 230 -26.04 -13.88 26.87
C LYS I 230 -27.38 -13.42 27.46
N GLY I 231 -28.44 -14.16 27.11
CA GLY I 231 -29.84 -13.81 27.37
C GLY I 231 -30.19 -12.36 26.99
N ASP I 232 -29.45 -11.75 26.07
CA ASP I 232 -29.67 -10.36 25.58
C ASP I 232 -29.44 -9.32 26.70
N ASN I 233 -28.38 -9.48 27.50
CA ASN I 233 -28.00 -8.54 28.60
C ASN I 233 -26.58 -8.00 28.38
N LEU I 234 -26.41 -6.68 28.50
CA LEU I 234 -25.07 -6.03 28.47
C LEU I 234 -24.68 -5.72 29.91
N TYR I 235 -23.43 -6.04 30.24
CA TYR I 235 -22.86 -5.96 31.61
C TYR I 235 -21.78 -4.87 31.64
N LEU I 236 -22.08 -3.75 32.29
CA LEU I 236 -21.11 -2.65 32.49
C LEU I 236 -20.63 -2.63 33.94
N SER I 237 -19.31 -2.55 34.13
CA SER I 237 -18.71 -2.55 35.48
C SER I 237 -17.68 -1.42 35.54
N ALA I 238 -17.59 -0.79 36.71
CA ALA I 238 -16.66 0.35 36.94
C ALA I 238 -16.29 0.55 38.40
N VAL I 239 -15.13 1.18 38.59
CA VAL I 239 -14.64 1.71 39.88
C VAL I 239 -13.93 3.00 39.51
N ASP I 240 -14.34 4.12 40.09
CA ASP I 240 -13.66 5.44 39.86
C ASP I 240 -13.42 6.13 41.20
N VAL I 241 -12.49 5.55 41.96
CA VAL I 241 -11.89 6.12 43.20
C VAL I 241 -10.84 7.14 42.73
N CYS I 242 -11.14 8.43 42.81
CA CYS I 242 -10.28 9.51 42.25
C CYS I 242 -9.14 9.90 43.19
N GLY I 243 -9.24 9.53 44.46
CA GLY I 243 -8.29 9.91 45.52
C GLY I 243 -8.95 10.05 46.89
N MET I 244 -8.28 10.75 47.80
CA MET I 244 -8.89 11.07 49.10
C MET I 244 -9.02 12.58 49.30
N PHE I 245 -10.21 12.96 49.78
CA PHE I 245 -10.53 14.29 50.35
C PHE I 245 -10.04 14.36 51.80
N THR I 246 -9.27 15.41 52.10
CA THR I 246 -8.81 15.74 53.48
C THR I 246 -9.68 16.87 54.03
N ASN I 247 -10.49 16.59 55.04
CA ASN I 247 -11.29 17.61 55.78
C ASN I 247 -10.34 18.36 56.74
N ARG I 248 -10.83 19.40 57.42
CA ARG I 248 -9.96 20.34 58.20
C ARG I 248 -9.38 19.65 59.44
N SER I 249 -9.93 18.51 59.84
CA SER I 249 -9.39 17.71 60.95
C SER I 249 -8.10 16.99 60.53
N GLY I 250 -7.89 16.77 59.23
CA GLY I 250 -6.79 15.96 58.69
C GLY I 250 -7.21 14.53 58.32
N SER I 251 -8.38 14.08 58.78
CA SER I 251 -8.91 12.73 58.43
C SER I 251 -9.24 12.75 56.93
N GLN I 252 -9.39 11.57 56.34
CA GLN I 252 -9.30 11.34 54.88
C GLN I 252 -10.39 10.33 54.46
N GLN I 253 -11.22 10.74 53.51
CA GLN I 253 -12.26 9.90 52.87
C GLN I 253 -11.97 9.71 51.39
N TRP I 254 -12.30 8.52 50.88
CA TRP I 254 -12.31 8.29 49.41
C TRP I 254 -13.44 9.16 48.83
N ARG I 255 -13.17 9.82 47.70
CA ARG I 255 -14.17 10.51 46.83
C ARG I 255 -14.27 9.76 45.50
N GLY I 256 -15.47 9.30 45.15
CA GLY I 256 -15.76 8.62 43.85
C GLY I 256 -16.52 9.49 42.86
N LEU I 257 -16.53 9.13 41.57
CA LEU I 257 -17.31 9.84 40.52
C LEU I 257 -18.04 8.84 39.62
N SER I 258 -19.09 9.29 38.95
CA SER I 258 -19.88 8.42 38.04
C SER I 258 -19.04 8.16 36.78
N ARG I 259 -19.32 7.05 36.07
CA ARG I 259 -18.73 6.76 34.74
C ARG I 259 -19.84 6.69 33.68
N TYR I 260 -19.59 7.34 32.55
CA TYR I 260 -20.46 7.32 31.34
C TYR I 260 -19.98 6.17 30.44
N PHE I 261 -20.94 5.37 30.00
CA PHE I 261 -20.78 4.37 28.92
C PHE I 261 -21.72 4.71 27.76
N LYS I 262 -21.18 4.73 26.53
CA LYS I 262 -21.97 4.56 25.28
C LYS I 262 -21.39 3.34 24.57
N VAL I 263 -22.18 2.26 24.49
CA VAL I 263 -21.83 1.01 23.74
C VAL I 263 -22.71 0.89 22.48
N GLN I 264 -22.08 0.71 21.33
CA GLN I 264 -22.74 0.40 20.02
C GLN I 264 -22.67 -1.11 19.83
N LEU I 265 -23.80 -1.73 19.47
CA LEU I 265 -23.91 -3.19 19.34
C LEU I 265 -24.49 -3.50 17.95
N ARG I 266 -24.09 -4.61 17.37
CA ARG I 266 -24.66 -5.16 16.11
C ARG I 266 -25.18 -6.59 16.39
N LYS I 267 -26.02 -7.11 15.49
CA LYS I 267 -26.57 -8.49 15.58
C LYS I 267 -25.61 -9.45 14.86
N ARG I 268 -25.40 -10.62 15.46
CA ARG I 268 -24.54 -11.67 14.86
C ARG I 268 -25.23 -13.02 15.01
N ARG I 269 -25.11 -13.88 14.00
CA ARG I 269 -25.72 -15.22 14.05
C ARG I 269 -24.71 -16.16 14.73
N VAL I 270 -25.24 -17.14 15.47
CA VAL I 270 -24.45 -18.02 16.37
C VAL I 270 -25.06 -19.43 16.35
N LYS I 271 -24.21 -20.46 16.27
CA LYS I 271 -24.66 -21.87 16.24
C LYS I 271 -24.51 -22.48 17.63
N ASN I 272 -25.65 -22.98 18.14
CA ASN I 272 -25.78 -23.97 19.24
C ASN I 272 -25.23 -23.39 20.55
N VAL J 7 -31.70 16.47 9.73
CA VAL J 7 -30.52 16.97 8.97
C VAL J 7 -29.79 15.80 8.28
N GLU J 8 -30.18 15.48 7.04
CA GLU J 8 -29.43 14.56 6.15
C GLU J 8 -28.27 15.35 5.52
N VAL J 9 -27.03 14.85 5.61
CA VAL J 9 -25.81 15.61 5.18
C VAL J 9 -25.46 15.19 3.74
N LEU J 10 -25.45 16.13 2.79
CA LEU J 10 -25.04 15.86 1.38
C LEU J 10 -23.68 16.49 1.14
N GLU J 11 -23.40 17.02 -0.06
CA GLU J 11 -22.01 17.23 -0.57
C GLU J 11 -21.37 18.52 -0.06
N VAL J 12 -20.04 18.53 0.00
CA VAL J 12 -19.23 19.75 0.32
C VAL J 12 -19.14 20.58 -0.95
N LYS J 13 -19.54 21.86 -0.88
CA LYS J 13 -19.34 22.83 -1.98
C LYS J 13 -17.84 23.10 -2.15
N THR J 14 -17.38 23.35 -3.38
CA THR J 14 -15.98 23.74 -3.71
C THR J 14 -16.00 25.09 -4.44
N GLY J 15 -14.84 25.69 -4.68
CA GLY J 15 -14.71 27.08 -5.15
C GLY J 15 -14.11 27.99 -4.08
N VAL J 16 -13.49 29.10 -4.50
CA VAL J 16 -12.64 29.99 -3.65
C VAL J 16 -13.48 30.66 -2.55
N ASP J 17 -14.82 30.69 -2.70
CA ASP J 17 -15.79 31.35 -1.77
C ASP J 17 -16.58 30.30 -0.98
N SER J 18 -16.13 29.04 -0.99
CA SER J 18 -16.73 27.89 -0.27
C SER J 18 -16.11 27.69 1.12
N ILE J 19 -15.04 28.43 1.43
CA ILE J 19 -14.19 28.38 2.66
C ILE J 19 -14.37 29.68 3.47
N THR J 20 -14.24 29.61 4.79
CA THR J 20 -14.14 30.80 5.67
C THR J 20 -13.38 30.37 6.93
N GLU J 21 -12.83 31.34 7.66
CA GLU J 21 -11.80 31.17 8.71
C GLU J 21 -12.20 32.08 9.88
N VAL J 22 -12.45 31.51 11.06
CA VAL J 22 -12.77 32.27 12.30
C VAL J 22 -11.51 32.29 13.18
N GLU J 23 -11.06 33.45 13.62
CA GLU J 23 -9.85 33.61 14.46
C GLU J 23 -10.24 34.51 15.64
N CYS J 24 -10.18 34.05 16.89
CA CYS J 24 -10.47 34.95 18.04
C CYS J 24 -9.74 34.49 19.30
N PHE J 25 -9.78 35.34 20.34
CA PHE J 25 -9.17 35.16 21.69
C PHE J 25 -10.29 35.09 22.72
N LEU J 26 -10.37 34.02 23.49
CA LEU J 26 -11.45 33.91 24.50
C LEU J 26 -10.81 34.15 25.88
N THR J 27 -11.25 35.21 26.57
CA THR J 27 -10.63 35.66 27.83
C THR J 27 -11.17 34.84 28.99
N PRO J 28 -10.31 34.60 30.01
CA PRO J 28 -10.70 33.82 31.17
C PRO J 28 -11.68 34.59 32.06
N GLU J 29 -12.62 33.90 32.70
CA GLU J 29 -13.55 34.52 33.69
C GLU J 29 -13.32 33.86 35.04
N MET J 30 -12.42 34.44 35.83
CA MET J 30 -11.84 33.87 37.07
C MET J 30 -12.52 34.42 38.34
N GLY J 31 -13.04 35.65 38.29
CA GLY J 31 -13.74 36.32 39.41
C GLY J 31 -13.58 37.83 39.34
N ASP J 32 -12.36 38.29 39.04
CA ASP J 32 -12.03 39.72 38.81
C ASP J 32 -12.42 40.53 40.03
N PRO J 33 -11.81 40.27 41.21
CA PRO J 33 -12.29 40.81 42.49
C PRO J 33 -12.12 42.32 42.70
N ASP J 34 -11.30 42.96 41.87
CA ASP J 34 -11.13 44.44 41.87
C ASP J 34 -10.68 44.90 40.47
N GLU J 35 -10.78 46.19 40.20
CA GLU J 35 -10.39 46.81 38.89
C GLU J 35 -8.93 46.54 38.52
N HIS J 36 -8.10 45.89 39.35
CA HIS J 36 -6.66 45.66 39.07
C HIS J 36 -6.28 44.18 38.96
N LEU J 37 -7.20 43.25 39.19
CA LEU J 37 -6.91 41.79 39.16
C LEU J 37 -7.81 41.03 38.16
N ARG J 38 -8.03 41.63 36.99
CA ARG J 38 -8.59 40.91 35.81
C ARG J 38 -7.69 39.70 35.58
N GLY J 39 -8.30 38.52 35.55
CA GLY J 39 -7.59 37.26 35.27
C GLY J 39 -7.35 36.46 36.54
N PHE J 40 -7.62 37.06 37.69
CA PHE J 40 -7.49 36.41 39.02
C PHE J 40 -8.88 36.23 39.66
N SER J 41 -9.00 35.28 40.58
CA SER J 41 -10.16 35.16 41.51
C SER J 41 -9.87 35.97 42.78
N LYS J 42 -10.92 36.19 43.56
CA LYS J 42 -10.82 36.51 45.01
C LYS J 42 -10.00 35.37 45.65
N SER J 43 -9.18 35.66 46.67
CA SER J 43 -8.45 34.64 47.47
C SER J 43 -9.45 33.59 47.99
N ILE J 44 -9.01 32.37 48.24
CA ILE J 44 -9.94 31.26 48.64
C ILE J 44 -10.23 31.34 50.14
N SER J 45 -11.50 31.46 50.52
CA SER J 45 -12.01 31.24 51.89
C SER J 45 -12.62 29.83 51.98
N ILE J 46 -12.20 29.08 52.99
CA ILE J 46 -12.65 27.68 53.24
C ILE J 46 -13.78 27.72 54.27
N SER J 47 -14.95 27.21 53.92
CA SER J 47 -16.07 27.10 54.89
C SER J 47 -15.66 26.13 55.99
N ASP J 48 -16.19 26.29 57.20
CA ASP J 48 -15.90 25.32 58.30
C ASP J 48 -16.57 23.98 57.95
N THR J 49 -17.77 24.02 57.37
CA THR J 49 -18.60 22.80 57.17
C THR J 49 -19.13 22.76 55.74
N PHE J 50 -19.63 21.59 55.33
CA PHE J 50 -20.31 21.42 54.02
C PHE J 50 -21.56 22.30 54.08
N GLU J 51 -22.27 22.33 55.22
CA GLU J 51 -23.53 23.11 55.36
C GLU J 51 -23.21 24.60 55.17
N SER J 52 -22.07 25.08 55.65
CA SER J 52 -21.73 26.53 55.61
C SER J 52 -20.97 26.90 54.31
N ASP J 53 -20.80 25.98 53.35
CA ASP J 53 -20.04 26.28 52.11
C ASP J 53 -20.89 27.28 51.33
N SER J 54 -20.38 28.49 51.11
CA SER J 54 -21.14 29.62 50.51
C SER J 54 -20.19 30.54 49.76
N PRO J 55 -19.64 30.04 48.63
CA PRO J 55 -18.67 30.80 47.87
C PRO J 55 -19.32 32.04 47.27
N ASN J 56 -18.55 33.13 47.27
CA ASN J 56 -18.87 34.40 46.57
C ASN J 56 -18.53 34.22 45.09
N ARG J 57 -19.35 34.83 44.24
CA ARG J 57 -19.15 34.92 42.78
C ARG J 57 -17.71 35.32 42.41
N ASP J 58 -17.05 36.21 43.15
CA ASP J 58 -15.72 36.73 42.72
C ASP J 58 -14.65 35.70 43.08
N MET J 59 -15.05 34.57 43.65
CA MET J 59 -14.13 33.47 44.06
C MET J 59 -14.32 32.24 43.15
N LEU J 60 -15.22 32.28 42.16
CA LEU J 60 -15.61 31.11 41.31
C LEU J 60 -15.23 31.36 39.85
N PRO J 61 -14.17 30.70 39.33
CA PRO J 61 -13.95 30.66 37.88
C PRO J 61 -15.21 30.17 37.19
N CYS J 62 -15.55 30.80 36.07
CA CYS J 62 -16.70 30.40 35.20
C CYS J 62 -16.18 29.98 33.83
N TYR J 63 -16.99 29.18 33.12
CA TYR J 63 -16.72 28.76 31.72
C TYR J 63 -16.73 30.04 30.86
N SER J 64 -15.81 30.14 29.91
CA SER J 64 -15.76 31.22 28.89
C SER J 64 -16.46 30.69 27.61
N VAL J 65 -17.20 31.54 26.90
CA VAL J 65 -17.98 31.16 25.68
C VAL J 65 -18.20 32.39 24.81
N ALA J 66 -18.13 32.18 23.50
CA ALA J 66 -18.32 33.23 22.48
C ALA J 66 -19.13 32.60 21.34
N ARG J 67 -20.23 33.26 20.94
CA ARG J 67 -20.99 32.95 19.71
C ARG J 67 -20.42 33.85 18.62
N ILE J 68 -19.85 33.28 17.58
CA ILE J 68 -19.29 34.09 16.46
C ILE J 68 -20.19 33.95 15.23
N PRO J 69 -20.83 35.05 14.78
CA PRO J 69 -21.71 34.99 13.60
C PRO J 69 -20.85 34.74 12.36
N LEU J 70 -21.34 33.92 11.45
CA LEU J 70 -20.63 33.53 10.20
C LEU J 70 -21.32 34.17 9.00
N PRO J 71 -20.63 34.27 7.84
CA PRO J 71 -21.18 34.98 6.68
C PRO J 71 -22.54 34.33 6.38
N ASN J 72 -23.53 35.15 6.02
CA ASN J 72 -24.93 34.69 5.84
C ASN J 72 -25.04 33.76 4.61
N LEU J 73 -25.72 32.62 4.79
CA LEU J 73 -26.17 31.69 3.72
C LEU J 73 -27.67 31.58 3.89
N ASN J 74 -28.44 31.29 2.83
CA ASN J 74 -29.91 31.15 2.95
C ASN J 74 -30.24 29.66 3.15
N ILE J 82 -30.67 25.03 3.06
CA ILE J 82 -29.96 23.92 2.36
C ILE J 82 -28.47 23.90 2.74
N LEU J 83 -27.76 25.05 2.88
CA LEU J 83 -26.29 25.13 3.13
C LEU J 83 -25.92 25.47 4.58
N MET J 84 -24.96 24.76 5.17
CA MET J 84 -24.43 25.08 6.52
C MET J 84 -22.90 25.17 6.50
N TRP J 85 -22.36 26.15 7.21
CA TRP J 85 -20.93 26.17 7.60
C TRP J 85 -20.65 24.95 8.45
N GLU J 86 -19.69 24.13 8.02
CA GLU J 86 -19.19 22.95 8.75
C GLU J 86 -17.80 23.30 9.29
N ALA J 87 -17.54 23.09 10.58
CA ALA J 87 -16.22 23.36 11.18
C ALA J 87 -15.33 22.14 10.96
N VAL J 88 -14.12 22.33 10.42
CA VAL J 88 -13.31 21.20 9.87
C VAL J 88 -12.01 21.04 10.66
N THR J 89 -11.26 22.13 10.86
CA THR J 89 -9.99 22.12 11.60
C THR J 89 -10.01 23.22 12.65
N LEU J 90 -9.32 22.99 13.77
CA LEU J 90 -9.04 23.94 14.88
C LEU J 90 -7.53 24.00 15.11
N LYS J 91 -6.99 25.20 15.30
CA LYS J 91 -5.66 25.46 15.90
C LYS J 91 -5.89 26.18 17.23
N THR J 92 -5.28 25.75 18.33
CA THR J 92 -5.56 26.38 19.66
C THR J 92 -4.32 26.35 20.57
N GLU J 93 -4.12 27.40 21.35
CA GLU J 93 -3.09 27.42 22.43
C GLU J 93 -3.45 28.48 23.47
N VAL J 94 -2.93 28.35 24.69
CA VAL J 94 -3.05 29.40 25.75
C VAL J 94 -2.09 30.55 25.43
N ILE J 95 -2.55 31.80 25.61
CA ILE J 95 -1.76 33.00 25.25
C ILE J 95 -1.23 33.63 26.54
N GLY J 96 0.07 33.89 26.57
CA GLY J 96 0.72 34.57 27.70
C GLY J 96 1.17 33.56 28.73
N VAL J 97 1.72 32.46 28.24
CA VAL J 97 2.26 31.36 29.10
C VAL J 97 3.46 31.93 29.84
N THR J 98 4.25 32.78 29.19
CA THR J 98 5.52 33.30 29.78
C THR J 98 5.18 34.26 30.90
N SER J 99 3.94 34.72 30.96
CA SER J 99 3.47 35.57 32.09
C SER J 99 3.75 34.85 33.41
N LEU J 100 3.73 33.51 33.46
CA LEU J 100 3.84 32.71 34.72
C LEU J 100 5.28 32.73 35.26
N MET J 101 6.21 33.38 34.55
CA MET J 101 7.61 33.59 35.00
C MET J 101 7.76 34.87 35.82
N ASN J 102 6.67 35.62 36.07
CA ASN J 102 6.69 36.75 37.03
C ASN J 102 6.52 36.15 38.43
N VAL J 103 7.69 36.01 39.03
CA VAL J 103 7.94 35.25 40.28
C VAL J 103 8.60 36.25 41.25
N HIS J 104 8.33 37.55 41.02
CA HIS J 104 8.92 38.71 41.72
C HIS J 104 7.86 39.78 42.05
N SER J 105 6.57 39.46 41.96
CA SER J 105 5.49 40.45 42.18
C SER J 105 4.59 39.91 43.30
N ASN J 106 4.96 40.20 44.54
CA ASN J 106 4.14 39.89 45.74
C ASN J 106 3.78 38.39 45.78
N GLY J 107 4.71 37.50 45.44
CA GLY J 107 4.51 36.06 45.69
C GLY J 107 5.16 35.63 46.99
N GLN J 108 4.54 34.68 47.73
CA GLN J 108 5.17 33.97 48.88
C GLN J 108 6.43 33.26 48.40
N ALA J 109 7.52 33.32 49.17
CA ALA J 109 8.82 32.77 48.76
C ALA J 109 8.80 31.24 48.90
N THR J 110 9.52 30.57 48.00
CA THR J 110 9.80 29.11 48.07
C THR J 110 10.30 28.75 49.48
N HIS J 111 11.22 29.56 50.01
CA HIS J 111 11.97 29.40 51.28
C HIS J 111 12.68 30.74 51.51
N ASP J 112 13.33 30.96 52.67
CA ASP J 112 14.01 32.24 53.01
C ASP J 112 14.92 32.66 51.86
N ASN J 113 14.78 33.92 51.41
CA ASN J 113 15.63 34.57 50.38
C ASN J 113 15.28 34.10 48.96
N GLY J 114 14.28 33.22 48.82
CA GLY J 114 14.03 32.55 47.54
C GLY J 114 13.15 33.38 46.63
N ALA J 115 12.95 32.88 45.42
CA ALA J 115 12.05 33.53 44.45
C ALA J 115 10.62 33.27 44.91
N GLY J 116 9.66 34.00 44.31
CA GLY J 116 8.22 33.82 44.55
C GLY J 116 7.80 32.42 44.12
N LYS J 117 6.79 31.83 44.75
CA LYS J 117 6.21 30.58 44.21
C LYS J 117 5.53 30.95 42.88
N PRO J 118 5.76 30.19 41.78
CA PRO J 118 5.01 30.42 40.55
C PRO J 118 3.58 29.89 40.68
N VAL J 119 2.71 30.22 39.72
CA VAL J 119 1.34 29.61 39.64
C VAL J 119 1.56 28.09 39.55
N GLN J 120 0.84 27.34 40.38
CA GLN J 120 0.91 25.87 40.43
C GLN J 120 -0.31 25.35 41.19
N GLY J 121 -0.60 24.06 41.08
CA GLY J 121 -1.78 23.48 41.75
C GLY J 121 -2.85 23.09 40.75
N THR J 122 -4.03 22.70 41.26
CA THR J 122 -5.16 22.19 40.44
C THR J 122 -5.28 23.08 39.21
N SER J 123 -5.27 22.49 38.01
CA SER J 123 -5.54 23.18 36.72
C SER J 123 -6.65 22.44 35.95
N PHE J 124 -7.44 23.19 35.17
CA PHE J 124 -8.43 22.68 34.19
C PHE J 124 -8.21 23.43 32.88
N HIS J 125 -7.76 22.72 31.84
CA HIS J 125 -7.65 23.28 30.46
C HIS J 125 -8.70 22.58 29.62
N PHE J 126 -9.67 23.34 29.12
CA PHE J 126 -10.81 22.83 28.33
C PHE J 126 -11.05 23.77 27.14
N PHE J 127 -11.51 23.20 26.04
CA PHE J 127 -11.85 23.96 24.82
C PHE J 127 -12.79 23.08 24.01
N SER J 128 -13.75 23.72 23.34
CA SER J 128 -14.81 23.01 22.59
C SER J 128 -15.19 23.86 21.38
N VAL J 129 -15.46 23.22 20.24
CA VAL J 129 -15.92 23.91 19.01
C VAL J 129 -17.26 23.28 18.66
N GLY J 130 -18.31 24.08 18.50
CA GLY J 130 -19.68 23.57 18.30
C GLY J 130 -20.53 24.41 17.37
N GLY J 131 -21.50 23.77 16.72
CA GLY J 131 -22.53 24.45 15.89
C GLY J 131 -23.74 24.84 16.73
N GLU J 132 -23.63 24.78 18.05
CA GLU J 132 -24.66 25.22 19.02
C GLU J 132 -23.98 25.30 20.39
N ALA J 133 -24.68 25.83 21.38
CA ALA J 133 -24.15 25.91 22.76
C ALA J 133 -23.67 24.52 23.20
N LEU J 134 -22.56 24.51 23.93
CA LEU J 134 -22.06 23.34 24.70
C LEU J 134 -23.15 22.93 25.69
N GLU J 135 -23.61 21.69 25.62
CA GLU J 135 -24.63 21.15 26.56
C GLU J 135 -23.91 20.70 27.85
N LEU J 136 -24.43 21.10 29.00
CA LEU J 136 -23.78 20.83 30.31
C LEU J 136 -24.58 19.83 31.17
N GLN J 137 -23.84 19.05 31.97
CA GLN J 137 -24.34 18.24 33.10
C GLN J 137 -23.75 18.80 34.40
N GLY J 138 -24.59 18.99 35.41
CA GLY J 138 -24.21 19.45 36.76
C GLY J 138 -23.76 18.30 37.65
N VAL J 139 -22.56 18.41 38.22
CA VAL J 139 -22.03 17.51 39.29
C VAL J 139 -21.39 18.36 40.39
N LEU J 140 -21.94 18.26 41.59
CA LEU J 140 -21.56 19.08 42.77
C LEU J 140 -20.64 18.25 43.67
N PHE J 141 -19.53 18.84 44.09
CA PHE J 141 -18.64 18.22 45.12
C PHE J 141 -19.41 18.11 46.43
N ASN J 142 -20.14 19.18 46.79
CA ASN J 142 -20.95 19.29 48.03
C ASN J 142 -22.34 19.80 47.68
N TYR J 143 -23.37 18.97 47.79
CA TYR J 143 -24.72 19.34 47.27
C TYR J 143 -25.29 20.51 48.06
N ARG J 144 -24.82 20.73 49.30
CA ARG J 144 -25.32 21.76 50.25
C ARG J 144 -24.63 23.11 50.06
N THR J 145 -23.71 23.28 49.09
CA THR J 145 -23.01 24.55 48.78
C THR J 145 -24.06 25.59 48.35
N LYS J 146 -23.94 26.82 48.82
CA LYS J 146 -24.84 27.91 48.41
C LYS J 146 -24.12 28.71 47.34
N TYR J 147 -24.54 28.54 46.09
CA TYR J 147 -23.89 29.22 44.94
C TYR J 147 -24.50 30.61 44.84
N PRO J 148 -23.71 31.63 44.49
CA PRO J 148 -24.13 33.02 44.58
C PRO J 148 -24.99 33.56 43.44
N ASP J 149 -25.73 34.64 43.75
CA ASP J 149 -26.49 35.48 42.79
C ASP J 149 -25.62 35.84 41.58
N GLY J 150 -26.24 35.83 40.38
CA GLY J 150 -25.62 36.22 39.10
C GLY J 150 -24.75 35.14 38.49
N THR J 151 -24.82 33.92 39.03
CA THR J 151 -24.18 32.71 38.46
C THR J 151 -25.29 31.70 38.21
N ILE J 152 -25.17 30.86 37.20
CA ILE J 152 -26.19 29.81 36.92
C ILE J 152 -25.60 28.46 37.30
N PHE J 153 -26.33 27.71 38.10
CA PHE J 153 -25.83 26.51 38.79
C PHE J 153 -26.93 25.48 38.94
N PRO J 154 -26.57 24.21 39.22
CA PRO J 154 -27.58 23.18 39.44
C PRO J 154 -28.61 23.60 40.50
N LYS J 155 -29.88 23.70 40.10
CA LYS J 155 -31.03 24.04 40.97
C LYS J 155 -31.59 22.74 41.58
N ASN J 156 -32.18 22.83 42.77
CA ASN J 156 -32.84 21.68 43.45
C ASN J 156 -31.82 20.56 43.71
N ALA J 157 -30.64 20.95 44.17
CA ALA J 157 -29.52 20.03 44.51
C ALA J 157 -30.02 19.05 45.57
N THR J 158 -29.71 17.78 45.40
CA THR J 158 -29.96 16.71 46.40
C THR J 158 -28.65 15.97 46.59
N VAL J 159 -28.61 15.03 47.53
CA VAL J 159 -27.37 14.24 47.81
C VAL J 159 -26.95 13.52 46.52
N GLN J 160 -27.93 13.16 45.69
CA GLN J 160 -27.66 12.48 44.40
C GLN J 160 -26.84 13.43 43.51
N SER J 161 -27.03 14.75 43.65
CA SER J 161 -26.23 15.74 42.90
C SER J 161 -24.72 15.56 43.12
N GLN J 162 -24.29 14.74 44.07
CA GLN J 162 -22.85 14.55 44.38
C GLN J 162 -22.23 13.48 43.48
N VAL J 163 -23.04 12.77 42.68
CA VAL J 163 -22.56 11.68 41.77
C VAL J 163 -23.18 11.86 40.37
N MET J 164 -24.51 11.96 40.32
CA MET J 164 -25.31 12.02 39.07
C MET J 164 -26.78 12.28 39.39
N ASN J 165 -27.25 13.48 39.02
CA ASN J 165 -28.66 13.95 39.07
C ASN J 165 -28.97 14.47 37.65
N THR J 166 -29.84 13.75 36.92
CA THR J 166 -30.09 13.94 35.48
C THR J 166 -30.93 15.21 35.29
N GLU J 167 -31.50 15.74 36.37
CA GLU J 167 -32.25 17.04 36.41
C GLU J 167 -31.33 18.20 36.02
N HIS J 168 -30.06 18.17 36.45
CA HIS J 168 -29.09 19.28 36.26
C HIS J 168 -28.59 19.30 34.80
N LYS J 169 -29.41 19.84 33.89
CA LYS J 169 -29.06 20.07 32.46
C LYS J 169 -29.07 21.57 32.18
N ALA J 170 -28.03 22.07 31.49
CA ALA J 170 -27.91 23.50 31.08
C ALA J 170 -27.23 23.63 29.71
N TYR J 171 -27.35 24.80 29.09
CA TYR J 171 -26.65 25.24 27.85
C TYR J 171 -25.62 26.31 28.23
N LEU J 172 -24.36 26.16 27.84
CA LEU J 172 -23.37 27.23 28.09
C LEU J 172 -23.74 28.42 27.21
N ASP J 173 -24.78 29.15 27.59
CA ASP J 173 -25.37 30.24 26.76
C ASP J 173 -25.07 31.60 27.40
N LYS J 174 -24.02 31.78 28.19
CA LYS J 174 -23.83 33.07 28.91
C LYS J 174 -22.42 33.15 29.49
N ASN J 175 -21.69 34.19 29.12
CA ASN J 175 -20.29 34.37 29.60
C ASN J 175 -20.34 34.72 31.10
N LYS J 176 -19.24 34.50 31.83
CA LYS J 176 -19.08 34.90 33.26
C LYS J 176 -20.19 34.33 34.16
N ALA J 177 -20.87 33.23 33.83
CA ALA J 177 -22.06 32.81 34.60
C ALA J 177 -22.04 31.33 35.03
N TYR J 178 -21.44 30.43 34.24
CA TYR J 178 -21.44 28.98 34.60
C TYR J 178 -20.18 28.68 35.42
N PRO J 179 -20.31 28.45 36.74
CA PRO J 179 -19.15 28.13 37.57
C PRO J 179 -18.54 26.78 37.16
N VAL J 180 -17.22 26.78 36.92
CA VAL J 180 -16.43 25.61 36.43
C VAL J 180 -16.69 24.40 37.35
N GLU J 181 -16.74 24.59 38.65
CA GLU J 181 -16.87 23.46 39.61
C GLU J 181 -18.25 22.78 39.61
N CYS J 182 -19.27 23.30 38.93
CA CYS J 182 -20.62 22.64 38.92
C CYS J 182 -20.90 21.96 37.58
N TRP J 183 -20.19 22.33 36.53
CA TRP J 183 -20.58 21.94 35.16
C TRP J 183 -19.45 21.17 34.48
N VAL J 184 -19.87 20.12 33.76
CA VAL J 184 -19.03 19.34 32.81
C VAL J 184 -19.81 19.25 31.51
N PRO J 185 -19.11 19.10 30.37
CA PRO J 185 -19.77 18.73 29.12
C PRO J 185 -20.62 17.47 29.38
N ASP J 186 -21.90 17.53 29.02
CA ASP J 186 -22.81 16.37 29.14
C ASP J 186 -22.52 15.44 27.97
N PRO J 187 -21.92 14.26 28.25
CA PRO J 187 -21.52 13.32 27.20
C PRO J 187 -22.70 12.53 26.61
N THR J 188 -23.93 12.71 27.11
CA THR J 188 -25.17 12.12 26.53
C THR J 188 -25.79 13.02 25.44
N ARG J 189 -25.16 14.16 25.13
CA ARG J 189 -25.63 15.13 24.11
C ARG J 189 -24.36 15.61 23.41
N ASN J 190 -24.33 16.85 22.92
CA ASN J 190 -23.13 17.48 22.29
C ASN J 190 -22.71 16.73 21.01
N GLU J 191 -23.64 16.04 20.32
CA GLU J 191 -23.35 15.34 19.04
C GLU J 191 -22.79 16.37 18.05
N ASN J 192 -23.25 17.63 18.13
CA ASN J 192 -22.88 18.74 17.20
C ASN J 192 -21.71 19.57 17.76
N THR J 193 -20.94 19.03 18.72
CA THR J 193 -19.77 19.72 19.34
C THR J 193 -18.60 18.74 19.49
N ARG J 194 -17.38 19.22 19.30
CA ARG J 194 -16.13 18.49 19.65
C ARG J 194 -15.57 19.16 20.89
N TYR J 195 -15.30 18.43 21.98
CA TYR J 195 -14.82 18.96 23.28
C TYR J 195 -13.64 18.15 23.80
N PHE J 196 -12.68 18.86 24.41
CA PHE J 196 -11.44 18.30 24.99
C PHE J 196 -11.10 19.02 26.31
N GLY J 197 -10.90 18.24 27.37
CA GLY J 197 -10.63 18.74 28.73
C GLY J 197 -9.66 17.88 29.51
N THR J 198 -8.82 18.52 30.32
CA THR J 198 -7.95 17.84 31.29
C THR J 198 -8.05 18.57 32.63
N LEU J 199 -8.40 17.84 33.67
CA LEU J 199 -8.21 18.29 35.07
C LEU J 199 -6.91 17.66 35.60
N THR J 200 -5.92 18.49 35.93
CA THR J 200 -4.70 18.05 36.65
C THR J 200 -4.85 18.59 38.07
N GLY J 201 -5.35 17.77 39.00
CA GLY J 201 -5.62 18.12 40.41
C GLY J 201 -4.33 18.11 41.22
N GLY J 202 -4.40 18.13 42.55
CA GLY J 202 -3.17 18.16 43.36
C GLY J 202 -2.62 19.57 43.55
N GLU J 203 -2.13 19.84 44.76
CA GLU J 203 -1.79 21.18 45.31
C GLU J 203 -0.45 21.68 44.76
N ASN J 204 0.45 20.79 44.35
CA ASN J 204 1.84 21.15 43.93
C ASN J 204 2.04 20.95 42.42
N VAL J 205 1.00 20.45 41.75
CA VAL J 205 1.01 20.08 40.30
C VAL J 205 1.55 21.24 39.48
N PRO J 206 2.52 20.99 38.58
CA PRO J 206 3.10 22.05 37.75
C PRO J 206 2.37 22.31 36.43
N PRO J 207 2.25 23.59 36.00
CA PRO J 207 1.73 23.91 34.68
C PRO J 207 2.65 23.39 33.56
N VAL J 208 2.11 22.55 32.65
CA VAL J 208 2.83 22.12 31.41
C VAL J 208 2.07 22.64 30.19
N LEU J 209 2.50 23.79 29.69
CA LEU J 209 1.84 24.52 28.58
C LEU J 209 2.75 24.44 27.34
N HIS J 210 2.28 23.78 26.28
CA HIS J 210 2.97 23.72 24.97
C HIS J 210 2.36 24.80 24.07
N ILE J 211 3.16 25.45 23.23
CA ILE J 211 2.70 26.40 22.17
C ILE J 211 3.37 25.99 20.85
N THR J 212 2.63 26.06 19.74
CA THR J 212 3.18 26.01 18.35
C THR J 212 2.09 26.46 17.35
N ASN J 213 2.48 27.05 16.22
CA ASN J 213 1.57 27.38 15.09
C ASN J 213 1.62 26.23 14.06
N THR J 214 2.05 25.01 14.41
CA THR J 214 2.22 23.88 13.45
C THR J 214 1.23 22.75 13.72
N ALA J 215 0.47 22.78 14.82
CA ALA J 215 -0.42 21.69 15.28
C ALA J 215 -1.86 22.02 14.91
N THR J 216 -2.52 21.09 14.22
CA THR J 216 -3.93 21.19 13.81
C THR J 216 -4.72 20.04 14.44
N THR J 217 -5.90 20.31 14.98
CA THR J 217 -6.86 19.27 15.39
C THR J 217 -7.93 19.15 14.29
N VAL J 218 -8.34 17.94 13.93
CA VAL J 218 -9.49 17.71 13.02
C VAL J 218 -10.74 17.56 13.88
N LEU J 219 -11.85 18.15 13.42
CA LEU J 219 -13.15 18.23 14.13
C LEU J 219 -14.17 17.27 13.52
N LEU J 220 -13.85 16.69 12.35
CA LEU J 220 -14.70 15.67 11.68
C LEU J 220 -14.86 14.45 12.60
N ASP J 221 -16.06 13.86 12.61
CA ASP J 221 -16.38 12.60 13.33
C ASP J 221 -15.89 11.41 12.49
N GLU J 222 -16.26 10.17 12.88
CA GLU J 222 -15.91 8.92 12.16
C GLU J 222 -16.52 8.91 10.76
N PHE J 223 -17.66 9.58 10.54
CA PHE J 223 -18.37 9.65 9.24
C PHE J 223 -17.87 10.78 8.32
N GLY J 224 -16.86 11.57 8.70
CA GLY J 224 -16.33 12.67 7.87
C GLY J 224 -17.09 14.00 7.99
N VAL J 225 -17.87 14.23 9.06
CA VAL J 225 -18.71 15.45 9.28
C VAL J 225 -18.26 16.22 10.52
N GLY J 226 -17.95 17.52 10.36
CA GLY J 226 -17.63 18.43 11.48
C GLY J 226 -18.89 19.08 12.03
N PRO J 227 -18.79 19.84 13.14
CA PRO J 227 -19.93 20.63 13.62
C PRO J 227 -20.58 21.50 12.53
N LEU J 228 -21.90 21.38 12.38
CA LEU J 228 -22.72 22.20 11.44
C LEU J 228 -23.38 23.36 12.19
N CYS J 229 -23.10 24.59 11.78
CA CYS J 229 -23.40 25.85 12.52
C CYS J 229 -24.84 26.29 12.29
N LYS J 230 -25.71 25.99 13.27
CA LYS J 230 -27.15 26.34 13.28
C LYS J 230 -27.32 27.86 13.37
N GLY J 231 -28.13 28.43 12.46
CA GLY J 231 -28.39 29.87 12.31
C GLY J 231 -27.12 30.64 12.00
N ASP J 232 -26.16 29.98 11.35
CA ASP J 232 -24.90 30.62 10.88
C ASP J 232 -24.07 31.12 12.08
N ASN J 233 -24.08 30.38 13.20
CA ASN J 233 -23.33 30.74 14.43
C ASN J 233 -22.33 29.66 14.81
N LEU J 234 -21.07 30.02 15.08
CA LEU J 234 -20.02 29.10 15.62
C LEU J 234 -19.90 29.34 17.12
N TYR J 235 -19.82 28.27 17.91
CA TYR J 235 -19.77 28.33 19.39
C TYR J 235 -18.39 27.84 19.85
N LEU J 236 -17.61 28.76 20.45
CA LEU J 236 -16.31 28.45 21.10
C LEU J 236 -16.47 28.55 22.61
N SER J 237 -16.06 27.51 23.32
CA SER J 237 -16.07 27.50 24.81
C SER J 237 -14.66 27.14 25.28
N ALA J 238 -14.25 27.68 26.43
CA ALA J 238 -12.91 27.44 26.99
C ALA J 238 -12.90 27.58 28.52
N VAL J 239 -11.97 26.88 29.16
CA VAL J 239 -11.53 27.11 30.55
C VAL J 239 -10.02 26.92 30.54
N ASP J 240 -9.29 27.81 31.19
CA ASP J 240 -7.80 27.69 31.32
C ASP J 240 -7.42 28.24 32.69
N VAL J 241 -7.85 27.53 33.74
CA VAL J 241 -7.44 27.80 35.14
C VAL J 241 -6.03 27.22 35.24
N CYS J 242 -4.98 28.07 35.21
CA CYS J 242 -3.57 27.61 35.08
C CYS J 242 -3.05 27.08 36.42
N GLY J 243 -3.75 27.40 37.51
CA GLY J 243 -3.38 26.98 38.87
C GLY J 243 -3.67 28.10 39.85
N MET J 244 -2.96 28.12 40.97
CA MET J 244 -3.15 29.14 42.02
C MET J 244 -1.91 30.01 42.15
N PHE J 245 -2.14 31.31 42.36
CA PHE J 245 -1.11 32.31 42.71
C PHE J 245 -1.09 32.51 44.22
N THR J 246 0.07 32.37 44.85
CA THR J 246 0.19 32.55 46.33
C THR J 246 0.87 33.90 46.56
N ASN J 247 0.21 34.84 47.25
CA ASN J 247 0.76 36.17 47.60
C ASN J 247 1.51 35.98 48.91
N ARG J 248 2.22 37.02 49.38
CA ARG J 248 3.18 36.91 50.52
C ARG J 248 2.43 36.57 51.81
N SER J 249 1.11 36.84 51.87
CA SER J 249 0.23 36.47 53.00
C SER J 249 0.01 34.95 53.04
N GLY J 250 0.16 34.25 51.93
CA GLY J 250 -0.10 32.80 51.85
C GLY J 250 -1.47 32.47 51.31
N SER J 251 -2.37 33.45 51.18
CA SER J 251 -3.68 33.24 50.56
C SER J 251 -3.45 33.08 49.06
N GLN J 252 -4.40 32.42 48.39
CA GLN J 252 -4.22 31.80 47.04
C GLN J 252 -5.40 32.21 46.17
N GLN J 253 -5.09 32.65 44.94
CA GLN J 253 -6.11 33.03 43.94
C GLN J 253 -5.89 32.19 42.68
N TRP J 254 -6.98 31.71 42.07
CA TRP J 254 -6.91 31.12 40.72
C TRP J 254 -6.41 32.22 39.78
N ARG J 255 -5.54 31.85 38.84
CA ARG J 255 -5.10 32.69 37.72
C ARG J 255 -5.46 31.95 36.43
N GLY J 256 -6.18 32.64 35.53
CA GLY J 256 -6.52 32.14 34.19
C GLY J 256 -5.74 32.86 33.10
N LEU J 257 -5.69 32.28 31.90
CA LEU J 257 -5.15 32.91 30.67
C LEU J 257 -6.14 32.75 29.51
N SER J 258 -6.04 33.63 28.53
CA SER J 258 -6.91 33.62 27.33
C SER J 258 -6.54 32.43 26.44
N ARG J 259 -7.50 31.92 25.66
CA ARG J 259 -7.27 30.86 24.64
C ARG J 259 -7.59 31.40 23.24
N TYR J 260 -6.68 31.07 22.30
CA TYR J 260 -6.75 31.44 20.87
C TYR J 260 -7.34 30.25 20.15
N PHE J 261 -8.32 30.52 19.31
CA PHE J 261 -8.99 29.59 18.38
C PHE J 261 -8.70 30.11 16.96
N LYS J 262 -8.33 29.23 16.03
CA LYS J 262 -8.48 29.42 14.55
C LYS J 262 -9.22 28.19 14.00
N VAL J 263 -10.41 28.38 13.42
CA VAL J 263 -11.33 27.31 12.95
C VAL J 263 -11.54 27.49 11.44
N GLN J 264 -11.21 26.46 10.65
CA GLN J 264 -11.45 26.46 9.18
C GLN J 264 -12.83 25.83 8.96
N LEU J 265 -13.71 26.52 8.25
CA LEU J 265 -15.07 26.01 7.94
C LEU J 265 -15.24 25.95 6.41
N ARG J 266 -16.13 25.09 5.95
CA ARG J 266 -16.48 24.92 4.51
C ARG J 266 -18.01 24.88 4.39
N LYS J 267 -18.56 24.99 3.19
CA LYS J 267 -20.03 24.89 2.97
C LYS J 267 -20.42 23.43 2.63
N ARG J 268 -21.42 22.93 3.34
CA ARG J 268 -21.98 21.56 3.27
C ARG J 268 -23.46 21.70 2.96
N ARG J 269 -23.96 21.01 1.94
CA ARG J 269 -25.42 21.05 1.61
C ARG J 269 -26.10 20.04 2.52
N VAL J 270 -27.31 20.34 3.01
CA VAL J 270 -28.13 19.42 3.85
C VAL J 270 -29.60 19.53 3.44
N LYS J 271 -30.41 18.56 3.88
CA LYS J 271 -31.89 18.57 3.69
C LYS J 271 -32.62 18.57 5.05
N ASN J 272 -33.64 19.43 5.17
CA ASN J 272 -34.63 19.48 6.28
C ASN J 272 -33.94 19.96 7.57
N GLU K 1 19.70 -60.15 -56.13
CA GLU K 1 18.50 -61.01 -56.35
C GLU K 1 17.47 -60.78 -55.24
N VAL K 2 16.31 -60.22 -55.57
CA VAL K 2 15.12 -60.17 -54.67
C VAL K 2 14.24 -61.34 -55.13
N GLN K 3 13.62 -62.12 -54.25
CA GLN K 3 12.75 -63.24 -54.70
C GLN K 3 11.38 -63.16 -54.03
N LEU K 4 10.35 -63.18 -54.88
CA LEU K 4 8.93 -63.27 -54.47
C LEU K 4 8.34 -64.52 -55.12
N VAL K 5 7.83 -65.48 -54.34
CA VAL K 5 7.24 -66.75 -54.85
C VAL K 5 5.85 -66.96 -54.25
N GLU K 6 4.81 -66.70 -55.04
CA GLU K 6 3.40 -66.94 -54.63
C GLU K 6 3.16 -68.45 -54.60
N SER K 7 1.99 -68.82 -54.06
CA SER K 7 1.39 -70.17 -54.05
C SER K 7 -0.05 -70.10 -53.55
N GLY K 8 -0.80 -71.20 -53.71
CA GLY K 8 -2.12 -71.41 -53.08
C GLY K 8 -3.24 -71.29 -54.08
N GLY K 9 -2.92 -70.83 -55.29
CA GLY K 9 -3.88 -70.69 -56.40
C GLY K 9 -4.55 -72.01 -56.72
N GLY K 10 -5.64 -71.94 -57.48
CA GLY K 10 -6.38 -73.15 -57.89
C GLY K 10 -7.82 -72.85 -58.19
N VAL K 11 -8.59 -73.92 -58.29
CA VAL K 11 -10.03 -73.90 -58.66
C VAL K 11 -10.80 -73.72 -57.37
N VAL K 12 -11.80 -72.85 -57.39
CA VAL K 12 -12.67 -72.57 -56.22
C VAL K 12 -14.04 -72.16 -56.72
N GLN K 13 -15.08 -72.63 -56.03
CA GLN K 13 -16.50 -72.37 -56.40
C GLN K 13 -16.88 -70.98 -55.89
N PRO K 14 -17.80 -70.28 -56.60
CA PRO K 14 -18.37 -69.04 -56.08
C PRO K 14 -18.90 -69.26 -54.65
N GLY K 15 -18.58 -68.31 -53.76
CA GLY K 15 -19.12 -68.23 -52.40
C GLY K 15 -18.13 -68.76 -51.39
N ARG K 16 -17.20 -69.60 -51.82
CA ARG K 16 -16.21 -70.27 -50.93
C ARG K 16 -14.95 -69.39 -50.80
N SER K 17 -13.98 -69.85 -50.00
CA SER K 17 -12.74 -69.12 -49.63
C SER K 17 -11.49 -69.83 -50.16
N LEU K 18 -10.49 -69.05 -50.58
CA LEU K 18 -9.12 -69.53 -50.90
C LEU K 18 -8.10 -68.59 -50.24
N ARG K 19 -6.93 -69.10 -49.86
CA ARG K 19 -5.87 -68.32 -49.16
C ARG K 19 -4.57 -68.36 -49.97
N LEU K 20 -4.17 -67.23 -50.56
CA LEU K 20 -2.87 -67.08 -51.29
C LEU K 20 -1.78 -66.76 -50.27
N SER K 21 -0.55 -67.17 -50.55
CA SER K 21 0.60 -66.76 -49.73
C SER K 21 1.81 -66.51 -50.63
N CYS K 22 2.75 -65.70 -50.14
CA CYS K 22 3.92 -65.22 -50.90
C CYS K 22 5.14 -65.35 -49.99
N ALA K 23 6.19 -66.01 -50.48
CA ALA K 23 7.47 -66.15 -49.77
C ALA K 23 8.43 -65.10 -50.34
N ALA K 24 8.94 -64.24 -49.48
CA ALA K 24 9.73 -63.05 -49.84
C ALA K 24 11.14 -63.22 -49.28
N SER K 25 12.16 -62.86 -50.05
CA SER K 25 13.57 -62.99 -49.60
C SER K 25 14.43 -62.02 -50.40
N GLY K 26 15.65 -61.77 -49.94
CA GLY K 26 16.66 -61.02 -50.71
C GLY K 26 16.53 -59.53 -50.54
N PHE K 27 15.72 -59.13 -49.55
CA PHE K 27 15.49 -57.75 -49.05
C PHE K 27 15.03 -57.82 -47.60
N THR K 28 14.97 -56.67 -46.91
CA THR K 28 14.51 -56.56 -45.51
C THR K 28 12.98 -56.41 -45.54
N PHE K 29 12.27 -57.54 -45.44
CA PHE K 29 10.81 -57.69 -45.70
C PHE K 29 10.00 -56.77 -44.78
N SER K 30 10.36 -56.76 -43.50
CA SER K 30 9.68 -55.97 -42.43
C SER K 30 9.99 -54.48 -42.57
N SER K 31 10.77 -54.06 -43.57
CA SER K 31 10.98 -52.62 -43.86
C SER K 31 10.16 -52.17 -45.06
N SER K 32 9.36 -53.03 -45.68
CA SER K 32 8.65 -52.74 -46.96
C SER K 32 7.16 -52.93 -46.76
N ALA K 33 6.36 -52.02 -47.30
CA ALA K 33 4.92 -52.25 -47.48
C ALA K 33 4.81 -53.23 -48.65
N MET K 34 3.76 -54.04 -48.73
CA MET K 34 3.60 -55.01 -49.84
C MET K 34 2.19 -54.86 -50.43
N HIS K 35 2.03 -55.32 -51.67
CA HIS K 35 0.81 -55.22 -52.48
C HIS K 35 0.38 -56.58 -53.01
N TRP K 36 -0.91 -56.76 -53.28
CA TRP K 36 -1.38 -57.78 -54.24
C TRP K 36 -1.93 -57.00 -55.45
N VAL K 37 -1.53 -57.41 -56.66
CA VAL K 37 -2.00 -56.88 -57.98
C VAL K 37 -2.54 -58.08 -58.75
N ARG K 38 -3.67 -57.98 -59.43
CA ARG K 38 -4.25 -59.11 -60.19
C ARG K 38 -4.38 -58.80 -61.70
N GLN K 39 -4.41 -59.86 -62.53
CA GLN K 39 -4.56 -59.80 -64.01
C GLN K 39 -5.52 -60.92 -64.47
N ALA K 40 -6.79 -60.58 -64.72
CA ALA K 40 -7.79 -61.50 -65.33
C ALA K 40 -7.24 -62.04 -66.64
N PRO K 41 -7.62 -63.24 -67.12
CA PRO K 41 -7.04 -63.78 -68.35
C PRO K 41 -7.40 -62.87 -69.55
N GLY K 42 -6.33 -62.38 -70.20
CA GLY K 42 -6.33 -61.55 -71.42
C GLY K 42 -6.62 -60.08 -71.15
N LYS K 43 -6.71 -59.67 -69.89
CA LYS K 43 -7.01 -58.26 -69.49
C LYS K 43 -5.74 -57.62 -68.90
N GLY K 44 -5.88 -56.42 -68.34
CA GLY K 44 -4.76 -55.67 -67.75
C GLY K 44 -4.68 -55.85 -66.25
N LEU K 45 -3.81 -55.05 -65.64
CA LEU K 45 -3.42 -55.14 -64.22
C LEU K 45 -4.34 -54.25 -63.39
N GLU K 46 -4.78 -54.78 -62.24
CA GLU K 46 -5.63 -54.04 -61.30
C GLU K 46 -5.05 -54.20 -59.90
N TRP K 47 -4.75 -53.09 -59.23
CA TRP K 47 -4.21 -53.12 -57.84
C TRP K 47 -5.34 -53.56 -56.91
N VAL K 48 -5.02 -54.37 -55.90
CA VAL K 48 -6.06 -55.01 -55.05
C VAL K 48 -5.91 -54.49 -53.61
N ALA K 49 -4.72 -54.58 -53.01
CA ALA K 49 -4.54 -54.20 -51.60
C ALA K 49 -3.08 -53.87 -51.28
N VAL K 50 -2.88 -53.06 -50.26
CA VAL K 50 -1.53 -52.75 -49.69
C VAL K 50 -1.55 -53.05 -48.20
N ILE K 51 -0.39 -53.35 -47.63
CA ILE K 51 -0.20 -53.55 -46.17
C ILE K 51 1.08 -52.83 -45.74
N SER K 52 1.06 -52.23 -44.55
CA SER K 52 2.19 -51.49 -43.95
C SER K 52 3.25 -52.51 -43.50
N TYR K 53 4.50 -52.05 -43.35
CA TYR K 53 5.67 -52.87 -42.93
C TYR K 53 5.32 -53.61 -41.63
N ASP K 54 4.71 -52.86 -40.70
CA ASP K 54 4.06 -53.29 -39.43
C ASP K 54 3.30 -54.61 -39.62
N GLY K 55 2.52 -54.74 -40.69
CA GLY K 55 1.36 -55.65 -40.74
C GLY K 55 0.06 -54.99 -40.26
N ASN K 56 0.11 -53.79 -39.69
CA ASN K 56 -0.97 -53.25 -38.81
C ASN K 56 -1.98 -52.38 -39.57
N ASN K 57 -1.69 -52.00 -40.81
CA ASN K 57 -2.57 -51.10 -41.60
C ASN K 57 -2.78 -51.73 -42.98
N GLN K 58 -4.04 -51.89 -43.39
CA GLN K 58 -4.38 -52.41 -44.74
C GLN K 58 -5.29 -51.41 -45.47
N LEU K 59 -5.10 -51.29 -46.79
CA LEU K 59 -5.97 -50.49 -47.68
C LEU K 59 -6.30 -51.39 -48.88
N TYR K 60 -7.46 -51.19 -49.51
CA TYR K 60 -8.02 -52.07 -50.56
C TYR K 60 -8.69 -51.25 -51.68
N ALA K 61 -8.57 -51.68 -52.92
CA ALA K 61 -9.36 -51.19 -54.07
C ALA K 61 -10.85 -51.38 -53.75
N ASP K 62 -11.72 -50.53 -54.31
CA ASP K 62 -13.19 -50.61 -54.09
C ASP K 62 -13.74 -51.96 -54.58
N SER K 63 -13.21 -52.48 -55.70
CA SER K 63 -13.67 -53.71 -56.38
C SER K 63 -13.61 -54.93 -55.46
N VAL K 64 -12.74 -54.89 -54.45
CA VAL K 64 -12.45 -56.08 -53.59
C VAL K 64 -12.71 -55.77 -52.11
N LYS K 65 -12.93 -54.51 -51.73
CA LYS K 65 -13.11 -54.12 -50.32
C LYS K 65 -14.25 -54.96 -49.73
N GLY K 66 -14.03 -55.57 -48.56
CA GLY K 66 -15.03 -56.38 -47.83
C GLY K 66 -14.94 -57.87 -48.15
N ARG K 67 -14.30 -58.25 -49.24
CA ARG K 67 -14.16 -59.66 -49.70
C ARG K 67 -12.72 -60.14 -49.53
N LEU K 68 -11.74 -59.24 -49.52
CA LEU K 68 -10.32 -59.63 -49.41
C LEU K 68 -9.76 -59.14 -48.08
N THR K 69 -8.78 -59.89 -47.57
CA THR K 69 -7.97 -59.49 -46.39
C THR K 69 -6.51 -59.71 -46.73
N ILE K 70 -5.74 -58.63 -46.82
CA ILE K 70 -4.26 -58.69 -46.86
C ILE K 70 -3.80 -58.81 -45.41
N SER K 71 -2.70 -59.54 -45.19
CA SER K 71 -2.04 -59.71 -43.87
C SER K 71 -0.62 -60.23 -44.13
N ARG K 72 0.18 -60.35 -43.09
CA ARG K 72 1.57 -60.82 -43.24
C ARG K 72 2.04 -61.40 -41.92
N ASP K 73 3.13 -62.17 -41.97
CA ASP K 73 3.88 -62.67 -40.78
C ASP K 73 5.36 -62.41 -40.99
N ASN K 74 5.88 -61.30 -40.47
CA ASN K 74 7.26 -60.85 -40.77
C ASN K 74 8.26 -61.83 -40.16
N SER K 75 7.84 -62.59 -39.15
CA SER K 75 8.68 -63.63 -38.49
C SER K 75 9.07 -64.68 -39.55
N LYS K 76 8.12 -65.08 -40.40
CA LYS K 76 8.25 -66.11 -41.47
C LYS K 76 8.54 -65.54 -42.87
N ASN K 77 8.85 -64.24 -42.99
CA ASN K 77 8.91 -63.47 -44.28
C ASN K 77 7.76 -63.84 -45.24
N ALA K 78 6.52 -63.87 -44.76
CA ALA K 78 5.34 -64.35 -45.52
C ALA K 78 4.33 -63.20 -45.66
N LEU K 79 3.75 -63.04 -46.87
CA LEU K 79 2.62 -62.14 -47.20
C LEU K 79 1.43 -62.99 -47.62
N TYR K 80 0.23 -62.71 -47.10
CA TYR K 80 -0.98 -63.51 -47.36
C TYR K 80 -2.03 -62.64 -48.03
N LEU K 81 -2.79 -63.21 -48.95
CA LEU K 81 -4.12 -62.72 -49.40
C LEU K 81 -5.15 -63.78 -49.02
N GLN K 82 -6.22 -63.38 -48.35
CA GLN K 82 -7.36 -64.27 -47.98
C GLN K 82 -8.52 -63.80 -48.85
N LEU K 83 -9.00 -64.67 -49.73
CA LEU K 83 -10.14 -64.37 -50.63
C LEU K 83 -11.38 -65.06 -50.06
N ASN K 84 -12.44 -64.28 -49.86
CA ASN K 84 -13.74 -64.72 -49.28
C ASN K 84 -14.85 -64.26 -50.22
N SER K 85 -16.02 -64.89 -50.14
CA SER K 85 -17.25 -64.43 -50.86
C SER K 85 -16.93 -64.23 -52.35
N LEU K 86 -16.16 -65.16 -52.93
CA LEU K 86 -15.59 -64.97 -54.29
C LEU K 86 -16.70 -64.96 -55.35
N ARG K 87 -16.40 -64.35 -56.49
CA ARG K 87 -17.30 -64.23 -57.67
C ARG K 87 -16.50 -64.63 -58.91
N THR K 88 -17.14 -65.13 -59.96
CA THR K 88 -16.39 -65.62 -61.15
C THR K 88 -15.47 -64.51 -61.64
N GLU K 89 -15.92 -63.24 -61.57
CA GLU K 89 -15.16 -62.06 -62.08
C GLU K 89 -13.81 -61.90 -61.38
N ASP K 90 -13.64 -62.41 -60.15
CA ASP K 90 -12.37 -62.37 -59.37
C ASP K 90 -11.33 -63.33 -59.95
N THR K 91 -11.67 -64.06 -61.01
CA THR K 91 -10.73 -65.00 -61.67
C THR K 91 -9.62 -64.15 -62.30
N ALA K 92 -8.37 -64.52 -62.03
CA ALA K 92 -7.16 -63.79 -62.47
C ALA K 92 -5.91 -64.45 -61.92
N VAL K 93 -4.78 -64.06 -62.48
CA VAL K 93 -3.45 -64.28 -61.86
C VAL K 93 -3.31 -63.21 -60.75
N TYR K 94 -2.95 -63.64 -59.55
CA TYR K 94 -2.75 -62.70 -58.43
C TYR K 94 -1.25 -62.60 -58.16
N PHE K 95 -0.70 -61.40 -58.25
CA PHE K 95 0.76 -61.20 -58.10
C PHE K 95 1.13 -60.59 -56.75
N CYS K 96 2.28 -60.98 -56.22
CA CYS K 96 2.82 -60.43 -54.94
C CYS K 96 3.89 -59.43 -55.39
N ALA K 97 3.68 -58.14 -55.12
CA ALA K 97 4.65 -57.09 -55.52
C ALA K 97 5.01 -56.23 -54.33
N ARG K 98 6.28 -55.80 -54.29
CA ARG K 98 6.80 -54.97 -53.18
C ARG K 98 6.54 -53.51 -53.48
N ASP K 99 6.32 -52.74 -52.42
CA ASP K 99 6.00 -51.30 -52.56
C ASP K 99 7.30 -50.61 -52.95
N GLY K 100 7.23 -49.64 -53.85
CA GLY K 100 8.45 -49.01 -54.40
C GLY K 100 9.06 -47.99 -53.46
N GLY K 101 8.42 -47.72 -52.31
CA GLY K 101 8.85 -46.73 -51.29
C GLY K 101 7.78 -45.71 -50.92
N GLY K 102 6.73 -45.58 -51.74
CA GLY K 102 5.78 -44.46 -51.61
C GLY K 102 4.58 -44.76 -50.74
N TYR K 103 4.53 -45.91 -50.04
CA TYR K 103 3.35 -46.31 -49.22
C TYR K 103 2.78 -45.12 -48.41
N SER K 104 3.63 -44.49 -47.61
CA SER K 104 3.23 -43.48 -46.59
C SER K 104 2.56 -42.29 -47.27
N PHE K 105 2.83 -42.03 -48.56
CA PHE K 105 2.27 -40.86 -49.27
C PHE K 105 1.02 -41.26 -50.05
N GLY K 106 0.67 -42.55 -50.05
CA GLY K 106 -0.43 -43.09 -50.88
C GLY K 106 -0.06 -43.09 -52.36
N THR K 107 1.22 -43.03 -52.67
CA THR K 107 1.73 -43.03 -54.07
C THR K 107 2.36 -44.39 -54.40
N TYR K 108 1.53 -45.37 -54.78
CA TYR K 108 1.94 -46.79 -54.92
C TYR K 108 2.55 -47.05 -56.30
N PHE K 109 3.76 -47.61 -56.37
CA PHE K 109 4.28 -48.28 -57.59
C PHE K 109 5.04 -49.53 -57.14
N PHE K 110 5.41 -50.43 -58.07
CA PHE K 110 5.76 -51.84 -57.74
C PHE K 110 7.14 -52.20 -58.30
N ASP K 111 8.21 -52.11 -57.50
CA ASP K 111 9.62 -52.33 -57.95
C ASP K 111 10.00 -53.81 -58.14
N PHE K 112 9.29 -54.79 -57.57
CA PHE K 112 9.60 -56.23 -57.72
C PHE K 112 8.31 -57.06 -57.63
N TRP K 113 8.10 -57.98 -58.56
CA TRP K 113 6.90 -58.85 -58.59
C TRP K 113 7.28 -60.33 -58.55
N GLY K 114 6.34 -61.16 -58.11
CA GLY K 114 6.42 -62.63 -58.12
C GLY K 114 5.85 -63.18 -59.42
N GLN K 115 5.88 -64.50 -59.58
CA GLN K 115 5.52 -65.17 -60.86
C GLN K 115 4.00 -65.20 -60.98
N GLY K 116 3.31 -65.00 -59.86
CA GLY K 116 1.84 -64.96 -59.84
C GLY K 116 1.30 -66.34 -59.54
N THR K 117 0.02 -66.47 -59.19
CA THR K 117 -0.64 -67.77 -58.97
C THR K 117 -2.07 -67.63 -59.50
N LEU K 118 -2.55 -68.64 -60.22
CA LEU K 118 -3.85 -68.51 -60.95
C LEU K 118 -5.02 -68.94 -60.06
N VAL K 119 -5.95 -68.02 -59.88
CA VAL K 119 -7.21 -68.30 -59.15
C VAL K 119 -8.33 -68.27 -60.20
N THR K 120 -9.04 -69.39 -60.23
CA THR K 120 -10.19 -69.62 -61.13
C THR K 120 -11.41 -69.85 -60.25
N VAL K 121 -12.38 -68.96 -60.35
CA VAL K 121 -13.69 -69.13 -59.64
C VAL K 121 -14.66 -69.67 -60.69
N SER K 122 -15.28 -70.82 -60.40
CA SER K 122 -16.16 -71.58 -61.32
C SER K 122 -16.95 -72.65 -60.56
N SER K 123 -18.24 -72.79 -60.87
CA SER K 123 -19.13 -73.84 -60.29
C SER K 123 -19.03 -75.16 -61.08
N ALA K 124 -18.59 -75.10 -62.34
CA ALA K 124 -18.42 -76.25 -63.24
C ALA K 124 -17.50 -77.29 -62.60
N SER K 125 -17.87 -78.58 -62.66
CA SER K 125 -17.11 -79.72 -62.07
C SER K 125 -16.12 -80.24 -63.12
N THR K 126 -15.11 -80.98 -62.64
CA THR K 126 -14.10 -81.66 -63.50
C THR K 126 -14.84 -82.45 -64.58
N LYS K 127 -14.50 -82.24 -65.85
CA LYS K 127 -15.15 -82.91 -67.00
C LYS K 127 -14.14 -83.04 -68.14
N GLY K 128 -14.09 -84.19 -68.81
CA GLY K 128 -13.22 -84.44 -69.98
C GLY K 128 -13.88 -83.96 -71.28
N PRO K 129 -13.09 -83.52 -72.29
CA PRO K 129 -13.66 -82.96 -73.52
C PRO K 129 -14.44 -83.98 -74.37
N SER K 130 -15.35 -83.49 -75.22
CA SER K 130 -15.83 -84.18 -76.45
C SER K 130 -14.88 -83.77 -77.58
N VAL K 131 -14.40 -84.68 -78.43
CA VAL K 131 -13.52 -84.31 -79.59
C VAL K 131 -14.24 -84.61 -80.92
N PHE K 132 -14.25 -83.61 -81.80
CA PHE K 132 -15.02 -83.57 -83.07
C PHE K 132 -14.06 -83.26 -84.20
N PRO K 133 -14.21 -83.91 -85.38
CA PRO K 133 -13.35 -83.63 -86.54
C PRO K 133 -13.61 -82.24 -87.16
N LEU K 134 -12.56 -81.62 -87.69
CA LEU K 134 -12.63 -80.44 -88.59
C LEU K 134 -12.03 -80.87 -89.92
N ALA K 135 -12.83 -81.49 -90.79
CA ALA K 135 -12.42 -82.18 -92.04
C ALA K 135 -12.23 -81.20 -93.20
N PRO K 136 -11.37 -81.53 -94.18
CA PRO K 136 -11.13 -80.62 -95.32
C PRO K 136 -12.24 -80.75 -96.37
N SER K 137 -12.52 -79.71 -97.15
CA SER K 137 -13.67 -79.62 -98.09
C SER K 137 -13.26 -80.07 -99.50
N SER K 138 -13.00 -79.13 -100.42
CA SER K 138 -12.45 -79.37 -101.79
C SER K 138 -10.94 -79.06 -101.77
N LYS K 139 -10.34 -78.66 -102.92
CA LYS K 139 -8.88 -78.81 -103.20
C LYS K 139 -8.17 -77.48 -103.50
N SER K 140 -6.96 -77.55 -104.06
CA SER K 140 -6.16 -76.40 -104.55
C SER K 140 -5.12 -76.85 -105.59
N THR K 145 -2.74 -77.93 -101.23
CA THR K 145 -2.52 -77.39 -99.85
C THR K 145 -3.86 -77.23 -99.10
N ALA K 146 -4.29 -78.24 -98.34
CA ALA K 146 -5.56 -78.29 -97.56
C ALA K 146 -5.29 -78.09 -96.05
N ALA K 147 -6.36 -77.95 -95.26
CA ALA K 147 -6.34 -77.70 -93.80
C ALA K 147 -7.36 -78.62 -93.11
N LEU K 148 -6.98 -79.18 -91.96
CA LEU K 148 -7.80 -80.11 -91.16
C LEU K 148 -7.46 -79.93 -89.68
N GLY K 149 -8.30 -80.43 -88.78
CA GLY K 149 -8.10 -80.20 -87.34
C GLY K 149 -9.08 -80.97 -86.46
N CYS K 150 -9.00 -80.68 -85.16
CA CYS K 150 -9.88 -81.22 -84.10
C CYS K 150 -10.50 -80.04 -83.32
N LEU K 151 -11.76 -80.22 -82.94
CA LEU K 151 -12.47 -79.36 -81.97
C LEU K 151 -12.49 -80.11 -80.63
N VAL K 152 -11.77 -79.59 -79.64
CA VAL K 152 -11.76 -80.17 -78.26
C VAL K 152 -12.70 -79.29 -77.44
N LYS K 153 -13.86 -79.81 -77.03
CA LYS K 153 -15.01 -78.97 -76.55
C LYS K 153 -15.55 -79.46 -75.20
N ASP K 154 -15.93 -78.51 -74.34
CA ASP K 154 -16.73 -78.74 -73.11
C ASP K 154 -15.91 -79.53 -72.08
N TYR K 155 -14.69 -79.06 -71.77
CA TYR K 155 -13.82 -79.66 -70.72
C TYR K 155 -13.64 -78.65 -69.57
N PHE K 156 -13.27 -79.16 -68.38
CA PHE K 156 -12.92 -78.36 -67.16
C PHE K 156 -12.02 -79.16 -66.23
N PRO K 157 -10.98 -78.56 -65.61
CA PRO K 157 -10.51 -77.21 -65.95
C PRO K 157 -9.47 -77.31 -67.08
N GLU K 158 -8.81 -76.19 -67.38
CA GLU K 158 -7.62 -76.16 -68.26
C GLU K 158 -6.52 -76.98 -67.61
N PRO K 159 -5.44 -77.36 -68.33
CA PRO K 159 -5.36 -77.24 -69.80
C PRO K 159 -5.60 -78.58 -70.52
N VAL K 160 -5.32 -78.60 -71.82
CA VAL K 160 -5.30 -79.84 -72.65
C VAL K 160 -3.97 -79.87 -73.42
N THR K 161 -3.47 -81.10 -73.62
CA THR K 161 -2.44 -81.49 -74.60
C THR K 161 -3.17 -81.87 -75.89
N VAL K 162 -2.67 -81.44 -77.04
CA VAL K 162 -3.05 -82.08 -78.35
C VAL K 162 -1.76 -82.25 -79.16
N SER K 163 -1.62 -83.44 -79.75
CA SER K 163 -0.57 -83.82 -80.71
C SER K 163 -1.23 -84.38 -81.95
N TRP K 164 -0.44 -84.66 -82.98
CA TRP K 164 -0.91 -85.28 -84.25
C TRP K 164 -0.08 -86.52 -84.55
N ASN K 165 -0.73 -87.70 -84.62
CA ASN K 165 -0.08 -88.99 -84.98
C ASN K 165 1.05 -89.23 -83.97
N SER K 166 0.70 -89.23 -82.68
CA SER K 166 1.61 -89.47 -81.52
C SER K 166 2.93 -88.69 -81.63
N GLY K 167 2.88 -87.44 -82.10
CA GLY K 167 4.03 -86.51 -82.05
C GLY K 167 4.78 -86.43 -83.36
N ALA K 168 4.48 -87.30 -84.33
CA ALA K 168 5.23 -87.46 -85.60
C ALA K 168 5.00 -86.26 -86.52
N LEU K 169 3.73 -85.81 -86.58
CA LEU K 169 3.31 -84.59 -87.32
C LEU K 169 3.43 -83.38 -86.39
N THR K 170 4.39 -82.51 -86.71
CA THR K 170 4.87 -81.40 -85.87
C THR K 170 4.76 -80.09 -86.64
N SER K 171 5.25 -80.03 -87.88
CA SER K 171 5.36 -78.81 -88.73
C SER K 171 3.97 -78.36 -89.19
N GLY K 172 3.77 -77.05 -89.34
CA GLY K 172 2.50 -76.44 -89.80
C GLY K 172 1.31 -76.68 -88.86
N VAL K 173 1.54 -77.10 -87.61
CA VAL K 173 0.49 -77.35 -86.59
C VAL K 173 0.23 -76.02 -85.89
N HIS K 174 -1.02 -75.79 -85.47
CA HIS K 174 -1.48 -74.62 -84.68
C HIS K 174 -2.55 -75.07 -83.68
N THR K 175 -2.19 -75.11 -82.39
CA THR K 175 -3.10 -75.35 -81.24
C THR K 175 -3.55 -73.97 -80.73
N PHE K 176 -4.84 -73.70 -80.64
CA PHE K 176 -5.38 -72.38 -80.23
C PHE K 176 -5.59 -72.36 -78.72
N PRO K 177 -5.32 -71.23 -78.02
CA PRO K 177 -5.61 -71.14 -76.60
C PRO K 177 -7.12 -71.35 -76.42
N ALA K 178 -7.53 -71.93 -75.29
CA ALA K 178 -8.95 -72.23 -74.96
C ALA K 178 -9.75 -70.93 -74.84
N VAL K 179 -11.08 -71.00 -74.93
CA VAL K 179 -11.95 -69.84 -74.58
C VAL K 179 -13.05 -70.34 -73.63
N LEU K 180 -13.41 -69.51 -72.68
CA LEU K 180 -14.43 -69.85 -71.66
C LEU K 180 -15.79 -69.65 -72.33
N GLN K 181 -16.62 -70.67 -72.41
CA GLN K 181 -17.96 -70.53 -73.05
C GLN K 181 -18.92 -70.00 -71.99
N SER K 182 -20.11 -69.55 -72.41
CA SER K 182 -21.22 -69.24 -71.46
C SER K 182 -21.49 -70.47 -70.58
N SER K 183 -21.12 -71.67 -71.03
CA SER K 183 -21.24 -72.92 -70.23
C SER K 183 -20.42 -72.83 -68.95
N GLY K 184 -19.31 -72.07 -68.97
CA GLY K 184 -18.23 -72.20 -67.99
C GLY K 184 -17.34 -73.39 -68.30
N LEU K 185 -17.51 -74.02 -69.46
CA LEU K 185 -16.61 -75.10 -69.96
C LEU K 185 -15.77 -74.48 -71.08
N TYR K 186 -14.49 -74.86 -71.11
CA TYR K 186 -13.48 -74.34 -72.06
C TYR K 186 -13.59 -75.08 -73.40
N SER K 187 -13.17 -74.44 -74.50
CA SER K 187 -13.30 -74.90 -75.90
C SER K 187 -12.07 -74.48 -76.72
N LEU K 188 -11.47 -75.41 -77.46
CA LEU K 188 -10.14 -75.29 -78.11
C LEU K 188 -10.15 -75.96 -79.48
N SER K 189 -9.48 -75.33 -80.45
CA SER K 189 -9.24 -75.91 -81.80
C SER K 189 -7.76 -76.20 -81.99
N SER K 190 -7.45 -77.31 -82.66
CA SER K 190 -6.08 -77.64 -83.15
C SER K 190 -6.16 -78.03 -84.62
N VAL K 191 -5.29 -77.42 -85.42
CA VAL K 191 -5.35 -77.52 -86.90
C VAL K 191 -3.93 -77.75 -87.41
N VAL K 192 -3.85 -78.04 -88.71
CA VAL K 192 -2.58 -78.30 -89.44
C VAL K 192 -2.85 -78.18 -90.94
N THR K 193 -1.83 -77.78 -91.70
CA THR K 193 -1.87 -77.70 -93.19
C THR K 193 -1.07 -78.88 -93.76
N VAL K 194 -1.66 -79.54 -94.76
CA VAL K 194 -1.19 -80.79 -95.45
C VAL K 194 -1.52 -80.62 -96.94
N PRO K 195 -0.81 -81.29 -97.88
CA PRO K 195 -1.25 -81.28 -99.29
C PRO K 195 -2.26 -82.34 -99.77
N SER K 196 -2.08 -83.64 -99.45
CA SER K 196 -2.72 -84.80 -100.15
C SER K 196 -4.21 -84.94 -99.81
N SER K 197 -4.58 -85.97 -99.03
CA SER K 197 -5.98 -86.43 -98.76
C SER K 197 -6.94 -85.27 -98.45
N GLN K 202 -1.30 -89.52 -94.40
CA GLN K 202 -2.59 -89.88 -95.06
C GLN K 202 -3.61 -90.35 -94.00
N THR K 203 -3.15 -91.02 -92.95
CA THR K 203 -3.95 -91.29 -91.71
C THR K 203 -3.61 -90.15 -90.74
N TYR K 204 -4.52 -89.20 -90.54
CA TYR K 204 -4.40 -88.08 -89.57
C TYR K 204 -5.29 -88.35 -88.35
N ILE K 205 -4.62 -88.58 -87.21
CA ILE K 205 -5.23 -88.70 -85.85
C ILE K 205 -4.74 -87.49 -85.04
N CYS K 206 -5.61 -86.95 -84.17
CA CYS K 206 -5.28 -85.93 -83.14
C CYS K 206 -5.36 -86.59 -81.76
N ASN K 207 -4.27 -86.51 -80.99
CA ASN K 207 -4.17 -87.15 -79.66
C ASN K 207 -4.48 -86.04 -78.65
N VAL K 208 -5.60 -86.17 -77.93
CA VAL K 208 -6.09 -85.19 -76.93
C VAL K 208 -5.83 -85.79 -75.54
N ASN K 209 -5.09 -85.07 -74.70
CA ASN K 209 -4.83 -85.46 -73.29
C ASN K 209 -5.48 -84.38 -72.42
N HIS K 210 -6.22 -84.78 -71.37
CA HIS K 210 -6.81 -83.87 -70.35
C HIS K 210 -6.55 -84.50 -68.97
N LYS K 211 -5.39 -84.21 -68.37
CA LYS K 211 -4.91 -84.97 -67.19
C LYS K 211 -5.79 -84.68 -65.97
N PRO K 212 -6.41 -83.50 -65.78
CA PRO K 212 -7.37 -83.30 -64.67
C PRO K 212 -8.58 -84.26 -64.68
N SER K 213 -8.99 -84.72 -65.87
CA SER K 213 -10.05 -85.74 -66.09
C SER K 213 -9.42 -87.12 -66.25
N ASN K 214 -8.09 -87.17 -66.42
CA ASN K 214 -7.28 -88.39 -66.69
C ASN K 214 -7.75 -89.02 -68.01
N THR K 215 -8.28 -88.18 -68.91
CA THR K 215 -8.94 -88.56 -70.19
C THR K 215 -7.90 -88.49 -71.30
N LYS K 216 -7.95 -89.49 -72.19
CA LYS K 216 -7.19 -89.55 -73.46
C LYS K 216 -8.21 -89.91 -74.54
N VAL K 217 -8.07 -89.30 -75.71
CA VAL K 217 -9.00 -89.50 -76.88
C VAL K 217 -8.17 -89.29 -78.15
N ASP K 218 -8.18 -90.30 -79.01
CA ASP K 218 -7.57 -90.28 -80.37
C ASP K 218 -8.73 -90.13 -81.34
N LYS K 219 -8.70 -89.13 -82.22
CA LYS K 219 -9.78 -88.90 -83.22
C LYS K 219 -9.18 -88.82 -84.62
N LYS K 220 -9.77 -89.58 -85.56
CA LYS K 220 -9.36 -89.72 -86.98
C LYS K 220 -10.16 -88.72 -87.80
N VAL K 221 -9.52 -88.03 -88.75
CA VAL K 221 -10.09 -86.89 -89.55
C VAL K 221 -9.98 -87.19 -91.06
N GLU K 222 -11.09 -87.17 -91.82
CA GLU K 222 -11.13 -87.45 -93.29
C GLU K 222 -12.12 -86.55 -94.04
N ASP L 1 -11.42 -41.97 -60.34
CA ASP L 1 -10.12 -42.69 -60.51
C ASP L 1 -9.43 -42.08 -61.75
N ILE L 2 -8.11 -42.04 -61.81
CA ILE L 2 -7.42 -41.56 -63.05
C ILE L 2 -7.45 -42.65 -64.13
N GLN L 3 -7.91 -42.29 -65.32
CA GLN L 3 -7.94 -43.18 -66.51
C GLN L 3 -6.63 -42.99 -67.27
N MET L 4 -5.95 -44.09 -67.61
CA MET L 4 -4.67 -44.07 -68.36
C MET L 4 -4.90 -44.65 -69.76
N THR L 5 -4.47 -43.94 -70.81
CA THR L 5 -4.60 -44.39 -72.22
C THR L 5 -3.19 -44.60 -72.75
N GLN L 6 -3.02 -45.43 -73.79
CA GLN L 6 -1.67 -45.75 -74.32
C GLN L 6 -1.60 -45.55 -75.83
N SER L 7 -0.39 -45.24 -76.30
CA SER L 7 -0.04 -44.53 -77.57
C SER L 7 -0.73 -45.15 -78.78
N PRO L 8 -0.13 -46.15 -79.48
CA PRO L 8 -0.91 -47.03 -80.33
C PRO L 8 -1.30 -48.30 -79.57
N SER L 9 -2.37 -48.96 -80.01
CA SER L 9 -2.81 -50.30 -79.55
C SER L 9 -1.64 -51.26 -79.73
N SER L 10 -1.04 -51.29 -80.93
CA SER L 10 0.04 -52.23 -81.34
C SER L 10 1.06 -51.54 -82.24
N LEU L 11 2.29 -52.05 -82.21
CA LEU L 11 3.44 -51.47 -82.97
C LEU L 11 4.32 -52.56 -83.57
N SER L 12 4.67 -52.48 -84.85
CA SER L 12 5.62 -53.40 -85.51
C SER L 12 6.97 -52.70 -85.62
N ALA L 13 8.04 -53.36 -85.20
CA ALA L 13 9.41 -52.81 -85.27
C ALA L 13 10.40 -53.96 -85.40
N SER L 14 11.65 -53.60 -85.69
CA SER L 14 12.73 -54.56 -86.02
C SER L 14 13.98 -54.15 -85.25
N VAL L 15 14.74 -55.16 -84.82
CA VAL L 15 16.04 -55.00 -84.10
C VAL L 15 16.77 -53.78 -84.68
N GLY L 16 17.24 -52.89 -83.79
CA GLY L 16 18.03 -51.69 -84.15
C GLY L 16 17.20 -50.41 -84.23
N GLU L 17 15.89 -50.49 -84.54
CA GLU L 17 14.97 -49.32 -84.62
C GLU L 17 14.96 -48.53 -83.29
N ARG L 18 14.71 -47.21 -83.39
CA ARG L 18 14.25 -46.33 -82.27
C ARG L 18 12.74 -46.50 -82.15
N VAL L 19 12.24 -46.93 -80.99
CA VAL L 19 10.79 -47.23 -80.75
C VAL L 19 10.25 -46.19 -79.77
N THR L 20 9.06 -45.64 -80.06
CA THR L 20 8.36 -44.71 -79.15
C THR L 20 6.96 -45.24 -78.86
N ILE L 21 6.64 -45.35 -77.58
CA ILE L 21 5.24 -45.56 -77.08
C ILE L 21 4.94 -44.38 -76.16
N THR L 22 3.75 -43.82 -76.27
CA THR L 22 3.22 -42.74 -75.39
C THR L 22 2.12 -43.27 -74.48
N CYS L 23 1.90 -42.51 -73.40
CA CYS L 23 0.94 -42.77 -72.30
C CYS L 23 0.30 -41.43 -71.97
N ARG L 24 -1.01 -41.38 -71.71
CA ARG L 24 -1.73 -40.12 -71.37
C ARG L 24 -2.61 -40.35 -70.13
N ALA L 25 -2.44 -39.54 -69.09
CA ALA L 25 -3.26 -39.56 -67.86
C ALA L 25 -4.49 -38.68 -68.12
N SER L 26 -5.65 -39.04 -67.57
CA SER L 26 -6.90 -38.25 -67.72
C SER L 26 -6.82 -36.97 -66.89
N GLN L 27 -5.74 -36.75 -66.14
CA GLN L 27 -5.49 -35.47 -65.41
C GLN L 27 -4.00 -35.26 -65.17
N ARG L 28 -3.58 -34.04 -64.82
CA ARG L 28 -2.16 -33.78 -64.51
C ARG L 28 -1.79 -34.69 -63.33
N ILE L 29 -0.70 -35.44 -63.45
CA ILE L 29 -0.18 -36.38 -62.41
C ILE L 29 1.31 -36.07 -62.18
N SER L 30 1.75 -34.86 -62.54
CA SER L 30 3.16 -34.41 -62.34
C SER L 30 4.07 -35.47 -62.98
N ASN L 31 5.11 -35.99 -62.32
CA ASN L 31 5.94 -37.07 -62.91
C ASN L 31 5.67 -38.41 -62.21
N TYR L 32 4.53 -38.58 -61.55
CA TYR L 32 4.22 -39.84 -60.81
C TYR L 32 3.70 -40.83 -61.84
N LEU L 33 4.59 -41.31 -62.72
CA LEU L 33 4.25 -42.20 -63.87
C LEU L 33 5.33 -43.29 -64.00
N ASN L 34 4.92 -44.53 -64.24
CA ASN L 34 5.79 -45.73 -64.14
C ASN L 34 5.55 -46.61 -65.36
N TRP L 35 6.64 -47.25 -65.84
CA TRP L 35 6.67 -48.16 -67.01
C TRP L 35 7.13 -49.56 -66.58
N TYR L 36 6.33 -50.55 -66.96
CA TYR L 36 6.53 -52.01 -66.76
C TYR L 36 6.62 -52.66 -68.15
N GLN L 37 7.41 -53.74 -68.27
CA GLN L 37 7.44 -54.69 -69.42
C GLN L 37 6.85 -56.03 -68.96
N GLN L 38 6.01 -56.67 -69.77
CA GLN L 38 5.39 -57.98 -69.42
C GLN L 38 5.45 -58.86 -70.67
N LYS L 39 6.18 -59.97 -70.58
CA LYS L 39 6.20 -61.01 -71.63
C LYS L 39 5.07 -62.02 -71.37
N PRO L 40 4.48 -62.58 -72.44
CA PRO L 40 3.47 -63.65 -72.30
C PRO L 40 3.84 -64.69 -71.23
N GLY L 41 2.88 -64.98 -70.34
CA GLY L 41 2.95 -66.02 -69.29
C GLY L 41 3.84 -65.64 -68.11
N LYS L 42 4.30 -64.39 -68.07
CA LYS L 42 5.37 -63.95 -67.14
C LYS L 42 4.87 -62.79 -66.26
N ALA L 43 5.65 -62.47 -65.22
CA ALA L 43 5.43 -61.37 -64.26
C ALA L 43 5.90 -60.04 -64.83
N PRO L 44 5.19 -58.91 -64.58
CA PRO L 44 5.69 -57.60 -64.99
C PRO L 44 7.01 -57.26 -64.28
N LYS L 45 7.88 -56.56 -65.02
CA LYS L 45 9.20 -56.06 -64.53
C LYS L 45 9.16 -54.54 -64.65
N LEU L 46 9.56 -53.83 -63.59
CA LEU L 46 9.66 -52.36 -63.56
C LEU L 46 10.83 -51.89 -64.43
N LEU L 47 10.54 -51.02 -65.42
CA LEU L 47 11.55 -50.34 -66.28
C LEU L 47 11.86 -48.96 -65.73
N ILE L 48 10.85 -48.08 -65.66
CA ILE L 48 10.99 -46.64 -65.26
C ILE L 48 9.98 -46.32 -64.17
N TYR L 49 10.41 -45.54 -63.16
CA TYR L 49 9.53 -44.92 -62.13
C TYR L 49 9.83 -43.41 -62.14
N ALA L 50 8.92 -42.63 -61.55
CA ALA L 50 9.00 -41.15 -61.54
C ALA L 50 9.28 -40.65 -62.97
N ALA L 51 8.66 -41.28 -63.96
CA ALA L 51 8.58 -40.81 -65.36
C ALA L 51 9.93 -40.88 -66.08
N SER L 52 11.07 -40.86 -65.41
CA SER L 52 12.38 -40.80 -66.13
C SER L 52 13.54 -41.45 -65.40
N THR L 53 13.37 -42.04 -64.21
CA THR L 53 14.44 -42.81 -63.48
C THR L 53 14.45 -44.28 -63.92
N LEU L 54 15.64 -44.74 -64.30
CA LEU L 54 15.94 -46.11 -64.74
C LEU L 54 16.09 -47.04 -63.53
N GLN L 55 15.08 -47.86 -63.22
CA GLN L 55 15.17 -48.95 -62.22
C GLN L 55 16.52 -49.67 -62.41
N SER L 56 17.19 -50.03 -61.32
CA SER L 56 18.51 -50.72 -61.31
C SER L 56 18.46 -51.93 -62.26
N GLY L 57 19.51 -52.07 -63.08
CA GLY L 57 19.73 -53.27 -63.89
C GLY L 57 18.93 -53.21 -65.18
N VAL L 58 18.21 -52.13 -65.42
CA VAL L 58 17.50 -51.92 -66.71
C VAL L 58 18.48 -51.22 -67.65
N PRO L 59 18.65 -51.74 -68.88
CA PRO L 59 19.58 -51.15 -69.84
C PRO L 59 19.31 -49.68 -70.23
N SER L 60 20.39 -48.93 -70.43
CA SER L 60 20.39 -47.45 -70.69
C SER L 60 19.63 -47.10 -71.97
N ARG L 61 19.44 -48.06 -72.87
CA ARG L 61 18.72 -47.84 -74.16
C ARG L 61 17.26 -47.46 -73.87
N PHE L 62 16.73 -47.86 -72.71
CA PHE L 62 15.37 -47.49 -72.25
C PHE L 62 15.44 -46.11 -71.63
N SER L 63 14.49 -45.22 -71.96
CA SER L 63 14.41 -43.85 -71.40
C SER L 63 12.95 -43.39 -71.34
N GLY L 64 12.68 -42.40 -70.49
CA GLY L 64 11.32 -41.88 -70.25
C GLY L 64 11.31 -40.37 -70.12
N SER L 65 10.29 -39.74 -70.68
CA SER L 65 10.09 -38.28 -70.56
C SER L 65 8.61 -37.98 -70.36
N GLY L 66 8.33 -36.74 -69.98
CA GLY L 66 6.94 -36.31 -69.76
C GLY L 66 6.75 -35.87 -68.32
N SER L 67 5.71 -35.06 -68.18
CA SER L 67 5.25 -34.48 -66.90
C SER L 67 3.88 -33.85 -67.18
N GLY L 68 2.88 -34.22 -66.38
CA GLY L 68 1.53 -33.65 -66.45
C GLY L 68 0.58 -34.73 -66.91
N THR L 69 0.21 -34.75 -68.19
CA THR L 69 -0.75 -35.70 -68.81
C THR L 69 -0.03 -36.59 -69.83
N ASP L 70 0.97 -36.07 -70.56
CA ASP L 70 1.60 -36.77 -71.72
C ASP L 70 2.98 -37.32 -71.35
N PHE L 71 3.21 -38.61 -71.63
CA PHE L 71 4.39 -39.44 -71.25
C PHE L 71 4.85 -40.27 -72.45
N THR L 72 6.15 -40.48 -72.60
CA THR L 72 6.73 -41.34 -73.66
C THR L 72 7.76 -42.30 -73.05
N LEU L 73 7.73 -43.56 -73.48
CA LEU L 73 8.82 -44.54 -73.25
C LEU L 73 9.53 -44.66 -74.59
N THR L 74 10.86 -44.68 -74.56
CA THR L 74 11.69 -44.72 -75.79
C THR L 74 12.78 -45.79 -75.61
N ILE L 75 12.83 -46.71 -76.56
CA ILE L 75 13.94 -47.70 -76.67
C ILE L 75 14.80 -47.23 -77.85
N SER L 76 16.04 -46.79 -77.59
CA SER L 76 16.94 -46.17 -78.60
C SER L 76 17.27 -47.19 -79.70
N SER L 77 17.79 -48.36 -79.32
CA SER L 77 18.22 -49.48 -80.21
C SER L 77 17.56 -50.81 -79.81
N LEU L 78 16.34 -51.05 -80.30
CA LEU L 78 15.50 -52.24 -79.95
C LEU L 78 16.30 -53.53 -80.07
N GLN L 79 16.07 -54.49 -79.18
CA GLN L 79 16.80 -55.79 -79.17
C GLN L 79 15.74 -56.90 -79.15
N PRO L 80 16.13 -58.16 -79.42
CA PRO L 80 15.18 -59.28 -79.50
C PRO L 80 14.41 -59.60 -78.21
N GLU L 81 14.98 -59.29 -77.04
CA GLU L 81 14.30 -59.51 -75.74
C GLU L 81 13.41 -58.30 -75.40
N ASP L 82 13.43 -57.22 -76.20
CA ASP L 82 12.58 -56.02 -75.97
C ASP L 82 11.19 -56.24 -76.60
N PHE L 83 10.95 -57.37 -77.26
CA PHE L 83 9.61 -57.72 -77.80
C PHE L 83 8.77 -58.23 -76.64
N ALA L 84 7.77 -57.42 -76.26
CA ALA L 84 6.91 -57.62 -75.07
C ALA L 84 5.68 -56.70 -75.14
N THR L 85 4.83 -56.74 -74.10
CA THR L 85 3.81 -55.69 -73.83
C THR L 85 4.32 -54.69 -72.78
N TYR L 86 4.03 -53.40 -72.98
CA TYR L 86 4.51 -52.27 -72.15
C TYR L 86 3.30 -51.59 -71.52
N TYR L 87 3.33 -51.43 -70.19
CA TYR L 87 2.24 -50.85 -69.35
C TYR L 87 2.77 -49.60 -68.68
N CYS L 88 1.98 -48.54 -68.72
CA CYS L 88 2.24 -47.37 -67.86
C CYS L 88 1.28 -47.45 -66.66
N GLN L 89 1.65 -46.78 -65.56
CA GLN L 89 0.90 -46.82 -64.28
C GLN L 89 1.17 -45.52 -63.54
N GLN L 90 0.09 -44.81 -63.20
CA GLN L 90 0.13 -43.56 -62.39
C GLN L 90 0.20 -43.94 -60.90
N SER L 91 1.13 -43.32 -60.19
CA SER L 91 1.38 -43.52 -58.73
C SER L 91 0.95 -42.26 -57.97
N TYR L 92 0.25 -41.35 -58.66
CA TYR L 92 -0.08 -39.97 -58.19
C TYR L 92 -1.28 -39.98 -57.25
N SER L 93 -2.31 -40.78 -57.55
CA SER L 93 -3.55 -40.92 -56.74
C SER L 93 -3.75 -42.39 -56.41
N SER L 94 -4.55 -42.67 -55.39
CA SER L 94 -5.04 -44.02 -55.00
C SER L 94 -6.47 -44.13 -55.51
N PRO L 95 -6.85 -45.18 -56.28
CA PRO L 95 -6.00 -46.36 -56.51
C PRO L 95 -5.00 -46.13 -57.65
N PRO L 96 -3.89 -46.88 -57.68
CA PRO L 96 -2.91 -46.75 -58.75
C PRO L 96 -3.56 -47.46 -59.94
N THR L 97 -3.50 -46.84 -61.12
CA THR L 97 -4.17 -47.34 -62.34
C THR L 97 -3.15 -47.45 -63.46
N PHE L 98 -3.32 -48.49 -64.28
CA PHE L 98 -2.44 -48.92 -65.39
C PHE L 98 -3.06 -48.54 -66.72
N GLY L 99 -2.22 -48.33 -67.74
CA GLY L 99 -2.63 -48.26 -69.16
C GLY L 99 -3.16 -49.59 -69.68
N PRO L 100 -3.85 -49.61 -70.84
CA PRO L 100 -4.35 -50.85 -71.45
C PRO L 100 -3.25 -51.74 -72.05
N GLY L 101 -2.07 -51.16 -72.33
CA GLY L 101 -0.86 -51.86 -72.80
C GLY L 101 -0.53 -51.49 -74.23
N THR L 102 0.77 -51.57 -74.59
CA THR L 102 1.27 -51.49 -76.00
C THR L 102 2.09 -52.76 -76.28
N LYS L 103 1.59 -53.63 -77.15
CA LYS L 103 2.27 -54.87 -77.61
C LYS L 103 3.22 -54.45 -78.73
N VAL L 104 4.47 -54.91 -78.69
CA VAL L 104 5.46 -54.64 -79.77
C VAL L 104 5.83 -56.00 -80.36
N ASP L 105 5.37 -56.29 -81.59
CA ASP L 105 5.67 -57.54 -82.35
C ASP L 105 6.82 -57.25 -83.34
N ILE L 106 7.29 -58.30 -84.01
CA ILE L 106 8.47 -58.28 -84.95
C ILE L 106 7.93 -57.90 -86.33
N LYS L 107 8.51 -56.87 -86.96
CA LYS L 107 8.08 -56.40 -88.30
C LYS L 107 8.43 -57.47 -89.34
N ARG L 108 7.39 -58.04 -89.95
CA ARG L 108 7.44 -58.99 -91.08
C ARG L 108 6.77 -58.31 -92.28
N THR L 109 7.18 -58.64 -93.50
CA THR L 109 6.46 -58.32 -94.76
C THR L 109 4.99 -58.75 -94.63
N VAL L 110 4.03 -58.02 -95.22
CA VAL L 110 2.57 -58.33 -95.15
C VAL L 110 2.38 -59.75 -95.71
N ALA L 111 1.33 -60.45 -95.30
CA ALA L 111 0.95 -61.80 -95.79
C ALA L 111 -0.53 -62.06 -95.47
N ALA L 112 -1.36 -62.13 -96.51
CA ALA L 112 -2.79 -62.48 -96.43
C ALA L 112 -2.93 -63.86 -95.78
N PRO L 113 -4.01 -64.10 -95.02
CA PRO L 113 -4.29 -65.44 -94.48
C PRO L 113 -4.94 -66.38 -95.51
N SER L 114 -4.54 -67.66 -95.46
CA SER L 114 -5.30 -68.79 -96.05
C SER L 114 -6.54 -69.01 -95.18
N VAL L 115 -7.74 -68.93 -95.76
CA VAL L 115 -8.99 -69.03 -94.98
C VAL L 115 -9.69 -70.34 -95.29
N PHE L 116 -10.10 -71.07 -94.26
CA PHE L 116 -10.82 -72.38 -94.37
C PHE L 116 -12.02 -72.37 -93.41
N ILE L 117 -13.17 -72.84 -93.86
CA ILE L 117 -14.37 -73.05 -93.00
C ILE L 117 -14.45 -74.54 -92.70
N PHE L 118 -15.01 -74.90 -91.55
CA PHE L 118 -15.23 -76.32 -91.21
C PHE L 118 -16.67 -76.43 -90.70
N PRO L 119 -17.48 -77.31 -91.32
CA PRO L 119 -18.85 -77.54 -90.87
C PRO L 119 -18.86 -78.29 -89.54
N PRO L 120 -20.01 -78.25 -88.83
CA PRO L 120 -20.27 -79.14 -87.71
C PRO L 120 -20.10 -80.62 -88.08
N SER L 121 -19.47 -81.41 -87.22
CA SER L 121 -19.53 -82.89 -87.31
C SER L 121 -20.98 -83.35 -87.08
N ASP L 122 -21.40 -84.43 -87.71
CA ASP L 122 -22.73 -85.06 -87.45
C ASP L 122 -22.78 -85.59 -86.01
N GLU L 123 -21.63 -86.00 -85.47
CA GLU L 123 -21.47 -86.51 -84.08
C GLU L 123 -21.91 -85.41 -83.10
N GLN L 124 -21.50 -84.16 -83.34
CA GLN L 124 -21.86 -83.00 -82.50
C GLN L 124 -23.36 -82.69 -82.67
N LEU L 125 -23.92 -82.81 -83.88
CA LEU L 125 -25.34 -82.45 -84.14
C LEU L 125 -26.26 -83.31 -83.26
N LYS L 126 -25.86 -84.53 -82.91
CA LYS L 126 -26.62 -85.42 -82.01
C LYS L 126 -26.64 -84.82 -80.60
N SER L 127 -25.64 -84.00 -80.25
CA SER L 127 -25.48 -83.39 -78.90
C SER L 127 -26.48 -82.25 -78.68
N GLY L 128 -27.04 -81.66 -79.75
CA GLY L 128 -28.10 -80.63 -79.66
C GLY L 128 -27.57 -79.23 -79.90
N THR L 129 -26.26 -79.09 -80.19
CA THR L 129 -25.58 -77.81 -80.53
C THR L 129 -24.60 -78.06 -81.69
N ALA L 130 -24.27 -77.02 -82.44
CA ALA L 130 -23.44 -77.07 -83.67
C ALA L 130 -22.39 -75.95 -83.66
N SER L 131 -21.12 -76.32 -83.59
CA SER L 131 -19.97 -75.39 -83.72
C SER L 131 -19.61 -75.38 -85.20
N VAL L 132 -19.37 -74.18 -85.72
CA VAL L 132 -18.79 -73.95 -87.07
C VAL L 132 -17.48 -73.22 -86.80
N VAL L 133 -16.38 -73.71 -87.33
CA VAL L 133 -15.05 -73.11 -87.12
C VAL L 133 -14.58 -72.48 -88.44
N CYS L 134 -14.07 -71.26 -88.34
CA CYS L 134 -13.36 -70.53 -89.42
C CYS L 134 -11.91 -70.41 -88.98
N LEU L 135 -10.98 -70.92 -89.80
CA LEU L 135 -9.51 -70.83 -89.56
C LEU L 135 -8.95 -69.75 -90.49
N LEU L 136 -8.15 -68.84 -89.94
CA LEU L 136 -7.30 -67.90 -90.72
C LEU L 136 -5.85 -68.31 -90.44
N ASN L 137 -5.18 -68.94 -91.39
CA ASN L 137 -3.82 -69.52 -91.22
C ASN L 137 -2.74 -68.53 -91.70
N ASN L 138 -1.67 -68.38 -90.89
CA ASN L 138 -0.36 -67.72 -91.16
C ASN L 138 -0.51 -66.38 -91.89
N PHE L 139 -0.90 -65.34 -91.15
CA PHE L 139 -1.11 -63.96 -91.68
C PHE L 139 -0.35 -62.95 -90.79
N TYR L 140 -0.18 -61.76 -91.35
CA TYR L 140 0.50 -60.61 -90.71
C TYR L 140 -0.06 -59.33 -91.32
N PRO L 141 -0.27 -58.24 -90.53
CA PRO L 141 -0.07 -58.22 -89.08
C PRO L 141 -1.24 -58.71 -88.20
N ARG L 142 -1.20 -58.37 -86.90
CA ARG L 142 -2.16 -58.77 -85.83
C ARG L 142 -3.62 -58.54 -86.24
N GLU L 143 -3.96 -57.38 -86.80
CA GLU L 143 -5.36 -56.94 -87.09
C GLU L 143 -6.01 -57.91 -88.07
N ALA L 144 -7.26 -58.32 -87.82
CA ALA L 144 -8.10 -59.12 -88.75
C ALA L 144 -9.55 -59.13 -88.24
N LYS L 145 -10.53 -59.14 -89.16
CA LYS L 145 -11.97 -58.97 -88.82
C LYS L 145 -12.75 -60.18 -89.36
N VAL L 146 -13.43 -60.90 -88.47
CA VAL L 146 -14.27 -62.06 -88.86
C VAL L 146 -15.75 -61.66 -88.70
N GLN L 147 -16.52 -61.76 -89.78
CA GLN L 147 -17.98 -61.49 -89.82
C GLN L 147 -18.63 -62.80 -90.27
N TRP L 148 -19.44 -63.42 -89.41
CA TRP L 148 -20.25 -64.62 -89.75
C TRP L 148 -21.55 -64.16 -90.41
N LYS L 149 -22.02 -64.91 -91.42
CA LYS L 149 -23.34 -64.73 -92.09
C LYS L 149 -23.98 -66.10 -92.31
N VAL L 150 -25.20 -66.28 -91.80
CA VAL L 150 -26.06 -67.48 -92.04
C VAL L 150 -27.23 -67.05 -92.92
N ASP L 151 -27.40 -67.70 -94.08
CA ASP L 151 -28.42 -67.33 -95.11
C ASP L 151 -28.30 -65.82 -95.34
N ASN L 152 -27.08 -65.34 -95.59
CA ASN L 152 -26.72 -63.93 -95.93
C ASN L 152 -26.73 -63.02 -94.70
N ALA L 153 -27.48 -63.39 -93.66
CA ALA L 153 -27.80 -62.52 -92.50
C ALA L 153 -26.60 -62.45 -91.53
N LEU L 154 -25.97 -61.28 -91.41
CA LEU L 154 -24.79 -61.06 -90.52
C LEU L 154 -25.14 -61.54 -89.12
N GLN L 155 -24.46 -62.57 -88.62
CA GLN L 155 -24.61 -63.08 -87.23
C GLN L 155 -23.77 -62.19 -86.30
N SER L 156 -24.08 -62.22 -85.00
CA SER L 156 -23.35 -61.47 -83.94
C SER L 156 -23.90 -61.89 -82.57
N GLY L 157 -23.03 -61.85 -81.54
CA GLY L 157 -23.35 -62.24 -80.16
C GLY L 157 -22.98 -63.68 -79.82
N ASN L 158 -22.85 -64.55 -80.83
CA ASN L 158 -22.65 -66.02 -80.69
C ASN L 158 -21.39 -66.45 -81.43
N SER L 159 -20.36 -65.60 -81.48
CA SER L 159 -18.99 -65.92 -82.00
C SER L 159 -17.98 -65.79 -80.85
N GLN L 160 -16.84 -66.48 -80.96
CA GLN L 160 -15.67 -66.36 -80.03
C GLN L 160 -14.38 -66.57 -80.84
N GLU L 161 -13.43 -65.65 -80.70
CA GLU L 161 -12.11 -65.66 -81.40
C GLU L 161 -11.05 -66.10 -80.40
N SER L 162 -9.96 -66.66 -80.92
CA SER L 162 -8.75 -67.07 -80.17
C SER L 162 -7.57 -66.93 -81.15
N VAL L 163 -6.44 -66.43 -80.68
CA VAL L 163 -5.25 -66.15 -81.54
C VAL L 163 -4.02 -66.83 -80.96
N THR L 164 -3.15 -67.36 -81.81
CA THR L 164 -1.82 -67.88 -81.42
C THR L 164 -0.92 -66.67 -81.17
N GLU L 165 0.25 -66.91 -80.57
CA GLU L 165 1.30 -65.89 -80.41
C GLU L 165 2.08 -65.80 -81.73
N GLN L 166 2.74 -64.67 -81.98
CA GLN L 166 3.67 -64.49 -83.13
C GLN L 166 4.59 -65.72 -83.18
N ASP L 167 4.70 -66.35 -84.35
CA ASP L 167 5.43 -67.64 -84.52
C ASP L 167 6.95 -67.45 -84.50
N SER L 168 7.64 -68.35 -83.78
CA SER L 168 9.11 -68.40 -83.58
C SER L 168 9.90 -68.35 -84.90
N LYS L 169 9.34 -68.88 -85.99
CA LYS L 169 10.03 -69.04 -87.30
C LYS L 169 9.53 -68.02 -88.35
N ASP L 170 8.25 -68.04 -88.73
CA ASP L 170 7.72 -67.21 -89.85
C ASP L 170 7.01 -65.93 -89.35
N SER L 171 7.03 -65.66 -88.03
CA SER L 171 6.58 -64.39 -87.42
C SER L 171 5.16 -64.00 -87.88
N THR L 172 4.30 -64.99 -88.13
CA THR L 172 2.88 -64.77 -88.53
C THR L 172 1.98 -65.14 -87.35
N TYR L 173 0.70 -64.81 -87.49
CA TYR L 173 -0.38 -65.11 -86.52
C TYR L 173 -1.35 -66.08 -87.20
N SER L 174 -2.19 -66.74 -86.41
CA SER L 174 -3.24 -67.67 -86.89
C SER L 174 -4.40 -67.59 -85.89
N LEU L 175 -5.62 -67.52 -86.39
CA LEU L 175 -6.80 -67.12 -85.60
C LEU L 175 -7.92 -68.13 -85.89
N SER L 176 -8.72 -68.45 -84.89
CA SER L 176 -9.89 -69.32 -85.05
C SER L 176 -11.12 -68.67 -84.42
N SER L 177 -12.11 -68.27 -85.23
CA SER L 177 -13.48 -67.95 -84.75
C SER L 177 -14.30 -69.24 -84.69
N THR L 178 -15.21 -69.36 -83.71
CA THR L 178 -16.20 -70.46 -83.60
C THR L 178 -17.62 -69.90 -83.41
N LEU L 179 -18.50 -70.12 -84.40
CA LEU L 179 -19.94 -69.72 -84.34
C LEU L 179 -20.73 -70.89 -83.74
N THR L 180 -21.58 -70.58 -82.77
CA THR L 180 -22.33 -71.58 -81.95
C THR L 180 -23.83 -71.39 -82.19
N LEU L 181 -24.52 -72.44 -82.62
CA LEU L 181 -25.99 -72.47 -82.79
C LEU L 181 -26.56 -73.78 -82.22
N SER L 182 -27.82 -73.76 -81.82
CA SER L 182 -28.62 -74.97 -81.49
C SER L 182 -28.85 -75.78 -82.79
N LYS L 183 -29.07 -77.09 -82.67
CA LYS L 183 -29.33 -77.98 -83.81
C LYS L 183 -30.60 -77.48 -84.55
N ALA L 184 -31.58 -76.97 -83.80
CA ALA L 184 -32.82 -76.36 -84.34
C ALA L 184 -32.44 -75.20 -85.27
N ASP L 185 -31.75 -74.19 -84.72
CA ASP L 185 -31.28 -73.00 -85.49
C ASP L 185 -30.49 -73.43 -86.72
N TYR L 186 -29.52 -74.35 -86.56
CA TYR L 186 -28.58 -74.78 -87.62
C TYR L 186 -29.37 -75.30 -88.83
N GLU L 187 -30.24 -76.29 -88.64
CA GLU L 187 -30.99 -77.00 -89.71
C GLU L 187 -32.14 -76.14 -90.28
N LYS L 188 -32.41 -74.97 -89.68
CA LYS L 188 -33.45 -74.01 -90.13
C LYS L 188 -32.85 -73.00 -91.12
N HIS L 189 -31.60 -73.19 -91.58
CA HIS L 189 -30.89 -72.35 -92.57
C HIS L 189 -29.96 -73.23 -93.43
N LYS L 190 -29.41 -72.74 -94.55
CA LYS L 190 -28.62 -73.55 -95.52
C LYS L 190 -27.16 -73.08 -95.62
N VAL L 191 -26.89 -71.79 -95.87
CA VAL L 191 -25.52 -71.31 -96.26
C VAL L 191 -24.86 -70.65 -95.04
N TYR L 192 -23.70 -71.17 -94.64
CA TYR L 192 -22.82 -70.66 -93.54
C TYR L 192 -21.54 -70.13 -94.16
N ALA L 193 -21.18 -68.87 -93.89
CA ALA L 193 -20.11 -68.16 -94.61
C ALA L 193 -19.30 -67.27 -93.68
N CYS L 194 -18.04 -67.64 -93.47
CA CYS L 194 -17.00 -66.83 -92.79
C CYS L 194 -16.51 -65.76 -93.78
N GLU L 195 -16.66 -64.47 -93.44
CA GLU L 195 -16.15 -63.33 -94.26
C GLU L 195 -15.00 -62.70 -93.47
N VAL L 196 -13.80 -62.67 -94.04
CA VAL L 196 -12.58 -62.16 -93.34
C VAL L 196 -12.02 -60.96 -94.09
N THR L 197 -11.69 -59.90 -93.33
CA THR L 197 -11.16 -58.62 -93.82
C THR L 197 -9.78 -58.44 -93.19
N HIS L 198 -8.75 -58.26 -94.00
CA HIS L 198 -7.35 -58.10 -93.53
C HIS L 198 -6.56 -57.20 -94.49
N GLN L 199 -5.70 -56.33 -93.94
CA GLN L 199 -4.87 -55.33 -94.67
C GLN L 199 -4.28 -55.93 -95.95
N GLY L 200 -3.82 -57.19 -95.92
CA GLY L 200 -3.23 -57.92 -97.06
C GLY L 200 -4.20 -58.20 -98.21
N LEU L 201 -5.39 -58.76 -97.93
CA LEU L 201 -6.42 -59.13 -98.96
C LEU L 201 -6.86 -57.88 -99.72
N SER L 202 -6.93 -57.95 -101.06
CA SER L 202 -7.49 -56.87 -101.91
C SER L 202 -8.98 -56.70 -101.55
N SER L 203 -9.78 -57.73 -101.85
CA SER L 203 -11.25 -57.77 -101.63
C SER L 203 -11.55 -58.78 -100.52
N PRO L 204 -12.38 -58.44 -99.52
CA PRO L 204 -12.72 -59.38 -98.45
C PRO L 204 -13.17 -60.76 -98.96
N VAL L 205 -12.61 -61.84 -98.40
CA VAL L 205 -12.83 -63.25 -98.83
C VAL L 205 -13.93 -63.89 -97.96
N THR L 206 -14.74 -64.76 -98.57
CA THR L 206 -15.77 -65.57 -97.88
C THR L 206 -15.62 -67.04 -98.33
N LYS L 207 -15.17 -67.91 -97.42
CA LYS L 207 -15.37 -69.38 -97.51
C LYS L 207 -16.80 -69.65 -97.02
N SER L 208 -17.46 -70.69 -97.55
CA SER L 208 -18.89 -71.01 -97.26
C SER L 208 -19.21 -72.49 -97.53
N PHE L 209 -20.40 -72.94 -97.12
CA PHE L 209 -20.90 -74.32 -97.35
C PHE L 209 -22.43 -74.37 -97.27
N ASN L 210 -23.01 -75.51 -97.64
CA ASN L 210 -24.45 -75.83 -97.50
C ASN L 210 -24.56 -77.18 -96.80
N ARG L 211 -25.59 -77.40 -95.98
CA ARG L 211 -25.80 -78.70 -95.28
C ARG L 211 -26.13 -79.80 -96.30
N GLU M 1 -9.36 26.24 -81.00
CA GLU M 1 -8.25 26.95 -80.29
C GLU M 1 -7.03 26.01 -80.17
N VAL M 2 -7.25 24.72 -79.91
CA VAL M 2 -6.19 23.74 -79.49
C VAL M 2 -5.34 23.33 -80.71
N GLN M 3 -4.02 23.49 -80.58
CA GLN M 3 -3.04 23.40 -81.70
C GLN M 3 -1.75 22.77 -81.16
N LEU M 4 -1.26 21.72 -81.84
CA LEU M 4 0.06 21.10 -81.64
C LEU M 4 0.82 21.21 -82.97
N VAL M 5 2.04 21.76 -82.97
CA VAL M 5 2.82 21.97 -84.23
C VAL M 5 4.23 21.40 -84.08
N GLU M 6 4.50 20.26 -84.74
CA GLU M 6 5.85 19.65 -84.76
C GLU M 6 6.77 20.44 -85.70
N SER M 7 8.06 20.20 -85.55
CA SER M 7 9.17 20.72 -86.41
C SER M 7 10.46 19.96 -86.06
N GLY M 8 11.46 20.01 -86.93
CA GLY M 8 12.82 19.51 -86.61
C GLY M 8 13.06 18.17 -87.28
N GLY M 9 12.00 17.59 -87.85
CA GLY M 9 12.15 16.40 -88.72
C GLY M 9 13.24 16.64 -89.76
N GLY M 10 13.74 15.57 -90.38
CA GLY M 10 14.78 15.70 -91.41
C GLY M 10 15.52 14.41 -91.65
N VAL M 11 16.53 14.50 -92.52
CA VAL M 11 17.36 13.34 -92.93
C VAL M 11 18.63 13.40 -92.08
N VAL M 12 19.08 12.25 -91.60
CA VAL M 12 20.25 12.10 -90.69
C VAL M 12 20.82 10.71 -90.88
N GLN M 13 22.14 10.57 -90.71
CA GLN M 13 22.85 9.27 -90.93
C GLN M 13 22.68 8.39 -89.70
N PRO M 14 22.74 7.05 -89.86
CA PRO M 14 22.74 6.13 -88.73
C PRO M 14 23.73 6.55 -87.64
N GLY M 15 23.39 6.38 -86.36
CA GLY M 15 24.28 6.62 -85.20
C GLY M 15 24.17 8.02 -84.63
N ARG M 16 23.91 9.03 -85.49
CA ARG M 16 23.85 10.47 -85.14
C ARG M 16 22.52 10.80 -84.45
N SER M 17 22.37 12.05 -84.00
CA SER M 17 21.27 12.56 -83.13
C SER M 17 20.40 13.58 -83.87
N LEU M 18 19.17 13.76 -83.40
CA LEU M 18 18.21 14.79 -83.87
C LEU M 18 17.31 15.20 -82.71
N ARG M 19 16.72 16.40 -82.76
CA ARG M 19 15.84 16.96 -81.69
C ARG M 19 14.57 17.49 -82.32
N LEU M 20 13.45 16.80 -82.13
CA LEU M 20 12.10 17.21 -82.58
C LEU M 20 11.51 18.17 -81.53
N SER M 21 10.81 19.21 -81.98
CA SER M 21 10.05 20.15 -81.12
C SER M 21 8.55 20.01 -81.40
N CYS M 22 7.70 20.37 -80.44
CA CYS M 22 6.23 20.49 -80.62
C CYS M 22 5.80 21.75 -79.85
N ALA M 23 5.14 22.70 -80.53
CA ALA M 23 4.57 23.92 -79.90
C ALA M 23 3.09 23.68 -79.61
N ALA M 24 2.65 24.05 -78.41
CA ALA M 24 1.28 23.86 -77.88
C ALA M 24 0.65 25.24 -77.67
N SER M 25 -0.67 25.30 -77.78
CA SER M 25 -1.45 26.56 -77.70
C SER M 25 -2.94 26.19 -77.63
N GLY M 26 -3.74 26.98 -76.91
CA GLY M 26 -5.21 26.85 -76.89
C GLY M 26 -5.75 26.09 -75.69
N PHE M 27 -4.86 25.57 -74.84
CA PHE M 27 -5.19 24.82 -73.59
C PHE M 27 -4.07 24.99 -72.55
N THR M 28 -4.36 24.59 -71.31
CA THR M 28 -3.38 24.61 -70.20
C THR M 28 -2.41 23.43 -70.39
N PHE M 29 -1.23 23.76 -70.93
CA PHE M 29 -0.13 22.82 -71.26
C PHE M 29 0.35 22.16 -69.97
N SER M 30 0.51 22.95 -68.91
CA SER M 30 0.95 22.51 -67.56
C SER M 30 -0.04 21.53 -66.90
N SER M 31 -1.25 21.31 -67.45
CA SER M 31 -2.32 20.45 -66.88
C SER M 31 -2.49 19.13 -67.64
N SER M 32 -1.59 18.80 -68.57
CA SER M 32 -1.72 17.59 -69.42
C SER M 32 -0.41 16.81 -69.51
N ALA M 33 -0.53 15.47 -69.40
CA ALA M 33 0.55 14.54 -69.78
C ALA M 33 0.62 14.56 -71.32
N MET M 34 1.82 14.43 -71.86
CA MET M 34 2.12 14.61 -73.30
C MET M 34 2.88 13.39 -73.78
N HIS M 35 2.55 12.94 -75.00
CA HIS M 35 3.14 11.72 -75.62
C HIS M 35 3.86 12.09 -76.93
N TRP M 36 4.71 11.19 -77.39
CA TRP M 36 5.12 11.02 -78.81
C TRP M 36 4.64 9.63 -79.29
N VAL M 37 3.92 9.56 -80.41
CA VAL M 37 3.52 8.31 -81.14
C VAL M 37 4.17 8.41 -82.52
N ARG M 38 4.70 7.31 -83.07
CA ARG M 38 5.34 7.36 -84.41
C ARG M 38 4.66 6.35 -85.35
N GLN M 39 4.82 6.59 -86.65
CA GLN M 39 4.21 5.83 -87.79
C GLN M 39 5.29 5.77 -88.88
N ALA M 40 5.90 4.60 -89.09
CA ALA M 40 6.86 4.35 -90.19
C ALA M 40 6.12 4.41 -91.52
N PRO M 41 6.76 4.75 -92.66
CA PRO M 41 6.02 5.09 -93.88
C PRO M 41 5.04 3.95 -94.23
N GLY M 42 3.74 4.27 -94.26
CA GLY M 42 2.66 3.31 -94.56
C GLY M 42 2.64 2.12 -93.63
N LYS M 43 3.02 2.30 -92.37
CA LYS M 43 2.90 1.26 -91.32
C LYS M 43 1.84 1.74 -90.33
N GLY M 44 1.62 0.96 -89.27
CA GLY M 44 0.71 1.28 -88.15
C GLY M 44 1.37 2.17 -87.10
N LEU M 45 0.61 2.54 -86.06
CA LEU M 45 1.01 3.51 -85.02
C LEU M 45 1.65 2.82 -83.81
N GLU M 46 2.83 3.29 -83.38
CA GLU M 46 3.55 2.76 -82.20
C GLU M 46 3.83 3.92 -81.22
N TRP M 47 3.24 3.85 -80.02
CA TRP M 47 3.51 4.74 -78.86
C TRP M 47 5.00 4.66 -78.50
N VAL M 48 5.64 5.81 -78.30
CA VAL M 48 7.11 5.92 -78.08
C VAL M 48 7.39 6.28 -76.62
N ALA M 49 6.73 7.30 -76.08
CA ALA M 49 7.13 7.92 -74.79
C ALA M 49 6.05 8.87 -74.26
N VAL M 50 6.03 9.03 -72.93
CA VAL M 50 5.06 9.89 -72.19
C VAL M 50 5.83 10.64 -71.10
N ILE M 51 5.53 11.93 -70.94
CA ILE M 51 6.11 12.77 -69.86
C ILE M 51 4.94 13.20 -68.97
N SER M 52 5.22 13.59 -67.72
CA SER M 52 4.18 14.07 -66.78
C SER M 52 3.91 15.56 -66.98
N TYR M 53 2.84 16.08 -66.39
CA TYR M 53 2.49 17.52 -66.46
C TYR M 53 3.64 18.37 -65.91
N ASP M 54 4.28 17.90 -64.84
CA ASP M 54 5.41 18.60 -64.19
C ASP M 54 6.62 18.61 -65.12
N GLY M 55 6.75 17.58 -65.94
CA GLY M 55 7.94 17.40 -66.80
C GLY M 55 9.01 16.66 -66.01
N ASN M 56 8.62 16.07 -64.89
CA ASN M 56 9.63 15.48 -63.98
C ASN M 56 9.60 13.96 -64.03
N ASN M 57 8.67 13.39 -64.78
CA ASN M 57 8.52 11.92 -64.79
C ASN M 57 8.34 11.43 -66.23
N GLN M 58 9.14 10.45 -66.66
CA GLN M 58 9.12 9.96 -68.06
C GLN M 58 9.00 8.43 -68.11
N LEU M 59 8.32 7.92 -69.13
CA LEU M 59 8.19 6.47 -69.39
C LEU M 59 8.36 6.26 -70.89
N TYR M 60 8.83 5.08 -71.28
CA TYR M 60 9.32 4.78 -72.66
C TYR M 60 8.85 3.40 -73.11
N ALA M 61 8.66 3.21 -74.41
CA ALA M 61 8.51 1.88 -75.05
C ALA M 61 9.85 1.17 -74.89
N ASP M 62 9.83 -0.15 -74.73
CA ASP M 62 11.06 -0.99 -74.64
C ASP M 62 11.87 -0.76 -75.93
N SER M 63 11.19 -0.67 -77.07
CA SER M 63 11.81 -0.50 -78.42
C SER M 63 12.72 0.74 -78.51
N VAL M 64 12.53 1.77 -77.69
CA VAL M 64 13.31 3.05 -77.78
C VAL M 64 14.07 3.36 -76.47
N LYS M 65 13.72 2.73 -75.34
CA LYS M 65 14.34 3.04 -74.03
C LYS M 65 15.85 3.16 -74.25
N GLY M 66 16.48 4.16 -73.63
CA GLY M 66 17.94 4.34 -73.62
C GLY M 66 18.48 5.07 -74.84
N ARG M 67 17.67 5.24 -75.90
CA ARG M 67 18.08 6.01 -77.10
C ARG M 67 17.27 7.31 -77.22
N LEU M 68 16.05 7.39 -76.67
CA LEU M 68 15.16 8.57 -76.77
C LEU M 68 14.91 9.16 -75.38
N THR M 69 14.98 10.49 -75.27
CA THR M 69 14.64 11.26 -74.05
C THR M 69 13.47 12.20 -74.39
N ILE M 70 12.35 12.08 -73.67
CA ILE M 70 11.23 13.06 -73.76
C ILE M 70 11.49 14.11 -72.68
N SER M 71 11.13 15.37 -72.94
CA SER M 71 11.22 16.49 -71.96
C SER M 71 10.21 17.58 -72.31
N ARG M 72 10.07 18.59 -71.46
CA ARG M 72 9.23 19.78 -71.78
C ARG M 72 9.75 21.03 -71.07
N ASP M 73 9.29 22.18 -71.56
CA ASP M 73 9.54 23.52 -71.00
C ASP M 73 8.17 24.18 -70.91
N ASN M 74 7.54 24.09 -69.74
CA ASN M 74 6.14 24.57 -69.55
C ASN M 74 6.11 26.09 -69.72
N SER M 75 7.24 26.76 -69.48
CA SER M 75 7.40 28.22 -69.70
C SER M 75 7.19 28.55 -71.18
N LYS M 76 7.67 27.69 -72.10
CA LYS M 76 7.64 27.93 -73.57
C LYS M 76 6.49 27.17 -74.25
N ASN M 77 5.53 26.61 -73.49
CA ASN M 77 4.46 25.69 -74.00
C ASN M 77 5.02 24.67 -75.01
N ALA M 78 6.24 24.17 -74.78
CA ALA M 78 7.05 23.32 -75.70
C ALA M 78 7.24 21.91 -75.12
N LEU M 79 7.04 20.89 -75.96
CA LEU M 79 7.37 19.46 -75.70
C LEU M 79 8.50 19.03 -76.65
N TYR M 80 9.56 18.39 -76.16
CA TYR M 80 10.72 17.95 -76.98
C TYR M 80 10.94 16.43 -76.92
N LEU M 81 11.29 15.84 -78.06
CA LEU M 81 11.92 14.48 -78.13
C LEU M 81 13.36 14.66 -78.63
N GLN M 82 14.34 14.10 -77.91
CA GLN M 82 15.74 13.98 -78.36
C GLN M 82 15.99 12.52 -78.73
N LEU M 83 16.36 12.25 -79.99
CA LEU M 83 16.66 10.91 -80.53
C LEU M 83 18.18 10.76 -80.69
N ASN M 84 18.78 9.74 -80.07
CA ASN M 84 20.25 9.47 -80.09
C ASN M 84 20.46 8.05 -80.59
N SER M 85 21.67 7.74 -81.06
CA SER M 85 22.05 6.40 -81.57
C SER M 85 20.93 5.93 -82.51
N LEU M 86 20.56 6.75 -83.49
CA LEU M 86 19.41 6.49 -84.42
C LEU M 86 19.71 5.29 -85.32
N ARG M 87 18.66 4.58 -85.73
CA ARG M 87 18.71 3.39 -86.64
C ARG M 87 17.75 3.62 -87.81
N THR M 88 17.93 2.88 -88.91
CA THR M 88 17.05 2.98 -90.11
C THR M 88 15.62 2.74 -89.64
N GLU M 89 15.42 1.77 -88.75
CA GLU M 89 14.10 1.35 -88.20
C GLU M 89 13.40 2.51 -87.46
N ASP M 90 14.14 3.53 -87.02
CA ASP M 90 13.55 4.70 -86.32
C ASP M 90 12.91 5.65 -87.34
N THR M 91 13.14 5.41 -88.64
CA THR M 91 12.54 6.20 -89.75
C THR M 91 11.02 6.11 -89.61
N ALA M 92 10.34 7.25 -89.44
CA ALA M 92 8.89 7.36 -89.22
C ALA M 92 8.47 8.82 -89.09
N VAL M 93 7.16 9.06 -89.16
CA VAL M 93 6.54 10.38 -88.80
C VAL M 93 6.35 10.34 -87.29
N TYR M 94 6.79 11.40 -86.60
CA TYR M 94 6.70 11.55 -85.12
C TYR M 94 5.59 12.57 -84.81
N PHE M 95 4.47 12.05 -84.31
CA PHE M 95 3.31 12.83 -83.82
C PHE M 95 3.52 13.22 -82.34
N CYS M 96 3.19 14.47 -82.02
CA CYS M 96 3.11 15.06 -80.67
C CYS M 96 1.64 14.92 -80.25
N ALA M 97 1.33 14.31 -79.11
CA ALA M 97 -0.05 13.88 -78.79
C ALA M 97 -0.37 14.12 -77.31
N ARG M 98 -1.45 14.86 -77.05
CA ARG M 98 -1.91 15.19 -75.68
C ARG M 98 -2.51 13.93 -75.05
N ASP M 99 -2.05 13.58 -73.84
CA ASP M 99 -2.59 12.46 -73.02
C ASP M 99 -4.04 12.82 -72.71
N GLY M 100 -4.91 11.83 -72.71
CA GLY M 100 -6.36 12.11 -72.61
C GLY M 100 -6.86 12.02 -71.17
N GLY M 101 -5.96 11.96 -70.18
CA GLY M 101 -6.32 12.04 -68.75
C GLY M 101 -5.85 10.84 -67.94
N GLY M 102 -5.60 9.69 -68.56
CA GLY M 102 -5.33 8.45 -67.83
C GLY M 102 -3.85 8.25 -67.49
N TYR M 103 -3.00 9.29 -67.53
CA TYR M 103 -1.54 9.09 -67.34
C TYR M 103 -1.29 8.42 -65.99
N SER M 104 -1.97 8.88 -64.93
CA SER M 104 -1.75 8.44 -63.52
C SER M 104 -1.97 6.93 -63.36
N PHE M 105 -2.91 6.33 -64.11
CA PHE M 105 -3.29 4.89 -63.96
C PHE M 105 -2.53 3.95 -64.91
N GLY M 106 -1.65 4.49 -65.75
CA GLY M 106 -0.95 3.72 -66.81
C GLY M 106 -1.89 3.36 -67.94
N THR M 107 -3.00 4.06 -68.11
CA THR M 107 -3.97 3.88 -69.22
C THR M 107 -3.79 5.05 -70.21
N TYR M 108 -3.00 4.86 -71.28
CA TYR M 108 -2.70 5.96 -72.24
C TYR M 108 -3.60 5.86 -73.49
N PHE M 109 -4.32 6.95 -73.76
CA PHE M 109 -4.93 7.27 -75.08
C PHE M 109 -4.71 8.76 -75.34
N PHE M 110 -4.95 9.19 -76.58
CA PHE M 110 -4.40 10.44 -77.16
C PHE M 110 -5.52 11.26 -77.80
N ASP M 111 -5.90 12.40 -77.20
CA ASP M 111 -7.18 13.09 -77.51
C ASP M 111 -6.95 14.29 -78.44
N PHE M 112 -5.72 14.50 -78.91
CA PHE M 112 -5.36 15.56 -79.88
C PHE M 112 -3.90 15.36 -80.32
N TRP M 113 -3.68 15.25 -81.64
CA TRP M 113 -2.35 15.02 -82.25
C TRP M 113 -1.95 16.24 -83.10
N GLY M 114 -0.65 16.45 -83.27
CA GLY M 114 -0.10 17.42 -84.24
C GLY M 114 -0.11 16.78 -85.62
N GLN M 115 0.32 17.51 -86.66
CA GLN M 115 0.32 17.02 -88.07
C GLN M 115 1.45 16.00 -88.24
N GLY M 116 2.46 16.01 -87.36
CA GLY M 116 3.61 15.08 -87.40
C GLY M 116 4.83 15.70 -88.08
N THR M 117 6.03 15.20 -87.78
CA THR M 117 7.33 15.61 -88.40
C THR M 117 8.02 14.32 -88.85
N LEU M 118 8.46 14.27 -90.11
CA LEU M 118 9.12 13.06 -90.68
C LEU M 118 10.59 13.05 -90.27
N VAL M 119 11.07 11.90 -89.81
CA VAL M 119 12.51 11.64 -89.55
C VAL M 119 12.91 10.49 -90.45
N THR M 120 13.89 10.72 -91.32
CA THR M 120 14.43 9.74 -92.30
C THR M 120 15.88 9.44 -91.88
N VAL M 121 16.17 8.18 -91.55
CA VAL M 121 17.54 7.73 -91.19
C VAL M 121 18.03 6.84 -92.33
N SER M 122 19.03 7.33 -93.07
CA SER M 122 19.63 6.67 -94.25
C SER M 122 21.06 7.18 -94.44
N SER M 123 22.01 6.26 -94.66
CA SER M 123 23.46 6.54 -94.87
C SER M 123 23.66 7.27 -96.21
N ALA M 124 22.76 7.04 -97.17
CA ALA M 124 22.73 7.63 -98.54
C ALA M 124 22.98 9.14 -98.49
N SER M 125 23.79 9.63 -99.43
CA SER M 125 24.09 11.08 -99.63
C SER M 125 23.11 11.65 -100.67
N THR M 126 22.81 12.95 -100.59
CA THR M 126 21.87 13.63 -101.51
C THR M 126 22.38 13.39 -102.94
N LYS M 127 21.51 12.84 -103.81
CA LYS M 127 21.75 12.62 -105.26
C LYS M 127 20.44 12.91 -106.00
N GLY M 128 20.52 13.65 -107.10
CA GLY M 128 19.36 13.97 -107.97
C GLY M 128 19.01 12.79 -108.87
N PRO M 129 17.81 12.80 -109.51
CA PRO M 129 17.37 11.68 -110.32
C PRO M 129 17.95 11.71 -111.74
N SER M 130 17.90 10.54 -112.41
CA SER M 130 17.94 10.42 -113.89
C SER M 130 16.47 10.27 -114.34
N VAL M 131 16.11 10.87 -115.47
CA VAL M 131 14.72 10.87 -116.02
C VAL M 131 14.74 10.22 -117.41
N PHE M 132 13.82 9.28 -117.71
CA PHE M 132 13.89 8.43 -118.93
C PHE M 132 12.59 8.52 -119.75
N LEU M 148 2.16 7.18 -122.60
CA LEU M 148 3.24 8.17 -122.43
C LEU M 148 3.51 8.40 -120.94
N GLY M 149 4.77 8.34 -120.51
CA GLY M 149 5.20 8.69 -119.14
C GLY M 149 6.67 9.09 -119.07
N CYS M 150 7.16 9.34 -117.85
CA CYS M 150 8.60 9.47 -117.49
C CYS M 150 8.90 8.50 -116.34
N LEU M 151 10.14 7.97 -116.28
CA LEU M 151 10.65 7.28 -115.07
C LEU M 151 11.72 8.16 -114.43
N VAL M 152 11.57 8.50 -113.13
CA VAL M 152 12.50 9.35 -112.33
C VAL M 152 13.24 8.44 -111.35
N LYS M 153 14.49 8.09 -111.64
CA LYS M 153 15.19 6.95 -110.96
C LYS M 153 16.45 7.45 -110.26
N ASP M 154 16.76 6.81 -109.13
CA ASP M 154 18.03 6.90 -108.38
C ASP M 154 18.21 8.35 -107.87
N TYR M 155 17.37 8.72 -106.91
CA TYR M 155 17.40 10.03 -106.21
C TYR M 155 17.20 9.81 -104.70
N PHE M 156 17.66 10.77 -103.91
CA PHE M 156 17.56 10.78 -102.42
C PHE M 156 17.85 12.17 -101.89
N PRO M 157 17.09 12.65 -100.87
CA PRO M 157 15.92 11.96 -100.34
C PRO M 157 14.60 12.30 -101.03
N GLU M 158 13.45 12.03 -100.39
CA GLU M 158 12.11 12.49 -100.87
C GLU M 158 12.00 13.99 -100.64
N PRO M 159 11.07 14.71 -101.32
CA PRO M 159 10.37 14.21 -102.50
C PRO M 159 10.95 14.79 -103.81
N VAL M 160 10.44 14.28 -104.93
CA VAL M 160 10.53 14.95 -106.27
C VAL M 160 9.11 15.41 -106.58
N THR M 161 8.95 16.59 -107.19
CA THR M 161 7.67 17.15 -107.69
C THR M 161 7.74 17.02 -109.21
N VAL M 162 6.66 16.62 -109.89
CA VAL M 162 6.70 16.37 -111.36
C VAL M 162 5.45 16.96 -112.02
N SER M 163 5.65 17.92 -112.94
CA SER M 163 4.60 18.59 -113.77
C SER M 163 4.68 18.10 -115.23
N TRP M 164 3.73 18.53 -116.06
CA TRP M 164 3.76 18.41 -117.55
C TRP M 164 3.53 19.80 -118.17
N ASN M 165 4.49 20.25 -118.99
CA ASN M 165 4.39 21.53 -119.73
C ASN M 165 4.18 22.64 -118.69
N SER M 166 5.17 22.79 -117.81
CA SER M 166 5.20 23.71 -116.63
C SER M 166 3.80 23.90 -116.00
N GLY M 167 3.11 22.80 -115.68
CA GLY M 167 1.83 22.78 -114.95
C GLY M 167 0.60 22.76 -115.85
N ALA M 168 0.76 22.89 -117.17
CA ALA M 168 -0.36 23.00 -118.13
C ALA M 168 -1.08 21.65 -118.21
N LEU M 169 -0.48 20.62 -118.82
CA LEU M 169 -1.15 19.29 -119.01
C LEU M 169 -1.40 18.64 -117.63
N THR M 170 -2.66 18.29 -117.33
CA THR M 170 -3.14 17.83 -115.99
C THR M 170 -4.08 16.62 -116.09
N SER M 171 -5.06 16.60 -117.01
CA SER M 171 -6.01 15.46 -117.19
C SER M 171 -5.23 14.20 -117.58
N GLY M 172 -5.50 13.07 -116.91
CA GLY M 172 -4.94 11.73 -117.23
C GLY M 172 -3.53 11.52 -116.71
N VAL M 173 -3.00 12.43 -115.90
CA VAL M 173 -1.66 12.36 -115.26
C VAL M 173 -1.77 11.46 -114.02
N HIS M 174 -0.91 10.44 -113.88
CA HIS M 174 -0.81 9.58 -112.66
C HIS M 174 0.65 9.47 -112.21
N THR M 175 1.02 10.27 -111.20
CA THR M 175 2.35 10.30 -110.51
C THR M 175 2.32 9.35 -109.30
N PHE M 176 2.86 8.14 -109.47
CA PHE M 176 2.82 7.05 -108.47
C PHE M 176 3.67 7.46 -107.27
N PRO M 177 3.37 6.91 -106.06
CA PRO M 177 4.23 7.12 -104.92
C PRO M 177 5.57 6.42 -105.24
N ALA M 178 6.68 7.05 -104.81
CA ALA M 178 8.06 6.54 -104.93
C ALA M 178 8.21 5.24 -104.14
N VAL M 179 9.34 4.56 -104.32
CA VAL M 179 9.64 3.25 -103.68
C VAL M 179 11.15 3.25 -103.36
N LEU M 180 11.51 2.74 -102.18
CA LEU M 180 12.93 2.66 -101.73
C LEU M 180 13.53 1.32 -102.18
N GLN M 181 14.64 1.38 -102.91
CA GLN M 181 15.36 0.24 -103.52
C GLN M 181 16.50 -0.21 -102.59
N SER M 182 17.07 -1.40 -102.83
CA SER M 182 18.26 -1.94 -102.13
C SER M 182 19.30 -0.83 -101.95
N SER M 183 19.56 -0.06 -103.02
CA SER M 183 20.52 1.08 -103.09
C SER M 183 20.31 2.11 -101.97
N GLY M 184 19.11 2.19 -101.40
CA GLY M 184 18.72 3.28 -100.48
C GLY M 184 18.37 4.55 -101.25
N LEU M 185 18.13 4.43 -102.56
CA LEU M 185 17.66 5.53 -103.42
C LEU M 185 16.22 5.22 -103.84
N TYR M 186 15.38 6.23 -104.02
CA TYR M 186 13.96 6.08 -104.42
C TYR M 186 13.90 6.09 -105.96
N SER M 187 12.84 5.49 -106.50
CA SER M 187 12.49 5.56 -107.95
C SER M 187 10.99 5.76 -108.05
N LEU M 188 10.57 6.53 -109.05
CA LEU M 188 9.21 7.10 -109.22
C LEU M 188 8.82 7.00 -110.68
N SER M 189 7.55 6.76 -110.98
CA SER M 189 7.02 6.73 -112.36
C SER M 189 5.87 7.75 -112.49
N SER M 190 5.53 8.15 -113.72
CA SER M 190 4.59 9.26 -114.06
C SER M 190 4.10 9.13 -115.52
N CYS M 206 7.81 16.46 -119.52
CA CYS M 206 7.64 16.28 -118.05
C CYS M 206 8.70 17.08 -117.29
N ASN M 207 8.28 18.03 -116.45
CA ASN M 207 9.17 18.85 -115.60
C ASN M 207 9.39 18.08 -114.29
N VAL M 208 10.64 17.72 -113.96
CA VAL M 208 10.99 17.03 -112.69
C VAL M 208 11.84 18.00 -111.85
N ASN M 209 11.36 18.37 -110.66
CA ASN M 209 12.16 19.18 -109.70
C ASN M 209 12.45 18.32 -108.46
N HIS M 210 13.74 18.11 -108.20
CA HIS M 210 14.27 17.55 -106.94
C HIS M 210 14.87 18.71 -106.14
N LYS M 211 14.07 19.32 -105.26
CA LYS M 211 14.44 20.53 -104.46
C LYS M 211 15.68 20.21 -103.60
N PRO M 212 15.73 19.11 -102.82
CA PRO M 212 16.86 18.85 -101.92
C PRO M 212 18.27 18.79 -102.56
N SER M 213 18.40 18.61 -103.88
CA SER M 213 19.68 18.65 -104.64
C SER M 213 19.74 19.90 -105.54
N ASN M 214 18.70 20.73 -105.54
CA ASN M 214 18.55 21.92 -106.42
C ASN M 214 18.68 21.48 -107.89
N THR M 215 18.16 20.29 -108.22
CA THR M 215 18.14 19.75 -109.59
C THR M 215 16.73 19.94 -110.18
N LYS M 216 16.63 20.65 -111.30
CA LYS M 216 15.43 20.65 -112.19
C LYS M 216 15.90 20.04 -113.53
N VAL M 217 15.10 19.12 -114.08
CA VAL M 217 15.35 18.44 -115.38
C VAL M 217 14.03 18.38 -116.16
N ASP M 218 14.11 18.64 -117.47
CA ASP M 218 12.98 18.62 -118.44
C ASP M 218 13.26 17.50 -119.45
N LYS M 219 12.31 16.59 -119.69
CA LYS M 219 12.50 15.41 -120.58
C LYS M 219 11.34 15.34 -121.58
N LYS M 220 11.60 15.81 -122.80
CA LYS M 220 10.68 15.73 -123.97
C LYS M 220 10.48 14.25 -124.36
N VAL M 221 9.24 13.82 -124.65
CA VAL M 221 8.88 12.41 -125.01
C VAL M 221 7.98 12.41 -126.24
N ASP N 1 3.03 -7.58 -73.89
CA ASP N 1 2.28 -6.63 -74.77
C ASP N 1 0.91 -7.20 -75.13
N ILE N 2 -0.11 -6.36 -75.32
CA ILE N 2 -1.40 -6.83 -75.89
C ILE N 2 -1.38 -6.55 -77.40
N GLN N 3 -1.81 -7.54 -78.19
CA GLN N 3 -1.84 -7.49 -79.68
C GLN N 3 -3.27 -7.13 -80.10
N MET N 4 -3.44 -6.10 -80.96
CA MET N 4 -4.76 -5.70 -81.51
C MET N 4 -4.90 -6.18 -82.97
N THR N 5 -5.96 -6.94 -83.21
CA THR N 5 -6.36 -7.53 -84.51
C THR N 5 -7.54 -6.69 -85.04
N GLN N 6 -7.67 -6.56 -86.36
CA GLN N 6 -8.77 -5.74 -86.92
C GLN N 6 -9.49 -6.46 -88.08
N SER N 7 -10.79 -6.16 -88.14
CA SER N 7 -11.92 -6.76 -88.89
C SER N 7 -11.53 -7.16 -90.31
N PRO N 8 -12.01 -6.50 -91.41
CA PRO N 8 -11.34 -6.63 -92.69
C PRO N 8 -10.28 -5.52 -92.85
N SER N 9 -9.16 -5.86 -93.48
CA SER N 9 -8.01 -4.95 -93.74
C SER N 9 -8.49 -3.75 -94.59
N SER N 10 -9.37 -4.02 -95.57
CA SER N 10 -10.10 -3.01 -96.39
C SER N 10 -11.56 -3.40 -96.52
N LEU N 11 -12.44 -2.40 -96.66
CA LEU N 11 -13.91 -2.53 -96.73
C LEU N 11 -14.46 -1.42 -97.62
N SER N 12 -15.03 -1.74 -98.79
CA SER N 12 -15.58 -0.77 -99.78
C SER N 12 -17.07 -0.57 -99.49
N ALA N 13 -17.52 0.69 -99.45
CA ALA N 13 -18.90 1.09 -99.08
C ALA N 13 -19.25 2.44 -99.71
N SER N 14 -20.56 2.72 -99.79
CA SER N 14 -21.15 3.92 -100.44
C SER N 14 -21.86 4.82 -99.41
N VAL N 15 -21.85 6.12 -99.68
CA VAL N 15 -22.57 7.14 -98.85
C VAL N 15 -23.99 6.62 -98.58
N GLY N 16 -24.47 6.78 -97.33
CA GLY N 16 -25.81 6.38 -96.86
C GLY N 16 -25.82 5.10 -96.06
N GLU N 17 -24.88 4.17 -96.31
CA GLU N 17 -24.85 2.79 -95.74
C GLU N 17 -24.58 2.81 -94.22
N ARG N 18 -24.98 1.72 -93.55
CA ARG N 18 -24.52 1.33 -92.18
C ARG N 18 -23.21 0.54 -92.32
N VAL N 19 -22.15 1.00 -91.64
CA VAL N 19 -20.76 0.44 -91.68
C VAL N 19 -20.40 -0.03 -90.27
N THR N 20 -20.01 -1.30 -90.10
CA THR N 20 -19.51 -1.81 -88.79
C THR N 20 -18.17 -2.50 -89.02
N ILE N 21 -17.09 -1.95 -88.45
CA ILE N 21 -15.75 -2.59 -88.42
C ILE N 21 -15.51 -3.13 -87.00
N THR N 22 -14.73 -4.20 -86.89
CA THR N 22 -14.47 -4.96 -85.63
C THR N 22 -12.97 -4.88 -85.28
N CYS N 23 -12.67 -5.08 -83.99
CA CYS N 23 -11.32 -5.00 -83.35
C CYS N 23 -11.27 -6.11 -82.29
N ARG N 24 -10.19 -6.89 -82.24
CA ARG N 24 -10.08 -7.97 -81.24
C ARG N 24 -8.76 -7.80 -80.46
N ALA N 25 -8.85 -7.95 -79.14
CA ALA N 25 -7.72 -7.84 -78.19
C ALA N 25 -7.26 -9.24 -77.81
N SER N 26 -5.94 -9.43 -77.80
CA SER N 26 -5.29 -10.72 -77.46
C SER N 26 -5.72 -11.19 -76.05
N GLN N 27 -6.35 -10.33 -75.23
CA GLN N 27 -6.77 -10.62 -73.84
C GLN N 27 -7.94 -9.71 -73.45
N ARG N 28 -8.73 -10.10 -72.46
CA ARG N 28 -9.85 -9.26 -71.96
C ARG N 28 -9.21 -7.95 -71.50
N ILE N 29 -9.73 -6.80 -71.97
CA ILE N 29 -9.21 -5.42 -71.69
C ILE N 29 -10.36 -4.54 -71.21
N SER N 30 -11.42 -5.16 -70.70
CA SER N 30 -12.61 -4.43 -70.17
C SER N 30 -13.07 -3.48 -71.28
N ASN N 31 -13.21 -2.19 -71.01
CA ASN N 31 -13.69 -1.19 -72.01
C ASN N 31 -12.57 -0.17 -72.29
N TYR N 32 -11.31 -0.47 -71.95
CA TYR N 32 -10.16 0.43 -72.20
C TYR N 32 -9.75 0.34 -73.67
N LEU N 33 -10.65 0.68 -74.60
CA LEU N 33 -10.49 0.49 -76.07
C LEU N 33 -10.88 1.78 -76.80
N ASN N 34 -9.96 2.32 -77.60
CA ASN N 34 -10.14 3.60 -78.33
C ASN N 34 -10.15 3.37 -79.87
N TRP N 35 -10.75 4.33 -80.59
CA TRP N 35 -10.91 4.37 -82.07
C TRP N 35 -10.45 5.73 -82.63
N TYR N 36 -9.52 5.74 -83.59
CA TYR N 36 -9.08 6.98 -84.27
C TYR N 36 -9.41 6.86 -85.76
N GLN N 37 -9.67 8.02 -86.36
CA GLN N 37 -9.80 8.24 -87.83
C GLN N 37 -8.50 8.92 -88.27
N GLN N 38 -7.90 8.43 -89.36
CA GLN N 38 -6.69 9.02 -89.99
C GLN N 38 -6.88 9.09 -91.51
N LYS N 39 -6.73 10.29 -92.08
CA LYS N 39 -6.71 10.52 -93.54
C LYS N 39 -5.26 10.68 -93.98
N PRO N 40 -4.89 10.20 -95.18
CA PRO N 40 -3.48 10.11 -95.59
C PRO N 40 -2.80 11.49 -95.50
N GLY N 41 -1.72 11.61 -94.72
CA GLY N 41 -0.98 12.87 -94.52
C GLY N 41 -1.62 13.83 -93.52
N LYS N 42 -2.81 13.51 -92.99
CA LYS N 42 -3.44 14.24 -91.86
C LYS N 42 -3.05 13.47 -90.59
N ALA N 43 -3.19 14.09 -89.42
CA ALA N 43 -2.89 13.44 -88.12
C ALA N 43 -4.16 12.75 -87.63
N PRO N 44 -4.05 11.69 -86.80
CA PRO N 44 -5.23 10.94 -86.34
C PRO N 44 -6.16 11.80 -85.48
N LYS N 45 -7.47 11.59 -85.62
CA LYS N 45 -8.50 12.28 -84.81
C LYS N 45 -9.09 11.20 -83.87
N LEU N 46 -9.20 11.48 -82.57
CA LEU N 46 -9.86 10.53 -81.63
C LEU N 46 -11.38 10.59 -81.87
N LEU N 47 -11.99 9.46 -82.23
CA LEU N 47 -13.46 9.33 -82.43
C LEU N 47 -14.13 8.87 -81.14
N ILE N 48 -13.75 7.67 -80.67
CA ILE N 48 -14.30 7.00 -79.46
C ILE N 48 -13.17 6.61 -78.51
N TYR N 49 -13.43 6.75 -77.19
CA TYR N 49 -12.55 6.30 -76.07
C TYR N 49 -13.44 5.60 -75.05
N ALA N 50 -12.87 4.76 -74.18
CA ALA N 50 -13.64 3.92 -73.24
C ALA N 50 -14.68 3.08 -74.00
N ALA N 51 -14.34 2.63 -75.21
CA ALA N 51 -15.08 1.66 -76.05
C ALA N 51 -16.38 2.22 -76.65
N SER N 52 -17.15 3.05 -75.94
CA SER N 52 -18.48 3.54 -76.42
C SER N 52 -18.72 5.03 -76.18
N THR N 53 -17.82 5.74 -75.49
CA THR N 53 -18.03 7.15 -75.09
C THR N 53 -17.53 8.01 -76.26
N LEU N 54 -18.44 8.75 -76.90
CA LEU N 54 -18.12 9.53 -78.13
C LEU N 54 -17.36 10.80 -77.77
N GLN N 55 -16.28 11.10 -78.50
CA GLN N 55 -15.43 12.28 -78.23
C GLN N 55 -16.28 13.53 -78.46
N SER N 56 -16.01 14.60 -77.71
CA SER N 56 -16.57 15.97 -77.87
C SER N 56 -16.33 16.47 -79.30
N GLY N 57 -17.38 16.91 -80.00
CA GLY N 57 -17.30 17.55 -81.33
C GLY N 57 -17.34 16.57 -82.49
N VAL N 58 -17.49 15.27 -82.23
CA VAL N 58 -17.57 14.18 -83.26
C VAL N 58 -19.04 13.98 -83.62
N PRO N 59 -19.34 13.77 -84.92
CA PRO N 59 -20.68 13.35 -85.35
C PRO N 59 -21.19 12.10 -84.61
N SER N 60 -22.46 12.15 -84.16
CA SER N 60 -23.15 11.08 -83.40
C SER N 60 -23.46 9.87 -84.28
N ARG N 61 -23.24 9.92 -85.59
CA ARG N 61 -23.42 8.74 -86.47
C ARG N 61 -22.37 7.70 -86.13
N PHE N 62 -21.25 8.10 -85.52
CA PHE N 62 -20.19 7.22 -84.96
C PHE N 62 -20.65 6.62 -83.62
N SER N 63 -20.52 5.29 -83.47
CA SER N 63 -20.84 4.51 -82.24
C SER N 63 -19.76 3.46 -81.99
N GLY N 64 -19.49 3.17 -80.71
CA GLY N 64 -18.62 2.06 -80.28
C GLY N 64 -19.39 1.10 -79.39
N SER N 65 -19.10 -0.20 -79.50
CA SER N 65 -19.71 -1.27 -78.69
C SER N 65 -18.62 -2.28 -78.28
N GLY N 66 -18.85 -3.00 -77.19
CA GLY N 66 -17.99 -4.14 -76.80
C GLY N 66 -17.29 -3.94 -75.47
N SER N 67 -16.84 -5.07 -74.90
CA SER N 67 -16.17 -5.18 -73.58
C SER N 67 -15.39 -6.49 -73.52
N GLY N 68 -14.11 -6.41 -73.13
CA GLY N 68 -13.25 -7.59 -72.94
C GLY N 68 -12.37 -7.82 -74.15
N THR N 69 -12.83 -8.62 -75.12
CA THR N 69 -12.00 -9.07 -76.27
C THR N 69 -12.46 -8.44 -77.59
N ASP N 70 -13.77 -8.36 -77.84
CA ASP N 70 -14.33 -7.98 -79.16
C ASP N 70 -15.11 -6.66 -79.07
N PHE N 71 -14.68 -5.69 -79.90
CA PHE N 71 -15.22 -4.31 -79.98
C PHE N 71 -15.59 -4.06 -81.44
N THR N 72 -16.63 -3.24 -81.68
CA THR N 72 -17.08 -2.82 -83.03
C THR N 72 -17.38 -1.31 -83.06
N LEU N 73 -16.81 -0.63 -84.04
CA LEU N 73 -17.17 0.76 -84.45
C LEU N 73 -18.29 0.65 -85.49
N THR N 74 -19.32 1.46 -85.38
CA THR N 74 -20.45 1.57 -86.36
C THR N 74 -20.58 3.03 -86.82
N ILE N 75 -20.85 3.21 -88.12
CA ILE N 75 -21.23 4.50 -88.77
C ILE N 75 -22.67 4.36 -89.28
N SER N 76 -23.59 5.12 -88.66
CA SER N 76 -25.06 5.01 -88.84
C SER N 76 -25.42 5.14 -90.33
N SER N 77 -25.08 6.28 -90.92
CA SER N 77 -25.27 6.66 -92.36
C SER N 77 -23.98 7.29 -92.88
N LEU N 78 -23.09 6.49 -93.48
CA LEU N 78 -21.78 6.95 -93.99
C LEU N 78 -21.94 8.28 -94.73
N GLN N 79 -20.92 9.14 -94.68
CA GLN N 79 -20.90 10.48 -95.33
C GLN N 79 -19.66 10.62 -96.20
N PRO N 80 -19.62 11.58 -97.15
CA PRO N 80 -18.46 11.72 -98.04
C PRO N 80 -17.11 11.90 -97.31
N GLU N 81 -17.10 12.64 -96.20
CA GLU N 81 -15.87 13.00 -95.42
C GLU N 81 -15.38 11.80 -94.57
N ASP N 82 -16.18 10.75 -94.40
CA ASP N 82 -15.88 9.58 -93.55
C ASP N 82 -15.01 8.54 -94.27
N PHE N 83 -14.57 8.78 -95.50
CA PHE N 83 -13.65 7.85 -96.21
C PHE N 83 -12.24 8.11 -95.65
N ALA N 84 -11.68 7.12 -94.96
CA ALA N 84 -10.41 7.20 -94.20
C ALA N 84 -10.02 5.82 -93.68
N THR N 85 -8.84 5.74 -93.05
CA THR N 85 -8.34 4.55 -92.29
C THR N 85 -8.73 4.73 -90.82
N TYR N 86 -9.36 3.70 -90.22
CA TYR N 86 -9.84 3.64 -88.81
C TYR N 86 -8.94 2.72 -87.99
N TYR N 87 -8.34 3.25 -86.93
CA TYR N 87 -7.40 2.53 -86.01
C TYR N 87 -8.03 2.32 -84.63
N CYS N 88 -7.97 1.07 -84.12
CA CYS N 88 -8.33 0.71 -82.72
C CYS N 88 -7.06 0.64 -81.87
N GLN N 89 -7.22 0.88 -80.55
CA GLN N 89 -6.09 1.05 -79.61
C GLN N 89 -6.57 0.81 -78.18
N GLN N 90 -6.02 -0.22 -77.55
CA GLN N 90 -6.22 -0.57 -76.12
C GLN N 90 -5.40 0.38 -75.25
N SER N 91 -6.00 0.92 -74.20
CA SER N 91 -5.41 1.79 -73.16
C SER N 91 -5.42 1.08 -71.80
N TYR N 92 -5.65 -0.24 -71.79
CA TYR N 92 -5.77 -1.09 -70.58
C TYR N 92 -4.39 -1.34 -69.98
N SER N 93 -3.37 -1.57 -70.81
CA SER N 93 -2.01 -1.92 -70.31
C SER N 93 -0.95 -1.02 -70.95
N SER N 94 0.21 -0.93 -70.32
CA SER N 94 1.42 -0.24 -70.85
C SER N 94 2.38 -1.29 -71.41
N PRO N 95 2.85 -1.17 -72.68
CA PRO N 95 2.53 -0.04 -73.57
C PRO N 95 1.16 -0.12 -74.23
N PRO N 96 0.58 1.03 -74.62
CA PRO N 96 -0.68 1.06 -75.35
C PRO N 96 -0.37 0.65 -76.80
N THR N 97 -1.25 -0.11 -77.44
CA THR N 97 -0.99 -0.74 -78.75
C THR N 97 -2.20 -0.58 -79.67
N PHE N 98 -1.94 -0.29 -80.95
CA PHE N 98 -2.94 -0.04 -82.00
C PHE N 98 -3.13 -1.29 -82.87
N GLY N 99 -4.30 -1.46 -83.45
CA GLY N 99 -4.53 -2.45 -84.51
C GLY N 99 -3.85 -2.01 -85.81
N PRO N 100 -3.78 -2.93 -86.81
CA PRO N 100 -3.19 -2.67 -88.11
C PRO N 100 -3.99 -1.64 -88.93
N GLY N 101 -5.31 -1.62 -88.75
CA GLY N 101 -6.20 -0.61 -89.36
C GLY N 101 -7.20 -1.23 -90.33
N THR N 102 -8.30 -0.52 -90.57
CA THR N 102 -9.29 -0.78 -91.65
C THR N 102 -9.35 0.47 -92.54
N LYS N 103 -9.17 0.34 -93.86
CA LYS N 103 -9.41 1.43 -94.86
C LYS N 103 -10.82 1.23 -95.41
N VAL N 104 -11.69 2.22 -95.23
CA VAL N 104 -13.02 2.25 -95.91
C VAL N 104 -12.85 3.09 -97.19
N ASP N 105 -12.99 2.47 -98.36
CA ASP N 105 -12.84 3.13 -99.68
C ASP N 105 -14.22 3.29 -100.33
N ILE N 106 -14.29 4.08 -101.40
CA ILE N 106 -15.57 4.38 -102.12
C ILE N 106 -15.88 3.18 -103.03
N LYS N 107 -17.08 2.60 -102.88
CA LYS N 107 -17.59 1.47 -103.71
C LYS N 107 -17.97 2.01 -105.09
N ARG N 108 -17.25 1.58 -106.13
CA ARG N 108 -17.49 1.93 -107.55
C ARG N 108 -17.79 0.61 -108.26
N THR N 109 -18.18 0.67 -109.54
CA THR N 109 -18.50 -0.56 -110.32
C THR N 109 -17.17 -1.09 -110.87
N VAL N 110 -17.08 -2.42 -110.94
CA VAL N 110 -15.88 -3.17 -111.43
C VAL N 110 -15.37 -2.48 -112.70
N ALA N 111 -14.07 -2.25 -112.79
CA ALA N 111 -13.37 -1.71 -113.99
C ALA N 111 -12.06 -2.47 -114.11
N ALA N 112 -11.88 -3.18 -115.23
CA ALA N 112 -10.62 -3.85 -115.58
C ALA N 112 -9.60 -2.78 -115.93
N PRO N 113 -8.32 -2.93 -115.54
CA PRO N 113 -7.28 -1.96 -115.88
C PRO N 113 -6.73 -1.96 -117.33
N SER N 114 -6.89 -0.85 -118.07
CA SER N 114 -6.07 -0.54 -119.27
C SER N 114 -4.61 -0.77 -118.88
N VAL N 115 -3.83 -1.50 -119.68
CA VAL N 115 -2.59 -2.16 -119.21
C VAL N 115 -1.47 -1.97 -120.25
N PHE N 116 -0.45 -1.16 -119.94
CA PHE N 116 0.66 -0.84 -120.87
C PHE N 116 1.94 -1.46 -120.31
N ILE N 117 2.95 -1.65 -121.19
CA ILE N 117 4.32 -2.20 -120.90
C ILE N 117 5.32 -1.16 -121.42
N PHE N 118 6.51 -1.04 -120.84
CA PHE N 118 7.51 -0.03 -121.26
C PHE N 118 8.92 -0.59 -121.08
N PRO N 119 9.76 -0.62 -122.15
CA PRO N 119 11.16 -0.98 -122.03
C PRO N 119 12.02 0.26 -121.82
N PRO N 120 13.17 0.18 -121.12
CA PRO N 120 13.98 1.37 -120.84
C PRO N 120 14.73 1.80 -122.11
N SER N 121 15.76 2.65 -121.99
CA SER N 121 16.54 3.21 -123.13
C SER N 121 18.06 3.16 -122.92
N ASP N 122 18.54 3.02 -121.68
CA ASP N 122 19.98 3.20 -121.32
C ASP N 122 20.48 2.02 -120.48
N GLU N 123 21.25 2.30 -119.41
CA GLU N 123 22.08 1.34 -118.63
C GLU N 123 22.83 2.11 -117.53
N CYS N 134 5.96 -1.39 -116.93
CA CYS N 134 4.58 -1.97 -116.96
C CYS N 134 3.66 -1.23 -115.97
N LEU N 135 2.43 -0.91 -116.38
CA LEU N 135 1.43 -0.22 -115.52
C LEU N 135 0.01 -0.73 -115.80
N LEU N 136 -0.86 -0.58 -114.80
CA LEU N 136 -2.35 -0.74 -114.86
C LEU N 136 -2.94 0.67 -114.82
N ASN N 137 -4.03 0.95 -115.54
CA ASN N 137 -4.65 2.30 -115.54
C ASN N 137 -6.12 2.19 -115.15
N ASN N 138 -6.59 3.09 -114.29
CA ASN N 138 -8.01 3.25 -113.88
C ASN N 138 -8.69 1.88 -113.74
N PHE N 139 -8.53 1.22 -112.59
CA PHE N 139 -9.19 -0.07 -112.25
C PHE N 139 -9.81 0.02 -110.85
N TYR N 140 -10.84 -0.78 -110.55
CA TYR N 140 -11.53 -0.75 -109.23
C TYR N 140 -11.28 -1.96 -108.32
N PRO N 141 -11.26 -3.23 -108.78
CA PRO N 141 -10.75 -4.29 -107.90
C PRO N 141 -9.38 -3.82 -107.38
N ARG N 142 -9.34 -3.14 -106.21
CA ARG N 142 -8.12 -2.55 -105.60
C ARG N 142 -7.04 -3.63 -105.55
N GLU N 143 -7.46 -4.85 -105.20
CA GLU N 143 -6.66 -6.12 -105.24
C GLU N 143 -6.26 -6.38 -106.70
N ALA N 144 -4.96 -6.58 -106.98
CA ALA N 144 -4.37 -6.75 -108.33
C ALA N 144 -2.93 -7.29 -108.21
N GLU N 161 6.13 -2.65 -107.31
CA GLU N 161 4.68 -2.30 -107.30
C GLU N 161 4.46 -1.15 -106.31
N SER N 162 3.69 -0.13 -106.75
CA SER N 162 3.34 1.13 -106.04
C SER N 162 1.95 1.56 -106.52
N VAL N 163 1.12 2.13 -105.64
CA VAL N 163 -0.33 2.34 -105.92
C VAL N 163 -0.73 3.79 -105.64
N THR N 164 -1.68 4.32 -106.39
CA THR N 164 -2.24 5.69 -106.21
C THR N 164 -3.39 5.63 -105.18
N GLU N 165 -3.76 6.81 -104.67
CA GLU N 165 -4.97 6.98 -103.84
C GLU N 165 -6.15 6.92 -104.80
N GLN N 166 -7.33 6.50 -104.34
CA GLN N 166 -8.58 6.54 -105.15
C GLN N 166 -8.72 7.95 -105.76
N ASP N 167 -8.98 7.99 -107.07
CA ASP N 167 -9.06 9.23 -107.91
C ASP N 167 -10.28 10.06 -107.51
N SER N 168 -10.10 11.39 -107.43
CA SER N 168 -11.14 12.43 -107.14
C SER N 168 -12.34 12.28 -108.06
N LYS N 169 -12.11 12.03 -109.36
CA LYS N 169 -13.12 11.98 -110.44
C LYS N 169 -13.87 10.65 -110.45
N ASP N 170 -13.24 9.54 -110.88
CA ASP N 170 -13.92 8.28 -111.30
C ASP N 170 -13.85 7.18 -110.25
N SER N 171 -13.19 7.43 -109.11
CA SER N 171 -13.11 6.55 -107.90
C SER N 171 -12.32 5.26 -108.18
N THR N 172 -11.30 5.30 -109.05
CA THR N 172 -10.51 4.10 -109.48
C THR N 172 -9.06 4.25 -108.99
N TYR N 173 -8.26 3.20 -109.21
CA TYR N 173 -6.83 3.09 -108.82
C TYR N 173 -5.99 2.83 -110.08
N SER N 174 -4.71 3.15 -109.98
CA SER N 174 -3.67 2.85 -111.01
C SER N 174 -2.43 2.29 -110.29
N LEU N 175 -1.81 1.25 -110.85
CA LEU N 175 -0.65 0.55 -110.24
C LEU N 175 0.57 0.68 -111.15
N SER N 176 1.76 0.76 -110.58
CA SER N 176 3.04 0.76 -111.34
C SER N 176 3.95 -0.35 -110.76
N SER N 177 4.29 -1.35 -111.57
CA SER N 177 5.33 -2.36 -111.23
C SER N 177 6.56 -2.14 -112.12
N THR N 178 7.72 -2.05 -111.46
CA THR N 178 9.06 -1.98 -112.09
C THR N 178 9.90 -3.12 -111.49
N LEU N 179 10.15 -4.17 -112.26
CA LEU N 179 11.26 -5.11 -111.91
C LEU N 179 12.39 -4.78 -112.88
N THR N 180 13.55 -4.45 -112.30
CA THR N 180 14.73 -3.82 -112.93
C THR N 180 15.76 -4.94 -113.21
N LEU N 181 16.77 -4.67 -114.04
CA LEU N 181 18.06 -5.43 -114.05
C LEU N 181 18.99 -4.93 -115.17
N SER N 182 20.01 -5.74 -115.52
CA SER N 182 21.05 -5.51 -116.56
C SER N 182 21.21 -6.75 -117.46
N LYS N 183 21.10 -6.56 -118.79
CA LYS N 183 21.03 -7.60 -119.85
C LYS N 183 20.13 -8.77 -119.42
N GLU O 1 -56.77 -5.22 -62.55
CA GLU O 1 -55.84 -5.17 -63.72
C GLU O 1 -54.80 -4.05 -63.53
N VAL O 2 -53.52 -4.37 -63.43
CA VAL O 2 -52.40 -3.38 -63.59
C VAL O 2 -52.53 -2.76 -64.98
N GLN O 3 -52.60 -1.43 -65.10
CA GLN O 3 -52.53 -0.75 -66.41
C GLN O 3 -51.57 0.43 -66.35
N LEU O 4 -50.80 0.64 -67.41
CA LEU O 4 -49.91 1.80 -67.63
C LEU O 4 -50.26 2.47 -68.96
N VAL O 5 -50.62 3.75 -68.98
CA VAL O 5 -51.04 4.47 -70.23
C VAL O 5 -50.02 5.59 -70.53
N GLU O 6 -49.27 5.47 -71.63
CA GLU O 6 -48.28 6.52 -72.05
C GLU O 6 -48.99 7.63 -72.82
N SER O 7 -48.30 8.76 -73.01
CA SER O 7 -48.75 10.02 -73.67
C SER O 7 -47.54 10.90 -74.00
N GLY O 8 -47.56 11.65 -75.11
CA GLY O 8 -46.67 12.80 -75.33
C GLY O 8 -45.63 12.61 -76.43
N GLY O 9 -45.58 11.44 -77.08
CA GLY O 9 -44.70 11.22 -78.24
C GLY O 9 -45.08 12.10 -79.42
N GLY O 10 -44.14 12.35 -80.32
CA GLY O 10 -44.36 13.13 -81.55
C GLY O 10 -43.08 13.28 -82.35
N VAL O 11 -43.05 14.25 -83.26
CA VAL O 11 -41.83 14.62 -84.02
C VAL O 11 -41.11 15.72 -83.22
N VAL O 12 -39.79 15.78 -83.34
CA VAL O 12 -38.96 16.80 -82.62
C VAL O 12 -37.71 17.06 -83.46
N GLN O 13 -37.28 18.31 -83.55
CA GLN O 13 -36.02 18.65 -84.28
C GLN O 13 -34.85 18.24 -83.38
N PRO O 14 -33.72 17.76 -83.96
CA PRO O 14 -32.49 17.47 -83.22
C PRO O 14 -32.05 18.66 -82.36
N GLY O 15 -31.60 18.41 -81.12
CA GLY O 15 -31.17 19.44 -80.15
C GLY O 15 -32.29 19.90 -79.24
N ARG O 16 -33.54 19.90 -79.73
CA ARG O 16 -34.74 20.33 -78.97
C ARG O 16 -35.10 19.23 -77.97
N SER O 17 -36.07 19.52 -77.11
CA SER O 17 -36.54 18.69 -75.97
C SER O 17 -37.92 18.10 -76.26
N LEU O 18 -38.35 17.15 -75.40
CA LEU O 18 -39.68 16.50 -75.44
C LEU O 18 -39.87 15.76 -74.11
N ARG O 19 -41.10 15.65 -73.62
CA ARG O 19 -41.37 15.04 -72.30
C ARG O 19 -42.47 14.00 -72.42
N LEU O 20 -42.12 12.72 -72.28
CA LEU O 20 -43.11 11.61 -72.29
C LEU O 20 -43.72 11.51 -70.88
N SER O 21 -44.90 10.94 -70.77
CA SER O 21 -45.60 10.68 -69.49
C SER O 21 -46.23 9.29 -69.57
N CYS O 22 -46.54 8.71 -68.40
CA CYS O 22 -47.09 7.35 -68.20
C CYS O 22 -47.99 7.47 -66.97
N ALA O 23 -49.24 7.04 -67.08
CA ALA O 23 -50.22 7.03 -65.97
C ALA O 23 -50.44 5.57 -65.57
N ALA O 24 -50.32 5.32 -64.27
CA ALA O 24 -50.43 3.96 -63.69
C ALA O 24 -51.74 3.83 -62.90
N SER O 25 -52.34 2.65 -62.98
CA SER O 25 -53.53 2.27 -62.19
C SER O 25 -53.46 0.76 -61.93
N GLY O 26 -54.06 0.31 -60.82
CA GLY O 26 -54.29 -1.11 -60.49
C GLY O 26 -53.19 -1.72 -59.64
N PHE O 27 -52.29 -0.90 -59.08
CA PHE O 27 -51.24 -1.32 -58.11
C PHE O 27 -50.82 -0.12 -57.25
N THR O 28 -50.05 -0.34 -56.19
CA THR O 28 -49.45 0.77 -55.40
C THR O 28 -48.20 1.24 -56.17
N PHE O 29 -48.39 2.22 -57.04
CA PHE O 29 -47.34 2.92 -57.81
C PHE O 29 -46.15 3.25 -56.90
N SER O 30 -46.41 3.80 -55.71
CA SER O 30 -45.37 4.34 -54.81
C SER O 30 -44.49 3.21 -54.24
N SER O 31 -44.89 1.95 -54.44
CA SER O 31 -44.19 0.73 -53.94
C SER O 31 -43.38 0.03 -55.03
N SER O 32 -43.34 0.56 -56.26
CA SER O 32 -42.61 -0.06 -57.40
C SER O 32 -41.60 0.93 -57.94
N ALA O 33 -40.39 0.47 -58.25
CA ALA O 33 -39.43 1.17 -59.11
C ALA O 33 -39.98 1.07 -60.55
N MET O 34 -39.65 2.06 -61.39
CA MET O 34 -40.23 2.19 -62.75
C MET O 34 -39.08 2.43 -63.73
N HIS O 35 -39.29 1.97 -64.97
CA HIS O 35 -38.30 2.01 -66.07
C HIS O 35 -38.89 2.65 -67.32
N TRP O 36 -38.02 3.17 -68.18
CA TRP O 36 -38.29 3.31 -69.63
C TRP O 36 -37.36 2.38 -70.41
N VAL O 37 -37.91 1.77 -71.46
CA VAL O 37 -37.21 0.86 -72.42
C VAL O 37 -37.60 1.39 -73.79
N ARG O 38 -36.67 1.41 -74.75
CA ARG O 38 -37.00 1.90 -76.11
C ARG O 38 -36.74 0.79 -77.14
N GLN O 39 -37.11 1.05 -78.40
CA GLN O 39 -37.02 0.10 -79.53
C GLN O 39 -37.11 0.93 -80.81
N ALA O 40 -35.97 1.23 -81.43
CA ALA O 40 -35.90 1.90 -82.74
C ALA O 40 -36.74 1.10 -83.74
N PRO O 41 -37.31 1.71 -84.80
CA PRO O 41 -38.14 0.97 -85.74
C PRO O 41 -37.38 -0.24 -86.33
N GLY O 42 -38.03 -1.41 -86.30
CA GLY O 42 -37.52 -2.68 -86.84
C GLY O 42 -36.30 -3.22 -86.12
N LYS O 43 -35.90 -2.62 -85.00
CA LYS O 43 -34.75 -3.07 -84.15
C LYS O 43 -35.26 -3.70 -82.85
N GLY O 44 -34.34 -4.18 -82.01
CA GLY O 44 -34.62 -4.79 -80.70
C GLY O 44 -34.73 -3.76 -79.58
N LEU O 45 -35.06 -4.25 -78.38
CA LEU O 45 -35.36 -3.47 -77.16
C LEU O 45 -34.06 -3.10 -76.42
N GLU O 46 -33.98 -1.87 -75.90
CA GLU O 46 -32.84 -1.32 -75.14
C GLU O 46 -33.38 -0.60 -73.91
N TRP O 47 -32.99 -1.07 -72.72
CA TRP O 47 -33.31 -0.41 -71.42
C TRP O 47 -32.59 0.94 -71.36
N VAL O 48 -33.31 1.96 -70.90
CA VAL O 48 -32.98 3.42 -70.90
C VAL O 48 -32.68 3.93 -69.48
N ALA O 49 -33.57 3.68 -68.54
CA ALA O 49 -33.54 4.34 -67.21
C ALA O 49 -34.43 3.64 -66.19
N VAL O 50 -34.05 3.79 -64.92
CA VAL O 50 -34.86 3.29 -63.78
C VAL O 50 -34.92 4.39 -62.71
N ILE O 51 -36.03 4.42 -61.97
CA ILE O 51 -36.22 5.35 -60.82
C ILE O 51 -36.74 4.55 -59.64
N SER O 52 -36.33 4.95 -58.42
CA SER O 52 -36.69 4.32 -57.12
C SER O 52 -38.16 4.59 -56.77
N TYR O 53 -38.72 3.76 -55.91
CA TYR O 53 -40.12 3.90 -55.44
C TYR O 53 -40.34 5.35 -55.04
N ASP O 54 -39.33 5.96 -54.41
CA ASP O 54 -39.35 7.29 -53.75
C ASP O 54 -39.32 8.44 -54.77
N GLY O 55 -38.78 8.22 -55.97
CA GLY O 55 -38.47 9.29 -56.92
C GLY O 55 -37.06 9.85 -56.72
N ASN O 56 -36.36 9.43 -55.67
CA ASN O 56 -35.10 10.08 -55.22
C ASN O 56 -33.84 9.46 -55.84
N ASN O 57 -33.92 8.31 -56.50
CA ASN O 57 -32.73 7.65 -57.08
C ASN O 57 -33.04 7.24 -58.52
N GLN O 58 -32.18 7.66 -59.46
CA GLN O 58 -32.29 7.34 -60.91
C GLN O 58 -30.97 6.71 -61.38
N LEU O 59 -31.06 5.72 -62.26
CA LEU O 59 -29.88 5.20 -63.00
C LEU O 59 -30.23 5.15 -64.49
N TYR O 60 -29.21 5.27 -65.35
CA TYR O 60 -29.36 5.43 -66.82
C TYR O 60 -28.38 4.52 -67.57
N ALA O 61 -28.79 4.05 -68.74
CA ALA O 61 -27.90 3.40 -69.72
C ALA O 61 -26.81 4.40 -70.13
N ASP O 62 -25.62 3.90 -70.49
CA ASP O 62 -24.50 4.74 -70.99
C ASP O 62 -24.98 5.53 -72.22
N SER O 63 -25.80 4.91 -73.08
CA SER O 63 -26.27 5.46 -74.38
C SER O 63 -27.08 6.74 -74.21
N VAL O 64 -27.70 6.98 -73.06
CA VAL O 64 -28.64 8.11 -72.90
C VAL O 64 -28.20 9.07 -71.79
N LYS O 65 -27.12 8.78 -71.07
CA LYS O 65 -26.83 9.48 -69.79
C LYS O 65 -26.43 10.93 -70.08
N GLY O 66 -26.96 11.87 -69.30
CA GLY O 66 -26.72 13.32 -69.48
C GLY O 66 -27.72 13.97 -70.43
N ARG O 67 -28.55 13.21 -71.14
CA ARG O 67 -29.55 13.75 -72.12
C ARG O 67 -30.97 13.27 -71.80
N LEU O 68 -31.16 12.26 -70.96
CA LEU O 68 -32.50 11.85 -70.47
C LEU O 68 -32.55 12.06 -68.96
N THR O 69 -33.73 12.38 -68.43
CA THR O 69 -34.00 12.54 -66.98
C THR O 69 -35.34 11.87 -66.68
N ILE O 70 -35.29 10.73 -65.98
CA ILE O 70 -36.49 10.01 -65.47
C ILE O 70 -36.92 10.73 -64.19
N SER O 71 -38.23 10.83 -63.96
CA SER O 71 -38.78 11.50 -62.75
C SER O 71 -40.18 10.94 -62.50
N ARG O 72 -40.72 11.27 -61.33
CA ARG O 72 -42.04 10.72 -60.93
C ARG O 72 -42.77 11.62 -59.94
N ASP O 73 -44.09 11.54 -59.93
CA ASP O 73 -44.99 12.27 -59.01
C ASP O 73 -45.98 11.23 -58.47
N ASN O 74 -45.71 10.72 -57.28
CA ASN O 74 -46.45 9.56 -56.71
C ASN O 74 -47.88 10.00 -56.42
N SER O 75 -48.11 11.29 -56.13
CA SER O 75 -49.46 11.84 -55.80
C SER O 75 -50.39 11.73 -57.01
N LYS O 76 -49.85 11.79 -58.23
CA LYS O 76 -50.60 11.68 -59.52
C LYS O 76 -50.46 10.28 -60.14
N ASN O 77 -49.81 9.32 -59.47
CA ASN O 77 -49.52 8.00 -60.08
C ASN O 77 -48.94 8.21 -61.48
N ALA O 78 -47.92 9.06 -61.61
CA ALA O 78 -47.37 9.48 -62.91
C ALA O 78 -45.87 9.23 -62.95
N LEU O 79 -45.42 8.57 -64.03
CA LEU O 79 -44.00 8.46 -64.40
C LEU O 79 -43.73 9.37 -65.62
N TYR O 80 -42.58 10.03 -65.66
CA TYR O 80 -42.17 10.94 -66.75
C TYR O 80 -40.78 10.58 -67.28
N LEU O 81 -40.54 10.88 -68.57
CA LEU O 81 -39.21 10.82 -69.21
C LEU O 81 -38.97 12.15 -69.93
N GLN O 82 -37.86 12.84 -69.63
CA GLN O 82 -37.48 14.13 -70.26
C GLN O 82 -36.30 13.85 -71.19
N LEU O 83 -36.55 14.02 -72.49
CA LEU O 83 -35.54 13.89 -73.57
C LEU O 83 -34.99 15.29 -73.83
N ASN O 84 -33.67 15.47 -73.79
CA ASN O 84 -32.96 16.75 -74.08
C ASN O 84 -31.89 16.49 -75.13
N SER O 85 -31.27 17.55 -75.66
CA SER O 85 -30.19 17.48 -76.68
C SER O 85 -30.38 16.20 -77.52
N LEU O 86 -31.53 16.06 -78.22
CA LEU O 86 -31.96 14.81 -78.90
C LEU O 86 -31.18 14.56 -80.20
N ARG O 87 -31.00 13.29 -80.54
CA ARG O 87 -30.22 12.81 -81.73
C ARG O 87 -31.14 11.98 -82.62
N THR O 88 -30.93 12.04 -83.93
CA THR O 88 -31.70 11.24 -84.92
C THR O 88 -31.81 9.80 -84.39
N GLU O 89 -30.71 9.29 -83.82
CA GLU O 89 -30.62 7.88 -83.36
C GLU O 89 -31.49 7.63 -82.13
N ASP O 90 -31.90 8.69 -81.43
CA ASP O 90 -32.82 8.56 -80.27
C ASP O 90 -34.24 8.24 -80.75
N THR O 91 -34.49 8.24 -82.06
CA THR O 91 -35.79 7.89 -82.69
C THR O 91 -36.19 6.45 -82.30
N ALA O 92 -37.39 6.25 -81.75
CA ALA O 92 -37.88 4.92 -81.31
C ALA O 92 -39.25 4.99 -80.61
N VAL O 93 -39.85 3.82 -80.44
CA VAL O 93 -41.04 3.59 -79.56
C VAL O 93 -40.50 3.46 -78.13
N TYR O 94 -40.91 4.38 -77.26
CA TYR O 94 -40.48 4.43 -75.85
C TYR O 94 -41.60 3.84 -75.01
N PHE O 95 -41.30 2.77 -74.26
CA PHE O 95 -42.21 2.09 -73.32
C PHE O 95 -41.88 2.41 -71.86
N CYS O 96 -42.91 2.66 -71.05
CA CYS O 96 -42.80 2.72 -69.58
C CYS O 96 -43.04 1.29 -69.10
N ALA O 97 -42.28 0.83 -68.10
CA ALA O 97 -42.39 -0.54 -67.56
C ALA O 97 -42.19 -0.50 -66.05
N ARG O 98 -43.06 -1.23 -65.34
CA ARG O 98 -42.90 -1.50 -63.88
C ARG O 98 -41.72 -2.47 -63.68
N ASP O 99 -40.80 -2.13 -62.77
CA ASP O 99 -39.71 -3.03 -62.31
C ASP O 99 -40.34 -4.28 -61.68
N GLY O 100 -39.72 -5.43 -61.85
CA GLY O 100 -40.26 -6.73 -61.42
C GLY O 100 -40.00 -7.05 -59.95
N GLY O 101 -39.23 -6.24 -59.23
CA GLY O 101 -38.96 -6.42 -57.78
C GLY O 101 -37.50 -6.20 -57.43
N GLY O 102 -36.61 -6.39 -58.41
CA GLY O 102 -35.17 -6.51 -58.19
C GLY O 102 -34.44 -5.20 -58.42
N TYR O 103 -35.11 -4.06 -58.33
CA TYR O 103 -34.42 -2.75 -58.40
C TYR O 103 -33.20 -2.81 -57.48
N SER O 104 -33.41 -3.09 -56.19
CA SER O 104 -32.42 -2.92 -55.10
C SER O 104 -31.12 -3.68 -55.41
N PHE O 105 -31.23 -4.81 -56.12
CA PHE O 105 -30.08 -5.73 -56.37
C PHE O 105 -29.37 -5.38 -57.68
N GLY O 106 -29.91 -4.46 -58.48
CA GLY O 106 -29.38 -4.14 -59.82
C GLY O 106 -29.79 -5.21 -60.83
N THR O 107 -30.93 -5.85 -60.57
CA THR O 107 -31.45 -7.00 -61.36
C THR O 107 -32.83 -6.59 -61.90
N TYR O 108 -32.82 -5.92 -63.05
CA TYR O 108 -34.00 -5.29 -63.68
C TYR O 108 -34.65 -6.27 -64.65
N PHE O 109 -35.91 -6.63 -64.39
CA PHE O 109 -36.85 -7.22 -65.38
C PHE O 109 -38.19 -6.49 -65.25
N PHE O 110 -39.10 -6.66 -66.22
CA PHE O 110 -40.21 -5.70 -66.51
C PHE O 110 -41.55 -6.43 -66.58
N ASP O 111 -42.32 -6.50 -65.51
CA ASP O 111 -43.49 -7.43 -65.47
C ASP O 111 -44.76 -6.82 -66.07
N PHE O 112 -44.83 -5.49 -66.24
CA PHE O 112 -45.96 -4.79 -66.90
C PHE O 112 -45.41 -3.71 -67.82
N TRP O 113 -45.98 -3.60 -69.03
CA TRP O 113 -45.60 -2.59 -70.06
C TRP O 113 -46.80 -1.72 -70.46
N GLY O 114 -46.52 -0.65 -71.20
CA GLY O 114 -47.52 0.18 -71.90
C GLY O 114 -47.45 -0.04 -73.41
N GLN O 115 -48.32 0.66 -74.14
CA GLN O 115 -48.44 0.69 -75.62
C GLN O 115 -47.13 1.09 -76.31
N GLY O 116 -46.32 1.91 -75.66
CA GLY O 116 -45.19 2.61 -76.31
C GLY O 116 -45.69 3.87 -76.97
N THR O 117 -44.89 4.92 -76.99
CA THR O 117 -45.18 6.19 -77.71
C THR O 117 -43.99 6.41 -78.66
N LEU O 118 -44.26 6.69 -79.93
CA LEU O 118 -43.21 6.91 -80.95
C LEU O 118 -42.59 8.29 -80.76
N VAL O 119 -41.27 8.36 -80.65
CA VAL O 119 -40.53 9.66 -80.74
C VAL O 119 -39.69 9.61 -82.00
N THR O 120 -39.98 10.54 -82.92
CA THR O 120 -39.32 10.63 -84.24
C THR O 120 -38.52 11.94 -84.20
N VAL O 121 -37.20 11.83 -84.33
CA VAL O 121 -36.25 12.97 -84.24
C VAL O 121 -35.74 13.27 -85.65
N SER O 122 -36.34 14.26 -86.32
CA SER O 122 -36.02 14.64 -87.73
C SER O 122 -36.04 16.15 -87.92
N SER O 123 -35.09 16.66 -88.71
CA SER O 123 -34.90 18.08 -89.07
C SER O 123 -35.81 18.44 -90.24
N ALA O 124 -36.22 17.45 -91.05
CA ALA O 124 -37.03 17.61 -92.28
C ALA O 124 -38.42 18.15 -91.92
N SER O 125 -38.96 19.04 -92.75
CA SER O 125 -40.24 19.75 -92.51
C SER O 125 -41.37 19.01 -93.25
N THR O 126 -42.58 19.07 -92.70
CA THR O 126 -43.80 18.41 -93.25
C THR O 126 -43.82 18.59 -94.76
N LYS O 127 -44.06 17.51 -95.52
CA LYS O 127 -44.12 17.55 -97.00
C LYS O 127 -45.09 16.49 -97.53
N GLY O 128 -46.04 16.89 -98.38
CA GLY O 128 -46.92 15.98 -99.16
C GLY O 128 -46.09 15.14 -100.14
N PRO O 129 -46.56 13.91 -100.49
CA PRO O 129 -45.85 13.06 -101.43
C PRO O 129 -46.08 13.43 -102.90
N SER O 130 -45.07 13.19 -103.75
CA SER O 130 -45.23 12.99 -105.21
C SER O 130 -45.64 11.53 -105.43
N VAL O 131 -46.70 11.27 -106.22
CA VAL O 131 -47.19 9.90 -106.54
C VAL O 131 -46.86 9.60 -108.01
N PHE O 132 -46.12 8.52 -108.28
CA PHE O 132 -45.73 8.11 -109.65
C PHE O 132 -46.38 6.76 -109.92
N PRO O 133 -46.83 6.51 -111.17
CA PRO O 133 -47.48 5.24 -111.49
C PRO O 133 -46.43 4.14 -111.69
N LEU O 134 -46.73 2.94 -111.19
CA LEU O 134 -46.02 1.69 -111.55
C LEU O 134 -46.94 0.95 -112.52
N ALA O 135 -46.79 1.24 -113.82
CA ALA O 135 -47.68 0.81 -114.92
C ALA O 135 -47.31 -0.60 -115.39
N PRO O 136 -48.30 -1.44 -115.74
CA PRO O 136 -48.02 -2.74 -116.37
C PRO O 136 -47.67 -2.55 -117.85
N THR O 145 -52.75 -13.05 -114.93
CA THR O 145 -52.44 -12.05 -113.86
C THR O 145 -51.27 -11.13 -114.29
N ALA O 146 -51.46 -9.82 -114.16
CA ALA O 146 -50.38 -8.81 -114.17
C ALA O 146 -50.49 -8.00 -112.86
N ALA O 147 -49.67 -6.95 -112.71
CA ALA O 147 -49.55 -6.22 -111.42
C ALA O 147 -49.34 -4.73 -111.67
N LEU O 148 -50.16 -3.91 -111.00
CA LEU O 148 -50.24 -2.44 -111.12
C LEU O 148 -49.82 -1.86 -109.75
N GLY O 149 -49.41 -0.58 -109.71
CA GLY O 149 -49.22 0.10 -108.42
C GLY O 149 -48.88 1.57 -108.52
N CYS O 150 -48.68 2.17 -107.34
CA CYS O 150 -48.29 3.58 -107.11
C CYS O 150 -47.01 3.62 -106.26
N LEU O 151 -46.13 4.58 -106.55
CA LEU O 151 -44.95 4.88 -105.71
C LEU O 151 -45.21 6.22 -105.01
N VAL O 152 -45.43 6.21 -103.69
CA VAL O 152 -45.70 7.43 -102.87
C VAL O 152 -44.38 7.88 -102.26
N LYS O 153 -43.81 8.99 -102.74
CA LYS O 153 -42.36 9.29 -102.53
C LYS O 153 -42.16 10.73 -102.02
N ASP O 154 -41.19 10.87 -101.12
CA ASP O 154 -40.70 12.15 -100.53
C ASP O 154 -41.85 12.82 -99.77
N TYR O 155 -42.28 12.19 -98.67
CA TYR O 155 -43.29 12.76 -97.73
C TYR O 155 -42.78 12.68 -96.29
N PHE O 156 -43.40 13.49 -95.43
CA PHE O 156 -43.02 13.67 -94.01
C PHE O 156 -44.15 14.31 -93.23
N PRO O 157 -44.41 13.90 -91.97
CA PRO O 157 -43.88 12.63 -91.44
C PRO O 157 -44.80 11.48 -91.85
N GLU O 158 -44.66 10.32 -91.22
CA GLU O 158 -45.64 9.21 -91.27
C GLU O 158 -46.99 9.75 -90.77
N PRO O 159 -48.14 9.07 -91.04
CA PRO O 159 -48.27 8.04 -92.08
C PRO O 159 -48.93 8.59 -93.36
N VAL O 160 -48.98 7.77 -94.40
CA VAL O 160 -49.96 7.94 -95.52
C VAL O 160 -50.97 6.80 -95.41
N THR O 161 -52.18 6.94 -95.96
CA THR O 161 -53.09 5.80 -96.22
C THR O 161 -53.15 5.68 -97.75
N VAL O 162 -53.47 4.49 -98.26
CA VAL O 162 -53.59 4.21 -99.72
C VAL O 162 -54.80 3.30 -99.92
N SER O 163 -55.79 3.76 -100.70
CA SER O 163 -56.91 2.93 -101.20
C SER O 163 -56.80 2.79 -102.73
N TRP O 164 -57.60 1.91 -103.32
CA TRP O 164 -57.69 1.77 -104.80
C TRP O 164 -59.16 1.91 -105.21
N ASN O 165 -59.42 2.74 -106.23
CA ASN O 165 -60.76 2.99 -106.80
C ASN O 165 -61.68 3.41 -105.65
N SER O 166 -61.15 4.22 -104.73
CA SER O 166 -61.88 4.87 -103.60
C SER O 166 -62.55 3.83 -102.70
N GLY O 167 -61.91 2.68 -102.49
CA GLY O 167 -62.37 1.61 -101.59
C GLY O 167 -62.96 0.42 -102.32
N ALA O 168 -63.15 0.49 -103.64
CA ALA O 168 -63.86 -0.53 -104.44
C ALA O 168 -62.91 -1.70 -104.76
N LEU O 169 -61.61 -1.43 -104.94
CA LEU O 169 -60.55 -2.47 -105.17
C LEU O 169 -59.78 -2.69 -103.87
N THR O 170 -59.91 -3.91 -103.35
CA THR O 170 -59.46 -4.30 -101.99
C THR O 170 -58.62 -5.57 -102.11
N SER O 171 -59.22 -6.63 -102.64
CA SER O 171 -58.58 -7.94 -102.90
C SER O 171 -57.26 -7.74 -103.65
N GLY O 172 -56.26 -8.59 -103.36
CA GLY O 172 -54.94 -8.58 -104.03
C GLY O 172 -54.08 -7.34 -103.78
N VAL O 173 -54.50 -6.42 -102.91
CA VAL O 173 -53.75 -5.16 -102.60
C VAL O 173 -52.70 -5.44 -101.52
N HIS O 174 -51.49 -4.93 -101.69
CA HIS O 174 -50.38 -4.97 -100.69
C HIS O 174 -49.80 -3.56 -100.60
N THR O 175 -50.19 -2.80 -99.58
CA THR O 175 -49.52 -1.51 -99.25
C THR O 175 -48.32 -1.84 -98.35
N PHE O 176 -47.10 -1.60 -98.84
CA PHE O 176 -45.86 -1.95 -98.13
C PHE O 176 -45.60 -0.92 -97.04
N PRO O 177 -45.03 -1.32 -95.88
CA PRO O 177 -44.59 -0.35 -94.89
C PRO O 177 -43.47 0.54 -95.44
N ALA O 178 -43.48 1.82 -95.05
CA ALA O 178 -42.62 2.89 -95.58
C ALA O 178 -41.15 2.52 -95.46
N VAL O 179 -40.28 3.43 -95.89
CA VAL O 179 -38.79 3.29 -95.78
C VAL O 179 -38.31 4.70 -95.52
N LEU O 180 -37.21 4.89 -94.79
CA LEU O 180 -36.61 6.24 -94.67
C LEU O 180 -35.48 6.30 -95.70
N GLN O 181 -35.28 7.46 -96.33
CA GLN O 181 -34.25 7.62 -97.39
C GLN O 181 -33.11 8.44 -96.79
N SER O 182 -31.95 8.46 -97.45
CA SER O 182 -30.84 9.43 -97.22
C SER O 182 -31.41 10.81 -96.92
N SER O 183 -32.34 11.28 -97.75
CA SER O 183 -32.95 12.64 -97.74
C SER O 183 -33.66 12.94 -96.41
N GLY O 184 -34.04 11.90 -95.65
CA GLY O 184 -34.84 12.05 -94.42
C GLY O 184 -36.33 12.21 -94.73
N LEU O 185 -36.73 11.82 -95.94
CA LEU O 185 -38.14 11.75 -96.38
C LEU O 185 -38.47 10.27 -96.58
N TYR O 186 -39.73 9.88 -96.29
CA TYR O 186 -40.22 8.48 -96.43
C TYR O 186 -40.66 8.25 -97.89
N SER O 187 -40.56 7.00 -98.36
CA SER O 187 -41.00 6.49 -99.69
C SER O 187 -41.68 5.12 -99.53
N LEU O 188 -42.86 4.97 -100.12
CA LEU O 188 -43.78 3.83 -99.91
C LEU O 188 -44.25 3.31 -101.27
N SER O 189 -44.65 2.04 -101.33
CA SER O 189 -45.20 1.37 -102.54
C SER O 189 -46.47 0.61 -102.18
N SER O 190 -47.52 0.78 -102.98
CA SER O 190 -48.77 -0.01 -102.89
C SER O 190 -49.00 -0.65 -104.25
N VAL O 191 -49.31 -1.94 -104.26
CA VAL O 191 -49.49 -2.68 -105.54
C VAL O 191 -50.73 -3.54 -105.40
N VAL O 192 -51.23 -3.98 -106.55
CA VAL O 192 -52.37 -4.93 -106.63
C VAL O 192 -52.12 -5.84 -107.84
N THR O 193 -52.31 -7.14 -107.66
CA THR O 193 -52.36 -8.13 -108.76
C THR O 193 -53.81 -8.20 -109.24
N VAL O 194 -53.92 -8.29 -110.57
CA VAL O 194 -55.12 -8.03 -111.40
C VAL O 194 -55.07 -8.98 -112.59
N PRO O 195 -56.21 -9.54 -113.06
CA PRO O 195 -56.22 -10.31 -114.30
C PRO O 195 -55.76 -9.44 -115.48
N SER O 196 -54.85 -9.94 -116.34
CA SER O 196 -54.29 -9.20 -117.50
C SER O 196 -55.43 -8.79 -118.47
N SER O 197 -56.41 -9.67 -118.69
CA SER O 197 -57.68 -9.39 -119.43
C SER O 197 -58.11 -7.93 -119.21
N SER O 198 -58.36 -7.56 -117.95
CA SER O 198 -59.08 -6.34 -117.50
C SER O 198 -58.29 -5.04 -117.70
N LEU O 199 -57.07 -5.09 -118.26
CA LEU O 199 -56.12 -3.93 -118.28
C LEU O 199 -56.51 -2.88 -119.32
N GLY O 200 -57.55 -3.13 -120.13
CA GLY O 200 -58.05 -2.20 -121.15
C GLY O 200 -59.40 -1.64 -120.75
N THR O 201 -60.31 -2.54 -120.35
CA THR O 201 -61.71 -2.27 -119.91
C THR O 201 -61.76 -1.37 -118.67
N GLN O 202 -60.87 -1.62 -117.70
CA GLN O 202 -61.05 -1.23 -116.27
C GLN O 202 -59.95 -0.23 -115.87
N THR O 203 -60.33 0.81 -115.13
CA THR O 203 -59.41 1.90 -114.67
C THR O 203 -58.92 1.59 -113.25
N TYR O 204 -57.65 1.88 -113.03
CA TYR O 204 -56.95 1.72 -111.73
C TYR O 204 -56.48 3.11 -111.26
N ILE O 205 -57.13 3.62 -110.22
CA ILE O 205 -56.71 4.88 -109.52
C ILE O 205 -56.36 4.49 -108.08
N CYS O 206 -55.19 4.92 -107.60
CA CYS O 206 -54.80 4.83 -106.17
C CYS O 206 -55.10 6.18 -105.51
N ASN O 207 -55.84 6.14 -104.40
CA ASN O 207 -56.15 7.32 -103.56
C ASN O 207 -55.12 7.35 -102.42
N VAL O 208 -54.23 8.34 -102.44
CA VAL O 208 -53.08 8.51 -101.50
C VAL O 208 -53.44 9.66 -100.55
N ASN O 209 -53.47 9.40 -99.25
CA ASN O 209 -53.92 10.37 -98.21
C ASN O 209 -52.76 10.66 -97.25
N HIS O 210 -52.38 11.94 -97.10
CA HIS O 210 -51.31 12.45 -96.21
C HIS O 210 -51.84 13.59 -95.33
N LYS O 211 -52.54 13.26 -94.23
CA LYS O 211 -53.23 14.24 -93.35
C LYS O 211 -52.25 15.26 -92.77
N PRO O 212 -51.06 14.85 -92.29
CA PRO O 212 -50.03 15.81 -91.88
C PRO O 212 -49.69 16.96 -92.85
N SER O 213 -49.72 16.77 -94.17
CA SER O 213 -49.50 17.87 -95.16
C SER O 213 -50.84 18.37 -95.71
N ASN O 214 -51.96 17.81 -95.24
CA ASN O 214 -53.35 18.18 -95.61
C ASN O 214 -53.53 17.89 -97.11
N THR O 215 -53.21 16.67 -97.53
CA THR O 215 -53.11 16.22 -98.94
C THR O 215 -54.04 15.02 -99.19
N LYS O 216 -54.77 15.04 -100.32
CA LYS O 216 -55.35 13.85 -101.01
C LYS O 216 -55.00 13.98 -102.50
N VAL O 217 -54.44 12.92 -103.08
CA VAL O 217 -54.02 12.85 -104.52
C VAL O 217 -54.58 11.55 -105.07
N ASP O 218 -55.30 11.64 -106.21
CA ASP O 218 -55.82 10.49 -106.99
C ASP O 218 -54.93 10.37 -108.23
N LYS O 219 -54.42 9.16 -108.54
CA LYS O 219 -53.46 8.93 -109.66
C LYS O 219 -53.87 7.68 -110.45
N LYS O 220 -54.02 7.83 -111.77
CA LYS O 220 -54.50 6.79 -112.72
C LYS O 220 -53.29 5.99 -113.18
N VAL O 221 -53.41 4.66 -113.16
CA VAL O 221 -52.37 3.68 -113.56
C VAL O 221 -52.89 2.85 -114.74
N GLU O 222 -52.15 2.82 -115.85
CA GLU O 222 -52.54 2.19 -117.14
C GLU O 222 -51.31 1.93 -118.01
N PRO O 223 -51.39 0.94 -118.94
CA PRO O 223 -50.26 0.62 -119.82
C PRO O 223 -50.04 1.67 -120.91
N ASP P 1 -21.10 -5.20 -71.77
CA ASP P 1 -22.45 -5.69 -71.39
C ASP P 1 -22.53 -7.18 -71.71
N ILE P 2 -23.53 -7.87 -71.19
CA ILE P 2 -23.71 -9.31 -71.53
C ILE P 2 -24.46 -9.36 -72.85
N GLN P 3 -23.91 -10.08 -73.83
CA GLN P 3 -24.54 -10.18 -75.16
C GLN P 3 -25.48 -11.38 -75.15
N MET P 4 -26.73 -11.17 -75.58
CA MET P 4 -27.74 -12.25 -75.59
C MET P 4 -27.99 -12.70 -77.04
N THR P 5 -27.97 -14.00 -77.24
CA THR P 5 -28.08 -14.65 -78.57
C THR P 5 -29.35 -15.50 -78.57
N GLN P 6 -30.08 -15.56 -79.67
CA GLN P 6 -31.28 -16.43 -79.81
C GLN P 6 -31.07 -17.35 -81.02
N SER P 7 -31.59 -18.57 -81.01
CA SER P 7 -31.13 -19.64 -81.94
C SER P 7 -31.85 -19.55 -83.28
N PRO P 8 -33.10 -20.04 -83.48
CA PRO P 8 -33.69 -19.92 -84.82
C PRO P 8 -33.95 -18.40 -84.90
N SER P 9 -33.55 -17.72 -85.98
CA SER P 9 -33.95 -16.30 -86.23
C SER P 9 -35.45 -16.27 -86.51
N SER P 10 -35.94 -17.29 -87.24
CA SER P 10 -37.37 -17.53 -87.56
C SER P 10 -37.66 -19.01 -87.41
N LEU P 11 -38.85 -19.33 -86.91
CA LEU P 11 -39.36 -20.72 -86.81
C LEU P 11 -40.71 -20.69 -87.53
N SER P 12 -41.04 -21.77 -88.26
CA SER P 12 -42.35 -21.96 -88.92
C SER P 12 -43.01 -23.20 -88.31
N ALA P 13 -44.12 -23.05 -87.59
CA ALA P 13 -44.81 -24.19 -86.97
C ALA P 13 -46.32 -24.04 -87.08
N SER P 14 -47.05 -25.11 -86.77
CA SER P 14 -48.52 -25.23 -86.99
C SER P 14 -49.21 -25.32 -85.64
N VAL P 15 -50.45 -24.86 -85.57
CA VAL P 15 -51.30 -25.05 -84.35
C VAL P 15 -51.09 -26.48 -83.87
N GLY P 16 -51.02 -26.71 -82.56
CA GLY P 16 -50.95 -28.06 -81.98
C GLY P 16 -49.54 -28.65 -81.86
N GLU P 17 -48.53 -28.14 -82.58
CA GLU P 17 -47.12 -28.66 -82.58
C GLU P 17 -46.37 -28.18 -81.31
N ARG P 18 -45.24 -28.84 -81.00
CA ARG P 18 -44.35 -28.48 -79.87
C ARG P 18 -43.23 -27.56 -80.39
N VAL P 19 -43.17 -26.31 -79.93
CA VAL P 19 -42.12 -25.34 -80.35
C VAL P 19 -41.07 -25.24 -79.24
N THR P 20 -39.79 -25.07 -79.63
CA THR P 20 -38.63 -24.96 -78.70
C THR P 20 -37.71 -23.84 -79.23
N ILE P 21 -37.75 -22.66 -78.59
CA ILE P 21 -36.83 -21.51 -78.83
C ILE P 21 -35.68 -21.68 -77.84
N THR P 22 -34.48 -21.21 -78.18
CA THR P 22 -33.32 -21.24 -77.26
C THR P 22 -32.62 -19.88 -77.28
N CYS P 23 -31.88 -19.61 -76.20
CA CYS P 23 -31.23 -18.32 -75.87
C CYS P 23 -29.87 -18.65 -75.27
N ARG P 24 -28.82 -17.91 -75.64
CA ARG P 24 -27.46 -18.11 -75.08
C ARG P 24 -26.91 -16.77 -74.59
N ALA P 25 -26.35 -16.74 -73.37
CA ALA P 25 -25.67 -15.57 -72.78
C ALA P 25 -24.16 -15.72 -72.98
N SER P 26 -23.46 -14.59 -73.11
CA SER P 26 -22.00 -14.51 -73.36
C SER P 26 -21.21 -14.87 -72.09
N GLN P 27 -21.88 -15.05 -70.94
CA GLN P 27 -21.26 -15.47 -69.66
C GLN P 27 -22.33 -16.18 -68.81
N ARG P 28 -21.91 -16.91 -67.78
CA ARG P 28 -22.85 -17.57 -66.86
C ARG P 28 -23.64 -16.50 -66.12
N ILE P 29 -24.98 -16.60 -66.13
CA ILE P 29 -25.92 -15.60 -65.54
C ILE P 29 -26.86 -16.32 -64.57
N SER P 30 -26.43 -17.45 -64.01
CA SER P 30 -27.27 -18.28 -63.11
C SER P 30 -28.65 -18.41 -63.77
N ASN P 31 -29.75 -18.10 -63.09
CA ASN P 31 -31.12 -18.24 -63.67
C ASN P 31 -31.78 -16.85 -63.77
N TYR P 32 -30.98 -15.80 -63.98
CA TYR P 32 -31.47 -14.40 -64.10
C TYR P 32 -31.80 -14.16 -65.58
N LEU P 33 -32.85 -14.86 -66.03
CA LEU P 33 -33.18 -14.92 -67.48
C LEU P 33 -34.69 -14.84 -67.63
N ASN P 34 -35.16 -13.91 -68.46
CA ASN P 34 -36.60 -13.56 -68.59
C ASN P 34 -37.00 -13.65 -70.07
N TRP P 35 -38.22 -14.11 -70.35
CA TRP P 35 -38.76 -14.31 -71.72
C TRP P 35 -39.99 -13.43 -71.95
N TYR P 36 -39.97 -12.62 -73.02
CA TYR P 36 -41.10 -11.74 -73.40
C TYR P 36 -41.61 -12.08 -74.81
N GLN P 37 -42.94 -12.05 -74.98
CA GLN P 37 -43.71 -12.08 -76.26
C GLN P 37 -43.96 -10.64 -76.75
N GLN P 38 -43.64 -10.34 -78.01
CA GLN P 38 -44.03 -9.06 -78.69
C GLN P 38 -44.71 -9.41 -80.01
N LYS P 39 -45.85 -8.77 -80.27
CA LYS P 39 -46.60 -8.86 -81.55
C LYS P 39 -46.39 -7.55 -82.30
N PRO P 40 -46.49 -7.55 -83.65
CA PRO P 40 -46.18 -6.35 -84.43
C PRO P 40 -47.08 -5.17 -84.03
N GLY P 41 -46.46 -4.02 -83.75
CA GLY P 41 -47.13 -2.78 -83.29
C GLY P 41 -47.66 -2.85 -81.86
N LYS P 42 -47.25 -3.82 -81.05
CA LYS P 42 -47.74 -3.96 -79.65
C LYS P 42 -46.55 -3.92 -78.69
N ALA P 43 -46.84 -3.98 -77.40
CA ALA P 43 -45.81 -3.92 -76.33
C ALA P 43 -45.37 -5.33 -75.96
N PRO P 44 -44.17 -5.53 -75.37
CA PRO P 44 -43.86 -6.82 -74.77
C PRO P 44 -44.84 -7.18 -73.63
N LYS P 45 -45.06 -8.48 -73.41
CA LYS P 45 -45.70 -9.10 -72.23
C LYS P 45 -44.63 -10.00 -71.60
N LEU P 46 -44.50 -10.05 -70.27
CA LEU P 46 -43.57 -10.99 -69.60
C LEU P 46 -44.24 -12.37 -69.54
N LEU P 47 -43.62 -13.41 -70.11
CA LEU P 47 -44.08 -14.81 -70.02
C LEU P 47 -43.44 -15.49 -68.80
N ILE P 48 -42.10 -15.52 -68.78
CA ILE P 48 -41.30 -16.26 -67.74
C ILE P 48 -40.22 -15.32 -67.21
N TYR P 49 -40.05 -15.33 -65.89
CA TYR P 49 -38.93 -14.69 -65.16
C TYR P 49 -38.23 -15.79 -64.36
N ALA P 50 -37.04 -15.50 -63.84
CA ALA P 50 -36.16 -16.42 -63.09
C ALA P 50 -35.94 -17.72 -63.89
N ALA P 51 -35.94 -17.65 -65.23
CA ALA P 51 -35.63 -18.72 -66.21
C ALA P 51 -36.78 -19.71 -66.35
N SER P 52 -37.58 -19.92 -65.29
CA SER P 52 -38.59 -21.00 -65.26
C SER P 52 -39.89 -20.63 -64.50
N THR P 53 -40.03 -19.45 -63.92
CA THR P 53 -41.21 -19.08 -63.10
C THR P 53 -42.26 -18.51 -64.06
N LEU P 54 -43.47 -19.05 -64.03
CA LEU P 54 -44.56 -18.64 -64.95
C LEU P 54 -45.22 -17.37 -64.40
N GLN P 55 -45.19 -16.26 -65.13
CA GLN P 55 -45.88 -14.99 -64.71
C GLN P 55 -47.38 -15.26 -64.62
N SER P 56 -48.07 -14.54 -63.73
CA SER P 56 -49.49 -14.81 -63.40
C SER P 56 -50.34 -14.51 -64.64
N GLY P 57 -51.29 -15.40 -64.94
CA GLY P 57 -52.22 -15.25 -66.08
C GLY P 57 -51.58 -15.61 -67.41
N VAL P 58 -50.46 -16.33 -67.42
CA VAL P 58 -49.84 -16.88 -68.67
C VAL P 58 -50.09 -18.38 -68.68
N PRO P 59 -50.54 -18.97 -69.82
CA PRO P 59 -50.86 -20.40 -69.89
C PRO P 59 -49.73 -21.36 -69.52
N SER P 60 -50.11 -22.49 -68.92
CA SER P 60 -49.20 -23.56 -68.44
C SER P 60 -48.44 -24.20 -69.61
N ARG P 61 -48.94 -24.08 -70.84
CA ARG P 61 -48.29 -24.65 -72.05
C ARG P 61 -46.95 -23.97 -72.28
N PHE P 62 -46.78 -22.73 -71.82
CA PHE P 62 -45.47 -22.01 -71.80
C PHE P 62 -44.63 -22.58 -70.67
N SER P 63 -43.34 -22.81 -70.92
CA SER P 63 -42.43 -23.24 -69.83
C SER P 63 -40.99 -22.90 -70.18
N GLY P 64 -40.22 -22.59 -69.14
CA GLY P 64 -38.81 -22.18 -69.24
C GLY P 64 -37.91 -23.23 -68.63
N SER P 65 -36.66 -23.23 -69.07
CA SER P 65 -35.62 -24.20 -68.68
C SER P 65 -34.24 -23.53 -68.78
N GLY P 66 -33.36 -23.81 -67.84
CA GLY P 66 -31.93 -23.48 -68.02
C GLY P 66 -31.34 -22.72 -66.85
N SER P 67 -30.02 -22.77 -66.79
CA SER P 67 -29.16 -22.19 -65.74
C SER P 67 -27.77 -22.03 -66.35
N GLY P 68 -27.12 -20.88 -66.23
CA GLY P 68 -25.74 -20.69 -66.71
C GLY P 68 -25.72 -19.85 -67.96
N THR P 69 -25.51 -20.46 -69.12
CA THR P 69 -25.38 -19.75 -70.42
C THR P 69 -26.50 -20.15 -71.37
N ASP P 70 -27.13 -21.31 -71.19
CA ASP P 70 -28.07 -21.88 -72.20
C ASP P 70 -29.44 -22.06 -71.56
N PHE P 71 -30.45 -21.45 -72.19
CA PHE P 71 -31.86 -21.38 -71.74
C PHE P 71 -32.78 -21.74 -72.93
N THR P 72 -33.95 -22.30 -72.63
CA THR P 72 -34.96 -22.65 -73.66
C THR P 72 -36.36 -22.28 -73.16
N LEU P 73 -37.18 -21.73 -74.08
CA LEU P 73 -38.64 -21.49 -73.90
C LEU P 73 -39.36 -22.56 -74.71
N THR P 74 -40.34 -23.21 -74.09
CA THR P 74 -41.08 -24.31 -74.74
C THR P 74 -42.58 -24.03 -74.67
N ILE P 75 -43.26 -24.27 -75.79
CA ILE P 75 -44.75 -24.20 -75.91
C ILE P 75 -45.20 -25.61 -76.29
N SER P 76 -45.85 -26.31 -75.37
CA SER P 76 -46.20 -27.76 -75.47
C SER P 76 -47.16 -27.99 -76.64
N SER P 77 -48.26 -27.23 -76.69
CA SER P 77 -49.24 -27.23 -77.80
C SER P 77 -49.52 -25.80 -78.29
N LEU P 78 -48.91 -25.43 -79.43
CA LEU P 78 -49.02 -24.09 -80.06
C LEU P 78 -50.48 -23.74 -80.38
N GLN P 79 -50.85 -22.46 -80.20
CA GLN P 79 -52.22 -21.90 -80.38
C GLN P 79 -52.18 -20.68 -81.29
N PRO P 80 -53.34 -20.20 -81.81
CA PRO P 80 -53.31 -19.14 -82.82
C PRO P 80 -52.64 -17.87 -82.31
N GLU P 81 -52.95 -17.47 -81.07
CA GLU P 81 -52.47 -16.20 -80.45
C GLU P 81 -51.00 -16.32 -80.00
N ASP P 82 -50.35 -17.48 -80.16
CA ASP P 82 -48.92 -17.70 -79.81
C ASP P 82 -48.00 -17.29 -80.97
N PHE P 83 -48.54 -16.96 -82.15
CA PHE P 83 -47.71 -16.58 -83.32
C PHE P 83 -47.24 -15.15 -83.09
N ALA P 84 -45.92 -14.97 -82.97
CA ALA P 84 -45.32 -13.76 -82.37
C ALA P 84 -43.79 -13.81 -82.46
N THR P 85 -43.14 -12.79 -81.90
CA THR P 85 -41.66 -12.74 -81.69
C THR P 85 -41.41 -12.95 -80.20
N TYR P 86 -40.46 -13.81 -79.87
CA TYR P 86 -40.09 -14.07 -78.47
C TYR P 86 -38.65 -13.59 -78.29
N TYR P 87 -38.46 -12.76 -77.26
CA TYR P 87 -37.20 -12.12 -76.85
C TYR P 87 -36.78 -12.68 -75.48
N CYS P 88 -35.52 -13.08 -75.34
CA CYS P 88 -34.92 -13.40 -74.03
C CYS P 88 -34.26 -12.13 -73.51
N GLN P 89 -34.00 -12.08 -72.20
CA GLN P 89 -33.44 -10.91 -71.48
C GLN P 89 -32.79 -11.34 -70.16
N GLN P 90 -31.52 -11.01 -70.02
CA GLN P 90 -30.71 -11.29 -68.81
C GLN P 90 -30.96 -10.15 -67.81
N SER P 91 -31.21 -10.53 -66.56
CA SER P 91 -31.44 -9.62 -65.40
C SER P 91 -30.32 -9.82 -64.36
N TYR P 92 -29.19 -10.38 -64.79
CA TYR P 92 -28.03 -10.74 -63.94
C TYR P 92 -27.10 -9.54 -63.75
N SER P 93 -26.99 -8.65 -64.75
CA SER P 93 -26.12 -7.44 -64.66
C SER P 93 -26.86 -6.24 -65.24
N SER P 94 -26.38 -5.05 -64.89
CA SER P 94 -26.81 -3.74 -65.44
C SER P 94 -25.77 -3.30 -66.45
N PRO P 95 -26.14 -2.82 -67.66
CA PRO P 95 -27.54 -2.73 -68.06
C PRO P 95 -28.13 -4.12 -68.33
N PRO P 96 -29.45 -4.32 -68.17
CA PRO P 96 -30.10 -5.56 -68.61
C PRO P 96 -30.11 -5.58 -70.14
N THR P 97 -30.02 -6.76 -70.77
CA THR P 97 -29.87 -6.85 -72.25
C THR P 97 -30.74 -7.97 -72.80
N PHE P 98 -31.26 -7.74 -74.01
CA PHE P 98 -32.24 -8.61 -74.72
C PHE P 98 -31.57 -9.31 -75.90
N GLY P 99 -32.03 -10.51 -76.23
CA GLY P 99 -31.64 -11.19 -77.47
C GLY P 99 -32.25 -10.52 -78.70
N PRO P 100 -31.86 -10.95 -79.91
CA PRO P 100 -32.33 -10.34 -81.15
C PRO P 100 -33.76 -10.80 -81.42
N GLY P 101 -34.25 -11.81 -80.72
CA GLY P 101 -35.64 -12.28 -80.87
C GLY P 101 -35.77 -13.39 -81.89
N THR P 102 -36.84 -14.19 -81.77
CA THR P 102 -37.21 -15.32 -82.65
C THR P 102 -38.68 -15.13 -83.09
N LYS P 103 -38.90 -14.80 -84.36
CA LYS P 103 -40.26 -14.70 -85.00
C LYS P 103 -40.75 -16.12 -85.21
N VAL P 104 -41.97 -16.40 -84.74
CA VAL P 104 -42.71 -17.67 -84.97
C VAL P 104 -43.92 -17.36 -85.86
N ASP P 105 -43.83 -17.77 -87.13
CA ASP P 105 -44.90 -17.58 -88.15
C ASP P 105 -45.62 -18.91 -88.38
N ILE P 106 -46.74 -18.88 -89.10
CA ILE P 106 -47.65 -20.04 -89.35
C ILE P 106 -47.07 -20.88 -90.48
N LYS P 107 -46.86 -22.18 -90.22
CA LYS P 107 -46.40 -23.15 -91.25
C LYS P 107 -47.51 -23.30 -92.29
N ARG P 108 -47.07 -23.47 -93.54
CA ARG P 108 -47.84 -23.41 -94.81
C ARG P 108 -47.02 -24.20 -95.84
N THR P 109 -47.64 -24.62 -96.94
CA THR P 109 -46.97 -25.30 -98.07
C THR P 109 -46.10 -24.26 -98.78
N VAL P 110 -44.97 -24.66 -99.38
CA VAL P 110 -44.03 -23.73 -100.04
C VAL P 110 -44.80 -22.99 -101.14
N ALA P 111 -44.52 -21.70 -101.33
CA ALA P 111 -45.08 -20.88 -102.42
C ALA P 111 -43.99 -20.00 -103.05
N ALA P 112 -43.76 -20.15 -104.36
CA ALA P 112 -42.78 -19.39 -105.15
C ALA P 112 -43.30 -17.96 -105.35
N PRO P 113 -42.44 -16.91 -105.34
CA PRO P 113 -42.89 -15.55 -105.63
C PRO P 113 -43.17 -15.26 -107.12
N SER P 114 -44.14 -14.37 -107.35
CA SER P 114 -44.40 -13.70 -108.65
C SER P 114 -43.56 -12.44 -108.69
N VAL P 115 -42.57 -12.38 -109.58
CA VAL P 115 -41.66 -11.21 -109.71
C VAL P 115 -42.24 -10.30 -110.79
N PHE P 116 -42.17 -8.98 -110.56
CA PHE P 116 -42.62 -7.91 -111.48
C PHE P 116 -41.57 -6.80 -111.44
N ILE P 117 -41.11 -6.34 -112.60
CA ILE P 117 -40.21 -5.16 -112.69
C ILE P 117 -41.04 -3.98 -113.19
N PHE P 118 -40.81 -2.80 -112.62
CA PHE P 118 -41.46 -1.52 -113.00
C PHE P 118 -40.36 -0.54 -113.41
N PRO P 119 -40.40 0.02 -114.63
CA PRO P 119 -39.49 1.11 -114.98
C PRO P 119 -39.89 2.36 -114.18
N PRO P 120 -39.08 3.42 -114.20
CA PRO P 120 -39.49 4.70 -113.63
C PRO P 120 -40.51 5.43 -114.53
N SER P 121 -41.50 6.07 -113.91
CA SER P 121 -42.41 7.04 -114.56
C SER P 121 -41.59 8.06 -115.37
N ASP P 122 -42.08 8.48 -116.53
CA ASP P 122 -41.51 9.60 -117.30
C ASP P 122 -41.68 10.89 -116.46
N GLU P 123 -42.80 11.01 -115.74
CA GLU P 123 -43.18 12.21 -114.93
C GLU P 123 -42.12 12.48 -113.84
N GLN P 124 -41.58 11.43 -113.22
CA GLN P 124 -40.56 11.59 -112.16
C GLN P 124 -39.24 11.97 -112.81
N LEU P 125 -38.91 11.36 -113.94
CA LEU P 125 -37.67 11.67 -114.69
C LEU P 125 -37.57 13.19 -114.93
N LYS P 126 -38.71 13.88 -115.06
CA LYS P 126 -38.82 15.36 -115.19
C LYS P 126 -38.28 16.05 -113.92
N SER P 127 -38.22 15.35 -112.78
CA SER P 127 -37.82 15.92 -111.46
C SER P 127 -36.29 15.82 -111.28
N GLY P 128 -35.63 14.83 -111.90
CA GLY P 128 -34.17 14.66 -111.88
C GLY P 128 -33.69 13.33 -111.33
N THR P 129 -34.57 12.48 -110.77
CA THR P 129 -34.20 11.13 -110.23
C THR P 129 -35.15 10.06 -110.76
N ALA P 130 -34.75 8.78 -110.64
CA ALA P 130 -35.46 7.61 -111.20
C ALA P 130 -35.48 6.41 -110.22
N SER P 131 -36.68 5.97 -109.83
CA SER P 131 -36.95 4.86 -108.87
C SER P 131 -37.43 3.63 -109.63
N VAL P 132 -36.61 2.58 -109.65
CA VAL P 132 -36.90 1.28 -110.32
C VAL P 132 -37.39 0.31 -109.23
N VAL P 133 -38.61 -0.20 -109.40
CA VAL P 133 -39.25 -1.07 -108.37
C VAL P 133 -39.23 -2.53 -108.86
N CYS P 134 -38.93 -3.45 -107.97
CA CYS P 134 -39.16 -4.91 -108.16
C CYS P 134 -40.11 -5.37 -107.06
N LEU P 135 -41.14 -6.14 -107.43
CA LEU P 135 -42.16 -6.71 -106.48
C LEU P 135 -42.05 -8.25 -106.48
N LEU P 136 -42.04 -8.85 -105.30
CA LEU P 136 -42.04 -10.32 -105.12
C LEU P 136 -43.35 -10.60 -104.41
N ASN P 137 -44.31 -11.21 -105.10
CA ASN P 137 -45.72 -11.27 -104.61
C ASN P 137 -46.02 -12.68 -104.08
N ASN P 138 -46.68 -12.72 -102.91
CA ASN P 138 -47.35 -13.90 -102.31
C ASN P 138 -46.46 -15.14 -102.33
N PHE P 139 -45.45 -15.16 -101.46
CA PHE P 139 -44.45 -16.27 -101.36
C PHE P 139 -44.35 -16.77 -99.91
N TYR P 140 -43.75 -17.95 -99.74
CA TYR P 140 -43.54 -18.61 -98.42
C TYR P 140 -42.45 -19.67 -98.56
N PRO P 141 -41.55 -19.83 -97.56
CA PRO P 141 -41.46 -18.93 -96.41
C PRO P 141 -40.76 -17.59 -96.68
N ARG P 142 -40.63 -16.76 -95.64
CA ARG P 142 -40.14 -15.35 -95.68
C ARG P 142 -38.76 -15.23 -96.36
N GLU P 143 -37.89 -16.22 -96.13
CA GLU P 143 -36.48 -16.25 -96.62
C GLU P 143 -36.46 -16.08 -98.14
N ALA P 144 -36.04 -14.91 -98.66
CA ALA P 144 -35.88 -14.60 -100.10
C ALA P 144 -34.96 -13.39 -100.31
N LYS P 145 -34.18 -13.35 -101.40
CA LYS P 145 -33.12 -12.34 -101.70
C LYS P 145 -33.36 -11.66 -103.05
N VAL P 146 -33.20 -10.33 -103.09
CA VAL P 146 -33.33 -9.47 -104.31
C VAL P 146 -31.93 -8.98 -104.69
N GLN P 147 -31.49 -9.22 -105.92
CA GLN P 147 -30.18 -8.75 -106.44
C GLN P 147 -30.46 -7.88 -107.67
N TRP P 148 -29.98 -6.63 -107.65
CA TRP P 148 -30.11 -5.68 -108.78
C TRP P 148 -28.88 -5.77 -109.68
N LYS P 149 -29.09 -5.78 -111.01
CA LYS P 149 -28.06 -5.89 -112.07
C LYS P 149 -28.36 -4.89 -113.19
N VAL P 150 -27.41 -3.98 -113.47
CA VAL P 150 -27.46 -3.00 -114.60
C VAL P 150 -26.37 -3.39 -115.61
N ASP P 151 -26.77 -3.88 -116.79
CA ASP P 151 -25.88 -4.49 -117.82
C ASP P 151 -25.15 -5.67 -117.17
N ASN P 152 -25.86 -6.47 -116.38
CA ASN P 152 -25.33 -7.61 -115.57
C ASN P 152 -24.22 -7.15 -114.60
N ALA P 153 -24.21 -5.87 -114.18
CA ALA P 153 -23.30 -5.30 -113.16
C ALA P 153 -24.02 -5.28 -111.80
N LEU P 154 -23.72 -6.29 -110.95
CA LEU P 154 -24.34 -6.49 -109.61
C LEU P 154 -24.31 -5.16 -108.86
N GLN P 155 -25.48 -4.59 -108.54
CA GLN P 155 -25.60 -3.31 -107.81
C GLN P 155 -25.75 -3.60 -106.32
N SER P 156 -25.54 -2.58 -105.48
CA SER P 156 -25.37 -2.70 -104.01
C SER P 156 -25.17 -1.32 -103.38
N GLY P 157 -25.99 -0.97 -102.39
CA GLY P 157 -25.94 0.32 -101.67
C GLY P 157 -27.08 1.26 -102.05
N ASN P 158 -27.60 1.17 -103.28
CA ASN P 158 -28.65 2.08 -103.84
C ASN P 158 -30.05 1.48 -103.71
N SER P 159 -30.16 0.24 -103.20
CA SER P 159 -31.43 -0.52 -102.99
C SER P 159 -31.97 -0.29 -101.57
N GLN P 160 -33.25 -0.62 -101.37
CA GLN P 160 -33.99 -0.63 -100.07
C GLN P 160 -35.19 -1.56 -100.24
N GLU P 161 -35.32 -2.57 -99.37
CA GLU P 161 -36.47 -3.52 -99.35
C GLU P 161 -37.60 -2.97 -98.46
N SER P 162 -38.63 -3.77 -98.25
CA SER P 162 -39.70 -3.61 -97.23
C SER P 162 -40.65 -4.80 -97.39
N VAL P 163 -41.28 -5.24 -96.30
CA VAL P 163 -42.00 -6.55 -96.28
C VAL P 163 -43.37 -6.43 -95.60
N THR P 164 -44.33 -7.19 -96.11
CA THR P 164 -45.71 -7.31 -95.56
C THR P 164 -45.61 -8.23 -94.35
N GLU P 165 -46.52 -8.13 -93.38
CA GLU P 165 -46.59 -9.15 -92.29
C GLU P 165 -47.33 -10.36 -92.90
N GLN P 166 -47.13 -11.54 -92.32
CA GLN P 166 -47.72 -12.81 -92.82
C GLN P 166 -49.21 -12.56 -93.05
N ASP P 167 -49.70 -12.88 -94.25
CA ASP P 167 -51.08 -12.55 -94.69
C ASP P 167 -52.10 -13.26 -93.81
N SER P 168 -53.13 -12.53 -93.36
CA SER P 168 -54.21 -13.10 -92.49
C SER P 168 -55.06 -14.09 -93.28
N LYS P 169 -55.13 -13.98 -94.62
CA LYS P 169 -55.96 -14.89 -95.48
C LYS P 169 -55.10 -16.07 -95.95
N ASP P 170 -54.00 -15.86 -96.68
CA ASP P 170 -53.25 -16.97 -97.33
C ASP P 170 -51.92 -17.27 -96.63
N SER P 171 -51.56 -16.57 -95.56
CA SER P 171 -50.32 -16.78 -94.75
C SER P 171 -49.09 -16.69 -95.64
N THR P 172 -49.06 -15.78 -96.63
CA THR P 172 -47.91 -15.53 -97.54
C THR P 172 -47.24 -14.20 -97.17
N TYR P 173 -46.09 -13.94 -97.79
CA TYR P 173 -45.32 -12.68 -97.65
C TYR P 173 -45.16 -12.08 -99.03
N SER P 174 -45.16 -10.75 -99.10
CA SER P 174 -44.81 -9.95 -100.31
C SER P 174 -43.71 -8.96 -99.92
N LEU P 175 -42.81 -8.63 -100.84
CA LEU P 175 -41.60 -7.79 -100.61
C LEU P 175 -41.46 -6.76 -101.74
N SER P 176 -41.17 -5.50 -101.38
CA SER P 176 -40.95 -4.39 -102.34
C SER P 176 -39.49 -3.98 -102.23
N SER P 177 -38.76 -3.92 -103.35
CA SER P 177 -37.39 -3.35 -103.43
C SER P 177 -37.40 -2.15 -104.36
N THR P 178 -36.86 -1.01 -103.89
CA THR P 178 -36.72 0.25 -104.67
C THR P 178 -35.23 0.50 -104.90
N LEU P 179 -34.81 0.52 -106.17
CA LEU P 179 -33.47 0.95 -106.64
C LEU P 179 -33.58 2.44 -107.04
N THR P 180 -32.77 3.32 -106.47
CA THR P 180 -32.83 4.78 -106.76
C THR P 180 -31.51 5.26 -107.40
N LEU P 181 -31.63 5.83 -108.59
CA LEU P 181 -30.54 6.47 -109.38
C LEU P 181 -31.07 7.81 -109.91
N SER P 182 -30.23 8.84 -109.96
CA SER P 182 -30.56 10.16 -110.59
C SER P 182 -30.60 9.98 -112.12
N LYS P 183 -31.33 10.87 -112.79
CA LYS P 183 -31.60 10.82 -114.25
C LYS P 183 -30.29 10.57 -115.01
N ALA P 184 -29.18 11.17 -114.56
CA ALA P 184 -27.83 11.01 -115.12
C ALA P 184 -27.52 9.52 -115.29
N ASP P 185 -27.38 8.81 -114.16
CA ASP P 185 -26.93 7.39 -114.09
C ASP P 185 -27.94 6.50 -114.82
N TYR P 186 -29.23 6.83 -114.71
CA TYR P 186 -30.34 6.12 -115.40
C TYR P 186 -30.08 6.15 -116.91
N GLU P 187 -29.86 7.36 -117.46
CA GLU P 187 -29.60 7.61 -118.90
C GLU P 187 -28.37 6.81 -119.34
N LYS P 188 -27.31 6.76 -118.53
CA LYS P 188 -26.00 6.11 -118.83
C LYS P 188 -26.21 4.74 -119.52
N HIS P 189 -26.80 3.75 -118.85
CA HIS P 189 -26.96 2.34 -119.31
C HIS P 189 -28.40 2.06 -119.71
N LYS P 190 -28.73 0.79 -120.02
CA LYS P 190 -30.14 0.35 -120.27
C LYS P 190 -30.27 -1.18 -120.36
N VAL P 191 -30.06 -1.91 -119.26
CA VAL P 191 -30.51 -3.33 -119.06
C VAL P 191 -30.73 -3.56 -117.55
N TYR P 192 -31.83 -3.04 -117.01
CA TYR P 192 -32.17 -3.11 -115.56
C TYR P 192 -32.88 -4.43 -115.29
N ALA P 193 -32.30 -5.22 -114.38
CA ALA P 193 -32.75 -6.58 -114.04
C ALA P 193 -32.83 -6.72 -112.52
N CYS P 194 -33.91 -7.37 -112.07
CA CYS P 194 -34.18 -7.82 -110.70
C CYS P 194 -33.98 -9.34 -110.73
N GLU P 195 -32.95 -9.87 -110.05
CA GLU P 195 -32.76 -11.34 -109.92
C GLU P 195 -33.23 -11.75 -108.51
N VAL P 196 -34.00 -12.82 -108.43
CA VAL P 196 -34.72 -13.24 -107.18
C VAL P 196 -34.23 -14.62 -106.77
N THR P 197 -34.04 -14.85 -105.48
CA THR P 197 -33.60 -16.17 -104.94
C THR P 197 -34.57 -16.56 -103.82
N HIS P 198 -35.34 -17.64 -104.02
CA HIS P 198 -36.33 -18.15 -103.03
C HIS P 198 -36.30 -19.69 -102.99
N GLN P 199 -36.38 -20.25 -101.78
CA GLN P 199 -36.39 -21.71 -101.51
C GLN P 199 -37.40 -22.44 -102.42
N GLY P 200 -38.43 -21.75 -102.93
CA GLY P 200 -39.57 -22.32 -103.67
C GLY P 200 -39.40 -22.27 -105.18
N LEU P 201 -38.41 -21.51 -105.67
CA LEU P 201 -38.00 -21.49 -107.10
C LEU P 201 -36.80 -22.43 -107.25
N SER P 202 -36.94 -23.50 -108.05
CA SER P 202 -35.87 -24.49 -108.37
C SER P 202 -34.58 -23.72 -108.65
N SER P 203 -34.64 -22.86 -109.66
CA SER P 203 -33.51 -22.02 -110.09
C SER P 203 -33.90 -20.56 -109.91
N PRO P 204 -32.95 -19.68 -109.49
CA PRO P 204 -33.20 -18.23 -109.44
C PRO P 204 -33.69 -17.60 -110.76
N VAL P 205 -34.51 -16.55 -110.65
CA VAL P 205 -35.36 -15.95 -111.74
C VAL P 205 -34.90 -14.50 -111.99
N THR P 206 -35.10 -14.01 -113.22
CA THR P 206 -34.82 -12.62 -113.66
C THR P 206 -36.06 -12.06 -114.37
N LYS P 207 -36.46 -10.82 -114.03
CA LYS P 207 -37.39 -9.96 -114.81
C LYS P 207 -36.62 -8.66 -115.08
N SER P 208 -36.65 -8.16 -116.32
CA SER P 208 -35.80 -7.03 -116.82
C SER P 208 -36.47 -6.22 -117.92
N PHE P 209 -35.85 -5.10 -118.29
CA PHE P 209 -36.35 -4.14 -119.31
C PHE P 209 -35.17 -3.24 -119.77
N ASN P 210 -35.41 -2.39 -120.77
CA ASN P 210 -34.39 -1.53 -121.43
C ASN P 210 -35.02 -0.19 -121.83
N ARG P 211 -34.34 0.94 -121.57
CA ARG P 211 -34.72 2.33 -121.96
C ARG P 211 -34.15 3.30 -120.91
N VAL Q 2 36.75 -11.76 -74.78
CA VAL Q 2 36.09 -12.87 -74.02
C VAL Q 2 36.37 -14.18 -74.75
N GLN Q 3 36.91 -15.18 -74.05
CA GLN Q 3 37.31 -16.46 -74.68
C GLN Q 3 37.18 -17.60 -73.66
N LEU Q 4 36.49 -18.68 -74.04
CA LEU Q 4 36.43 -19.97 -73.32
C LEU Q 4 37.03 -21.05 -74.22
N VAL Q 5 37.91 -21.91 -73.71
CA VAL Q 5 38.60 -22.94 -74.54
C VAL Q 5 38.48 -24.28 -73.81
N GLU Q 6 37.82 -25.26 -74.44
CA GLU Q 6 37.64 -26.61 -73.84
C GLU Q 6 38.86 -27.47 -74.18
N SER Q 7 39.09 -28.51 -73.36
CA SER Q 7 40.17 -29.52 -73.52
C SER Q 7 39.79 -30.79 -72.75
N GLY Q 8 40.23 -31.95 -73.22
CA GLY Q 8 40.19 -33.22 -72.47
C GLY Q 8 39.32 -34.27 -73.15
N GLY Q 9 38.61 -33.87 -74.21
CA GLY Q 9 37.81 -34.78 -75.05
C GLY Q 9 38.62 -35.99 -75.45
N GLY Q 10 37.95 -37.01 -75.98
CA GLY Q 10 38.63 -38.21 -76.51
C GLY Q 10 37.65 -39.35 -76.65
N VAL Q 11 38.19 -40.55 -76.88
CA VAL Q 11 37.39 -41.81 -76.92
C VAL Q 11 37.64 -42.50 -75.59
N VAL Q 12 36.64 -43.22 -75.10
CA VAL Q 12 36.69 -43.87 -73.76
C VAL Q 12 35.57 -44.91 -73.67
N GLN Q 13 35.82 -45.93 -72.84
CA GLN Q 13 34.98 -47.12 -72.58
C GLN Q 13 33.84 -46.73 -71.63
N PRO Q 14 32.62 -47.30 -71.81
CA PRO Q 14 31.54 -47.16 -70.82
C PRO Q 14 32.00 -47.63 -69.44
N GLY Q 15 31.67 -46.86 -68.39
CA GLY Q 15 32.02 -47.19 -67.00
C GLY Q 15 33.29 -46.49 -66.53
N ARG Q 16 34.17 -46.08 -67.46
CA ARG Q 16 35.41 -45.31 -67.17
C ARG Q 16 35.03 -43.84 -66.94
N SER Q 17 35.95 -43.04 -66.40
CA SER Q 17 35.70 -41.61 -66.09
C SER Q 17 36.72 -40.72 -66.80
N LEU Q 18 36.26 -39.56 -67.26
CA LEU Q 18 37.06 -38.57 -68.04
C LEU Q 18 36.84 -37.18 -67.44
N ARG Q 19 37.90 -36.37 -67.39
CA ARG Q 19 37.84 -34.96 -66.91
C ARG Q 19 37.97 -33.98 -68.08
N LEU Q 20 36.95 -33.16 -68.31
CA LEU Q 20 36.99 -31.98 -69.21
C LEU Q 20 37.46 -30.77 -68.39
N SER Q 21 38.07 -29.82 -69.07
CA SER Q 21 38.71 -28.59 -68.52
C SER Q 21 38.27 -27.45 -69.43
N CYS Q 22 38.14 -26.23 -68.91
CA CYS Q 22 37.78 -25.03 -69.71
C CYS Q 22 38.57 -23.83 -69.20
N ALA Q 23 39.33 -23.19 -70.08
CA ALA Q 23 40.23 -22.05 -69.78
C ALA Q 23 39.51 -20.77 -70.23
N ALA Q 24 39.43 -19.78 -69.33
CA ALA Q 24 38.60 -18.58 -69.48
C ALA Q 24 39.47 -17.33 -69.42
N SER Q 25 39.22 -16.35 -70.29
CA SER Q 25 39.97 -15.06 -70.32
C SER Q 25 39.07 -13.91 -70.79
N GLY Q 26 39.46 -12.67 -70.48
CA GLY Q 26 38.83 -11.41 -70.96
C GLY Q 26 37.53 -11.05 -70.25
N PHE Q 27 37.28 -11.61 -69.07
CA PHE Q 27 36.16 -11.18 -68.19
C PHE Q 27 36.53 -11.61 -66.78
N THR Q 28 35.76 -11.17 -65.80
CA THR Q 28 35.98 -11.52 -64.38
C THR Q 28 35.33 -12.89 -64.14
N PHE Q 29 36.14 -13.95 -64.29
CA PHE Q 29 35.73 -15.37 -64.14
C PHE Q 29 34.95 -15.51 -62.83
N SER Q 30 35.58 -15.08 -61.72
CA SER Q 30 35.12 -15.26 -60.32
C SER Q 30 33.83 -14.48 -60.04
N SER Q 31 33.32 -13.71 -60.99
CA SER Q 31 32.08 -12.90 -60.82
C SER Q 31 30.93 -13.49 -61.65
N SER Q 32 31.17 -14.57 -62.41
CA SER Q 32 30.11 -15.29 -63.16
C SER Q 32 29.92 -16.71 -62.64
N ALA Q 33 28.67 -17.18 -62.67
CA ALA Q 33 28.33 -18.62 -62.58
C ALA Q 33 28.66 -19.22 -63.95
N MET Q 34 29.11 -20.48 -64.00
CA MET Q 34 29.51 -21.16 -65.26
C MET Q 34 28.70 -22.45 -65.40
N HIS Q 35 28.50 -22.89 -66.64
CA HIS Q 35 27.66 -24.06 -67.00
C HIS Q 35 28.43 -25.01 -67.92
N TRP Q 36 27.98 -26.26 -68.02
CA TRP Q 36 28.29 -27.17 -69.15
C TRP Q 36 26.97 -27.50 -69.85
N VAL Q 37 26.98 -27.40 -71.19
CA VAL Q 37 25.86 -27.77 -72.10
C VAL Q 37 26.41 -28.71 -73.17
N ARG Q 38 25.70 -29.80 -73.45
CA ARG Q 38 26.18 -30.87 -74.36
C ARG Q 38 25.22 -31.00 -75.55
N GLN Q 39 25.78 -31.49 -76.66
CA GLN Q 39 25.12 -31.74 -77.97
C GLN Q 39 25.62 -33.07 -78.53
N ALA Q 40 24.80 -34.13 -78.45
CA ALA Q 40 25.10 -35.45 -79.05
C ALA Q 40 25.13 -35.29 -80.56
N PRO Q 41 25.80 -36.20 -81.32
CA PRO Q 41 26.01 -35.97 -82.75
C PRO Q 41 24.64 -35.91 -83.46
N GLY Q 42 24.45 -34.83 -84.24
CA GLY Q 42 23.28 -34.56 -85.11
C GLY Q 42 22.05 -34.11 -84.35
N LYS Q 43 22.10 -34.04 -83.01
CA LYS Q 43 20.93 -33.75 -82.16
C LYS Q 43 21.01 -32.32 -81.61
N GLY Q 44 20.15 -31.99 -80.63
CA GLY Q 44 20.02 -30.65 -80.04
C GLY Q 44 20.79 -30.47 -78.74
N LEU Q 45 20.65 -29.28 -78.17
CA LEU Q 45 21.37 -28.85 -76.94
C LEU Q 45 20.57 -29.26 -75.70
N GLU Q 46 21.23 -29.94 -74.75
CA GLU Q 46 20.67 -30.19 -73.39
C GLU Q 46 21.65 -29.62 -72.35
N TRP Q 47 21.15 -28.84 -71.38
CA TRP Q 47 21.93 -28.30 -70.24
C TRP Q 47 22.32 -29.44 -69.30
N VAL Q 48 23.51 -29.36 -68.69
CA VAL Q 48 24.09 -30.48 -67.90
C VAL Q 48 24.28 -30.05 -66.45
N ALA Q 49 24.90 -28.89 -66.21
CA ALA Q 49 25.29 -28.46 -64.85
C ALA Q 49 25.56 -26.94 -64.80
N VAL Q 50 25.48 -26.41 -63.58
CA VAL Q 50 25.77 -24.97 -63.30
C VAL Q 50 26.56 -24.93 -61.99
N ILE Q 51 27.56 -24.06 -61.91
CA ILE Q 51 28.30 -23.89 -60.63
C ILE Q 51 28.16 -22.41 -60.24
N SER Q 52 28.33 -22.09 -58.97
CA SER Q 52 28.26 -20.70 -58.48
C SER Q 52 29.62 -20.01 -58.69
N TYR Q 53 29.66 -18.69 -58.57
CA TYR Q 53 30.91 -17.92 -58.72
C TYR Q 53 31.94 -18.40 -57.70
N ASP Q 54 31.46 -18.94 -56.59
CA ASP Q 54 32.32 -19.40 -55.47
C ASP Q 54 32.83 -20.80 -55.79
N GLY Q 55 32.08 -21.57 -56.57
CA GLY Q 55 32.44 -22.97 -56.79
C GLY Q 55 32.01 -23.78 -55.60
N ASN Q 56 31.09 -23.22 -54.81
CA ASN Q 56 30.71 -23.87 -53.54
C ASN Q 56 29.30 -24.40 -53.67
N ASN Q 57 28.66 -24.18 -54.81
CA ASN Q 57 27.23 -24.57 -54.97
C ASN Q 57 27.03 -25.08 -56.40
N GLN Q 58 26.44 -26.26 -56.56
CA GLN Q 58 26.33 -26.89 -57.91
C GLN Q 58 24.96 -27.56 -58.11
N LEU Q 59 24.39 -27.45 -59.31
CA LEU Q 59 23.08 -28.06 -59.66
C LEU Q 59 23.24 -28.75 -61.01
N TYR Q 60 22.53 -29.87 -61.20
CA TYR Q 60 22.71 -30.81 -62.34
C TYR Q 60 21.36 -31.10 -62.98
N ALA Q 61 21.35 -31.43 -64.27
CA ALA Q 61 20.18 -31.94 -65.01
C ALA Q 61 19.85 -33.35 -64.51
N ASP Q 62 18.56 -33.71 -64.45
CA ASP Q 62 18.11 -35.06 -64.02
C ASP Q 62 18.87 -36.14 -64.79
N SER Q 63 19.07 -35.94 -66.10
CA SER Q 63 19.77 -36.89 -67.00
C SER Q 63 21.20 -37.22 -66.54
N VAL Q 64 21.89 -36.34 -65.79
CA VAL Q 64 23.35 -36.50 -65.48
C VAL Q 64 23.62 -36.56 -63.97
N LYS Q 65 22.60 -36.39 -63.11
CA LYS Q 65 22.83 -36.33 -61.65
C LYS Q 65 23.43 -37.67 -61.20
N GLY Q 66 24.33 -37.62 -60.22
CA GLY Q 66 24.96 -38.80 -59.60
C GLY Q 66 26.24 -39.24 -60.31
N ARG Q 67 26.48 -38.73 -61.52
CA ARG Q 67 27.56 -39.20 -62.41
C ARG Q 67 28.46 -38.04 -62.85
N LEU Q 68 27.91 -36.83 -63.02
CA LEU Q 68 28.73 -35.67 -63.40
C LEU Q 68 28.92 -34.76 -62.19
N THR Q 69 30.16 -34.30 -62.00
CA THR Q 69 30.55 -33.31 -60.97
C THR Q 69 31.17 -32.11 -61.70
N ILE Q 70 30.49 -30.98 -61.61
CA ILE Q 70 31.06 -29.67 -62.04
C ILE Q 70 31.89 -29.14 -60.86
N SER Q 71 33.01 -28.48 -61.17
CA SER Q 71 33.87 -27.80 -60.19
C SER Q 71 34.70 -26.73 -60.91
N ARG Q 72 35.35 -25.83 -60.17
CA ARG Q 72 36.15 -24.74 -60.77
C ARG Q 72 37.32 -24.40 -59.84
N ASP Q 73 38.28 -23.62 -60.35
CA ASP Q 73 39.44 -23.08 -59.61
C ASP Q 73 39.63 -21.64 -60.09
N ASN Q 74 39.19 -20.67 -59.29
CA ASN Q 74 39.25 -19.23 -59.67
C ASN Q 74 40.70 -18.73 -59.64
N SER Q 75 41.56 -19.36 -58.83
CA SER Q 75 43.03 -19.14 -58.83
C SER Q 75 43.56 -19.33 -60.25
N LYS Q 76 43.14 -20.40 -60.94
CA LYS Q 76 43.68 -20.86 -62.26
C LYS Q 76 42.70 -20.52 -63.41
N ASN Q 77 41.66 -19.74 -63.17
CA ASN Q 77 40.64 -19.32 -64.19
C ASN Q 77 40.11 -20.53 -64.96
N ALA Q 78 39.82 -21.62 -64.26
CA ALA Q 78 39.46 -22.93 -64.84
C ALA Q 78 38.11 -23.42 -64.29
N LEU Q 79 37.34 -24.04 -65.17
CA LEU Q 79 36.08 -24.77 -64.85
C LEU Q 79 36.30 -26.23 -65.28
N TYR Q 80 35.79 -27.19 -64.52
CA TYR Q 80 35.96 -28.63 -64.84
C TYR Q 80 34.60 -29.33 -64.87
N LEU Q 81 34.49 -30.35 -65.72
CA LEU Q 81 33.43 -31.37 -65.65
C LEU Q 81 34.13 -32.72 -65.41
N GLN Q 82 33.60 -33.52 -64.50
CA GLN Q 82 34.10 -34.87 -64.16
C GLN Q 82 32.97 -35.86 -64.47
N LEU Q 83 33.22 -36.71 -65.47
CA LEU Q 83 32.23 -37.68 -66.02
C LEU Q 83 32.63 -39.06 -65.50
N ASN Q 84 31.75 -39.74 -64.76
CA ASN Q 84 32.00 -41.06 -64.16
C ASN Q 84 30.90 -42.01 -64.61
N SER Q 85 31.10 -43.32 -64.44
CA SER Q 85 30.13 -44.37 -64.83
C SER Q 85 29.45 -43.95 -66.14
N LEU Q 86 30.25 -43.60 -67.15
CA LEU Q 86 29.81 -43.08 -68.47
C LEU Q 86 28.98 -44.12 -69.24
N ARG Q 87 28.01 -43.67 -70.02
CA ARG Q 87 27.20 -44.54 -70.90
C ARG Q 87 27.39 -44.07 -72.35
N THR Q 88 27.00 -44.89 -73.33
CA THR Q 88 27.15 -44.58 -74.77
C THR Q 88 26.38 -43.29 -75.12
N GLU Q 89 25.23 -43.03 -74.48
CA GLU Q 89 24.34 -41.88 -74.83
C GLU Q 89 24.85 -40.60 -74.15
N ASP Q 90 25.94 -40.65 -73.39
CA ASP Q 90 26.67 -39.44 -72.93
C ASP Q 90 27.63 -38.95 -74.03
N THR Q 91 27.74 -39.67 -75.15
CA THR Q 91 28.61 -39.31 -76.30
C THR Q 91 28.07 -37.98 -76.84
N ALA Q 92 28.86 -36.92 -76.70
CA ALA Q 92 28.45 -35.60 -77.20
C ALA Q 92 29.66 -34.69 -77.34
N VAL Q 93 29.44 -33.54 -77.97
CA VAL Q 93 30.28 -32.31 -77.81
C VAL Q 93 29.84 -31.67 -76.50
N TYR Q 94 30.79 -31.28 -75.65
CA TYR Q 94 30.54 -30.65 -74.32
C TYR Q 94 31.01 -29.20 -74.38
N PHE Q 95 30.08 -28.24 -74.36
CA PHE Q 95 30.37 -26.79 -74.33
C PHE Q 95 30.35 -26.24 -72.89
N CYS Q 96 31.51 -25.74 -72.47
CA CYS Q 96 31.71 -24.75 -71.39
C CYS Q 96 30.98 -23.47 -71.80
N ALA Q 97 30.20 -22.83 -70.91
CA ALA Q 97 29.37 -21.65 -71.23
C ALA Q 97 29.09 -20.80 -69.99
N ARG Q 98 29.17 -19.47 -70.14
CA ARG Q 98 29.01 -18.48 -69.07
C ARG Q 98 27.51 -18.23 -68.83
N ASP Q 99 27.11 -18.30 -67.56
CA ASP Q 99 25.78 -17.84 -67.09
C ASP Q 99 25.57 -16.38 -67.52
N GLY Q 100 24.35 -16.03 -67.93
CA GLY Q 100 24.03 -14.68 -68.41
C GLY Q 100 23.57 -13.78 -67.28
N GLY Q 101 23.66 -14.22 -66.02
CA GLY Q 101 23.35 -13.42 -64.83
C GLY Q 101 22.15 -13.91 -64.02
N GLY Q 102 21.29 -14.76 -64.59
CA GLY Q 102 20.07 -15.24 -63.91
C GLY Q 102 20.31 -16.41 -62.94
N TYR Q 103 21.56 -16.78 -62.64
CA TYR Q 103 21.90 -17.97 -61.80
C TYR Q 103 21.04 -17.98 -60.53
N SER Q 104 21.08 -16.86 -59.79
CA SER Q 104 20.47 -16.77 -58.44
C SER Q 104 18.96 -17.01 -58.49
N PHE Q 105 18.29 -16.70 -59.61
CA PHE Q 105 16.82 -16.86 -59.73
C PHE Q 105 16.45 -18.24 -60.32
N GLY Q 106 17.45 -19.06 -60.68
CA GLY Q 106 17.23 -20.37 -61.32
C GLY Q 106 16.75 -20.21 -62.77
N THR Q 107 17.10 -19.08 -63.38
CA THR Q 107 16.70 -18.68 -64.75
C THR Q 107 17.98 -18.63 -65.59
N TYR Q 108 18.35 -19.75 -66.22
CA TYR Q 108 19.68 -19.96 -66.83
C TYR Q 108 19.64 -19.64 -68.33
N PHE Q 109 20.48 -18.71 -68.78
CA PHE Q 109 20.76 -18.50 -70.22
C PHE Q 109 22.26 -18.26 -70.37
N PHE Q 110 22.77 -18.41 -71.60
CA PHE Q 110 24.22 -18.59 -71.88
C PHE Q 110 24.71 -17.51 -72.84
N ASP Q 111 25.34 -16.45 -72.33
CA ASP Q 111 25.71 -15.26 -73.13
C ASP Q 111 27.05 -15.46 -73.86
N PHE Q 112 27.76 -16.56 -73.65
CA PHE Q 112 29.03 -16.81 -74.39
C PHE Q 112 29.46 -18.26 -74.19
N TRP Q 113 29.71 -18.96 -75.31
CA TRP Q 113 30.08 -20.41 -75.36
C TRP Q 113 31.54 -20.60 -75.82
N GLY Q 114 32.18 -21.67 -75.34
CA GLY Q 114 33.42 -22.23 -75.89
C GLY Q 114 33.12 -23.08 -77.13
N GLN Q 115 34.12 -23.37 -77.95
CA GLN Q 115 33.94 -24.08 -79.25
C GLN Q 115 33.64 -25.56 -78.99
N GLY Q 116 33.84 -26.07 -77.77
CA GLY Q 116 33.38 -27.41 -77.38
C GLY Q 116 34.49 -28.44 -77.43
N THR Q 117 34.23 -29.63 -76.88
CA THR Q 117 35.18 -30.78 -76.86
C THR Q 117 34.33 -32.04 -77.00
N LEU Q 118 34.76 -32.98 -77.86
CA LEU Q 118 33.97 -34.20 -78.15
C LEU Q 118 34.41 -35.32 -77.21
N VAL Q 119 33.40 -36.01 -76.67
CA VAL Q 119 33.55 -37.23 -75.83
C VAL Q 119 32.80 -38.36 -76.56
N THR Q 120 33.53 -39.40 -76.96
CA THR Q 120 32.95 -40.63 -77.55
C THR Q 120 33.06 -41.74 -76.51
N VAL Q 121 31.94 -42.38 -76.19
CA VAL Q 121 31.85 -43.47 -75.17
C VAL Q 121 31.43 -44.73 -75.93
N SER Q 122 32.36 -45.67 -76.09
CA SER Q 122 32.17 -46.93 -76.85
C SER Q 122 33.18 -47.97 -76.36
N SER Q 123 32.77 -49.24 -76.40
CA SER Q 123 33.54 -50.40 -75.90
C SER Q 123 34.49 -50.91 -77.00
N ALA Q 124 34.22 -50.53 -78.26
CA ALA Q 124 34.99 -50.98 -79.45
C ALA Q 124 36.49 -50.70 -79.25
N SER Q 125 37.34 -51.53 -79.85
CA SER Q 125 38.82 -51.39 -79.87
C SER Q 125 39.26 -50.89 -81.25
N THR Q 126 40.31 -50.06 -81.28
CA THR Q 126 40.92 -49.46 -82.50
C THR Q 126 41.11 -50.54 -83.58
N LYS Q 127 40.36 -50.45 -84.69
CA LYS Q 127 40.38 -51.43 -85.81
C LYS Q 127 40.37 -50.68 -87.15
N GLY Q 128 41.39 -50.90 -88.00
CA GLY Q 128 41.56 -50.33 -89.34
C GLY Q 128 40.42 -50.75 -90.27
N PRO Q 129 40.12 -49.98 -91.34
CA PRO Q 129 38.98 -50.32 -92.22
C PRO Q 129 39.31 -51.40 -93.26
N SER Q 130 38.28 -52.15 -93.67
CA SER Q 130 38.19 -52.90 -94.94
C SER Q 130 37.54 -51.98 -95.97
N VAL Q 131 38.00 -52.01 -97.21
CA VAL Q 131 37.48 -51.17 -98.33
C VAL Q 131 36.90 -52.14 -99.38
N PHE Q 132 35.71 -51.84 -99.89
CA PHE Q 132 35.02 -52.64 -100.94
C PHE Q 132 34.61 -51.66 -102.03
N PRO Q 133 34.78 -52.01 -103.32
CA PRO Q 133 34.45 -51.09 -104.42
C PRO Q 133 32.96 -51.05 -104.79
N LEU Q 134 32.40 -49.83 -104.88
CA LEU Q 134 31.06 -49.57 -105.49
C LEU Q 134 31.32 -49.32 -106.96
N ALA Q 135 31.05 -50.32 -107.81
CA ALA Q 135 31.41 -50.40 -109.24
C ALA Q 135 30.37 -49.71 -110.12
N PRO Q 136 30.77 -49.11 -111.27
CA PRO Q 136 29.81 -48.60 -112.27
C PRO Q 136 28.95 -49.68 -112.96
N THR Q 145 27.65 -38.19 -115.74
CA THR Q 145 27.31 -39.31 -116.68
C THR Q 145 27.20 -40.61 -115.87
N ALA Q 146 28.30 -41.06 -115.23
CA ALA Q 146 28.41 -42.32 -114.45
C ALA Q 146 28.88 -42.01 -113.02
N ALA Q 147 28.65 -42.93 -112.07
CA ALA Q 147 29.10 -42.83 -110.66
C ALA Q 147 29.76 -44.14 -110.19
N LEU Q 148 30.94 -44.02 -109.57
CA LEU Q 148 31.67 -45.10 -108.86
C LEU Q 148 31.96 -44.60 -107.44
N GLY Q 149 32.70 -45.36 -106.64
CA GLY Q 149 33.04 -44.98 -105.26
C GLY Q 149 33.62 -46.13 -104.47
N CYS Q 150 33.93 -45.89 -103.19
CA CYS Q 150 34.46 -46.88 -102.23
C CYS Q 150 33.52 -46.92 -101.02
N LEU Q 151 33.48 -48.07 -100.35
CA LEU Q 151 32.89 -48.25 -99.01
C LEU Q 151 34.07 -48.43 -98.05
N VAL Q 152 34.18 -47.55 -97.04
CA VAL Q 152 35.11 -47.73 -95.90
C VAL Q 152 34.24 -48.27 -94.77
N LYS Q 153 34.40 -49.54 -94.41
CA LYS Q 153 33.51 -50.26 -93.46
C LYS Q 153 34.30 -50.60 -92.19
N ASP Q 154 33.61 -50.60 -91.05
CA ASP Q 154 34.01 -51.33 -89.83
C ASP Q 154 35.38 -50.83 -89.36
N TYR Q 155 35.50 -49.53 -89.13
CA TYR Q 155 36.72 -48.89 -88.55
C TYR Q 155 36.36 -48.18 -87.24
N PHE Q 156 37.39 -47.88 -86.45
CA PHE Q 156 37.28 -47.20 -85.12
C PHE Q 156 38.66 -46.80 -84.62
N PRO Q 157 38.85 -45.61 -84.00
CA PRO Q 157 37.80 -44.60 -83.86
C PRO Q 157 37.65 -43.76 -85.15
N GLU Q 158 37.03 -42.59 -85.05
CA GLU Q 158 37.04 -41.57 -86.14
C GLU Q 158 38.37 -40.82 -86.08
N PRO Q 159 38.76 -40.05 -87.13
CA PRO Q 159 38.16 -40.11 -88.46
C PRO Q 159 38.90 -41.01 -89.48
N VAL Q 160 38.42 -41.07 -90.73
CA VAL Q 160 39.18 -41.58 -91.92
C VAL Q 160 39.28 -40.45 -92.95
N THR Q 161 40.43 -40.32 -93.62
CA THR Q 161 40.67 -39.37 -94.74
C THR Q 161 40.69 -40.15 -96.06
N VAL Q 162 40.08 -39.62 -97.12
CA VAL Q 162 40.00 -40.30 -98.45
C VAL Q 162 40.44 -39.32 -99.56
N SER Q 163 41.12 -39.87 -100.57
CA SER Q 163 41.48 -39.20 -101.85
C SER Q 163 41.29 -40.18 -103.00
N TRP Q 164 41.25 -39.68 -104.24
CA TRP Q 164 41.14 -40.46 -105.50
C TRP Q 164 42.34 -40.17 -106.41
N ASN Q 165 42.99 -41.24 -106.88
CA ASN Q 165 44.22 -41.20 -107.74
C ASN Q 165 45.27 -40.30 -107.06
N SER Q 166 45.40 -40.43 -105.74
CA SER Q 166 46.39 -39.77 -104.85
C SER Q 166 46.24 -38.24 -104.87
N GLY Q 167 45.02 -37.72 -105.10
CA GLY Q 167 44.72 -36.27 -105.09
C GLY Q 167 44.54 -35.68 -106.48
N ALA Q 168 44.80 -36.47 -107.52
CA ALA Q 168 44.67 -36.07 -108.94
C ALA Q 168 43.20 -36.03 -109.36
N LEU Q 169 42.28 -36.67 -108.63
CA LEU Q 169 40.82 -36.55 -108.89
C LEU Q 169 40.11 -35.97 -107.65
N THR Q 170 39.58 -34.76 -107.82
CA THR Q 170 38.90 -33.94 -106.79
C THR Q 170 37.52 -33.46 -107.30
N SER Q 171 37.39 -33.18 -108.58
CA SER Q 171 36.14 -32.67 -109.23
C SER Q 171 35.04 -33.74 -109.18
N GLY Q 172 33.85 -33.38 -108.66
CA GLY Q 172 32.61 -34.21 -108.64
C GLY Q 172 32.59 -35.25 -107.53
N VAL Q 173 33.57 -35.19 -106.61
CA VAL Q 173 33.73 -36.14 -105.47
C VAL Q 173 32.83 -35.67 -104.32
N HIS Q 174 32.18 -36.64 -103.68
CA HIS Q 174 31.46 -36.52 -102.39
C HIS Q 174 31.94 -37.63 -101.44
N THR Q 175 32.78 -37.25 -100.48
CA THR Q 175 33.06 -38.08 -99.28
C THR Q 175 31.97 -37.72 -98.27
N PHE Q 176 31.20 -38.71 -97.81
CA PHE Q 176 29.96 -38.54 -97.01
C PHE Q 176 30.29 -38.54 -95.52
N PRO Q 177 29.47 -37.89 -94.67
CA PRO Q 177 29.60 -38.04 -93.22
C PRO Q 177 29.45 -39.49 -92.75
N ALA Q 178 30.34 -39.95 -91.86
CA ALA Q 178 30.37 -41.33 -91.34
C ALA Q 178 29.02 -41.67 -90.68
N VAL Q 179 28.79 -42.94 -90.34
CA VAL Q 179 27.55 -43.46 -89.71
C VAL Q 179 27.98 -44.50 -88.67
N LEU Q 180 27.36 -44.53 -87.49
CA LEU Q 180 27.70 -45.56 -86.47
C LEU Q 180 26.72 -46.72 -86.69
N GLN Q 181 27.24 -47.95 -86.66
CA GLN Q 181 26.47 -49.20 -86.90
C GLN Q 181 26.21 -49.87 -85.55
N SER Q 182 25.11 -50.64 -85.47
CA SER Q 182 24.85 -51.69 -84.45
C SER Q 182 26.15 -52.22 -83.86
N SER Q 183 27.10 -52.58 -84.73
CA SER Q 183 28.45 -53.13 -84.42
C SER Q 183 29.23 -52.30 -83.38
N GLY Q 184 29.08 -50.97 -83.39
CA GLY Q 184 29.93 -50.02 -82.63
C GLY Q 184 31.15 -49.59 -83.43
N LEU Q 185 31.13 -49.80 -84.74
CA LEU Q 185 32.22 -49.47 -85.70
C LEU Q 185 31.63 -48.63 -86.84
N TYR Q 186 32.36 -47.62 -87.30
CA TYR Q 186 31.88 -46.55 -88.22
C TYR Q 186 31.99 -47.00 -89.69
N SER Q 187 31.14 -46.42 -90.55
CA SER Q 187 30.95 -46.79 -91.97
C SER Q 187 30.62 -45.55 -92.81
N LEU Q 188 31.40 -45.35 -93.85
CA LEU Q 188 31.50 -44.10 -94.65
C LEU Q 188 31.61 -44.47 -96.13
N SER Q 189 30.89 -43.75 -96.98
CA SER Q 189 30.96 -43.89 -98.46
C SER Q 189 31.65 -42.66 -99.07
N SER Q 190 32.56 -42.92 -100.02
CA SER Q 190 33.19 -41.94 -100.95
C SER Q 190 32.64 -42.22 -102.34
N VAL Q 191 32.10 -41.23 -103.04
CA VAL Q 191 31.58 -41.39 -104.44
C VAL Q 191 32.19 -40.32 -105.35
N VAL Q 192 32.18 -40.64 -106.66
CA VAL Q 192 32.71 -39.79 -107.76
C VAL Q 192 31.75 -39.95 -108.95
N THR Q 193 31.44 -38.84 -109.63
CA THR Q 193 30.79 -38.85 -110.97
C THR Q 193 31.90 -38.60 -111.99
N VAL Q 194 31.99 -39.45 -113.02
CA VAL Q 194 33.04 -39.37 -114.07
C VAL Q 194 32.34 -39.46 -115.42
N PRO Q 195 32.93 -38.91 -116.50
CA PRO Q 195 32.44 -39.19 -117.86
C PRO Q 195 32.47 -40.72 -118.10
N SER Q 196 31.34 -41.28 -118.52
CA SER Q 196 31.15 -42.73 -118.78
C SER Q 196 32.04 -43.17 -119.96
N SER Q 197 32.47 -42.22 -120.80
CA SER Q 197 33.47 -42.38 -121.90
C SER Q 197 34.79 -42.95 -121.35
N SER Q 198 35.26 -42.40 -120.22
CA SER Q 198 36.61 -42.69 -119.66
C SER Q 198 36.63 -44.02 -118.89
N LEU Q 199 35.51 -44.72 -118.73
CA LEU Q 199 35.43 -46.01 -117.96
C LEU Q 199 36.53 -46.98 -118.40
N GLY Q 200 36.72 -47.14 -119.72
CA GLY Q 200 37.70 -48.08 -120.32
C GLY Q 200 39.03 -47.43 -120.69
N THR Q 201 39.35 -46.24 -120.19
CA THR Q 201 40.60 -45.50 -120.55
C THR Q 201 41.41 -45.09 -119.30
N GLN Q 202 40.82 -45.09 -118.11
CA GLN Q 202 41.36 -44.43 -116.89
C GLN Q 202 41.17 -45.34 -115.67
N THR Q 203 42.18 -45.42 -114.81
CA THR Q 203 42.20 -46.21 -113.55
C THR Q 203 41.72 -45.32 -112.39
N TYR Q 204 40.77 -45.82 -111.59
CA TYR Q 204 40.21 -45.13 -110.41
C TYR Q 204 40.59 -45.92 -109.14
N ILE Q 205 41.39 -45.29 -108.28
CA ILE Q 205 41.94 -45.85 -107.00
C ILE Q 205 41.56 -44.90 -105.85
N CYS Q 206 40.74 -45.33 -104.90
CA CYS Q 206 40.51 -44.57 -103.65
C CYS Q 206 41.64 -44.93 -102.68
N ASN Q 207 42.26 -43.88 -102.11
CA ASN Q 207 43.34 -43.96 -101.09
C ASN Q 207 42.70 -43.59 -99.74
N VAL Q 208 42.54 -44.59 -98.86
CA VAL Q 208 41.90 -44.47 -97.51
C VAL Q 208 43.02 -44.48 -96.47
N ASN Q 209 42.92 -43.59 -95.48
CA ASN Q 209 43.97 -43.39 -94.44
C ASN Q 209 43.31 -43.32 -93.05
N HIS Q 210 43.76 -44.19 -92.15
CA HIS Q 210 43.26 -44.33 -90.75
C HIS Q 210 44.46 -44.19 -89.80
N LYS Q 211 44.75 -42.95 -89.38
CA LYS Q 211 45.92 -42.57 -88.56
C LYS Q 211 45.88 -43.30 -87.22
N PRO Q 212 44.74 -43.39 -86.50
CA PRO Q 212 44.67 -44.11 -85.22
C PRO Q 212 45.11 -45.59 -85.26
N SER Q 213 44.80 -46.30 -86.35
CA SER Q 213 45.14 -47.73 -86.58
C SER Q 213 46.40 -47.89 -87.47
N ASN Q 214 46.92 -46.80 -88.05
CA ASN Q 214 48.17 -46.77 -88.86
C ASN Q 214 47.93 -47.55 -90.16
N THR Q 215 46.73 -47.47 -90.71
CA THR Q 215 46.26 -48.29 -91.86
C THR Q 215 46.05 -47.41 -93.08
N LYS Q 216 46.75 -47.72 -94.17
CA LYS Q 216 46.65 -47.07 -95.51
C LYS Q 216 46.30 -48.16 -96.52
N VAL Q 217 45.16 -48.04 -97.22
CA VAL Q 217 44.67 -49.04 -98.22
C VAL Q 217 44.39 -48.28 -99.51
N ASP Q 218 44.72 -48.88 -100.65
CA ASP Q 218 44.33 -48.43 -102.01
C ASP Q 218 43.42 -49.49 -102.63
N LYS Q 219 42.21 -49.14 -103.06
CA LYS Q 219 41.30 -50.06 -103.80
C LYS Q 219 41.00 -49.45 -105.18
N LYS Q 220 41.22 -50.22 -106.26
CA LYS Q 220 40.92 -49.87 -107.67
C LYS Q 220 39.47 -50.26 -108.00
N VAL Q 221 38.78 -49.50 -108.86
CA VAL Q 221 37.31 -49.63 -109.08
C VAL Q 221 37.04 -49.77 -110.58
N GLU Q 222 36.22 -50.77 -110.98
CA GLU Q 222 35.99 -51.20 -112.38
C GLU Q 222 34.54 -51.66 -112.57
N ASP R 1 9.25 -30.91 -67.47
CA ASP R 1 10.16 -29.88 -68.06
C ASP R 1 9.37 -29.11 -69.13
N ILE R 2 9.77 -27.88 -69.44
CA ILE R 2 9.10 -27.09 -70.52
C ILE R 2 9.61 -27.61 -71.85
N GLN R 3 8.71 -28.00 -72.76
CA GLN R 3 9.08 -28.51 -74.12
C GLN R 3 9.04 -27.34 -75.09
N MET R 4 10.09 -27.18 -75.90
CA MET R 4 10.22 -26.06 -76.86
C MET R 4 10.01 -26.58 -78.30
N THR R 5 9.08 -25.96 -79.02
CA THR R 5 8.83 -26.37 -80.43
C THR R 5 9.17 -25.19 -81.35
N GLN R 6 9.70 -25.49 -82.53
CA GLN R 6 10.03 -24.42 -83.50
C GLN R 6 9.34 -24.69 -84.85
N SER R 7 8.70 -23.66 -85.43
CA SER R 7 8.03 -23.78 -86.75
C SER R 7 9.10 -23.81 -87.83
N PRO R 8 8.81 -24.00 -89.14
CA PRO R 8 9.80 -24.29 -90.15
C PRO R 8 10.97 -25.14 -89.63
N SER R 9 10.89 -26.45 -89.80
CA SER R 9 12.06 -27.27 -89.42
C SER R 9 13.23 -26.75 -90.25
N SER R 10 12.97 -26.48 -91.53
CA SER R 10 14.02 -25.96 -92.44
C SER R 10 13.39 -24.85 -93.29
N LEU R 11 14.15 -23.79 -93.55
CA LEU R 11 13.67 -22.67 -94.39
C LEU R 11 14.72 -22.38 -95.47
N SER R 12 14.29 -22.27 -96.72
CA SER R 12 15.16 -21.83 -97.84
C SER R 12 14.96 -20.32 -98.06
N ALA R 13 16.07 -19.58 -98.20
CA ALA R 13 16.08 -18.12 -98.41
C ALA R 13 17.35 -17.70 -99.15
N SER R 14 17.36 -16.51 -99.75
CA SER R 14 18.52 -15.87 -100.43
C SER R 14 18.75 -14.46 -99.86
N VAL R 15 20.00 -13.98 -99.93
CA VAL R 15 20.45 -12.69 -99.34
C VAL R 15 19.46 -11.57 -99.73
N GLY R 16 19.02 -10.76 -98.77
CA GLY R 16 18.15 -9.60 -99.03
C GLY R 16 16.78 -9.75 -98.40
N GLU R 17 16.21 -10.96 -98.38
CA GLU R 17 14.84 -11.28 -97.87
C GLU R 17 14.70 -11.01 -96.37
N ARG R 18 13.45 -10.73 -95.95
CA ARG R 18 12.98 -10.78 -94.54
C ARG R 18 12.69 -12.25 -94.21
N VAL R 19 13.33 -12.83 -93.19
CA VAL R 19 13.10 -14.23 -92.72
C VAL R 19 12.50 -14.20 -91.31
N THR R 20 11.50 -15.04 -91.07
CA THR R 20 10.68 -15.08 -89.82
C THR R 20 10.67 -16.52 -89.27
N ILE R 21 11.30 -16.74 -88.11
CA ILE R 21 11.20 -18.01 -87.32
C ILE R 21 10.17 -17.83 -86.21
N THR R 22 9.48 -18.90 -85.81
CA THR R 22 8.58 -18.90 -84.63
C THR R 22 8.96 -20.06 -83.70
N CYS R 23 8.78 -19.82 -82.39
CA CYS R 23 9.06 -20.72 -81.24
C CYS R 23 7.77 -20.73 -80.40
N ARG R 24 7.31 -21.91 -79.98
CA ARG R 24 6.21 -21.99 -79.00
C ARG R 24 6.70 -22.86 -77.84
N ALA R 25 6.60 -22.30 -76.63
CA ALA R 25 6.83 -23.02 -75.37
C ALA R 25 5.53 -23.72 -74.94
N SER R 26 5.67 -24.90 -74.33
CA SER R 26 4.58 -25.78 -73.84
C SER R 26 3.75 -25.12 -72.73
N GLN R 27 4.20 -24.03 -72.12
CA GLN R 27 3.44 -23.24 -71.10
C GLN R 27 3.79 -21.74 -71.24
N ARG R 28 3.05 -20.87 -70.56
CA ARG R 28 3.39 -19.42 -70.48
C ARG R 28 4.77 -19.29 -69.82
N ILE R 29 5.72 -18.59 -70.45
CA ILE R 29 7.09 -18.37 -69.88
C ILE R 29 7.41 -16.87 -69.90
N SER R 30 6.37 -16.03 -69.86
CA SER R 30 6.53 -14.55 -69.85
C SER R 30 7.48 -14.16 -70.99
N ASN R 31 8.63 -13.52 -70.73
CA ASN R 31 9.59 -13.13 -71.80
C ASN R 31 10.95 -13.78 -71.53
N TYR R 32 10.95 -14.92 -70.80
CA TYR R 32 12.17 -15.66 -70.40
C TYR R 32 12.56 -16.63 -71.53
N LEU R 33 12.86 -16.02 -72.68
CA LEU R 33 13.13 -16.71 -73.97
C LEU R 33 14.36 -16.09 -74.63
N ASN R 34 15.20 -16.91 -75.25
CA ASN R 34 16.58 -16.55 -75.70
C ASN R 34 16.84 -17.24 -77.05
N TRP R 35 17.43 -16.52 -78.01
CA TRP R 35 17.74 -17.08 -79.35
C TRP R 35 19.25 -17.23 -79.54
N TYR R 36 19.67 -18.40 -80.02
CA TYR R 36 21.08 -18.69 -80.40
C TYR R 36 21.17 -19.01 -81.89
N GLN R 37 22.31 -18.64 -82.49
CA GLN R 37 22.76 -19.01 -83.87
C GLN R 37 23.88 -20.04 -83.74
N GLN R 38 23.87 -21.12 -84.53
CA GLN R 38 24.94 -22.15 -84.52
C GLN R 38 25.28 -22.54 -85.96
N LYS R 39 26.57 -22.45 -86.29
CA LYS R 39 27.13 -22.91 -87.59
C LYS R 39 27.76 -24.29 -87.40
N PRO R 40 27.65 -25.20 -88.39
CA PRO R 40 28.19 -26.55 -88.25
C PRO R 40 29.62 -26.52 -87.70
N GLY R 41 29.92 -27.41 -86.74
CA GLY R 41 31.23 -27.57 -86.08
C GLY R 41 31.65 -26.36 -85.24
N LYS R 42 30.80 -25.35 -85.09
CA LYS R 42 31.12 -24.13 -84.30
C LYS R 42 30.23 -24.13 -83.04
N ALA R 43 30.58 -23.22 -82.11
CA ALA R 43 29.92 -22.99 -80.82
C ALA R 43 28.74 -22.05 -81.02
N PRO R 44 27.57 -22.24 -80.37
CA PRO R 44 26.47 -21.30 -80.53
C PRO R 44 26.90 -19.87 -80.15
N LYS R 45 26.13 -18.88 -80.61
CA LYS R 45 26.33 -17.46 -80.26
C LYS R 45 24.96 -16.95 -79.80
N LEU R 46 24.92 -16.21 -78.69
CA LEU R 46 23.67 -15.56 -78.21
C LEU R 46 23.31 -14.41 -79.16
N LEU R 47 22.05 -14.36 -79.59
CA LEU R 47 21.51 -13.30 -80.49
C LEU R 47 20.63 -12.36 -79.68
N ILE R 48 19.58 -12.91 -79.10
CA ILE R 48 18.54 -12.21 -78.30
C ILE R 48 18.45 -12.89 -76.92
N TYR R 49 18.18 -12.08 -75.89
CA TYR R 49 17.74 -12.53 -74.54
C TYR R 49 16.49 -11.74 -74.14
N ALA R 50 15.76 -12.25 -73.16
CA ALA R 50 14.54 -11.61 -72.63
C ALA R 50 13.56 -11.35 -73.78
N ALA R 51 13.53 -12.25 -74.76
CA ALA R 51 12.64 -12.20 -75.95
C ALA R 51 13.00 -11.03 -76.89
N SER R 52 13.38 -9.86 -76.35
CA SER R 52 13.50 -8.57 -77.08
C SER R 52 14.93 -8.01 -77.07
N THR R 53 15.68 -8.09 -75.97
CA THR R 53 16.98 -7.37 -75.87
C THR R 53 18.01 -7.97 -76.82
N LEU R 54 18.58 -7.15 -77.69
CA LEU R 54 19.66 -7.56 -78.64
C LEU R 54 21.01 -7.60 -77.93
N GLN R 55 21.62 -8.77 -77.81
CA GLN R 55 22.97 -8.97 -77.20
C GLN R 55 24.00 -8.04 -77.87
N SER R 56 24.78 -7.30 -77.08
CA SER R 56 25.82 -6.35 -77.56
C SER R 56 26.78 -7.03 -78.54
N GLY R 57 26.97 -6.42 -79.72
CA GLY R 57 27.87 -6.91 -80.78
C GLY R 57 27.10 -7.57 -81.92
N VAL R 58 25.78 -7.69 -81.78
CA VAL R 58 24.92 -8.40 -82.76
C VAL R 58 24.28 -7.31 -83.62
N PRO R 59 24.25 -7.48 -84.96
CA PRO R 59 23.62 -6.50 -85.84
C PRO R 59 22.11 -6.31 -85.62
N SER R 60 21.67 -5.06 -85.84
CA SER R 60 20.32 -4.49 -85.60
C SER R 60 19.22 -5.18 -86.44
N ARG R 61 19.56 -5.85 -87.55
CA ARG R 61 18.56 -6.53 -88.44
C ARG R 61 17.81 -7.61 -87.64
N PHE R 62 18.53 -8.24 -86.70
CA PHE R 62 18.00 -9.27 -85.77
C PHE R 62 17.13 -8.60 -84.73
N SER R 63 15.86 -9.00 -84.67
CA SER R 63 14.89 -8.57 -83.64
C SER R 63 14.12 -9.80 -83.15
N GLY R 64 13.58 -9.71 -81.93
CA GLY R 64 12.75 -10.75 -81.31
C GLY R 64 11.49 -10.09 -80.81
N SER R 65 10.39 -10.83 -80.71
CA SER R 65 9.11 -10.36 -80.14
C SER R 65 8.42 -11.56 -79.50
N GLY R 66 7.37 -11.30 -78.72
CA GLY R 66 6.58 -12.35 -78.05
C GLY R 66 6.73 -12.33 -76.54
N SER R 67 5.69 -12.84 -75.90
CA SER R 67 5.53 -13.00 -74.44
C SER R 67 4.43 -14.04 -74.21
N GLY R 68 4.75 -15.09 -73.46
CA GLY R 68 3.80 -16.15 -73.06
C GLY R 68 4.25 -17.47 -73.63
N THR R 69 3.60 -17.87 -74.73
CA THR R 69 3.84 -19.17 -75.39
C THR R 69 4.55 -18.98 -76.74
N ASP R 70 4.27 -17.88 -77.47
CA ASP R 70 4.64 -17.73 -78.90
C ASP R 70 5.62 -16.58 -79.11
N PHE R 71 6.80 -16.91 -79.66
CA PHE R 71 7.94 -15.99 -79.86
C PHE R 71 8.41 -16.07 -81.32
N THR R 72 8.87 -14.93 -81.84
CA THR R 72 9.30 -14.71 -83.24
C THR R 72 10.74 -14.21 -83.22
N LEU R 73 11.59 -14.77 -84.09
CA LEU R 73 12.90 -14.17 -84.48
C LEU R 73 12.74 -13.67 -85.92
N THR R 74 13.22 -12.46 -86.17
CA THR R 74 13.10 -11.76 -87.47
C THR R 74 14.48 -11.26 -87.89
N ILE R 75 14.96 -11.72 -89.06
CA ILE R 75 16.08 -11.06 -89.79
C ILE R 75 15.39 -10.23 -90.88
N SER R 76 15.53 -8.90 -90.86
CA SER R 76 14.84 -7.99 -91.81
C SER R 76 15.45 -8.18 -93.21
N SER R 77 16.78 -8.26 -93.31
CA SER R 77 17.54 -8.35 -94.60
C SER R 77 18.69 -9.36 -94.47
N LEU R 78 18.36 -10.65 -94.60
CA LEU R 78 19.33 -11.77 -94.47
C LEU R 78 20.61 -11.44 -95.24
N GLN R 79 21.77 -11.78 -94.67
CA GLN R 79 23.14 -11.63 -95.23
C GLN R 79 23.78 -13.02 -95.37
N PRO R 80 24.95 -13.16 -96.03
CA PRO R 80 25.56 -14.48 -96.26
C PRO R 80 26.15 -15.12 -94.99
N GLU R 81 26.53 -14.29 -94.02
CA GLU R 81 27.06 -14.74 -92.71
C GLU R 81 25.94 -15.44 -91.90
N ASP R 82 24.66 -15.22 -92.22
CA ASP R 82 23.48 -15.65 -91.43
C ASP R 82 22.90 -17.02 -91.84
N PHE R 83 23.54 -17.78 -92.74
CA PHE R 83 23.05 -19.13 -93.14
C PHE R 83 23.57 -20.13 -92.10
N ALA R 84 22.69 -20.58 -91.21
CA ALA R 84 23.04 -21.45 -90.06
C ALA R 84 21.74 -21.99 -89.44
N THR R 85 21.86 -22.72 -88.31
CA THR R 85 20.73 -23.25 -87.51
C THR R 85 20.41 -22.26 -86.38
N TYR R 86 19.12 -22.01 -86.16
CA TYR R 86 18.59 -21.07 -85.15
C TYR R 86 17.76 -21.83 -84.10
N TYR R 87 18.23 -21.80 -82.85
CA TYR R 87 17.60 -22.45 -81.67
C TYR R 87 16.98 -21.39 -80.75
N CYS R 88 15.76 -21.64 -80.25
CA CYS R 88 15.17 -20.91 -79.10
C CYS R 88 15.41 -21.74 -77.81
N GLN R 89 15.58 -21.07 -76.66
CA GLN R 89 15.81 -21.68 -75.31
C GLN R 89 15.00 -20.95 -74.23
N GLN R 90 14.25 -21.66 -73.39
CA GLN R 90 13.48 -21.03 -72.28
C GLN R 90 14.38 -20.98 -71.05
N SER R 91 14.37 -19.86 -70.33
CA SER R 91 15.18 -19.62 -69.11
C SER R 91 14.23 -19.30 -67.96
N TYR R 92 12.97 -19.74 -68.10
CA TYR R 92 11.88 -19.43 -67.16
C TYR R 92 11.92 -20.42 -65.99
N SER R 93 12.13 -21.71 -66.29
CA SER R 93 12.19 -22.79 -65.29
C SER R 93 13.52 -23.55 -65.41
N SER R 94 13.86 -24.33 -64.40
CA SER R 94 15.01 -25.27 -64.42
C SER R 94 14.44 -26.67 -64.57
N PRO R 95 14.94 -27.56 -65.48
CA PRO R 95 16.04 -27.23 -66.39
C PRO R 95 15.71 -26.26 -67.53
N PRO R 96 16.71 -25.48 -68.02
CA PRO R 96 16.54 -24.70 -69.24
C PRO R 96 16.47 -25.73 -70.38
N THR R 97 15.60 -25.47 -71.37
CA THR R 97 15.29 -26.41 -72.47
C THR R 97 15.33 -25.65 -73.80
N PHE R 98 15.81 -26.32 -74.83
CA PHE R 98 16.06 -25.76 -76.18
C PHE R 98 14.99 -26.28 -77.15
N GLY R 99 14.57 -25.44 -78.10
CA GLY R 99 13.85 -25.92 -79.29
C GLY R 99 14.71 -26.87 -80.11
N PRO R 100 14.12 -27.56 -81.12
CA PRO R 100 14.86 -28.50 -81.97
C PRO R 100 15.73 -27.77 -83.01
N GLY R 101 15.46 -26.48 -83.24
CA GLY R 101 16.28 -25.61 -84.12
C GLY R 101 15.68 -25.52 -85.50
N THR R 102 15.98 -24.45 -86.24
CA THR R 102 15.59 -24.19 -87.66
C THR R 102 16.86 -23.99 -88.51
N LYS R 103 17.20 -24.95 -89.38
CA LYS R 103 18.26 -24.82 -90.43
C LYS R 103 17.74 -23.78 -91.42
N VAL R 104 18.57 -22.78 -91.76
CA VAL R 104 18.28 -21.76 -92.80
C VAL R 104 19.26 -21.96 -93.97
N ASP R 105 18.66 -22.27 -95.13
CA ASP R 105 19.28 -22.87 -96.34
C ASP R 105 19.48 -21.81 -97.42
N ILE R 106 20.55 -21.93 -98.20
CA ILE R 106 20.79 -21.07 -99.40
C ILE R 106 19.78 -21.52 -100.47
N LYS R 107 18.77 -20.69 -100.75
CA LYS R 107 17.73 -20.91 -101.79
C LYS R 107 18.39 -20.94 -103.17
N ARG R 108 18.03 -21.90 -103.99
CA ARG R 108 18.39 -21.99 -105.43
C ARG R 108 17.20 -22.68 -106.12
N THR R 109 17.34 -23.12 -107.38
CA THR R 109 16.22 -23.68 -108.18
C THR R 109 16.12 -25.18 -107.93
N VAL R 110 14.90 -25.72 -108.00
CA VAL R 110 14.62 -27.17 -107.77
C VAL R 110 15.45 -27.99 -108.78
N ALA R 111 16.13 -29.04 -108.30
CA ALA R 111 17.05 -29.91 -109.07
C ALA R 111 16.91 -31.37 -108.63
N ALA R 112 16.37 -32.22 -109.52
CA ALA R 112 16.16 -33.67 -109.28
C ALA R 112 17.51 -34.34 -109.11
N PRO R 113 17.61 -35.32 -108.17
CA PRO R 113 18.86 -36.06 -107.97
C PRO R 113 19.09 -37.09 -109.08
N SER R 114 20.35 -37.21 -109.53
CA SER R 114 20.86 -38.36 -110.31
C SER R 114 20.86 -39.56 -109.35
N VAL R 115 20.21 -40.67 -109.71
CA VAL R 115 20.15 -41.86 -108.81
C VAL R 115 21.09 -42.92 -109.36
N PHE R 116 21.86 -43.56 -108.48
CA PHE R 116 22.85 -44.61 -108.82
C PHE R 116 22.71 -45.73 -107.78
N ILE R 117 22.74 -46.99 -108.20
CA ILE R 117 22.58 -48.17 -107.31
C ILE R 117 23.85 -49.02 -107.42
N PHE R 118 24.35 -49.52 -106.30
CA PHE R 118 25.65 -50.24 -106.22
C PHE R 118 25.42 -51.59 -105.54
N PRO R 119 25.41 -52.71 -106.30
CA PRO R 119 25.39 -54.05 -105.68
C PRO R 119 26.64 -54.28 -104.85
N PRO R 120 26.61 -55.24 -103.90
CA PRO R 120 27.79 -55.53 -103.08
C PRO R 120 28.94 -56.02 -103.96
N SER R 121 30.18 -55.76 -103.51
CA SER R 121 31.39 -56.44 -104.04
C SER R 121 31.26 -57.93 -103.70
N ASP R 122 31.91 -58.81 -104.48
CA ASP R 122 32.03 -60.25 -104.16
C ASP R 122 33.02 -60.40 -102.99
N GLU R 123 34.12 -59.62 -103.00
CA GLU R 123 35.13 -59.55 -101.92
C GLU R 123 34.44 -59.48 -100.54
N GLN R 124 33.37 -58.68 -100.43
CA GLN R 124 32.64 -58.42 -99.15
C GLN R 124 31.76 -59.62 -98.78
N LEU R 125 31.16 -60.33 -99.75
CA LEU R 125 30.35 -61.55 -99.45
C LEU R 125 31.28 -62.58 -98.78
N LYS R 126 32.52 -62.69 -99.27
CA LYS R 126 33.60 -63.52 -98.68
C LYS R 126 33.73 -63.21 -97.18
N SER R 127 33.39 -62.00 -96.73
CA SER R 127 33.35 -61.58 -95.30
C SER R 127 32.26 -62.36 -94.54
N GLY R 128 31.05 -62.44 -95.10
CA GLY R 128 29.83 -62.92 -94.41
C GLY R 128 28.67 -61.96 -94.60
N THR R 129 28.95 -60.65 -94.59
CA THR R 129 27.94 -59.55 -94.70
C THR R 129 27.90 -58.99 -96.13
N ALA R 130 26.75 -58.41 -96.50
CA ALA R 130 26.48 -57.75 -97.81
C ALA R 130 25.98 -56.32 -97.58
N SER R 131 26.64 -55.32 -98.17
CA SER R 131 26.22 -53.89 -98.16
C SER R 131 25.71 -53.51 -99.54
N VAL R 132 24.55 -52.85 -99.59
CA VAL R 132 23.93 -52.29 -100.83
C VAL R 132 23.88 -50.78 -100.67
N VAL R 133 24.37 -50.02 -101.63
CA VAL R 133 24.42 -48.54 -101.53
C VAL R 133 23.53 -47.92 -102.61
N CYS R 134 22.80 -46.88 -102.25
CA CYS R 134 22.01 -46.03 -103.19
C CYS R 134 22.58 -44.61 -103.08
N LEU R 135 22.80 -43.95 -104.22
CA LEU R 135 23.37 -42.58 -104.30
C LEU R 135 22.34 -41.63 -104.91
N LEU R 136 21.97 -40.58 -104.17
CA LEU R 136 21.26 -39.40 -104.71
C LEU R 136 22.29 -38.28 -104.80
N ASN R 137 22.71 -37.90 -106.01
CA ASN R 137 23.81 -36.92 -106.22
C ASN R 137 23.22 -35.59 -106.70
N ASN R 138 23.68 -34.48 -106.11
CA ASN R 138 23.44 -33.08 -106.58
C ASN R 138 21.94 -32.78 -106.74
N PHE R 139 21.24 -32.60 -105.62
CA PHE R 139 19.78 -32.34 -105.58
C PHE R 139 19.45 -31.23 -104.59
N TYR R 140 18.32 -30.57 -104.83
CA TYR R 140 17.78 -29.43 -104.04
C TYR R 140 16.27 -29.29 -104.23
N PRO R 141 15.45 -28.96 -103.19
CA PRO R 141 15.91 -28.85 -101.81
C PRO R 141 16.24 -30.18 -101.10
N ARG R 142 16.54 -30.11 -99.80
CA ARG R 142 17.03 -31.23 -98.94
C ARG R 142 15.94 -32.29 -98.74
N GLU R 143 14.66 -31.92 -98.75
CA GLU R 143 13.54 -32.83 -98.42
C GLU R 143 13.53 -33.98 -99.44
N ALA R 144 13.95 -35.18 -99.04
CA ALA R 144 14.07 -36.36 -99.94
C ALA R 144 13.83 -37.67 -99.19
N LYS R 145 13.17 -38.66 -99.83
CA LYS R 145 12.80 -39.96 -99.20
C LYS R 145 13.15 -41.13 -100.15
N VAL R 146 13.84 -42.15 -99.63
CA VAL R 146 14.37 -43.29 -100.44
C VAL R 146 13.86 -44.60 -99.86
N GLN R 147 13.10 -45.36 -100.64
CA GLN R 147 12.51 -46.67 -100.25
C GLN R 147 13.40 -47.81 -100.79
N TRP R 148 13.83 -48.72 -99.91
CA TRP R 148 14.42 -50.04 -100.27
C TRP R 148 13.28 -51.04 -100.48
N LYS R 149 13.33 -51.84 -101.56
CA LYS R 149 12.34 -52.90 -101.88
C LYS R 149 13.09 -54.13 -102.40
N VAL R 150 13.08 -55.22 -101.63
CA VAL R 150 13.57 -56.58 -102.04
C VAL R 150 12.37 -57.37 -102.60
N ASP R 151 12.46 -57.87 -103.84
CA ASP R 151 11.39 -58.62 -104.54
C ASP R 151 10.11 -57.76 -104.62
N ASN R 152 10.25 -56.43 -104.49
CA ASN R 152 9.14 -55.46 -104.35
C ASN R 152 8.54 -55.57 -102.93
N ALA R 153 9.25 -56.17 -101.97
CA ALA R 153 8.81 -56.36 -100.57
C ALA R 153 9.51 -55.31 -99.68
N LEU R 154 8.94 -54.09 -99.65
CA LEU R 154 9.39 -52.90 -98.87
C LEU R 154 10.20 -53.35 -97.65
N GLN R 155 11.46 -52.91 -97.53
CA GLN R 155 12.32 -53.19 -96.35
C GLN R 155 12.52 -51.88 -95.56
N SER R 156 13.07 -51.99 -94.33
CA SER R 156 13.26 -50.89 -93.35
C SER R 156 13.86 -51.46 -92.04
N GLY R 157 14.49 -50.61 -91.25
CA GLY R 157 15.06 -50.94 -89.92
C GLY R 157 16.53 -51.35 -89.97
N ASN R 158 17.08 -51.55 -91.17
CA ASN R 158 18.43 -52.14 -91.42
C ASN R 158 19.26 -51.26 -92.35
N SER R 159 18.75 -50.09 -92.76
CA SER R 159 19.32 -49.22 -93.82
C SER R 159 19.49 -47.78 -93.32
N GLN R 160 20.74 -47.36 -93.10
CA GLN R 160 21.08 -46.01 -92.57
C GLN R 160 21.33 -45.02 -93.70
N GLU R 161 21.23 -43.71 -93.39
CA GLU R 161 21.45 -42.56 -94.32
C GLU R 161 22.63 -41.71 -93.83
N SER R 162 23.27 -41.00 -94.75
CA SER R 162 24.23 -39.88 -94.48
C SER R 162 23.98 -38.79 -95.53
N VAL R 163 24.23 -37.52 -95.17
CA VAL R 163 24.02 -36.37 -96.10
C VAL R 163 25.22 -35.42 -95.99
N THR R 164 25.69 -34.88 -97.12
CA THR R 164 26.71 -33.81 -97.17
C THR R 164 26.01 -32.49 -96.81
N GLU R 165 26.79 -31.52 -96.33
CA GLU R 165 26.31 -30.15 -96.02
C GLU R 165 26.28 -29.38 -97.35
N GLN R 166 25.31 -28.47 -97.51
CA GLN R 166 25.11 -27.69 -98.76
C GLN R 166 26.48 -27.37 -99.37
N ASP R 167 26.66 -27.75 -100.65
CA ASP R 167 27.92 -27.58 -101.43
C ASP R 167 28.21 -26.09 -101.66
N SER R 168 29.49 -25.71 -101.60
CA SER R 168 29.98 -24.30 -101.63
C SER R 168 30.18 -23.82 -103.07
N LYS R 169 29.87 -24.63 -104.10
CA LYS R 169 29.89 -24.23 -105.54
C LYS R 169 28.44 -24.08 -106.04
N ASP R 170 27.65 -25.15 -106.05
CA ASP R 170 26.30 -25.18 -106.72
C ASP R 170 25.14 -25.19 -105.73
N SER R 171 25.38 -25.22 -104.41
CA SER R 171 24.36 -25.11 -103.32
C SER R 171 23.37 -26.29 -103.34
N THR R 172 23.89 -27.50 -103.49
CA THR R 172 23.09 -28.76 -103.58
C THR R 172 23.50 -29.70 -102.45
N TYR R 173 22.75 -30.79 -102.30
CA TYR R 173 23.00 -31.86 -101.31
C TYR R 173 23.27 -33.18 -102.05
N SER R 174 23.79 -34.15 -101.31
CA SER R 174 24.09 -35.53 -101.78
C SER R 174 23.81 -36.51 -100.64
N LEU R 175 23.09 -37.59 -100.92
CA LEU R 175 22.54 -38.54 -99.92
C LEU R 175 23.05 -39.95 -100.24
N SER R 176 23.70 -40.63 -99.29
CA SER R 176 24.12 -42.05 -99.40
C SER R 176 23.30 -42.90 -98.42
N SER R 177 22.50 -43.84 -98.95
CA SER R 177 21.70 -44.84 -98.20
C SER R 177 22.36 -46.22 -98.34
N THR R 178 22.66 -46.90 -97.22
CA THR R 178 23.36 -48.22 -97.22
C THR R 178 22.56 -49.26 -96.42
N LEU R 179 22.17 -50.35 -97.10
CA LEU R 179 21.31 -51.47 -96.61
C LEU R 179 22.17 -52.72 -96.37
N THR R 180 21.99 -53.39 -95.22
CA THR R 180 22.84 -54.51 -94.72
C THR R 180 22.02 -55.81 -94.73
N LEU R 181 22.58 -56.92 -95.27
CA LEU R 181 21.92 -58.26 -95.33
C LEU R 181 22.93 -59.41 -95.13
N LYS R 190 15.69 -61.38 -104.91
CA LYS R 190 16.37 -61.52 -106.24
C LYS R 190 16.41 -60.17 -106.98
N VAL R 191 15.37 -59.35 -106.88
CA VAL R 191 15.32 -57.95 -107.44
C VAL R 191 15.50 -56.96 -106.28
N TYR R 192 16.68 -56.31 -106.19
CA TYR R 192 17.03 -55.24 -105.22
C TYR R 192 16.82 -53.86 -105.86
N ALA R 193 15.97 -53.01 -105.27
CA ALA R 193 15.50 -51.74 -105.87
C ALA R 193 15.52 -50.58 -104.85
N CYS R 194 15.96 -49.41 -105.30
CA CYS R 194 16.03 -48.11 -104.56
C CYS R 194 15.08 -47.11 -105.23
N GLU R 195 13.92 -46.85 -104.61
CA GLU R 195 12.90 -45.90 -105.14
C GLU R 195 13.04 -44.59 -104.38
N VAL R 196 13.20 -43.51 -105.14
CA VAL R 196 13.45 -42.13 -104.59
C VAL R 196 12.26 -41.25 -104.96
N THR R 197 11.76 -40.48 -104.00
CA THR R 197 10.73 -39.42 -104.19
C THR R 197 11.36 -38.08 -103.79
N HIS R 198 11.17 -37.04 -104.61
CA HIS R 198 11.75 -35.68 -104.47
C HIS R 198 10.83 -34.70 -105.21
N GLN R 199 10.64 -33.48 -104.71
CA GLN R 199 9.71 -32.49 -105.32
C GLN R 199 10.19 -32.11 -106.71
N GLY R 200 11.50 -32.26 -107.00
CA GLY R 200 12.13 -32.02 -108.31
C GLY R 200 11.84 -33.09 -109.35
N LEU R 201 11.05 -34.11 -109.01
CA LEU R 201 10.61 -35.21 -109.91
C LEU R 201 9.10 -35.12 -110.21
N SER R 202 8.71 -35.46 -111.46
CA SER R 202 7.31 -35.64 -111.93
C SER R 202 6.57 -36.63 -111.03
N SER R 203 7.24 -37.74 -110.70
CA SER R 203 6.77 -38.86 -109.86
C SER R 203 7.95 -39.79 -109.62
N PRO R 204 8.02 -40.54 -108.49
CA PRO R 204 9.22 -41.29 -108.12
C PRO R 204 9.93 -42.08 -109.23
N VAL R 205 11.27 -42.01 -109.24
CA VAL R 205 12.19 -42.81 -110.09
C VAL R 205 12.67 -44.00 -109.25
N THR R 206 12.93 -45.15 -109.88
CA THR R 206 13.48 -46.36 -109.22
C THR R 206 14.68 -46.88 -110.01
N LYS R 207 15.66 -47.45 -109.30
CA LYS R 207 16.91 -48.03 -109.85
C LYS R 207 17.08 -49.43 -109.24
N SER R 208 17.16 -50.47 -110.06
CA SER R 208 17.21 -51.89 -109.61
C SER R 208 18.25 -52.72 -110.37
N PHE R 209 18.61 -53.87 -109.81
CA PHE R 209 19.50 -54.93 -110.35
C PHE R 209 19.04 -56.27 -109.76
N ASN R 210 19.57 -57.41 -110.21
CA ASN R 210 18.98 -58.76 -109.93
C ASN R 210 20.03 -59.79 -109.51
N ASP S 1 -3.15 9.69 72.38
CA ASP S 1 -4.40 10.45 72.61
C ASP S 1 -4.04 11.92 72.82
N ILE S 2 -4.94 12.83 72.48
CA ILE S 2 -4.76 14.28 72.80
C ILE S 2 -5.24 14.44 74.25
N GLN S 3 -4.41 15.11 75.06
CA GLN S 3 -4.64 15.39 76.49
C GLN S 3 -5.08 16.85 76.61
N MET S 4 -6.11 17.07 77.43
CA MET S 4 -6.76 18.39 77.63
C MET S 4 -6.47 18.90 79.06
N THR S 5 -5.95 20.11 79.12
CA THR S 5 -5.56 20.91 80.32
C THR S 5 -6.63 21.98 80.55
N GLN S 6 -6.97 22.28 81.80
CA GLN S 6 -7.95 23.36 82.13
C GLN S 6 -7.45 24.18 83.31
N SER S 7 -7.33 25.50 83.10
CA SER S 7 -6.42 26.49 83.76
C SER S 7 -6.46 26.39 85.29
N PRO S 8 -7.33 27.11 86.06
CA PRO S 8 -7.43 26.84 87.50
C PRO S 8 -8.54 25.82 87.77
N SER S 9 -8.28 24.77 88.55
CA SER S 9 -9.30 23.74 88.91
C SER S 9 -10.52 24.41 89.56
N SER S 10 -10.30 25.45 90.38
CA SER S 10 -11.38 26.27 91.03
C SER S 10 -11.21 27.76 90.68
N LEU S 11 -12.33 28.42 90.40
CA LEU S 11 -12.36 29.87 90.07
C LEU S 11 -13.55 30.47 90.83
N SER S 12 -13.26 31.27 91.86
CA SER S 12 -14.27 32.03 92.64
C SER S 12 -14.64 33.28 91.83
N ALA S 13 -15.94 33.50 91.62
CA ALA S 13 -16.43 34.70 90.90
C ALA S 13 -17.73 35.18 91.55
N SER S 14 -18.16 36.39 91.18
CA SER S 14 -19.38 37.06 91.68
C SER S 14 -20.42 37.14 90.55
N VAL S 15 -21.71 37.06 90.89
CA VAL S 15 -22.83 37.47 89.99
C VAL S 15 -22.49 38.84 89.40
N GLY S 16 -22.50 38.97 88.06
CA GLY S 16 -22.19 40.21 87.33
C GLY S 16 -20.72 40.36 86.91
N GLU S 17 -19.82 39.46 87.35
CA GLU S 17 -18.38 39.46 86.97
C GLU S 17 -18.22 38.95 85.53
N ARG S 18 -17.22 39.50 84.83
CA ARG S 18 -16.70 38.95 83.55
C ARG S 18 -15.71 37.84 83.92
N VAL S 19 -15.97 36.62 83.46
CA VAL S 19 -15.25 35.39 83.91
C VAL S 19 -14.58 34.78 82.68
N THR S 20 -13.36 34.26 82.85
CA THR S 20 -12.64 33.63 81.72
C THR S 20 -11.94 32.35 82.19
N ILE S 21 -12.44 31.18 81.75
CA ILE S 21 -11.79 29.85 81.87
C ILE S 21 -10.89 29.66 80.64
N THR S 22 -9.77 28.94 80.79
CA THR S 22 -8.86 28.60 79.67
C THR S 22 -8.72 27.07 79.55
N CYS S 23 -8.33 26.62 78.36
CA CYS S 23 -8.17 25.19 77.96
C CYS S 23 -6.91 25.09 77.10
N ARG S 24 -6.09 24.05 77.28
CA ARG S 24 -4.89 23.79 76.46
C ARG S 24 -4.95 22.33 75.95
N ALA S 25 -4.66 22.12 74.66
CA ALA S 25 -4.54 20.80 74.00
C ALA S 25 -3.06 20.42 73.89
N SER S 26 -2.72 19.16 74.17
CA SER S 26 -1.35 18.57 74.01
C SER S 26 -0.68 19.01 72.70
N GLN S 27 -1.49 19.29 71.66
CA GLN S 27 -1.08 19.51 70.24
C GLN S 27 -2.09 20.40 69.52
N ARG S 28 -1.71 20.99 68.37
CA ARG S 28 -2.64 21.89 67.63
C ARG S 28 -3.84 21.05 67.17
N ILE S 29 -5.06 21.57 67.36
CA ILE S 29 -6.35 20.90 67.02
C ILE S 29 -7.24 21.88 66.24
N SER S 30 -6.65 22.90 65.62
CA SER S 30 -7.41 23.87 64.80
C SER S 30 -8.52 24.41 65.71
N ASN S 31 -9.79 24.30 65.33
CA ASN S 31 -10.91 24.78 66.18
C ASN S 31 -11.88 23.63 66.49
N TYR S 32 -11.38 22.39 66.60
CA TYR S 32 -12.20 21.19 66.89
C TYR S 32 -12.25 21.05 68.41
N LEU S 33 -12.83 22.05 69.07
CA LEU S 33 -12.82 22.21 70.55
C LEU S 33 -14.23 22.64 71.00
N ASN S 34 -14.85 21.86 71.89
CA ASN S 34 -16.25 22.06 72.37
C ASN S 34 -16.24 22.27 73.89
N TRP S 35 -17.16 23.10 74.41
CA TRP S 35 -17.28 23.45 75.85
C TRP S 35 -18.60 22.92 76.40
N TYR S 36 -18.57 22.14 77.48
CA TYR S 36 -19.81 21.69 78.18
C TYR S 36 -19.88 22.27 79.59
N GLN S 37 -21.10 22.43 80.08
CA GLN S 37 -21.43 22.85 81.47
C GLN S 37 -22.06 21.65 82.18
N GLN S 38 -21.53 21.28 83.36
CA GLN S 38 -22.07 20.19 84.23
C GLN S 38 -22.27 20.70 85.67
N LYS S 39 -23.49 20.49 86.17
CA LYS S 39 -23.89 20.67 87.60
C LYS S 39 -24.02 19.31 88.28
N PRO S 40 -23.73 19.21 89.60
CA PRO S 40 -23.70 17.93 90.33
C PRO S 40 -24.93 17.03 90.18
N GLY S 41 -24.71 15.73 89.90
CA GLY S 41 -25.77 14.76 89.63
C GLY S 41 -26.54 14.99 88.32
N LYS S 42 -26.27 16.07 87.57
CA LYS S 42 -26.97 16.41 86.30
C LYS S 42 -26.06 16.06 85.10
N ALA S 43 -26.65 15.98 83.90
CA ALA S 43 -25.99 15.61 82.63
C ALA S 43 -25.33 16.82 81.97
N PRO S 44 -24.20 16.68 81.24
CA PRO S 44 -23.56 17.84 80.60
C PRO S 44 -24.50 18.48 79.57
N LYS S 45 -24.31 19.79 79.34
CA LYS S 45 -25.03 20.60 78.33
C LYS S 45 -23.95 21.19 77.42
N LEU S 46 -24.11 21.07 76.10
CA LEU S 46 -23.16 21.68 75.14
C LEU S 46 -23.48 23.17 75.06
N LEU S 47 -22.45 23.98 75.20
CA LEU S 47 -22.58 25.45 75.18
C LEU S 47 -22.03 25.96 73.85
N ILE S 48 -20.76 25.63 73.59
CA ILE S 48 -20.02 26.09 72.39
C ILE S 48 -19.49 24.83 71.71
N TYR S 49 -19.60 24.78 70.37
CA TYR S 49 -18.84 23.82 69.52
C TYR S 49 -17.97 24.63 68.56
N ALA S 50 -17.02 23.94 67.93
CA ALA S 50 -16.03 24.49 66.98
C ALA S 50 -15.46 25.81 67.52
N ALA S 51 -15.03 25.81 68.78
CA ALA S 51 -14.28 26.91 69.44
C ALA S 51 -15.18 28.11 69.70
N SER S 52 -16.00 28.56 68.74
CA SER S 52 -16.68 29.87 68.82
C SER S 52 -18.18 29.86 68.52
N THR S 53 -18.81 28.76 68.10
CA THR S 53 -20.26 28.82 67.75
C THR S 53 -21.06 28.50 69.01
N LEU S 54 -21.91 29.45 69.38
CA LEU S 54 -22.88 29.27 70.50
C LEU S 54 -23.96 28.30 70.05
N GLN S 55 -24.02 27.12 70.67
CA GLN S 55 -25.15 26.16 70.50
C GLN S 55 -26.46 26.94 70.65
N SER S 56 -27.51 26.60 69.90
CA SER S 56 -28.81 27.30 70.00
C SER S 56 -29.43 27.00 71.37
N GLY S 57 -30.10 27.98 71.95
CA GLY S 57 -30.77 27.90 73.27
C GLY S 57 -29.91 28.44 74.39
N VAL S 58 -28.59 28.48 74.18
CA VAL S 58 -27.60 28.96 75.18
C VAL S 58 -27.64 30.47 75.14
N PRO S 59 -27.65 31.14 76.32
CA PRO S 59 -27.51 32.60 76.38
C PRO S 59 -26.21 33.10 75.74
N SER S 60 -26.27 34.23 75.02
CA SER S 60 -25.11 34.82 74.30
C SER S 60 -24.08 35.44 75.25
N ARG S 61 -24.32 35.48 76.57
CA ARG S 61 -23.30 35.98 77.54
C ARG S 61 -22.14 34.98 77.62
N PHE S 62 -22.35 33.76 77.10
CA PHE S 62 -21.29 32.75 76.85
C PHE S 62 -20.71 32.99 75.44
N SER S 63 -19.38 32.91 75.36
CA SER S 63 -18.60 33.03 74.11
C SER S 63 -17.31 32.20 74.25
N GLY S 64 -16.79 31.66 73.16
CA GLY S 64 -15.49 30.96 73.11
C GLY S 64 -14.62 31.57 72.04
N SER S 65 -13.29 31.45 72.16
CA SER S 65 -12.32 31.80 71.09
C SER S 65 -11.09 30.90 71.20
N GLY S 66 -10.13 31.06 70.30
CA GLY S 66 -8.86 30.31 70.26
C GLY S 66 -8.77 29.45 69.01
N SER S 67 -7.55 29.09 68.62
CA SER S 67 -7.22 28.08 67.57
C SER S 67 -5.81 27.51 67.79
N GLY S 68 -5.61 26.22 67.51
CA GLY S 68 -4.35 25.50 67.77
C GLY S 68 -4.38 24.76 69.09
N THR S 69 -3.75 25.31 70.12
CA THR S 69 -3.56 24.64 71.44
C THR S 69 -4.30 25.38 72.56
N ASP S 70 -4.52 26.70 72.46
CA ASP S 70 -4.99 27.55 73.58
C ASP S 70 -6.36 28.13 73.27
N PHE S 71 -7.35 27.81 74.11
CA PHE S 71 -8.77 28.23 74.01
C PHE S 71 -9.22 28.85 75.33
N THR S 72 -10.27 29.67 75.29
CA THR S 72 -10.90 30.33 76.45
C THR S 72 -12.43 30.33 76.27
N LEU S 73 -13.17 30.08 77.36
CA LEU S 73 -14.64 30.30 77.46
C LEU S 73 -14.89 31.53 78.34
N THR S 74 -15.67 32.50 77.85
CA THR S 74 -15.87 33.82 78.50
C THR S 74 -17.36 34.02 78.82
N ILE S 75 -17.67 34.31 80.09
CA ILE S 75 -19.06 34.68 80.49
C ILE S 75 -18.98 36.19 80.73
N SER S 76 -19.68 36.99 79.90
CA SER S 76 -19.53 38.46 79.86
C SER S 76 -19.92 39.07 81.22
N SER S 77 -21.05 38.66 81.80
CA SER S 77 -21.43 38.92 83.20
C SER S 77 -22.14 37.69 83.78
N LEU S 78 -21.47 37.03 84.73
CA LEU S 78 -21.90 35.72 85.28
C LEU S 78 -23.25 35.87 85.97
N GLN S 79 -24.09 34.84 85.91
CA GLN S 79 -25.42 34.83 86.59
C GLN S 79 -25.44 33.69 87.61
N PRO S 80 -26.36 33.73 88.60
CA PRO S 80 -26.45 32.67 89.61
C PRO S 80 -26.44 31.24 89.04
N GLU S 81 -27.21 30.97 87.98
CA GLU S 81 -27.35 29.62 87.37
C GLU S 81 -26.06 29.17 86.70
N ASP S 82 -25.12 30.07 86.39
CA ASP S 82 -23.83 29.73 85.71
C ASP S 82 -22.78 29.13 86.66
N PHE S 83 -23.04 29.01 87.97
CA PHE S 83 -22.12 28.42 88.98
C PHE S 83 -22.17 26.90 88.83
N ALA S 84 -21.05 26.28 88.44
CA ALA S 84 -21.01 24.89 87.93
C ALA S 84 -19.59 24.54 87.47
N THR S 85 -19.41 23.34 86.91
CA THR S 85 -18.10 22.90 86.35
C THR S 85 -18.19 23.04 84.83
N TYR S 86 -17.10 23.47 84.21
CA TYR S 86 -17.00 23.67 82.74
C TYR S 86 -15.89 22.77 82.20
N TYR S 87 -16.23 21.93 81.21
CA TYR S 87 -15.35 20.94 80.57
C TYR S 87 -15.10 21.34 79.11
N CYS S 88 -13.83 21.30 78.66
CA CYS S 88 -13.46 21.44 77.24
C CYS S 88 -13.24 20.03 76.69
N GLN S 89 -13.55 19.85 75.40
CA GLN S 89 -13.45 18.55 74.68
C GLN S 89 -12.93 18.79 73.25
N GLN S 90 -11.82 18.14 72.91
CA GLN S 90 -11.25 18.16 71.54
C GLN S 90 -12.03 17.12 70.74
N SER S 91 -12.54 17.52 69.56
CA SER S 91 -13.18 16.67 68.52
C SER S 91 -12.27 16.52 67.29
N TYR S 92 -10.98 16.82 67.41
CA TYR S 92 -10.03 16.82 66.28
C TYR S 92 -9.68 15.37 65.89
N SER S 93 -9.32 14.54 66.87
CA SER S 93 -8.87 13.13 66.73
C SER S 93 -9.84 12.20 67.47
N SER S 94 -9.89 10.92 67.09
CA SER S 94 -10.57 9.83 67.83
C SER S 94 -9.47 9.07 68.57
N PRO S 95 -9.63 8.77 69.87
CA PRO S 95 -10.83 9.09 70.64
C PRO S 95 -10.90 10.57 70.98
N PRO S 96 -12.13 11.10 71.19
CA PRO S 96 -12.30 12.47 71.66
C PRO S 96 -11.99 12.42 73.16
N THR S 97 -11.33 13.46 73.67
CA THR S 97 -10.84 13.52 75.07
C THR S 97 -11.35 14.83 75.69
N PHE S 98 -11.68 14.81 76.98
CA PHE S 98 -12.20 15.97 77.75
C PHE S 98 -11.10 16.46 78.67
N GLY S 99 -11.15 17.72 79.09
CA GLY S 99 -10.26 18.28 80.14
C GLY S 99 -10.70 17.84 81.53
N PRO S 100 -9.89 18.17 82.56
CA PRO S 100 -10.24 17.84 83.96
C PRO S 100 -11.47 18.60 84.47
N GLY S 101 -11.77 19.76 83.88
CA GLY S 101 -12.87 20.66 84.25
C GLY S 101 -12.37 21.89 85.00
N THR S 102 -13.20 22.91 85.12
CA THR S 102 -12.95 24.11 85.98
C THR S 102 -14.24 24.46 86.71
N LYS S 103 -14.24 24.34 88.03
CA LYS S 103 -15.39 24.68 88.90
C LYS S 103 -15.46 26.20 89.02
N VAL S 104 -16.66 26.77 88.81
CA VAL S 104 -16.96 28.20 89.10
C VAL S 104 -17.77 28.29 90.40
N ASP S 105 -17.18 29.01 91.36
CA ASP S 105 -17.39 29.07 92.83
C ASP S 105 -17.97 30.44 93.19
N ILE S 106 -18.87 30.48 94.19
CA ILE S 106 -19.47 31.78 94.67
C ILE S 106 -18.40 32.50 95.50
N LYS S 107 -17.87 33.63 94.99
CA LYS S 107 -16.91 34.54 95.70
C LYS S 107 -17.49 34.91 97.08
N ARG S 108 -16.61 35.28 98.01
CA ARG S 108 -16.88 35.28 99.48
C ARG S 108 -15.55 35.48 100.21
N THR S 109 -15.53 36.25 101.30
CA THR S 109 -14.30 36.64 102.02
C THR S 109 -13.56 35.39 102.50
N VAL S 110 -12.23 35.41 102.33
CA VAL S 110 -11.31 34.33 102.80
C VAL S 110 -11.73 33.95 104.23
N ALA S 111 -11.82 32.65 104.51
CA ALA S 111 -12.19 32.12 105.86
C ALA S 111 -11.36 30.86 106.14
N ALA S 112 -10.56 30.89 107.20
CA ALA S 112 -9.69 29.76 107.61
C ALA S 112 -10.57 28.71 108.26
N PRO S 113 -10.19 27.43 108.14
CA PRO S 113 -10.96 26.37 108.78
C PRO S 113 -10.80 26.38 110.30
N SER S 114 -11.88 26.04 111.03
CA SER S 114 -11.81 25.50 112.40
C SER S 114 -11.35 24.05 112.23
N VAL S 115 -10.23 23.68 112.86
CA VAL S 115 -9.63 22.32 112.71
C VAL S 115 -9.92 21.55 114.02
N PHE S 116 -10.34 20.29 113.89
CA PHE S 116 -10.57 19.36 115.01
C PHE S 116 -10.01 17.99 114.62
N ILE S 117 -9.48 17.28 115.60
CA ILE S 117 -8.97 15.88 115.45
C ILE S 117 -9.75 15.02 116.42
N PHE S 118 -9.92 13.74 116.06
CA PHE S 118 -10.70 12.75 116.83
C PHE S 118 -9.90 11.45 116.84
N PRO S 119 -9.55 10.91 118.02
CA PRO S 119 -9.00 9.56 118.09
C PRO S 119 -10.10 8.55 117.80
N PRO S 120 -9.71 7.29 117.51
CA PRO S 120 -10.68 6.20 117.40
C PRO S 120 -11.38 5.96 118.75
N SER S 121 -12.63 5.52 118.73
CA SER S 121 -13.34 5.05 119.95
C SER S 121 -12.72 3.71 120.38
N ASP S 122 -12.81 3.38 121.68
CA ASP S 122 -12.32 2.07 122.19
C ASP S 122 -13.12 0.96 121.50
N GLU S 123 -14.42 1.21 121.24
CA GLU S 123 -15.37 0.24 120.64
C GLU S 123 -14.90 -0.19 119.24
N GLN S 124 -14.29 0.71 118.45
CA GLN S 124 -13.79 0.39 117.09
C GLN S 124 -12.51 -0.45 117.20
N LEU S 125 -11.57 -0.03 118.06
CA LEU S 125 -10.28 -0.72 118.33
C LEU S 125 -10.54 -2.17 118.76
N LYS S 126 -11.71 -2.41 119.36
CA LYS S 126 -12.22 -3.75 119.79
C LYS S 126 -11.99 -4.81 118.70
N SER S 127 -12.27 -4.52 117.42
CA SER S 127 -12.35 -5.55 116.35
C SER S 127 -11.26 -5.42 115.27
N GLY S 128 -10.25 -4.55 115.46
CA GLY S 128 -8.94 -4.70 114.79
C GLY S 128 -8.53 -3.62 113.80
N THR S 129 -9.38 -2.63 113.47
CA THR S 129 -9.00 -1.45 112.65
C THR S 129 -9.20 -0.19 113.50
N ALA S 130 -8.58 0.93 113.11
CA ALA S 130 -8.64 2.22 113.82
C ALA S 130 -8.67 3.38 112.81
N SER S 131 -9.72 4.21 112.86
CA SER S 131 -9.95 5.38 111.97
C SER S 131 -9.69 6.67 112.76
N VAL S 132 -8.79 7.53 112.26
CA VAL S 132 -8.42 8.84 112.88
C VAL S 132 -8.90 9.95 111.95
N VAL S 133 -9.86 10.75 112.41
CA VAL S 133 -10.59 11.75 111.56
C VAL S 133 -10.08 13.16 111.87
N CYS S 134 -9.82 13.95 110.83
CA CYS S 134 -9.48 15.39 110.90
C CYS S 134 -10.57 16.17 110.18
N LEU S 135 -11.33 17.01 110.90
CA LEU S 135 -12.40 17.87 110.31
C LEU S 135 -11.82 19.25 110.00
N LEU S 136 -11.96 19.70 108.75
CA LEU S 136 -11.73 21.11 108.33
C LEU S 136 -13.09 21.78 108.22
N ASN S 137 -13.45 22.67 109.14
CA ASN S 137 -14.85 23.19 109.23
C ASN S 137 -14.91 24.60 108.63
N ASN S 138 -15.79 24.78 107.65
CA ASN S 138 -16.28 26.10 107.19
C ASN S 138 -15.11 27.00 106.77
N PHE S 139 -14.50 26.70 105.61
CA PHE S 139 -13.32 27.43 105.03
C PHE S 139 -13.58 27.86 103.58
N TYR S 140 -12.87 28.89 103.13
CA TYR S 140 -12.91 29.46 101.75
C TYR S 140 -11.60 30.18 101.39
N PRO S 141 -11.03 29.99 100.18
CA PRO S 141 -11.61 29.16 99.11
C PRO S 141 -11.31 27.66 99.31
N ARG S 142 -11.65 26.82 98.33
CA ARG S 142 -11.57 25.34 98.51
C ARG S 142 -10.14 24.79 98.69
N GLU S 143 -9.19 25.18 97.84
CA GLU S 143 -7.85 24.52 97.92
C GLU S 143 -7.35 24.66 99.37
N ALA S 144 -7.21 23.52 100.05
CA ALA S 144 -6.61 23.33 101.38
C ALA S 144 -5.94 21.95 101.40
N LYS S 145 -4.84 21.76 102.14
CA LYS S 145 -4.20 20.41 102.21
C LYS S 145 -3.99 19.99 103.67
N VAL S 146 -4.38 18.75 103.94
CA VAL S 146 -4.16 17.97 105.19
C VAL S 146 -2.90 17.13 104.96
N GLN S 147 -2.17 16.87 106.05
CA GLN S 147 -0.83 16.22 106.07
C GLN S 147 -0.74 15.49 107.42
N TRP S 148 -0.82 14.16 107.39
CA TRP S 148 -0.91 13.31 108.60
C TRP S 148 0.48 12.98 109.20
N LYS S 149 0.53 12.71 110.51
CA LYS S 149 1.75 12.27 111.24
C LYS S 149 1.36 11.30 112.38
N ALA S 153 6.38 12.33 112.39
CA ALA S 153 6.71 11.34 111.33
C ALA S 153 5.59 11.27 110.27
N LEU S 154 5.85 11.82 109.08
CA LEU S 154 4.85 12.11 108.00
C LEU S 154 4.33 10.83 107.33
N GLN S 155 3.01 10.71 107.11
CA GLN S 155 2.32 9.54 106.47
C GLN S 155 1.93 9.86 105.02
N SER S 156 1.69 8.83 104.21
CA SER S 156 1.25 8.93 102.79
C SER S 156 0.70 7.57 102.34
N GLY S 157 -0.32 7.56 101.47
CA GLY S 157 -0.95 6.34 100.94
C GLY S 157 -2.17 5.85 101.72
N ASN S 158 -2.29 6.16 103.02
CA ASN S 158 -3.19 5.46 103.99
C ASN S 158 -4.40 6.31 104.44
N SER S 159 -4.69 7.44 103.78
CA SER S 159 -5.76 8.41 104.17
C SER S 159 -6.66 8.77 102.98
N GLN S 160 -7.93 9.08 103.23
CA GLN S 160 -8.91 9.45 102.18
C GLN S 160 -9.61 10.74 102.61
N GLU S 161 -9.82 11.66 101.65
CA GLU S 161 -10.42 13.01 101.82
C GLU S 161 -11.85 12.99 101.26
N SER S 162 -12.73 13.88 101.74
CA SER S 162 -14.12 14.12 101.24
C SER S 162 -14.49 15.59 101.48
N VAL S 163 -15.38 16.15 100.65
CA VAL S 163 -15.74 17.61 100.65
C VAL S 163 -17.24 17.81 100.48
N THR S 164 -17.78 18.79 101.19
CA THR S 164 -19.20 19.22 101.09
C THR S 164 -19.32 20.15 99.86
N GLU S 165 -20.52 20.27 99.32
CA GLU S 165 -20.79 21.29 98.27
C GLU S 165 -20.74 22.65 98.97
N GLN S 166 -20.36 23.71 98.24
CA GLN S 166 -20.37 25.10 98.76
C GLN S 166 -21.72 25.30 99.47
N ASP S 167 -21.73 25.68 100.75
CA ASP S 167 -22.95 25.85 101.60
C ASP S 167 -23.91 26.88 100.99
N SER S 168 -25.22 26.58 101.04
CA SER S 168 -26.33 27.39 100.50
C SER S 168 -26.41 28.74 101.23
N LYS S 169 -26.01 28.85 102.50
CA LYS S 169 -26.11 30.14 103.25
C LYS S 169 -24.76 30.87 103.35
N ASP S 170 -23.69 30.23 103.82
CA ASP S 170 -22.43 30.94 104.17
C ASP S 170 -21.33 30.78 103.10
N SER S 171 -21.59 30.03 102.02
CA SER S 171 -20.68 29.90 100.84
C SER S 171 -19.31 29.35 101.26
N THR S 172 -19.30 28.43 102.22
CA THR S 172 -18.07 27.82 102.78
C THR S 172 -18.00 26.37 102.33
N TYR S 173 -16.85 25.72 102.53
CA TYR S 173 -16.66 24.27 102.35
C TYR S 173 -16.32 23.65 103.70
N SER S 174 -16.65 22.36 103.86
CA SER S 174 -16.15 21.52 104.97
C SER S 174 -15.47 20.28 104.36
N LEU S 175 -14.36 19.82 104.95
CA LEU S 175 -13.59 18.64 104.48
C LEU S 175 -13.39 17.64 105.63
N SER S 176 -13.76 16.37 105.41
CA SER S 176 -13.41 15.22 106.25
C SER S 176 -12.17 14.56 105.65
N SER S 177 -11.22 14.12 106.49
CA SER S 177 -10.07 13.23 106.12
C SER S 177 -9.92 12.11 107.14
N THR S 178 -9.83 10.85 106.69
CA THR S 178 -9.72 9.63 107.54
C THR S 178 -8.35 8.97 107.30
N LEU S 179 -7.60 8.72 108.37
CA LEU S 179 -6.35 7.91 108.36
C LEU S 179 -6.68 6.54 108.95
N THR S 180 -6.39 5.45 108.21
CA THR S 180 -6.74 4.05 108.61
C THR S 180 -5.48 3.22 108.87
N LEU S 181 -5.40 2.62 110.07
CA LEU S 181 -4.27 1.82 110.58
C LEU S 181 -4.81 0.59 111.30
N SER S 182 -4.08 -0.52 111.21
CA SER S 182 -4.25 -1.72 112.06
C SER S 182 -4.45 -1.30 113.53
N LYS S 183 -5.23 -2.07 114.30
CA LYS S 183 -5.39 -1.94 115.78
C LYS S 183 -4.00 -1.96 116.42
N ALA S 184 -3.11 -2.81 115.91
CA ALA S 184 -1.68 -2.89 116.27
C ALA S 184 -1.13 -1.46 116.42
N ASP S 185 -1.04 -0.75 115.30
CA ASP S 185 -0.54 0.66 115.25
C ASP S 185 -1.72 1.57 115.64
N CYS S 194 -2.43 15.69 112.69
CA CYS S 194 -3.08 16.39 111.56
C CYS S 194 -2.56 17.84 111.43
N GLU S 195 -1.85 18.13 110.33
CA GLU S 195 -1.37 19.49 109.94
C GLU S 195 -2.15 19.95 108.72
N VAL S 196 -2.71 21.18 108.76
CA VAL S 196 -3.56 21.75 107.66
C VAL S 196 -2.98 23.10 107.21
N THR S 197 -2.79 23.26 105.89
CA THR S 197 -2.27 24.49 105.25
C THR S 197 -3.39 25.08 104.37
N HIS S 198 -3.86 26.30 104.70
CA HIS S 198 -4.92 27.05 103.97
C HIS S 198 -4.56 28.52 103.78
N GLN S 199 -5.02 29.14 102.69
CA GLN S 199 -4.77 30.55 102.28
C GLN S 199 -5.21 31.54 103.39
N GLY S 200 -6.18 31.16 104.23
CA GLY S 200 -6.66 31.98 105.35
C GLY S 200 -5.83 31.85 106.61
N LEU S 201 -4.71 31.11 106.57
CA LEU S 201 -3.89 30.84 107.78
C LEU S 201 -2.47 31.42 107.65
N SER S 202 -2.12 32.26 108.63
CA SER S 202 -0.78 32.83 108.93
C SER S 202 0.32 31.82 108.55
N SER S 203 0.34 30.69 109.26
CA SER S 203 1.28 29.55 109.06
C SER S 203 0.57 28.28 109.55
N PRO S 204 0.80 27.11 108.90
CA PRO S 204 0.00 25.91 109.17
C PRO S 204 -0.37 25.65 110.64
N VAL S 205 -1.64 25.28 110.88
CA VAL S 205 -2.20 24.92 112.22
C VAL S 205 -2.15 23.39 112.34
N THR S 206 -1.85 22.90 113.55
CA THR S 206 -1.79 21.44 113.87
C THR S 206 -2.69 21.19 115.08
N LYS S 207 -3.37 20.05 115.08
CA LYS S 207 -3.97 19.44 116.29
C LYS S 207 -3.45 17.99 116.33
N SER S 208 -3.05 17.48 117.50
CA SER S 208 -2.78 16.03 117.69
C SER S 208 -3.21 15.55 119.08
N PHE S 209 -2.77 14.34 119.44
CA PHE S 209 -3.34 13.50 120.52
C PHE S 209 -2.30 12.43 120.93
N ASN S 210 -2.55 11.76 122.06
CA ASN S 210 -1.57 10.87 122.76
C ASN S 210 -1.28 9.64 121.89
N GLU T 1 -39.42 19.45 72.71
CA GLU T 1 -38.08 19.23 73.32
C GLU T 1 -37.44 18.00 72.67
N VAL T 2 -36.11 17.89 72.77
CA VAL T 2 -35.30 16.68 72.43
C VAL T 2 -35.13 15.91 73.75
N GLN T 3 -35.28 14.58 73.72
CA GLN T 3 -35.28 13.75 74.96
C GLN T 3 -34.52 12.44 74.74
N LEU T 4 -33.63 12.11 75.68
CA LEU T 4 -32.87 10.83 75.76
C LEU T 4 -33.02 10.30 77.19
N VAL T 5 -33.61 9.11 77.37
CA VAL T 5 -33.82 8.52 78.72
C VAL T 5 -33.11 7.17 78.82
N GLU T 6 -32.01 7.10 79.58
CA GLU T 6 -31.26 5.83 79.83
C GLU T 6 -32.03 4.97 80.82
N SER T 7 -31.69 3.69 80.86
CA SER T 7 -32.39 2.62 81.60
C SER T 7 -31.43 1.43 81.71
N GLY T 8 -31.59 0.61 82.76
CA GLY T 8 -30.89 -0.68 82.91
C GLY T 8 -29.75 -0.62 83.90
N GLY T 9 -29.36 0.58 84.39
CA GLY T 9 -28.27 0.75 85.37
C GLY T 9 -28.47 -0.08 86.63
N GLY T 10 -27.40 -0.46 87.34
CA GLY T 10 -27.60 -1.27 88.55
C GLY T 10 -26.31 -1.71 89.22
N VAL T 11 -26.45 -2.42 90.34
CA VAL T 11 -25.34 -3.18 90.97
C VAL T 11 -25.20 -4.46 90.16
N VAL T 12 -23.95 -4.78 89.81
CA VAL T 12 -23.59 -5.94 88.93
C VAL T 12 -22.32 -6.57 89.47
N GLN T 13 -22.09 -7.84 89.15
CA GLN T 13 -20.96 -8.64 89.71
C GLN T 13 -19.84 -8.69 88.67
N PRO T 14 -18.56 -8.51 89.07
CA PRO T 14 -17.44 -8.63 88.14
C PRO T 14 -17.60 -9.85 87.23
N GLY T 15 -17.33 -9.70 85.93
CA GLY T 15 -17.34 -10.79 84.93
C GLY T 15 -18.71 -11.02 84.30
N ARG T 16 -19.79 -10.52 84.91
CA ARG T 16 -21.20 -10.72 84.45
C ARG T 16 -21.55 -9.63 83.42
N SER T 17 -22.73 -9.74 82.80
CA SER T 17 -23.21 -8.91 81.68
C SER T 17 -24.37 -8.01 82.12
N LEU T 18 -24.52 -6.85 81.50
CA LEU T 18 -25.73 -6.01 81.68
C LEU T 18 -25.96 -5.13 80.45
N ARG T 19 -27.22 -5.13 79.95
CA ARG T 19 -27.71 -4.36 78.79
C ARG T 19 -28.35 -3.05 79.29
N LEU T 20 -27.70 -1.93 79.00
CA LEU T 20 -28.28 -0.57 79.11
C LEU T 20 -29.06 -0.25 77.82
N SER T 21 -30.08 0.59 77.92
CA SER T 21 -30.97 1.01 76.81
C SER T 21 -31.17 2.52 76.92
N CYS T 22 -31.44 3.18 75.80
CA CYS T 22 -31.75 4.62 75.73
C CYS T 22 -32.98 4.80 74.83
N ALA T 23 -34.03 5.45 75.34
CA ALA T 23 -35.23 5.82 74.55
C ALA T 23 -35.07 7.28 74.13
N ALA T 24 -35.13 7.50 72.81
CA ALA T 24 -34.95 8.82 72.17
C ALA T 24 -36.29 9.23 71.54
N SER T 25 -36.49 10.55 71.46
CA SER T 25 -37.69 11.20 70.91
C SER T 25 -37.37 12.68 70.64
N GLY T 26 -38.18 13.31 69.79
CA GLY T 26 -38.14 14.76 69.53
C GLY T 26 -37.10 15.14 68.50
N PHE T 27 -36.54 14.15 67.79
CA PHE T 27 -35.69 14.40 66.60
C PHE T 27 -35.74 13.14 65.74
N THR T 28 -35.33 13.27 64.47
CA THR T 28 -35.16 12.11 63.55
C THR T 28 -33.97 11.28 64.05
N PHE T 29 -34.27 10.24 64.83
CA PHE T 29 -33.29 9.32 65.48
C PHE T 29 -32.42 8.69 64.40
N SER T 30 -33.04 8.24 63.29
CA SER T 30 -32.43 7.43 62.21
C SER T 30 -31.56 8.31 61.28
N SER T 31 -31.47 9.61 61.54
CA SER T 31 -30.63 10.58 60.79
C SER T 31 -29.42 11.02 61.64
N SER T 32 -29.19 10.39 62.78
CA SER T 32 -28.06 10.76 63.66
C SER T 32 -27.24 9.53 64.07
N ALA T 33 -25.92 9.69 64.09
CA ALA T 33 -25.03 8.77 64.83
C ALA T 33 -25.27 9.03 66.32
N MET T 34 -24.98 8.05 67.18
CA MET T 34 -25.32 8.03 68.62
C MET T 34 -24.09 7.50 69.37
N HIS T 35 -23.85 8.05 70.57
CA HIS T 35 -22.67 7.74 71.41
C HIS T 35 -23.11 7.24 72.79
N TRP T 36 -22.23 6.43 73.38
CA TRP T 36 -22.20 6.22 74.84
C TRP T 36 -20.94 6.93 75.35
N VAL T 37 -21.13 7.79 76.36
CA VAL T 37 -20.07 8.42 77.20
C VAL T 37 -20.27 7.94 78.64
N ARG T 38 -19.18 7.84 79.42
CA ARG T 38 -19.31 7.43 80.84
C ARG T 38 -18.55 8.43 81.72
N GLN T 39 -18.92 8.46 83.00
CA GLN T 39 -18.33 9.27 84.10
C GLN T 39 -18.21 8.38 85.34
N ALA T 40 -16.96 8.03 85.70
CA ALA T 40 -16.58 7.38 86.98
C ALA T 40 -16.79 8.39 88.12
N PRO T 41 -17.14 7.96 89.35
CA PRO T 41 -17.61 8.89 90.38
C PRO T 41 -16.54 9.94 90.70
N GLY T 42 -16.84 11.20 90.44
CA GLY T 42 -15.96 12.36 90.71
C GLY T 42 -14.70 12.34 89.85
N LYS T 43 -14.78 11.82 88.62
CA LYS T 43 -13.69 11.98 87.61
C LYS T 43 -14.28 12.61 86.33
N GLY T 44 -13.44 12.77 85.30
CA GLY T 44 -13.79 13.37 84.00
C GLY T 44 -14.77 12.51 83.18
N LEU T 45 -14.92 12.89 81.91
CA LEU T 45 -15.75 12.16 80.92
C LEU T 45 -14.82 11.36 79.99
N GLU T 46 -15.24 10.14 79.66
CA GLU T 46 -14.54 9.21 78.74
C GLU T 46 -15.59 8.73 77.72
N TRP T 47 -15.37 9.05 76.44
CA TRP T 47 -16.15 8.52 75.27
C TRP T 47 -15.85 7.03 75.14
N VAL T 48 -16.91 6.24 74.93
CA VAL T 48 -16.93 4.75 75.00
C VAL T 48 -17.16 4.14 73.63
N ALA T 49 -18.13 4.63 72.87
CA ALA T 49 -18.48 4.04 71.57
C ALA T 49 -19.45 4.94 70.79
N VAL T 50 -19.44 4.73 69.47
CA VAL T 50 -20.31 5.40 68.45
C VAL T 50 -20.91 4.33 67.54
N ILE T 51 -22.13 4.59 67.06
CA ILE T 51 -22.85 3.76 66.05
C ILE T 51 -23.32 4.70 64.92
N SER T 52 -23.26 4.26 63.66
CA SER T 52 -23.76 5.02 62.48
C SER T 52 -25.29 5.07 62.51
N TYR T 53 -25.91 5.98 61.74
CA TYR T 53 -27.38 6.20 61.62
C TYR T 53 -28.07 4.88 61.25
N ASP T 54 -27.48 4.15 60.28
CA ASP T 54 -27.73 2.73 59.89
C ASP T 54 -27.99 1.81 61.09
N GLY T 55 -27.07 1.82 62.05
CA GLY T 55 -26.91 0.75 63.04
C GLY T 55 -25.88 -0.27 62.57
N ASN T 56 -25.28 -0.07 61.38
CA ASN T 56 -24.47 -1.09 60.67
C ASN T 56 -22.98 -0.92 60.93
N ASN T 57 -22.52 0.22 61.46
CA ASN T 57 -21.08 0.49 61.70
C ASN T 57 -20.89 1.03 63.12
N GLN T 58 -19.94 0.42 63.84
CA GLN T 58 -19.62 0.76 65.25
C GLN T 58 -18.12 0.98 65.41
N LEU T 59 -17.74 1.97 66.22
CA LEU T 59 -16.33 2.19 66.64
C LEU T 59 -16.31 2.38 68.17
N TYR T 60 -15.19 1.98 68.78
CA TYR T 60 -15.03 1.82 70.24
C TYR T 60 -13.71 2.45 70.71
N ALA T 61 -13.72 3.07 71.88
CA ALA T 61 -12.52 3.50 72.65
C ALA T 61 -11.62 2.31 72.93
N ASP T 62 -10.29 2.48 72.80
CA ASP T 62 -9.26 1.43 73.09
C ASP T 62 -9.60 0.72 74.39
N SER T 63 -9.89 1.50 75.44
CA SER T 63 -10.12 1.04 76.83
C SER T 63 -11.20 -0.06 76.91
N VAL T 64 -12.16 -0.17 75.98
CA VAL T 64 -13.30 -1.13 76.10
C VAL T 64 -13.43 -2.09 74.89
N LYS T 65 -12.56 -2.03 73.87
CA LYS T 65 -12.71 -2.89 72.66
C LYS T 65 -12.77 -4.36 73.11
N GLY T 66 -13.76 -5.09 72.61
CA GLY T 66 -13.92 -6.55 72.79
C GLY T 66 -14.78 -6.89 74.00
N ARG T 67 -15.38 -5.88 74.64
CA ARG T 67 -16.11 -6.06 75.93
C ARG T 67 -17.49 -5.37 75.88
N LEU T 68 -17.60 -4.17 75.31
CA LEU T 68 -18.89 -3.44 75.12
C LEU T 68 -19.33 -3.57 73.66
N THR T 69 -20.65 -3.61 73.40
CA THR T 69 -21.24 -3.76 72.04
C THR T 69 -22.37 -2.75 71.86
N ILE T 70 -22.12 -1.70 71.08
CA ILE T 70 -23.14 -0.66 70.76
C ILE T 70 -24.05 -1.20 69.63
N SER T 71 -25.34 -0.87 69.71
CA SER T 71 -26.45 -1.52 68.97
C SER T 71 -27.62 -0.53 68.92
N ARG T 72 -28.52 -0.61 67.95
CA ARG T 72 -29.69 0.30 67.90
C ARG T 72 -30.84 -0.34 67.08
N ASP T 73 -32.07 0.11 67.34
CA ASP T 73 -33.31 -0.33 66.66
C ASP T 73 -34.06 0.94 66.28
N ASN T 74 -33.89 1.44 65.05
CA ASN T 74 -34.48 2.74 64.63
C ASN T 74 -36.01 2.63 64.64
N SER T 75 -36.52 1.41 64.53
CA SER T 75 -37.98 1.10 64.50
C SER T 75 -38.62 1.50 65.82
N LYS T 76 -37.90 1.29 66.93
CA LYS T 76 -38.40 1.54 68.31
C LYS T 76 -37.71 2.76 68.89
N ASN T 77 -37.11 3.61 68.04
CA ASN T 77 -36.22 4.75 68.41
C ASN T 77 -35.37 4.42 69.63
N ALA T 78 -34.53 3.38 69.58
CA ALA T 78 -33.79 2.84 70.76
C ALA T 78 -32.31 2.62 70.45
N LEU T 79 -31.45 3.00 71.40
CA LEU T 79 -29.98 2.77 71.38
C LEU T 79 -29.63 1.85 72.56
N TYR T 80 -28.76 0.87 72.36
CA TYR T 80 -28.41 -0.18 73.35
C TYR T 80 -26.89 -0.18 73.56
N LEU T 81 -26.46 -0.46 74.80
CA LEU T 81 -25.05 -0.79 75.17
C LEU T 81 -25.11 -2.13 75.93
N GLN T 82 -24.37 -3.14 75.48
CA GLN T 82 -24.24 -4.47 76.13
C GLN T 82 -22.82 -4.49 76.73
N LEU T 83 -22.73 -4.56 78.06
CA LEU T 83 -21.45 -4.62 78.82
C LEU T 83 -21.16 -6.08 79.19
N ASN T 84 -19.99 -6.62 78.80
CA ASN T 84 -19.60 -8.03 79.04
C ASN T 84 -18.27 -8.06 79.80
N SER T 85 -17.95 -9.19 80.44
CA SER T 85 -16.69 -9.42 81.17
C SER T 85 -16.34 -8.16 81.99
N LEU T 86 -17.28 -7.68 82.80
CA LEU T 86 -17.21 -6.35 83.50
C LEU T 86 -16.18 -6.35 84.64
N ARG T 87 -15.53 -5.19 84.85
CA ARG T 87 -14.47 -4.94 85.86
C ARG T 87 -14.91 -3.78 86.76
N THR T 88 -14.34 -3.66 87.96
CA THR T 88 -14.71 -2.58 88.93
C THR T 88 -14.44 -1.20 88.31
N GLU T 89 -13.40 -1.10 87.47
CA GLU T 89 -13.00 0.14 86.76
C GLU T 89 -14.12 0.61 85.81
N ASP T 90 -15.05 -0.25 85.42
CA ASP T 90 -16.12 0.12 84.47
C ASP T 90 -17.28 0.74 85.26
N THR T 91 -17.15 0.89 86.57
CA THR T 91 -18.17 1.53 87.45
C THR T 91 -18.25 3.00 87.03
N ALA T 92 -19.44 3.43 86.59
CA ALA T 92 -19.64 4.79 86.04
C ALA T 92 -21.13 5.07 85.84
N VAL T 93 -21.43 6.36 85.68
CA VAL T 93 -22.73 6.83 85.10
C VAL T 93 -22.56 6.70 83.58
N TYR T 94 -23.48 5.99 82.92
CA TYR T 94 -23.42 5.74 81.45
C TYR T 94 -24.41 6.70 80.78
N PHE T 95 -23.89 7.57 79.91
CA PHE T 95 -24.67 8.61 79.18
C PHE T 95 -24.88 8.18 77.73
N CYS T 96 -26.12 8.29 77.29
CA CYS T 96 -26.53 8.20 75.86
C CYS T 96 -26.42 9.63 75.32
N ALA T 97 -25.74 9.85 74.18
CA ALA T 97 -25.45 11.22 73.68
C ALA T 97 -25.57 11.25 72.16
N ARG T 98 -26.35 12.19 71.61
CA ARG T 98 -26.48 12.37 70.13
C ARG T 98 -25.19 12.99 69.59
N ASP T 99 -24.72 12.46 68.46
CA ASP T 99 -23.55 12.94 67.69
C ASP T 99 -23.88 14.31 67.13
N GLY T 100 -22.89 15.22 67.07
CA GLY T 100 -23.11 16.62 66.68
C GLY T 100 -23.14 16.83 65.16
N GLY T 101 -23.01 15.75 64.39
CA GLY T 101 -22.98 15.79 62.91
C GLY T 101 -21.63 15.41 62.31
N GLY T 102 -20.58 15.12 63.10
CA GLY T 102 -19.22 14.83 62.62
C GLY T 102 -18.83 13.35 62.57
N TYR T 103 -19.77 12.43 62.83
CA TYR T 103 -19.53 10.96 62.81
C TYR T 103 -18.64 10.63 61.60
N SER T 104 -19.04 11.15 60.44
CA SER T 104 -18.46 10.79 59.12
C SER T 104 -16.98 11.16 59.01
N PHE T 105 -16.49 12.18 59.73
CA PHE T 105 -15.09 12.63 59.58
C PHE T 105 -14.22 12.07 60.71
N GLY T 106 -14.80 11.23 61.57
CA GLY T 106 -14.14 10.77 62.82
C GLY T 106 -14.01 11.85 63.89
N THR T 107 -14.81 12.91 63.81
CA THR T 107 -14.71 14.14 64.65
C THR T 107 -15.97 14.21 65.53
N TYR T 108 -15.91 13.62 66.73
CA TYR T 108 -17.11 13.37 67.57
C TYR T 108 -17.28 14.47 68.62
N PHE T 109 -18.48 15.04 68.71
CA PHE T 109 -18.91 15.94 69.80
C PHE T 109 -20.41 15.74 70.00
N PHE T 110 -20.94 16.20 71.14
CA PHE T 110 -22.15 15.63 71.80
C PHE T 110 -23.18 16.72 72.07
N ASP T 111 -24.20 16.88 71.23
CA ASP T 111 -25.10 18.07 71.27
C ASP T 111 -26.34 17.83 72.15
N PHE T 112 -26.58 16.60 72.65
CA PHE T 112 -27.70 16.36 73.59
C PHE T 112 -27.40 15.08 74.36
N TRP T 113 -27.24 15.18 75.68
CA TRP T 113 -26.98 14.02 76.58
C TRP T 113 -28.25 13.65 77.35
N GLY T 114 -28.47 12.36 77.64
CA GLY T 114 -29.49 11.87 78.59
C GLY T 114 -29.07 12.14 80.03
N GLN T 115 -29.86 11.75 81.02
CA GLN T 115 -29.55 12.03 82.45
C GLN T 115 -28.58 10.97 83.00
N GLY T 116 -28.41 9.86 82.29
CA GLY T 116 -27.46 8.80 82.65
C GLY T 116 -28.12 7.75 83.54
N THR T 117 -27.43 6.63 83.73
CA THR T 117 -27.89 5.46 84.52
C THR T 117 -26.62 4.93 85.20
N LEU T 118 -26.64 4.76 86.52
CA LEU T 118 -25.42 4.38 87.28
C LEU T 118 -25.19 2.88 87.16
N VAL T 119 -23.98 2.47 86.77
CA VAL T 119 -23.58 1.04 86.77
C VAL T 119 -22.46 0.88 87.79
N THR T 120 -22.73 0.10 88.84
CA THR T 120 -21.79 -0.19 89.95
C THR T 120 -21.38 -1.66 89.85
N VAL T 121 -20.08 -1.90 89.63
CA VAL T 121 -19.47 -3.26 89.57
C VAL T 121 -18.72 -3.48 90.89
N SER T 122 -19.28 -4.34 91.75
CA SER T 122 -18.84 -4.59 93.15
C SER T 122 -19.04 -6.06 93.51
N SER T 123 -18.02 -6.66 94.14
CA SER T 123 -18.07 -8.04 94.73
C SER T 123 -19.02 -8.07 95.94
N ALA T 124 -18.90 -7.10 96.86
CA ALA T 124 -19.49 -7.05 98.22
C ALA T 124 -20.98 -7.39 98.24
N SER T 125 -21.49 -7.93 99.35
CA SER T 125 -22.94 -8.10 99.58
C SER T 125 -23.50 -6.96 100.45
N THR T 126 -24.80 -6.71 100.32
CA THR T 126 -25.58 -5.74 101.12
C THR T 126 -25.18 -5.96 102.58
N LYS T 127 -24.72 -4.90 103.27
CA LYS T 127 -24.16 -4.98 104.64
C LYS T 127 -24.43 -3.66 105.37
N GLY T 128 -24.96 -3.72 106.60
CA GLY T 128 -25.18 -2.55 107.45
C GLY T 128 -23.87 -1.94 107.99
N PRO T 129 -23.88 -0.62 108.29
CA PRO T 129 -22.69 0.06 108.79
C PRO T 129 -22.52 -0.17 110.30
N SER T 130 -21.32 0.11 110.81
CA SER T 130 -21.01 0.20 112.25
C SER T 130 -20.72 1.67 112.55
N VAL T 131 -21.48 2.26 113.49
CA VAL T 131 -21.43 3.69 113.90
C VAL T 131 -20.47 3.81 115.09
N PHE T 132 -19.55 4.77 115.05
CA PHE T 132 -18.58 5.06 116.15
C PHE T 132 -18.70 6.53 116.53
N PRO T 133 -18.54 6.90 117.81
CA PRO T 133 -18.49 8.31 118.19
C PRO T 133 -17.15 8.96 117.82
N LEU T 134 -17.23 10.17 117.25
CA LEU T 134 -16.09 11.12 117.15
C LEU T 134 -16.31 12.10 118.30
N ALA T 135 -15.70 11.82 119.46
CA ALA T 135 -15.98 12.50 120.75
C ALA T 135 -15.17 13.79 120.85
N PRO T 136 -15.72 14.88 121.44
CA PRO T 136 -15.02 16.17 121.52
C PRO T 136 -13.52 16.08 121.82
N THR T 145 -17.13 26.94 121.06
CA THR T 145 -17.44 26.23 119.78
C THR T 145 -16.53 25.02 119.56
N ALA T 146 -17.07 23.81 119.69
CA ALA T 146 -16.37 22.51 119.59
C ALA T 146 -17.06 21.62 118.54
N ALA T 147 -16.46 20.46 118.23
CA ALA T 147 -16.89 19.55 117.14
C ALA T 147 -17.26 18.16 117.69
N LEU T 148 -18.49 17.69 117.46
CA LEU T 148 -18.97 16.31 117.77
C LEU T 148 -19.26 15.61 116.44
N GLY T 149 -19.21 14.28 116.36
CA GLY T 149 -19.56 13.56 115.12
C GLY T 149 -19.80 12.06 115.26
N CYS T 150 -20.14 11.42 114.13
CA CYS T 150 -20.10 9.94 113.93
C CYS T 150 -19.26 9.56 112.70
N LEU T 151 -18.68 8.36 112.76
CA LEU T 151 -18.06 7.63 111.64
C LEU T 151 -18.99 6.45 111.30
N VAL T 152 -19.55 6.46 110.08
CA VAL T 152 -20.38 5.38 109.50
C VAL T 152 -19.45 4.56 108.59
N LYS T 153 -19.01 3.38 109.02
CA LYS T 153 -17.94 2.59 108.34
C LYS T 153 -18.46 1.21 107.93
N ASP T 154 -17.99 0.71 106.80
CA ASP T 154 -18.21 -0.67 106.30
C ASP T 154 -19.70 -0.90 105.99
N TYR T 155 -20.20 -0.35 104.88
CA TYR T 155 -21.58 -0.58 104.38
C TYR T 155 -21.60 -0.67 102.84
N PHE T 156 -22.70 -1.19 102.29
CA PHE T 156 -22.99 -1.37 100.85
C PHE T 156 -24.43 -1.80 100.69
N PRO T 157 -25.23 -1.35 99.68
CA PRO T 157 -24.95 -0.19 98.81
C PRO T 157 -24.92 1.20 99.46
N GLU T 158 -24.66 2.23 98.63
CA GLU T 158 -24.24 3.58 99.08
C GLU T 158 -25.30 4.34 99.88
N PRO T 159 -26.61 4.38 99.52
CA PRO T 159 -27.53 5.23 100.26
C PRO T 159 -27.51 5.05 101.80
N VAL T 160 -27.11 6.07 102.55
CA VAL T 160 -27.12 6.14 104.04
C VAL T 160 -27.63 7.51 104.48
N THR T 161 -28.51 7.59 105.48
CA THR T 161 -29.03 8.88 106.00
C THR T 161 -28.57 9.11 107.45
N VAL T 162 -28.10 10.32 107.76
CA VAL T 162 -27.70 10.74 109.13
C VAL T 162 -28.49 12.00 109.54
N SER T 163 -29.19 11.95 110.68
CA SER T 163 -29.64 13.19 111.38
C SER T 163 -29.03 13.25 112.79
N TRP T 164 -29.31 14.32 113.51
CA TRP T 164 -28.85 14.55 114.89
C TRP T 164 -30.06 14.91 115.78
N ASN T 165 -30.29 14.09 116.81
CA ASN T 165 -31.41 14.21 117.79
C ASN T 165 -32.74 14.14 117.03
N SER T 166 -32.85 13.25 116.04
CA SER T 166 -34.06 13.03 115.21
C SER T 166 -34.44 14.29 114.41
N GLY T 167 -33.45 15.02 113.88
CA GLY T 167 -33.65 16.17 112.98
C GLY T 167 -34.00 17.45 113.73
N ALA T 168 -33.91 17.43 115.06
CA ALA T 168 -34.10 18.62 115.93
C ALA T 168 -32.80 19.44 115.89
N LEU T 169 -31.64 18.77 115.86
CA LEU T 169 -30.31 19.39 115.61
C LEU T 169 -30.04 19.36 114.11
N THR T 170 -29.91 20.55 113.54
CA THR T 170 -29.93 20.81 112.07
C THR T 170 -28.82 21.80 111.70
N SER T 171 -28.66 22.91 112.41
CA SER T 171 -27.64 23.96 112.11
C SER T 171 -26.25 23.48 112.54
N GLY T 172 -25.23 23.84 111.75
CA GLY T 172 -23.82 23.47 111.96
C GLY T 172 -23.50 22.05 111.50
N VAL T 173 -24.48 21.31 110.97
CA VAL T 173 -24.34 19.87 110.62
C VAL T 173 -23.75 19.70 109.22
N HIS T 174 -22.78 18.79 109.09
CA HIS T 174 -22.09 18.42 107.82
C HIS T 174 -22.05 16.89 107.68
N THR T 175 -22.96 16.32 106.87
CA THR T 175 -22.82 14.92 106.42
C THR T 175 -21.97 14.99 105.14
N PHE T 176 -20.76 14.46 105.17
CA PHE T 176 -19.83 14.46 104.02
C PHE T 176 -20.29 13.43 103.00
N PRO T 177 -19.89 13.54 101.71
CA PRO T 177 -20.11 12.46 100.75
C PRO T 177 -19.22 11.28 101.16
N ALA T 178 -19.76 10.07 100.97
CA ALA T 178 -19.13 8.76 101.24
C ALA T 178 -17.84 8.61 100.43
N VAL T 179 -17.12 7.53 100.75
CA VAL T 179 -15.80 7.16 100.14
C VAL T 179 -15.81 5.63 99.97
N LEU T 180 -15.20 5.10 98.91
CA LEU T 180 -15.02 3.65 98.69
C LEU T 180 -13.62 3.31 99.22
N GLN T 181 -13.50 2.34 100.13
CA GLN T 181 -12.16 1.95 100.67
C GLN T 181 -11.73 0.68 99.91
N SER T 182 -10.50 0.21 100.14
CA SER T 182 -9.90 -1.02 99.55
C SER T 182 -10.89 -2.19 99.62
N SER T 183 -11.58 -2.32 100.76
CA SER T 183 -12.58 -3.37 101.07
C SER T 183 -13.71 -3.41 100.04
N GLY T 184 -14.04 -2.28 99.41
CA GLY T 184 -15.23 -2.14 98.53
C GLY T 184 -16.50 -1.82 99.33
N LEU T 185 -16.31 -1.41 100.58
CA LEU T 185 -17.42 -0.97 101.48
C LEU T 185 -17.25 0.53 101.70
N TYR T 186 -18.36 1.28 101.72
CA TYR T 186 -18.35 2.76 101.82
C TYR T 186 -18.13 3.14 103.29
N SER T 187 -17.62 4.35 103.52
CA SER T 187 -17.29 4.94 104.85
C SER T 187 -17.51 6.47 104.81
N LEU T 188 -18.20 7.00 105.82
CA LEU T 188 -18.86 8.34 105.83
C LEU T 188 -18.60 9.05 107.17
N SER T 189 -18.39 10.37 107.13
CA SER T 189 -18.32 11.25 108.32
C SER T 189 -19.59 12.10 108.39
N SER T 190 -20.18 12.24 109.58
CA SER T 190 -21.18 13.30 109.88
C SER T 190 -20.72 14.02 111.16
N VAL T 191 -20.62 15.34 111.10
CA VAL T 191 -20.12 16.18 112.22
C VAL T 191 -21.11 17.31 112.44
N VAL T 192 -21.02 17.94 113.62
CA VAL T 192 -21.78 19.16 113.99
C VAL T 192 -20.88 20.01 114.91
N THR T 193 -20.85 21.32 114.65
CA THR T 193 -20.26 22.36 115.53
C THR T 193 -21.34 22.70 116.56
N VAL T 194 -20.98 22.71 117.85
CA VAL T 194 -21.90 23.00 118.99
C VAL T 194 -21.21 24.03 119.89
N PRO T 195 -21.98 24.74 120.73
CA PRO T 195 -21.38 25.49 121.83
C PRO T 195 -20.73 24.47 122.78
N SER T 196 -19.49 24.73 123.23
CA SER T 196 -18.79 23.91 124.25
C SER T 196 -19.31 24.22 125.67
N SER T 197 -20.24 25.17 125.81
CA SER T 197 -21.06 25.40 127.03
C SER T 197 -21.96 24.18 127.28
N SER T 198 -22.68 23.75 126.23
CA SER T 198 -23.65 22.63 126.22
C SER T 198 -22.96 21.29 126.57
N LEU T 199 -21.66 21.18 126.32
CA LEU T 199 -20.87 19.91 126.42
C LEU T 199 -20.92 19.37 127.85
N GLY T 200 -21.37 18.13 128.04
CA GLY T 200 -21.60 17.53 129.37
C GLY T 200 -23.03 17.76 129.86
N THR T 201 -23.66 18.87 129.48
CA THR T 201 -25.07 19.22 129.82
C THR T 201 -26.03 18.60 128.81
N GLN T 202 -25.78 18.85 127.52
CA GLN T 202 -26.67 18.52 126.37
C GLN T 202 -26.29 17.15 125.83
N THR T 203 -27.26 16.35 125.37
CA THR T 203 -27.02 15.02 124.76
C THR T 203 -27.12 15.13 123.23
N TYR T 204 -26.27 14.37 122.54
CA TYR T 204 -26.10 14.34 121.06
C TYR T 204 -26.13 12.89 120.56
N ILE T 205 -27.13 12.56 119.73
CA ILE T 205 -27.33 11.20 119.16
C ILE T 205 -27.24 11.25 117.61
N CYS T 206 -26.54 10.28 117.03
CA CYS T 206 -26.56 9.95 115.58
C CYS T 206 -27.73 9.04 115.23
N ASN T 207 -28.52 9.45 114.23
CA ASN T 207 -29.61 8.64 113.65
C ASN T 207 -29.15 8.23 112.25
N VAL T 208 -28.64 7.00 112.05
CA VAL T 208 -28.14 6.53 110.73
C VAL T 208 -29.06 5.42 110.21
N ASN T 209 -29.63 5.62 109.02
CA ASN T 209 -30.62 4.71 108.38
C ASN T 209 -30.00 4.22 107.06
N HIS T 210 -29.52 2.98 107.05
CA HIS T 210 -29.02 2.26 105.85
C HIS T 210 -30.04 1.18 105.51
N LYS T 211 -30.97 1.51 104.60
CA LYS T 211 -32.14 0.63 104.30
C LYS T 211 -31.85 -0.63 103.48
N PRO T 212 -30.99 -0.68 102.42
CA PRO T 212 -30.76 -1.96 101.76
C PRO T 212 -30.58 -3.12 102.75
N SER T 213 -29.92 -2.86 103.89
CA SER T 213 -29.64 -3.85 104.96
C SER T 213 -30.71 -3.80 106.06
N ASN T 214 -31.73 -2.95 105.89
CA ASN T 214 -32.87 -2.77 106.82
C ASN T 214 -32.30 -2.52 108.22
N THR T 215 -31.34 -1.59 108.33
CA THR T 215 -30.42 -1.41 109.50
C THR T 215 -30.41 0.05 109.97
N LYS T 216 -30.95 0.30 111.15
CA LYS T 216 -31.09 1.65 111.78
C LYS T 216 -30.33 1.63 113.12
N VAL T 217 -29.56 2.68 113.40
CA VAL T 217 -28.72 2.81 114.63
C VAL T 217 -28.82 4.26 115.13
N ASP T 218 -29.05 4.42 116.43
CA ASP T 218 -28.91 5.71 117.14
C ASP T 218 -27.69 5.51 118.06
N LYS T 219 -26.75 6.45 118.07
CA LYS T 219 -25.48 6.34 118.87
C LYS T 219 -25.25 7.66 119.63
N LYS T 220 -24.99 7.56 120.94
CA LYS T 220 -24.79 8.72 121.86
C LYS T 220 -23.31 9.13 121.82
N VAL T 221 -23.01 10.44 121.79
CA VAL T 221 -21.62 10.98 121.66
C VAL T 221 -21.26 11.89 122.86
N GLU T 222 -20.12 11.63 123.51
CA GLU T 222 -19.68 12.27 124.78
C GLU T 222 -18.16 12.46 124.78
N ASP U 1 30.88 24.39 61.55
CA ASP U 1 31.58 23.25 62.16
C ASP U 1 30.76 22.79 63.37
N ILE U 2 30.75 21.48 63.63
CA ILE U 2 30.11 20.87 64.82
C ILE U 2 31.09 21.08 65.99
N GLN U 3 30.60 21.53 67.14
CA GLN U 3 31.44 21.73 68.35
C GLN U 3 31.17 20.53 69.23
N MET U 4 32.23 20.06 69.90
CA MET U 4 32.20 18.88 70.80
C MET U 4 32.50 19.36 72.21
N THR U 5 31.77 18.82 73.18
CA THR U 5 31.80 19.22 74.61
C THR U 5 32.07 17.97 75.44
N GLN U 6 32.93 18.04 76.46
CA GLN U 6 33.16 16.90 77.39
C GLN U 6 32.82 17.39 78.80
N SER U 7 32.03 16.63 79.57
CA SER U 7 31.38 17.19 80.79
C SER U 7 32.35 17.21 81.96
N PRO U 8 32.80 16.09 82.57
CA PRO U 8 33.69 16.24 83.72
C PRO U 8 34.94 16.79 83.02
N SER U 9 35.34 18.04 83.31
CA SER U 9 36.59 18.62 82.75
C SER U 9 37.76 17.80 83.31
N SER U 10 37.69 17.47 84.61
CA SER U 10 38.65 16.57 85.28
C SER U 10 37.88 15.61 86.19
N LEU U 11 38.23 14.32 86.16
CA LEU U 11 37.59 13.26 86.98
C LEU U 11 38.68 12.66 87.85
N SER U 12 38.46 12.54 89.15
CA SER U 12 39.39 11.85 90.08
C SER U 12 38.77 10.47 90.39
N ALA U 13 39.54 9.39 90.19
CA ALA U 13 39.05 8.01 90.39
C ALA U 13 40.17 7.11 90.91
N SER U 14 39.80 5.96 91.46
CA SER U 14 40.76 4.96 91.99
C SER U 14 40.64 3.63 91.24
N VAL U 15 41.74 2.90 91.21
CA VAL U 15 41.82 1.55 90.57
C VAL U 15 40.58 0.72 90.97
N GLY U 16 39.90 0.09 90.01
CA GLY U 16 38.77 -0.82 90.29
C GLY U 16 37.43 -0.12 90.19
N GLU U 17 37.38 1.22 90.31
CA GLU U 17 36.14 2.01 90.09
C GLU U 17 35.60 1.84 88.65
N ARG U 18 34.29 2.02 88.50
CA ARG U 18 33.56 2.13 87.21
C ARG U 18 33.54 3.62 86.86
N VAL U 19 34.15 4.02 85.75
CA VAL U 19 34.30 5.45 85.35
C VAL U 19 33.36 5.77 84.18
N THR U 20 32.85 7.01 84.16
CA THR U 20 31.93 7.57 83.13
C THR U 20 32.38 8.97 82.71
N ILE U 21 32.88 9.10 81.47
CA ILE U 21 33.02 10.41 80.75
C ILE U 21 31.84 10.52 79.78
N THR U 22 31.18 11.68 79.74
CA THR U 22 30.18 12.04 78.71
C THR U 22 30.83 12.97 77.67
N CYS U 23 30.26 13.00 76.47
CA CYS U 23 30.61 13.87 75.30
C CYS U 23 29.30 14.44 74.74
N ARG U 24 29.29 15.70 74.32
CA ARG U 24 28.08 16.27 73.65
C ARG U 24 28.49 16.83 72.27
N ALA U 25 27.67 16.56 71.25
CA ALA U 25 27.72 17.16 69.90
C ALA U 25 26.61 18.20 69.77
N SER U 26 26.93 19.35 69.18
CA SER U 26 26.07 20.55 68.97
C SER U 26 24.96 20.30 67.95
N GLN U 27 24.95 19.13 67.30
CA GLN U 27 23.85 18.73 66.39
C GLN U 27 23.77 17.21 66.49
N ARG U 28 22.70 16.59 66.00
CA ARG U 28 22.64 15.11 65.97
C ARG U 28 23.76 14.68 65.04
N ILE U 29 24.51 13.62 65.39
CA ILE U 29 25.60 13.04 64.54
C ILE U 29 25.46 11.51 64.46
N SER U 30 24.26 11.01 64.73
CA SER U 30 23.92 9.58 64.59
C SER U 30 24.89 8.84 65.52
N ASN U 31 25.75 7.96 65.02
CA ASN U 31 26.79 7.30 65.85
C ASN U 31 28.19 7.56 65.29
N TYR U 32 28.44 8.61 64.50
CA TYR U 32 29.78 8.98 63.97
C TYR U 32 30.57 9.74 65.06
N LEU U 33 30.87 9.03 66.14
CA LEU U 33 31.53 9.58 67.35
C LEU U 33 32.67 8.63 67.74
N ASN U 34 33.86 9.18 67.95
CA ASN U 34 35.06 8.37 68.25
C ASN U 34 35.67 8.88 69.56
N TRP U 35 36.31 7.97 70.30
CA TRP U 35 37.01 8.22 71.59
C TRP U 35 38.51 7.88 71.44
N TYR U 36 39.39 8.77 71.88
CA TYR U 36 40.86 8.56 71.89
C TYR U 36 41.40 8.76 73.31
N GLN U 37 42.52 8.11 73.60
CA GLN U 37 43.29 8.24 74.87
C GLN U 37 44.61 8.94 74.55
N GLN U 38 45.02 9.91 75.35
CA GLN U 38 46.33 10.59 75.19
C GLN U 38 46.99 10.70 76.56
N LYS U 39 48.25 10.28 76.68
CA LYS U 39 49.06 10.46 77.91
C LYS U 39 50.13 11.50 77.65
N PRO U 40 50.54 12.30 78.65
CA PRO U 40 51.46 13.41 78.42
C PRO U 40 52.68 12.99 77.57
N GLY U 41 52.90 13.72 76.47
CA GLY U 41 54.08 13.56 75.58
C GLY U 41 53.95 12.39 74.65
N LYS U 42 52.76 11.78 74.54
CA LYS U 42 52.52 10.64 73.63
C LYS U 42 51.43 11.01 72.61
N ALA U 43 51.39 10.27 71.52
CA ALA U 43 50.39 10.41 70.43
C ALA U 43 49.05 9.92 70.97
N PRO U 44 47.90 10.36 70.43
CA PRO U 44 46.63 9.73 70.79
C PRO U 44 46.59 8.25 70.34
N LYS U 45 45.64 7.50 70.89
CA LYS U 45 45.37 6.08 70.55
C LYS U 45 43.84 5.90 70.44
N LEU U 46 43.34 5.28 69.38
CA LEU U 46 41.87 5.13 69.17
C LEU U 46 41.39 4.02 70.11
N LEU U 47 40.30 4.25 70.84
CA LEU U 47 39.68 3.22 71.73
C LEU U 47 38.35 2.74 71.14
N ILE U 48 37.44 3.67 70.83
CA ILE U 48 36.07 3.36 70.31
C ILE U 48 35.86 4.17 69.03
N TYR U 49 35.39 3.54 67.96
CA TYR U 49 34.85 4.25 66.78
C TYR U 49 33.39 3.84 66.63
N ALA U 50 32.65 4.68 65.91
CA ALA U 50 31.20 4.55 65.65
C ALA U 50 30.45 4.37 66.98
N ALA U 51 30.80 5.20 67.96
CA ALA U 51 30.10 5.40 69.26
C ALA U 51 30.31 4.22 70.21
N SER U 52 30.26 2.97 69.70
CA SER U 52 30.29 1.73 70.53
C SER U 52 31.21 0.62 69.98
N THR U 53 31.96 0.79 68.88
CA THR U 53 32.84 -0.29 68.35
C THR U 53 34.22 -0.24 68.98
N LEU U 54 34.66 -1.35 69.57
CA LEU U 54 35.97 -1.47 70.27
C LEU U 54 37.10 -1.60 69.25
N GLN U 55 38.04 -0.67 69.18
CA GLN U 55 39.24 -0.81 68.31
C GLN U 55 39.98 -2.08 68.73
N SER U 56 40.55 -2.83 67.78
CA SER U 56 41.13 -4.17 68.07
C SER U 56 42.40 -3.96 68.91
N GLY U 57 42.66 -4.90 69.82
CA GLY U 57 43.76 -4.84 70.80
C GLY U 57 43.39 -4.04 72.04
N VAL U 58 42.19 -3.48 72.11
CA VAL U 58 41.77 -2.65 73.28
C VAL U 58 41.00 -3.54 74.24
N PRO U 59 41.31 -3.49 75.55
CA PRO U 59 40.61 -4.30 76.56
C PRO U 59 39.08 -4.05 76.58
N SER U 60 38.32 -5.10 76.86
CA SER U 60 36.84 -5.08 76.81
C SER U 60 36.28 -4.28 77.99
N ARG U 61 37.09 -3.79 78.92
CA ARG U 61 36.61 -2.89 80.02
C ARG U 61 36.18 -1.54 79.44
N PHE U 62 36.86 -1.02 78.40
CA PHE U 62 36.43 0.17 77.63
C PHE U 62 35.16 -0.20 76.84
N SER U 63 34.11 0.61 76.95
CA SER U 63 32.86 0.45 76.15
C SER U 63 32.25 1.84 75.89
N GLY U 64 31.60 2.00 74.73
CA GLY U 64 31.01 3.29 74.31
C GLY U 64 29.53 3.17 74.04
N SER U 65 28.76 4.21 74.34
CA SER U 65 27.30 4.20 74.05
C SER U 65 26.85 5.59 73.59
N GLY U 66 25.68 5.65 72.96
CA GLY U 66 25.04 6.90 72.55
C GLY U 66 24.82 6.96 71.05
N SER U 67 23.95 7.89 70.67
CA SER U 67 23.55 8.21 69.27
C SER U 67 22.78 9.53 69.36
N GLY U 68 22.97 10.42 68.37
CA GLY U 68 22.39 11.77 68.34
C GLY U 68 23.41 12.79 68.83
N THR U 69 23.21 13.34 70.03
CA THR U 69 23.96 14.51 70.55
C THR U 69 24.80 14.12 71.77
N ASP U 70 24.44 13.05 72.51
CA ASP U 70 25.00 12.73 73.85
C ASP U 70 25.53 11.29 73.86
N PHE U 71 26.83 11.14 74.09
CA PHE U 71 27.62 9.89 74.06
C PHE U 71 28.31 9.68 75.41
N THR U 72 28.67 8.44 75.72
CA THR U 72 29.35 8.08 76.99
C THR U 72 30.40 6.99 76.79
N LEU U 73 31.64 7.27 77.21
CA LEU U 73 32.72 6.26 77.40
C LEU U 73 32.69 5.77 78.84
N THR U 74 32.70 4.46 79.02
CA THR U 74 32.71 3.77 80.33
C THR U 74 33.94 2.87 80.45
N ILE U 75 34.64 2.95 81.58
CA ILE U 75 35.68 1.96 81.98
C ILE U 75 35.06 1.15 83.13
N SER U 76 34.75 -0.13 82.92
CA SER U 76 34.06 -1.01 83.90
C SER U 76 34.82 -1.06 85.23
N SER U 77 36.16 -1.19 85.16
CA SER U 77 37.10 -1.40 86.29
C SER U 77 38.47 -0.78 85.99
N LEU U 78 38.64 0.49 86.41
CA LEU U 78 39.83 1.33 86.08
C LEU U 78 41.13 0.56 86.39
N GLN U 79 42.17 0.78 85.60
CA GLN U 79 43.49 0.11 85.80
C GLN U 79 44.58 1.18 85.87
N PRO U 80 45.76 0.88 86.47
CA PRO U 80 46.82 1.88 86.61
C PRO U 80 47.13 2.62 85.30
N GLU U 81 47.20 1.87 84.19
CA GLU U 81 47.63 2.41 82.88
C GLU U 81 46.49 3.19 82.22
N ASP U 82 45.35 3.36 82.89
CA ASP U 82 44.19 4.09 82.32
C ASP U 82 44.14 5.56 82.80
N PHE U 83 45.06 6.04 83.63
CA PHE U 83 45.09 7.47 84.02
C PHE U 83 45.67 8.25 82.84
N ALA U 84 44.89 9.19 82.30
CA ALA U 84 45.15 9.86 81.01
C ALA U 84 44.05 10.87 80.72
N THR U 85 44.26 11.74 79.73
CA THR U 85 43.19 12.58 79.10
C THR U 85 42.52 11.73 78.01
N TYR U 86 41.20 11.80 77.96
CA TYR U 86 40.34 11.14 76.95
C TYR U 86 39.65 12.21 76.11
N TYR U 87 39.73 12.07 74.80
CA TYR U 87 39.15 12.99 73.79
C TYR U 87 38.01 12.27 73.05
N CYS U 88 36.91 12.98 72.78
CA CYS U 88 35.86 12.55 71.81
C CYS U 88 36.03 13.40 70.55
N GLN U 89 35.67 12.82 69.40
CA GLN U 89 35.80 13.40 68.04
C GLN U 89 34.61 12.95 67.16
N GLN U 90 33.89 13.88 66.55
CA GLN U 90 32.83 13.58 65.56
C GLN U 90 33.48 13.34 64.19
N SER U 91 33.01 12.31 63.48
CA SER U 91 33.42 11.89 62.12
C SER U 91 32.21 12.00 61.19
N TYR U 92 31.14 12.71 61.59
CA TYR U 92 29.85 12.85 60.87
C TYR U 92 29.94 13.94 59.79
N SER U 93 30.77 14.96 60.00
CA SER U 93 30.96 16.06 59.03
C SER U 93 32.45 16.41 58.98
N SER U 94 32.81 17.18 57.94
CA SER U 94 34.16 17.75 57.71
C SER U 94 34.07 19.23 58.00
N PRO U 95 35.01 19.83 58.76
CA PRO U 95 36.17 19.10 59.30
C PRO U 95 35.77 18.23 60.49
N PRO U 96 36.50 17.14 60.77
CA PRO U 96 36.25 16.35 61.97
C PRO U 96 36.73 17.24 63.11
N THR U 97 36.01 17.27 64.22
CA THR U 97 36.27 18.20 65.36
C THR U 97 36.35 17.38 66.65
N PHE U 98 37.34 17.67 67.48
CA PHE U 98 37.62 16.99 68.78
C PHE U 98 36.93 17.70 69.95
N GLY U 99 36.58 16.96 71.00
CA GLY U 99 36.26 17.59 72.30
C GLY U 99 37.48 18.30 72.91
N PRO U 100 37.26 19.06 74.01
CA PRO U 100 38.35 19.70 74.74
C PRO U 100 39.15 18.73 75.63
N GLY U 101 38.57 17.56 75.93
CA GLY U 101 39.22 16.50 76.72
C GLY U 101 38.71 16.44 78.16
N THR U 102 38.86 15.25 78.76
CA THR U 102 38.66 14.97 80.20
C THR U 102 39.91 14.27 80.73
N LYS U 103 40.59 14.85 81.72
CA LYS U 103 41.74 14.21 82.42
C LYS U 103 41.21 13.36 83.58
N VAL U 104 41.61 12.10 83.61
CA VAL U 104 41.36 11.14 84.72
C VAL U 104 42.63 11.03 85.57
N ASP U 105 42.45 11.33 86.86
CA ASP U 105 43.43 11.62 87.94
C ASP U 105 43.41 10.46 88.95
N ILE U 106 44.49 10.24 89.69
CA ILE U 106 44.50 9.23 90.79
C ILE U 106 43.88 9.86 92.04
N LYS U 107 42.71 9.38 92.47
CA LYS U 107 42.03 9.93 93.68
C LYS U 107 42.90 9.57 94.89
N ARG U 108 42.95 10.55 95.80
CA ARG U 108 43.72 10.43 97.06
C ARG U 108 43.02 11.34 98.06
N THR U 109 43.48 11.42 99.31
CA THR U 109 42.87 12.23 100.40
C THR U 109 43.30 13.70 100.26
N VAL U 110 42.36 14.62 100.46
CA VAL U 110 42.57 16.08 100.24
C VAL U 110 43.83 16.50 101.00
N ALA U 111 44.75 17.21 100.35
CA ALA U 111 46.05 17.64 100.93
C ALA U 111 46.28 19.14 100.67
N ALA U 112 46.47 19.92 101.75
CA ALA U 112 46.66 21.40 101.70
C ALA U 112 48.02 21.70 101.09
N PRO U 113 48.16 22.79 100.29
CA PRO U 113 49.47 23.20 99.78
C PRO U 113 50.34 23.91 100.82
N SER U 114 51.57 23.44 101.04
CA SER U 114 52.68 24.26 101.60
C SER U 114 52.81 25.49 100.70
N VAL U 115 52.72 26.70 101.26
CA VAL U 115 52.77 27.96 100.46
C VAL U 115 54.05 28.71 100.83
N PHE U 116 54.78 29.16 99.81
CA PHE U 116 56.02 29.99 99.95
C PHE U 116 55.83 31.22 99.06
N ILE U 117 56.48 32.32 99.48
CA ILE U 117 56.55 33.60 98.73
C ILE U 117 58.05 33.93 98.61
N PHE U 118 58.47 34.51 97.49
CA PHE U 118 59.89 34.84 97.23
C PHE U 118 59.99 36.26 96.67
N PRO U 119 60.82 37.13 97.30
CA PRO U 119 61.25 38.38 96.65
C PRO U 119 62.27 38.10 95.54
N PRO U 120 62.38 38.99 94.53
CA PRO U 120 63.22 38.72 93.36
C PRO U 120 64.62 38.20 93.72
N THR U 129 60.97 43.88 85.29
CA THR U 129 61.66 42.85 86.12
C THR U 129 60.80 42.44 87.33
N ALA U 130 59.47 42.41 87.22
CA ALA U 130 58.52 41.97 88.28
C ALA U 130 58.67 40.45 88.52
N SER U 131 59.84 40.03 89.00
CA SER U 131 60.28 38.62 89.22
C SER U 131 59.76 38.10 90.58
N VAL U 132 58.44 38.08 90.79
CA VAL U 132 57.81 37.69 92.10
C VAL U 132 57.07 36.35 91.95
N VAL U 133 57.55 35.35 92.69
CA VAL U 133 57.14 33.92 92.61
C VAL U 133 56.31 33.58 93.87
N CYS U 134 55.35 32.67 93.71
CA CYS U 134 54.56 32.00 94.77
C CYS U 134 54.59 30.48 94.53
N LEU U 135 55.08 29.68 95.47
CA LEU U 135 55.11 28.19 95.36
C LEU U 135 53.94 27.60 96.15
N LEU U 136 53.13 26.76 95.51
CA LEU U 136 52.13 25.88 96.18
C LEU U 136 52.68 24.45 96.13
N ASN U 137 53.15 23.91 97.25
CA ASN U 137 53.85 22.59 97.24
C ASN U 137 52.92 21.47 97.74
N ASN U 138 52.87 20.38 96.95
CA ASN U 138 52.31 19.04 97.28
C ASN U 138 50.87 19.18 97.80
N PHE U 139 49.91 19.38 96.88
CA PHE U 139 48.47 19.51 97.20
C PHE U 139 47.65 18.58 96.30
N TYR U 140 46.36 18.47 96.61
CA TYR U 140 45.35 17.66 95.90
C TYR U 140 43.95 18.00 96.40
N PRO U 141 42.93 18.18 95.52
CA PRO U 141 43.08 18.04 94.07
C PRO U 141 43.72 19.24 93.34
N ARG U 142 43.77 19.20 92.00
CA ARG U 142 44.53 20.17 91.16
C ARG U 142 43.89 21.57 91.29
N GLU U 143 42.58 21.62 91.47
CA GLU U 143 41.75 22.86 91.55
C GLU U 143 42.37 23.80 92.59
N ALA U 144 42.87 24.97 92.19
CA ALA U 144 43.54 25.96 93.08
C ALA U 144 43.68 27.31 92.38
N LYS U 145 43.27 28.40 93.04
CA LYS U 145 43.39 29.81 92.58
C LYS U 145 44.47 30.54 93.39
N VAL U 146 45.33 31.34 92.75
CA VAL U 146 46.33 32.23 93.46
C VAL U 146 45.97 33.70 93.22
N VAL U 150 50.26 43.54 96.98
CA VAL U 150 50.48 44.73 96.10
C VAL U 150 49.69 45.92 96.69
N ASP U 151 49.92 46.24 97.97
CA ASP U 151 49.18 47.29 98.73
C ASP U 151 47.69 46.92 98.74
N ASN U 152 47.38 45.65 99.03
CA ASN U 152 46.01 45.05 99.07
C ASN U 152 45.27 45.37 97.78
N ALA U 153 45.98 45.45 96.65
CA ALA U 153 45.41 45.65 95.30
C ALA U 153 45.77 44.41 94.45
N LEU U 154 44.97 43.35 94.59
CA LEU U 154 45.03 42.12 93.75
C LEU U 154 45.29 42.52 92.29
N GLN U 155 46.30 41.92 91.65
CA GLN U 155 46.81 42.37 90.32
C GLN U 155 46.08 41.68 89.14
N ASN U 158 48.93 39.93 84.28
CA ASN U 158 50.12 40.39 85.05
C ASN U 158 50.97 39.19 85.55
N SER U 159 50.48 37.95 85.43
CA SER U 159 51.11 36.73 86.02
C SER U 159 50.92 35.48 85.14
N GLU U 161 51.04 31.11 85.20
CA GLU U 161 50.92 29.89 86.05
C GLU U 161 51.78 28.75 85.47
N SER U 162 52.04 27.70 86.26
CA SER U 162 52.72 26.45 85.80
C SER U 162 52.38 25.33 86.79
N VAL U 163 52.21 24.09 86.30
CA VAL U 163 51.78 22.94 87.15
C VAL U 163 52.57 21.71 86.75
N THR U 164 53.12 20.99 87.73
CA THR U 164 53.76 19.66 87.56
C THR U 164 52.65 18.62 87.37
N GLU U 165 53.05 17.44 86.86
CA GLU U 165 52.16 16.27 86.63
C GLU U 165 52.03 15.54 87.95
N GLN U 166 50.85 14.99 88.24
CA GLN U 166 50.55 14.23 89.46
C GLN U 166 51.78 13.39 89.82
N ASP U 167 52.21 13.42 91.09
CA ASP U 167 53.50 12.86 91.55
C ASP U 167 53.43 11.34 91.59
N SER U 168 54.53 10.71 91.16
CA SER U 168 54.77 9.25 91.12
C SER U 168 54.56 8.63 92.51
N LYS U 169 55.00 9.31 93.57
CA LYS U 169 55.05 8.78 94.96
C LYS U 169 53.76 9.08 95.72
N ASP U 170 53.43 10.37 95.89
CA ASP U 170 52.39 10.85 96.83
C ASP U 170 51.12 11.33 96.09
N SER U 171 51.03 11.14 94.76
CA SER U 171 49.88 11.51 93.89
C SER U 171 49.49 12.99 94.05
N THR U 172 50.45 13.91 94.24
CA THR U 172 50.17 15.34 94.52
C THR U 172 50.67 16.25 93.39
N TYR U 173 50.15 17.48 93.38
CA TYR U 173 50.51 18.56 92.43
C TYR U 173 51.34 19.62 93.16
N SER U 174 52.10 20.40 92.40
CA SER U 174 52.74 21.65 92.86
C SER U 174 52.55 22.69 91.74
N LEU U 175 52.25 23.93 92.12
CA LEU U 175 51.99 25.04 91.16
C LEU U 175 52.98 26.18 91.42
N SER U 176 53.53 26.79 90.35
CA SER U 176 54.39 28.01 90.37
C SER U 176 53.69 29.15 89.61
N SER U 177 53.51 30.30 90.26
CA SER U 177 52.92 31.56 89.73
C SER U 177 53.97 32.67 89.80
N THR U 178 54.09 33.55 88.80
CA THR U 178 55.08 34.67 88.80
C THR U 178 54.41 36.00 88.38
N GLU U 195 47.82 35.16 97.91
CA GLU U 195 46.63 34.50 98.51
C GLU U 195 46.23 33.29 97.66
N VAL U 196 46.00 32.12 98.29
CA VAL U 196 45.67 30.85 97.61
C VAL U 196 44.34 30.30 98.16
N THR U 197 43.38 29.96 97.28
CA THR U 197 42.05 29.33 97.57
C THR U 197 42.09 27.86 97.11
N HIS U 198 42.06 26.94 98.06
CA HIS U 198 42.15 25.47 97.85
C HIS U 198 41.14 24.79 98.79
N GLN U 199 40.47 23.74 98.30
CA GLN U 199 39.39 23.01 98.99
C GLN U 199 39.93 22.27 100.24
N GLY U 200 41.25 22.17 100.40
CA GLY U 200 41.92 21.49 101.53
C GLY U 200 42.26 22.40 102.70
N LEU U 201 42.09 23.72 102.54
CA LEU U 201 42.26 24.73 103.63
C LEU U 201 40.94 25.46 103.83
N SER U 202 40.38 25.40 105.05
CA SER U 202 38.96 25.75 105.34
C SER U 202 38.70 27.21 104.95
N SER U 203 39.70 28.09 105.10
CA SER U 203 39.67 29.49 104.62
C SER U 203 41.02 29.85 103.97
N PRO U 204 41.04 30.79 103.00
CA PRO U 204 42.24 31.08 102.20
C PRO U 204 43.54 31.31 102.99
N VAL U 205 44.69 31.11 102.34
CA VAL U 205 46.05 31.40 102.89
C VAL U 205 46.55 32.73 102.31
N VAL V 2 -11.57 63.83 51.61
CA VAL V 2 -12.06 62.43 51.92
C VAL V 2 -12.88 62.45 53.21
N GLN V 3 -14.16 62.08 53.16
CA GLN V 3 -14.98 62.00 54.39
C GLN V 3 -15.97 60.82 54.35
N LEU V 4 -16.21 60.28 55.54
CA LEU V 4 -17.24 59.26 55.80
C LEU V 4 -18.01 59.78 57.02
N VAL V 5 -19.35 59.83 56.91
CA VAL V 5 -20.25 60.27 58.00
C VAL V 5 -21.26 59.15 58.23
N GLU V 6 -21.14 58.46 59.36
CA GLU V 6 -22.09 57.40 59.78
C GLU V 6 -23.39 58.08 60.22
N SER V 7 -24.48 57.32 60.39
CA SER V 7 -25.77 57.74 61.00
C SER V 7 -26.68 56.52 61.18
N GLY V 8 -27.77 56.69 61.93
CA GLY V 8 -28.78 55.64 62.18
C GLY V 8 -28.67 55.06 63.57
N GLY V 9 -27.58 55.36 64.29
CA GLY V 9 -27.33 54.78 65.62
C GLY V 9 -28.25 55.35 66.68
N GLY V 10 -28.55 54.57 67.71
CA GLY V 10 -29.44 55.03 68.79
C GLY V 10 -29.71 53.90 69.75
N VAL V 11 -30.75 54.07 70.57
CA VAL V 11 -31.21 53.07 71.59
C VAL V 11 -32.16 52.09 70.90
N VAL V 12 -31.97 50.80 71.15
CA VAL V 12 -32.84 49.74 70.58
C VAL V 12 -32.85 48.57 71.57
N GLN V 13 -33.97 47.85 71.57
CA GLN V 13 -34.28 46.83 72.58
C GLN V 13 -33.78 45.51 72.02
N PRO V 14 -33.34 44.54 72.85
CA PRO V 14 -32.91 43.23 72.37
C PRO V 14 -33.90 42.61 71.37
N GLY V 15 -33.37 41.95 70.34
CA GLY V 15 -34.18 41.25 69.32
C GLY V 15 -34.61 42.17 68.19
N ARG V 16 -34.71 43.49 68.43
CA ARG V 16 -35.19 44.45 67.39
C ARG V 16 -34.04 44.77 66.41
N SER V 17 -34.37 45.43 65.30
CA SER V 17 -33.43 45.70 64.19
C SER V 17 -33.09 47.19 64.15
N LEU V 18 -32.01 47.55 63.46
CA LEU V 18 -31.61 48.96 63.25
C LEU V 18 -30.69 49.00 62.03
N ARG V 19 -30.72 50.08 61.26
CA ARG V 19 -29.99 50.20 59.98
C ARG V 19 -29.10 51.43 60.04
N LEU V 20 -27.78 51.21 60.06
CA LEU V 20 -26.77 52.30 60.02
C LEU V 20 -26.54 52.61 58.55
N SER V 21 -26.13 53.84 58.25
CA SER V 21 -25.77 54.30 56.89
C SER V 21 -24.52 55.15 57.01
N CYS V 22 -23.74 55.22 55.94
CA CYS V 22 -22.45 55.96 55.92
C CYS V 22 -22.38 56.68 54.57
N ALA V 23 -22.33 58.01 54.57
CA ALA V 23 -22.19 58.87 53.38
C ALA V 23 -20.71 59.05 53.05
N ALA V 24 -20.34 58.78 51.80
CA ALA V 24 -18.96 58.90 51.30
C ALA V 24 -18.85 60.07 50.32
N SER V 25 -17.65 60.64 50.26
CA SER V 25 -17.30 61.77 49.35
C SER V 25 -15.78 61.98 49.40
N GLY V 26 -15.23 62.69 48.41
CA GLY V 26 -13.81 63.06 48.34
C GLY V 26 -12.95 61.92 47.84
N PHE V 27 -13.54 60.91 47.17
CA PHE V 27 -12.82 59.77 46.56
C PHE V 27 -13.78 58.91 45.72
N THR V 28 -13.22 58.14 44.80
CA THR V 28 -13.97 57.19 43.94
C THR V 28 -14.47 56.05 44.84
N PHE V 29 -15.64 56.27 45.46
CA PHE V 29 -16.33 55.34 46.37
C PHE V 29 -16.38 53.95 45.75
N SER V 30 -16.74 53.90 44.46
CA SER V 30 -17.06 52.66 43.73
C SER V 30 -15.78 51.89 43.35
N SER V 31 -14.60 52.37 43.74
CA SER V 31 -13.29 51.73 43.48
C SER V 31 -12.65 51.20 44.77
N SER V 32 -13.33 51.24 45.92
CA SER V 32 -12.80 50.66 47.17
C SER V 32 -13.79 49.67 47.74
N ALA V 33 -13.28 48.55 48.24
CA ALA V 33 -14.06 47.72 49.19
C ALA V 33 -14.28 48.60 50.43
N MET V 34 -15.29 48.28 51.23
CA MET V 34 -15.64 49.07 52.43
C MET V 34 -15.88 48.09 53.58
N HIS V 35 -15.60 48.54 54.82
CA HIS V 35 -15.72 47.78 56.08
C HIS V 35 -16.65 48.49 57.08
N TRP V 36 -17.19 47.71 58.00
CA TRP V 36 -17.68 48.18 59.32
C TRP V 36 -16.77 47.52 60.36
N VAL V 37 -16.27 48.35 61.27
CA VAL V 37 -15.47 47.99 62.48
C VAL V 37 -16.25 48.58 63.65
N ARG V 38 -16.42 47.83 64.75
CA ARG V 38 -17.15 48.35 65.94
C ARG V 38 -16.21 48.34 67.14
N GLN V 39 -16.56 49.11 68.17
CA GLN V 39 -15.77 49.27 69.43
C GLN V 39 -16.79 49.37 70.57
N ALA V 40 -16.96 48.30 71.35
CA ALA V 40 -17.77 48.33 72.59
C ALA V 40 -17.19 49.40 73.50
N PRO V 41 -17.97 50.12 74.34
CA PRO V 41 -17.45 51.29 75.04
C PRO V 41 -16.26 50.92 75.93
N GLY V 42 -15.15 51.66 75.76
CA GLY V 42 -13.89 51.52 76.50
C GLY V 42 -13.23 50.15 76.34
N LYS V 43 -13.49 49.45 75.23
CA LYS V 43 -12.83 48.18 74.90
C LYS V 43 -12.12 48.36 73.55
N GLY V 44 -11.69 47.26 72.94
CA GLY V 44 -10.90 47.22 71.70
C GLY V 44 -11.77 47.32 70.45
N LEU V 45 -11.10 47.41 69.30
CA LEU V 45 -11.68 47.40 67.94
C LEU V 45 -11.84 45.95 67.47
N GLU V 46 -12.98 45.60 66.89
CA GLU V 46 -13.18 44.30 66.19
C GLU V 46 -13.81 44.62 64.82
N TRP V 47 -13.24 44.03 63.77
CA TRP V 47 -13.73 44.09 62.37
C TRP V 47 -15.01 43.26 62.30
N VAL V 48 -16.00 43.77 61.57
CA VAL V 48 -17.39 43.22 61.56
C VAL V 48 -17.69 42.61 60.19
N ALA V 49 -17.42 43.35 59.12
CA ALA V 49 -17.79 42.94 57.75
C ALA V 49 -17.04 43.76 56.69
N VAL V 50 -16.84 43.16 55.50
CA VAL V 50 -16.31 43.83 54.28
C VAL V 50 -17.36 43.65 53.18
N ILE V 51 -17.40 44.60 52.23
CA ILE V 51 -18.16 44.51 50.95
C ILE V 51 -17.24 44.94 49.79
N SER V 52 -17.29 44.17 48.69
CA SER V 52 -16.51 44.38 47.44
C SER V 52 -16.95 45.71 46.80
N TYR V 53 -16.11 46.27 45.92
CA TYR V 53 -16.35 47.54 45.17
C TYR V 53 -17.72 47.45 44.50
N ASP V 54 -17.92 46.41 43.69
CA ASP V 54 -19.19 45.92 43.07
C ASP V 54 -20.39 46.16 43.97
N GLY V 55 -20.31 45.78 45.24
CA GLY V 55 -21.48 45.57 46.11
C GLY V 55 -21.94 44.13 46.15
N ASN V 56 -21.36 43.26 45.32
CA ASN V 56 -21.90 41.91 44.99
C ASN V 56 -21.29 40.77 45.83
N ASN V 57 -20.36 41.05 46.76
CA ASN V 57 -19.61 40.01 47.52
C ASN V 57 -19.40 40.53 48.94
N GLN V 58 -19.80 39.74 49.94
CA GLN V 58 -19.73 40.13 51.36
C GLN V 58 -19.06 39.03 52.21
N LEU V 59 -18.26 39.45 53.18
CA LEU V 59 -17.59 38.55 54.17
C LEU V 59 -17.82 39.15 55.56
N TYR V 60 -18.10 38.29 56.53
CA TYR V 60 -18.48 38.64 57.92
C TYR V 60 -17.58 37.94 58.94
N ALA V 61 -17.33 38.58 60.08
CA ALA V 61 -16.63 38.01 61.24
C ALA V 61 -17.53 36.93 61.86
N ASP V 62 -16.94 35.94 62.55
CA ASP V 62 -17.69 34.76 63.05
C ASP V 62 -18.75 35.20 64.06
N SER V 63 -18.45 36.18 64.91
CA SER V 63 -19.32 36.69 66.01
C SER V 63 -20.63 37.27 65.49
N VAL V 64 -20.66 37.78 64.25
CA VAL V 64 -21.82 38.52 63.66
C VAL V 64 -22.46 37.74 62.51
N LYS V 65 -21.83 36.65 62.03
CA LYS V 65 -22.31 35.81 60.90
C LYS V 65 -23.81 35.55 61.02
N GLY V 66 -24.59 35.91 59.99
CA GLY V 66 -26.03 35.61 59.85
C GLY V 66 -26.97 36.60 60.53
N ARG V 67 -26.45 37.56 61.30
CA ARG V 67 -27.26 38.57 62.04
C ARG V 67 -26.98 39.99 61.54
N LEU V 68 -25.83 40.21 60.89
CA LEU V 68 -25.54 41.49 60.17
C LEU V 68 -25.57 41.24 58.67
N THR V 69 -26.00 42.25 57.91
CA THR V 69 -25.92 42.28 56.44
C THR V 69 -25.32 43.62 56.04
N ILE V 70 -24.16 43.59 55.38
CA ILE V 70 -23.53 44.81 54.77
C ILE V 70 -24.13 44.89 53.37
N SER V 71 -24.14 46.09 52.79
CA SER V 71 -24.59 46.35 51.41
C SER V 71 -24.23 47.79 51.10
N ARG V 72 -24.34 48.18 49.83
CA ARG V 72 -23.96 49.54 49.37
C ARG V 72 -24.81 49.86 48.14
N ASP V 73 -24.92 51.16 47.87
CA ASP V 73 -25.55 51.78 46.68
C ASP V 73 -24.50 52.76 46.15
N ASN V 74 -23.79 52.38 45.10
CA ASN V 74 -22.70 53.21 44.53
C ASN V 74 -23.31 54.47 43.92
N SER V 75 -24.56 54.42 43.45
CA SER V 75 -25.28 55.58 42.84
C SER V 75 -25.44 56.73 43.84
N LYS V 76 -25.60 56.43 45.13
CA LYS V 76 -25.71 57.43 46.23
C LYS V 76 -24.40 57.59 47.04
N ASN V 77 -23.29 56.94 46.67
CA ASN V 77 -22.05 56.90 47.48
C ASN V 77 -22.40 56.49 48.92
N ALA V 78 -23.28 55.51 49.10
CA ALA V 78 -23.77 55.08 50.43
C ALA V 78 -23.25 53.69 50.77
N LEU V 79 -22.84 53.50 52.02
CA LEU V 79 -22.56 52.16 52.62
C LEU V 79 -23.65 51.91 53.66
N TYR V 80 -24.11 50.67 53.87
CA TYR V 80 -25.19 50.34 54.86
C TYR V 80 -24.82 49.11 55.69
N LEU V 81 -25.21 49.10 56.96
CA LEU V 81 -25.10 47.89 57.82
C LEU V 81 -26.47 47.68 58.46
N GLN V 82 -27.12 46.57 58.14
CA GLN V 82 -28.45 46.17 58.65
C GLN V 82 -28.22 45.20 59.81
N LEU V 83 -28.56 45.61 61.03
CA LEU V 83 -28.39 44.76 62.25
C LEU V 83 -29.75 44.16 62.58
N ASN V 84 -29.81 42.84 62.71
CA ASN V 84 -31.04 42.08 63.07
C ASN V 84 -30.77 41.37 64.40
N SER V 85 -31.80 40.75 64.99
CA SER V 85 -31.68 39.81 66.14
C SER V 85 -30.65 40.34 67.15
N LEU V 86 -30.75 41.63 67.53
CA LEU V 86 -29.70 42.35 68.33
C LEU V 86 -29.57 41.81 69.77
N ARG V 87 -28.36 41.97 70.33
CA ARG V 87 -27.90 41.50 71.66
C ARG V 87 -27.23 42.64 72.42
N THR V 88 -27.25 42.63 73.75
CA THR V 88 -26.58 43.63 74.64
C THR V 88 -25.10 43.76 74.23
N GLU V 89 -24.43 42.64 73.92
CA GLU V 89 -22.99 42.59 73.49
C GLU V 89 -22.80 43.31 72.15
N ASP V 90 -23.85 43.46 71.32
CA ASP V 90 -23.77 44.21 70.03
C ASP V 90 -23.64 45.71 70.34
N THR V 91 -23.81 46.12 71.59
CA THR V 91 -23.66 47.55 71.99
C THR V 91 -22.23 48.01 71.70
N ALA V 92 -22.11 49.08 70.92
CA ALA V 92 -20.81 49.67 70.50
C ALA V 92 -21.00 50.89 69.58
N VAL V 93 -19.88 51.58 69.32
CA VAL V 93 -19.73 52.56 68.21
C VAL V 93 -19.45 51.75 66.93
N TYR V 94 -20.11 52.08 65.83
CA TYR V 94 -19.90 51.44 64.52
C TYR V 94 -19.21 52.47 63.62
N PHE V 95 -17.96 52.18 63.26
CA PHE V 95 -17.17 52.94 62.25
C PHE V 95 -17.41 52.33 60.85
N CYS V 96 -17.55 53.24 59.88
CA CYS V 96 -17.58 52.90 58.44
C CYS V 96 -16.15 53.25 58.02
N ALA V 97 -15.40 52.31 57.47
CA ALA V 97 -13.95 52.48 57.17
C ALA V 97 -13.64 52.04 55.74
N ARG V 98 -12.71 52.74 55.08
CA ARG V 98 -12.34 52.39 53.69
C ARG V 98 -11.24 51.31 53.70
N ASP V 99 -11.43 50.24 52.93
CA ASP V 99 -10.42 49.17 52.70
C ASP V 99 -9.14 49.78 52.11
N GLY V 100 -7.99 49.35 52.61
CA GLY V 100 -6.69 49.92 52.21
C GLY V 100 -6.21 49.44 50.85
N GLY V 101 -6.98 48.57 50.18
CA GLY V 101 -6.71 48.06 48.82
C GLY V 101 -6.40 46.57 48.82
N GLY V 102 -6.39 45.92 49.99
CA GLY V 102 -6.02 44.49 50.14
C GLY V 102 -7.21 43.54 50.17
N TYR V 103 -8.46 44.00 49.97
CA TYR V 103 -9.68 43.15 49.94
C TYR V 103 -9.41 41.89 49.14
N SER V 104 -8.90 42.04 47.91
CA SER V 104 -8.74 40.89 46.98
C SER V 104 -7.96 39.75 47.66
N PHE V 105 -6.98 40.06 48.51
CA PHE V 105 -6.04 39.04 49.05
C PHE V 105 -6.52 38.48 50.39
N GLY V 106 -7.68 38.95 50.85
CA GLY V 106 -8.21 38.70 52.22
C GLY V 106 -7.33 39.34 53.26
N THR V 107 -6.57 40.38 52.93
CA THR V 107 -5.69 41.16 53.85
C THR V 107 -6.31 42.56 54.10
N TYR V 108 -7.11 42.70 55.16
CA TYR V 108 -7.93 43.93 55.39
C TYR V 108 -7.23 44.84 56.42
N PHE V 109 -6.90 46.06 55.99
CA PHE V 109 -6.51 47.18 56.89
C PHE V 109 -7.25 48.46 56.43
N PHE V 110 -7.34 49.47 57.31
CA PHE V 110 -8.37 50.55 57.25
C PHE V 110 -7.73 51.93 57.14
N ASP V 111 -7.65 52.51 55.94
CA ASP V 111 -6.79 53.71 55.69
C ASP V 111 -7.57 55.00 55.96
N PHE V 112 -8.88 54.92 56.16
CA PHE V 112 -9.71 56.11 56.50
C PHE V 112 -11.03 55.66 57.16
N TRP V 113 -11.33 56.28 58.31
CA TRP V 113 -12.50 55.98 59.18
C TRP V 113 -13.38 57.21 59.35
N GLY V 114 -14.69 57.00 59.46
CA GLY V 114 -15.66 58.05 59.85
C GLY V 114 -15.65 58.23 61.35
N GLN V 115 -16.38 59.21 61.88
CA GLN V 115 -16.43 59.56 63.33
C GLN V 115 -17.15 58.45 64.12
N GLY V 116 -17.90 57.56 63.48
CA GLY V 116 -18.59 56.47 64.19
C GLY V 116 -20.00 56.89 64.57
N THR V 117 -20.85 55.92 64.91
CA THR V 117 -22.25 56.15 65.31
C THR V 117 -22.56 55.12 66.40
N LEU V 118 -23.22 55.55 67.47
CA LEU V 118 -23.37 54.69 68.67
C LEU V 118 -24.69 53.91 68.61
N VAL V 119 -24.59 52.60 68.83
CA VAL V 119 -25.76 51.69 68.97
C VAL V 119 -25.74 51.16 70.39
N THR V 120 -26.76 51.55 71.15
CA THR V 120 -26.96 51.10 72.54
C THR V 120 -28.11 50.09 72.49
N VAL V 121 -27.84 48.84 72.86
CA VAL V 121 -28.90 47.80 72.92
C VAL V 121 -29.20 47.56 74.40
N SER V 122 -30.31 48.16 74.89
CA SER V 122 -30.78 48.17 76.30
C SER V 122 -32.31 48.06 76.34
N SER V 123 -32.81 47.24 77.27
CA SER V 123 -34.27 47.06 77.45
C SER V 123 -34.81 48.23 78.28
N ALA V 124 -34.00 48.76 79.19
CA ALA V 124 -34.26 49.91 80.08
C ALA V 124 -35.16 50.97 79.42
N SER V 125 -36.01 51.57 80.26
CA SER V 125 -36.96 52.66 79.91
C SER V 125 -36.32 54.02 80.21
N THR V 126 -36.63 55.03 79.39
CA THR V 126 -36.28 56.46 79.62
C THR V 126 -36.67 56.83 81.06
N LYS V 127 -35.76 57.46 81.79
CA LYS V 127 -35.93 57.76 83.24
C LYS V 127 -34.95 58.87 83.63
N GLY V 128 -35.48 59.97 84.18
CA GLY V 128 -34.68 61.07 84.77
C GLY V 128 -33.86 60.59 85.97
N PRO V 129 -32.74 61.26 86.30
CA PRO V 129 -31.92 60.87 87.44
C PRO V 129 -32.49 61.35 88.79
N SER V 130 -32.24 60.59 89.86
CA SER V 130 -32.33 61.07 91.26
C SER V 130 -31.00 61.75 91.58
N VAL V 131 -31.02 62.96 92.17
CA VAL V 131 -29.80 63.75 92.51
C VAL V 131 -29.70 63.82 94.05
N PHE V 132 -28.60 63.28 94.59
CA PHE V 132 -28.30 63.18 96.05
C PHE V 132 -27.07 64.04 96.36
N PRO V 133 -27.00 64.62 97.58
CA PRO V 133 -25.83 65.37 98.02
C PRO V 133 -24.66 64.46 98.45
N LEU V 134 -23.45 64.77 97.97
CA LEU V 134 -22.16 64.35 98.60
C LEU V 134 -21.66 65.54 99.42
N ALA V 135 -22.06 65.64 100.69
CA ALA V 135 -21.78 66.79 101.59
C ALA V 135 -20.45 66.60 102.32
N PRO V 136 -19.79 67.70 102.74
CA PRO V 136 -18.69 67.66 103.72
C PRO V 136 -18.91 66.82 104.97
N ALA V 147 -13.97 69.37 99.76
CA ALA V 147 -14.48 68.51 98.66
C ALA V 147 -15.93 68.10 98.91
N LEU V 148 -16.83 68.49 98.00
CA LEU V 148 -18.27 68.16 98.01
C LEU V 148 -18.70 67.80 96.58
N GLY V 149 -19.95 67.37 96.39
CA GLY V 149 -20.46 67.01 95.06
C GLY V 149 -21.93 66.60 95.05
N CYS V 150 -22.33 66.01 93.93
CA CYS V 150 -23.69 65.46 93.68
C CYS V 150 -23.57 64.03 93.12
N LEU V 151 -24.39 63.09 93.60
CA LEU V 151 -24.51 61.72 93.02
C LEU V 151 -25.77 61.69 92.15
N VAL V 152 -25.61 61.67 90.83
CA VAL V 152 -26.67 61.62 89.78
C VAL V 152 -26.96 60.13 89.50
N LYS V 153 -28.00 59.60 90.14
CA LYS V 153 -28.20 58.13 90.07
C LYS V 153 -29.47 57.64 89.41
N ASP V 154 -29.35 56.56 88.63
CA ASP V 154 -30.47 55.81 88.02
C ASP V 154 -31.13 56.68 86.94
N TYR V 155 -30.43 56.92 85.83
CA TYR V 155 -31.01 57.61 84.64
C TYR V 155 -30.77 56.78 83.37
N PHE V 156 -31.53 57.11 82.32
CA PHE V 156 -31.44 56.43 81.01
C PHE V 156 -32.14 57.24 79.91
N PRO V 157 -31.54 57.42 78.71
CA PRO V 157 -30.17 56.97 78.41
C PRO V 157 -29.15 58.05 78.81
N GLU V 158 -27.97 58.05 78.20
CA GLU V 158 -27.01 59.18 78.30
C GLU V 158 -27.44 60.25 77.30
N PRO V 159 -26.97 61.52 77.41
CA PRO V 159 -26.22 62.04 78.56
C PRO V 159 -26.98 62.82 79.64
N VAL V 160 -26.37 63.00 80.81
CA VAL V 160 -26.72 64.09 81.77
C VAL V 160 -25.59 65.14 81.72
N THR V 161 -25.95 66.40 81.94
CA THR V 161 -25.01 67.55 82.05
C THR V 161 -25.08 68.07 83.48
N VAL V 162 -23.93 68.40 84.03
CA VAL V 162 -23.78 69.01 85.38
C VAL V 162 -23.00 70.32 85.19
N SER V 163 -23.51 71.42 85.72
CA SER V 163 -22.70 72.63 86.05
C SER V 163 -22.83 72.87 87.56
N TRP V 164 -22.04 73.79 88.09
CA TRP V 164 -22.12 74.27 89.50
C TRP V 164 -22.38 75.78 89.47
N ASN V 165 -23.31 76.27 90.30
CA ASN V 165 -23.66 77.71 90.39
C ASN V 165 -23.98 78.21 88.96
N SER V 166 -24.71 77.40 88.19
CA SER V 166 -25.17 77.70 86.80
C SER V 166 -24.01 78.14 85.90
N GLY V 167 -22.82 77.55 86.06
CA GLY V 167 -21.63 77.78 85.21
C GLY V 167 -20.71 78.86 85.73
N ALA V 168 -20.96 79.41 86.92
CA ALA V 168 -20.10 80.41 87.59
C ALA V 168 -18.93 79.70 88.30
N LEU V 169 -19.19 78.53 88.92
CA LEU V 169 -18.16 77.72 89.64
C LEU V 169 -17.60 76.66 88.68
N THR V 170 -16.32 76.73 88.37
CA THR V 170 -15.69 75.96 87.27
C THR V 170 -14.40 75.30 87.77
N SER V 171 -13.47 76.05 88.37
CA SER V 171 -12.21 75.53 88.96
C SER V 171 -12.54 74.47 90.03
N GLY V 172 -11.68 73.44 90.13
CA GLY V 172 -11.70 72.38 91.16
C GLY V 172 -12.73 71.29 90.91
N VAL V 173 -13.46 71.33 89.80
CA VAL V 173 -14.64 70.48 89.47
C VAL V 173 -14.18 69.23 88.69
N HIS V 174 -14.76 68.05 88.96
CA HIS V 174 -14.53 66.80 88.18
C HIS V 174 -15.87 66.08 87.97
N THR V 175 -16.39 66.09 86.74
CA THR V 175 -17.63 65.34 86.36
C THR V 175 -17.18 64.03 85.71
N PHE V 176 -17.37 62.93 86.44
CA PHE V 176 -16.84 61.59 86.07
C PHE V 176 -17.61 61.00 84.90
N PRO V 177 -16.95 60.19 84.04
CA PRO V 177 -17.68 59.33 83.12
C PRO V 177 -18.65 58.41 83.87
N ALA V 178 -19.87 58.30 83.33
CA ALA V 178 -21.00 57.50 83.84
C ALA V 178 -20.59 56.04 83.96
N VAL V 179 -21.41 55.25 84.63
CA VAL V 179 -21.22 53.78 84.76
C VAL V 179 -22.58 53.12 84.52
N LEU V 180 -22.59 51.97 83.84
CA LEU V 180 -23.79 51.11 83.65
C LEU V 180 -23.80 50.09 84.79
N GLN V 181 -24.83 50.17 85.63
CA GLN V 181 -24.98 49.29 86.81
C GLN V 181 -25.87 48.14 86.35
N SER V 182 -25.72 46.97 86.98
CA SER V 182 -26.47 45.72 86.66
C SER V 182 -27.97 45.99 86.50
N SER V 183 -28.50 47.13 86.97
CA SER V 183 -29.91 47.54 86.77
C SER V 183 -30.15 47.96 85.31
N GLY V 184 -29.10 48.35 84.59
CA GLY V 184 -29.17 48.85 83.19
C GLY V 184 -29.42 50.34 83.10
N LEU V 185 -29.32 51.05 84.24
CA LEU V 185 -29.39 52.54 84.39
C LEU V 185 -27.97 53.06 84.65
N TYR V 186 -27.72 54.34 84.36
CA TYR V 186 -26.38 54.97 84.49
C TYR V 186 -26.29 55.68 85.85
N SER V 187 -25.07 55.84 86.36
CA SER V 187 -24.76 56.48 87.66
C SER V 187 -23.41 57.19 87.59
N LEU V 188 -23.45 58.49 87.87
CA LEU V 188 -22.38 59.47 87.60
C LEU V 188 -22.27 60.34 88.84
N SER V 189 -21.04 60.72 89.19
CA SER V 189 -20.68 61.66 90.30
C SER V 189 -20.09 62.92 89.66
N SER V 190 -20.45 64.09 90.17
CA SER V 190 -19.74 65.36 89.89
C SER V 190 -19.29 65.92 91.24
N VAL V 191 -18.00 66.21 91.37
CA VAL V 191 -17.40 66.73 92.63
C VAL V 191 -16.70 68.05 92.33
N VAL V 192 -16.24 68.67 93.41
CA VAL V 192 -15.50 69.96 93.39
C VAL V 192 -14.78 70.09 94.73
N THR V 193 -13.58 70.68 94.73
CA THR V 193 -12.78 70.99 95.93
C THR V 193 -12.82 72.51 96.09
N VAL V 194 -13.12 72.95 97.32
CA VAL V 194 -13.21 74.40 97.68
C VAL V 194 -12.54 74.57 99.05
N PRO V 195 -12.12 75.80 99.43
CA PRO V 195 -11.61 76.07 100.78
C PRO V 195 -12.72 75.99 101.85
N SER V 196 -12.41 75.47 103.05
CA SER V 196 -13.35 75.33 104.20
C SER V 196 -13.75 76.68 104.80
N SER V 197 -12.99 77.74 104.48
CA SER V 197 -13.37 79.17 104.59
C SER V 197 -14.85 79.38 104.16
N SER V 198 -15.20 78.93 102.96
CA SER V 198 -16.47 79.22 102.25
C SER V 198 -17.64 78.33 102.74
N LEU V 199 -17.38 77.25 103.49
CA LEU V 199 -18.39 76.22 103.84
C LEU V 199 -19.61 76.87 104.52
N GLY V 200 -19.40 77.76 105.50
CA GLY V 200 -20.49 78.47 106.18
C GLY V 200 -21.21 79.46 105.27
N THR V 201 -20.47 80.11 104.37
CA THR V 201 -20.78 81.44 103.78
C THR V 201 -20.73 81.42 102.24
N GLN V 202 -21.13 80.30 101.62
CA GLN V 202 -21.24 80.18 100.13
C GLN V 202 -22.26 79.07 99.81
N THR V 203 -23.15 79.34 98.86
CA THR V 203 -24.16 78.37 98.34
C THR V 203 -23.50 77.61 97.18
N TYR V 204 -23.52 76.27 97.24
CA TYR V 204 -23.03 75.36 96.17
C TYR V 204 -24.24 74.60 95.60
N ILE V 205 -24.55 74.83 94.31
CA ILE V 205 -25.72 74.23 93.60
C ILE V 205 -25.22 73.48 92.36
N CYS V 206 -25.47 72.17 92.30
CA CYS V 206 -25.25 71.36 91.09
C CYS V 206 -26.52 71.44 90.21
N ASN V 207 -26.34 71.88 88.96
CA ASN V 207 -27.41 72.01 87.94
C ASN V 207 -27.36 70.77 87.04
N VAL V 208 -28.31 69.85 87.21
CA VAL V 208 -28.33 68.52 86.53
C VAL V 208 -29.43 68.51 85.46
N ASN V 209 -29.01 68.49 84.19
CA ASN V 209 -29.99 68.47 83.07
C ASN V 209 -29.98 67.10 82.39
N HIS V 210 -31.17 66.57 82.09
CA HIS V 210 -31.37 65.28 81.40
C HIS V 210 -32.46 65.45 80.34
N LYS V 211 -32.07 65.78 79.11
CA LYS V 211 -32.98 66.22 78.01
C LYS V 211 -33.92 65.09 77.60
N PRO V 212 -33.48 63.82 77.49
CA PRO V 212 -34.41 62.71 77.20
C PRO V 212 -35.65 62.60 78.10
N SER V 213 -35.50 62.79 79.42
CA SER V 213 -36.61 62.66 80.40
C SER V 213 -37.30 64.02 80.62
N ASN V 214 -36.80 65.08 79.98
CA ASN V 214 -37.28 66.49 80.09
C ASN V 214 -37.18 66.93 81.57
N THR V 215 -36.01 66.75 82.19
CA THR V 215 -35.75 66.84 83.65
C THR V 215 -34.66 67.89 83.96
N LYS V 216 -34.94 68.75 84.94
CA LYS V 216 -33.98 69.70 85.56
C LYS V 216 -34.05 69.49 87.09
N VAL V 217 -32.89 69.33 87.71
CA VAL V 217 -32.73 69.30 89.20
C VAL V 217 -31.61 70.29 89.52
N ASP V 218 -31.92 71.32 90.30
CA ASP V 218 -30.90 72.19 90.94
C ASP V 218 -30.84 71.76 92.40
N LYS V 219 -29.72 71.15 92.81
CA LYS V 219 -29.53 70.56 94.16
C LYS V 219 -28.51 71.39 94.92
N LYS V 220 -28.85 71.82 96.13
CA LYS V 220 -27.93 72.52 97.06
C LYS V 220 -27.24 71.46 97.94
N VAL V 221 -25.94 71.63 98.21
CA VAL V 221 -25.17 70.72 99.10
C VAL V 221 -24.37 71.57 100.11
N GLU V 222 -24.60 71.26 101.39
CA GLU V 222 -24.10 71.99 102.60
C GLU V 222 -23.91 70.98 103.72
N PRO V 223 -23.01 71.28 104.69
CA PRO V 223 -22.76 70.36 105.80
C PRO V 223 -23.91 70.35 106.82
N ASP W 1 -7.92 32.40 65.85
CA ASP W 1 -7.56 33.70 65.20
C ASP W 1 -6.12 34.02 65.61
N ILE W 2 -5.57 35.14 65.14
CA ILE W 2 -4.27 35.66 65.63
C ILE W 2 -4.56 36.66 66.76
N GLN W 3 -3.89 36.47 67.92
CA GLN W 3 -3.95 37.39 69.08
C GLN W 3 -2.81 38.38 68.90
N MET W 4 -3.10 39.67 69.06
CA MET W 4 -2.09 40.76 69.12
C MET W 4 -1.87 41.17 70.58
N THR W 5 -0.60 41.28 70.96
CA THR W 5 -0.14 41.71 72.31
C THR W 5 0.46 43.11 72.15
N GLN W 6 0.33 43.98 73.15
CA GLN W 6 0.95 45.32 73.09
C GLN W 6 1.81 45.61 74.33
N SER W 7 2.88 46.40 74.11
CA SER W 7 4.12 46.67 74.89
C SER W 7 3.88 46.84 76.39
N PRO W 8 3.96 48.05 76.99
CA PRO W 8 3.20 48.33 78.20
C PRO W 8 1.77 48.80 77.89
N SER W 9 0.84 48.53 78.80
CA SER W 9 -0.55 49.05 78.75
C SER W 9 -0.52 50.59 78.73
N SER W 10 0.31 51.21 79.57
CA SER W 10 0.54 52.68 79.65
C SER W 10 2.04 53.01 79.49
N LEU W 11 2.34 54.14 78.87
CA LEU W 11 3.71 54.72 78.86
C LEU W 11 3.51 56.21 79.16
N SER W 12 4.17 56.72 80.20
CA SER W 12 4.21 58.16 80.53
C SER W 12 5.45 58.77 79.87
N ALA W 13 5.29 59.85 79.11
CA ALA W 13 6.42 60.52 78.42
C ALA W 13 6.23 62.03 78.43
N SER W 14 7.30 62.80 78.20
CA SER W 14 7.27 64.27 78.02
C SER W 14 7.56 64.64 76.56
N VAL W 15 7.02 65.77 76.11
CA VAL W 15 7.38 66.41 74.81
C VAL W 15 8.90 66.37 74.63
N GLY W 16 9.38 65.86 73.50
CA GLY W 16 10.80 65.87 73.12
C GLY W 16 11.48 64.55 73.43
N GLU W 17 10.82 63.65 74.17
CA GLU W 17 11.33 62.27 74.43
C GLU W 17 11.23 61.47 73.13
N ARG W 18 11.97 60.36 73.11
CA ARG W 18 11.86 59.36 72.03
C ARG W 18 11.06 58.23 72.66
N VAL W 19 9.93 57.88 72.08
CA VAL W 19 9.01 56.85 72.67
C VAL W 19 8.97 55.63 71.74
N THR W 20 8.79 54.46 72.36
CA THR W 20 8.87 53.13 71.71
C THR W 20 7.77 52.25 72.29
N ILE W 21 6.67 52.07 71.56
CA ILE W 21 5.62 51.04 71.80
C ILE W 21 5.98 49.80 70.97
N THR W 22 5.68 48.61 71.47
CA THR W 22 5.93 47.29 70.82
C THR W 22 4.64 46.47 70.75
N CYS W 23 4.60 45.55 69.79
CA CYS W 23 3.40 44.78 69.36
C CYS W 23 3.86 43.35 69.08
N ARG W 24 3.14 42.33 69.55
CA ARG W 24 3.53 40.92 69.28
C ARG W 24 2.33 40.12 68.77
N ALA W 25 2.48 39.59 67.56
CA ALA W 25 1.58 38.63 66.91
C ALA W 25 1.84 37.24 67.49
N SER W 26 0.78 36.47 67.75
CA SER W 26 0.83 35.11 68.35
C SER W 26 1.36 34.07 67.37
N GLN W 27 1.76 34.50 66.16
CA GLN W 27 2.34 33.66 65.07
C GLN W 27 3.06 34.59 64.10
N ARG W 28 3.97 34.10 63.27
CA ARG W 28 4.64 34.96 62.25
C ARG W 28 3.53 35.55 61.37
N ILE W 29 3.67 36.80 60.93
CA ILE W 29 2.72 37.51 60.03
C ILE W 29 3.50 38.38 59.02
N SER W 30 4.74 37.99 58.68
CA SER W 30 5.60 38.68 57.69
C SER W 30 5.64 40.16 58.07
N ASN W 31 5.21 41.11 57.23
CA ASN W 31 5.13 42.54 57.60
C ASN W 31 3.69 43.06 57.43
N TYR W 32 2.67 42.20 57.57
CA TYR W 32 1.24 42.57 57.44
C TYR W 32 0.77 43.11 58.80
N LEU W 33 1.42 44.18 59.26
CA LEU W 33 1.14 44.80 60.58
C LEU W 33 0.99 46.30 60.34
N ASN W 34 -0.05 46.88 60.96
CA ASN W 34 -0.51 48.27 60.72
C ASN W 34 -0.76 48.95 62.08
N TRP W 35 -0.40 50.24 62.19
CA TRP W 35 -0.53 51.09 63.42
C TRP W 35 -1.56 52.21 63.22
N TYR W 36 -2.50 52.33 64.16
CA TYR W 36 -3.49 53.43 64.24
C TYR W 36 -3.34 54.20 65.57
N GLN W 37 -3.55 55.52 65.50
CA GLN W 37 -3.77 56.45 66.65
C GLN W 37 -5.29 56.60 66.89
N GLN W 38 -5.75 56.46 68.13
CA GLN W 38 -7.14 56.86 68.55
C GLN W 38 -7.07 57.85 69.73
N LYS W 39 -7.48 59.09 69.49
CA LYS W 39 -7.75 60.08 70.58
C LYS W 39 -9.14 59.85 71.18
N PRO W 40 -9.31 60.05 72.51
CA PRO W 40 -10.60 59.82 73.18
C PRO W 40 -11.80 60.49 72.52
N GLY W 41 -12.85 59.70 72.26
CA GLY W 41 -14.10 60.16 71.60
C GLY W 41 -13.92 60.53 70.14
N LYS W 42 -12.83 60.10 69.49
CA LYS W 42 -12.60 60.29 68.03
C LYS W 42 -12.44 58.91 67.36
N ALA W 43 -12.35 58.95 66.02
CA ALA W 43 -12.19 57.77 65.13
C ALA W 43 -10.71 57.42 65.00
N PRO W 44 -10.32 56.13 64.84
CA PRO W 44 -8.92 55.77 64.63
C PRO W 44 -8.35 56.44 63.37
N LYS W 45 -7.05 56.73 63.36
CA LYS W 45 -6.36 57.33 62.19
C LYS W 45 -5.15 56.43 61.91
N LEU W 46 -4.97 56.00 60.66
CA LEU W 46 -3.89 55.06 60.25
C LEU W 46 -2.57 55.82 60.23
N LEU W 47 -1.53 55.29 60.86
CA LEU W 47 -0.20 55.95 60.89
C LEU W 47 0.74 55.23 59.92
N ILE W 48 0.88 53.93 60.11
CA ILE W 48 1.82 53.03 59.37
C ILE W 48 1.04 51.80 58.91
N TYR W 49 1.26 51.39 57.66
CA TYR W 49 0.81 50.09 57.07
C TYR W 49 2.05 49.38 56.51
N ALA W 50 1.99 48.06 56.34
CA ALA W 50 3.12 47.20 55.89
C ALA W 50 4.31 47.43 56.84
N ALA W 51 4.03 47.46 58.14
CA ALA W 51 4.99 47.50 59.27
C ALA W 51 5.83 48.77 59.25
N SER W 52 6.23 49.31 58.09
CA SER W 52 7.23 50.40 58.02
C SER W 52 6.87 51.54 57.07
N THR W 53 5.72 51.50 56.37
CA THR W 53 5.35 52.54 55.37
C THR W 53 4.50 53.59 56.06
N LEU W 54 4.97 54.83 55.99
CA LEU W 54 4.33 56.03 56.57
C LEU W 54 3.11 56.40 55.74
N GLN W 55 1.91 56.23 56.30
CA GLN W 55 0.65 56.71 55.65
C GLN W 55 0.86 58.17 55.23
N SER W 56 0.59 58.50 53.96
CA SER W 56 0.71 59.89 53.47
C SER W 56 -0.02 60.83 54.45
N GLY W 57 0.57 61.98 54.78
CA GLY W 57 0.00 63.02 55.65
C GLY W 57 0.52 62.92 57.08
N VAL W 58 1.11 61.78 57.45
CA VAL W 58 1.63 61.55 58.83
C VAL W 58 3.07 62.06 58.88
N PRO W 59 3.47 62.72 59.99
CA PRO W 59 4.85 63.18 60.18
C PRO W 59 5.91 62.06 60.23
N SER W 60 7.08 62.38 59.69
CA SER W 60 8.26 61.48 59.55
C SER W 60 8.79 61.04 60.92
N ARG W 61 8.42 61.74 62.01
CA ARG W 61 8.91 61.40 63.38
C ARG W 61 8.27 60.08 63.81
N PHE W 62 7.15 59.70 63.18
CA PHE W 62 6.55 58.35 63.27
C PHE W 62 7.29 57.40 62.32
N SER W 63 7.68 56.22 62.82
CA SER W 63 8.41 55.15 62.09
C SER W 63 8.04 53.78 62.69
N GLY W 64 7.88 52.77 61.84
CA GLY W 64 7.62 51.38 62.27
C GLY W 64 8.73 50.43 61.86
N SER W 65 8.90 49.36 62.62
CA SER W 65 9.89 48.28 62.31
C SER W 65 9.30 46.94 62.72
N GLY W 66 9.94 45.88 62.22
CA GLY W 66 9.58 44.51 62.60
C GLY W 66 9.09 43.73 61.41
N SER W 67 9.18 42.41 61.56
CA SER W 67 8.72 41.40 60.58
C SER W 67 8.71 40.06 61.32
N GLY W 68 7.52 39.50 61.53
CA GLY W 68 7.36 38.11 61.99
C GLY W 68 6.42 38.10 63.16
N THR W 69 6.96 38.21 64.36
CA THR W 69 6.17 38.26 65.62
C THR W 69 6.32 39.62 66.28
N ASP W 70 7.51 40.24 66.20
CA ASP W 70 7.89 41.40 67.07
C ASP W 70 7.99 42.68 66.24
N PHE W 71 7.06 43.60 66.49
CA PHE W 71 6.92 44.93 65.84
C PHE W 71 7.07 46.01 66.91
N THR W 72 7.50 47.19 66.49
CA THR W 72 7.72 48.39 67.35
C THR W 72 7.26 49.61 66.55
N LEU W 73 6.56 50.52 67.22
CA LEU W 73 6.27 51.87 66.67
C LEU W 73 7.17 52.84 67.44
N THR W 74 7.82 53.74 66.71
CA THR W 74 8.80 54.69 67.30
C THR W 74 8.34 56.12 66.99
N ILE W 75 8.32 56.96 68.03
CA ILE W 75 8.13 58.44 67.91
C ILE W 75 9.47 59.04 68.34
N SER W 76 10.16 59.76 67.42
CA SER W 76 11.56 60.23 67.60
C SER W 76 11.60 61.38 68.63
N SER W 77 10.82 62.44 68.44
CA SER W 77 10.71 63.61 69.36
C SER W 77 9.23 63.92 69.63
N LEU W 78 8.67 63.40 70.74
CA LEU W 78 7.21 63.36 71.00
C LEU W 78 6.65 64.78 70.99
N GLN W 79 5.46 64.96 70.41
CA GLN W 79 4.78 66.28 70.32
C GLN W 79 3.48 66.23 71.13
N PRO W 80 2.92 67.40 71.51
CA PRO W 80 1.70 67.44 72.34
C PRO W 80 0.43 66.85 71.70
N GLU W 81 0.36 66.86 70.37
CA GLU W 81 -0.78 66.27 69.61
C GLU W 81 -0.62 64.74 69.57
N ASP W 82 0.54 64.19 69.96
CA ASP W 82 0.85 62.74 69.92
C ASP W 82 0.44 62.01 71.20
N PHE W 83 -0.03 62.71 72.24
CA PHE W 83 -0.60 62.02 73.41
C PHE W 83 -1.94 61.44 72.96
N ALA W 84 -2.02 60.10 72.95
CA ALA W 84 -3.19 59.33 72.46
C ALA W 84 -3.09 57.86 72.88
N THR W 85 -4.01 57.03 72.40
CA THR W 85 -3.92 55.55 72.45
C THR W 85 -3.45 55.06 71.07
N TYR W 86 -2.62 54.02 71.04
CA TYR W 86 -2.02 53.46 69.81
C TYR W 86 -2.34 51.97 69.77
N TYR W 87 -3.03 51.54 68.70
CA TYR W 87 -3.39 50.14 68.40
C TYR W 87 -2.51 49.67 67.24
N CYS W 88 -2.07 48.41 67.32
CA CYS W 88 -1.50 47.63 66.19
C CYS W 88 -2.58 46.63 65.72
N GLN W 89 -2.58 46.33 64.42
CA GLN W 89 -3.54 45.39 63.78
C GLN W 89 -2.83 44.59 62.69
N GLN W 90 -2.86 43.26 62.83
CA GLN W 90 -2.40 42.31 61.78
C GLN W 90 -3.46 42.28 60.65
N SER W 91 -2.99 42.35 59.41
CA SER W 91 -3.79 42.26 58.16
C SER W 91 -3.33 41.02 57.39
N TYR W 92 -2.70 40.05 58.05
CA TYR W 92 -2.10 38.81 57.48
C TYR W 92 -3.19 37.76 57.27
N SER W 93 -4.08 37.61 58.22
CA SER W 93 -5.14 36.58 58.18
C SER W 93 -6.49 37.26 58.41
N SER W 94 -7.56 36.56 58.02
CA SER W 94 -8.97 36.96 58.22
C SER W 94 -9.53 36.08 59.34
N PRO W 95 -10.09 36.66 60.44
CA PRO W 95 -10.32 38.09 60.54
C PRO W 95 -9.10 38.96 60.86
N PRO W 96 -9.10 40.27 60.51
CA PRO W 96 -8.08 41.19 61.00
C PRO W 96 -8.39 41.39 62.49
N THR W 97 -7.34 41.46 63.29
CA THR W 97 -7.45 41.55 64.77
C THR W 97 -6.52 42.66 65.26
N PHE W 98 -6.99 43.33 66.32
CA PHE W 98 -6.37 44.57 66.83
C PHE W 98 -5.64 44.22 68.12
N GLY W 99 -4.62 45.01 68.43
CA GLY W 99 -3.98 44.97 69.75
C GLY W 99 -4.90 45.59 70.79
N PRO W 100 -4.62 45.34 72.09
CA PRO W 100 -5.43 45.89 73.18
C PRO W 100 -5.17 47.40 73.30
N GLY W 101 -3.98 47.85 72.90
CA GLY W 101 -3.61 49.28 72.83
C GLY W 101 -2.62 49.70 73.91
N THR W 102 -1.98 50.85 73.68
CA THR W 102 -1.02 51.49 74.61
C THR W 102 -1.43 52.97 74.73
N LYS W 103 -1.82 53.38 75.94
CA LYS W 103 -2.13 54.78 76.33
C LYS W 103 -0.79 55.53 76.51
N VAL W 104 -0.63 56.71 75.89
CA VAL W 104 0.58 57.56 76.07
C VAL W 104 0.22 58.84 76.83
N ASP W 105 0.70 58.87 78.08
CA ASP W 105 0.41 59.80 79.20
C ASP W 105 1.38 60.98 79.15
N ILE W 106 0.98 62.17 79.66
CA ILE W 106 1.94 63.29 79.91
C ILE W 106 2.71 62.98 81.20
N LYS W 107 4.06 62.95 81.13
CA LYS W 107 4.97 62.71 82.30
C LYS W 107 4.92 63.96 83.20
N ARG W 108 4.89 63.63 84.50
CA ARG W 108 4.70 64.65 85.54
C ARG W 108 5.21 64.03 86.85
N THR W 109 5.53 64.82 87.85
CA THR W 109 6.08 64.40 89.17
C THR W 109 5.00 63.56 89.88
N VAL W 110 5.41 62.66 90.78
CA VAL W 110 4.47 61.81 91.57
C VAL W 110 3.51 62.75 92.29
N ALA W 111 2.23 62.39 92.42
CA ALA W 111 1.16 63.12 93.15
C ALA W 111 0.26 62.14 93.90
N ALA W 112 0.24 62.23 95.23
CA ALA W 112 -0.63 61.41 96.12
C ALA W 112 -2.05 61.93 95.98
N PRO W 113 -3.07 61.04 95.86
CA PRO W 113 -4.45 61.49 95.84
C PRO W 113 -4.90 62.05 97.20
N SER W 114 -5.57 63.20 97.20
CA SER W 114 -6.48 63.66 98.27
C SER W 114 -7.64 62.66 98.33
N VAL W 115 -7.79 61.93 99.44
CA VAL W 115 -8.88 60.94 99.66
C VAL W 115 -10.00 61.59 100.49
N PHE W 116 -11.24 61.42 100.06
CA PHE W 116 -12.48 61.76 100.81
C PHE W 116 -13.53 60.66 100.60
N ILE W 117 -14.35 60.45 101.62
CA ILE W 117 -15.42 59.42 101.66
C ILE W 117 -16.74 60.13 101.89
N PHE W 118 -17.81 59.67 101.26
CA PHE W 118 -19.16 60.26 101.43
C PHE W 118 -20.09 59.13 101.86
N PRO W 119 -20.82 59.30 102.98
CA PRO W 119 -21.85 58.34 103.35
C PRO W 119 -23.04 58.62 102.44
N PRO W 120 -24.00 57.67 102.34
CA PRO W 120 -25.27 57.96 101.67
C PRO W 120 -26.06 59.07 102.38
N SER W 121 -26.74 59.93 101.61
CA SER W 121 -27.72 60.94 102.10
C SER W 121 -28.92 60.23 102.75
N ASP W 122 -29.60 60.89 103.70
CA ASP W 122 -30.83 60.36 104.37
C ASP W 122 -31.97 60.35 103.35
N GLU W 123 -31.96 61.36 102.47
CA GLU W 123 -32.90 61.52 101.33
C GLU W 123 -32.93 60.23 100.50
N GLN W 124 -31.77 59.62 100.23
CA GLN W 124 -31.62 58.35 99.44
C GLN W 124 -32.03 57.15 100.31
N LEU W 125 -31.66 57.14 101.60
CA LEU W 125 -31.88 55.99 102.51
C LEU W 125 -33.39 55.71 102.63
N LYS W 126 -34.24 56.72 102.43
CA LYS W 126 -35.72 56.58 102.27
C LYS W 126 -36.08 55.65 101.10
N SER W 127 -35.28 55.61 100.01
CA SER W 127 -35.61 54.87 98.76
C SER W 127 -35.39 53.35 98.89
N GLY W 128 -34.52 52.88 99.79
CA GLY W 128 -34.23 51.44 99.98
C GLY W 128 -32.82 51.03 99.57
N THR W 129 -32.04 51.94 98.95
CA THR W 129 -30.64 51.68 98.48
C THR W 129 -29.71 52.72 99.10
N ALA W 130 -28.45 52.33 99.34
CA ALA W 130 -27.36 53.18 99.88
C ALA W 130 -26.14 53.13 98.97
N SER W 131 -25.70 54.28 98.49
CA SER W 131 -24.43 54.49 97.74
C SER W 131 -23.40 55.07 98.71
N VAL W 132 -22.23 54.42 98.82
CA VAL W 132 -21.04 54.96 99.55
C VAL W 132 -20.01 55.35 98.50
N VAL W 133 -19.61 56.61 98.44
CA VAL W 133 -18.73 57.12 97.33
C VAL W 133 -17.35 57.46 97.88
N CYS W 134 -16.30 57.04 97.17
CA CYS W 134 -14.89 57.37 97.53
C CYS W 134 -14.28 58.23 96.42
N LEU W 135 -13.78 59.42 96.76
CA LEU W 135 -13.14 60.32 95.78
C LEU W 135 -11.63 60.29 96.01
N LEU W 136 -10.84 59.99 94.98
CA LEU W 136 -9.37 60.20 94.96
C LEU W 136 -9.15 61.42 94.06
N ASN W 137 -8.68 62.52 94.63
CA ASN W 137 -8.65 63.81 93.89
C ASN W 137 -7.21 64.09 93.44
N ASN W 138 -7.03 64.39 92.15
CA ASN W 138 -5.78 64.90 91.51
C ASN W 138 -4.53 64.09 91.92
N PHE W 139 -4.35 62.90 91.33
CA PHE W 139 -3.21 61.99 91.60
C PHE W 139 -2.49 61.67 90.28
N TYR W 140 -1.21 61.28 90.39
CA TYR W 140 -0.35 60.81 89.27
C TYR W 140 0.75 59.91 89.80
N PRO W 141 1.09 58.78 89.15
CA PRO W 141 0.45 58.33 87.92
C PRO W 141 -0.92 57.65 88.13
N ARG W 142 -1.59 57.25 87.04
CA ARG W 142 -2.97 56.67 87.04
C ARG W 142 -3.05 55.35 87.82
N GLU W 143 -2.01 54.52 87.80
CA GLU W 143 -2.02 53.19 88.47
C GLU W 143 -2.31 53.41 89.96
N ALA W 144 -3.54 53.14 90.41
CA ALA W 144 -3.99 53.24 91.82
C ALA W 144 -4.99 52.14 92.14
N LYS W 145 -5.06 51.71 93.40
CA LYS W 145 -5.94 50.59 93.85
C LYS W 145 -6.80 51.05 95.03
N VAL W 146 -8.13 51.00 94.86
CA VAL W 146 -9.16 51.27 95.91
C VAL W 146 -9.64 49.89 96.39
N GLN W 147 -10.03 49.79 97.66
CA GLN W 147 -10.44 48.50 98.30
C GLN W 147 -11.41 48.84 99.42
N TRP W 148 -12.66 48.38 99.29
CA TRP W 148 -13.77 48.72 100.23
C TRP W 148 -13.80 47.68 101.34
N LYS W 149 -13.96 48.13 102.59
CA LYS W 149 -14.00 47.29 103.82
C LYS W 149 -15.07 47.79 104.80
N VAL W 150 -16.08 46.94 105.07
CA VAL W 150 -17.20 47.18 106.03
C VAL W 150 -17.00 46.29 107.26
N ASP W 151 -16.68 46.90 108.41
CA ASP W 151 -16.27 46.23 109.68
C ASP W 151 -15.04 45.36 109.35
N ASN W 152 -14.06 45.96 108.66
CA ASN W 152 -12.77 45.40 108.18
C ASN W 152 -12.97 44.12 107.36
N ALA W 153 -14.17 43.92 106.79
CA ALA W 153 -14.53 42.80 105.89
C ALA W 153 -14.41 43.29 104.44
N LEU W 154 -13.52 42.68 103.64
CA LEU W 154 -13.21 43.06 102.23
C LEU W 154 -14.44 42.80 101.35
N GLN W 155 -14.79 43.78 100.51
CA GLN W 155 -15.99 43.74 99.61
C GLN W 155 -15.54 43.50 98.16
N SER W 156 -16.33 42.75 97.38
CA SER W 156 -15.97 42.31 96.00
C SER W 156 -17.19 42.31 95.07
N GLY W 157 -17.13 43.08 93.99
CA GLY W 157 -18.12 43.03 92.89
C GLY W 157 -19.43 43.77 93.19
N ASN W 158 -19.47 44.57 94.26
CA ASN W 158 -20.58 45.50 94.61
C ASN W 158 -20.09 46.95 94.52
N SER W 159 -18.98 47.13 93.80
CA SER W 159 -18.20 48.39 93.69
C SER W 159 -17.87 48.65 92.21
N GLN W 160 -18.00 49.90 91.75
CA GLN W 160 -17.77 50.32 90.34
C GLN W 160 -16.86 51.56 90.31
N GLU W 161 -15.73 51.49 89.59
CA GLU W 161 -14.73 52.59 89.50
C GLU W 161 -15.09 53.46 88.28
N SER W 162 -14.64 54.72 88.27
CA SER W 162 -14.66 55.62 87.08
C SER W 162 -13.49 56.60 87.22
N VAL W 163 -12.86 57.04 86.11
CA VAL W 163 -11.62 57.86 86.13
C VAL W 163 -11.74 58.99 85.11
N THR W 164 -11.35 60.19 85.49
CA THR W 164 -11.35 61.35 84.56
C THR W 164 -10.20 61.14 83.58
N GLU W 165 -10.26 61.88 82.47
CA GLU W 165 -9.14 62.04 81.52
C GLU W 165 -8.10 62.93 82.22
N GLN W 166 -6.82 62.73 81.91
CA GLN W 166 -5.71 63.57 82.42
C GLN W 166 -6.13 65.03 82.21
N ASP W 167 -6.05 65.86 83.26
CA ASP W 167 -6.53 67.27 83.29
C ASP W 167 -5.61 68.17 82.46
N SER W 168 -6.17 69.10 81.66
CA SER W 168 -5.42 70.06 80.81
C SER W 168 -4.30 70.74 81.61
N LYS W 169 -4.61 71.23 82.81
CA LYS W 169 -3.77 72.20 83.57
C LYS W 169 -2.73 71.48 84.44
N ASP W 170 -3.14 70.53 85.29
CA ASP W 170 -2.24 69.87 86.28
C ASP W 170 -1.81 68.48 85.80
N SER W 171 -2.29 68.01 84.65
CA SER W 171 -1.93 66.67 84.08
C SER W 171 -2.05 65.58 85.16
N THR W 172 -3.06 65.65 86.04
CA THR W 172 -3.39 64.59 87.03
C THR W 172 -4.68 63.85 86.63
N TYR W 173 -4.98 62.81 87.39
CA TYR W 173 -6.24 62.01 87.31
C TYR W 173 -7.01 62.12 88.63
N SER W 174 -8.31 61.93 88.54
CA SER W 174 -9.22 61.77 89.70
C SER W 174 -10.12 60.55 89.43
N LEU W 175 -10.58 59.91 90.50
CA LEU W 175 -11.31 58.62 90.47
C LEU W 175 -12.46 58.67 91.46
N SER W 176 -13.70 58.43 91.00
CA SER W 176 -14.88 58.09 91.84
C SER W 176 -14.99 56.56 91.91
N SER W 177 -14.92 55.99 93.11
CA SER W 177 -15.37 54.61 93.38
C SER W 177 -16.69 54.65 94.16
N THR W 178 -17.66 53.83 93.75
CA THR W 178 -19.02 53.77 94.34
C THR W 178 -19.27 52.35 94.86
N LEU W 179 -19.58 52.20 96.14
CA LEU W 179 -19.95 50.90 96.78
C LEU W 179 -21.46 50.91 97.04
N THR W 180 -22.21 50.03 96.37
CA THR W 180 -23.70 50.04 96.44
C THR W 180 -24.15 48.86 97.31
N LEU W 181 -24.81 49.18 98.43
CA LEU W 181 -25.42 48.20 99.37
C LEU W 181 -26.90 48.53 99.55
N SER W 182 -27.73 47.53 99.85
CA SER W 182 -29.15 47.72 100.24
C SER W 182 -29.21 48.53 101.54
N LYS W 183 -30.37 49.09 101.88
CA LYS W 183 -30.55 49.82 103.17
C LYS W 183 -30.47 48.81 104.32
N ALA W 184 -31.04 47.61 104.13
CA ALA W 184 -31.00 46.49 105.09
C ALA W 184 -29.53 46.18 105.43
N ASP W 185 -28.72 45.82 104.43
CA ASP W 185 -27.29 45.47 104.62
C ASP W 185 -26.53 46.66 105.21
N TYR W 186 -26.89 47.90 104.83
CA TYR W 186 -26.23 49.14 105.29
C TYR W 186 -26.44 49.29 106.81
N GLU W 187 -27.68 49.13 107.27
CA GLU W 187 -28.07 49.37 108.68
C GLU W 187 -27.63 48.22 109.60
N LYS W 188 -27.02 47.16 109.05
CA LYS W 188 -26.48 46.03 109.85
C LYS W 188 -24.96 46.16 109.99
N HIS W 189 -24.39 47.33 109.69
CA HIS W 189 -22.91 47.56 109.79
C HIS W 189 -22.67 48.96 110.36
N LYS W 190 -21.43 49.27 110.77
CA LYS W 190 -21.08 50.50 111.55
C LYS W 190 -19.91 51.26 110.93
N VAL W 191 -18.75 50.62 110.73
CA VAL W 191 -17.51 51.25 110.17
C VAL W 191 -17.40 50.93 108.67
N TYR W 192 -17.43 51.98 107.85
CA TYR W 192 -17.34 51.95 106.36
C TYR W 192 -16.00 52.57 105.97
N ALA W 193 -15.16 51.87 105.21
CA ALA W 193 -13.75 52.25 104.94
C ALA W 193 -13.40 52.15 103.45
N CYS W 194 -12.64 53.14 102.97
CA CYS W 194 -12.04 53.23 101.61
C CYS W 194 -10.51 53.23 101.73
N GLU W 195 -9.86 52.07 101.53
CA GLU W 195 -8.38 51.88 101.63
C GLU W 195 -7.76 51.98 100.22
N VAL W 196 -6.74 52.84 100.06
CA VAL W 196 -6.10 53.14 98.73
C VAL W 196 -4.59 52.89 98.81
N THR W 197 -4.05 52.13 97.84
CA THR W 197 -2.59 51.96 97.56
C THR W 197 -2.29 52.71 96.26
N HIS W 198 -1.33 53.64 96.28
CA HIS W 198 -0.89 54.44 95.10
C HIS W 198 0.61 54.71 95.22
N GLN W 199 1.27 55.04 94.11
CA GLN W 199 2.75 55.12 94.03
C GLN W 199 3.31 56.17 94.99
N GLY W 200 2.57 57.26 95.25
CA GLY W 200 3.03 58.45 96.01
C GLY W 200 2.67 58.43 97.49
N LEU W 201 2.54 57.25 98.11
CA LEU W 201 2.26 57.05 99.56
C LEU W 201 3.27 56.07 100.18
N SER W 202 3.77 56.37 101.38
CA SER W 202 4.59 55.46 102.23
C SER W 202 3.94 54.07 102.22
N SER W 203 2.69 54.04 102.69
CA SER W 203 1.88 52.82 102.94
C SER W 203 0.45 53.12 102.52
N PRO W 204 -0.44 52.11 102.38
CA PRO W 204 -1.85 52.38 102.10
C PRO W 204 -2.49 53.38 103.09
N VAL W 205 -3.32 54.30 102.58
CA VAL W 205 -4.12 55.31 103.33
C VAL W 205 -5.57 54.82 103.46
N THR W 206 -6.27 55.20 104.53
CA THR W 206 -7.70 54.86 104.77
C THR W 206 -8.43 56.12 105.21
N LYS W 207 -9.64 56.33 104.68
CA LYS W 207 -10.65 57.28 105.19
C LYS W 207 -11.90 56.44 105.46
N SER W 208 -12.43 56.51 106.67
CA SER W 208 -13.60 55.71 107.12
C SER W 208 -14.60 56.65 107.80
N PHE W 209 -15.80 56.16 108.12
CA PHE W 209 -16.83 56.86 108.94
C PHE W 209 -17.63 55.83 109.74
N ASN W 210 -18.46 56.32 110.66
CA ASN W 210 -19.39 55.50 111.50
C ASN W 210 -20.83 55.85 111.07
N ARG W 211 -21.72 54.87 111.06
CA ARG W 211 -23.13 55.00 110.59
C ARG W 211 -23.88 56.06 111.40
N GLY W 212 -23.54 56.29 112.68
CA GLY W 212 -24.08 57.39 113.49
C GLY W 212 -23.74 58.76 112.90
N GLU X 1 54.10 -4.97 62.67
CA GLU X 1 53.53 -3.91 63.55
C GLU X 1 53.49 -2.55 62.83
N VAL X 2 52.35 -1.89 62.96
CA VAL X 2 52.02 -0.59 62.32
C VAL X 2 52.90 0.47 62.99
N GLN X 3 53.61 1.28 62.21
CA GLN X 3 54.41 2.41 62.75
C GLN X 3 54.24 3.60 61.81
N LEU X 4 54.16 4.79 62.39
CA LEU X 4 54.19 6.11 61.71
C LEU X 4 55.24 6.94 62.45
N VAL X 5 56.33 7.29 61.77
CA VAL X 5 57.46 8.04 62.39
C VAL X 5 57.60 9.37 61.65
N GLU X 6 57.15 10.47 62.26
CA GLU X 6 57.29 11.80 61.63
C GLU X 6 58.74 12.27 61.80
N SER X 7 59.11 13.32 61.09
CA SER X 7 60.45 13.97 61.16
C SER X 7 60.41 15.27 60.34
N GLY X 8 61.32 16.21 60.63
CA GLY X 8 61.43 17.53 59.95
C GLY X 8 61.00 18.68 60.84
N GLY X 9 60.48 18.40 62.04
CA GLY X 9 60.10 19.42 63.04
C GLY X 9 61.29 20.31 63.37
N GLY X 10 61.03 21.49 63.94
CA GLY X 10 62.10 22.43 64.30
C GLY X 10 61.58 23.83 64.51
N VAL X 11 62.49 24.74 64.83
CA VAL X 11 62.20 26.18 65.06
C VAL X 11 62.30 26.89 63.70
N VAL X 12 61.37 27.81 63.44
CA VAL X 12 61.24 28.52 62.13
C VAL X 12 60.69 29.93 62.37
N GLN X 13 61.15 30.87 61.55
CA GLN X 13 60.77 32.30 61.59
C GLN X 13 59.46 32.46 60.84
N PRO X 14 58.48 33.24 61.37
CA PRO X 14 57.24 33.54 60.64
C PRO X 14 57.52 33.99 59.19
N GLY X 15 56.76 33.47 58.23
CA GLY X 15 56.87 33.84 56.81
C GLY X 15 57.74 32.87 56.05
N ARG X 16 58.64 32.17 56.73
CA ARG X 16 59.47 31.10 56.12
C ARG X 16 58.62 29.82 56.03
N SER X 17 59.20 28.76 55.44
CA SER X 17 58.51 27.48 55.10
C SER X 17 59.17 26.34 55.88
N LEU X 18 58.58 25.14 55.88
CA LEU X 18 59.19 23.90 56.43
C LEU X 18 58.48 22.64 55.90
N ARG X 19 59.24 21.56 55.72
CA ARG X 19 58.71 20.28 55.18
C ARG X 19 58.83 19.13 56.18
N LEU X 20 57.67 18.70 56.69
CA LEU X 20 57.54 17.48 57.51
C LEU X 20 57.44 16.29 56.58
N SER X 21 57.95 15.15 57.05
CA SER X 21 57.77 13.82 56.44
C SER X 21 57.36 12.80 57.51
N CYS X 22 56.89 11.65 57.08
CA CYS X 22 56.39 10.56 57.94
C CYS X 22 56.70 9.26 57.23
N ALA X 23 57.36 8.32 57.89
CA ALA X 23 57.78 7.03 57.30
C ALA X 23 56.82 5.95 57.81
N ALA X 24 56.15 5.25 56.90
CA ALA X 24 55.09 4.27 57.26
C ALA X 24 55.71 2.88 57.18
N SER X 25 55.14 1.94 57.93
CA SER X 25 55.62 0.53 57.92
C SER X 25 54.56 -0.36 58.56
N GLY X 26 54.50 -1.62 58.13
CA GLY X 26 53.68 -2.68 58.75
C GLY X 26 52.22 -2.61 58.34
N PHE X 27 51.91 -1.91 57.24
CA PHE X 27 50.60 -2.03 56.54
C PHE X 27 50.84 -1.67 55.07
N THR X 28 49.81 -1.84 54.23
CA THR X 28 49.84 -1.33 52.84
C THR X 28 49.43 0.15 52.82
N PHE X 29 50.42 1.03 53.00
CA PHE X 29 50.38 2.51 52.88
C PHE X 29 49.50 2.96 51.69
N SER X 30 49.71 2.33 50.54
CA SER X 30 49.05 2.73 49.26
C SER X 30 47.55 2.36 49.24
N SER X 31 46.99 1.69 50.25
CA SER X 31 45.55 1.33 50.29
C SER X 31 44.80 2.14 51.36
N SER X 32 45.44 3.15 51.92
CA SER X 32 44.86 4.00 52.99
C SER X 32 45.01 5.48 52.64
N ALA X 33 43.99 6.27 52.99
CA ALA X 33 44.06 7.75 53.01
C ALA X 33 44.87 8.10 54.26
N MET X 34 45.70 9.14 54.16
CA MET X 34 46.54 9.61 55.28
C MET X 34 46.12 11.03 55.63
N HIS X 35 46.33 11.42 56.88
CA HIS X 35 45.98 12.73 57.47
C HIS X 35 47.21 13.34 58.15
N TRP X 36 47.13 14.65 58.43
CA TRP X 36 47.91 15.30 59.53
C TRP X 36 46.93 15.91 60.52
N VAL X 37 47.16 15.69 61.82
CA VAL X 37 46.46 16.36 62.96
C VAL X 37 47.51 17.15 63.77
N ARG X 38 47.19 18.38 64.17
CA ARG X 38 48.09 19.18 65.04
C ARG X 38 47.48 19.37 66.43
N GLN X 39 48.37 19.61 67.41
CA GLN X 39 48.06 19.89 68.82
C GLN X 39 49.06 20.98 69.24
N ALA X 40 48.56 22.20 69.48
CA ALA X 40 49.34 23.37 69.98
C ALA X 40 49.71 23.06 71.43
N PRO X 41 50.85 23.56 71.97
CA PRO X 41 51.28 23.14 73.30
C PRO X 41 50.16 23.37 74.32
N GLY X 42 49.78 22.33 75.07
CA GLY X 42 48.80 22.43 76.16
C GLY X 42 47.36 22.58 75.67
N LYS X 43 47.13 22.46 74.37
CA LYS X 43 45.79 22.69 73.77
C LYS X 43 45.24 21.38 73.19
N GLY X 44 44.03 21.44 72.60
CA GLY X 44 43.33 20.28 71.99
C GLY X 44 43.82 19.93 70.60
N LEU X 45 43.06 19.11 69.89
CA LEU X 45 43.51 18.51 68.61
C LEU X 45 42.77 19.16 67.46
N GLU X 46 43.47 19.60 66.42
CA GLU X 46 42.81 20.21 65.22
C GLU X 46 43.33 19.46 63.99
N TRP X 47 42.41 18.93 63.19
CA TRP X 47 42.65 18.25 61.89
C TRP X 47 43.13 19.30 60.88
N VAL X 48 44.12 18.93 60.08
CA VAL X 48 44.77 19.88 59.14
C VAL X 48 44.42 19.48 57.70
N ALA X 49 44.61 18.21 57.33
CA ALA X 49 44.57 17.82 55.90
C ALA X 49 44.42 16.30 55.76
N VAL X 50 43.80 15.90 54.66
CA VAL X 50 43.66 14.47 54.26
C VAL X 50 44.18 14.32 52.83
N ILE X 51 44.72 13.14 52.49
CA ILE X 51 45.13 12.79 51.10
C ILE X 51 44.66 11.37 50.77
N SER X 52 44.12 11.22 49.55
CA SER X 52 43.58 9.96 49.01
C SER X 52 44.72 8.94 48.90
N TYR X 53 44.35 7.65 48.82
CA TYR X 53 45.25 6.47 48.85
C TYR X 53 46.34 6.62 47.79
N ASP X 54 45.98 7.05 46.57
CA ASP X 54 46.90 7.17 45.41
C ASP X 54 47.65 8.52 45.46
N GLY X 55 47.28 9.43 46.37
CA GLY X 55 47.90 10.76 46.51
C GLY X 55 47.38 11.83 45.57
N ASN X 56 46.30 11.57 44.83
CA ASN X 56 45.84 12.47 43.73
C ASN X 56 44.77 13.45 44.18
N ASN X 57 44.24 13.31 45.40
CA ASN X 57 43.11 14.15 45.88
C ASN X 57 43.41 14.58 47.31
N GLN X 58 43.37 15.89 47.57
CA GLN X 58 43.73 16.52 48.87
C GLN X 58 42.58 17.43 49.36
N LEU X 59 42.35 17.45 50.67
CA LEU X 59 41.32 18.29 51.32
C LEU X 59 41.94 18.88 52.60
N TYR X 60 41.49 20.09 52.97
CA TYR X 60 42.21 20.94 53.94
C TYR X 60 41.21 21.60 54.90
N ALA X 61 41.59 21.77 56.16
CA ALA X 61 40.84 22.59 57.14
C ALA X 61 40.89 24.04 56.67
N ASP X 62 39.78 24.78 56.82
CA ASP X 62 39.75 26.22 56.45
C ASP X 62 41.04 26.86 56.97
N SER X 63 41.38 26.63 58.25
CA SER X 63 42.45 27.28 59.05
C SER X 63 43.83 27.28 58.37
N VAL X 64 44.09 26.44 57.37
CA VAL X 64 45.46 26.26 56.81
C VAL X 64 45.45 26.27 55.27
N LYS X 65 44.27 26.23 54.65
CA LYS X 65 44.11 26.18 53.17
C LYS X 65 44.89 27.36 52.61
N GLY X 66 45.59 27.19 51.50
CA GLY X 66 46.41 28.25 50.88
C GLY X 66 47.80 28.39 51.49
N ARG X 67 48.10 27.68 52.57
CA ARG X 67 49.44 27.71 53.23
C ARG X 67 50.00 26.30 53.44
N LEU X 68 49.19 25.26 53.53
CA LEU X 68 49.65 23.86 53.78
C LEU X 68 49.37 22.97 52.57
N THR X 69 50.38 22.20 52.14
CA THR X 69 50.27 21.26 51.01
C THR X 69 50.65 19.85 51.48
N ILE X 70 49.66 18.98 51.65
CA ILE X 70 49.83 17.52 51.88
C ILE X 70 50.11 16.84 50.52
N SER X 71 50.95 15.80 50.55
CA SER X 71 51.47 15.04 49.38
C SER X 71 52.00 13.68 49.85
N ARG X 72 52.13 12.71 48.94
CA ARG X 72 52.71 11.40 49.33
C ARG X 72 53.54 10.82 48.19
N ASP X 73 54.43 9.89 48.49
CA ASP X 73 55.18 9.08 47.49
C ASP X 73 55.03 7.64 47.95
N ASN X 74 54.20 6.85 47.27
CA ASN X 74 53.83 5.48 47.73
C ASN X 74 54.98 4.53 47.44
N SER X 75 55.92 4.91 46.57
CA SER X 75 57.16 4.14 46.27
C SER X 75 58.17 4.20 47.42
N LYS X 76 57.98 5.09 48.40
CA LYS X 76 58.89 5.29 49.56
C LYS X 76 58.08 5.22 50.86
N ASN X 77 56.85 4.73 50.83
CA ASN X 77 55.99 4.65 52.04
C ASN X 77 56.04 5.95 52.85
N ALA X 78 56.12 7.09 52.17
CA ALA X 78 56.30 8.43 52.78
C ALA X 78 55.06 9.31 52.60
N LEU X 79 54.74 10.10 53.63
CA LEU X 79 53.70 11.15 53.60
C LEU X 79 54.42 12.45 53.95
N TYR X 80 54.01 13.58 53.34
CA TYR X 80 54.69 14.89 53.47
C TYR X 80 53.66 15.96 53.87
N LEU X 81 54.07 16.90 54.71
CA LEU X 81 53.34 18.18 54.89
C LEU X 81 54.31 19.30 54.54
N GLN X 82 53.88 20.21 53.65
CA GLN X 82 54.59 21.47 53.29
C GLN X 82 53.89 22.64 54.01
N LEU X 83 54.61 23.27 54.93
CA LEU X 83 54.10 24.47 55.64
C LEU X 83 54.74 25.67 54.93
N ASN X 84 53.92 26.67 54.56
CA ASN X 84 54.36 27.90 53.84
C ASN X 84 53.74 29.07 54.60
N SER X 85 54.28 30.29 54.44
CA SER X 85 53.73 31.54 55.05
C SER X 85 53.29 31.24 56.49
N LEU X 86 54.22 30.78 57.32
CA LEU X 86 53.94 30.26 58.69
C LEU X 86 53.66 31.41 59.67
N ARG X 87 52.79 31.15 60.65
CA ARG X 87 52.29 32.13 61.64
C ARG X 87 52.58 31.53 63.02
N THR X 88 52.66 32.35 64.06
CA THR X 88 53.09 31.91 65.41
C THR X 88 52.04 30.95 65.95
N GLU X 89 50.78 31.13 65.58
CA GLU X 89 49.65 30.23 65.99
C GLU X 89 49.69 28.89 65.27
N ASP X 90 50.54 28.70 64.25
CA ASP X 90 50.75 27.37 63.61
C ASP X 90 51.63 26.47 64.49
N THR X 91 52.31 27.02 65.49
CA THR X 91 53.18 26.28 66.45
C THR X 91 52.36 25.16 67.10
N ALA X 92 52.79 23.92 66.86
CA ALA X 92 52.11 22.70 67.34
C ALA X 92 53.00 21.47 67.11
N VAL X 93 52.63 20.36 67.74
CA VAL X 93 53.09 18.99 67.37
C VAL X 93 52.20 18.51 66.22
N TYR X 94 52.80 18.15 65.08
CA TYR X 94 52.14 17.62 63.87
C TYR X 94 52.21 16.09 63.90
N PHE X 95 51.04 15.46 64.07
CA PHE X 95 50.82 13.99 64.05
C PHE X 95 50.45 13.59 62.61
N CYS X 96 51.14 12.56 62.13
CA CYS X 96 50.87 11.80 60.88
C CYS X 96 49.90 10.69 61.28
N ALA X 97 48.70 10.60 60.68
CA ALA X 97 47.67 9.63 61.13
C ALA X 97 47.09 8.88 59.94
N ARG X 98 46.86 7.57 60.10
CA ARG X 98 46.16 6.74 59.09
C ARG X 98 44.65 6.96 59.21
N ASP X 99 43.98 7.07 58.06
CA ASP X 99 42.52 7.21 57.97
C ASP X 99 41.95 5.86 58.43
N GLY X 100 40.80 5.90 59.08
CA GLY X 100 40.10 4.70 59.59
C GLY X 100 39.25 4.01 58.54
N GLY X 101 39.25 4.47 57.29
CA GLY X 101 38.52 3.81 56.18
C GLY X 101 37.35 4.63 55.64
N GLY X 102 37.04 5.78 56.24
CA GLY X 102 35.86 6.58 55.90
C GLY X 102 36.15 7.74 54.95
N TYR X 103 37.39 7.86 54.45
CA TYR X 103 37.84 9.03 53.62
C TYR X 103 36.77 9.35 52.56
N SER X 104 36.35 8.33 51.81
CA SER X 104 35.47 8.43 50.62
C SER X 104 34.10 9.03 50.96
N PHE X 105 33.61 8.90 52.19
CA PHE X 105 32.29 9.47 52.59
C PHE X 105 32.46 10.86 53.23
N GLY X 106 33.68 11.38 53.28
CA GLY X 106 34.04 12.61 54.01
C GLY X 106 33.91 12.46 55.52
N THR X 107 33.93 11.24 56.08
CA THR X 107 33.83 10.96 57.53
C THR X 107 35.18 10.46 58.05
N TYR X 108 35.99 11.36 58.60
CA TYR X 108 37.42 11.09 58.90
C TYR X 108 37.58 10.70 60.38
N PHE X 109 38.14 9.53 60.62
CA PHE X 109 38.68 9.20 61.97
C PHE X 109 40.06 8.56 61.79
N PHE X 110 40.83 8.49 62.88
CA PHE X 110 42.28 8.22 62.84
C PHE X 110 42.62 7.01 63.71
N ASP X 111 42.88 5.84 63.12
CA ASP X 111 43.01 4.53 63.83
C ASP X 111 44.47 4.23 64.16
N PHE X 112 45.43 4.98 63.62
CA PHE X 112 46.84 4.90 64.05
C PHE X 112 47.55 6.24 63.89
N TRP X 113 48.29 6.65 64.93
CA TRP X 113 49.03 7.94 64.96
C TRP X 113 50.54 7.74 65.22
N GLY X 114 51.37 8.55 64.58
CA GLY X 114 52.81 8.64 64.86
C GLY X 114 53.00 9.35 66.18
N GLN X 115 54.22 9.43 66.70
CA GLN X 115 54.49 10.07 68.01
C GLN X 115 54.60 11.60 67.83
N GLY X 116 54.61 12.09 66.60
CA GLY X 116 54.45 13.53 66.33
C GLY X 116 55.80 14.17 66.09
N THR X 117 55.79 15.43 65.65
CA THR X 117 56.99 16.24 65.43
C THR X 117 56.62 17.70 65.63
N LEU X 118 57.36 18.38 66.52
CA LEU X 118 57.08 19.75 67.02
C LEU X 118 57.59 20.76 65.99
N VAL X 119 56.69 21.66 65.61
CA VAL X 119 57.00 22.87 64.81
C VAL X 119 56.80 24.04 65.76
N THR X 120 57.86 24.83 65.94
CA THR X 120 57.84 26.08 66.76
C THR X 120 58.03 27.23 65.77
N VAL X 121 56.99 28.07 65.62
CA VAL X 121 57.03 29.30 64.78
C VAL X 121 57.24 30.49 65.72
N SER X 122 58.47 31.01 65.77
CA SER X 122 58.88 32.16 66.62
C SER X 122 59.99 32.93 65.90
N SER X 123 60.04 34.26 66.05
CA SER X 123 61.09 35.14 65.47
C SER X 123 62.28 35.27 66.44
N ALA X 124 62.03 35.08 67.74
CA ALA X 124 63.06 35.10 68.80
C ALA X 124 64.30 34.35 68.32
N SER X 125 65.48 34.91 68.61
CA SER X 125 66.82 34.32 68.32
C SER X 125 67.26 33.55 69.57
N THR X 126 68.09 32.51 69.38
CA THR X 126 68.69 31.71 70.46
C THR X 126 69.18 32.63 71.58
N LYS X 127 68.91 32.30 72.85
CA LYS X 127 69.32 33.11 74.02
C LYS X 127 69.51 32.24 75.28
N GLY X 128 70.64 32.40 75.98
CA GLY X 128 70.96 31.75 77.27
C GLY X 128 70.11 32.33 78.42
N PRO X 129 69.79 31.52 79.46
CA PRO X 129 68.96 32.02 80.55
C PRO X 129 69.76 32.78 81.63
N SER X 130 69.08 33.75 82.25
CA SER X 130 69.49 34.46 83.48
C SER X 130 68.89 33.73 84.69
N VAL X 131 69.73 33.25 85.60
CA VAL X 131 69.31 32.45 86.78
C VAL X 131 69.31 33.37 88.00
N PHE X 132 68.14 33.55 88.64
CA PHE X 132 67.91 34.41 89.83
C PHE X 132 67.60 33.53 91.04
N PRO X 133 68.12 33.83 92.26
CA PRO X 133 67.83 33.01 93.43
C PRO X 133 66.44 33.28 94.06
N LEU X 134 65.75 32.21 94.43
CA LEU X 134 64.51 32.22 95.24
C LEU X 134 64.88 31.72 96.64
N ALA X 135 65.31 32.65 97.50
CA ALA X 135 65.97 32.38 98.80
C ALA X 135 64.93 32.19 99.90
N PRO X 136 65.17 31.24 100.84
CA PRO X 136 64.33 31.14 102.04
C PRO X 136 64.38 32.42 102.87
N ALA X 147 61.85 26.40 102.09
CA ALA X 147 62.15 25.86 100.74
C ALA X 147 62.91 26.89 99.90
N LEU X 148 63.88 26.41 99.11
CA LEU X 148 64.77 27.22 98.21
C LEU X 148 64.46 26.89 96.75
N GLY X 149 64.94 27.72 95.82
CA GLY X 149 64.64 27.55 94.38
C GLY X 149 65.49 28.42 93.47
N CYS X 150 65.41 28.16 92.16
CA CYS X 150 66.05 28.91 91.05
C CYS X 150 65.01 29.23 89.97
N LEU X 151 64.89 30.52 89.62
CA LEU X 151 64.08 31.05 88.49
C LEU X 151 64.98 31.11 87.25
N VAL X 152 64.71 30.29 86.24
CA VAL X 152 65.45 30.28 84.95
C VAL X 152 64.67 31.15 83.96
N LYS X 153 65.18 32.35 83.66
CA LYS X 153 64.45 33.47 83.00
C LYS X 153 65.02 33.80 81.61
N ASP X 154 64.15 34.23 80.68
CA ASP X 154 64.42 34.80 79.33
C ASP X 154 65.44 33.96 78.55
N TYR X 155 65.00 32.79 78.05
CA TYR X 155 65.81 31.86 77.22
C TYR X 155 64.97 31.35 76.04
N PHE X 156 65.65 30.77 75.05
CA PHE X 156 65.08 30.29 73.76
C PHE X 156 66.13 29.49 73.00
N PRO X 157 65.80 28.36 72.33
CA PRO X 157 64.51 27.71 72.41
C PRO X 157 64.52 26.73 73.59
N GLU X 158 63.46 25.93 73.72
CA GLU X 158 63.39 24.79 74.66
C GLU X 158 64.44 23.75 74.28
N PRO X 159 64.78 22.79 75.18
CA PRO X 159 64.41 22.83 76.58
C PRO X 159 65.53 23.47 77.43
N VAL X 160 65.38 23.35 78.75
CA VAL X 160 66.47 23.56 79.74
C VAL X 160 66.41 22.36 80.70
N THR X 161 67.56 21.92 81.20
CA THR X 161 67.69 20.89 82.27
C THR X 161 67.89 21.62 83.59
N VAL X 162 67.40 21.06 84.70
CA VAL X 162 67.73 21.57 86.07
C VAL X 162 68.00 20.37 86.98
N SER X 163 69.20 20.32 87.57
CA SER X 163 69.54 19.41 88.70
C SER X 163 69.87 20.29 89.93
N TRP X 164 70.01 19.67 91.11
CA TRP X 164 70.45 20.35 92.36
C TRP X 164 71.66 19.60 92.95
N ASN X 165 72.73 20.32 93.28
CA ASN X 165 74.00 19.79 93.84
C ASN X 165 74.53 18.67 92.92
N SER X 166 74.50 18.90 91.60
CA SER X 166 74.99 17.99 90.53
C SER X 166 74.35 16.60 90.63
N GLY X 167 73.04 16.55 90.91
CA GLY X 167 72.24 15.31 90.95
C GLY X 167 72.10 14.73 92.34
N ALA X 168 72.92 15.16 93.30
CA ALA X 168 72.94 14.63 94.68
C ALA X 168 71.56 14.82 95.33
N LEU X 169 71.00 16.04 95.26
CA LEU X 169 69.67 16.38 95.85
C LEU X 169 68.57 16.13 94.80
N THR X 170 67.72 15.13 95.09
CA THR X 170 66.80 14.44 94.14
C THR X 170 65.38 14.42 94.74
N SER X 171 65.24 13.97 95.99
CA SER X 171 63.95 13.94 96.73
C SER X 171 63.55 15.38 97.06
N GLY X 172 62.25 15.72 96.90
CA GLY X 172 61.62 16.99 97.31
C GLY X 172 61.68 18.12 96.29
N VAL X 173 62.24 17.90 95.08
CA VAL X 173 62.41 18.93 94.01
C VAL X 173 61.29 18.83 92.97
N HIS X 174 60.75 19.99 92.55
CA HIS X 174 59.74 20.15 91.48
C HIS X 174 60.22 21.20 90.47
N THR X 175 60.82 20.76 89.35
CA THR X 175 61.07 21.61 88.15
C THR X 175 59.75 21.78 87.40
N PHE X 176 59.20 22.99 87.40
CA PHE X 176 57.89 23.33 86.80
C PHE X 176 58.00 23.37 85.28
N PRO X 177 56.93 23.01 84.53
CA PRO X 177 56.90 23.24 83.09
C PRO X 177 57.14 24.74 82.81
N ALA X 178 57.92 25.03 81.78
CA ALA X 178 58.29 26.42 81.39
C ALA X 178 57.05 27.18 80.93
N VAL X 179 57.22 28.45 80.56
CA VAL X 179 56.11 29.39 80.20
C VAL X 179 56.58 30.20 78.99
N LEU X 180 55.70 30.45 78.02
CA LEU X 180 56.00 31.42 76.94
C LEU X 180 55.44 32.75 77.40
N GLN X 181 56.35 33.68 77.72
CA GLN X 181 56.05 35.10 78.05
C GLN X 181 55.79 35.81 76.71
N SER X 182 55.07 36.94 76.72
CA SER X 182 54.80 37.74 75.50
C SER X 182 56.11 38.39 75.01
N SER X 183 57.17 38.42 75.82
CA SER X 183 58.58 38.66 75.42
C SER X 183 58.93 37.85 74.17
N GLY X 184 58.36 36.65 74.04
CA GLY X 184 58.72 35.65 73.00
C GLY X 184 59.77 34.69 73.52
N LEU X 185 60.22 34.91 74.76
CA LEU X 185 61.23 34.07 75.47
C LEU X 185 60.51 33.31 76.60
N TYR X 186 61.02 32.11 76.91
CA TYR X 186 60.44 31.20 77.93
C TYR X 186 61.04 31.55 79.31
N SER X 187 60.38 31.08 80.39
CA SER X 187 60.85 31.15 81.80
C SER X 187 60.26 30.03 82.64
N LEU X 188 61.00 29.57 83.64
CA LEU X 188 60.80 28.26 84.31
C LEU X 188 61.16 28.41 85.79
N SER X 189 60.49 27.67 86.67
CA SER X 189 60.84 27.57 88.12
C SER X 189 61.31 26.14 88.42
N SER X 190 62.34 25.98 89.26
CA SER X 190 62.70 24.70 89.90
C SER X 190 62.96 24.95 91.39
N VAL X 191 62.27 24.21 92.27
CA VAL X 191 62.26 24.46 93.73
C VAL X 191 62.36 23.12 94.47
N VAL X 192 62.66 23.20 95.78
CA VAL X 192 62.96 22.05 96.67
C VAL X 192 62.63 22.40 98.13
N THR X 193 61.94 21.50 98.83
CA THR X 193 61.57 21.62 100.27
C THR X 193 62.67 21.02 101.14
N VAL X 194 62.89 21.59 102.32
CA VAL X 194 64.12 21.39 103.14
C VAL X 194 63.81 21.58 104.64
N TYR X 204 73.79 24.77 98.90
CA TYR X 204 72.66 24.59 97.94
C TYR X 204 72.88 25.41 96.66
N ILE X 205 73.16 24.72 95.54
CA ILE X 205 73.36 25.31 94.18
C ILE X 205 72.53 24.50 93.16
N CYS X 206 71.80 25.17 92.26
CA CYS X 206 71.08 24.54 91.11
C CYS X 206 71.99 24.55 89.88
N ASN X 207 71.84 23.54 89.02
CA ASN X 207 72.63 23.33 87.77
C ASN X 207 71.70 23.48 86.56
N VAL X 208 71.88 24.55 85.79
CA VAL X 208 71.00 24.93 84.65
C VAL X 208 71.77 24.66 83.36
N ASN X 209 71.27 23.77 82.49
CA ASN X 209 71.90 23.42 81.19
C ASN X 209 70.98 23.78 80.02
N HIS X 210 71.48 24.59 79.09
CA HIS X 210 70.73 25.05 77.89
C HIS X 210 71.54 24.81 76.62
N LYS X 211 71.47 23.59 76.08
CA LYS X 211 72.32 23.06 74.97
C LYS X 211 72.28 23.95 73.74
N PRO X 212 71.10 24.41 73.24
CA PRO X 212 71.03 25.35 72.12
C PRO X 212 71.83 26.66 72.30
N SER X 213 71.90 27.18 73.53
CA SER X 213 72.72 28.36 73.90
C SER X 213 74.17 27.94 74.13
N ASN X 214 74.35 26.65 74.42
CA ASN X 214 75.59 26.06 74.99
C ASN X 214 75.96 26.92 76.19
N THR X 215 74.98 27.16 77.07
CA THR X 215 75.09 27.86 78.37
C THR X 215 75.05 26.82 79.49
N LYS X 216 75.96 26.93 80.47
CA LYS X 216 75.88 26.24 81.77
C LYS X 216 76.07 27.30 82.86
N VAL X 217 75.23 27.26 83.90
CA VAL X 217 75.24 28.17 85.07
C VAL X 217 75.00 27.32 86.33
N ASP X 218 75.94 27.37 87.27
CA ASP X 218 75.76 26.87 88.67
C ASP X 218 75.59 28.13 89.54
N LYS X 219 74.54 28.18 90.36
CA LYS X 219 74.18 29.36 91.20
C LYS X 219 73.77 28.90 92.62
N LYS X 220 74.19 29.65 93.64
CA LYS X 220 73.93 29.41 95.09
C LYS X 220 72.81 30.34 95.59
N VAL X 221 72.06 29.84 96.57
CA VAL X 221 70.87 30.47 97.23
C VAL X 221 71.26 30.71 98.70
N GLU X 222 70.90 31.86 99.29
CA GLU X 222 71.31 32.28 100.66
C GLU X 222 70.22 33.10 101.35
N VAL Y 2 43.75 51.21 47.60
CA VAL Y 2 42.25 51.37 47.54
C VAL Y 2 41.81 52.60 48.35
N GLN Y 3 40.99 53.48 47.77
CA GLN Y 3 40.54 54.72 48.46
C GLN Y 3 39.22 55.25 47.92
N LEU Y 4 38.30 55.53 48.84
CA LEU Y 4 37.01 56.22 48.58
C LEU Y 4 36.98 57.47 49.47
N VAL Y 5 36.67 58.63 48.89
CA VAL Y 5 36.60 59.95 49.56
C VAL Y 5 35.24 60.55 49.21
N GLU Y 6 34.36 60.75 50.20
CA GLU Y 6 33.02 61.38 50.05
C GLU Y 6 33.14 62.90 50.18
N SER Y 7 32.20 63.64 49.59
CA SER Y 7 32.07 65.13 49.72
C SER Y 7 30.64 65.58 49.38
N GLY Y 8 30.32 66.82 49.72
CA GLY Y 8 28.99 67.45 49.48
C GLY Y 8 28.08 67.47 50.70
N GLY Y 9 28.49 66.92 51.84
CA GLY Y 9 27.72 66.98 53.10
C GLY Y 9 27.75 68.39 53.68
N GLY Y 10 26.86 68.69 54.62
CA GLY Y 10 26.79 70.01 55.27
C GLY Y 10 25.57 70.15 56.14
N VAL Y 11 25.23 71.38 56.50
CA VAL Y 11 23.92 71.68 57.14
C VAL Y 11 22.94 71.90 55.98
N VAL Y 12 21.68 71.52 56.17
CA VAL Y 12 20.63 71.75 55.14
C VAL Y 12 19.27 71.67 55.81
N GLN Y 13 18.27 72.30 55.19
CA GLN Y 13 16.89 72.40 55.74
C GLN Y 13 16.05 71.23 55.24
N PRO Y 14 15.04 70.83 56.04
CA PRO Y 14 14.12 69.77 55.64
C PRO Y 14 13.42 70.19 54.34
N GLY Y 15 13.22 69.24 53.42
CA GLY Y 15 12.55 69.45 52.12
C GLY Y 15 13.56 69.57 50.99
N ARG Y 16 14.83 69.86 51.28
CA ARG Y 16 15.83 70.16 50.23
C ARG Y 16 16.49 68.92 49.64
N SER Y 17 16.99 69.09 48.42
CA SER Y 17 17.76 68.09 47.63
C SER Y 17 19.26 68.34 47.79
N LEU Y 18 20.01 67.38 48.32
CA LEU Y 18 21.48 67.48 48.36
C LEU Y 18 22.04 66.24 47.66
N ARG Y 19 23.09 66.43 46.85
CA ARG Y 19 23.82 65.31 46.18
C ARG Y 19 25.18 65.15 46.83
N LEU Y 20 25.43 63.98 47.44
CA LEU Y 20 26.78 63.56 47.92
C LEU Y 20 27.51 62.96 46.72
N SER Y 21 28.82 63.14 46.59
CA SER Y 21 29.68 62.36 45.66
C SER Y 21 30.77 61.62 46.43
N CYS Y 22 31.39 60.64 45.77
CA CYS Y 22 32.42 59.72 46.27
C CYS Y 22 33.45 59.54 45.14
N ALA Y 23 34.72 59.88 45.38
CA ALA Y 23 35.84 59.68 44.43
C ALA Y 23 36.55 58.37 44.76
N ALA Y 24 36.62 57.46 43.78
CA ALA Y 24 37.29 56.15 43.95
C ALA Y 24 38.64 56.14 43.22
N SER Y 25 39.58 55.32 43.70
CA SER Y 25 40.95 55.12 43.17
C SER Y 25 41.59 53.85 43.75
N GLY Y 26 42.57 53.27 43.04
CA GLY Y 26 43.37 52.13 43.52
C GLY Y 26 42.74 50.76 43.27
N PHE Y 27 41.59 50.70 42.59
CA PHE Y 27 40.91 49.45 42.15
C PHE Y 27 40.09 49.69 40.88
N THR Y 28 39.71 48.65 40.14
CA THR Y 28 38.89 48.79 38.91
C THR Y 28 37.46 49.10 39.35
N PHE Y 29 37.12 50.39 39.29
CA PHE Y 29 35.83 50.92 39.83
C PHE Y 29 34.66 50.30 39.06
N SER Y 30 34.81 50.17 37.74
CA SER Y 30 33.73 49.68 36.84
C SER Y 30 33.54 48.16 36.96
N SER Y 31 34.32 47.46 37.78
CA SER Y 31 34.22 46.00 38.05
C SER Y 31 33.61 45.75 39.44
N SER Y 32 33.21 46.79 40.16
CA SER Y 32 32.65 46.64 41.53
C SER Y 32 31.28 47.32 41.61
N ALA Y 33 30.32 46.60 42.20
CA ALA Y 33 29.08 47.20 42.76
C ALA Y 33 29.50 48.11 43.91
N MET Y 34 28.69 49.12 44.24
CA MET Y 34 29.02 50.13 45.29
C MET Y 34 27.77 50.37 46.15
N HIS Y 35 27.98 50.69 47.43
CA HIS Y 35 26.89 50.94 48.40
C HIS Y 35 27.09 52.30 49.05
N TRP Y 36 25.98 52.84 49.56
CA TRP Y 36 25.95 53.87 50.62
C TRP Y 36 25.44 53.20 51.89
N VAL Y 37 26.11 53.51 53.01
CA VAL Y 37 25.69 53.17 54.40
C VAL Y 37 25.80 54.43 55.24
N ARG Y 38 24.78 54.69 56.06
CA ARG Y 38 24.77 55.89 56.91
C ARG Y 38 24.83 55.45 58.38
N GLN Y 39 25.21 56.40 59.25
CA GLN Y 39 25.32 56.27 60.72
C GLN Y 39 24.74 57.55 61.32
N ALA Y 40 23.57 57.50 61.96
CA ALA Y 40 23.03 58.61 62.76
C ALA Y 40 23.96 58.84 63.96
N PRO Y 41 24.11 60.09 64.49
CA PRO Y 41 25.02 60.37 65.61
C PRO Y 41 24.71 59.54 66.85
N GLY Y 42 25.71 58.77 67.33
CA GLY Y 42 25.60 57.91 68.53
C GLY Y 42 24.72 56.70 68.29
N LYS Y 43 24.30 56.45 67.05
CA LYS Y 43 23.48 55.27 66.68
C LYS Y 43 24.37 54.37 65.81
N GLY Y 44 23.81 53.28 65.27
CA GLY Y 44 24.58 52.27 64.51
C GLY Y 44 24.52 52.51 63.02
N LEU Y 45 24.93 51.52 62.24
CA LEU Y 45 25.02 51.55 60.76
C LEU Y 45 23.75 50.97 60.15
N GLU Y 46 23.27 51.66 59.10
CA GLU Y 46 22.08 51.25 58.32
C GLU Y 46 22.43 51.36 56.83
N TRP Y 47 22.30 50.27 56.07
CA TRP Y 47 22.51 50.21 54.59
C TRP Y 47 21.41 51.02 53.93
N VAL Y 48 21.78 51.79 52.92
CA VAL Y 48 20.87 52.74 52.23
C VAL Y 48 20.56 52.20 50.82
N ALA Y 49 21.61 51.87 50.05
CA ALA Y 49 21.46 51.49 48.63
C ALA Y 49 22.72 50.83 48.08
N VAL Y 50 22.49 50.14 46.96
CA VAL Y 50 23.53 49.45 46.15
C VAL Y 50 23.27 49.79 44.68
N ILE Y 51 24.34 49.80 43.89
CA ILE Y 51 24.29 50.01 42.42
C ILE Y 51 25.23 48.99 41.77
N SER Y 52 24.75 48.41 40.65
CA SER Y 52 25.45 47.43 39.80
C SER Y 52 26.74 48.06 39.25
N TYR Y 53 27.67 47.23 38.81
CA TYR Y 53 28.93 47.69 38.16
C TYR Y 53 28.57 48.60 36.98
N ASP Y 54 27.65 48.15 36.12
CA ASP Y 54 27.02 48.83 34.95
C ASP Y 54 26.75 50.31 35.22
N GLY Y 55 26.13 50.61 36.37
CA GLY Y 55 25.34 51.83 36.59
C GLY Y 55 23.84 51.58 36.50
N ASN Y 56 23.41 50.48 35.89
CA ASN Y 56 22.06 50.34 35.27
C ASN Y 56 20.98 49.71 36.15
N ASN Y 57 21.32 49.27 37.36
CA ASN Y 57 20.41 48.51 38.26
C ASN Y 57 20.68 49.03 39.67
N GLN Y 58 19.67 49.52 40.40
CA GLN Y 58 19.83 50.05 41.78
C GLN Y 58 18.82 49.36 42.69
N LEU Y 59 19.19 49.10 43.96
CA LEU Y 59 18.28 48.55 45.00
C LEU Y 59 18.48 49.38 46.27
N TYR Y 60 17.45 49.40 47.11
CA TYR Y 60 17.18 50.48 48.10
C TYR Y 60 16.59 49.85 49.36
N ALA Y 61 17.01 50.33 50.53
CA ALA Y 61 16.35 50.01 51.82
C ALA Y 61 14.94 50.59 51.81
N ASP Y 62 13.99 49.91 52.44
CA ASP Y 62 12.60 50.40 52.63
C ASP Y 62 12.56 51.81 53.21
N SER Y 63 13.44 52.13 54.16
CA SER Y 63 13.38 53.38 54.95
C SER Y 63 13.64 54.60 54.04
N VAL Y 64 14.30 54.43 52.90
CA VAL Y 64 14.62 55.58 52.00
C VAL Y 64 14.04 55.34 50.60
N LYS Y 65 13.27 54.26 50.39
CA LYS Y 65 12.66 53.95 49.07
C LYS Y 65 11.89 55.21 48.67
N GLY Y 66 11.93 55.59 47.39
CA GLY Y 66 11.17 56.75 46.88
C GLY Y 66 11.98 58.04 46.89
N ARG Y 67 12.77 58.31 47.93
CA ARG Y 67 13.39 59.64 48.19
C ARG Y 67 14.83 59.74 47.71
N LEU Y 68 15.61 58.66 47.74
CA LEU Y 68 17.06 58.66 47.42
C LEU Y 68 17.32 57.99 46.08
N THR Y 69 18.30 58.49 45.31
CA THR Y 69 18.81 57.88 44.04
C THR Y 69 20.33 57.67 44.09
N ILE Y 70 20.77 56.41 44.09
CA ILE Y 70 22.20 56.07 43.87
C ILE Y 70 22.48 56.15 42.37
N SER Y 71 23.62 56.70 41.97
CA SER Y 71 24.08 56.79 40.56
C SER Y 71 25.60 56.65 40.53
N ARG Y 72 26.19 56.53 39.34
CA ARG Y 72 27.66 56.45 39.19
C ARG Y 72 28.05 56.84 37.76
N ASP Y 73 29.25 57.39 37.61
CA ASP Y 73 29.86 57.70 36.30
C ASP Y 73 31.22 57.01 36.28
N ASN Y 74 31.32 55.86 35.60
CA ASN Y 74 32.54 55.02 35.64
C ASN Y 74 33.71 55.77 34.98
N SER Y 75 33.44 56.67 34.02
CA SER Y 75 34.45 57.48 33.28
C SER Y 75 35.19 58.46 34.22
N LYS Y 76 34.53 58.93 35.29
CA LYS Y 76 35.07 59.86 36.30
C LYS Y 76 35.34 59.15 37.65
N ASN Y 77 35.32 57.80 37.67
CA ASN Y 77 35.42 56.95 38.89
C ASN Y 77 34.66 57.61 40.05
N ALA Y 78 33.39 57.96 39.86
CA ALA Y 78 32.58 58.67 40.88
C ALA Y 78 31.30 57.90 41.16
N LEU Y 79 30.91 57.85 42.43
CA LEU Y 79 29.60 57.29 42.87
C LEU Y 79 28.80 58.44 43.48
N TYR Y 80 27.50 58.55 43.20
CA TYR Y 80 26.63 59.65 43.71
C TYR Y 80 25.50 59.06 44.56
N LEU Y 81 25.09 59.81 45.58
CA LEU Y 81 23.78 59.66 46.27
C LEU Y 81 23.07 61.01 46.21
N GLN Y 82 21.92 61.06 45.54
CA GLN Y 82 21.01 62.23 45.49
C GLN Y 82 19.94 62.04 46.56
N LEU Y 83 19.93 62.92 47.57
CA LEU Y 83 18.94 62.91 48.67
C LEU Y 83 17.87 63.96 48.32
N ASN Y 84 16.59 63.59 48.37
CA ASN Y 84 15.47 64.48 47.97
C ASN Y 84 14.58 64.58 49.21
N SER Y 85 13.79 65.65 49.33
CA SER Y 85 12.77 65.83 50.41
C SER Y 85 13.33 65.30 51.73
N LEU Y 86 14.43 65.89 52.19
CA LEU Y 86 15.20 65.46 53.39
C LEU Y 86 14.35 65.61 54.66
N ARG Y 87 14.54 64.71 55.62
CA ARG Y 87 13.87 64.71 56.95
C ARG Y 87 14.90 64.90 58.06
N THR Y 88 14.44 65.33 59.23
CA THR Y 88 15.32 65.44 60.44
C THR Y 88 16.05 64.10 60.60
N GLU Y 89 15.33 62.98 60.42
CA GLU Y 89 15.79 61.61 60.75
C GLU Y 89 16.86 61.15 59.75
N ASP Y 90 16.97 61.79 58.58
CA ASP Y 90 18.04 61.54 57.57
C ASP Y 90 19.40 62.12 57.98
N THR Y 91 19.47 62.87 59.08
CA THR Y 91 20.78 63.39 59.58
C THR Y 91 21.65 62.20 59.96
N ALA Y 92 22.89 62.24 59.50
CA ALA Y 92 23.82 61.10 59.60
C ALA Y 92 25.13 61.41 58.87
N VAL Y 93 26.20 60.71 59.23
CA VAL Y 93 27.40 60.53 58.36
C VAL Y 93 27.03 59.52 57.26
N TYR Y 94 27.42 59.83 56.02
CA TYR Y 94 27.09 59.05 54.82
C TYR Y 94 28.39 58.46 54.27
N PHE Y 95 28.54 57.14 54.45
CA PHE Y 95 29.73 56.37 54.04
C PHE Y 95 29.48 55.69 52.69
N CYS Y 96 30.45 55.87 51.83
CA CYS Y 96 30.56 55.27 50.48
C CYS Y 96 31.34 53.99 50.74
N ALA Y 97 30.84 52.83 50.34
CA ALA Y 97 31.46 51.51 50.61
C ALA Y 97 31.48 50.67 49.32
N ARG Y 98 32.48 49.79 49.18
CA ARG Y 98 32.58 48.88 48.02
C ARG Y 98 31.97 47.54 48.38
N ASP Y 99 31.27 46.96 47.39
CA ASP Y 99 30.58 45.66 47.56
C ASP Y 99 31.64 44.58 47.70
N GLY Y 100 31.40 43.60 48.57
CA GLY Y 100 32.35 42.51 48.86
C GLY Y 100 32.49 41.53 47.72
N GLY Y 101 31.58 41.56 46.75
CA GLY Y 101 31.56 40.66 45.61
C GLY Y 101 30.25 39.89 45.52
N GLY Y 102 29.39 39.98 46.53
CA GLY Y 102 28.14 39.20 46.59
C GLY Y 102 26.93 39.90 45.96
N TYR Y 103 27.12 41.04 45.28
CA TYR Y 103 26.01 41.84 44.70
C TYR Y 103 25.00 40.91 44.02
N SER Y 104 25.50 40.05 43.13
CA SER Y 104 24.66 39.26 42.21
C SER Y 104 23.77 38.29 42.99
N PHE Y 105 24.14 37.93 44.23
CA PHE Y 105 23.38 36.96 45.06
C PHE Y 105 22.44 37.69 46.03
N GLY Y 106 22.51 39.02 46.06
CA GLY Y 106 21.74 39.82 47.03
C GLY Y 106 22.25 39.56 48.44
N THR Y 107 23.57 39.39 48.56
CA THR Y 107 24.33 39.10 49.81
C THR Y 107 25.39 40.21 49.97
N TYR Y 108 25.03 41.30 50.66
CA TYR Y 108 25.85 42.54 50.67
C TYR Y 108 26.76 42.58 51.92
N PHE Y 109 28.07 42.66 51.69
CA PHE Y 109 29.06 43.03 52.73
C PHE Y 109 30.05 44.02 52.10
N PHE Y 110 30.75 44.75 52.98
CA PHE Y 110 31.38 46.06 52.69
C PHE Y 110 32.87 46.00 53.02
N ASP Y 111 33.68 45.62 52.04
CA ASP Y 111 35.11 45.29 52.28
C ASP Y 111 35.95 46.58 52.45
N PHE Y 112 35.48 47.72 51.98
CA PHE Y 112 36.21 49.02 52.13
C PHE Y 112 35.20 50.18 52.22
N TRP Y 113 35.39 51.06 53.20
CA TRP Y 113 34.55 52.28 53.38
C TRP Y 113 35.43 53.53 53.24
N GLY Y 114 34.84 54.63 52.74
CA GLY Y 114 35.45 55.97 52.79
C GLY Y 114 35.33 56.52 54.20
N GLN Y 115 35.87 57.70 54.47
CA GLN Y 115 35.85 58.30 55.85
C GLN Y 115 34.51 59.01 56.09
N GLY Y 116 33.67 59.18 55.08
CA GLY Y 116 32.29 59.67 55.28
C GLY Y 116 32.15 61.17 55.06
N THR Y 117 30.90 61.63 55.03
CA THR Y 117 30.53 63.07 54.88
C THR Y 117 29.28 63.25 55.74
N LEU Y 118 29.32 64.23 56.64
CA LEU Y 118 28.18 64.48 57.55
C LEU Y 118 27.08 65.20 56.76
N VAL Y 119 25.83 64.82 56.99
CA VAL Y 119 24.62 65.56 56.51
C VAL Y 119 23.75 65.82 57.75
N THR Y 120 23.60 67.11 58.05
CA THR Y 120 22.78 67.63 59.18
C THR Y 120 21.58 68.35 58.56
N VAL Y 121 20.41 67.99 59.07
CA VAL Y 121 19.07 68.35 58.52
C VAL Y 121 18.31 68.97 59.69
N SER Y 122 18.20 70.31 59.68
CA SER Y 122 17.62 71.09 60.79
C SER Y 122 17.11 72.43 60.25
N SER Y 123 15.95 72.81 60.79
CA SER Y 123 15.13 73.98 60.38
C SER Y 123 15.68 75.24 61.06
N ALA Y 124 16.51 75.08 62.11
CA ALA Y 124 17.08 76.20 62.88
C ALA Y 124 18.04 77.02 62.02
N SER Y 125 18.13 78.33 62.31
CA SER Y 125 19.00 79.34 61.66
C SER Y 125 20.25 79.55 62.50
N THR Y 126 21.38 79.91 61.87
CA THR Y 126 22.65 80.24 62.58
C THR Y 126 22.32 81.07 63.83
N LYS Y 127 22.95 80.78 64.97
CA LYS Y 127 22.75 81.57 66.21
C LYS Y 127 23.97 81.41 67.14
N GLY Y 128 24.60 82.54 67.49
CA GLY Y 128 25.72 82.61 68.43
C GLY Y 128 25.30 82.13 69.81
N PRO Y 129 26.23 81.52 70.59
CA PRO Y 129 25.89 80.98 71.90
C PRO Y 129 25.84 82.09 72.97
N SER Y 130 24.93 81.92 73.93
CA SER Y 130 24.98 82.59 75.26
C SER Y 130 25.96 81.80 76.14
N VAL Y 131 26.95 82.45 76.74
CA VAL Y 131 27.94 81.79 77.66
C VAL Y 131 27.63 82.24 79.10
N PHE Y 132 27.46 81.26 80.00
CA PHE Y 132 27.13 81.48 81.44
C PHE Y 132 28.21 80.83 82.30
N PRO Y 133 28.54 81.41 83.48
CA PRO Y 133 29.55 80.85 84.38
C PRO Y 133 29.04 79.69 85.23
N LEU Y 134 29.86 78.65 85.33
CA LEU Y 134 29.76 77.58 86.35
C LEU Y 134 30.79 77.96 87.42
N ALA Y 135 30.38 78.77 88.39
CA ALA Y 135 31.27 79.40 89.40
C ALA Y 135 31.45 78.44 90.58
N PRO Y 136 32.65 78.41 91.20
CA PRO Y 136 32.88 77.56 92.37
C PRO Y 136 32.12 77.98 93.63
N ALA Y 146 38.85 71.87 93.73
CA ALA Y 146 37.58 72.56 93.37
C ALA Y 146 37.40 72.72 91.85
N ALA Y 147 36.13 72.72 91.40
CA ALA Y 147 35.71 72.63 89.98
C ALA Y 147 34.91 73.85 89.54
N LEU Y 148 35.29 74.45 88.40
CA LEU Y 148 34.57 75.59 87.74
C LEU Y 148 34.54 75.37 86.21
N GLY Y 149 33.67 76.10 85.51
CA GLY Y 149 33.53 75.95 84.05
C GLY Y 149 32.65 77.02 83.40
N CYS Y 150 32.35 76.78 82.11
CA CYS Y 150 31.52 77.60 81.19
C CYS Y 150 30.41 76.74 80.60
N LEU Y 151 29.19 77.27 80.57
CA LEU Y 151 27.99 76.63 79.97
C LEU Y 151 27.66 77.35 78.67
N VAL Y 152 27.99 76.75 77.53
CA VAL Y 152 27.76 77.34 76.17
C VAL Y 152 26.38 76.85 75.67
N LYS Y 153 25.38 77.74 75.64
CA LYS Y 153 23.95 77.38 75.43
C LYS Y 153 23.36 78.07 74.20
N ASP Y 154 22.41 77.39 73.56
CA ASP Y 154 21.50 77.91 72.50
C ASP Y 154 22.35 78.46 71.35
N TYR Y 155 22.99 77.56 70.59
CA TYR Y 155 23.79 77.91 69.39
C TYR Y 155 23.47 76.92 68.26
N PHE Y 156 23.80 77.33 67.04
CA PHE Y 156 23.62 76.52 65.81
C PHE Y 156 24.45 77.10 64.67
N PRO Y 157 25.08 76.26 63.81
CA PRO Y 157 25.25 74.82 64.04
C PRO Y 157 26.52 74.51 64.83
N GLU Y 158 26.93 73.25 64.89
CA GLU Y 158 28.27 72.82 65.38
C GLU Y 158 29.37 73.38 64.48
N PRO Y 159 30.67 73.38 64.86
CA PRO Y 159 31.11 73.19 66.25
C PRO Y 159 31.25 74.52 67.00
N VAL Y 160 31.58 74.45 68.29
CA VAL Y 160 32.22 75.59 69.06
C VAL Y 160 33.55 75.06 69.62
N THR Y 161 34.60 75.87 69.60
CA THR Y 161 35.88 75.52 70.25
C THR Y 161 35.96 76.30 71.56
N VAL Y 162 36.56 75.71 72.59
CA VAL Y 162 36.77 76.30 73.94
C VAL Y 162 38.23 76.07 74.35
N SER Y 163 38.89 77.10 74.86
CA SER Y 163 40.18 76.96 75.59
C SER Y 163 40.07 77.82 76.85
N TRP Y 164 41.06 77.76 77.75
CA TRP Y 164 41.05 78.54 79.02
C TRP Y 164 42.32 79.40 79.09
N ASN Y 165 42.14 80.64 79.54
CA ASN Y 165 43.21 81.67 79.67
C ASN Y 165 43.98 81.76 78.36
N SER Y 166 43.27 81.60 77.23
CA SER Y 166 43.78 81.71 75.84
C SER Y 166 44.96 80.75 75.64
N GLY Y 167 44.86 79.52 76.17
CA GLY Y 167 45.82 78.42 75.90
C GLY Y 167 46.74 78.12 77.08
N ALA Y 168 46.88 79.02 78.05
CA ALA Y 168 47.75 78.84 79.22
C ALA Y 168 47.24 77.67 80.10
N LEU Y 169 45.93 77.59 80.33
CA LEU Y 169 45.34 76.53 81.19
C LEU Y 169 44.85 75.40 80.28
N THR Y 170 45.44 74.21 80.43
CA THR Y 170 45.28 73.04 79.53
C THR Y 170 45.01 71.75 80.31
N SER Y 171 45.75 71.50 81.40
CA SER Y 171 45.62 70.26 82.19
C SER Y 171 44.36 70.36 83.06
N GLY Y 172 43.68 69.24 83.27
CA GLY Y 172 42.52 69.11 84.17
C GLY Y 172 41.23 69.62 83.54
N VAL Y 173 41.26 69.98 82.25
CA VAL Y 173 40.08 70.52 81.51
C VAL Y 173 39.29 69.36 80.89
N HIS Y 174 37.96 69.52 80.76
CA HIS Y 174 37.05 68.59 80.05
C HIS Y 174 35.99 69.39 79.28
N THR Y 175 36.20 69.64 77.98
CA THR Y 175 35.14 70.18 77.08
C THR Y 175 34.29 68.98 76.63
N PHE Y 176 33.04 68.88 77.07
CA PHE Y 176 32.13 67.75 76.77
C PHE Y 176 31.64 67.83 75.32
N PRO Y 177 31.17 66.70 74.74
CA PRO Y 177 30.47 66.74 73.46
C PRO Y 177 29.15 67.49 73.67
N ALA Y 178 28.68 68.17 72.62
CA ALA Y 178 27.46 68.99 72.63
C ALA Y 178 26.26 68.07 72.85
N VAL Y 179 25.08 68.68 72.88
CA VAL Y 179 23.78 67.97 73.06
C VAL Y 179 22.78 68.74 72.20
N LEU Y 180 21.93 68.06 71.44
CA LEU Y 180 20.82 68.72 70.73
C LEU Y 180 19.58 68.67 71.65
N GLN Y 181 19.22 69.83 72.20
CA GLN Y 181 18.04 70.01 73.10
C GLN Y 181 16.82 70.19 72.19
N SER Y 182 15.62 69.93 72.72
CA SER Y 182 14.34 69.98 71.99
C SER Y 182 14.15 71.33 71.30
N SER Y 183 14.89 72.38 71.69
CA SER Y 183 14.99 73.66 70.95
C SER Y 183 15.41 73.41 69.50
N GLY Y 184 16.36 72.50 69.28
CA GLY Y 184 17.06 72.33 68.00
C GLY Y 184 18.33 73.17 67.96
N LEU Y 185 18.68 73.79 69.09
CA LEU Y 185 19.99 74.46 69.30
C LEU Y 185 20.80 73.56 70.25
N TYR Y 186 22.13 73.59 70.10
CA TYR Y 186 23.08 72.77 70.89
C TYR Y 186 23.38 73.48 72.22
N SER Y 187 23.71 72.70 73.26
CA SER Y 187 24.16 73.14 74.61
C SER Y 187 25.38 72.28 75.02
N LEU Y 188 26.49 72.94 75.38
CA LEU Y 188 27.82 72.35 75.65
C LEU Y 188 28.35 72.86 77.00
N SER Y 189 29.10 72.02 77.71
CA SER Y 189 29.73 72.38 79.02
C SER Y 189 31.22 72.07 78.96
N SER Y 190 32.06 73.05 79.32
CA SER Y 190 33.53 72.91 79.45
C SER Y 190 33.87 73.21 80.91
N VAL Y 191 34.57 72.29 81.57
CA VAL Y 191 34.94 72.42 83.01
C VAL Y 191 36.46 72.27 83.14
N VAL Y 192 36.99 72.74 84.26
CA VAL Y 192 38.39 72.47 84.71
C VAL Y 192 38.36 72.38 86.23
N THR Y 193 39.16 71.47 86.80
CA THR Y 193 39.43 71.35 88.26
C THR Y 193 40.83 71.91 88.50
N VAL Y 194 41.03 72.48 89.69
CA VAL Y 194 42.21 73.33 90.00
C VAL Y 194 42.27 73.51 91.51
N PRO Y 195 43.48 73.77 92.10
CA PRO Y 195 43.61 74.04 93.53
C PRO Y 195 42.72 75.18 94.07
N SER Y 196 41.93 74.92 95.12
CA SER Y 196 41.05 75.88 95.83
C SER Y 196 41.86 77.07 96.38
N SER Y 197 43.09 76.81 96.83
CA SER Y 197 44.14 77.82 97.17
C SER Y 197 44.26 78.87 96.06
N SER Y 198 44.29 78.46 94.80
CA SER Y 198 44.45 79.38 93.64
C SER Y 198 43.17 80.21 93.36
N LEU Y 199 41.99 79.84 93.89
CA LEU Y 199 40.68 80.49 93.59
C LEU Y 199 40.72 82.01 93.82
N GLY Y 200 41.35 82.45 94.91
CA GLY Y 200 41.56 83.87 95.22
C GLY Y 200 42.53 84.51 94.25
N THR Y 201 43.70 83.87 94.04
CA THR Y 201 44.87 84.44 93.30
C THR Y 201 44.62 84.41 91.78
N GLN Y 202 44.43 83.23 91.15
CA GLN Y 202 44.44 83.09 89.66
C GLN Y 202 43.05 83.39 89.08
N THR Y 203 42.99 84.25 88.06
CA THR Y 203 41.76 84.57 87.27
C THR Y 203 41.59 83.50 86.20
N TYR Y 204 40.34 83.18 85.87
CA TYR Y 204 39.95 82.06 84.99
C TYR Y 204 38.96 82.56 83.93
N ILE Y 205 39.45 82.76 82.71
CA ILE Y 205 38.63 83.11 81.51
C ILE Y 205 38.58 81.90 80.55
N CYS Y 206 37.36 81.53 80.12
CA CYS Y 206 37.12 80.55 79.02
C CYS Y 206 36.97 81.32 77.70
N ASN Y 207 37.61 80.83 76.63
CA ASN Y 207 37.61 81.45 75.26
C ASN Y 207 36.73 80.61 74.32
N VAL Y 208 35.51 81.08 74.05
CA VAL Y 208 34.46 80.37 73.26
C VAL Y 208 34.39 81.00 71.87
N ASN Y 209 34.56 80.20 70.83
CA ASN Y 209 34.66 80.60 69.39
C ASN Y 209 33.56 79.84 68.63
N HIS Y 210 32.57 80.56 68.08
CA HIS Y 210 31.52 79.98 67.20
C HIS Y 210 31.69 80.55 65.79
N LYS Y 211 32.43 79.84 64.93
CA LYS Y 211 32.85 80.34 63.59
C LYS Y 211 31.60 80.59 62.75
N PRO Y 212 30.65 79.63 62.64
CA PRO Y 212 29.39 79.85 61.92
C PRO Y 212 28.59 81.12 62.24
N SER Y 213 28.64 81.60 63.49
CA SER Y 213 28.03 82.88 63.99
C SER Y 213 29.04 84.02 63.98
N ASN Y 214 30.31 83.73 63.69
CA ASN Y 214 31.43 84.69 63.83
C ASN Y 214 31.46 85.32 65.23
N THR Y 215 31.04 84.54 66.25
CA THR Y 215 30.95 84.96 67.67
C THR Y 215 32.25 84.58 68.38
N LYS Y 216 32.85 85.50 69.12
CA LYS Y 216 33.96 85.22 70.07
C LYS Y 216 33.59 85.86 71.42
N VAL Y 217 33.59 85.05 72.48
CA VAL Y 217 33.21 85.50 73.84
C VAL Y 217 34.28 84.99 74.82
N ASP Y 218 34.86 85.92 75.57
CA ASP Y 218 35.72 85.65 76.75
C ASP Y 218 34.82 85.86 77.97
N LYS Y 219 34.68 84.86 78.85
CA LYS Y 219 33.87 84.98 80.09
C LYS Y 219 34.70 84.51 81.30
N LYS Y 220 34.65 85.32 82.36
CA LYS Y 220 35.45 85.23 83.61
C LYS Y 220 34.57 84.55 84.67
N VAL Y 221 35.16 83.71 85.53
CA VAL Y 221 34.45 82.89 86.56
C VAL Y 221 35.05 83.18 87.95
N GLU Y 222 34.19 83.43 88.95
CA GLU Y 222 34.54 83.94 90.31
C GLU Y 222 33.81 83.14 91.40
N ASP Z 1 12.96 41.79 58.49
CA ASP Z 1 14.44 42.00 58.37
C ASP Z 1 15.12 41.10 59.41
N ILE Z 2 16.38 40.73 59.23
CA ILE Z 2 17.11 39.90 60.25
C ILE Z 2 17.61 40.86 61.33
N GLN Z 3 17.26 40.57 62.59
CA GLN Z 3 17.66 41.40 63.75
C GLN Z 3 18.94 40.83 64.33
N MET Z 4 19.93 41.69 64.55
CA MET Z 4 21.26 41.25 65.04
C MET Z 4 21.44 41.73 66.48
N THR Z 5 21.91 40.85 67.36
CA THR Z 5 22.18 41.15 68.79
C THR Z 5 23.67 40.94 69.07
N GLN Z 6 24.30 41.84 69.83
CA GLN Z 6 25.69 41.65 70.32
C GLN Z 6 25.65 41.56 71.86
N SER Z 7 26.30 40.56 72.48
CA SER Z 7 26.04 40.23 73.90
C SER Z 7 26.74 41.23 74.83
N PRO Z 8 28.08 41.28 74.94
CA PRO Z 8 28.67 42.27 75.85
C PRO Z 8 28.39 43.62 75.18
N SER Z 9 27.44 44.43 75.65
CA SER Z 9 27.23 45.80 75.12
C SER Z 9 28.56 46.55 75.23
N SER Z 10 29.27 46.35 76.33
CA SER Z 10 30.63 46.92 76.58
C SER Z 10 31.49 45.95 77.38
N LEU Z 11 32.79 45.98 77.09
CA LEU Z 11 33.79 45.12 77.75
C LEU Z 11 34.99 45.99 78.15
N SER Z 12 35.54 45.75 79.34
CA SER Z 12 36.83 46.32 79.77
C SER Z 12 37.89 45.20 79.82
N ALA Z 13 39.07 45.46 79.28
CA ALA Z 13 40.16 44.46 79.15
C ALA Z 13 41.51 45.16 79.09
N SER Z 14 42.56 44.41 79.43
CA SER Z 14 43.95 44.91 79.51
C SER Z 14 44.75 44.33 78.35
N VAL Z 15 45.82 45.02 77.94
CA VAL Z 15 46.74 44.52 76.88
C VAL Z 15 47.21 43.12 77.26
N GLY Z 16 47.29 42.17 76.32
CA GLY Z 16 47.67 40.77 76.57
C GLY Z 16 46.48 39.81 76.71
N GLU Z 17 45.29 40.29 77.10
CA GLU Z 17 44.10 39.43 77.39
C GLU Z 17 43.51 38.78 76.12
N ARG Z 18 43.01 37.55 76.27
CA ARG Z 18 42.10 36.86 75.31
C ARG Z 18 40.70 37.44 75.53
N VAL Z 19 40.17 38.04 74.47
CA VAL Z 19 38.87 38.76 74.48
C VAL Z 19 37.93 38.03 73.53
N THR Z 20 36.68 37.85 73.99
CA THR Z 20 35.64 37.01 73.36
C THR Z 20 34.32 37.81 73.31
N ILE Z 21 33.96 38.35 72.14
CA ILE Z 21 32.63 39.02 71.92
C ILE Z 21 31.75 38.09 71.09
N THR Z 22 30.45 38.10 71.36
CA THR Z 22 29.47 37.22 70.68
C THR Z 22 28.41 38.08 69.99
N CYS Z 23 27.70 37.41 69.07
CA CYS Z 23 26.73 37.95 68.08
C CYS Z 23 25.68 36.86 67.81
N ARG Z 24 24.43 37.26 67.68
CA ARG Z 24 23.28 36.33 67.49
C ARG Z 24 22.30 36.92 66.47
N ALA Z 25 22.04 36.16 65.40
CA ALA Z 25 21.05 36.46 64.34
C ALA Z 25 19.70 35.86 64.75
N SER Z 26 18.62 36.61 64.49
CA SER Z 26 17.22 36.25 64.84
C SER Z 26 16.77 35.00 64.07
N GLN Z 27 17.53 34.54 63.07
CA GLN Z 27 17.25 33.28 62.35
C GLN Z 27 18.57 32.66 61.87
N ARG Z 28 18.54 31.41 61.38
CA ARG Z 28 19.76 30.73 60.88
C ARG Z 28 20.32 31.57 59.72
N ILE Z 29 21.64 31.80 59.65
CA ILE Z 29 22.23 32.62 58.55
C ILE Z 29 23.51 31.95 58.06
N SER Z 30 23.56 30.62 58.16
CA SER Z 30 24.78 29.85 57.81
C SER Z 30 26.01 30.64 58.29
N ASN Z 31 26.96 30.96 57.42
CA ASN Z 31 28.18 31.71 57.82
C ASN Z 31 28.24 33.04 57.08
N TYR Z 32 27.09 33.56 56.62
CA TYR Z 32 26.97 34.89 55.99
C TYR Z 32 26.99 35.96 57.11
N LEU Z 33 28.10 36.02 57.86
CA LEU Z 33 28.27 36.93 59.02
C LEU Z 33 29.65 37.56 58.91
N ASN Z 34 29.71 38.87 59.20
CA ASN Z 34 30.89 39.73 58.93
C ASN Z 34 31.14 40.57 60.17
N TRP Z 35 32.40 40.88 60.46
CA TRP Z 35 32.82 41.63 61.66
C TRP Z 35 33.59 42.88 61.23
N TYR Z 36 33.25 44.03 61.81
CA TYR Z 36 33.93 45.33 61.56
C TYR Z 36 34.41 45.95 62.89
N GLN Z 37 35.51 46.71 62.79
CA GLN Z 37 36.05 47.61 63.84
C GLN Z 37 35.65 49.03 63.46
N GLN Z 38 35.24 49.88 64.41
CA GLN Z 38 35.14 51.35 64.18
C GLN Z 38 35.77 52.06 65.39
N LYS Z 39 36.67 53.00 65.13
CA LYS Z 39 37.21 53.90 66.18
C LYS Z 39 36.48 55.25 66.04
N PRO Z 40 36.34 56.01 67.14
CA PRO Z 40 35.63 57.30 67.10
C PRO Z 40 36.14 58.19 65.95
N GLY Z 41 35.22 58.79 65.21
CA GLY Z 41 35.50 59.73 64.10
C GLY Z 41 35.99 59.05 62.84
N LYS Z 42 36.00 57.72 62.78
CA LYS Z 42 36.54 56.93 61.63
C LYS Z 42 35.46 56.01 61.05
N ALA Z 43 35.75 55.44 59.88
CA ALA Z 43 34.81 54.52 59.21
C ALA Z 43 35.09 53.09 59.66
N PRO Z 44 34.09 52.20 59.64
CA PRO Z 44 34.34 50.79 59.92
C PRO Z 44 35.40 50.21 58.96
N LYS Z 45 36.20 49.29 59.49
CA LYS Z 45 37.12 48.41 58.70
C LYS Z 45 36.56 46.98 58.83
N LEU Z 46 36.59 46.24 57.72
CA LEU Z 46 36.19 44.81 57.68
C LEU Z 46 37.29 44.00 58.35
N LEU Z 47 36.94 43.19 59.35
CA LEU Z 47 37.89 42.28 60.04
C LEU Z 47 37.74 40.85 59.55
N ILE Z 48 36.51 40.33 59.61
CA ILE Z 48 36.17 38.95 59.20
C ILE Z 48 35.00 39.03 58.21
N TYR Z 49 35.05 38.21 57.17
CA TYR Z 49 33.88 37.85 56.33
C TYR Z 49 33.73 36.33 56.34
N ALA Z 50 32.51 35.88 56.03
CA ALA Z 50 32.12 34.46 55.97
C ALA Z 50 32.37 33.83 57.34
N ALA Z 51 32.14 34.58 58.41
CA ALA Z 51 32.16 34.11 59.81
C ALA Z 51 33.58 33.80 60.31
N SER Z 52 34.53 33.33 59.47
CA SER Z 52 35.89 32.98 59.96
C SER Z 52 37.04 33.35 59.01
N THR Z 53 36.82 33.90 57.81
CA THR Z 53 37.93 34.26 56.88
C THR Z 53 38.46 35.63 57.27
N LEU Z 54 39.76 35.71 57.50
CA LEU Z 54 40.46 36.98 57.83
C LEU Z 54 40.52 37.87 56.59
N GLN Z 55 40.08 39.13 56.70
CA GLN Z 55 40.25 40.08 55.56
C GLN Z 55 41.75 40.28 55.40
N SER Z 56 42.24 40.28 54.16
CA SER Z 56 43.65 40.61 53.81
C SER Z 56 44.11 41.85 54.59
N GLY Z 57 45.32 41.81 55.15
CA GLY Z 57 45.90 42.92 55.93
C GLY Z 57 45.74 42.74 57.44
N VAL Z 58 44.74 42.00 57.91
CA VAL Z 58 44.29 42.01 59.34
C VAL Z 58 45.21 41.11 60.16
N PRO Z 59 45.60 41.53 61.39
CA PRO Z 59 46.32 40.64 62.31
C PRO Z 59 45.66 39.28 62.55
N SER Z 60 46.47 38.21 62.53
CA SER Z 60 46.05 36.80 62.80
C SER Z 60 45.60 36.62 64.26
N ARG Z 61 45.79 37.61 65.12
CA ARG Z 61 45.33 37.50 66.52
C ARG Z 61 43.79 37.56 66.52
N PHE Z 62 43.22 38.10 65.45
CA PHE Z 62 41.76 38.16 65.19
C PHE Z 62 41.28 36.85 64.55
N SER Z 63 40.23 36.25 65.12
CA SER Z 63 39.56 35.09 64.49
C SER Z 63 38.04 35.14 64.77
N GLY Z 64 37.27 34.66 63.79
CA GLY Z 64 35.82 34.49 63.93
C GLY Z 64 35.45 33.02 63.89
N SER Z 65 34.30 32.67 64.46
CA SER Z 65 33.75 31.29 64.48
C SER Z 65 32.23 31.34 64.57
N GLY Z 66 31.61 30.25 64.11
CA GLY Z 66 30.16 30.08 64.20
C GLY Z 66 29.52 29.77 62.86
N SER Z 67 28.23 29.52 62.94
CA SER Z 67 27.39 29.08 61.82
C SER Z 67 25.98 28.91 62.36
N GLY Z 68 24.98 29.41 61.65
CA GLY Z 68 23.59 29.39 62.13
C GLY Z 68 23.26 30.73 62.74
N THR Z 69 23.07 30.76 64.07
CA THR Z 69 22.59 31.94 64.81
C THR Z 69 23.67 32.54 65.72
N ASP Z 70 24.65 31.79 66.20
CA ASP Z 70 25.60 32.26 67.25
C ASP Z 70 27.01 32.28 66.67
N PHE Z 71 27.61 33.48 66.69
CA PHE Z 71 28.97 33.79 66.18
C PHE Z 71 29.78 34.35 67.34
N THR Z 72 31.11 34.34 67.20
CA THR Z 72 32.05 34.93 68.18
C THR Z 72 33.27 35.48 67.43
N LEU Z 73 33.63 36.71 67.74
CA LEU Z 73 34.95 37.29 67.39
C LEU Z 73 35.86 37.13 68.59
N THR Z 74 37.11 36.76 68.31
CA THR Z 74 38.16 36.53 69.33
C THR Z 74 39.39 37.35 68.96
N ILE Z 75 39.90 38.08 69.95
CA ILE Z 75 41.26 38.69 69.92
C ILE Z 75 42.09 37.89 70.92
N SER Z 76 43.05 37.09 70.42
CA SER Z 76 43.88 36.16 71.24
C SER Z 76 44.61 36.97 72.33
N SER Z 77 45.35 38.02 71.95
CA SER Z 77 46.14 38.84 72.91
C SER Z 77 45.98 40.33 72.59
N LEU Z 78 45.05 41.00 73.28
CA LEU Z 78 44.60 42.40 73.02
C LEU Z 78 45.82 43.33 72.88
N GLN Z 79 45.77 44.28 71.94
CA GLN Z 79 46.83 45.30 71.68
C GLN Z 79 46.27 46.69 71.95
N PRO Z 80 47.10 47.74 72.09
CA PRO Z 80 46.61 49.10 72.30
C PRO Z 80 45.66 49.59 71.19
N GLU Z 81 45.93 49.17 69.96
CA GLU Z 81 45.18 49.62 68.76
C GLU Z 81 43.82 48.92 68.68
N ASP Z 82 43.59 47.86 69.45
CA ASP Z 82 42.34 47.03 69.37
C ASP Z 82 41.22 47.60 70.25
N PHE Z 83 41.47 48.66 71.02
CA PHE Z 83 40.43 49.30 71.86
C PHE Z 83 39.54 50.12 70.93
N ALA Z 84 38.32 49.66 70.69
CA ALA Z 84 37.46 50.23 69.63
C ALA Z 84 36.05 49.69 69.85
N THR Z 85 35.15 49.92 68.89
CA THR Z 85 33.81 49.29 68.82
C THR Z 85 33.86 48.20 67.74
N TYR Z 86 33.21 47.07 68.01
CA TYR Z 86 33.12 45.94 67.06
C TYR Z 86 31.64 45.74 66.76
N TYR Z 87 31.31 45.72 65.47
CA TYR Z 87 29.96 45.47 64.91
C TYR Z 87 29.98 44.14 64.13
N CYS Z 88 28.94 43.30 64.29
CA CYS Z 88 28.63 42.16 63.39
C CYS Z 88 27.56 42.57 62.37
N GLN Z 89 27.63 42.02 61.16
CA GLN Z 89 26.68 42.34 60.05
C GLN Z 89 26.39 41.10 59.21
N GLN Z 90 25.14 40.63 59.23
CA GLN Z 90 24.66 39.45 58.47
C GLN Z 90 24.56 39.89 57.01
N SER Z 91 25.07 39.07 56.09
CA SER Z 91 25.02 39.29 54.61
C SER Z 91 24.09 38.23 54.00
N TYR Z 92 23.33 37.55 54.86
CA TYR Z 92 22.43 36.43 54.48
C TYR Z 92 21.24 36.93 53.64
N SER Z 93 20.53 37.95 54.09
CA SER Z 93 19.33 38.47 53.38
C SER Z 93 19.59 39.93 52.94
N SER Z 94 18.67 40.47 52.14
CA SER Z 94 18.50 41.91 51.83
C SER Z 94 17.33 42.37 52.71
N PRO Z 95 17.39 43.51 53.44
CA PRO Z 95 18.61 44.32 53.56
C PRO Z 95 19.64 43.72 54.51
N PRO Z 96 20.93 44.06 54.35
CA PRO Z 96 21.97 43.62 55.28
C PRO Z 96 21.76 44.39 56.58
N THR Z 97 21.91 43.73 57.72
CA THR Z 97 21.69 44.34 59.06
C THR Z 97 22.92 44.23 59.93
N PHE Z 98 23.15 45.29 60.70
CA PHE Z 98 24.29 45.43 61.64
C PHE Z 98 23.77 45.10 63.03
N GLY Z 99 24.69 44.75 63.92
CA GLY Z 99 24.42 44.69 65.37
C GLY Z 99 24.60 46.07 66.00
N PRO Z 100 24.25 46.20 67.29
CA PRO Z 100 24.36 47.49 67.97
C PRO Z 100 25.82 47.86 68.28
N GLY Z 101 26.78 46.94 68.11
CA GLY Z 101 28.19 47.18 68.42
C GLY Z 101 28.53 46.74 69.83
N THR Z 102 29.79 46.37 70.06
CA THR Z 102 30.41 46.11 71.39
C THR Z 102 31.62 47.05 71.53
N LYS Z 103 31.56 47.99 72.48
CA LYS Z 103 32.71 48.86 72.81
C LYS Z 103 33.68 48.04 73.66
N VAL Z 104 34.98 48.24 73.47
CA VAL Z 104 36.03 47.63 74.32
C VAL Z 104 36.84 48.78 74.93
N ASP Z 105 36.66 49.05 76.23
CA ASP Z 105 37.39 50.12 76.97
C ASP Z 105 38.61 49.55 77.72
N ILE Z 106 39.54 50.44 78.05
CA ILE Z 106 40.81 50.10 78.78
C ILE Z 106 40.46 49.77 80.24
N LYS Z 107 40.85 48.59 80.74
CA LYS Z 107 40.61 48.17 82.15
C LYS Z 107 41.58 48.96 83.03
N ARG Z 108 41.03 49.42 84.15
CA ARG Z 108 41.79 50.20 85.14
C ARG Z 108 41.10 50.02 86.50
N THR Z 109 41.75 50.40 87.58
CA THR Z 109 41.28 50.27 88.98
C THR Z 109 40.05 51.14 89.19
N VAL Z 110 38.97 50.59 89.77
CA VAL Z 110 37.69 51.34 89.97
C VAL Z 110 38.02 52.63 90.75
N ALA Z 111 37.41 53.76 90.34
CA ALA Z 111 37.66 55.12 90.87
C ALA Z 111 36.35 55.91 90.87
N ALA Z 112 35.98 56.49 92.02
CA ALA Z 112 34.70 57.19 92.22
C ALA Z 112 34.77 58.56 91.54
N PRO Z 113 33.60 59.13 91.14
CA PRO Z 113 33.57 60.50 90.65
C PRO Z 113 33.56 61.55 91.78
N SER Z 114 34.38 62.60 91.62
CA SER Z 114 34.22 63.90 92.32
C SER Z 114 32.96 64.58 91.75
N VAL Z 115 31.92 64.79 92.56
CA VAL Z 115 30.63 65.39 92.10
C VAL Z 115 30.56 66.87 92.51
N PHE Z 116 30.24 67.75 91.57
CA PHE Z 116 29.95 69.20 91.81
C PHE Z 116 28.58 69.56 91.21
N ILE Z 117 27.88 70.52 91.81
CA ILE Z 117 26.58 71.04 91.31
C ILE Z 117 26.67 72.56 91.22
N PHE Z 118 26.26 73.13 90.08
CA PHE Z 118 26.28 74.59 89.81
C PHE Z 118 24.85 75.08 89.63
N PRO Z 119 24.45 76.19 90.31
CA PRO Z 119 23.15 76.80 90.07
C PRO Z 119 23.24 77.63 88.79
N PRO Z 120 22.09 78.08 88.28
CA PRO Z 120 22.08 78.95 87.10
C PRO Z 120 22.68 80.31 87.42
N SER Z 121 23.43 80.91 86.47
CA SER Z 121 23.93 82.30 86.61
C SER Z 121 22.73 83.23 86.75
N ASP Z 122 22.91 84.39 87.38
CA ASP Z 122 21.86 85.44 87.43
C ASP Z 122 21.67 85.91 85.98
N GLU Z 123 22.79 86.02 85.24
CA GLU Z 123 22.84 86.49 83.83
C GLU Z 123 21.86 85.67 82.96
N GLN Z 124 21.70 84.37 83.24
CA GLN Z 124 20.79 83.46 82.47
C GLN Z 124 19.33 83.70 82.84
N LEU Z 125 19.00 83.91 84.11
CA LEU Z 125 17.60 84.04 84.58
C LEU Z 125 16.98 85.32 84.00
N LYS Z 126 17.81 86.26 83.53
CA LYS Z 126 17.37 87.42 82.70
C LYS Z 126 16.75 86.90 81.39
N SER Z 127 17.15 85.72 80.90
CA SER Z 127 16.65 85.11 79.63
C SER Z 127 15.38 84.27 79.86
N GLY Z 128 14.82 84.20 81.08
CA GLY Z 128 13.55 83.50 81.39
C GLY Z 128 13.72 82.00 81.59
N THR Z 129 14.91 81.46 81.29
CA THR Z 129 15.27 80.02 81.34
C THR Z 129 16.35 79.82 82.41
N ALA Z 130 16.50 78.58 82.90
CA ALA Z 130 17.39 78.21 84.02
C ALA Z 130 17.97 76.81 83.83
N SER Z 131 19.29 76.72 83.58
CA SER Z 131 20.06 75.45 83.39
C SER Z 131 20.93 75.18 84.62
N VAL Z 132 20.59 74.13 85.36
CA VAL Z 132 21.31 73.61 86.57
C VAL Z 132 22.26 72.53 86.07
N VAL Z 133 23.57 72.66 86.32
CA VAL Z 133 24.60 71.70 85.82
C VAL Z 133 25.04 70.79 86.98
N CYS Z 134 25.33 69.51 86.69
CA CYS Z 134 25.96 68.54 87.62
C CYS Z 134 27.14 67.88 86.90
N LEU Z 135 28.36 68.02 87.46
CA LEU Z 135 29.60 67.41 86.93
C LEU Z 135 29.91 66.17 87.77
N LEU Z 136 30.23 65.06 87.11
CA LEU Z 136 30.87 63.85 87.72
C LEU Z 136 32.25 63.77 87.08
N ASN Z 137 33.32 64.19 87.76
CA ASN Z 137 34.68 64.29 87.19
C ASN Z 137 35.51 63.02 87.46
N ASN Z 138 36.29 62.56 86.48
CA ASN Z 138 37.37 61.52 86.50
C ASN Z 138 36.93 60.22 87.22
N PHE Z 139 36.10 59.38 86.61
CA PHE Z 139 35.56 58.13 87.21
C PHE Z 139 35.71 56.93 86.26
N TYR Z 140 35.72 55.73 86.84
CA TYR Z 140 35.77 54.42 86.14
C TYR Z 140 35.02 53.38 86.96
N PRO Z 141 34.24 52.43 86.38
CA PRO Z 141 33.92 52.38 84.95
C PRO Z 141 32.79 53.35 84.53
N ARG Z 142 32.50 53.43 83.24
CA ARG Z 142 31.52 54.44 82.71
C ARG Z 142 30.12 54.27 83.30
N GLU Z 143 29.68 53.04 83.53
CA GLU Z 143 28.29 52.81 84.00
C GLU Z 143 28.03 53.71 85.22
N ALA Z 144 27.05 54.61 85.15
CA ALA Z 144 26.84 55.68 86.15
C ALA Z 144 25.47 56.33 85.99
N LYS Z 145 24.81 56.72 87.09
CA LYS Z 145 23.40 57.19 87.10
C LYS Z 145 23.29 58.54 87.83
N VAL Z 146 22.94 59.58 87.08
CA VAL Z 146 22.58 60.92 87.61
C VAL Z 146 21.05 61.00 87.70
N GLN Z 147 20.55 61.55 88.81
CA GLN Z 147 19.11 61.54 89.21
C GLN Z 147 18.83 62.90 89.85
N TRP Z 148 17.93 63.71 89.28
CA TRP Z 148 17.61 65.07 89.77
C TRP Z 148 16.43 65.03 90.75
N LYS Z 149 16.52 65.81 91.83
CA LYS Z 149 15.47 65.97 92.87
C LYS Z 149 15.24 67.46 93.12
N VAL Z 150 14.02 67.95 92.83
CA VAL Z 150 13.54 69.32 93.20
C VAL Z 150 12.51 69.16 94.34
N ASP Z 151 12.85 69.71 95.52
CA ASP Z 151 12.14 69.54 96.81
C ASP Z 151 12.14 68.04 97.18
N ASN Z 152 13.23 67.33 96.84
CA ASN Z 152 13.38 65.87 97.03
C ASN Z 152 12.33 65.10 96.21
N ALA Z 153 11.64 65.78 95.27
CA ALA Z 153 10.68 65.17 94.33
C ALA Z 153 11.40 64.80 93.03
N LEU Z 154 11.46 63.49 92.72
CA LEU Z 154 12.25 62.92 91.60
C LEU Z 154 11.72 63.45 90.26
N GLN Z 155 12.63 63.94 89.40
CA GLN Z 155 12.31 64.57 88.08
C GLN Z 155 12.41 63.54 86.94
N SER Z 156 11.91 63.91 85.76
CA SER Z 156 11.98 63.16 84.47
C SER Z 156 11.70 64.09 83.29
N GLY Z 157 12.42 63.88 82.18
CA GLY Z 157 12.09 64.41 80.84
C GLY Z 157 12.61 65.82 80.59
N ASN Z 158 13.26 66.44 81.58
CA ASN Z 158 13.71 67.86 81.56
C ASN Z 158 15.26 67.92 81.58
N SER Z 159 15.94 66.78 81.44
CA SER Z 159 17.41 66.67 81.63
C SER Z 159 18.06 65.87 80.51
N GLN Z 160 19.35 66.13 80.28
CA GLN Z 160 20.20 65.56 79.21
C GLN Z 160 21.60 65.33 79.77
N GLU Z 161 22.30 64.28 79.29
CA GLU Z 161 23.70 63.96 79.69
C GLU Z 161 24.66 64.08 78.50
N SER Z 162 25.96 64.11 78.79
CA SER Z 162 27.07 64.15 77.81
C SER Z 162 28.27 63.46 78.47
N VAL Z 163 29.11 62.77 77.70
CA VAL Z 163 30.25 62.00 78.28
C VAL Z 163 31.51 62.17 77.43
N THR Z 164 32.66 62.23 78.09
CA THR Z 164 33.98 62.37 77.42
C THR Z 164 34.43 60.96 77.04
N GLU Z 165 35.22 60.86 75.97
CA GLU Z 165 35.89 59.58 75.63
C GLU Z 165 36.87 59.30 76.76
N GLN Z 166 37.08 58.02 77.06
CA GLN Z 166 38.09 57.50 78.03
C GLN Z 166 39.34 58.37 77.89
N ASP Z 167 39.73 59.05 78.98
CA ASP Z 167 40.93 59.92 79.00
C ASP Z 167 42.14 59.03 78.73
N SER Z 168 42.99 59.39 77.75
CA SER Z 168 44.16 58.57 77.37
C SER Z 168 45.22 58.63 78.47
N LYS Z 169 45.12 59.56 79.44
CA LYS Z 169 46.08 59.73 80.58
C LYS Z 169 45.72 58.77 81.73
N ASP Z 170 44.61 59.02 82.41
CA ASP Z 170 44.21 58.27 83.64
C ASP Z 170 43.05 57.32 83.34
N SER Z 171 42.74 57.06 82.06
CA SER Z 171 41.67 56.13 81.61
C SER Z 171 40.33 56.43 82.30
N THR Z 172 40.06 57.69 82.66
CA THR Z 172 38.81 58.04 83.40
C THR Z 172 37.77 58.59 82.43
N TYR Z 173 36.51 58.56 82.87
CA TYR Z 173 35.34 59.21 82.23
C TYR Z 173 34.99 60.46 83.04
N SER Z 174 34.35 61.43 82.38
CA SER Z 174 33.66 62.57 83.01
C SER Z 174 32.29 62.74 82.34
N LEU Z 175 31.24 62.97 83.13
CA LEU Z 175 29.84 63.13 82.67
C LEU Z 175 29.34 64.51 83.10
N SER Z 176 28.64 65.21 82.20
CA SER Z 176 27.94 66.49 82.45
C SER Z 176 26.45 66.27 82.18
N SER Z 177 25.61 66.50 83.20
CA SER Z 177 24.13 66.45 83.12
C SER Z 177 23.53 67.84 83.33
N THR Z 178 22.61 68.27 82.47
CA THR Z 178 22.00 69.63 82.51
C THR Z 178 20.49 69.48 82.69
N LEU Z 179 19.95 70.09 83.75
CA LEU Z 179 18.49 70.14 84.07
C LEU Z 179 18.01 71.56 83.77
N THR Z 180 17.08 71.67 82.79
CA THR Z 180 16.65 72.95 82.20
C THR Z 180 15.19 73.18 82.62
N LEU Z 181 14.91 74.31 83.29
CA LEU Z 181 13.55 74.71 83.71
C LEU Z 181 13.26 76.16 83.28
N SER Z 182 11.99 76.49 83.17
CA SER Z 182 11.50 77.90 83.07
C SER Z 182 11.96 78.63 84.35
N LYS Z 183 12.24 79.93 84.26
CA LYS Z 183 12.46 80.78 85.47
C LYS Z 183 11.20 80.70 86.37
N ALA Z 184 10.02 80.55 85.76
CA ALA Z 184 8.71 80.33 86.43
C ALA Z 184 8.77 79.10 87.36
N ASP Z 185 8.98 77.90 86.81
CA ASP Z 185 9.03 76.62 87.59
C ASP Z 185 10.23 76.62 88.54
N TYR Z 186 11.36 77.23 88.16
CA TYR Z 186 12.61 77.30 88.97
C TYR Z 186 12.28 77.94 90.33
N GLU Z 187 11.72 79.15 90.29
CA GLU Z 187 11.45 80.02 91.49
C GLU Z 187 10.32 79.46 92.35
N LYS Z 188 9.64 78.37 91.95
CA LYS Z 188 8.52 77.73 92.69
C LYS Z 188 9.01 76.68 93.71
N HIS Z 189 10.25 76.19 93.60
CA HIS Z 189 10.81 75.16 94.51
C HIS Z 189 12.17 75.66 95.06
N LYS Z 190 12.71 74.94 96.04
CA LYS Z 190 13.66 75.47 97.07
C LYS Z 190 15.00 74.73 97.07
N VAL Z 191 15.00 73.40 97.27
CA VAL Z 191 16.22 72.55 97.39
C VAL Z 191 16.46 71.76 96.10
N TYR Z 192 17.57 72.03 95.41
CA TYR Z 192 17.95 71.48 94.07
C TYR Z 192 19.13 70.50 94.20
N ALA Z 193 18.87 69.20 94.07
CA ALA Z 193 19.83 68.11 94.38
C ALA Z 193 20.18 67.27 93.15
N CYS Z 194 21.45 66.88 93.05
CA CYS Z 194 22.03 65.94 92.07
C CYS Z 194 22.46 64.66 92.81
N GLU Z 195 21.72 63.56 92.68
CA GLU Z 195 22.05 62.26 93.32
C GLU Z 195 22.76 61.35 92.31
N VAL Z 196 23.93 60.82 92.68
CA VAL Z 196 24.84 60.04 91.78
C VAL Z 196 25.05 58.63 92.34
N THR Z 197 24.74 57.60 91.56
CA THR Z 197 25.06 56.17 91.84
C THR Z 197 26.21 55.74 90.93
N HIS Z 198 27.23 55.10 91.51
CA HIS Z 198 28.42 54.63 90.76
C HIS Z 198 29.08 53.51 91.57
N GLN Z 199 29.77 52.59 90.91
CA GLN Z 199 30.36 51.37 91.54
C GLN Z 199 31.37 51.78 92.63
N GLY Z 200 32.09 52.90 92.45
CA GLY Z 200 33.12 53.37 93.40
C GLY Z 200 32.56 54.10 94.62
N LEU Z 201 31.23 54.25 94.72
CA LEU Z 201 30.52 54.89 95.88
C LEU Z 201 29.68 53.85 96.63
N SER Z 202 30.04 53.57 97.88
CA SER Z 202 29.43 52.51 98.74
C SER Z 202 27.93 52.78 98.90
N SER Z 203 27.54 54.03 99.07
CA SER Z 203 26.12 54.49 99.08
C SER Z 203 26.00 55.74 98.21
N PRO Z 204 24.91 55.90 97.43
CA PRO Z 204 24.72 57.07 96.58
C PRO Z 204 25.06 58.41 97.25
N VAL Z 205 25.71 59.31 96.50
CA VAL Z 205 26.22 60.63 96.97
C VAL Z 205 25.39 61.75 96.33
N THR Z 206 24.91 62.70 97.14
CA THR Z 206 24.07 63.86 96.70
C THR Z 206 24.87 65.16 96.86
N LYS Z 207 24.77 66.08 95.89
CA LYS Z 207 25.22 67.50 96.02
C LYS Z 207 24.00 68.40 95.81
N SER Z 208 23.76 69.32 96.75
CA SER Z 208 22.54 70.17 96.83
C SER Z 208 22.91 71.66 96.90
N PHE Z 209 21.92 72.52 96.68
CA PHE Z 209 21.97 73.96 97.03
C PHE Z 209 20.56 74.47 97.34
N ASN Z 210 20.50 75.64 97.99
CA ASN Z 210 19.25 76.35 98.37
C ASN Z 210 19.11 77.56 97.43
N ARG Z 211 17.94 77.66 96.76
CA ARG Z 211 17.70 78.67 95.70
C ARG Z 211 17.89 80.08 96.27
N ASP AA 1 20.50 4.14 69.68
CA ASP AA 1 19.49 3.31 70.45
C ASP AA 1 18.53 4.22 71.22
N ILE AA 2 17.36 3.69 71.61
CA ILE AA 2 16.39 4.43 72.45
C ILE AA 2 16.73 4.18 73.93
N GLN AA 3 16.71 5.22 74.75
CA GLN AA 3 16.97 5.12 76.22
C GLN AA 3 15.63 5.31 76.93
N MET AA 4 15.37 4.44 77.90
CA MET AA 4 14.13 4.42 78.70
C MET AA 4 14.44 4.85 80.14
N THR AA 5 13.69 5.86 80.59
CA THR AA 5 13.68 6.45 81.95
C THR AA 5 12.50 5.83 82.71
N GLN AA 6 12.58 5.75 84.05
CA GLN AA 6 11.48 5.19 84.88
C GLN AA 6 11.28 5.98 86.18
N SER AA 7 10.08 5.77 86.74
CA SER AA 7 9.28 6.60 87.68
C SER AA 7 10.12 7.16 88.83
N PRO AA 8 9.88 6.77 90.10
CA PRO AA 8 10.95 6.82 91.10
C PRO AA 8 11.75 5.52 91.02
N SER AA 9 12.99 5.58 91.51
CA SER AA 9 13.93 4.43 91.61
C SER AA 9 13.27 3.32 92.44
N SER AA 10 12.63 3.68 93.56
CA SER AA 10 11.87 2.79 94.48
C SER AA 10 10.53 3.45 94.86
N LEU AA 11 9.51 2.64 95.11
CA LEU AA 11 8.18 3.10 95.58
C LEU AA 11 7.80 2.17 96.74
N SER AA 12 7.58 2.73 97.92
CA SER AA 12 7.11 2.02 99.14
C SER AA 12 5.59 2.13 99.18
N ALA AA 13 4.87 1.04 99.44
CA ALA AA 13 3.39 1.00 99.41
C ALA AA 13 2.89 -0.22 100.18
N SER AA 14 1.58 -0.26 100.47
CA SER AA 14 0.97 -1.33 101.30
C SER AA 14 -0.23 -1.94 100.59
N VAL AA 15 -0.60 -3.14 101.00
CA VAL AA 15 -1.73 -3.90 100.41
C VAL AA 15 -2.95 -2.98 100.38
N GLY AA 16 -3.71 -3.01 99.28
CA GLY AA 16 -4.93 -2.20 99.08
C GLY AA 16 -4.70 -0.82 98.50
N GLU AA 17 -3.48 -0.27 98.55
CA GLU AA 17 -3.09 1.04 97.96
C GLU AA 17 -3.21 1.02 96.42
N ARG AA 18 -3.22 2.21 95.82
CA ARG AA 18 -3.25 2.45 94.36
C ARG AA 18 -1.86 2.92 93.92
N VAL AA 19 -1.14 2.12 93.13
CA VAL AA 19 0.28 2.37 92.78
C VAL AA 19 0.35 2.81 91.31
N THR AA 20 1.05 3.93 91.10
CA THR AA 20 1.33 4.56 89.78
C THR AA 20 2.84 4.63 89.63
N ILE AA 21 3.39 3.83 88.72
CA ILE AA 21 4.78 3.92 88.17
C ILE AA 21 4.67 4.50 86.76
N THR AA 22 5.57 5.41 86.40
CA THR AA 22 5.71 6.04 85.06
C THR AA 22 6.99 5.51 84.38
N CYS AA 23 7.01 5.58 83.04
CA CYS AA 23 8.14 5.23 82.13
C CYS AA 23 8.26 6.35 81.09
N ARG AA 24 9.47 6.69 80.66
CA ARG AA 24 9.72 7.73 79.64
C ARG AA 24 10.69 7.23 78.56
N ALA AA 25 10.41 7.51 77.29
CA ALA AA 25 11.27 7.18 76.14
C ALA AA 25 12.00 8.43 75.63
N SER AA 26 13.25 8.28 75.17
CA SER AA 26 14.10 9.40 74.69
C SER AA 26 13.61 9.93 73.34
N GLN AA 27 12.50 9.38 72.82
CA GLN AA 27 11.84 9.84 71.58
C GLN AA 27 10.41 9.30 71.56
N ARG AA 28 9.59 9.80 70.63
CA ARG AA 28 8.18 9.33 70.47
C ARG AA 28 8.27 7.90 69.90
N ILE AA 29 7.49 6.97 70.48
CA ILE AA 29 7.46 5.51 70.16
C ILE AA 29 6.01 5.03 70.11
N SER AA 30 5.09 5.95 69.78
CA SER AA 30 3.67 5.58 69.56
C SER AA 30 3.20 4.77 70.77
N ASN AA 31 2.74 3.52 70.60
CA ASN AA 31 2.24 2.71 71.72
C ASN AA 31 3.05 1.42 71.79
N TYR AA 32 4.29 1.45 71.26
CA TYR AA 32 5.21 0.29 71.14
C TYR AA 32 6.00 0.17 72.46
N LEU AA 33 5.26 -0.08 73.55
CA LEU AA 33 5.79 -0.06 74.93
C LEU AA 33 5.15 -1.21 75.71
N ASN AA 34 5.97 -1.97 76.45
CA ASN AA 34 5.53 -3.18 77.18
C ASN AA 34 5.99 -3.07 78.63
N TRP AA 35 5.30 -3.77 79.54
CA TRP AA 35 5.62 -3.75 80.99
C TRP AA 35 5.89 -5.17 81.45
N TYR AA 36 7.04 -5.39 82.10
CA TYR AA 36 7.38 -6.65 82.79
C TYR AA 36 7.36 -6.48 84.32
N GLN AA 37 7.16 -7.59 85.03
CA GLN AA 37 7.30 -7.73 86.49
C GLN AA 37 8.31 -8.85 86.77
N GLN AA 38 9.33 -8.60 87.59
CA GLN AA 38 10.43 -9.56 87.89
C GLN AA 38 10.63 -9.62 89.41
N LYS AA 39 10.67 -10.85 89.94
CA LYS AA 39 10.82 -11.12 91.39
C LYS AA 39 12.21 -11.69 91.62
N PRO AA 40 12.88 -11.34 92.74
CA PRO AA 40 14.26 -11.74 92.99
C PRO AA 40 14.45 -13.24 92.73
N GLY AA 41 15.42 -13.55 91.85
CA GLY AA 41 15.82 -14.90 91.45
C GLY AA 41 14.90 -15.49 90.40
N LYS AA 42 13.79 -14.82 90.07
CA LYS AA 42 12.69 -15.36 89.22
C LYS AA 42 12.78 -14.79 87.80
N ALA AA 43 11.92 -15.29 86.90
CA ALA AA 43 11.87 -14.93 85.47
C ALA AA 43 10.97 -13.73 85.25
N PRO AA 44 11.37 -12.74 84.41
CA PRO AA 44 10.47 -11.65 84.04
C PRO AA 44 9.17 -12.21 83.45
N LYS AA 45 8.06 -11.50 83.66
CA LYS AA 45 6.68 -11.90 83.30
C LYS AA 45 6.05 -10.74 82.52
N LEU AA 46 5.48 -11.00 81.34
CA LEU AA 46 4.84 -9.93 80.53
C LEU AA 46 3.49 -9.60 81.18
N LEU AA 47 3.30 -8.33 81.56
CA LEU AA 47 2.03 -7.80 82.14
C LEU AA 47 1.22 -7.07 81.06
N ILE AA 48 1.81 -6.07 80.42
CA ILE AA 48 1.13 -5.21 79.41
C ILE AA 48 2.00 -5.22 78.15
N TYR AA 49 1.36 -5.29 76.97
CA TYR AA 49 2.00 -5.00 75.66
C TYR AA 49 1.22 -3.90 74.95
N ALA AA 50 1.84 -3.31 73.94
CA ALA AA 50 1.24 -2.23 73.11
C ALA AA 50 0.55 -1.22 74.03
N ALA AA 51 1.27 -0.83 75.09
CA ALA AA 51 0.99 0.29 76.02
C ALA AA 51 -0.18 0.00 76.97
N SER AA 52 -1.27 -0.63 76.52
CA SER AA 52 -2.51 -0.75 77.34
C SER AA 52 -3.24 -2.10 77.22
N THR AA 53 -2.84 -3.03 76.35
CA THR AA 53 -3.50 -4.37 76.28
C THR AA 53 -2.94 -5.24 77.41
N LEU AA 54 -3.80 -5.63 78.35
CA LEU AA 54 -3.47 -6.56 79.45
C LEU AA 54 -3.22 -7.94 78.85
N GLN AA 55 -2.01 -8.49 79.05
CA GLN AA 55 -1.61 -9.86 78.62
C GLN AA 55 -2.57 -10.89 79.22
N SER AA 56 -2.89 -11.92 78.43
CA SER AA 56 -3.78 -13.04 78.84
C SER AA 56 -3.32 -13.57 80.21
N GLY AA 57 -4.29 -13.83 81.10
CA GLY AA 57 -4.07 -14.49 82.41
C GLY AA 57 -3.64 -13.52 83.50
N VAL AA 58 -3.43 -12.23 83.18
CA VAL AA 58 -2.96 -11.19 84.14
C VAL AA 58 -4.17 -10.56 84.83
N PRO AA 59 -4.13 -10.31 86.17
CA PRO AA 59 -5.23 -9.62 86.86
C PRO AA 59 -5.52 -8.19 86.42
N SER AA 60 -6.81 -7.82 86.40
CA SER AA 60 -7.35 -6.59 85.77
C SER AA 60 -7.00 -5.33 86.59
N ARG AA 61 -6.48 -5.50 87.80
CA ARG AA 61 -6.00 -4.36 88.62
C ARG AA 61 -4.78 -3.70 87.97
N PHE AA 62 -4.06 -4.43 87.11
CA PHE AA 62 -2.96 -3.92 86.26
C PHE AA 62 -3.56 -3.24 85.02
N SER AA 63 -3.21 -1.97 84.82
CA SER AA 63 -3.60 -1.18 83.62
C SER AA 63 -2.36 -0.44 83.12
N GLY AA 64 -2.40 -0.02 81.85
CA GLY AA 64 -1.30 0.70 81.19
C GLY AA 64 -1.83 1.85 80.38
N SER AA 65 -1.11 2.97 80.34
CA SER AA 65 -1.57 4.16 79.59
C SER AA 65 -0.34 4.83 78.98
N GLY AA 66 -0.61 5.59 77.93
CA GLY AA 66 0.36 6.48 77.29
C GLY AA 66 0.39 6.27 75.78
N SER AA 67 0.98 7.27 75.11
CA SER AA 67 1.35 7.25 73.67
C SER AA 67 2.40 8.34 73.46
N GLY AA 68 3.53 8.02 72.84
CA GLY AA 68 4.54 9.03 72.49
C GLY AA 68 5.78 8.83 73.32
N THR AA 69 5.93 9.62 74.37
CA THR AA 69 7.13 9.58 75.25
C THR AA 69 6.81 9.10 76.66
N ASP AA 70 5.58 9.25 77.15
CA ASP AA 70 5.28 9.20 78.60
C ASP AA 70 4.15 8.20 78.88
N PHE AA 71 4.47 7.13 79.61
CA PHE AA 71 3.59 5.97 79.88
C PHE AA 71 3.51 5.73 81.39
N THR AA 72 2.43 5.08 81.83
CA THR AA 72 2.16 4.81 83.26
C THR AA 72 1.59 3.40 83.36
N LEU AA 73 2.20 2.57 84.22
CA LEU AA 73 1.60 1.29 84.69
C LEU AA 73 0.90 1.61 86.01
N THR AA 74 -0.38 1.25 86.10
CA THR AA 74 -1.27 1.54 87.27
C THR AA 74 -1.79 0.24 87.85
N ILE AA 75 -1.61 0.08 89.17
CA ILE AA 75 -2.18 -1.04 89.98
C ILE AA 75 -3.24 -0.39 90.88
N SER AA 76 -4.52 -0.72 90.67
CA SER AA 76 -5.69 -0.11 91.36
C SER AA 76 -5.69 -0.52 92.85
N SER AA 77 -5.43 -1.80 93.13
CA SER AA 77 -5.52 -2.41 94.49
C SER AA 77 -4.36 -3.41 94.69
N LEU AA 78 -3.21 -2.93 95.17
CA LEU AA 78 -1.97 -3.73 95.36
C LEU AA 78 -2.25 -4.97 96.23
N GLN AA 79 -1.64 -6.10 95.89
CA GLN AA 79 -1.83 -7.40 96.60
C GLN AA 79 -0.44 -7.95 96.92
N PRO AA 80 -0.28 -8.91 97.84
CA PRO AA 80 1.05 -9.36 98.29
C PRO AA 80 1.89 -9.98 97.16
N GLU AA 81 1.20 -10.54 96.16
CA GLU AA 81 1.78 -11.08 94.90
C GLU AA 81 2.53 -9.99 94.12
N ASP AA 82 2.12 -8.72 94.24
CA ASP AA 82 2.52 -7.59 93.35
C ASP AA 82 3.83 -6.92 93.80
N PHE AA 83 4.42 -7.31 94.92
CA PHE AA 83 5.72 -6.75 95.38
C PHE AA 83 6.83 -7.29 94.48
N ALA AA 84 7.53 -6.39 93.80
CA ALA AA 84 8.50 -6.78 92.75
C ALA AA 84 9.20 -5.55 92.17
N THR AA 85 10.14 -5.80 91.26
CA THR AA 85 10.72 -4.81 90.31
C THR AA 85 9.80 -4.77 89.07
N TYR AA 86 9.53 -3.58 88.54
CA TYR AA 86 8.73 -3.41 87.31
C TYR AA 86 9.62 -2.71 86.30
N TYR AA 87 9.69 -3.29 85.10
CA TYR AA 87 10.54 -2.85 83.96
C TYR AA 87 9.64 -2.48 82.76
N CYS AA 88 9.85 -1.30 82.17
CA CYS AA 88 9.20 -0.86 80.91
C CYS AA 88 10.20 -1.16 79.77
N GLN AA 89 9.69 -1.47 78.58
CA GLN AA 89 10.52 -1.86 77.42
C GLN AA 89 9.89 -1.35 76.13
N GLN AA 90 10.65 -0.55 75.37
CA GLN AA 90 10.25 -0.03 74.04
C GLN AA 90 10.50 -1.13 72.98
N SER AA 91 9.49 -1.39 72.14
CA SER AA 91 9.53 -2.34 71.00
C SER AA 91 9.28 -1.57 69.70
N TYR AA 92 9.61 -0.28 69.66
CA TYR AA 92 9.36 0.58 68.48
C TYR AA 92 10.56 0.51 67.52
N SER AA 93 11.77 0.57 68.07
CA SER AA 93 13.04 0.40 67.31
C SER AA 93 13.73 -0.90 67.74
N SER AA 94 14.84 -1.21 67.04
CA SER AA 94 15.78 -2.33 67.30
C SER AA 94 17.13 -1.69 67.55
N PRO AA 95 17.89 -2.07 68.59
CA PRO AA 95 17.52 -3.16 69.49
C PRO AA 95 16.46 -2.72 70.49
N PRO AA 96 15.67 -3.64 71.06
CA PRO AA 96 14.67 -3.26 72.04
C PRO AA 96 15.45 -2.91 73.33
N THR AA 97 15.03 -1.87 74.05
CA THR AA 97 15.74 -1.38 75.25
C THR AA 97 14.75 -1.36 76.42
N PHE AA 98 15.24 -1.70 77.61
CA PHE AA 98 14.44 -1.76 78.85
C PHE AA 98 14.75 -0.50 79.65
N GLY AA 99 13.79 -0.06 80.47
CA GLY AA 99 14.08 0.94 81.52
C GLY AA 99 14.94 0.35 82.63
N PRO AA 100 15.39 1.19 83.59
CA PRO AA 100 16.27 0.75 84.68
C PRO AA 100 15.49 0.05 85.80
N GLY AA 101 14.16 0.15 85.78
CA GLY AA 101 13.25 -0.63 86.65
C GLY AA 101 12.92 0.13 87.92
N THR AA 102 11.74 -0.14 88.48
CA THR AA 102 11.24 0.45 89.75
C THR AA 102 10.88 -0.69 90.70
N LYS AA 103 11.55 -0.79 91.86
CA LYS AA 103 11.24 -1.76 92.94
C LYS AA 103 9.98 -1.27 93.69
N VAL AA 104 9.07 -2.18 94.03
CA VAL AA 104 7.89 -1.92 94.91
C VAL AA 104 8.12 -2.70 96.21
N ASP AA 105 8.43 -2.00 97.32
CA ASP AA 105 8.65 -2.61 98.67
C ASP AA 105 7.40 -2.39 99.54
N ILE AA 106 7.27 -3.18 100.60
CA ILE AA 106 6.15 -3.13 101.58
C ILE AA 106 6.39 -1.97 102.55
N LYS AA 107 5.45 -1.02 102.66
CA LYS AA 107 5.59 0.14 103.57
C LYS AA 107 5.45 -0.37 105.02
N ARG AA 108 6.28 0.21 105.90
CA ARG AA 108 6.26 -0.07 107.36
C ARG AA 108 6.78 1.21 108.02
N THR AA 109 6.99 1.21 109.35
CA THR AA 109 7.36 2.45 110.09
C THR AA 109 8.85 2.72 109.96
N VAL AA 110 9.21 4.00 109.96
CA VAL AA 110 10.62 4.46 109.78
C VAL AA 110 11.42 3.81 110.91
N ALA AA 111 12.44 3.02 110.56
CA ALA AA 111 13.30 2.32 111.53
C ALA AA 111 14.74 2.75 111.31
N ALA AA 112 15.35 3.40 112.30
CA ALA AA 112 16.76 3.80 112.24
C ALA AA 112 17.62 2.53 112.33
N PRO AA 113 18.81 2.50 111.70
CA PRO AA 113 19.68 1.33 111.81
C PRO AA 113 20.45 1.29 113.15
N SER AA 114 20.53 0.10 113.74
CA SER AA 114 21.56 -0.26 114.76
C SER AA 114 22.88 -0.37 113.99
N VAL AA 115 23.86 0.45 114.35
CA VAL AA 115 25.16 0.51 113.62
C VAL AA 115 26.25 -0.09 114.52
N PHE AA 116 27.09 -0.95 113.96
CA PHE AA 116 28.23 -1.60 114.66
C PHE AA 116 29.43 -1.55 113.72
N ILE AA 117 30.62 -1.34 114.26
CA ILE AA 117 31.89 -1.32 113.49
C ILE AA 117 32.74 -2.47 114.04
N PHE AA 118 33.52 -3.14 113.19
CA PHE AA 118 34.35 -4.32 113.53
C PHE AA 118 35.76 -4.09 113.02
N PRO AA 119 36.79 -4.00 113.89
CA PRO AA 119 38.17 -3.91 113.41
C PRO AA 119 38.52 -5.20 112.69
N PRO AA 120 39.64 -5.24 111.96
CA PRO AA 120 40.12 -6.50 111.39
C PRO AA 120 40.47 -7.51 112.50
N SER AA 121 40.27 -8.80 112.23
CA SER AA 121 40.84 -9.92 113.02
C SER AA 121 42.37 -9.88 112.94
N ASP AA 122 43.08 -10.22 114.03
CA ASP AA 122 44.56 -10.36 114.06
C ASP AA 122 44.98 -11.50 113.12
N GLU AA 123 44.16 -12.56 113.03
CA GLU AA 123 44.45 -13.71 112.13
C GLU AA 123 44.64 -13.16 110.71
N GLN AA 124 43.74 -12.24 110.30
CA GLN AA 124 43.77 -11.58 108.96
C GLN AA 124 45.02 -10.71 108.84
N LEU AA 125 45.32 -9.92 109.88
CA LEU AA 125 46.43 -8.93 109.87
C LEU AA 125 47.76 -9.61 109.54
N LYS AA 126 48.03 -10.79 110.12
CA LYS AA 126 49.26 -11.57 109.82
C LYS AA 126 49.36 -11.86 108.32
N SER AA 127 48.23 -11.95 107.61
CA SER AA 127 48.13 -12.30 106.17
C SER AA 127 48.41 -11.10 105.24
N GLY AA 128 48.60 -9.88 105.77
CA GLY AA 128 48.98 -8.70 104.96
C GLY AA 128 47.80 -7.82 104.55
N THR AA 129 46.56 -8.30 104.71
CA THR AA 129 45.30 -7.63 104.31
C THR AA 129 44.55 -7.16 105.57
N ALA AA 130 43.72 -6.11 105.47
CA ALA AA 130 42.91 -5.54 106.57
C ALA AA 130 41.51 -5.14 106.09
N SER AA 131 40.46 -5.89 106.48
CA SER AA 131 39.04 -5.55 106.22
C SER AA 131 38.41 -5.00 107.50
N VAL AA 132 37.96 -3.75 107.45
CA VAL AA 132 37.20 -3.08 108.55
C VAL AA 132 35.74 -3.07 108.10
N VAL AA 133 34.85 -3.64 108.92
CA VAL AA 133 33.43 -3.86 108.53
C VAL AA 133 32.54 -2.93 109.36
N CYS AA 134 31.43 -2.50 108.77
CA CYS AA 134 30.39 -1.66 109.40
C CYS AA 134 29.05 -2.31 109.06
N LEU AA 135 28.30 -2.71 110.09
CA LEU AA 135 26.94 -3.29 109.95
C LEU AA 135 25.93 -2.19 110.25
N LEU AA 136 24.90 -2.08 109.39
CA LEU AA 136 23.67 -1.28 109.61
C LEU AA 136 22.52 -2.28 109.63
N ASN AA 137 21.90 -2.51 110.79
CA ASN AA 137 20.97 -3.67 110.97
C ASN AA 137 19.53 -3.19 111.17
N ASN AA 138 18.59 -3.86 110.49
CA ASN AA 138 17.12 -3.73 110.62
C ASN AA 138 16.69 -2.26 110.57
N PHE AA 139 16.68 -1.68 109.37
CA PHE AA 139 16.29 -0.27 109.09
C PHE AA 139 15.30 -0.19 107.93
N TYR AA 140 14.56 0.92 107.87
CA TYR AA 140 13.55 1.26 106.83
C TYR AA 140 13.44 2.77 106.69
N PRO AA 141 13.36 3.33 105.45
CA PRO AA 141 13.47 2.59 104.20
C PRO AA 141 14.92 2.31 103.79
N ARG AA 142 15.13 1.69 102.62
CA ARG AA 142 16.46 1.18 102.18
C ARG AA 142 17.43 2.31 101.84
N GLU AA 143 16.94 3.49 101.45
CA GLU AA 143 17.81 4.65 101.10
C GLU AA 143 18.68 4.96 102.33
N ALA AA 144 19.98 4.63 102.26
CA ALA AA 144 20.96 4.86 103.35
C ALA AA 144 22.37 4.76 102.78
N LYS AA 145 23.29 5.61 103.21
CA LYS AA 145 24.70 5.41 102.78
C LYS AA 145 25.66 5.73 103.92
N VAL AA 146 26.84 5.12 103.79
CA VAL AA 146 27.94 5.03 104.80
C VAL AA 146 29.13 5.79 104.22
N GLN AA 147 29.88 6.45 105.08
CA GLN AA 147 31.03 7.31 104.71
C GLN AA 147 32.19 6.94 105.64
N TRP AA 148 33.24 6.31 105.11
CA TRP AA 148 34.41 5.86 105.92
C TRP AA 148 35.35 7.04 106.18
N LYS AA 149 35.96 7.11 107.38
CA LYS AA 149 36.94 8.14 107.79
C LYS AA 149 38.13 7.47 108.49
N VAL AA 150 39.35 7.80 108.07
CA VAL AA 150 40.62 7.33 108.71
C VAL AA 150 41.36 8.58 109.19
N ASP AA 151 41.53 8.72 110.52
CA ASP AA 151 42.20 9.85 111.19
C ASP AA 151 41.53 11.16 110.76
N ASN AA 152 40.19 11.21 110.78
CA ASN AA 152 39.31 12.35 110.40
C ASN AA 152 39.10 12.41 108.87
N ALA AA 153 39.91 11.71 108.06
CA ALA AA 153 40.05 11.91 106.60
C ALA AA 153 39.09 11.04 105.77
N LEU AA 154 38.27 11.66 104.92
CA LEU AA 154 37.22 11.01 104.08
C LEU AA 154 37.86 10.14 103.00
N GLN AA 155 37.35 8.92 102.81
CA GLN AA 155 37.93 7.84 101.96
C GLN AA 155 36.99 7.53 100.77
N SER AA 156 37.54 6.98 99.67
CA SER AA 156 36.80 6.55 98.45
C SER AA 156 37.65 5.55 97.65
N GLY AA 157 37.00 4.53 97.09
CA GLY AA 157 37.59 3.54 96.15
C GLY AA 157 38.00 2.24 96.83
N ASN AA 158 38.10 2.25 98.16
CA ASN AA 158 38.65 1.14 98.97
C ASN AA 158 37.51 0.33 99.60
N SER AA 159 36.25 0.79 99.48
CA SER AA 159 35.07 0.21 100.17
C SER AA 159 34.23 -0.64 99.21
N GLN AA 160 33.18 -1.26 99.75
CA GLN AA 160 32.14 -2.05 99.05
C GLN AA 160 30.95 -2.21 99.99
N GLU AA 161 29.72 -2.19 99.45
CA GLU AA 161 28.45 -2.38 100.19
C GLU AA 161 27.77 -3.64 99.66
N SER AA 162 26.79 -4.13 100.40
CA SER AA 162 25.89 -5.24 100.02
C SER AA 162 24.67 -5.14 100.90
N VAL AA 163 23.49 -5.45 100.37
CA VAL AA 163 22.21 -5.22 101.12
C VAL AA 163 21.37 -6.49 101.04
N THR AA 164 20.67 -6.81 102.13
CA THR AA 164 19.76 -7.99 102.19
C THR AA 164 18.48 -7.64 101.44
N GLU AA 165 17.55 -8.58 101.36
CA GLU AA 165 16.22 -8.24 100.81
C GLU AA 165 15.22 -8.12 101.97
N GLN AA 166 14.18 -7.32 101.72
CA GLN AA 166 13.14 -6.93 102.71
C GLN AA 166 12.72 -8.18 103.50
N ASP AA 167 12.93 -8.14 104.82
CA ASP AA 167 12.80 -9.30 105.73
C ASP AA 167 11.35 -9.82 105.67
N SER AA 168 11.18 -11.14 105.74
CA SER AA 168 9.89 -11.88 105.71
C SER AA 168 8.99 -11.48 106.88
N LYS AA 169 9.54 -10.96 107.98
CA LYS AA 169 8.83 -10.81 109.28
C LYS AA 169 8.68 -9.34 109.66
N ASP AA 170 9.80 -8.60 109.76
CA ASP AA 170 9.78 -7.20 110.26
C ASP AA 170 9.87 -6.22 109.09
N SER AA 171 10.05 -6.68 107.86
CA SER AA 171 10.04 -5.84 106.63
C SER AA 171 11.20 -4.82 106.68
N THR AA 172 12.39 -5.24 107.10
CA THR AA 172 13.53 -4.29 107.24
C THR AA 172 14.67 -4.69 106.32
N TYR AA 173 15.62 -3.78 106.15
CA TYR AA 173 16.86 -3.98 105.38
C TYR AA 173 18.01 -3.91 106.36
N SER AA 174 19.11 -4.54 106.00
CA SER AA 174 20.41 -4.48 106.72
C SER AA 174 21.49 -4.36 105.64
N LEU AA 175 22.61 -3.74 105.97
CA LEU AA 175 23.68 -3.38 105.01
C LEU AA 175 25.04 -3.69 105.64
N SER AA 176 25.90 -4.45 104.97
CA SER AA 176 27.32 -4.64 105.33
C SER AA 176 28.15 -3.79 104.38
N SER AA 177 29.01 -2.91 104.92
CA SER AA 177 30.09 -2.22 104.16
C SER AA 177 31.45 -2.75 104.63
N THR AA 178 32.37 -2.99 103.68
CA THR AA 178 33.72 -3.58 103.90
C THR AA 178 34.77 -2.58 103.38
N LEU AA 179 35.61 -2.04 104.27
CA LEU AA 179 36.75 -1.13 103.95
C LEU AA 179 38.07 -1.94 103.92
N THR AA 180 38.68 -2.10 102.75
CA THR AA 180 39.90 -2.93 102.54
C THR AA 180 41.11 -2.01 102.39
N LEU AA 181 42.19 -2.33 103.10
CA LEU AA 181 43.49 -1.60 103.08
C LEU AA 181 44.61 -2.63 103.21
N SER AA 182 45.81 -2.31 102.71
CA SER AA 182 47.07 -3.03 103.02
C SER AA 182 47.26 -3.01 104.54
N LYS AA 183 47.95 -4.00 105.11
CA LYS AA 183 48.39 -3.99 106.54
C LYS AA 183 49.33 -2.80 106.74
N ALA AA 184 50.25 -2.57 105.79
CA ALA AA 184 51.14 -1.40 105.76
C ALA AA 184 50.31 -0.14 106.02
N ASP AA 185 49.30 0.12 105.18
CA ASP AA 185 48.42 1.32 105.23
C ASP AA 185 47.52 1.28 106.48
N TYR AA 186 47.23 0.09 107.02
CA TYR AA 186 46.40 -0.07 108.25
C TYR AA 186 47.17 0.47 109.46
N GLU AA 187 48.38 -0.05 109.70
CA GLU AA 187 49.26 0.32 110.85
C GLU AA 187 49.74 1.77 110.73
N LYS AA 188 49.49 2.44 109.60
CA LYS AA 188 49.80 3.88 109.34
C LYS AA 188 49.13 4.80 110.37
N HIS AA 189 47.84 4.61 110.61
CA HIS AA 189 46.93 5.60 111.25
C HIS AA 189 46.22 4.96 112.45
N LYS AA 190 45.45 5.76 113.20
CA LYS AA 190 44.91 5.37 114.53
C LYS AA 190 43.38 5.29 114.51
N VAL AA 191 42.68 6.40 114.23
CA VAL AA 191 41.20 6.51 114.38
C VAL AA 191 40.52 6.07 113.08
N TYR AA 192 39.75 4.97 113.12
CA TYR AA 192 38.89 4.47 112.01
C TYR AA 192 37.42 4.59 112.43
N ALA AA 193 36.61 5.21 111.57
CA ALA AA 193 35.18 5.51 111.86
C ALA AA 193 34.32 5.27 110.61
N CYS AA 194 33.05 4.96 110.87
CA CYS AA 194 31.98 4.64 109.88
C CYS AA 194 30.86 5.67 110.10
N GLU AA 195 30.57 6.52 109.11
CA GLU AA 195 29.56 7.61 109.22
C GLU AA 195 28.31 7.21 108.42
N VAL AA 196 27.15 7.20 109.06
CA VAL AA 196 25.89 6.60 108.51
C VAL AA 196 24.81 7.68 108.51
N THR AA 197 24.18 7.90 107.35
CA THR AA 197 23.06 8.87 107.16
C THR AA 197 21.84 8.07 106.67
N HIS AA 198 20.68 8.28 107.30
CA HIS AA 198 19.42 7.54 107.09
C HIS AA 198 18.24 8.39 107.58
N GLN AA 199 17.12 8.36 106.85
CA GLN AA 199 15.92 9.22 107.06
C GLN AA 199 15.42 9.14 108.50
N GLY AA 200 15.62 8.00 109.19
CA GLY AA 200 15.09 7.72 110.54
C GLY AA 200 15.98 8.22 111.67
N LEU AA 201 16.99 9.03 111.37
CA LEU AA 201 17.96 9.56 112.37
C LEU AA 201 17.86 11.09 112.47
N SER AA 202 17.87 11.59 113.71
CA SER AA 202 17.96 13.03 114.09
C SER AA 202 19.01 13.71 113.22
N SER AA 203 20.26 13.21 113.30
CA SER AA 203 21.43 13.69 112.51
C SER AA 203 22.42 12.53 112.32
N PRO AA 204 23.25 12.50 111.26
CA PRO AA 204 24.23 11.43 111.02
C PRO AA 204 24.93 10.79 112.22
N VAL AA 205 25.04 9.45 112.24
CA VAL AA 205 25.64 8.60 113.32
C VAL AA 205 27.09 8.24 112.94
N THR AA 206 27.96 8.09 113.94
CA THR AA 206 29.37 7.62 113.79
C THR AA 206 29.65 6.50 114.81
N LYS AA 207 30.41 5.46 114.42
CA LYS AA 207 30.98 4.43 115.32
C LYS AA 207 32.47 4.32 115.03
N SER AA 208 33.29 4.33 116.09
CA SER AA 208 34.75 4.64 116.03
C SER AA 208 35.55 3.54 116.74
N PHE AA 209 36.88 3.55 116.60
CA PHE AA 209 37.84 2.81 117.45
C PHE AA 209 39.28 3.20 117.07
N ASN AA 210 40.21 3.03 118.02
CA ASN AA 210 41.68 3.29 117.86
C ASN AA 210 42.39 1.93 117.87
N ARG AA 211 43.32 1.69 116.93
CA ARG AA 211 43.97 0.36 116.75
C ARG AA 211 44.21 -0.30 118.11
N GLU BA 1 1.45 -26.13 79.34
CA GLU BA 1 2.06 -25.38 80.47
C GLU BA 1 2.93 -24.23 79.96
N VAL BA 2 3.13 -24.07 78.64
CA VAL BA 2 4.13 -23.16 78.01
C VAL BA 2 5.37 -23.04 78.90
N GLN BA 3 6.39 -23.86 78.61
CA GLN BA 3 7.60 -23.97 79.44
C GLN BA 3 8.79 -23.69 78.53
N LEU BA 4 9.75 -22.91 79.04
CA LEU BA 4 11.12 -22.74 78.48
C LEU BA 4 12.10 -23.04 79.60
N VAL BA 5 12.98 -24.03 79.43
CA VAL BA 5 13.95 -24.40 80.50
C VAL BA 5 15.36 -24.27 79.90
N GLU BA 6 16.17 -23.37 80.45
CA GLU BA 6 17.58 -23.18 80.02
C GLU BA 6 18.44 -24.21 80.76
N SER BA 7 19.70 -24.32 80.36
CA SER BA 7 20.69 -25.34 80.81
C SER BA 7 22.04 -25.02 80.14
N GLY BA 8 23.16 -25.43 80.73
CA GLY BA 8 24.50 -25.29 80.12
C GLY BA 8 25.29 -24.16 80.73
N GLY BA 9 24.66 -23.42 81.65
CA GLY BA 9 25.33 -22.42 82.51
C GLY BA 9 26.57 -22.99 83.21
N GLY BA 10 27.46 -22.11 83.64
CA GLY BA 10 28.69 -22.56 84.33
C GLY BA 10 29.70 -21.46 84.47
N VAL BA 11 30.84 -21.83 85.05
CA VAL BA 11 32.05 -20.98 85.14
C VAL BA 11 32.90 -21.27 83.91
N VAL BA 12 33.43 -20.21 83.29
CA VAL BA 12 34.27 -20.25 82.06
C VAL BA 12 35.37 -19.21 82.25
N GLN BA 13 36.53 -19.42 81.61
CA GLN BA 13 37.64 -18.45 81.65
C GLN BA 13 37.49 -17.57 80.42
N PRO BA 14 37.98 -16.30 80.45
CA PRO BA 14 38.00 -15.48 79.25
C PRO BA 14 38.59 -16.22 78.03
N GLY BA 15 38.03 -15.95 76.84
CA GLY BA 15 38.49 -16.48 75.54
C GLY BA 15 37.76 -17.75 75.15
N ARG BA 16 37.42 -18.61 76.12
CA ARG BA 16 36.86 -19.97 75.89
C ARG BA 16 35.40 -19.83 75.43
N SER BA 17 34.71 -20.95 75.23
CA SER BA 17 33.35 -21.05 74.61
C SER BA 17 32.41 -21.89 75.47
N LEU BA 18 31.10 -21.66 75.31
CA LEU BA 18 30.02 -22.32 76.09
C LEU BA 18 28.75 -22.35 75.25
N ARG BA 19 27.98 -23.46 75.30
CA ARG BA 19 26.70 -23.58 74.56
C ARG BA 19 25.57 -23.72 75.58
N LEU BA 20 24.68 -22.73 75.64
CA LEU BA 20 23.40 -22.81 76.40
C LEU BA 20 22.35 -23.46 75.52
N SER BA 21 21.35 -24.08 76.14
CA SER BA 21 20.20 -24.76 75.50
C SER BA 21 18.92 -24.35 76.24
N CYS BA 22 17.82 -24.29 75.49
CA CYS BA 22 16.47 -24.00 76.02
C CYS BA 22 15.52 -25.06 75.44
N ALA BA 23 14.85 -25.81 76.33
CA ALA BA 23 13.87 -26.86 75.97
C ALA BA 23 12.50 -26.20 76.00
N ALA BA 24 11.79 -26.18 74.86
CA ALA BA 24 10.49 -25.50 74.71
C ALA BA 24 9.36 -26.55 74.73
N SER BA 25 8.17 -26.17 75.21
CA SER BA 25 6.98 -27.07 75.26
C SER BA 25 5.72 -26.26 75.54
N GLY BA 26 4.55 -26.80 75.19
CA GLY BA 26 3.22 -26.20 75.43
C GLY BA 26 2.80 -25.13 74.43
N PHE BA 27 3.47 -25.06 73.29
CA PHE BA 27 3.10 -24.14 72.18
C PHE BA 27 3.75 -24.67 70.90
N THR BA 28 3.27 -24.20 69.74
CA THR BA 28 3.85 -24.55 68.42
C THR BA 28 5.19 -23.81 68.32
N PHE BA 29 6.24 -24.47 68.82
CA PHE BA 29 7.63 -23.93 68.81
C PHE BA 29 7.92 -23.38 67.42
N SER BA 30 7.74 -24.16 66.36
CA SER BA 30 8.19 -23.88 64.97
C SER BA 30 7.40 -22.72 64.32
N SER BA 31 6.45 -22.10 65.03
CA SER BA 31 5.66 -20.95 64.51
C SER BA 31 6.07 -19.67 65.24
N SER BA 32 7.12 -19.71 66.08
CA SER BA 32 7.53 -18.59 66.95
C SER BA 32 8.99 -18.25 66.69
N ALA BA 33 9.29 -16.96 66.55
CA ALA BA 33 10.67 -16.45 66.61
C ALA BA 33 11.06 -16.64 68.07
N MET BA 34 12.35 -16.83 68.36
CA MET BA 34 12.83 -17.00 69.75
C MET BA 34 13.97 -16.00 69.98
N HIS BA 35 14.11 -15.53 71.23
CA HIS BA 35 15.15 -14.55 71.64
C HIS BA 35 15.97 -15.10 72.79
N TRP BA 36 17.22 -14.66 72.93
CA TRP BA 36 18.00 -14.70 74.20
C TRP BA 36 18.12 -13.24 74.68
N VAL BA 37 17.75 -13.02 75.95
CA VAL BA 37 17.91 -11.75 76.72
C VAL BA 37 18.75 -12.06 77.96
N ARG BA 38 19.71 -11.19 78.30
CA ARG BA 38 20.58 -11.37 79.50
C ARG BA 38 20.40 -10.24 80.53
N GLN BA 39 20.63 -10.57 81.79
CA GLN BA 39 20.71 -9.67 82.97
C GLN BA 39 22.06 -9.92 83.66
N ALA BA 40 22.98 -8.96 83.61
CA ALA BA 40 24.22 -9.01 84.43
C ALA BA 40 23.83 -9.01 85.90
N PRO BA 41 24.68 -9.48 86.84
CA PRO BA 41 24.30 -9.51 88.25
C PRO BA 41 24.07 -8.09 88.79
N GLY BA 42 22.85 -7.84 89.29
CA GLY BA 42 22.44 -6.56 89.89
C GLY BA 42 22.11 -5.49 88.86
N LYS BA 43 22.16 -5.82 87.56
CA LYS BA 43 21.91 -4.84 86.47
C LYS BA 43 20.52 -5.10 85.88
N GLY BA 44 20.15 -4.35 84.84
CA GLY BA 44 18.89 -4.54 84.11
C GLY BA 44 19.08 -5.50 82.94
N LEU BA 45 18.03 -5.59 82.12
CA LEU BA 45 17.91 -6.55 80.99
C LEU BA 45 18.52 -5.93 79.73
N GLU BA 46 19.09 -6.79 78.88
CA GLU BA 46 19.68 -6.39 77.59
C GLU BA 46 19.34 -7.49 76.57
N TRP BA 47 18.73 -7.15 75.45
CA TRP BA 47 18.36 -8.12 74.39
C TRP BA 47 19.64 -8.46 73.61
N VAL BA 48 19.84 -9.74 73.28
CA VAL BA 48 21.14 -10.29 72.80
C VAL BA 48 21.03 -10.78 71.34
N ALA BA 49 20.00 -11.57 71.05
CA ALA BA 49 19.82 -12.16 69.71
C ALA BA 49 18.36 -12.58 69.50
N VAL BA 50 17.97 -12.68 68.23
CA VAL BA 50 16.67 -13.23 67.77
C VAL BA 50 16.94 -14.21 66.63
N ILE BA 51 16.05 -15.19 66.48
CA ILE BA 51 16.08 -16.19 65.38
C ILE BA 51 14.65 -16.36 64.86
N SER BA 52 14.55 -16.50 63.53
CA SER BA 52 13.28 -16.68 62.77
C SER BA 52 12.67 -18.03 63.14
N TYR BA 53 11.39 -18.22 62.83
CA TYR BA 53 10.62 -19.42 63.23
C TYR BA 53 11.33 -20.66 62.69
N ASP BA 54 11.75 -20.61 61.44
CA ASP BA 54 12.35 -21.77 60.72
C ASP BA 54 13.82 -21.96 61.15
N GLY BA 55 14.44 -20.97 61.79
CA GLY BA 55 15.86 -21.01 62.22
C GLY BA 55 16.80 -20.41 61.18
N ASN BA 56 16.33 -20.01 60.01
CA ASN BA 56 17.18 -19.59 58.86
C ASN BA 56 17.66 -18.14 58.94
N ASN BA 57 17.17 -17.34 59.88
CA ASN BA 57 17.53 -15.90 59.94
C ASN BA 57 17.79 -15.50 61.39
N GLN BA 58 18.98 -14.98 61.68
CA GLN BA 58 19.41 -14.54 63.02
C GLN BA 58 19.81 -13.05 62.99
N LEU BA 59 19.49 -12.29 64.06
CA LEU BA 59 19.87 -10.86 64.22
C LEU BA 59 20.35 -10.63 65.65
N TYR BA 60 21.37 -9.79 65.82
CA TYR BA 60 22.14 -9.65 67.08
C TYR BA 60 22.26 -8.20 67.56
N ALA BA 61 22.30 -8.00 68.88
CA ALA BA 61 22.67 -6.71 69.50
C ALA BA 61 24.13 -6.38 69.12
N ASP BA 62 24.43 -5.10 68.86
CA ASP BA 62 25.82 -4.67 68.52
C ASP BA 62 26.79 -5.24 69.55
N SER BA 63 26.39 -5.24 70.84
CA SER BA 63 27.24 -5.58 72.01
C SER BA 63 27.71 -7.03 71.95
N VAL BA 64 27.10 -7.89 71.13
CA VAL BA 64 27.49 -9.33 71.03
C VAL BA 64 27.78 -9.76 69.59
N LYS BA 65 27.61 -8.89 68.57
CA LYS BA 65 27.91 -9.26 67.14
C LYS BA 65 29.30 -9.88 67.08
N GLY BA 66 29.48 -10.96 66.32
CA GLY BA 66 30.82 -11.56 66.10
C GLY BA 66 31.08 -12.75 67.00
N ARG BA 67 30.58 -12.75 68.24
CA ARG BA 67 30.96 -13.70 69.32
C ARG BA 67 29.82 -14.67 69.67
N LEU BA 68 28.54 -14.27 69.53
CA LEU BA 68 27.36 -15.13 69.78
C LEU BA 68 26.75 -15.64 68.47
N THR BA 69 26.32 -16.90 68.48
CA THR BA 69 25.49 -17.54 67.42
C THR BA 69 24.23 -18.08 68.09
N ILE BA 70 23.06 -17.61 67.65
CA ILE BA 70 21.77 -18.24 68.04
C ILE BA 70 21.45 -19.30 66.97
N SER BA 71 20.80 -20.40 67.39
CA SER BA 71 20.34 -21.45 66.46
C SER BA 71 19.18 -22.18 67.13
N ARG BA 72 18.53 -23.07 66.39
CA ARG BA 72 17.40 -23.89 66.89
C ARG BA 72 17.38 -25.19 66.08
N ASP BA 73 16.80 -26.23 66.69
CA ASP BA 73 16.47 -27.53 66.06
C ASP BA 73 15.01 -27.81 66.41
N ASN BA 74 14.11 -27.45 65.50
CA ASN BA 74 12.65 -27.56 65.74
C ASN BA 74 12.27 -29.03 65.97
N SER BA 75 12.99 -29.99 65.35
CA SER BA 75 12.78 -31.45 65.51
C SER BA 75 12.83 -31.85 66.99
N LYS BA 76 13.73 -31.22 67.76
CA LYS BA 76 14.03 -31.48 69.20
C LYS BA 76 13.36 -30.41 70.11
N ASN BA 77 12.61 -29.45 69.54
CA ASN BA 77 12.00 -28.28 70.25
C ASN BA 77 13.03 -27.57 71.12
N ALA BA 78 14.25 -27.40 70.62
CA ALA BA 78 15.39 -26.80 71.34
C ALA BA 78 15.78 -25.47 70.69
N LEU BA 79 16.11 -24.48 71.53
CA LEU BA 79 16.80 -23.23 71.12
C LEU BA 79 18.20 -23.21 71.76
N TYR BA 80 19.23 -22.92 70.98
CA TYR BA 80 20.64 -22.89 71.47
C TYR BA 80 21.19 -21.48 71.29
N LEU BA 81 22.17 -21.15 72.16
CA LEU BA 81 23.04 -19.96 72.11
C LEU BA 81 24.47 -20.46 72.23
N GLN BA 82 25.32 -20.17 71.26
CA GLN BA 82 26.75 -20.55 71.32
C GLN BA 82 27.55 -19.28 71.60
N LEU BA 83 28.12 -19.16 72.79
CA LEU BA 83 28.99 -18.02 73.20
C LEU BA 83 30.45 -18.42 72.95
N ASN BA 84 31.19 -17.69 72.13
CA ASN BA 84 32.63 -17.89 71.87
C ASN BA 84 33.37 -16.60 72.22
N SER BA 85 34.69 -16.64 72.36
CA SER BA 85 35.52 -15.46 72.72
C SER BA 85 34.86 -14.66 73.86
N LEU BA 86 34.49 -15.32 74.96
CA LEU BA 86 33.73 -14.70 76.09
C LEU BA 86 34.60 -13.68 76.83
N ARG BA 87 33.98 -12.65 77.40
CA ARG BA 87 34.67 -11.59 78.19
C ARG BA 87 33.98 -11.50 79.55
N THR BA 88 34.69 -11.01 80.57
CA THR BA 88 34.20 -11.05 81.97
C THR BA 88 32.84 -10.33 82.02
N GLU BA 89 32.64 -9.28 81.22
CA GLU BA 89 31.38 -8.48 81.26
C GLU BA 89 30.29 -9.13 80.40
N ASP BA 90 30.53 -10.32 79.85
CA ASP BA 90 29.46 -11.21 79.31
C ASP BA 90 28.84 -12.02 80.45
N THR BA 91 29.38 -11.89 81.66
CA THR BA 91 28.82 -12.50 82.89
C THR BA 91 27.38 -12.02 83.05
N ALA BA 92 26.43 -12.95 83.01
CA ALA BA 92 24.99 -12.65 83.23
C ALA BA 92 24.18 -13.94 83.36
N VAL BA 93 22.93 -13.80 83.82
CA VAL BA 93 21.85 -14.82 83.69
C VAL BA 93 21.30 -14.67 82.27
N TYR BA 94 21.29 -15.76 81.48
CA TYR BA 94 20.84 -15.79 80.06
C TYR BA 94 19.43 -16.39 80.02
N PHE BA 95 18.44 -15.56 79.69
CA PHE BA 95 17.02 -15.95 79.53
C PHE BA 95 16.73 -16.38 78.09
N CYS BA 96 15.89 -17.40 77.96
CA CYS BA 96 15.34 -17.84 76.66
C CYS BA 96 13.94 -17.23 76.66
N ALA BA 97 13.54 -16.54 75.60
CA ALA BA 97 12.30 -15.73 75.55
C ALA BA 97 11.62 -15.90 74.18
N ARG BA 98 10.31 -16.22 74.19
CA ARG BA 98 9.51 -16.38 72.94
C ARG BA 98 9.14 -14.98 72.43
N ASP BA 99 9.26 -14.76 71.11
CA ASP BA 99 8.90 -13.47 70.47
C ASP BA 99 7.38 -13.24 70.63
N GLY BA 100 6.98 -11.98 70.85
CA GLY BA 100 5.58 -11.54 71.07
C GLY BA 100 4.74 -11.55 69.80
N GLY BA 101 5.33 -11.79 68.64
CA GLY BA 101 4.63 -11.89 67.35
C GLY BA 101 5.03 -10.80 66.37
N GLY BA 102 6.01 -9.96 66.68
CA GLY BA 102 6.39 -8.79 65.84
C GLY BA 102 7.75 -8.96 65.21
N TYR BA 103 8.33 -10.16 65.26
CA TYR BA 103 9.68 -10.42 64.69
C TYR BA 103 9.75 -9.70 63.33
N SER BA 104 8.77 -9.97 62.48
CA SER BA 104 8.78 -9.60 61.03
C SER BA 104 9.03 -8.11 60.89
N PHE BA 105 8.42 -7.29 61.75
CA PHE BA 105 8.45 -5.81 61.65
C PHE BA 105 9.69 -5.24 62.34
N GLY BA 106 10.55 -6.06 62.95
CA GLY BA 106 11.68 -5.57 63.77
C GLY BA 106 11.22 -4.85 65.03
N THR BA 107 10.04 -5.17 65.56
CA THR BA 107 9.45 -4.66 66.83
C THR BA 107 9.35 -5.80 67.86
N TYR BA 108 10.42 -6.00 68.62
CA TYR BA 108 10.66 -7.19 69.49
C TYR BA 108 10.18 -6.92 70.93
N PHE BA 109 9.28 -7.76 71.42
CA PHE BA 109 8.83 -7.87 72.84
C PHE BA 109 8.66 -9.36 73.17
N PHE BA 110 8.72 -9.69 74.47
CA PHE BA 110 8.94 -11.07 75.00
C PHE BA 110 7.77 -11.48 75.89
N ASP BA 111 6.90 -12.39 75.43
CA ASP BA 111 5.62 -12.71 76.11
C ASP BA 111 5.78 -14.00 76.93
N PHE BA 112 6.95 -14.63 76.88
CA PHE BA 112 7.24 -15.76 77.79
C PHE BA 112 8.75 -15.95 77.95
N TRP BA 113 9.21 -16.10 79.20
CA TRP BA 113 10.63 -16.30 79.59
C TRP BA 113 10.79 -17.57 80.44
N GLY BA 114 11.86 -18.34 80.20
CA GLY BA 114 12.41 -19.31 81.15
C GLY BA 114 13.03 -18.62 82.36
N GLN BA 115 13.50 -19.37 83.36
CA GLN BA 115 13.97 -18.84 84.68
C GLN BA 115 15.43 -18.40 84.57
N GLY BA 116 16.10 -18.72 83.46
CA GLY BA 116 17.46 -18.25 83.17
C GLY BA 116 18.50 -19.30 83.51
N THR BA 117 19.71 -19.16 82.97
CA THR BA 117 20.88 -20.00 83.28
C THR BA 117 22.06 -19.04 83.46
N LEU BA 118 22.84 -19.19 84.53
CA LEU BA 118 23.92 -18.22 84.90
C LEU BA 118 25.23 -18.62 84.20
N VAL BA 119 25.84 -17.64 83.54
CA VAL BA 119 27.19 -17.77 82.93
C VAL BA 119 28.11 -16.86 83.72
N THR BA 120 29.17 -17.42 84.29
CA THR BA 120 30.22 -16.63 84.98
C THR BA 120 31.51 -16.80 84.16
N VAL BA 121 32.16 -15.67 83.89
CA VAL BA 121 33.42 -15.59 83.11
C VAL BA 121 34.44 -14.88 84.01
N SER BA 122 35.50 -15.59 84.37
CA SER BA 122 36.51 -15.14 85.37
C SER BA 122 37.77 -15.98 85.17
N SER BA 123 38.95 -15.35 85.19
CA SER BA 123 40.27 -16.03 85.08
C SER BA 123 40.61 -16.71 86.42
N ALA BA 124 40.11 -16.15 87.53
CA ALA BA 124 40.23 -16.66 88.92
C ALA BA 124 39.99 -18.17 88.98
N SER BA 125 40.69 -18.83 89.91
CA SER BA 125 40.74 -20.31 90.08
C SER BA 125 39.97 -20.74 91.34
N THR BA 126 39.38 -21.93 91.30
CA THR BA 126 38.72 -22.60 92.46
C THR BA 126 39.61 -22.42 93.69
N LYS BA 127 39.09 -21.78 94.74
CA LYS BA 127 39.83 -21.47 95.98
C LYS BA 127 38.83 -21.31 97.12
N GLY BA 128 39.05 -22.04 98.22
CA GLY BA 128 38.24 -21.99 99.45
C GLY BA 128 38.40 -20.68 100.21
N PRO BA 129 37.37 -20.26 100.98
CA PRO BA 129 37.42 -19.01 101.73
C PRO BA 129 38.25 -19.11 103.01
N SER BA 130 38.91 -18.00 103.38
CA SER BA 130 39.35 -17.67 104.75
C SER BA 130 38.12 -17.18 105.52
N VAL BA 131 37.90 -17.67 106.74
CA VAL BA 131 36.81 -17.17 107.62
C VAL BA 131 37.45 -16.40 108.77
N PHE BA 132 37.10 -15.13 108.94
CA PHE BA 132 37.65 -14.24 109.98
C PHE BA 132 36.51 -13.91 110.91
N PRO BA 133 36.78 -13.75 112.23
CA PRO BA 133 35.75 -13.39 113.19
C PRO BA 133 35.46 -11.89 113.21
N LEU BA 134 34.19 -11.52 113.29
CA LEU BA 134 33.73 -10.14 113.60
C LEU BA 134 33.25 -10.16 115.05
N ALA BA 135 34.18 -9.96 115.99
CA ALA BA 135 33.95 -10.02 117.45
C ALA BA 135 33.21 -8.77 117.91
N PRO BA 136 32.34 -8.85 118.95
CA PRO BA 136 31.77 -7.65 119.57
C PRO BA 136 32.79 -6.82 120.39
N THR BA 145 20.84 -6.02 121.42
CA THR BA 145 21.82 -5.25 122.24
C THR BA 145 23.22 -5.36 121.61
N ALA BA 146 23.69 -6.57 121.30
CA ALA BA 146 25.07 -6.88 120.84
C ALA BA 146 25.07 -7.54 119.45
N ALA BA 147 26.20 -7.41 118.74
CA ALA BA 147 26.34 -7.90 117.36
C ALA BA 147 27.69 -8.58 117.18
N LEU BA 148 27.68 -9.66 116.39
CA LEU BA 148 28.89 -10.45 116.03
C LEU BA 148 28.63 -11.03 114.64
N GLY BA 149 29.68 -11.57 114.01
CA GLY BA 149 29.59 -12.20 112.69
C GLY BA 149 30.87 -12.90 112.23
N CYS BA 150 30.85 -13.36 110.98
CA CYS BA 150 32.01 -13.92 110.22
C CYS BA 150 32.13 -13.14 108.89
N LEU BA 151 33.37 -12.83 108.49
CA LEU BA 151 33.72 -12.34 107.13
C LEU BA 151 34.29 -13.53 106.35
N VAL BA 152 33.52 -14.04 105.38
CA VAL BA 152 33.95 -15.20 104.54
C VAL BA 152 34.64 -14.57 103.32
N LYS BA 153 35.97 -14.51 103.29
CA LYS BA 153 36.71 -13.65 102.32
C LYS BA 153 37.59 -14.49 101.39
N ASP BA 154 37.75 -14.01 100.15
CA ASP BA 154 38.69 -14.51 99.11
C ASP BA 154 38.31 -15.93 98.71
N TYR BA 155 37.09 -16.14 98.16
CA TYR BA 155 36.66 -17.43 97.57
C TYR BA 155 36.18 -17.28 96.12
N PHE BA 156 36.04 -18.44 95.45
CA PHE BA 156 35.64 -18.57 94.03
C PHE BA 156 35.43 -20.04 93.64
N PRO BA 157 34.36 -20.37 92.89
CA PRO BA 157 33.27 -19.44 92.57
C PRO BA 157 32.24 -19.39 93.70
N GLU BA 158 31.11 -18.72 93.47
CA GLU BA 158 29.93 -18.82 94.37
C GLU BA 158 29.37 -20.23 94.19
N PRO BA 159 28.46 -20.72 95.08
CA PRO BA 159 28.07 -20.01 96.30
C PRO BA 159 28.73 -20.57 97.57
N VAL BA 160 28.59 -19.81 98.66
CA VAL BA 160 28.92 -20.25 100.05
C VAL BA 160 27.64 -20.20 100.88
N THR BA 161 27.36 -21.28 101.60
CA THR BA 161 26.30 -21.37 102.65
C THR BA 161 26.95 -20.94 103.97
N VAL BA 162 26.17 -20.31 104.85
CA VAL BA 162 26.62 -19.97 106.24
C VAL BA 162 25.48 -20.27 107.20
N SER BA 163 25.76 -21.05 108.25
CA SER BA 163 24.84 -21.33 109.39
C SER BA 163 25.49 -20.89 110.71
N TRP BA 164 24.69 -20.80 111.77
CA TRP BA 164 25.15 -20.48 113.16
C TRP BA 164 24.78 -21.63 114.11
N ASN BA 165 25.80 -22.12 114.82
CA ASN BA 165 25.62 -23.18 115.85
C ASN BA 165 24.88 -24.34 115.16
N SER BA 166 25.40 -24.79 114.02
CA SER BA 166 24.89 -25.96 113.23
C SER BA 166 23.38 -25.84 112.94
N GLY BA 167 22.85 -24.62 112.79
CA GLY BA 167 21.43 -24.35 112.44
C GLY BA 167 20.57 -24.01 113.65
N ALA BA 168 21.01 -24.35 114.86
CA ALA BA 168 20.29 -24.04 116.11
C ALA BA 168 19.96 -22.54 116.12
N LEU BA 169 20.92 -21.70 115.71
CA LEU BA 169 20.81 -20.22 115.80
C LEU BA 169 20.41 -19.68 114.44
N THR BA 170 19.16 -19.23 114.37
CA THR BA 170 18.44 -18.86 113.13
C THR BA 170 17.98 -17.40 113.25
N SER BA 171 17.27 -17.07 114.33
CA SER BA 171 16.72 -15.73 114.63
C SER BA 171 17.85 -14.71 114.70
N GLY BA 172 17.65 -13.54 114.10
CA GLY BA 172 18.58 -12.39 114.16
C GLY BA 172 19.80 -12.54 113.28
N VAL BA 173 19.83 -13.52 112.37
CA VAL BA 173 20.99 -13.79 111.46
C VAL BA 173 20.77 -13.07 110.14
N HIS BA 174 21.83 -12.51 109.54
CA HIS BA 174 21.83 -11.90 108.17
C HIS BA 174 23.11 -12.30 107.43
N THR BA 175 22.99 -13.26 106.51
CA THR BA 175 24.07 -13.60 105.54
C THR BA 175 23.82 -12.72 104.31
N PHE BA 176 24.70 -11.75 104.08
CA PHE BA 176 24.57 -10.73 103.02
C PHE BA 176 24.87 -11.39 101.67
N PRO BA 177 24.41 -10.81 100.55
CA PRO BA 177 24.86 -11.25 99.22
C PRO BA 177 26.35 -10.93 99.13
N ALA BA 178 27.10 -11.83 98.48
CA ALA BA 178 28.54 -11.70 98.22
C ALA BA 178 28.83 -10.43 97.42
N VAL BA 179 30.09 -10.01 97.38
CA VAL BA 179 30.57 -8.86 96.58
C VAL BA 179 31.87 -9.27 95.90
N LEU BA 180 31.96 -9.08 94.58
CA LEU BA 180 33.17 -9.41 93.79
C LEU BA 180 34.15 -8.27 94.07
N GLN BA 181 35.43 -8.57 94.33
CA GLN BA 181 36.45 -7.53 94.62
C GLN BA 181 37.45 -7.51 93.45
N SER BA 182 38.32 -6.51 93.38
CA SER BA 182 39.30 -6.32 92.28
C SER BA 182 40.14 -7.59 92.06
N SER BA 183 40.38 -8.39 93.10
CA SER BA 183 41.16 -9.66 93.02
C SER BA 183 40.42 -10.67 92.14
N GLY BA 184 39.13 -10.43 91.88
CA GLY BA 184 38.23 -11.35 91.15
C GLY BA 184 37.79 -12.53 92.00
N LEU BA 185 38.03 -12.44 93.32
CA LEU BA 185 37.52 -13.35 94.37
C LEU BA 185 36.36 -12.65 95.09
N TYR BA 186 35.37 -13.42 95.57
CA TYR BA 186 34.20 -12.90 96.32
C TYR BA 186 34.54 -12.84 97.82
N SER BA 187 33.79 -11.99 98.52
CA SER BA 187 33.85 -11.81 99.99
C SER BA 187 32.42 -11.49 100.47
N LEU BA 188 32.00 -12.17 101.53
CA LEU BA 188 30.61 -12.17 102.04
C LEU BA 188 30.67 -12.06 103.56
N SER BA 189 29.78 -11.26 104.14
CA SER BA 189 29.57 -11.18 105.61
C SER BA 189 28.34 -12.02 106.00
N SER BA 190 28.40 -12.63 107.18
CA SER BA 190 27.23 -13.15 107.93
C SER BA 190 27.27 -12.52 109.32
N VAL BA 191 26.15 -12.01 109.80
CA VAL BA 191 26.06 -11.41 111.17
C VAL BA 191 24.90 -12.07 111.90
N VAL BA 192 24.84 -11.76 113.20
CA VAL BA 192 23.68 -12.07 114.08
C VAL BA 192 23.77 -11.08 115.24
N THR BA 193 22.62 -10.60 115.70
CA THR BA 193 22.51 -9.75 116.91
C THR BA 193 21.91 -10.62 118.02
N VAL BA 194 22.42 -10.43 119.23
CA VAL BA 194 22.30 -11.36 120.39
C VAL BA 194 22.11 -10.50 121.64
N PRO BA 195 21.33 -10.95 122.64
CA PRO BA 195 21.32 -10.30 123.95
C PRO BA 195 22.73 -10.37 124.57
N SER BA 196 23.33 -9.20 124.83
CA SER BA 196 24.72 -9.01 125.31
C SER BA 196 25.07 -10.09 126.35
N SER BA 197 24.11 -10.39 127.25
CA SER BA 197 24.21 -11.36 128.39
C SER BA 197 24.67 -12.74 127.91
N SER BA 198 24.20 -13.20 126.75
CA SER BA 198 24.46 -14.58 126.23
C SER BA 198 25.94 -14.80 125.92
N LEU BA 199 26.74 -13.73 125.81
CA LEU BA 199 28.15 -13.84 125.35
C LEU BA 199 28.99 -14.62 126.38
N GLY BA 200 28.58 -14.64 127.65
CA GLY BA 200 29.25 -15.40 128.73
C GLY BA 200 28.56 -16.72 129.04
N THR BA 201 27.38 -16.98 128.45
CA THR BA 201 26.55 -18.19 128.71
C THR BA 201 26.52 -19.12 127.49
N GLN BA 202 26.83 -18.60 126.30
CA GLN BA 202 26.70 -19.30 125.00
C GLN BA 202 27.94 -19.01 124.15
N THR BA 203 28.44 -20.02 123.43
CA THR BA 203 29.49 -19.91 122.40
C THR BA 203 28.79 -19.67 121.05
N TYR BA 204 29.41 -18.91 120.13
CA TYR BA 204 28.84 -18.59 118.80
C TYR BA 204 29.82 -19.09 117.73
N ILE BA 205 29.42 -20.13 116.99
CA ILE BA 205 30.24 -20.74 115.91
C ILE BA 205 29.46 -20.57 114.60
N CYS BA 206 30.13 -20.08 113.54
CA CYS BA 206 29.55 -19.99 112.18
C CYS BA 206 30.12 -21.13 111.32
N ASN BA 207 29.23 -21.84 110.64
CA ASN BA 207 29.58 -23.03 109.81
C ASN BA 207 29.59 -22.57 108.34
N VAL BA 208 30.78 -22.52 107.74
CA VAL BA 208 31.01 -22.09 106.33
C VAL BA 208 31.15 -23.35 105.48
N ASN BA 209 30.31 -23.50 104.44
CA ASN BA 209 30.42 -24.62 103.47
C ASN BA 209 30.61 -24.01 102.07
N HIS BA 210 31.68 -24.42 101.38
CA HIS BA 210 32.01 -24.03 99.98
C HIS BA 210 32.19 -25.30 99.17
N LYS BA 211 31.12 -25.81 98.56
CA LYS BA 211 31.12 -27.12 97.85
C LYS BA 211 32.16 -27.12 96.74
N PRO BA 212 32.26 -26.07 95.89
CA PRO BA 212 33.30 -26.00 94.88
C PRO BA 212 34.74 -26.34 95.33
N SER BA 213 35.17 -25.81 96.49
CA SER BA 213 36.52 -26.08 97.06
C SER BA 213 36.46 -27.33 97.95
N ASN BA 214 35.27 -27.92 98.12
CA ASN BA 214 35.03 -29.10 98.99
C ASN BA 214 35.57 -28.77 100.39
N THR BA 215 35.23 -27.58 100.87
CA THR BA 215 35.74 -26.92 102.11
C THR BA 215 34.58 -26.73 103.09
N LYS BA 216 34.78 -27.12 104.35
CA LYS BA 216 33.92 -26.76 105.51
C LYS BA 216 34.81 -26.17 106.59
N VAL BA 217 34.45 -24.99 107.13
CA VAL BA 217 35.18 -24.27 108.21
C VAL BA 217 34.16 -23.96 109.32
N ASP BA 218 34.44 -24.40 110.54
CA ASP BA 218 33.75 -23.91 111.76
C ASP BA 218 34.68 -22.82 112.30
N LYS BA 219 34.13 -21.70 112.76
CA LYS BA 219 34.92 -20.62 113.41
C LYS BA 219 34.10 -20.11 114.60
N LYS BA 220 34.77 -20.02 115.75
CA LYS BA 220 34.22 -19.56 117.04
C LYS BA 220 34.47 -18.04 117.09
N VAL BA 221 33.48 -17.30 117.57
CA VAL BA 221 33.48 -15.81 117.61
C VAL BA 221 33.17 -15.36 119.04
N GLU BA 222 34.13 -14.69 119.68
CA GLU BA 222 34.18 -14.40 121.14
C GLU BA 222 34.73 -13.01 121.40
N PRO BA 223 34.22 -12.29 122.43
CA PRO BA 223 34.68 -10.93 122.75
C PRO BA 223 36.13 -10.86 123.23
N GLU CA 1 -39.62 -58.68 -46.58
CA GLU CA 1 -39.38 -58.10 -47.92
C GLU CA 1 -39.82 -56.64 -47.91
N VAL CA 2 -38.95 -55.75 -48.40
CA VAL CA 2 -39.25 -54.30 -48.53
C VAL CA 2 -40.38 -54.12 -49.55
N GLN CA 3 -41.40 -53.35 -49.19
CA GLN CA 3 -42.64 -53.22 -50.00
C GLN CA 3 -43.25 -51.83 -49.82
N LEU CA 4 -43.75 -51.29 -50.93
CA LEU CA 4 -44.33 -49.94 -51.12
C LEU CA 4 -45.50 -50.03 -52.12
N VAL CA 5 -46.73 -49.82 -51.66
CA VAL CA 5 -47.94 -49.90 -52.52
C VAL CA 5 -48.62 -48.53 -52.50
N GLU CA 6 -48.49 -47.77 -53.59
CA GLU CA 6 -49.23 -46.49 -53.81
C GLU CA 6 -50.72 -46.83 -54.00
N SER CA 7 -51.61 -45.83 -53.86
CA SER CA 7 -53.07 -45.89 -54.12
C SER CA 7 -53.65 -44.47 -54.13
N GLY CA 8 -54.85 -44.30 -54.72
CA GLY CA 8 -55.59 -43.02 -54.78
C GLY CA 8 -55.53 -42.37 -56.15
N GLY CA 9 -54.87 -43.00 -57.11
CA GLY CA 9 -54.80 -42.49 -58.49
C GLY CA 9 -56.16 -42.59 -59.18
N GLY CA 10 -56.46 -41.63 -60.05
CA GLY CA 10 -57.69 -41.65 -60.86
C GLY CA 10 -57.77 -40.40 -61.72
N VAL CA 11 -58.94 -40.16 -62.31
CA VAL CA 11 -59.24 -38.97 -63.15
C VAL CA 11 -59.62 -37.83 -62.21
N VAL CA 12 -59.24 -36.61 -62.57
CA VAL CA 12 -59.49 -35.39 -61.74
C VAL CA 12 -59.41 -34.16 -62.65
N GLN CA 13 -60.39 -33.26 -62.53
CA GLN CA 13 -60.54 -32.01 -63.33
C GLN CA 13 -59.40 -31.06 -62.97
N PRO CA 14 -58.89 -30.24 -63.93
CA PRO CA 14 -58.00 -29.12 -63.63
C PRO CA 14 -58.55 -28.15 -62.57
N GLY CA 15 -57.71 -27.76 -61.62
CA GLY CA 15 -58.05 -26.89 -60.48
C GLY CA 15 -58.36 -27.71 -59.24
N ARG CA 16 -58.97 -28.89 -59.39
CA ARG CA 16 -59.47 -29.74 -58.25
C ARG CA 16 -58.29 -30.40 -57.52
N SER CA 17 -58.60 -31.25 -56.53
CA SER CA 17 -57.62 -31.87 -55.61
C SER CA 17 -57.76 -33.40 -55.59
N LEU CA 18 -56.72 -34.09 -55.10
CA LEU CA 18 -56.59 -35.56 -55.05
C LEU CA 18 -55.39 -35.92 -54.17
N ARG CA 19 -55.55 -36.98 -53.38
CA ARG CA 19 -54.59 -37.35 -52.31
C ARG CA 19 -54.15 -38.80 -52.52
N LEU CA 20 -52.88 -38.97 -52.88
CA LEU CA 20 -52.22 -40.30 -53.02
C LEU CA 20 -51.76 -40.76 -51.63
N SER CA 21 -51.82 -42.05 -51.37
CA SER CA 21 -51.29 -42.70 -50.14
C SER CA 21 -50.27 -43.77 -50.57
N CYS CA 22 -49.42 -44.25 -49.66
CA CYS CA 22 -48.37 -45.27 -49.96
C CYS CA 22 -48.12 -46.10 -48.70
N ALA CA 23 -48.45 -47.40 -48.74
CA ALA CA 23 -48.35 -48.32 -47.60
C ALA CA 23 -46.99 -49.03 -47.62
N ALA CA 24 -46.15 -48.72 -46.63
CA ALA CA 24 -44.77 -49.21 -46.52
C ALA CA 24 -44.74 -50.42 -45.59
N SER CA 25 -43.89 -51.40 -45.88
CA SER CA 25 -43.77 -52.68 -45.14
C SER CA 25 -42.30 -53.13 -45.15
N GLY CA 26 -41.86 -53.81 -44.10
CA GLY CA 26 -40.68 -54.71 -44.17
C GLY CA 26 -39.35 -54.00 -44.07
N PHE CA 27 -39.34 -52.79 -43.48
CA PHE CA 27 -38.15 -51.97 -43.13
C PHE CA 27 -38.64 -50.91 -42.16
N THR CA 28 -37.75 -50.40 -41.31
CA THR CA 28 -38.03 -49.28 -40.38
C THR CA 28 -38.35 -48.03 -41.22
N PHE CA 29 -39.67 -47.87 -41.45
CA PHE CA 29 -40.28 -46.71 -42.16
C PHE CA 29 -39.83 -45.42 -41.46
N SER CA 30 -39.82 -45.43 -40.12
CA SER CA 30 -39.53 -44.26 -39.23
C SER CA 30 -38.06 -43.84 -39.28
N SER CA 31 -37.18 -44.53 -40.01
CA SER CA 31 -35.75 -44.15 -40.09
C SER CA 31 -35.41 -43.62 -41.47
N SER CA 32 -36.30 -43.80 -42.44
CA SER CA 32 -36.02 -43.44 -43.85
C SER CA 32 -36.76 -42.16 -44.17
N ALA CA 33 -36.03 -41.20 -44.73
CA ALA CA 33 -36.65 -40.11 -45.51
C ALA CA 33 -37.31 -40.80 -46.71
N MET CA 34 -38.42 -40.24 -47.21
CA MET CA 34 -39.24 -40.82 -48.30
C MET CA 34 -39.50 -39.72 -49.33
N HIS CA 35 -39.75 -40.13 -50.58
CA HIS CA 35 -39.84 -39.27 -51.78
C HIS CA 35 -41.05 -39.62 -52.65
N TRP CA 36 -41.52 -38.68 -53.46
CA TRP CA 36 -42.40 -38.93 -54.63
C TRP CA 36 -41.58 -38.61 -55.88
N VAL CA 37 -41.59 -39.52 -56.85
CA VAL CA 37 -41.07 -39.30 -58.23
C VAL CA 37 -42.22 -39.56 -59.20
N ARG CA 38 -42.39 -38.68 -60.19
CA ARG CA 38 -43.45 -38.89 -61.21
C ARG CA 38 -42.82 -39.16 -62.58
N GLN CA 39 -43.59 -39.79 -63.45
CA GLN CA 39 -43.26 -40.08 -64.87
C GLN CA 39 -44.50 -39.77 -65.68
N ALA CA 40 -44.44 -38.75 -66.54
CA ALA CA 40 -45.54 -38.43 -67.49
C ALA CA 40 -45.57 -39.51 -68.57
N PRO CA 41 -46.71 -39.84 -69.23
CA PRO CA 41 -46.81 -41.04 -70.06
C PRO CA 41 -45.79 -40.97 -71.21
N GLY CA 42 -44.88 -41.95 -71.28
CA GLY CA 42 -43.79 -42.01 -72.29
C GLY CA 42 -42.67 -41.00 -72.07
N LYS CA 43 -42.71 -40.15 -71.04
CA LYS CA 43 -41.66 -39.12 -70.78
C LYS CA 43 -40.71 -39.58 -69.66
N GLY CA 44 -39.81 -38.69 -69.21
CA GLY CA 44 -38.71 -39.01 -68.26
C GLY CA 44 -39.17 -39.15 -66.81
N LEU CA 45 -38.21 -39.38 -65.91
CA LEU CA 45 -38.40 -39.35 -64.43
C LEU CA 45 -38.08 -37.93 -63.90
N GLU CA 46 -39.03 -37.40 -63.11
CA GLU CA 46 -38.94 -36.07 -62.45
C GLU CA 46 -39.14 -36.30 -60.95
N TRP CA 47 -38.15 -35.90 -60.16
CA TRP CA 47 -38.28 -35.84 -58.67
C TRP CA 47 -39.28 -34.75 -58.32
N VAL CA 48 -40.13 -35.04 -57.33
CA VAL CA 48 -41.26 -34.12 -56.96
C VAL CA 48 -41.05 -33.62 -55.53
N ALA CA 49 -40.91 -34.51 -54.54
CA ALA CA 49 -40.88 -34.09 -53.13
C ALA CA 49 -40.11 -35.08 -52.24
N VAL CA 50 -39.53 -34.56 -51.15
CA VAL CA 50 -38.89 -35.34 -50.04
C VAL CA 50 -39.50 -34.90 -48.71
N ILE CA 51 -39.65 -35.85 -47.79
CA ILE CA 51 -40.00 -35.63 -46.35
C ILE CA 51 -38.96 -36.35 -45.48
N SER CA 52 -38.53 -35.71 -44.39
CA SER CA 52 -37.59 -36.25 -43.38
C SER CA 52 -38.25 -37.42 -42.62
N TYR CA 53 -37.43 -38.20 -41.89
CA TYR CA 53 -37.84 -39.39 -41.10
C TYR CA 53 -38.99 -39.02 -40.17
N ASP CA 54 -38.78 -37.92 -39.43
CA ASP CA 54 -39.69 -37.16 -38.54
C ASP CA 54 -41.10 -36.96 -39.12
N GLY CA 55 -41.16 -36.46 -40.36
CA GLY CA 55 -42.38 -35.86 -40.93
C GLY CA 55 -42.36 -34.33 -40.86
N ASN CA 56 -41.39 -33.74 -40.19
CA ASN CA 56 -41.40 -32.29 -39.82
C ASN CA 56 -40.66 -31.41 -40.84
N ASN CA 57 -40.15 -31.95 -41.94
CA ASN CA 57 -39.35 -31.14 -42.90
C ASN CA 57 -39.67 -31.65 -44.29
N GLN CA 58 -39.94 -30.74 -45.23
CA GLN CA 58 -40.34 -31.08 -46.62
C GLN CA 58 -39.58 -30.20 -47.61
N LEU CA 59 -39.11 -30.79 -48.71
CA LEU CA 59 -38.52 -29.97 -49.79
C LEU CA 59 -39.17 -30.40 -51.11
N TYR CA 60 -39.34 -29.47 -52.04
CA TYR CA 60 -40.16 -29.68 -53.26
C TYR CA 60 -39.40 -29.17 -54.48
N ALA CA 61 -39.66 -29.80 -55.62
CA ALA CA 61 -39.17 -29.35 -56.95
C ALA CA 61 -39.93 -28.06 -57.31
N ASP CA 62 -39.18 -27.04 -57.76
CA ASP CA 62 -39.70 -25.73 -58.22
C ASP CA 62 -41.00 -25.89 -59.01
N SER CA 63 -41.05 -26.86 -59.92
CA SER CA 63 -42.16 -27.08 -60.87
C SER CA 63 -43.43 -27.44 -60.11
N VAL CA 64 -43.35 -27.86 -58.84
CA VAL CA 64 -44.58 -28.26 -58.08
C VAL CA 64 -44.72 -27.52 -56.74
N LYS CA 65 -43.77 -26.66 -56.34
CA LYS CA 65 -43.83 -25.97 -55.01
C LYS CA 65 -45.13 -25.16 -54.98
N GLY CA 66 -45.90 -25.28 -53.88
CA GLY CA 66 -47.13 -24.50 -53.70
C GLY CA 66 -48.38 -25.21 -54.20
N ARG CA 67 -48.25 -26.31 -54.95
CA ARG CA 67 -49.42 -27.05 -55.46
C ARG CA 67 -49.48 -28.47 -54.86
N LEU CA 68 -48.36 -29.02 -54.37
CA LEU CA 68 -48.33 -30.37 -53.75
C LEU CA 68 -47.90 -30.28 -52.29
N THR CA 69 -48.39 -31.17 -51.43
CA THR CA 69 -47.96 -31.27 -50.01
C THR CA 69 -47.61 -32.71 -49.63
N ILE CA 70 -46.34 -32.96 -49.30
CA ILE CA 70 -45.88 -34.28 -48.81
C ILE CA 70 -46.11 -34.30 -47.30
N SER CA 71 -46.60 -35.42 -46.78
CA SER CA 71 -46.97 -35.63 -45.36
C SER CA 71 -46.74 -37.11 -45.06
N ARG CA 72 -46.65 -37.52 -43.81
CA ARG CA 72 -46.49 -38.96 -43.49
C ARG CA 72 -47.16 -39.24 -42.14
N ASP CA 73 -47.33 -40.51 -41.78
CA ASP CA 73 -47.85 -40.95 -40.47
C ASP CA 73 -47.12 -42.24 -40.12
N ASN CA 74 -46.11 -42.13 -39.27
CA ASN CA 74 -45.20 -43.24 -38.95
C ASN CA 74 -45.94 -44.25 -38.08
N SER CA 75 -47.03 -43.86 -37.41
CA SER CA 75 -47.92 -44.80 -36.66
C SER CA 75 -48.52 -45.85 -37.63
N LYS CA 76 -48.89 -45.41 -38.85
CA LYS CA 76 -49.62 -46.20 -39.88
C LYS CA 76 -48.68 -46.70 -40.99
N ASN CA 77 -47.39 -46.35 -40.93
CA ASN CA 77 -46.37 -46.71 -41.95
C ASN CA 77 -46.78 -46.14 -43.29
N ALA CA 78 -47.34 -44.93 -43.33
CA ALA CA 78 -47.97 -44.37 -44.54
C ALA CA 78 -47.26 -43.09 -45.01
N LEU CA 79 -47.06 -42.93 -46.32
CA LEU CA 79 -46.59 -41.69 -46.97
C LEU CA 79 -47.73 -41.19 -47.84
N TYR CA 80 -47.96 -39.87 -47.88
CA TYR CA 80 -49.07 -39.23 -48.64
C TYR CA 80 -48.49 -38.13 -49.52
N LEU CA 81 -49.18 -37.87 -50.63
CA LEU CA 81 -48.95 -36.69 -51.49
C LEU CA 81 -50.32 -36.06 -51.77
N GLN CA 82 -50.48 -34.78 -51.40
CA GLN CA 82 -51.72 -33.97 -51.60
C GLN CA 82 -51.51 -33.14 -52.87
N LEU CA 83 -52.40 -33.33 -53.86
CA LEU CA 83 -52.32 -32.62 -55.16
C LEU CA 83 -53.44 -31.57 -55.22
N ASN CA 84 -53.07 -30.29 -55.31
CA ASN CA 84 -53.97 -29.11 -55.26
C ASN CA 84 -53.71 -28.28 -56.52
N SER CA 85 -54.70 -27.50 -56.97
CA SER CA 85 -54.57 -26.55 -58.11
C SER CA 85 -53.98 -27.29 -59.32
N LEU CA 86 -54.46 -28.52 -59.58
CA LEU CA 86 -53.85 -29.41 -60.60
C LEU CA 86 -53.85 -28.74 -61.98
N ARG CA 87 -52.93 -29.16 -62.85
CA ARG CA 87 -52.83 -28.69 -64.25
C ARG CA 87 -52.75 -29.94 -65.14
N THR CA 88 -53.07 -29.83 -66.42
CA THR CA 88 -53.05 -30.97 -67.37
C THR CA 88 -51.62 -31.52 -67.42
N GLU CA 89 -50.60 -30.66 -67.24
CA GLU CA 89 -49.14 -30.98 -67.29
C GLU CA 89 -48.72 -31.86 -66.10
N ASP CA 90 -49.51 -31.89 -65.01
CA ASP CA 90 -49.26 -32.72 -63.80
C ASP CA 90 -49.69 -34.18 -64.03
N THR CA 91 -50.20 -34.53 -65.21
CA THR CA 91 -50.65 -35.91 -65.51
C THR CA 91 -49.40 -36.79 -65.53
N ALA CA 92 -49.45 -37.91 -64.81
CA ALA CA 92 -48.32 -38.85 -64.66
C ALA CA 92 -48.72 -40.01 -63.76
N VAL CA 93 -47.95 -41.08 -63.83
CA VAL CA 93 -47.84 -42.10 -62.74
C VAL CA 93 -46.90 -41.49 -61.69
N TYR CA 94 -47.32 -41.53 -60.42
CA TYR CA 94 -46.60 -41.00 -59.25
C TYR CA 94 -46.04 -42.19 -58.47
N PHE CA 95 -44.71 -42.21 -58.34
CA PHE CA 95 -43.96 -43.29 -57.66
C PHE CA 95 -43.59 -42.84 -56.24
N CYS CA 96 -43.71 -43.75 -55.28
CA CYS CA 96 -43.34 -43.62 -53.85
C CYS CA 96 -41.95 -44.25 -53.75
N ALA CA 97 -40.95 -43.52 -53.24
CA ALA CA 97 -39.57 -44.06 -53.18
C ALA CA 97 -38.95 -43.82 -51.79
N ARG CA 98 -38.29 -44.87 -51.26
CA ARG CA 98 -37.41 -44.78 -50.08
C ARG CA 98 -36.12 -44.02 -50.45
N ASP CA 99 -35.77 -43.02 -49.64
CA ASP CA 99 -34.47 -42.30 -49.76
C ASP CA 99 -33.35 -43.30 -49.49
N GLY CA 100 -32.20 -43.12 -50.16
CA GLY CA 100 -31.04 -44.03 -50.06
C GLY CA 100 -30.22 -43.80 -48.81
N GLY CA 101 -30.56 -42.80 -47.99
CA GLY CA 101 -29.86 -42.44 -46.74
C GLY CA 101 -29.15 -41.10 -46.83
N GLY CA 102 -29.22 -40.42 -47.98
CA GLY CA 102 -28.52 -39.15 -48.26
C GLY CA 102 -29.35 -37.90 -48.02
N TYR CA 103 -30.59 -38.02 -47.51
CA TYR CA 103 -31.49 -36.86 -47.28
C TYR CA 103 -30.69 -35.70 -46.66
N SER CA 104 -30.01 -35.95 -45.55
CA SER CA 104 -29.34 -34.92 -44.71
C SER CA 104 -28.31 -34.11 -45.53
N PHE CA 105 -27.63 -34.67 -46.51
CA PHE CA 105 -26.60 -33.86 -47.24
C PHE CA 105 -27.21 -33.17 -48.47
N GLY CA 106 -28.51 -33.34 -48.69
CA GLY CA 106 -29.22 -32.81 -49.88
C GLY CA 106 -28.90 -33.62 -51.13
N THR CA 107 -28.52 -34.90 -50.99
CA THR CA 107 -28.02 -35.78 -52.08
C THR CA 107 -29.00 -36.93 -52.27
N TYR CA 108 -30.02 -36.78 -53.12
CA TYR CA 108 -31.14 -37.75 -53.18
C TYR CA 108 -30.92 -38.81 -54.26
N PHE CA 109 -31.11 -40.07 -53.86
CA PHE CA 109 -31.28 -41.23 -54.77
C PHE CA 109 -32.23 -42.22 -54.09
N PHE CA 110 -32.69 -43.22 -54.84
CA PHE CA 110 -33.95 -43.97 -54.59
C PHE CA 110 -33.66 -45.47 -54.67
N ASP CA 111 -33.42 -46.11 -53.52
CA ASP CA 111 -32.99 -47.53 -53.44
C ASP CA 111 -34.18 -48.48 -53.43
N PHE CA 112 -35.42 -47.98 -53.49
CA PHE CA 112 -36.64 -48.81 -53.57
C PHE CA 112 -37.83 -47.96 -54.04
N TRP CA 113 -38.48 -48.38 -55.13
CA TRP CA 113 -39.67 -47.70 -55.70
C TRP CA 113 -40.90 -48.60 -55.64
N GLY CA 114 -42.06 -48.02 -55.37
CA GLY CA 114 -43.33 -48.74 -55.49
C GLY CA 114 -43.77 -48.80 -56.94
N GLN CA 115 -44.73 -49.68 -57.22
CA GLN CA 115 -45.18 -50.00 -58.61
C GLN CA 115 -45.87 -48.77 -59.20
N GLY CA 116 -46.38 -47.85 -58.37
CA GLY CA 116 -46.87 -46.53 -58.84
C GLY CA 116 -48.39 -46.44 -58.85
N THR CA 117 -48.92 -45.22 -59.07
CA THR CA 117 -50.37 -44.92 -59.17
C THR CA 117 -50.58 -43.80 -60.20
N LEU CA 118 -51.56 -43.97 -61.11
CA LEU CA 118 -51.72 -43.05 -62.26
C LEU CA 118 -52.68 -41.91 -61.91
N VAL CA 119 -52.26 -40.66 -62.11
CA VAL CA 119 -53.12 -39.46 -61.95
C VAL CA 119 -53.32 -38.80 -63.32
N THR CA 120 -54.58 -38.67 -63.74
CA THR CA 120 -54.98 -38.16 -65.08
C THR CA 120 -55.74 -36.83 -64.89
N VAL CA 121 -55.16 -35.72 -65.33
CA VAL CA 121 -55.74 -34.36 -65.18
C VAL CA 121 -56.29 -33.96 -66.55
N SER CA 122 -57.62 -34.01 -66.71
CA SER CA 122 -58.34 -33.71 -67.98
C SER CA 122 -59.70 -33.09 -67.67
N SER CA 123 -60.21 -32.26 -68.58
CA SER CA 123 -61.57 -31.64 -68.54
C SER CA 123 -62.63 -32.67 -68.96
N ALA CA 124 -62.31 -33.51 -69.95
CA ALA CA 124 -63.24 -34.42 -70.67
C ALA CA 124 -64.06 -35.30 -69.71
N SER CA 125 -65.32 -35.59 -70.08
CA SER CA 125 -66.25 -36.49 -69.33
C SER CA 125 -66.16 -37.91 -69.88
N THR CA 126 -66.38 -38.91 -69.02
CA THR CA 126 -66.52 -40.35 -69.38
C THR CA 126 -67.34 -40.44 -70.67
N LYS CA 127 -66.79 -41.06 -71.73
CA LYS CA 127 -67.47 -41.22 -73.05
C LYS CA 127 -67.05 -42.55 -73.70
N GLY CA 128 -68.04 -43.32 -74.18
CA GLY CA 128 -67.86 -44.57 -74.95
C GLY CA 128 -67.36 -44.27 -76.36
N PRO CA 129 -66.46 -45.12 -76.93
CA PRO CA 129 -65.90 -44.89 -78.26
C PRO CA 129 -66.85 -45.26 -79.41
N SER CA 130 -66.75 -44.53 -80.53
CA SER CA 130 -67.26 -44.92 -81.87
C SER CA 130 -66.24 -45.89 -82.47
N VAL CA 131 -66.70 -47.06 -82.90
CA VAL CA 131 -65.86 -48.07 -83.62
C VAL CA 131 -66.18 -47.97 -85.11
N PHE CA 132 -65.17 -47.69 -85.95
CA PHE CA 132 -65.28 -47.64 -87.43
C PHE CA 132 -64.40 -48.75 -88.00
N PRO CA 133 -64.82 -49.41 -89.11
CA PRO CA 133 -64.03 -50.49 -89.68
C PRO CA 133 -62.89 -49.87 -90.51
N LEU CA 134 -61.74 -50.55 -90.53
CA LEU CA 134 -60.62 -50.31 -91.49
C LEU CA 134 -60.63 -51.50 -92.46
N ALA CA 135 -61.24 -51.31 -93.63
CA ALA CA 135 -61.62 -52.37 -94.60
C ALA CA 135 -60.42 -52.76 -95.50
N ALA CA 147 -54.90 -57.12 -94.83
CA ALA CA 147 -54.72 -56.46 -93.51
C ALA CA 147 -55.95 -55.59 -93.15
N LEU CA 148 -56.89 -56.14 -92.36
CA LEU CA 148 -58.13 -55.47 -91.86
C LEU CA 148 -57.92 -54.94 -90.43
N GLY CA 149 -58.76 -54.00 -89.97
CA GLY CA 149 -58.63 -53.43 -88.62
C GLY CA 149 -59.90 -52.77 -88.10
N CYS CA 150 -59.84 -52.23 -86.88
CA CYS CA 150 -60.86 -51.36 -86.22
C CYS CA 150 -60.21 -50.06 -85.73
N LEU CA 151 -60.86 -48.92 -85.95
CA LEU CA 151 -60.48 -47.58 -85.40
C LEU CA 151 -61.42 -47.23 -84.24
N VAL CA 152 -60.91 -47.25 -83.01
CA VAL CA 152 -61.69 -47.00 -81.75
C VAL CA 152 -61.49 -45.53 -81.37
N LYS CA 153 -62.45 -44.67 -81.72
CA LYS CA 153 -62.25 -43.20 -81.76
C LYS CA 153 -63.06 -42.49 -80.67
N ASP CA 154 -62.48 -41.41 -80.10
CA ASP CA 154 -63.16 -40.43 -79.20
C ASP CA 154 -63.69 -41.13 -77.95
N TYR CA 155 -62.80 -41.60 -77.07
CA TYR CA 155 -63.20 -42.21 -75.78
C TYR CA 155 -62.38 -41.57 -74.66
N PHE CA 156 -62.90 -41.68 -73.43
CA PHE CA 156 -62.26 -41.20 -72.17
C PHE CA 156 -62.94 -41.80 -70.94
N PRO CA 157 -62.21 -42.20 -69.88
CA PRO CA 157 -60.75 -42.25 -69.88
C PRO CA 157 -60.28 -43.58 -70.47
N GLU CA 158 -58.97 -43.81 -70.38
CA GLU CA 158 -58.31 -45.10 -70.65
C GLU CA 158 -58.80 -46.17 -69.66
N PRO CA 159 -58.61 -47.47 -69.95
CA PRO CA 159 -58.19 -47.96 -71.26
C PRO CA 159 -59.37 -48.54 -72.08
N VAL CA 160 -59.11 -49.06 -73.29
CA VAL CA 160 -60.00 -49.98 -74.07
C VAL CA 160 -59.30 -51.34 -74.24
N THR CA 161 -60.06 -52.43 -74.20
CA THR CA 161 -59.61 -53.82 -74.51
C THR CA 161 -60.21 -54.20 -75.87
N VAL CA 162 -59.43 -54.90 -76.71
CA VAL CA 162 -59.84 -55.34 -78.07
C VAL CA 162 -59.41 -56.80 -78.26
N SER CA 163 -60.35 -57.67 -78.63
CA SER CA 163 -60.08 -59.05 -79.11
C SER CA 163 -60.57 -59.12 -80.56
N TRP CA 164 -60.27 -60.22 -81.28
CA TRP CA 164 -60.74 -60.47 -82.66
C TRP CA 164 -61.48 -61.81 -82.69
N ASN CA 165 -62.75 -61.80 -83.09
CA ASN CA 165 -63.69 -62.96 -83.05
C ASN CA 165 -63.79 -63.48 -81.60
N SER CA 166 -63.84 -62.56 -80.63
CA SER CA 166 -64.00 -62.81 -79.17
C SER CA 166 -62.85 -63.63 -78.57
N GLY CA 167 -61.67 -63.63 -79.21
CA GLY CA 167 -60.49 -64.38 -78.76
C GLY CA 167 -60.35 -65.71 -79.48
N ALA CA 168 -60.91 -65.84 -80.67
CA ALA CA 168 -60.53 -66.89 -81.64
C ALA CA 168 -59.20 -66.45 -82.29
N LEU CA 169 -59.16 -65.23 -82.83
CA LEU CA 169 -58.05 -64.69 -83.66
C LEU CA 169 -56.98 -64.03 -82.78
N THR CA 170 -55.81 -64.69 -82.68
CA THR CA 170 -54.72 -64.47 -81.71
C THR CA 170 -53.51 -63.88 -82.44
N SER CA 171 -52.95 -64.67 -83.37
CA SER CA 171 -51.68 -64.42 -84.11
C SER CA 171 -51.87 -63.25 -85.09
N GLY CA 172 -50.83 -62.44 -85.27
CA GLY CA 172 -50.73 -61.36 -86.28
C GLY CA 172 -51.56 -60.12 -85.97
N VAL CA 173 -52.27 -60.02 -84.84
CA VAL CA 173 -53.06 -58.80 -84.45
C VAL CA 173 -52.15 -57.86 -83.66
N HIS CA 174 -52.26 -56.56 -83.91
CA HIS CA 174 -51.48 -55.48 -83.25
C HIS CA 174 -52.43 -54.37 -82.77
N THR CA 175 -52.73 -54.31 -81.45
CA THR CA 175 -53.50 -53.20 -80.83
C THR CA 175 -52.51 -52.12 -80.33
N PHE CA 176 -52.56 -50.96 -80.98
CA PHE CA 176 -51.61 -49.84 -80.77
C PHE CA 176 -51.90 -49.18 -79.41
N PRO CA 177 -50.90 -48.47 -78.83
CA PRO CA 177 -51.18 -47.52 -77.75
C PRO CA 177 -52.17 -46.45 -78.20
N ALA CA 178 -53.01 -45.96 -77.29
CA ALA CA 178 -53.95 -44.85 -77.57
C ALA CA 178 -53.14 -43.62 -77.99
N VAL CA 179 -53.83 -42.53 -78.30
CA VAL CA 179 -53.22 -41.20 -78.53
C VAL CA 179 -54.20 -40.14 -78.00
N LEU CA 180 -53.70 -39.13 -77.29
CA LEU CA 180 -54.53 -38.02 -76.75
C LEU CA 180 -54.56 -36.92 -77.81
N GLN CA 181 -55.75 -36.50 -78.23
CA GLN CA 181 -55.90 -35.56 -79.35
C GLN CA 181 -56.50 -34.27 -78.78
N SER CA 182 -56.34 -33.16 -79.51
CA SER CA 182 -56.87 -31.81 -79.19
C SER CA 182 -58.23 -31.92 -78.48
N SER CA 183 -59.11 -32.81 -78.94
CA SER CA 183 -60.48 -33.06 -78.43
C SER CA 183 -60.49 -33.28 -76.91
N GLY CA 184 -59.45 -33.94 -76.37
CA GLY CA 184 -59.36 -34.42 -74.97
C GLY CA 184 -59.73 -35.89 -74.88
N LEU CA 185 -60.11 -36.48 -76.02
CA LEU CA 185 -60.60 -37.86 -76.16
C LEU CA 185 -59.48 -38.69 -76.78
N TYR CA 186 -59.32 -39.93 -76.32
CA TYR CA 186 -58.26 -40.86 -76.81
C TYR CA 186 -58.78 -41.58 -78.06
N SER CA 187 -57.86 -41.93 -78.95
CA SER CA 187 -58.17 -42.66 -80.21
C SER CA 187 -57.11 -43.74 -80.44
N LEU CA 188 -57.55 -44.89 -80.96
CA LEU CA 188 -56.74 -46.13 -80.97
C LEU CA 188 -57.08 -46.94 -82.23
N SER CA 189 -56.13 -47.77 -82.67
CA SER CA 189 -56.22 -48.71 -83.82
C SER CA 189 -55.92 -50.13 -83.34
N SER CA 190 -56.60 -51.13 -83.89
CA SER CA 190 -56.28 -52.57 -83.69
C SER CA 190 -56.41 -53.27 -85.04
N VAL CA 191 -55.31 -53.86 -85.51
CA VAL CA 191 -55.17 -54.40 -86.89
C VAL CA 191 -54.80 -55.88 -86.79
N VAL CA 192 -54.83 -56.56 -87.94
CA VAL CA 192 -54.42 -57.98 -88.11
C VAL CA 192 -54.15 -58.23 -89.60
N THR CA 193 -53.05 -58.93 -89.91
CA THR CA 193 -52.73 -59.41 -91.28
C THR CA 193 -53.37 -60.79 -91.41
N VAL CA 194 -53.88 -61.07 -92.61
CA VAL CA 194 -54.73 -62.27 -92.92
C VAL CA 194 -54.54 -62.60 -94.41
N PRO CA 195 -54.61 -63.90 -94.79
CA PRO CA 195 -55.04 -64.31 -96.13
C PRO CA 195 -56.58 -64.21 -96.27
N TYR CA 204 -64.72 -61.84 -89.60
CA TYR CA 204 -63.80 -60.92 -88.86
C TYR CA 204 -64.58 -59.83 -88.13
N ILE CA 205 -64.74 -60.01 -86.81
CA ILE CA 205 -65.40 -59.07 -85.85
C ILE CA 205 -64.36 -58.61 -84.80
N CYS CA 206 -64.13 -57.30 -84.68
CA CYS CA 206 -63.31 -56.69 -83.60
C CYS CA 206 -64.21 -56.43 -82.39
N ASN CA 207 -63.82 -56.91 -81.21
CA ASN CA 207 -64.60 -56.81 -79.94
C ASN CA 207 -64.00 -55.69 -79.08
N VAL CA 208 -64.69 -54.56 -78.89
CA VAL CA 208 -64.16 -53.36 -78.17
C VAL CA 208 -64.89 -53.16 -76.83
N ASN CA 209 -64.10 -53.13 -75.75
CA ASN CA 209 -64.54 -53.05 -74.34
C ASN CA 209 -64.02 -51.73 -73.76
N HIS CA 210 -64.86 -50.99 -73.02
CA HIS CA 210 -64.53 -49.71 -72.33
C HIS CA 210 -65.32 -49.68 -71.01
N LYS CA 211 -64.77 -50.29 -69.93
CA LYS CA 211 -65.45 -50.49 -68.62
C LYS CA 211 -65.88 -49.14 -68.04
N PRO CA 212 -65.03 -48.08 -68.12
CA PRO CA 212 -65.43 -46.73 -67.71
C PRO CA 212 -66.81 -46.22 -68.18
N SER CA 213 -67.14 -46.42 -69.46
CA SER CA 213 -68.44 -46.04 -70.07
C SER CA 213 -69.43 -47.22 -69.97
N ASN CA 214 -68.95 -48.40 -69.56
CA ASN CA 214 -69.72 -49.68 -69.44
C ASN CA 214 -70.23 -50.07 -70.83
N THR CA 215 -69.37 -49.94 -71.85
CA THR CA 215 -69.69 -50.02 -73.30
C THR CA 215 -68.96 -51.22 -73.90
N LYS CA 216 -69.70 -52.08 -74.61
CA LYS CA 216 -69.13 -53.13 -75.48
C LYS CA 216 -69.64 -52.92 -76.92
N VAL CA 217 -68.75 -52.96 -77.90
CA VAL CA 217 -69.10 -52.81 -79.34
C VAL CA 217 -68.43 -53.92 -80.15
N ASP CA 218 -69.22 -54.80 -80.76
CA ASP CA 218 -68.73 -55.74 -81.81
C ASP CA 218 -68.94 -55.04 -83.16
N LYS CA 219 -67.94 -55.11 -84.06
CA LYS CA 219 -68.00 -54.52 -85.43
C LYS CA 219 -67.56 -55.54 -86.48
N LYS CA 220 -68.36 -55.70 -87.55
CA LYS CA 220 -68.02 -56.56 -88.72
C LYS CA 220 -67.22 -55.70 -89.72
N VAL CA 221 -66.17 -56.25 -90.33
CA VAL CA 221 -65.19 -55.56 -91.22
C VAL CA 221 -65.05 -56.35 -92.53
N ASP DA 1 -30.09 -26.02 -63.00
CA ASP DA 1 -30.18 -27.46 -62.63
C ASP DA 1 -29.09 -28.24 -63.38
N ILE DA 2 -28.83 -29.47 -62.97
CA ILE DA 2 -27.86 -30.36 -63.67
C ILE DA 2 -28.64 -31.20 -64.69
N GLN DA 3 -28.28 -31.00 -65.97
CA GLN DA 3 -28.81 -31.75 -67.14
C GLN DA 3 -27.97 -33.02 -67.26
N MET DA 4 -28.65 -34.15 -67.44
CA MET DA 4 -28.05 -35.48 -67.73
C MET DA 4 -28.43 -35.90 -69.15
N THR DA 5 -27.45 -36.19 -70.00
CA THR DA 5 -27.68 -36.71 -71.37
C THR DA 5 -27.23 -38.18 -71.40
N GLN DA 6 -27.67 -38.95 -72.38
CA GLN DA 6 -27.37 -40.41 -72.31
C GLN DA 6 -26.95 -40.97 -73.67
N SER DA 7 -25.76 -41.59 -73.65
CA SER DA 7 -25.17 -42.65 -74.52
C SER DA 7 -25.60 -42.54 -75.97
N PRO DA 8 -26.16 -43.61 -76.59
CA PRO DA 8 -27.12 -43.45 -77.67
C PRO DA 8 -28.57 -43.50 -77.17
N SER DA 9 -29.48 -42.86 -77.91
CA SER DA 9 -30.92 -42.73 -77.64
C SER DA 9 -31.57 -44.11 -77.52
N SER DA 10 -31.07 -45.06 -78.32
CA SER DA 10 -31.38 -46.51 -78.21
C SER DA 10 -30.27 -47.33 -78.89
N LEU DA 11 -30.15 -48.57 -78.42
CA LEU DA 11 -29.03 -49.48 -78.73
C LEU DA 11 -29.70 -50.80 -79.10
N SER DA 12 -29.33 -51.40 -80.23
CA SER DA 12 -29.76 -52.77 -80.63
C SER DA 12 -28.60 -53.72 -80.34
N ALA DA 13 -28.80 -54.73 -79.48
CA ALA DA 13 -27.76 -55.72 -79.13
C ALA DA 13 -28.38 -57.11 -78.97
N SER DA 14 -27.52 -58.13 -78.82
CA SER DA 14 -27.91 -59.57 -78.78
C SER DA 14 -27.36 -60.24 -77.51
N VAL DA 15 -28.16 -61.12 -76.92
CA VAL DA 15 -27.77 -62.07 -75.84
C VAL DA 15 -26.29 -62.40 -76.02
N GLY DA 16 -25.49 -62.34 -74.95
CA GLY DA 16 -24.07 -62.70 -74.95
C GLY DA 16 -23.12 -61.55 -75.30
N GLU DA 17 -23.54 -60.54 -76.08
CA GLU DA 17 -22.74 -59.30 -76.34
C GLU DA 17 -22.39 -58.55 -75.05
N ARG DA 18 -21.29 -57.78 -75.09
CA ARG DA 18 -20.88 -56.77 -74.07
C ARG DA 18 -21.51 -55.42 -74.46
N VAL DA 19 -22.47 -54.92 -73.65
CA VAL DA 19 -23.19 -53.62 -73.86
C VAL DA 19 -22.55 -52.54 -72.96
N THR DA 20 -22.37 -51.31 -73.48
CA THR DA 20 -21.78 -50.14 -72.76
C THR DA 20 -22.56 -48.86 -73.09
N ILE DA 21 -23.56 -48.52 -72.25
CA ILE DA 21 -24.33 -47.23 -72.22
C ILE DA 21 -23.43 -46.15 -71.60
N THR DA 22 -23.37 -44.92 -72.15
CA THR DA 22 -22.74 -43.74 -71.50
C THR DA 22 -23.78 -42.77 -70.91
N CYS DA 23 -23.38 -41.98 -69.90
CA CYS DA 23 -24.14 -40.88 -69.22
C CYS DA 23 -23.21 -39.68 -69.09
N ARG DA 24 -23.74 -38.46 -69.19
CA ARG DA 24 -22.90 -37.24 -69.11
C ARG DA 24 -23.71 -36.13 -68.41
N ALA DA 25 -23.15 -35.65 -67.30
CA ALA DA 25 -23.67 -34.51 -66.52
C ALA DA 25 -23.11 -33.21 -67.11
N SER DA 26 -23.93 -32.17 -67.12
CA SER DA 26 -23.61 -30.85 -67.70
C SER DA 26 -22.49 -30.15 -66.92
N GLN DA 27 -22.16 -30.61 -65.70
CA GLN DA 27 -21.06 -30.10 -64.83
C GLN DA 27 -20.42 -31.24 -64.02
N ARG DA 28 -19.35 -30.98 -63.29
CA ARG DA 28 -18.64 -32.01 -62.47
C ARG DA 28 -19.57 -32.46 -61.34
N ILE DA 29 -19.76 -33.77 -61.15
CA ILE DA 29 -20.61 -34.33 -60.06
C ILE DA 29 -19.85 -35.47 -59.34
N SER DA 30 -18.51 -35.38 -59.31
CA SER DA 30 -17.71 -36.35 -58.52
C SER DA 30 -18.25 -37.74 -58.86
N ASN DA 31 -18.77 -38.53 -57.91
CA ASN DA 31 -19.28 -39.89 -58.23
C ASN DA 31 -20.72 -40.04 -57.74
N TYR DA 32 -21.46 -38.94 -57.63
CA TYR DA 32 -22.84 -38.92 -57.13
C TYR DA 32 -23.77 -39.24 -58.31
N LEU DA 33 -23.67 -40.45 -58.84
CA LEU DA 33 -24.28 -40.92 -60.11
C LEU DA 33 -24.85 -42.31 -59.86
N ASN DA 34 -26.11 -42.49 -60.21
CA ASN DA 34 -26.89 -43.70 -59.86
C ASN DA 34 -27.55 -44.20 -61.16
N TRP DA 35 -27.66 -45.52 -61.31
CA TRP DA 35 -28.23 -46.17 -62.51
C TRP DA 35 -29.45 -47.02 -62.12
N TYR DA 36 -30.56 -46.82 -62.84
CA TYR DA 36 -31.80 -47.64 -62.72
C TYR DA 36 -32.15 -48.35 -64.04
N GLN DA 37 -32.70 -49.54 -63.90
CA GLN DA 37 -33.39 -50.35 -64.95
C GLN DA 37 -34.91 -50.13 -64.82
N GLN DA 38 -35.58 -49.74 -65.89
CA GLN DA 38 -37.07 -49.73 -65.98
C GLN DA 38 -37.48 -50.65 -67.12
N LYS DA 39 -38.45 -51.52 -66.87
CA LYS DA 39 -39.20 -52.25 -67.94
C LYS DA 39 -40.57 -51.60 -68.11
N PRO DA 40 -41.25 -51.78 -69.27
CA PRO DA 40 -42.50 -51.07 -69.52
C PRO DA 40 -43.54 -51.46 -68.46
N GLY DA 41 -44.24 -50.46 -67.92
CA GLY DA 41 -45.38 -50.62 -66.97
C GLY DA 41 -44.93 -50.95 -65.56
N LYS DA 42 -43.61 -50.98 -65.33
CA LYS DA 42 -42.99 -51.37 -64.03
C LYS DA 42 -42.21 -50.18 -63.47
N ALA DA 43 -41.85 -50.29 -62.19
CA ALA DA 43 -41.11 -49.28 -61.40
C ALA DA 43 -39.62 -49.48 -61.58
N PRO DA 44 -38.82 -48.38 -61.65
CA PRO DA 44 -37.37 -48.47 -61.77
C PRO DA 44 -36.78 -49.24 -60.60
N LYS DA 45 -35.64 -49.90 -60.81
CA LYS DA 45 -34.83 -50.60 -59.78
C LYS DA 45 -33.42 -50.01 -59.79
N LEU DA 46 -32.90 -49.78 -58.59
CA LEU DA 46 -31.53 -49.26 -58.41
C LEU DA 46 -30.57 -50.39 -58.82
N LEU DA 47 -29.70 -50.13 -59.79
CA LEU DA 47 -28.62 -51.07 -60.21
C LEU DA 47 -27.31 -50.65 -59.55
N ILE DA 48 -26.97 -49.37 -59.69
CA ILE DA 48 -25.65 -48.81 -59.29
C ILE DA 48 -25.90 -47.52 -58.53
N TYR DA 49 -25.21 -47.33 -57.41
CA TYR DA 49 -25.18 -46.04 -56.65
C TYR DA 49 -23.70 -45.64 -56.50
N ALA DA 50 -23.45 -44.34 -56.31
CA ALA DA 50 -22.10 -43.73 -56.18
C ALA DA 50 -21.18 -44.21 -57.31
N ALA DA 51 -21.72 -44.29 -58.53
CA ALA DA 51 -21.03 -44.47 -59.83
C ALA DA 51 -20.61 -45.92 -60.10
N SER DA 52 -20.09 -46.65 -59.10
CA SER DA 52 -19.49 -48.01 -59.30
C SER DA 52 -19.87 -49.00 -58.19
N THR DA 53 -20.80 -48.66 -57.31
CA THR DA 53 -21.19 -49.49 -56.14
C THR DA 53 -22.47 -50.26 -56.51
N LEU DA 54 -22.37 -51.57 -56.66
CA LEU DA 54 -23.49 -52.46 -57.04
C LEU DA 54 -24.52 -52.55 -55.90
N GLN DA 55 -25.81 -52.33 -56.18
CA GLN DA 55 -26.89 -52.53 -55.18
C GLN DA 55 -26.93 -54.03 -54.83
N SER DA 56 -27.08 -54.40 -53.57
CA SER DA 56 -27.13 -55.83 -53.16
C SER DA 56 -28.27 -56.54 -53.90
N GLY DA 57 -28.02 -57.75 -54.40
CA GLY DA 57 -28.99 -58.60 -55.11
C GLY DA 57 -28.87 -58.49 -56.61
N VAL DA 58 -28.24 -57.42 -57.12
CA VAL DA 58 -28.06 -57.16 -58.57
C VAL DA 58 -26.92 -58.03 -59.09
N PRO DA 59 -27.06 -58.70 -60.25
CA PRO DA 59 -26.00 -59.53 -60.81
C PRO DA 59 -24.66 -58.79 -61.03
N SER DA 60 -23.56 -59.52 -60.87
CA SER DA 60 -22.17 -59.00 -61.02
C SER DA 60 -21.82 -58.72 -62.48
N ARG DA 61 -22.64 -59.12 -63.44
CA ARG DA 61 -22.39 -58.76 -64.86
C ARG DA 61 -22.58 -57.24 -65.04
N PHE DA 62 -23.37 -56.62 -64.14
CA PHE DA 62 -23.57 -55.13 -64.10
C PHE DA 62 -22.36 -54.49 -63.42
N SER DA 63 -21.81 -53.47 -64.07
CA SER DA 63 -20.67 -52.68 -63.54
C SER DA 63 -20.86 -51.23 -63.99
N GLY DA 64 -20.52 -50.29 -63.10
CA GLY DA 64 -20.48 -48.83 -63.36
C GLY DA 64 -19.07 -48.27 -63.18
N SER DA 65 -18.69 -47.33 -64.04
CA SER DA 65 -17.43 -46.55 -63.97
C SER DA 65 -17.79 -45.07 -64.20
N GLY DA 66 -16.84 -44.20 -63.85
CA GLY DA 66 -16.92 -42.75 -64.16
C GLY DA 66 -16.73 -41.92 -62.91
N SER DA 67 -16.19 -40.73 -63.07
CA SER DA 67 -16.11 -39.71 -62.00
C SER DA 67 -15.92 -38.35 -62.68
N GLY DA 68 -16.77 -37.39 -62.33
CA GLY DA 68 -16.77 -36.04 -62.93
C GLY DA 68 -18.01 -35.87 -63.80
N THR DA 69 -17.80 -35.76 -65.11
CA THR DA 69 -18.86 -35.48 -66.10
C THR DA 69 -19.27 -36.77 -66.83
N ASP DA 70 -18.37 -37.75 -67.00
CA ASP DA 70 -18.59 -38.89 -67.93
C ASP DA 70 -18.60 -40.21 -67.17
N PHE DA 71 -19.70 -40.95 -67.33
CA PHE DA 71 -20.03 -42.23 -66.64
C PHE DA 71 -20.47 -43.27 -67.68
N THR DA 72 -20.22 -44.56 -67.41
CA THR DA 72 -20.60 -45.68 -68.32
C THR DA 72 -21.13 -46.86 -67.48
N LEU DA 73 -22.28 -47.43 -67.86
CA LEU DA 73 -22.82 -48.70 -67.32
C LEU DA 73 -22.41 -49.80 -68.31
N THR DA 74 -21.99 -50.95 -67.79
CA THR DA 74 -21.37 -52.06 -68.56
C THR DA 74 -22.02 -53.39 -68.16
N ILE DA 75 -22.59 -54.10 -69.15
CA ILE DA 75 -23.16 -55.47 -69.04
C ILE DA 75 -22.20 -56.40 -69.80
N SER DA 76 -21.43 -57.22 -69.07
CA SER DA 76 -20.33 -58.05 -69.65
C SER DA 76 -20.89 -59.01 -70.72
N SER DA 77 -21.86 -59.84 -70.33
CA SER DA 77 -22.67 -60.73 -71.21
C SER DA 77 -24.16 -60.46 -70.95
N LEU DA 78 -24.74 -59.58 -71.76
CA LEU DA 78 -26.18 -59.25 -71.79
C LEU DA 78 -27.00 -60.54 -71.64
N GLN DA 79 -28.08 -60.53 -70.86
CA GLN DA 79 -29.03 -61.67 -70.74
C GLN DA 79 -30.40 -61.21 -71.22
N PRO DA 80 -31.35 -62.10 -71.55
CA PRO DA 80 -32.62 -61.67 -72.13
C PRO DA 80 -33.42 -60.77 -71.17
N GLU DA 81 -33.31 -60.98 -69.86
CA GLU DA 81 -34.02 -60.15 -68.85
C GLU DA 81 -33.39 -58.75 -68.74
N ASP DA 82 -32.25 -58.50 -69.38
CA ASP DA 82 -31.63 -57.15 -69.45
C ASP DA 82 -32.23 -56.30 -70.58
N PHE DA 83 -33.23 -56.77 -71.32
CA PHE DA 83 -33.80 -55.98 -72.45
C PHE DA 83 -34.80 -55.01 -71.83
N ALA DA 84 -34.42 -53.73 -71.80
CA ALA DA 84 -35.04 -52.70 -70.94
C ALA DA 84 -34.61 -51.28 -71.33
N THR DA 85 -35.10 -50.29 -70.57
CA THR DA 85 -34.57 -48.91 -70.56
C THR DA 85 -33.63 -48.73 -69.34
N TYR DA 86 -32.58 -47.94 -69.52
CA TYR DA 86 -31.53 -47.67 -68.51
C TYR DA 86 -31.46 -46.16 -68.32
N TYR DA 87 -31.68 -45.71 -67.09
CA TYR DA 87 -31.65 -44.28 -66.68
C TYR DA 87 -30.45 -44.06 -65.74
N CYS DA 88 -29.72 -42.97 -66.00
CA CYS DA 88 -28.73 -42.41 -65.05
C CYS DA 88 -29.37 -41.23 -64.33
N GLN DA 89 -28.93 -40.97 -63.09
CA GLN DA 89 -29.45 -39.90 -62.20
C GLN DA 89 -28.31 -39.36 -61.34
N GLN DA 90 -28.06 -38.04 -61.37
CA GLN DA 90 -27.09 -37.35 -60.48
C GLN DA 90 -27.75 -37.20 -59.11
N SER DA 91 -26.99 -37.46 -58.04
CA SER DA 91 -27.39 -37.28 -56.62
C SER DA 91 -26.55 -36.17 -55.98
N TYR DA 92 -25.91 -35.32 -56.80
CA TYR DA 92 -24.86 -34.37 -56.36
C TYR DA 92 -25.48 -33.06 -55.89
N SER DA 93 -26.46 -32.53 -56.61
CA SER DA 93 -27.19 -31.27 -56.26
C SER DA 93 -28.68 -31.56 -56.12
N SER DA 94 -29.43 -30.63 -55.52
CA SER DA 94 -30.91 -30.63 -55.52
C SER DA 94 -31.34 -29.61 -56.56
N PRO DA 95 -32.23 -29.91 -57.53
CA PRO DA 95 -32.97 -31.17 -57.59
C PRO DA 95 -32.18 -32.32 -58.25
N PRO DA 96 -32.43 -33.56 -57.81
CA PRO DA 96 -31.84 -34.73 -58.43
C PRO DA 96 -32.54 -34.82 -59.79
N THR DA 97 -31.76 -35.07 -60.85
CA THR DA 97 -32.21 -35.06 -62.27
C THR DA 97 -31.80 -36.37 -62.94
N PHE DA 98 -32.68 -36.89 -63.78
CA PHE DA 98 -32.46 -38.15 -64.55
C PHE DA 98 -32.08 -37.73 -65.97
N GLY DA 99 -31.38 -38.64 -66.65
CA GLY DA 99 -31.15 -38.55 -68.10
C GLY DA 99 -32.38 -39.06 -68.83
N PRO DA 100 -32.44 -38.85 -70.17
CA PRO DA 100 -33.56 -39.31 -70.99
C PRO DA 100 -33.75 -40.83 -70.98
N GLY DA 101 -32.73 -41.60 -70.62
CA GLY DA 101 -32.79 -43.07 -70.66
C GLY DA 101 -32.32 -43.64 -71.99
N THR DA 102 -31.95 -44.91 -71.98
CA THR DA 102 -31.40 -45.65 -73.14
C THR DA 102 -32.19 -46.96 -73.24
N LYS DA 103 -33.02 -47.09 -74.29
CA LYS DA 103 -33.78 -48.33 -74.62
C LYS DA 103 -32.77 -49.32 -75.20
N VAL DA 104 -32.78 -50.56 -74.68
CA VAL DA 104 -31.91 -51.68 -75.16
C VAL DA 104 -32.80 -52.73 -75.84
N ASP DA 105 -32.68 -52.74 -77.18
CA ASP DA 105 -33.46 -53.47 -78.21
C ASP DA 105 -32.86 -54.85 -78.45
N ILE DA 106 -33.67 -55.87 -78.72
CA ILE DA 106 -33.16 -57.16 -79.30
C ILE DA 106 -32.81 -56.86 -80.77
N LYS DA 107 -31.54 -56.96 -81.15
CA LYS DA 107 -31.10 -56.85 -82.57
C LYS DA 107 -31.47 -58.13 -83.31
N ARG DA 108 -31.98 -57.89 -84.53
CA ARG DA 108 -32.37 -58.95 -85.47
C ARG DA 108 -32.12 -58.31 -86.85
N THR DA 109 -32.23 -59.08 -87.93
CA THR DA 109 -31.96 -58.65 -89.33
C THR DA 109 -32.97 -57.59 -89.79
N VAL DA 110 -32.57 -56.70 -90.72
CA VAL DA 110 -33.43 -55.59 -91.24
C VAL DA 110 -34.65 -56.20 -91.98
N ALA DA 111 -35.85 -55.68 -91.75
CA ALA DA 111 -37.11 -56.14 -92.39
C ALA DA 111 -37.98 -54.93 -92.75
N ALA DA 112 -38.40 -54.83 -94.01
CA ALA DA 112 -39.20 -53.68 -94.53
C ALA DA 112 -40.62 -53.78 -93.97
N PRO DA 113 -41.33 -52.64 -93.89
CA PRO DA 113 -42.73 -52.64 -93.46
C PRO DA 113 -43.72 -52.98 -94.60
N SER DA 114 -44.65 -53.90 -94.36
CA SER DA 114 -45.89 -53.99 -95.16
C SER DA 114 -46.66 -52.69 -94.90
N VAL DA 115 -46.90 -51.88 -95.94
CA VAL DA 115 -47.68 -50.61 -95.82
C VAL DA 115 -49.06 -50.81 -96.45
N PHE DA 116 -50.11 -50.47 -95.70
CA PHE DA 116 -51.53 -50.43 -96.13
C PHE DA 116 -52.08 -49.05 -95.79
N ILE DA 117 -53.00 -48.53 -96.60
CA ILE DA 117 -53.75 -47.28 -96.31
C ILE DA 117 -55.24 -47.64 -96.33
N PHE DA 118 -56.01 -47.11 -95.38
CA PHE DA 118 -57.46 -47.32 -95.28
C PHE DA 118 -58.14 -45.97 -95.40
N PRO DA 119 -59.18 -45.84 -96.25
CA PRO DA 119 -59.98 -44.62 -96.31
C PRO DA 119 -60.85 -44.51 -95.05
N PRO DA 120 -61.55 -43.38 -94.86
CA PRO DA 120 -62.53 -43.30 -93.79
C PRO DA 120 -63.77 -44.15 -94.11
N SER DA 121 -64.48 -44.63 -93.08
CA SER DA 121 -65.78 -45.33 -93.21
C SER DA 121 -66.85 -44.30 -93.58
N ASP DA 122 -67.91 -44.75 -94.26
CA ASP DA 122 -69.05 -43.87 -94.61
C ASP DA 122 -69.79 -43.53 -93.30
N GLU DA 123 -69.80 -44.45 -92.35
CA GLU DA 123 -70.43 -44.29 -91.01
C GLU DA 123 -69.86 -43.06 -90.29
N GLN DA 124 -68.55 -42.81 -90.42
CA GLN DA 124 -67.84 -41.75 -89.66
C GLN DA 124 -68.06 -40.40 -90.36
N LEU DA 125 -68.17 -40.41 -91.70
CA LEU DA 125 -68.35 -39.18 -92.53
C LEU DA 125 -69.70 -38.54 -92.18
N LYS DA 126 -70.65 -39.37 -91.77
CA LYS DA 126 -72.05 -38.95 -91.49
C LYS DA 126 -72.08 -37.98 -90.29
N SER DA 127 -71.22 -38.16 -89.29
CA SER DA 127 -71.26 -37.42 -88.00
C SER DA 127 -70.28 -36.24 -87.95
N GLY DA 128 -69.46 -35.99 -88.99
CA GLY DA 128 -68.73 -34.71 -89.10
C GLY DA 128 -67.25 -34.85 -89.44
N THR DA 129 -66.59 -35.93 -89.02
CA THR DA 129 -65.11 -36.05 -89.13
C THR DA 129 -64.72 -37.11 -90.17
N ALA DA 130 -63.45 -37.15 -90.56
CA ALA DA 130 -62.86 -38.11 -91.52
C ALA DA 130 -61.46 -38.53 -91.03
N SER DA 131 -61.28 -39.80 -90.68
CA SER DA 131 -60.00 -40.34 -90.15
C SER DA 131 -59.37 -41.28 -91.18
N VAL DA 132 -58.19 -40.91 -91.67
CA VAL DA 132 -57.41 -41.69 -92.67
C VAL DA 132 -56.22 -42.34 -91.95
N VAL DA 133 -56.20 -43.68 -91.93
CA VAL DA 133 -55.23 -44.52 -91.19
C VAL DA 133 -54.22 -45.11 -92.18
N CYS DA 134 -52.92 -44.96 -91.89
CA CYS DA 134 -51.80 -45.62 -92.61
C CYS DA 134 -51.08 -46.57 -91.62
N LEU DA 135 -50.92 -47.84 -91.99
CA LEU DA 135 -50.33 -48.90 -91.13
C LEU DA 135 -49.03 -49.35 -91.78
N LEU DA 136 -47.91 -49.32 -91.04
CA LEU DA 136 -46.59 -49.94 -91.37
C LEU DA 136 -46.42 -51.19 -90.49
N ASN DA 137 -46.53 -52.40 -91.06
CA ASN DA 137 -46.68 -53.66 -90.27
C ASN DA 137 -45.40 -54.49 -90.27
N ASN DA 138 -45.00 -54.99 -89.10
CA ASN DA 138 -43.86 -55.93 -88.88
C ASN DA 138 -42.54 -55.44 -89.53
N PHE DA 139 -41.88 -54.45 -88.93
CA PHE DA 139 -40.61 -53.87 -89.44
C PHE DA 139 -39.56 -53.71 -88.33
N TYR DA 140 -38.29 -53.66 -88.77
CA TYR DA 140 -37.06 -53.47 -87.97
C TYR DA 140 -36.01 -52.81 -88.86
N PRO DA 141 -35.21 -51.84 -88.36
CA PRO DA 141 -35.30 -51.32 -87.00
C PRO DA 141 -36.44 -50.29 -86.85
N ARG DA 142 -36.63 -49.85 -85.60
CA ARG DA 142 -37.77 -49.04 -85.13
C ARG DA 142 -37.91 -47.75 -85.95
N GLU DA 143 -36.78 -47.17 -86.36
CA GLU DA 143 -36.71 -45.78 -86.91
C GLU DA 143 -37.42 -45.80 -88.28
N ALA DA 144 -38.53 -45.08 -88.41
CA ALA DA 144 -39.33 -44.99 -89.64
C ALA DA 144 -40.00 -43.61 -89.78
N LYS DA 145 -40.22 -43.17 -91.03
CA LYS DA 145 -40.90 -41.90 -91.42
C LYS DA 145 -42.28 -42.22 -91.99
N VAL DA 146 -43.30 -41.38 -91.68
CA VAL DA 146 -44.65 -41.43 -92.32
C VAL DA 146 -45.14 -40.00 -92.63
N GLN DA 147 -45.33 -39.71 -93.91
CA GLN DA 147 -45.52 -38.33 -94.43
C GLN DA 147 -46.77 -38.30 -95.31
N TRP DA 148 -47.78 -37.49 -94.93
CA TRP DA 148 -49.08 -37.39 -95.64
C TRP DA 148 -49.03 -36.30 -96.71
N LYS DA 149 -49.63 -36.58 -97.86
CA LYS DA 149 -49.82 -35.63 -99.01
C LYS DA 149 -51.26 -35.75 -99.53
N VAL DA 150 -51.99 -34.63 -99.45
CA VAL DA 150 -53.33 -34.40 -100.06
C VAL DA 150 -53.10 -33.72 -101.42
N ASP DA 151 -53.59 -34.29 -102.52
CA ASP DA 151 -53.42 -33.71 -103.89
C ASP DA 151 -51.95 -33.35 -104.13
N ASN DA 152 -51.03 -34.23 -103.68
CA ASN DA 152 -49.55 -34.09 -103.77
C ASN DA 152 -49.06 -32.85 -102.99
N ALA DA 153 -49.79 -32.41 -101.96
CA ALA DA 153 -49.47 -31.24 -101.09
C ALA DA 153 -49.07 -31.71 -99.69
N LEU DA 154 -47.84 -31.40 -99.25
CA LEU DA 154 -47.22 -31.87 -97.97
C LEU DA 154 -47.98 -31.32 -96.76
N GLN DA 155 -48.32 -32.20 -95.80
CA GLN DA 155 -49.25 -31.94 -94.67
C GLN DA 155 -48.51 -31.96 -93.33
N SER DA 156 -48.95 -31.14 -92.37
CA SER DA 156 -48.25 -30.83 -91.10
C SER DA 156 -49.23 -30.58 -89.95
N GLY DA 157 -49.00 -31.24 -88.80
CA GLY DA 157 -49.67 -30.97 -87.51
C GLY DA 157 -51.13 -31.42 -87.47
N ASN DA 158 -51.55 -32.27 -88.41
CA ASN DA 158 -52.94 -32.80 -88.52
C ASN DA 158 -52.91 -34.34 -88.39
N SER DA 159 -51.75 -34.89 -88.01
CA SER DA 159 -51.45 -36.34 -87.98
C SER DA 159 -50.84 -36.75 -86.62
N GLN DA 160 -51.02 -38.01 -86.20
CA GLN DA 160 -50.48 -38.57 -84.94
C GLN DA 160 -50.02 -40.00 -85.19
N GLU DA 161 -48.80 -40.38 -84.77
CA GLU DA 161 -48.23 -41.75 -84.88
C GLU DA 161 -48.34 -42.47 -83.52
N SER DA 162 -48.16 -43.79 -83.50
CA SER DA 162 -48.30 -44.70 -82.32
C SER DA 162 -47.60 -46.04 -82.62
N VAL DA 163 -46.89 -46.64 -81.67
CA VAL DA 163 -45.96 -47.77 -81.98
C VAL DA 163 -46.14 -48.96 -81.02
N THR DA 164 -46.01 -50.18 -81.54
CA THR DA 164 -46.00 -51.42 -80.73
C THR DA 164 -44.60 -51.57 -80.12
N GLU DA 165 -44.50 -52.39 -79.07
CA GLU DA 165 -43.24 -52.86 -78.46
C GLU DA 165 -42.79 -54.08 -79.26
N GLN DA 166 -41.48 -54.30 -79.39
CA GLN DA 166 -40.89 -55.51 -80.03
C GLN DA 166 -41.77 -56.74 -79.74
N ASP DA 167 -42.09 -57.52 -80.78
CA ASP DA 167 -43.03 -58.68 -80.69
C ASP DA 167 -42.28 -59.84 -80.00
N SER DA 168 -43.03 -60.63 -79.23
CA SER DA 168 -42.54 -61.79 -78.44
C SER DA 168 -41.84 -62.81 -79.35
N LYS DA 169 -42.25 -62.90 -80.62
CA LYS DA 169 -41.91 -64.00 -81.58
C LYS DA 169 -40.88 -63.52 -82.63
N ASP DA 170 -41.27 -62.57 -83.49
CA ASP DA 170 -40.50 -62.09 -84.68
C ASP DA 170 -39.70 -60.81 -84.37
N SER DA 171 -39.75 -60.31 -83.13
CA SER DA 171 -38.94 -59.18 -82.59
C SER DA 171 -39.15 -57.91 -83.44
N THR DA 172 -40.30 -57.74 -84.08
CA THR DA 172 -40.55 -56.60 -85.01
C THR DA 172 -41.46 -55.58 -84.32
N TYR DA 173 -41.59 -54.42 -84.97
CA TYR DA 173 -42.45 -53.28 -84.56
C TYR DA 173 -43.59 -53.13 -85.57
N SER DA 174 -44.62 -52.36 -85.19
CA SER DA 174 -45.72 -51.90 -86.08
C SER DA 174 -46.07 -50.47 -85.68
N LEU DA 175 -46.44 -49.61 -86.64
CA LEU DA 175 -46.77 -48.16 -86.41
C LEU DA 175 -48.11 -47.82 -87.07
N SER DA 176 -49.05 -47.22 -86.35
CA SER DA 176 -50.29 -46.61 -86.89
C SER DA 176 -50.19 -45.09 -86.87
N SER DA 177 -50.37 -44.44 -88.02
CA SER DA 177 -50.49 -42.96 -88.17
C SER DA 177 -51.90 -42.58 -88.63
N THR DA 178 -52.51 -41.56 -88.01
CA THR DA 178 -53.91 -41.13 -88.25
C THR DA 178 -53.94 -39.67 -88.74
N LEU DA 179 -54.50 -39.45 -89.94
CA LEU DA 179 -54.80 -38.12 -90.54
C LEU DA 179 -56.30 -37.84 -90.39
N THR DA 180 -56.68 -36.67 -89.88
CA THR DA 180 -58.07 -36.40 -89.37
C THR DA 180 -58.79 -35.35 -90.22
N TYR DA 186 -62.39 -32.66 -96.12
CA TYR DA 186 -62.09 -33.96 -96.77
C TYR DA 186 -62.54 -33.95 -98.24
N GLU DA 187 -63.85 -33.71 -98.44
CA GLU DA 187 -64.57 -33.83 -99.74
C GLU DA 187 -64.05 -32.83 -100.78
N LYS DA 188 -63.23 -31.85 -100.37
CA LYS DA 188 -62.67 -30.77 -101.23
C LYS DA 188 -61.48 -31.28 -102.07
N HIS DA 189 -60.88 -32.43 -101.71
CA HIS DA 189 -59.65 -32.96 -102.36
C HIS DA 189 -59.88 -34.37 -102.93
N LYS DA 190 -58.90 -34.88 -103.70
CA LYS DA 190 -59.00 -36.09 -104.56
C LYS DA 190 -58.07 -37.21 -104.09
N VAL DA 191 -56.74 -37.06 -104.21
CA VAL DA 191 -55.71 -38.14 -104.08
C VAL DA 191 -55.02 -38.07 -102.71
N TYR DA 192 -55.19 -39.12 -101.89
CA TYR DA 192 -54.72 -39.25 -100.49
C TYR DA 192 -53.61 -40.31 -100.43
N ALA DA 193 -52.40 -39.88 -100.08
CA ALA DA 193 -51.18 -40.73 -100.11
C ALA DA 193 -50.48 -40.69 -98.74
N CYS DA 194 -50.06 -41.86 -98.27
CA CYS DA 194 -49.18 -42.05 -97.09
C CYS DA 194 -47.81 -42.53 -97.59
N GLU DA 195 -46.79 -41.67 -97.49
CA GLU DA 195 -45.40 -41.97 -97.96
C GLU DA 195 -44.56 -42.47 -96.77
N VAL DA 196 -43.78 -43.53 -96.97
CA VAL DA 196 -42.97 -44.23 -95.93
C VAL DA 196 -41.50 -44.25 -96.36
N THR DA 197 -40.59 -43.80 -95.48
CA THR DA 197 -39.12 -44.03 -95.55
C THR DA 197 -38.75 -44.98 -94.39
N HIS DA 198 -37.95 -46.01 -94.67
CA HIS DA 198 -37.46 -46.98 -93.66
C HIS DA 198 -36.14 -47.58 -94.14
N GLN DA 199 -35.25 -47.93 -93.22
CA GLN DA 199 -33.87 -48.40 -93.55
C GLN DA 199 -33.95 -49.59 -94.52
N GLY DA 200 -34.98 -50.44 -94.41
CA GLY DA 200 -35.18 -51.66 -95.22
C GLY DA 200 -35.88 -51.43 -96.56
N LEU DA 201 -36.35 -50.20 -96.82
CA LEU DA 201 -36.84 -49.69 -98.13
C LEU DA 201 -35.68 -48.98 -98.85
N SER DA 202 -35.43 -49.37 -100.11
CA SER DA 202 -34.31 -48.84 -100.94
C SER DA 202 -34.75 -47.51 -101.57
N SER DA 203 -35.97 -47.45 -102.12
CA SER DA 203 -36.66 -46.18 -102.47
C SER DA 203 -37.92 -46.05 -101.62
N PRO DA 204 -38.31 -44.80 -101.23
CA PRO DA 204 -39.53 -44.56 -100.43
C PRO DA 204 -40.83 -44.99 -101.12
N VAL DA 205 -41.64 -45.80 -100.41
CA VAL DA 205 -42.91 -46.45 -100.89
C VAL DA 205 -44.08 -45.50 -100.59
N THR DA 206 -45.05 -45.44 -101.49
CA THR DA 206 -46.31 -44.65 -101.30
C THR DA 206 -47.50 -45.62 -101.43
N LYS DA 207 -48.56 -45.38 -100.65
CA LYS DA 207 -49.88 -46.06 -100.77
C LYS DA 207 -50.95 -44.97 -100.84
N SER DA 208 -51.79 -45.01 -101.88
CA SER DA 208 -52.79 -43.95 -102.21
C SER DA 208 -54.18 -44.52 -102.55
N PHE DA 209 -55.18 -43.61 -102.57
CA PHE DA 209 -56.61 -43.83 -102.93
C PHE DA 209 -57.22 -42.47 -103.32
N ASN DA 210 -58.47 -42.44 -103.81
CA ASN DA 210 -59.23 -41.20 -104.15
C ASN DA 210 -60.67 -41.24 -103.58
N ARG DA 211 -61.23 -40.08 -103.22
CA ARG DA 211 -62.64 -39.93 -102.72
C ARG DA 211 -63.61 -40.20 -103.86
#